data_7PMZ
#
_entry.id   7PMZ
#
_cell.length_a   119.294
_cell.length_b   300.896
_cell.length_c   123.093
_cell.angle_alpha   90.000
_cell.angle_beta   90.280
_cell.angle_gamma   90.000
#
_symmetry.space_group_name_H-M   'P 1 21 1'
#
loop_
_entity.id
_entity.type
_entity.pdbx_description
1 polymer "Inosine-5'-monophosphate dehydrogenase"
2 non-polymer "ADENOSINE-5'-TRIPHOSPHATE"
3 non-polymer "GUANOSINE-5',3'-TETRAPHOSPHATE"
4 non-polymer 'MAGNESIUM ION'
5 water water
#
_entity_poly.entity_id   1
_entity_poly.type   'polypeptide(L)'
_entity_poly.pdbx_seq_one_letter_code
;GSHMTANVDGVPEKFATLGLTYDDVLLLPGASAVLPNAVDTSSRISRNVRVNIPLLSAAMDKVTESRMAISMARQGGVGV
LHRNLSIEDQANQVDLVKRSESGMVANPITIHPDATLGEADALCAKFRISGVPVTDGAGKLLGIVTNRDMAFETDRSRQV
REVMTPMPLVTGQVGISGVDAMELLRRHKIEKLPLVDGDGILKGLITVKDFVKAEQYPHAAKDAKGRLLVGAAVGASPEA
LDRAQALAEAGVDFLVVDTSHGHNSNALSWMSKIKSSVGIDVVGGNVATRDGAQALIDAGVDGIKVGVGPGSICTTRVVA
GIGVPQVTAIYEASLAARAAGVPLIGDGGLQYSGDIGKALAAGADTVMLGSLLAGCEESPGELQFINGKQFKSYRGMGSL
GAMQSRGQGRSYSKDRYFQAEVASDDKLVPEGIEGQVPYRGPLANVLHQLVGGLRQTMGYVGAATIEEMESKGRFVRITS
AGLKESHPHDIQMTVEAPNYSRSK
;
_entity_poly.pdbx_strand_id   A,B,C,D,E,F,G,H,I,J,K,L,M,N,O,P
#
# COMPACT_ATOMS: atom_id res chain seq x y z
N GLY A 10 -4.93 -19.22 -25.79
CA GLY A 10 -5.74 -19.72 -24.70
C GLY A 10 -6.75 -18.71 -24.17
N VAL A 11 -7.17 -17.80 -25.05
CA VAL A 11 -8.10 -16.74 -24.67
C VAL A 11 -9.34 -16.86 -25.57
N PRO A 12 -10.46 -16.29 -25.12
CA PRO A 12 -11.64 -16.25 -25.99
C PRO A 12 -11.39 -15.39 -27.22
N GLU A 13 -12.17 -15.66 -28.27
CA GLU A 13 -12.01 -14.90 -29.52
C GLU A 13 -12.15 -13.41 -29.30
N LYS A 14 -12.98 -12.99 -28.34
CA LYS A 14 -13.13 -11.57 -28.04
C LYS A 14 -11.79 -10.91 -27.75
N PHE A 15 -10.83 -11.66 -27.21
CA PHE A 15 -9.54 -11.11 -26.81
C PHE A 15 -8.39 -11.70 -27.62
N ALA A 16 -8.67 -12.24 -28.80
CA ALA A 16 -7.66 -13.00 -29.53
C ALA A 16 -6.52 -12.12 -30.03
N THR A 17 -6.80 -10.87 -30.41
CA THR A 17 -5.81 -10.04 -31.07
C THR A 17 -4.77 -9.52 -30.09
N LEU A 18 -3.50 -9.63 -30.46
CA LEU A 18 -2.38 -9.09 -29.70
C LEU A 18 -1.85 -7.86 -30.42
N GLY A 19 -1.81 -6.73 -29.73
CA GLY A 19 -1.27 -5.50 -30.29
C GLY A 19 0.21 -5.36 -29.95
N LEU A 20 0.98 -4.87 -30.93
CA LEU A 20 2.43 -4.77 -30.79
C LEU A 20 2.89 -3.31 -30.85
N THR A 21 3.79 -2.96 -29.93
CA THR A 21 4.42 -1.66 -29.93
C THR A 21 5.80 -1.77 -30.58
N TYR A 22 6.47 -0.63 -30.73
CA TYR A 22 7.81 -0.64 -31.32
C TYR A 22 8.75 -1.52 -30.51
N ASP A 23 8.70 -1.42 -29.18
CA ASP A 23 9.59 -2.20 -28.33
C ASP A 23 9.32 -3.69 -28.44
N ASP A 24 8.16 -4.09 -28.97
CA ASP A 24 7.83 -5.50 -29.07
C ASP A 24 8.51 -6.21 -30.24
N VAL A 25 9.12 -5.47 -31.16
CA VAL A 25 9.60 -6.07 -32.41
C VAL A 25 10.98 -5.55 -32.76
N LEU A 26 11.65 -6.33 -33.61
CA LEU A 26 12.93 -5.97 -34.20
C LEU A 26 12.89 -6.32 -35.68
N LEU A 27 13.70 -5.63 -36.47
CA LEU A 27 13.84 -5.94 -37.89
C LEU A 27 15.05 -6.85 -38.08
N LEU A 28 14.90 -7.80 -38.98
CA LEU A 28 16.00 -8.71 -39.27
C LEU A 28 16.94 -8.09 -40.31
N PRO A 29 18.24 -8.37 -40.21
CA PRO A 29 19.13 -8.09 -41.35
C PRO A 29 18.72 -8.96 -42.53
N GLY A 30 18.89 -8.40 -43.73
CA GLY A 30 18.54 -9.11 -44.94
C GLY A 30 19.62 -8.97 -46.00
N ALA A 31 19.43 -9.70 -47.10
CA ALA A 31 20.32 -9.56 -48.25
C ALA A 31 20.32 -8.11 -48.70
N SER A 32 21.52 -7.54 -48.84
CA SER A 32 21.63 -6.12 -49.17
C SER A 32 22.75 -5.90 -50.18
N ALA A 33 22.46 -5.08 -51.18
CA ALA A 33 23.44 -4.63 -52.16
C ALA A 33 23.64 -3.12 -52.09
N VAL A 34 23.15 -2.47 -51.04
CA VAL A 34 23.13 -1.01 -50.94
C VAL A 34 23.65 -0.61 -49.57
N LEU A 35 24.52 0.38 -49.55
CA LEU A 35 25.09 0.89 -48.32
C LEU A 35 24.24 2.03 -47.76
N PRO A 36 24.29 2.27 -46.45
CA PRO A 36 23.49 3.36 -45.87
C PRO A 36 23.63 4.70 -46.57
N ASN A 37 24.85 5.08 -46.97
CA ASN A 37 25.02 6.41 -47.55
C ASN A 37 24.48 6.50 -48.97
N ALA A 38 23.99 5.39 -49.54
CA ALA A 38 23.50 5.39 -50.92
C ALA A 38 22.00 5.16 -51.05
N VAL A 39 21.29 4.89 -49.95
CA VAL A 39 19.85 4.67 -50.07
C VAL A 39 19.14 6.00 -50.27
N ASP A 40 17.92 5.91 -50.81
CA ASP A 40 17.06 7.07 -51.07
C ASP A 40 15.98 7.12 -50.00
N THR A 41 15.89 8.24 -49.29
CA THR A 41 14.98 8.38 -48.16
C THR A 41 13.73 9.19 -48.48
N SER A 42 13.44 9.43 -49.75
CA SER A 42 12.26 10.23 -50.11
C SER A 42 10.99 9.42 -49.94
N SER A 43 9.90 10.11 -49.67
CA SER A 43 8.61 9.48 -49.42
C SER A 43 7.53 10.52 -49.67
N ARG A 44 6.27 10.10 -49.51
CA ARG A 44 5.11 10.96 -49.73
C ARG A 44 4.44 11.29 -48.40
N ILE A 45 4.16 12.58 -48.21
CA ILE A 45 3.28 13.01 -47.12
C ILE A 45 1.83 12.67 -47.45
N SER A 46 1.42 12.99 -48.67
CA SER A 46 0.06 12.78 -49.15
C SER A 46 0.14 12.51 -50.64
N ARG A 47 -1.02 12.32 -51.27
CA ARG A 47 -1.04 11.93 -52.67
C ARG A 47 -0.11 12.81 -53.51
N ASN A 48 -0.12 14.12 -53.27
CA ASN A 48 0.58 15.06 -54.15
C ASN A 48 1.65 15.88 -53.42
N VAL A 49 2.10 15.44 -52.25
CA VAL A 49 3.14 16.15 -51.52
C VAL A 49 4.25 15.14 -51.20
N ARG A 50 5.47 15.47 -51.62
CA ARG A 50 6.63 14.59 -51.45
C ARG A 50 7.70 15.29 -50.63
N VAL A 51 8.42 14.49 -49.83
CA VAL A 51 9.52 14.98 -49.01
C VAL A 51 10.74 14.12 -49.30
N ASN A 52 11.91 14.63 -48.89
CA ASN A 52 13.18 13.96 -49.14
C ASN A 52 13.70 13.17 -47.94
N ILE A 53 13.24 13.46 -46.73
CA ILE A 53 13.39 12.57 -45.58
C ILE A 53 11.98 12.32 -45.05
N PRO A 54 11.66 11.14 -44.55
CA PRO A 54 10.26 10.77 -44.26
C PRO A 54 9.80 11.26 -42.88
N LEU A 55 9.96 12.54 -42.60
CA LEU A 55 9.73 13.09 -41.27
C LEU A 55 8.96 14.39 -41.32
N LEU A 56 8.01 14.53 -40.39
CA LEU A 56 7.28 15.76 -40.17
C LEU A 56 7.47 16.20 -38.71
N SER A 57 7.34 17.51 -38.46
CA SER A 57 7.25 18.04 -37.10
C SER A 57 5.78 18.26 -36.75
N ALA A 58 5.42 17.92 -35.52
CA ALA A 58 4.02 17.87 -35.12
C ALA A 58 3.41 19.27 -34.99
N ALA A 59 2.08 19.34 -35.16
CA ALA A 59 1.32 20.57 -35.03
C ALA A 59 1.00 20.87 -33.56
N MET A 60 2.06 21.02 -32.77
CA MET A 60 1.97 21.35 -31.36
C MET A 60 2.53 22.75 -31.14
N ASP A 61 1.88 23.52 -30.27
CA ASP A 61 2.30 24.91 -30.07
C ASP A 61 3.65 25.02 -29.39
N LYS A 62 4.17 23.94 -28.83
CA LYS A 62 5.54 23.93 -28.32
C LYS A 62 6.55 23.45 -29.35
N VAL A 63 6.12 23.15 -30.57
CA VAL A 63 7.01 22.55 -31.55
C VAL A 63 7.13 23.37 -32.83
N THR A 64 6.03 23.52 -33.56
CA THR A 64 6.09 24.03 -34.93
C THR A 64 5.40 25.39 -35.11
N GLU A 65 6.22 26.43 -35.17
CA GLU A 65 5.86 27.69 -35.82
C GLU A 65 6.80 27.86 -37.02
N SER A 66 6.92 29.08 -37.55
CA SER A 66 7.58 29.23 -38.86
C SER A 66 9.03 28.74 -38.81
N ARG A 67 9.75 29.06 -37.73
CA ARG A 67 11.17 28.72 -37.67
C ARG A 67 11.38 27.21 -37.72
N MET A 68 10.57 26.45 -36.97
CA MET A 68 10.68 25.00 -37.04
C MET A 68 10.32 24.50 -38.43
N ALA A 69 9.23 25.03 -39.01
CA ALA A 69 8.81 24.58 -40.33
C ALA A 69 9.86 24.87 -41.37
N ILE A 70 10.51 26.04 -41.27
CA ILE A 70 11.56 26.38 -42.23
C ILE A 70 12.73 25.40 -42.12
N SER A 71 13.16 25.12 -40.88
CA SER A 71 14.30 24.21 -40.71
C SER A 71 13.96 22.79 -41.16
N MET A 72 12.77 22.30 -40.80
CA MET A 72 12.37 20.97 -41.27
C MET A 72 12.42 20.88 -42.78
N ALA A 73 11.83 21.86 -43.47
CA ALA A 73 11.79 21.81 -44.93
C ALA A 73 13.19 21.89 -45.52
N ARG A 74 14.07 22.71 -44.93
CA ARG A 74 15.44 22.81 -45.43
C ARG A 74 16.16 21.47 -45.32
N GLN A 75 15.88 20.71 -44.27
CA GLN A 75 16.50 19.41 -44.07
C GLN A 75 15.84 18.31 -44.89
N GLY A 76 14.78 18.62 -45.62
CA GLY A 76 14.12 17.68 -46.49
C GLY A 76 12.81 17.13 -45.98
N GLY A 77 12.41 17.49 -44.77
CA GLY A 77 11.12 17.13 -44.21
C GLY A 77 10.10 18.23 -44.39
N VAL A 78 9.18 18.33 -43.44
CA VAL A 78 8.17 19.37 -43.49
C VAL A 78 7.63 19.58 -42.09
N GLY A 79 7.20 20.81 -41.81
CA GLY A 79 6.53 21.13 -40.56
C GLY A 79 5.05 21.30 -40.78
N VAL A 80 4.27 20.95 -39.76
CA VAL A 80 2.83 21.21 -39.73
C VAL A 80 2.60 22.29 -38.70
N LEU A 81 2.24 23.49 -39.15
CA LEU A 81 2.06 24.61 -38.26
C LEU A 81 0.87 24.38 -37.33
N HIS A 82 1.08 24.60 -36.04
CA HIS A 82 0.02 24.41 -35.07
C HIS A 82 -1.06 25.45 -35.26
N ARG A 83 -2.24 25.15 -34.72
CA ARG A 83 -3.41 25.99 -34.91
C ARG A 83 -3.88 26.67 -33.63
N ASN A 84 -3.06 26.67 -32.57
CA ASN A 84 -3.42 27.34 -31.33
C ASN A 84 -3.06 28.83 -31.42
N LEU A 85 -3.68 29.49 -32.38
CA LEU A 85 -3.50 30.92 -32.61
C LEU A 85 -4.56 31.36 -33.59
N SER A 86 -4.70 32.67 -33.73
CA SER A 86 -5.75 33.21 -34.58
C SER A 86 -5.54 32.77 -36.02
N ILE A 87 -6.62 32.82 -36.81
CA ILE A 87 -6.50 32.47 -38.21
C ILE A 87 -5.46 33.34 -38.90
N GLU A 88 -5.49 34.65 -38.63
CA GLU A 88 -4.57 35.56 -39.29
C GLU A 88 -3.13 35.31 -38.87
N ASP A 89 -2.91 34.92 -37.62
CA ASP A 89 -1.55 34.65 -37.17
C ASP A 89 -1.00 33.36 -37.78
N GLN A 90 -1.84 32.34 -37.93
CA GLN A 90 -1.38 31.09 -38.54
C GLN A 90 -1.10 31.28 -40.02
N ALA A 91 -1.96 32.02 -40.73
CA ALA A 91 -1.71 32.30 -42.13
C ALA A 91 -0.42 33.09 -42.30
N ASN A 92 -0.13 33.99 -41.37
CA ASN A 92 1.13 34.72 -41.41
C ASN A 92 2.31 33.77 -41.24
N GLN A 93 2.18 32.78 -40.36
CA GLN A 93 3.25 31.78 -40.22
C GLN A 93 3.46 31.06 -41.54
N VAL A 94 2.37 30.68 -42.22
CA VAL A 94 2.50 30.07 -43.55
C VAL A 94 3.27 31.00 -44.48
N ASP A 95 2.88 32.27 -44.52
CA ASP A 95 3.53 33.23 -45.40
C ASP A 95 5.03 33.31 -45.12
N LEU A 96 5.42 33.30 -43.84
CA LEU A 96 6.83 33.37 -43.50
C LEU A 96 7.60 32.17 -44.05
N VAL A 97 6.98 30.98 -44.06
CA VAL A 97 7.66 29.81 -44.59
C VAL A 97 7.76 29.89 -46.11
N LYS A 98 6.63 30.20 -46.76
CA LYS A 98 6.60 30.21 -48.22
C LYS A 98 7.55 31.25 -48.80
N ARG A 99 7.73 32.38 -48.12
CA ARG A 99 8.58 33.45 -48.60
C ARG A 99 9.93 33.47 -47.91
N SER A 100 10.47 32.30 -47.56
CA SER A 100 11.78 32.21 -46.93
C SER A 100 12.91 32.35 -47.95
N GLU A 101 12.96 31.44 -48.92
CA GLU A 101 13.94 31.51 -50.00
C GLU A 101 13.28 31.10 -51.30
N SER A 102 13.58 31.85 -52.36
CA SER A 102 12.94 31.72 -53.66
C SER A 102 11.45 31.98 -53.61
N GLY A 103 10.95 32.50 -52.49
CA GLY A 103 9.52 32.73 -52.33
C GLY A 103 9.03 34.10 -52.68
N MET A 104 9.93 35.04 -52.97
CA MET A 104 9.57 36.40 -53.34
C MET A 104 9.73 36.65 -54.83
N VAL A 105 10.05 35.61 -55.60
CA VAL A 105 10.25 35.77 -57.04
C VAL A 105 9.00 36.32 -57.72
N ALA A 106 7.82 36.02 -57.18
CA ALA A 106 6.57 36.50 -57.74
C ALA A 106 5.68 37.19 -56.73
N ASN A 107 6.11 37.35 -55.48
CA ASN A 107 5.33 38.03 -54.44
C ASN A 107 6.30 38.74 -53.51
N PRO A 108 6.89 39.84 -53.95
CA PRO A 108 7.91 40.52 -53.14
C PRO A 108 7.28 41.38 -52.06
N ILE A 109 8.03 41.58 -50.98
CA ILE A 109 7.67 42.60 -50.00
C ILE A 109 8.03 43.97 -50.58
N THR A 110 7.34 45.01 -50.13
CA THR A 110 7.63 46.36 -50.57
C THR A 110 7.37 47.31 -49.42
N ILE A 111 7.92 48.52 -49.52
CA ILE A 111 7.66 49.59 -48.56
C ILE A 111 7.57 50.90 -49.32
N HIS A 112 6.81 51.86 -48.78
CA HIS A 112 6.67 53.17 -49.40
C HIS A 112 7.85 54.07 -49.02
N PRO A 113 8.21 55.03 -49.89
CA PRO A 113 9.42 55.83 -49.62
C PRO A 113 9.32 56.74 -48.41
N ASP A 114 8.11 57.04 -47.91
CA ASP A 114 7.96 57.86 -46.72
C ASP A 114 7.96 57.05 -45.42
N ALA A 115 8.09 55.72 -45.51
CA ALA A 115 8.16 54.90 -44.31
C ALA A 115 9.47 55.16 -43.58
N THR A 116 9.48 54.82 -42.30
CA THR A 116 10.66 55.05 -41.48
C THR A 116 11.64 53.89 -41.60
N LEU A 117 12.89 54.16 -41.22
CA LEU A 117 13.88 53.09 -41.17
C LEU A 117 13.44 52.00 -40.20
N GLY A 118 12.80 52.40 -39.10
CA GLY A 118 12.28 51.41 -38.16
C GLY A 118 11.30 50.45 -38.80
N GLU A 119 10.40 50.97 -39.64
CA GLU A 119 9.46 50.10 -40.31
C GLU A 119 10.16 49.18 -41.31
N ALA A 120 11.14 49.71 -42.04
CA ALA A 120 11.87 48.89 -43.00
C ALA A 120 12.63 47.78 -42.31
N ASP A 121 13.31 48.11 -41.20
CA ASP A 121 14.09 47.11 -40.49
C ASP A 121 13.18 46.04 -39.88
N ALA A 122 12.00 46.43 -39.39
CA ALA A 122 11.08 45.46 -38.83
C ALA A 122 10.62 44.47 -39.90
N LEU A 123 10.39 44.97 -41.12
CA LEU A 123 10.00 44.07 -42.21
C LEU A 123 11.14 43.12 -42.54
N CYS A 124 12.38 43.62 -42.54
CA CYS A 124 13.53 42.77 -42.79
C CYS A 124 13.65 41.67 -41.74
N ALA A 125 13.46 42.04 -40.47
CA ALA A 125 13.55 41.04 -39.40
C ALA A 125 12.43 40.03 -39.51
N LYS A 126 11.23 40.46 -39.89
CA LYS A 126 10.09 39.56 -39.96
C LYS A 126 10.33 38.45 -40.98
N PHE A 127 10.77 38.82 -42.18
CA PHE A 127 10.94 37.87 -43.26
C PHE A 127 12.36 37.35 -43.37
N ARG A 128 13.26 37.78 -42.50
CA ARG A 128 14.66 37.35 -42.54
C ARG A 128 15.23 37.61 -43.93
N ILE A 129 15.10 38.85 -44.37
CA ILE A 129 15.62 39.33 -45.63
C ILE A 129 16.27 40.68 -45.34
N SER A 130 17.33 40.99 -46.09
CA SER A 130 18.18 42.12 -45.76
C SER A 130 17.89 43.37 -46.60
N GLY A 131 16.66 43.53 -47.06
CA GLY A 131 16.33 44.72 -47.82
C GLY A 131 14.90 44.65 -48.31
N VAL A 132 14.39 45.83 -48.69
CA VAL A 132 13.02 45.97 -49.16
C VAL A 132 13.00 46.84 -50.41
N PRO A 133 12.42 46.39 -51.52
CA PRO A 133 12.16 47.30 -52.64
C PRO A 133 11.23 48.42 -52.22
N VAL A 134 11.54 49.63 -52.66
CA VAL A 134 10.73 50.81 -52.38
C VAL A 134 9.89 51.12 -53.61
N THR A 135 8.58 51.20 -53.43
CA THR A 135 7.65 51.44 -54.53
C THR A 135 6.66 52.54 -54.14
N ASP A 136 6.03 53.11 -55.16
CA ASP A 136 4.91 54.02 -54.96
C ASP A 136 3.61 53.23 -54.92
N GLY A 137 2.47 53.95 -54.87
CA GLY A 137 1.20 53.27 -54.75
C GLY A 137 0.86 52.40 -55.94
N ALA A 138 1.42 52.72 -57.11
CA ALA A 138 1.17 51.94 -58.32
C ALA A 138 2.08 50.72 -58.43
N GLY A 139 3.03 50.55 -57.51
CA GLY A 139 3.97 49.46 -57.62
C GLY A 139 5.16 49.73 -58.49
N LYS A 140 5.37 50.97 -58.93
CA LYS A 140 6.55 51.34 -59.69
C LYS A 140 7.76 51.39 -58.75
N LEU A 141 8.87 50.80 -59.19
CA LEU A 141 10.06 50.70 -58.36
C LEU A 141 10.75 52.06 -58.29
N LEU A 142 10.96 52.54 -57.07
CA LEU A 142 11.65 53.80 -56.83
C LEU A 142 13.07 53.61 -56.32
N GLY A 143 13.36 52.47 -55.71
CA GLY A 143 14.68 52.24 -55.14
C GLY A 143 14.66 51.00 -54.28
N ILE A 144 15.70 50.87 -53.46
CA ILE A 144 15.85 49.73 -52.55
C ILE A 144 16.65 50.18 -51.35
N VAL A 145 16.18 49.81 -50.16
CA VAL A 145 16.87 50.09 -48.91
C VAL A 145 17.25 48.76 -48.29
N THR A 146 18.52 48.63 -47.91
CA THR A 146 19.06 47.35 -47.44
C THR A 146 19.76 47.55 -46.11
N ASN A 147 20.17 46.42 -45.52
CA ASN A 147 20.87 46.45 -44.24
C ASN A 147 22.07 47.40 -44.25
N ARG A 148 22.85 47.37 -45.33
CA ARG A 148 24.03 48.22 -45.40
C ARG A 148 23.65 49.68 -45.48
N ASP A 149 22.51 50.01 -46.11
CA ASP A 149 22.07 51.40 -46.15
C ASP A 149 21.71 51.91 -44.77
N MET A 150 21.27 51.03 -43.87
CA MET A 150 20.84 51.40 -42.54
C MET A 150 21.91 51.12 -41.48
N ALA A 151 23.05 50.56 -41.88
CA ALA A 151 24.00 50.03 -40.90
C ALA A 151 24.48 51.10 -39.93
N PHE A 152 24.75 52.30 -40.43
CA PHE A 152 25.30 53.36 -39.60
C PHE A 152 24.26 54.41 -39.23
N GLU A 153 22.99 54.14 -39.48
CA GLU A 153 21.91 55.08 -39.16
C GLU A 153 21.49 54.89 -37.71
N THR A 154 21.32 56.01 -37.00
CA THR A 154 20.93 55.97 -35.60
C THR A 154 19.50 56.41 -35.35
N ASP A 155 18.90 57.18 -36.25
CA ASP A 155 17.54 57.68 -36.08
C ASP A 155 16.58 56.72 -36.77
N ARG A 156 15.75 56.03 -35.99
CA ARG A 156 14.85 55.06 -36.56
C ARG A 156 13.62 55.72 -37.19
N SER A 157 13.43 57.02 -36.99
CA SER A 157 12.33 57.76 -37.58
C SER A 157 12.67 58.35 -38.95
N ARG A 158 13.94 58.31 -39.36
CA ARG A 158 14.34 58.84 -40.65
C ARG A 158 13.60 58.10 -41.77
N GLN A 159 13.29 58.84 -42.83
CA GLN A 159 12.49 58.30 -43.92
C GLN A 159 13.35 57.45 -44.85
N VAL A 160 12.72 56.39 -45.38
CA VAL A 160 13.42 55.45 -46.24
C VAL A 160 14.01 56.15 -47.46
N ARG A 161 13.27 57.11 -48.01
CA ARG A 161 13.74 57.78 -49.23
C ARG A 161 15.10 58.44 -49.02
N GLU A 162 15.45 58.78 -47.78
CA GLU A 162 16.69 59.51 -47.53
C GLU A 162 17.93 58.60 -47.57
N VAL A 163 17.78 57.31 -47.31
CA VAL A 163 18.93 56.41 -47.24
C VAL A 163 18.90 55.33 -48.30
N MET A 164 17.77 55.12 -48.98
CA MET A 164 17.70 54.07 -49.98
C MET A 164 18.63 54.39 -51.14
N THR A 165 19.01 53.35 -51.87
CA THR A 165 19.65 53.53 -53.16
C THR A 165 18.56 53.78 -54.21
N PRO A 166 18.53 54.93 -54.85
CA PRO A 166 17.44 55.22 -55.80
C PRO A 166 17.68 54.57 -57.15
N MET A 167 16.58 54.37 -57.87
CA MET A 167 16.63 53.96 -59.27
C MET A 167 17.53 54.96 -60.00
N PRO A 168 18.29 54.54 -61.03
CA PRO A 168 18.23 53.20 -61.63
C PRO A 168 19.04 52.14 -60.88
N LEU A 169 18.41 50.99 -60.66
CA LEU A 169 19.02 49.86 -59.99
C LEU A 169 19.37 48.76 -60.99
N VAL A 170 20.22 47.84 -60.56
CA VAL A 170 20.41 46.60 -61.30
C VAL A 170 19.15 45.75 -61.11
N THR A 171 18.45 45.47 -62.19
CA THR A 171 17.20 44.73 -62.13
C THR A 171 17.24 43.57 -63.13
N GLY A 172 16.30 42.64 -62.97
CA GLY A 172 16.12 41.55 -63.89
C GLY A 172 14.70 41.49 -64.42
N GLN A 173 14.52 40.68 -65.47
CA GLN A 173 13.21 40.47 -66.07
C GLN A 173 12.49 39.33 -65.35
N VAL A 174 11.16 39.40 -65.35
CA VAL A 174 10.37 38.26 -64.92
C VAL A 174 10.80 37.04 -65.71
N GLY A 175 11.02 35.93 -65.01
CA GLY A 175 11.43 34.69 -65.64
C GLY A 175 12.92 34.49 -65.77
N ILE A 176 13.73 35.45 -65.30
CA ILE A 176 15.18 35.28 -65.37
C ILE A 176 15.57 33.98 -64.68
N SER A 177 16.59 33.33 -65.22
CA SER A 177 17.07 32.07 -64.68
C SER A 177 17.99 32.30 -63.48
N GLY A 178 18.17 31.23 -62.71
CA GLY A 178 19.09 31.29 -61.57
C GLY A 178 20.51 31.67 -61.98
N VAL A 179 21.02 31.04 -63.04
CA VAL A 179 22.38 31.34 -63.48
C VAL A 179 22.48 32.79 -63.91
N ASP A 180 21.47 33.29 -64.63
CA ASP A 180 21.54 34.67 -65.11
C ASP A 180 21.43 35.66 -63.97
N ALA A 181 20.52 35.40 -63.01
CA ALA A 181 20.40 36.30 -61.87
C ALA A 181 21.67 36.30 -61.03
N MET A 182 22.24 35.12 -60.76
CA MET A 182 23.48 35.05 -60.00
C MET A 182 24.61 35.82 -60.70
N GLU A 183 24.69 35.70 -62.02
CA GLU A 183 25.72 36.41 -62.77
C GLU A 183 25.59 37.91 -62.57
N LEU A 184 24.35 38.41 -62.55
CA LEU A 184 24.14 39.84 -62.30
C LEU A 184 24.58 40.22 -60.89
N LEU A 185 24.23 39.40 -59.90
CA LEU A 185 24.65 39.67 -58.53
C LEU A 185 26.17 39.66 -58.41
N ARG A 186 26.83 38.67 -59.04
CA ARG A 186 28.28 38.59 -58.98
C ARG A 186 28.95 39.78 -59.65
N ARG A 187 28.49 40.13 -60.86
CA ARG A 187 29.15 41.17 -61.63
C ARG A 187 29.09 42.52 -60.92
N HIS A 188 27.94 42.84 -60.34
CA HIS A 188 27.75 44.15 -59.73
C HIS A 188 28.05 44.14 -58.23
N LYS A 189 28.50 43.01 -57.69
CA LYS A 189 28.84 42.90 -56.28
C LYS A 189 27.69 43.36 -55.39
N ILE A 190 26.47 42.91 -55.73
CA ILE A 190 25.28 43.22 -54.96
C ILE A 190 24.63 41.91 -54.54
N GLU A 191 23.70 42.00 -53.59
CA GLU A 191 23.00 40.83 -53.08
C GLU A 191 21.51 40.80 -53.42
N LYS A 192 20.96 41.85 -54.03
CA LYS A 192 19.55 41.94 -54.32
C LYS A 192 19.32 42.16 -55.81
N LEU A 193 18.27 41.55 -56.35
CA LEU A 193 17.89 41.74 -57.75
C LEU A 193 16.39 41.90 -57.89
N PRO A 194 15.90 43.14 -57.89
CA PRO A 194 14.48 43.35 -58.20
C PRO A 194 14.13 42.89 -59.61
N LEU A 195 12.92 42.38 -59.76
CA LEU A 195 12.38 41.95 -61.05
C LEU A 195 11.25 42.91 -61.43
N VAL A 196 11.35 43.50 -62.62
CA VAL A 196 10.39 44.50 -63.07
C VAL A 196 9.89 44.12 -64.45
N ASP A 197 8.71 44.65 -64.79
CA ASP A 197 8.16 44.51 -66.14
C ASP A 197 8.60 45.72 -66.97
N GLY A 198 8.05 45.83 -68.19
CA GLY A 198 8.48 46.88 -69.09
C GLY A 198 8.25 48.28 -68.60
N ASP A 199 7.21 48.49 -67.79
CA ASP A 199 6.88 49.80 -67.25
C ASP A 199 7.58 50.09 -65.94
N GLY A 200 8.49 49.23 -65.50
CA GLY A 200 9.17 49.46 -64.23
C GLY A 200 8.33 49.14 -63.02
N ILE A 201 7.28 48.36 -63.18
CA ILE A 201 6.50 47.88 -62.04
C ILE A 201 7.22 46.69 -61.44
N LEU A 202 7.39 46.70 -60.12
CA LEU A 202 8.06 45.61 -59.44
C LEU A 202 7.20 44.35 -59.48
N LYS A 203 7.77 43.26 -59.97
CA LYS A 203 7.06 41.99 -60.05
C LYS A 203 7.62 40.91 -59.14
N GLY A 204 8.86 41.06 -58.67
CA GLY A 204 9.47 40.04 -57.84
C GLY A 204 10.77 40.52 -57.27
N LEU A 205 11.41 39.63 -56.51
CA LEU A 205 12.69 39.93 -55.89
C LEU A 205 13.49 38.65 -55.74
N ILE A 206 14.74 38.69 -56.19
CA ILE A 206 15.72 37.64 -55.95
C ILE A 206 16.81 38.21 -55.05
N THR A 207 17.26 37.43 -54.08
CA THR A 207 18.38 37.83 -53.23
C THR A 207 19.36 36.67 -53.14
N VAL A 208 20.57 37.00 -52.65
CA VAL A 208 21.62 36.00 -52.50
C VAL A 208 21.18 34.88 -51.58
N LYS A 209 20.25 35.16 -50.66
CA LYS A 209 19.74 34.13 -49.78
C LYS A 209 19.18 32.95 -50.56
N ASP A 210 18.52 33.22 -51.68
CA ASP A 210 17.97 32.13 -52.49
C ASP A 210 19.06 31.15 -52.89
N PHE A 211 20.23 31.66 -53.28
CA PHE A 211 21.32 30.81 -53.72
C PHE A 211 22.10 30.23 -52.56
N VAL A 212 22.33 31.03 -51.51
CA VAL A 212 23.04 30.53 -50.34
C VAL A 212 22.28 29.37 -49.71
N LYS A 213 20.97 29.54 -49.51
CA LYS A 213 20.20 28.50 -48.84
C LYS A 213 20.02 27.28 -49.73
N ALA A 214 19.98 27.45 -51.05
CA ALA A 214 19.94 26.29 -51.94
C ALA A 214 21.22 25.47 -51.84
N GLU A 215 22.36 26.14 -51.63
CA GLU A 215 23.63 25.42 -51.54
C GLU A 215 23.82 24.79 -50.16
N GLN A 216 23.40 25.48 -49.10
CA GLN A 216 23.59 24.92 -47.76
C GLN A 216 22.63 23.75 -47.52
N TYR A 217 21.46 23.76 -48.16
CA TYR A 217 20.41 22.78 -47.92
C TYR A 217 19.98 22.19 -49.26
N PRO A 218 20.84 21.36 -49.85
CA PRO A 218 20.55 20.82 -51.19
C PRO A 218 19.41 19.82 -51.24
N HIS A 219 18.96 19.31 -50.09
CA HIS A 219 17.85 18.37 -50.05
C HIS A 219 16.55 18.99 -49.57
N ALA A 220 16.46 20.32 -49.61
CA ALA A 220 15.24 20.99 -49.16
C ALA A 220 14.02 20.43 -49.88
N ALA A 221 12.93 20.25 -49.13
CA ALA A 221 11.65 19.85 -49.69
C ALA A 221 10.92 21.11 -50.14
N LYS A 222 10.60 21.19 -51.43
CA LYS A 222 10.09 22.41 -52.03
C LYS A 222 8.86 22.10 -52.87
N ASP A 223 8.05 23.13 -53.10
CA ASP A 223 6.90 23.00 -53.97
C ASP A 223 7.32 23.22 -55.43
N ALA A 224 6.35 23.19 -56.34
CA ALA A 224 6.65 23.32 -57.75
C ALA A 224 7.28 24.66 -58.11
N LYS A 225 7.11 25.68 -57.27
CA LYS A 225 7.69 26.98 -57.52
C LYS A 225 9.08 27.14 -56.90
N GLY A 226 9.61 26.09 -56.27
CA GLY A 226 10.91 26.17 -55.63
C GLY A 226 10.88 26.75 -54.24
N ARG A 227 9.70 26.92 -53.65
CA ARG A 227 9.56 27.45 -52.31
C ARG A 227 9.45 26.31 -51.30
N LEU A 228 9.87 26.59 -50.07
CA LEU A 228 9.83 25.58 -49.02
C LEU A 228 8.42 25.07 -48.80
N LEU A 229 8.29 23.76 -48.65
CA LEU A 229 7.00 23.14 -48.34
C LEU A 229 6.58 23.43 -46.91
N VAL A 230 5.27 23.47 -46.68
CA VAL A 230 4.74 23.63 -45.33
C VAL A 230 3.31 23.10 -45.31
N GLY A 231 2.92 22.51 -44.17
CA GLY A 231 1.55 22.13 -43.91
C GLY A 231 1.02 22.93 -42.73
N ALA A 232 -0.29 22.80 -42.49
CA ALA A 232 -0.91 23.49 -41.37
C ALA A 232 -2.11 22.69 -40.88
N ALA A 233 -2.30 22.71 -39.56
CA ALA A 233 -3.39 22.00 -38.91
C ALA A 233 -4.64 22.87 -38.85
N VAL A 234 -5.80 22.22 -38.96
CA VAL A 234 -7.09 22.84 -38.70
C VAL A 234 -7.92 21.86 -37.86
N GLY A 235 -8.93 22.42 -37.21
CA GLY A 235 -9.84 21.60 -36.40
C GLY A 235 -10.95 21.00 -37.24
N ALA A 236 -12.02 20.62 -36.56
CA ALA A 236 -13.21 20.02 -37.18
C ALA A 236 -14.40 20.85 -36.68
N SER A 237 -14.66 21.97 -37.35
CA SER A 237 -15.65 22.94 -36.90
C SER A 237 -15.92 24.00 -37.97
N PRO A 238 -16.96 24.81 -37.83
CA PRO A 238 -17.16 25.91 -38.79
C PRO A 238 -15.95 26.82 -38.90
N GLU A 239 -15.33 27.14 -37.75
CA GLU A 239 -14.13 27.96 -37.76
C GLU A 239 -13.01 27.32 -38.57
N ALA A 240 -12.89 25.98 -38.48
CA ALA A 240 -11.83 25.30 -39.22
C ALA A 240 -11.97 25.51 -40.72
N LEU A 241 -13.20 25.65 -41.21
CA LEU A 241 -13.41 25.89 -42.63
C LEU A 241 -12.89 27.26 -43.04
N ASP A 242 -13.15 28.29 -42.23
CA ASP A 242 -12.60 29.60 -42.53
C ASP A 242 -11.08 29.58 -42.44
N ARG A 243 -10.54 28.88 -41.42
CA ARG A 243 -9.10 28.75 -41.29
C ARG A 243 -8.48 28.08 -42.51
N ALA A 244 -9.11 27.01 -43.01
CA ALA A 244 -8.59 26.31 -44.17
C ALA A 244 -8.42 27.24 -45.35
N GLN A 245 -9.43 28.07 -45.63
CA GLN A 245 -9.36 28.98 -46.77
C GLN A 245 -8.23 29.98 -46.61
N ALA A 246 -8.10 30.57 -45.42
CA ALA A 246 -7.04 31.53 -45.17
C ALA A 246 -5.67 30.89 -45.35
N LEU A 247 -5.51 29.64 -44.90
CA LEU A 247 -4.22 28.97 -45.01
C LEU A 247 -3.91 28.64 -46.48
N ALA A 248 -4.91 28.18 -47.23
CA ALA A 248 -4.69 27.90 -48.65
C ALA A 248 -4.34 29.18 -49.40
N GLU A 249 -5.02 30.28 -49.09
CA GLU A 249 -4.74 31.57 -49.73
C GLU A 249 -3.31 32.01 -49.45
N ALA A 250 -2.80 31.73 -48.25
CA ALA A 250 -1.43 32.09 -47.89
C ALA A 250 -0.39 31.20 -48.54
N GLY A 251 -0.80 30.12 -49.19
CA GLY A 251 0.12 29.26 -49.91
C GLY A 251 0.50 27.97 -49.25
N VAL A 252 -0.26 27.51 -48.25
CA VAL A 252 0.08 26.25 -47.59
C VAL A 252 -0.04 25.11 -48.60
N ASP A 253 0.80 24.09 -48.43
CA ASP A 253 0.84 22.99 -49.38
C ASP A 253 -0.10 21.84 -49.03
N PHE A 254 -0.42 21.66 -47.75
CA PHE A 254 -1.41 20.66 -47.36
C PHE A 254 -1.95 21.04 -46.00
N LEU A 255 -3.17 20.57 -45.72
CA LEU A 255 -3.83 20.77 -44.45
C LEU A 255 -3.88 19.44 -43.70
N VAL A 256 -3.85 19.52 -42.38
CA VAL A 256 -4.03 18.36 -41.52
C VAL A 256 -5.25 18.64 -40.66
N VAL A 257 -6.33 17.89 -40.90
CA VAL A 257 -7.51 17.96 -40.02
C VAL A 257 -7.19 17.09 -38.81
N ASP A 258 -6.85 17.72 -37.70
CA ASP A 258 -6.30 17.02 -36.54
C ASP A 258 -7.41 16.89 -35.50
N THR A 259 -7.89 15.66 -35.32
CA THR A 259 -8.90 15.33 -34.33
C THR A 259 -8.41 14.14 -33.52
N SER A 260 -8.87 14.04 -32.28
CA SER A 260 -8.47 12.92 -31.44
C SER A 260 -9.11 11.61 -31.92
N HIS A 261 -10.34 11.68 -32.43
CA HIS A 261 -11.06 10.48 -32.89
C HIS A 261 -11.47 10.64 -34.35
N GLY A 262 -10.58 10.23 -35.26
CA GLY A 262 -10.84 10.37 -36.67
C GLY A 262 -11.94 9.48 -37.19
N HIS A 263 -12.34 8.46 -36.44
CA HIS A 263 -13.42 7.58 -36.86
C HIS A 263 -14.78 8.05 -36.36
N ASN A 264 -14.83 9.23 -35.72
CA ASN A 264 -16.09 9.83 -35.31
C ASN A 264 -16.77 10.47 -36.52
N SER A 265 -18.08 10.28 -36.62
CA SER A 265 -18.80 10.71 -37.81
C SER A 265 -18.69 12.22 -38.03
N ASN A 266 -18.74 13.00 -36.95
CA ASN A 266 -18.61 14.45 -37.10
C ASN A 266 -17.22 14.82 -37.60
N ALA A 267 -16.19 14.18 -37.06
CA ALA A 267 -14.84 14.42 -37.56
C ALA A 267 -14.73 14.09 -39.03
N LEU A 268 -15.28 12.94 -39.44
CA LEU A 268 -15.24 12.54 -40.83
C LEU A 268 -15.95 13.54 -41.73
N SER A 269 -17.10 14.03 -41.28
CA SER A 269 -17.86 14.98 -42.09
C SER A 269 -17.06 16.26 -42.32
N TRP A 270 -16.36 16.74 -41.29
CA TRP A 270 -15.57 17.95 -41.45
C TRP A 270 -14.37 17.73 -42.37
N MET A 271 -13.76 16.54 -42.32
CA MET A 271 -12.68 16.25 -43.26
C MET A 271 -13.18 16.33 -44.70
N SER A 272 -14.34 15.72 -44.97
CA SER A 272 -14.93 15.80 -46.30
C SER A 272 -15.26 17.24 -46.67
N LYS A 273 -15.86 17.97 -45.73
CA LYS A 273 -16.21 19.37 -46.00
C LYS A 273 -14.98 20.21 -46.29
N ILE A 274 -13.93 20.06 -45.47
CA ILE A 274 -12.71 20.84 -45.69
C ILE A 274 -12.04 20.42 -46.99
N LYS A 275 -11.92 19.12 -47.24
CA LYS A 275 -11.33 18.65 -48.48
C LYS A 275 -12.04 19.26 -49.69
N SER A 276 -13.38 19.27 -49.67
CA SER A 276 -14.11 19.76 -50.82
C SER A 276 -14.03 21.27 -50.99
N SER A 277 -13.58 22.00 -49.99
CA SER A 277 -13.56 23.46 -50.04
C SER A 277 -12.22 24.04 -50.48
N VAL A 278 -11.19 23.22 -50.67
CA VAL A 278 -9.89 23.70 -51.09
C VAL A 278 -9.39 22.82 -52.22
N GLY A 279 -8.37 23.30 -52.92
CA GLY A 279 -7.77 22.55 -54.00
C GLY A 279 -6.50 21.85 -53.64
N ILE A 280 -6.03 21.97 -52.39
CA ILE A 280 -4.78 21.39 -51.97
C ILE A 280 -5.06 20.09 -51.22
N ASP A 281 -4.00 19.31 -50.98
CA ASP A 281 -4.14 18.04 -50.28
C ASP A 281 -4.61 18.26 -48.85
N VAL A 282 -5.45 17.34 -48.37
CA VAL A 282 -5.97 17.38 -47.01
C VAL A 282 -5.68 16.05 -46.35
N VAL A 283 -4.94 16.09 -45.24
CA VAL A 283 -4.64 14.90 -44.44
C VAL A 283 -5.64 14.82 -43.29
N GLY A 284 -6.10 13.61 -42.99
CA GLY A 284 -7.02 13.38 -41.90
C GLY A 284 -6.45 12.43 -40.87
N GLY A 285 -6.89 12.61 -39.62
CA GLY A 285 -6.54 11.69 -38.56
C GLY A 285 -7.27 12.09 -37.29
N ASN A 286 -7.05 11.32 -36.22
CA ASN A 286 -6.19 10.14 -36.18
C ASN A 286 -6.99 8.85 -36.10
N VAL A 287 -6.46 7.76 -36.66
CA VAL A 287 -7.08 6.45 -36.58
C VAL A 287 -6.01 5.43 -36.19
N ALA A 288 -6.48 4.21 -35.89
CA ALA A 288 -5.56 3.15 -35.48
C ALA A 288 -6.08 1.76 -35.88
N THR A 289 -7.00 1.68 -36.82
CA THR A 289 -7.57 0.41 -37.25
C THR A 289 -7.71 0.43 -38.78
N ARG A 290 -7.92 -0.75 -39.36
CA ARG A 290 -8.13 -0.80 -40.80
C ARG A 290 -9.42 -0.08 -41.19
N ASP A 291 -10.51 -0.35 -40.46
CA ASP A 291 -11.79 0.26 -40.82
C ASP A 291 -11.77 1.77 -40.60
N GLY A 292 -11.03 2.24 -39.60
CA GLY A 292 -10.89 3.68 -39.43
C GLY A 292 -10.14 4.32 -40.58
N ALA A 293 -9.05 3.69 -41.02
CA ALA A 293 -8.32 4.21 -42.16
C ALA A 293 -9.20 4.24 -43.40
N GLN A 294 -9.99 3.19 -43.60
CA GLN A 294 -10.89 3.15 -44.75
C GLN A 294 -11.93 4.25 -44.67
N ALA A 295 -12.41 4.56 -43.47
CA ALA A 295 -13.38 5.64 -43.32
C ALA A 295 -12.77 6.98 -43.71
N LEU A 296 -11.51 7.21 -43.33
CA LEU A 296 -10.83 8.42 -43.75
C LEU A 296 -10.69 8.46 -45.27
N ILE A 297 -10.30 7.34 -45.87
CA ILE A 297 -10.14 7.28 -47.33
C ILE A 297 -11.48 7.54 -48.00
N ASP A 298 -12.56 6.94 -47.49
CA ASP A 298 -13.88 7.15 -48.06
C ASP A 298 -14.34 8.59 -47.92
N ALA A 299 -13.87 9.29 -46.89
CA ALA A 299 -14.19 10.71 -46.73
C ALA A 299 -13.40 11.59 -47.68
N GLY A 300 -12.39 11.05 -48.35
CA GLY A 300 -11.71 11.73 -49.42
C GLY A 300 -10.35 12.30 -49.09
N VAL A 301 -9.75 11.95 -47.95
CA VAL A 301 -8.47 12.56 -47.58
C VAL A 301 -7.36 12.04 -48.49
N ASP A 302 -6.30 12.83 -48.60
CA ASP A 302 -5.15 12.50 -49.42
C ASP A 302 -4.03 11.86 -48.63
N GLY A 303 -4.16 11.79 -47.31
CA GLY A 303 -3.23 11.10 -46.45
C GLY A 303 -3.91 10.85 -45.14
N ILE A 304 -3.44 9.85 -44.41
CA ILE A 304 -4.01 9.51 -43.11
C ILE A 304 -2.93 9.59 -42.06
N LYS A 305 -3.33 9.98 -40.85
CA LYS A 305 -2.45 10.05 -39.70
C LYS A 305 -2.89 8.98 -38.72
N VAL A 306 -1.94 8.18 -38.26
CA VAL A 306 -2.23 6.98 -37.48
C VAL A 306 -1.63 7.14 -36.09
N GLY A 307 -2.47 6.95 -35.07
CA GLY A 307 -2.03 7.02 -33.70
C GLY A 307 -3.15 7.39 -32.75
N VAL A 308 -3.66 6.40 -32.01
CA VAL A 308 -4.66 6.61 -30.98
C VAL A 308 -4.18 5.85 -29.75
N GLY A 309 -3.85 6.59 -28.69
CA GLY A 309 -3.30 6.02 -27.48
C GLY A 309 -2.11 5.12 -27.72
N PRO A 310 -1.12 5.59 -28.47
CA PRO A 310 0.01 4.72 -28.82
C PRO A 310 1.00 4.52 -27.67
N GLY A 311 1.08 5.49 -26.76
CA GLY A 311 2.11 5.48 -25.74
C GLY A 311 1.70 4.75 -24.48
N SER A 312 2.64 4.01 -23.90
CA SER A 312 2.40 3.33 -22.65
C SER A 312 1.95 4.32 -21.58
N ILE A 313 0.84 3.99 -20.91
CA ILE A 313 0.28 4.81 -19.84
C ILE A 313 0.17 6.26 -20.27
N CYS A 314 -0.40 6.50 -21.45
CA CYS A 314 -0.74 7.85 -21.88
C CYS A 314 -2.18 8.18 -21.50
N THR A 315 -2.61 9.39 -21.84
CA THR A 315 -3.83 9.94 -21.27
C THR A 315 -5.07 9.18 -21.73
N THR A 316 -5.23 8.99 -23.04
CA THR A 316 -6.42 8.30 -23.52
C THR A 316 -6.47 6.88 -22.96
N ARG A 317 -5.32 6.28 -22.72
CA ARG A 317 -5.27 4.93 -22.15
C ARG A 317 -5.69 4.94 -20.69
N VAL A 318 -5.16 5.87 -19.90
CA VAL A 318 -5.43 5.87 -18.46
C VAL A 318 -6.84 6.37 -18.19
N VAL A 319 -7.24 7.44 -18.88
CA VAL A 319 -8.55 8.03 -18.62
C VAL A 319 -9.65 7.16 -19.20
N ALA A 320 -9.48 6.69 -20.43
CA ALA A 320 -10.57 6.06 -21.16
C ALA A 320 -10.33 4.59 -21.51
N GLY A 321 -9.14 4.05 -21.23
CA GLY A 321 -8.88 2.67 -21.60
C GLY A 321 -8.79 2.42 -23.08
N ILE A 322 -8.59 3.48 -23.87
CA ILE A 322 -8.57 3.41 -25.32
C ILE A 322 -7.12 3.49 -25.79
N GLY A 323 -6.76 2.62 -26.72
CA GLY A 323 -5.45 2.71 -27.34
C GLY A 323 -5.10 1.54 -28.23
N VAL A 324 -4.12 1.74 -29.10
CA VAL A 324 -3.63 0.68 -29.99
C VAL A 324 -2.11 0.74 -30.00
N PRO A 325 -1.41 -0.35 -29.66
CA PRO A 325 0.04 -0.36 -29.87
C PRO A 325 0.37 0.02 -31.30
N GLN A 326 1.39 0.85 -31.48
CA GLN A 326 1.52 1.65 -32.71
C GLN A 326 1.93 0.80 -33.90
N VAL A 327 2.74 -0.26 -33.70
CA VAL A 327 3.11 -1.09 -34.83
C VAL A 327 1.87 -1.77 -35.41
N THR A 328 1.01 -2.31 -34.53
CA THR A 328 -0.26 -2.85 -34.98
C THR A 328 -1.14 -1.78 -35.62
N ALA A 329 -1.21 -0.60 -35.01
CA ALA A 329 -2.03 0.47 -35.57
C ALA A 329 -1.60 0.80 -37.00
N ILE A 330 -0.30 0.99 -37.22
CA ILE A 330 0.19 1.31 -38.56
C ILE A 330 -0.13 0.17 -39.53
N TYR A 331 0.16 -1.07 -39.12
CA TYR A 331 -0.05 -2.21 -40.01
C TYR A 331 -1.51 -2.34 -40.42
N GLU A 332 -2.42 -2.27 -39.45
CA GLU A 332 -3.84 -2.42 -39.76
C GLU A 332 -4.32 -1.29 -40.66
N ALA A 333 -3.93 -0.05 -40.35
CA ALA A 333 -4.31 1.07 -41.20
C ALA A 333 -3.69 0.94 -42.58
N SER A 334 -2.49 0.39 -42.67
CA SER A 334 -1.85 0.26 -43.98
C SER A 334 -2.57 -0.73 -44.88
N LEU A 335 -3.31 -1.69 -44.31
CA LEU A 335 -4.08 -2.62 -45.13
C LEU A 335 -5.07 -1.87 -46.02
N ALA A 336 -5.67 -0.80 -45.49
CA ALA A 336 -6.55 0.03 -46.29
C ALA A 336 -5.77 1.07 -47.10
N ALA A 337 -4.77 1.69 -46.49
CA ALA A 337 -4.08 2.80 -47.14
C ALA A 337 -3.30 2.34 -48.36
N ARG A 338 -2.60 1.20 -48.26
CA ARG A 338 -1.80 0.74 -49.38
C ARG A 338 -2.67 0.37 -50.58
N ALA A 339 -3.82 -0.25 -50.34
CA ALA A 339 -4.71 -0.61 -51.45
C ALA A 339 -5.29 0.61 -52.14
N ALA A 340 -5.44 1.73 -51.43
CA ALA A 340 -6.00 2.94 -52.00
C ALA A 340 -4.94 3.91 -52.48
N GLY A 341 -3.66 3.60 -52.29
CA GLY A 341 -2.59 4.50 -52.69
C GLY A 341 -2.52 5.77 -51.87
N VAL A 342 -2.96 5.74 -50.63
CA VAL A 342 -3.02 6.93 -49.78
C VAL A 342 -1.87 6.84 -48.76
N PRO A 343 -0.98 7.81 -48.72
CA PRO A 343 0.15 7.73 -47.77
C PRO A 343 -0.31 7.73 -46.32
N LEU A 344 0.50 7.12 -45.47
CA LEU A 344 0.18 6.91 -44.06
C LEU A 344 1.26 7.54 -43.19
N ILE A 345 0.84 8.43 -42.29
CA ILE A 345 1.73 9.10 -41.36
C ILE A 345 1.64 8.42 -40.00
N GLY A 346 2.78 7.92 -39.51
CA GLY A 346 2.84 7.39 -38.17
C GLY A 346 3.04 8.49 -37.15
N ASP A 347 2.08 8.63 -36.23
CA ASP A 347 2.06 9.75 -35.28
C ASP A 347 1.96 9.21 -33.87
N GLY A 348 3.11 8.95 -33.25
CA GLY A 348 3.18 8.64 -31.84
C GLY A 348 3.87 7.34 -31.49
N GLY A 349 4.31 7.23 -30.23
CA GLY A 349 4.87 6.01 -29.71
C GLY A 349 6.36 5.83 -29.90
N LEU A 350 7.04 6.79 -30.51
CA LEU A 350 8.47 6.64 -30.81
C LEU A 350 9.30 6.66 -29.53
N GLN A 351 10.37 5.87 -29.52
CA GLN A 351 11.29 5.81 -28.39
C GLN A 351 12.76 5.77 -28.79
N TYR A 352 13.09 5.53 -30.05
CA TYR A 352 14.47 5.45 -30.52
C TYR A 352 14.47 5.76 -32.00
N SER A 353 15.62 6.17 -32.53
CA SER A 353 15.70 6.42 -33.97
C SER A 353 15.40 5.14 -34.75
N GLY A 354 15.71 3.98 -34.17
CA GLY A 354 15.42 2.70 -34.80
C GLY A 354 13.95 2.44 -35.00
N ASP A 355 13.09 3.15 -34.26
CA ASP A 355 11.65 2.96 -34.41
C ASP A 355 11.14 3.53 -35.72
N ILE A 356 11.91 4.43 -36.34
CA ILE A 356 11.47 5.01 -37.62
C ILE A 356 11.42 3.92 -38.68
N GLY A 357 12.51 3.14 -38.81
CA GLY A 357 12.51 2.03 -39.76
C GLY A 357 11.43 1.01 -39.47
N LYS A 358 11.16 0.76 -38.18
CA LYS A 358 10.09 -0.17 -37.84
C LYS A 358 8.76 0.34 -38.36
N ALA A 359 8.48 1.63 -38.19
CA ALA A 359 7.23 2.20 -38.67
C ALA A 359 7.11 2.07 -40.18
N LEU A 360 8.17 2.39 -40.90
CA LEU A 360 8.14 2.30 -42.36
C LEU A 360 7.96 0.86 -42.82
N ALA A 361 8.69 -0.08 -42.21
CA ALA A 361 8.52 -1.48 -42.57
C ALA A 361 7.15 -1.99 -42.19
N ALA A 362 6.52 -1.40 -41.17
CA ALA A 362 5.18 -1.82 -40.77
C ALA A 362 4.10 -1.28 -41.70
N GLY A 363 4.42 -0.28 -42.53
CA GLY A 363 3.47 0.18 -43.51
C GLY A 363 3.33 1.69 -43.62
N ALA A 364 4.05 2.43 -42.78
CA ALA A 364 3.98 3.88 -42.83
C ALA A 364 4.84 4.42 -43.97
N ASP A 365 4.45 5.59 -44.48
CA ASP A 365 5.26 6.32 -45.45
C ASP A 365 6.11 7.40 -44.81
N THR A 366 5.62 8.01 -43.72
CA THR A 366 6.38 9.02 -43.00
C THR A 366 6.08 8.89 -41.51
N VAL A 367 6.84 9.63 -40.71
CA VAL A 367 6.72 9.61 -39.26
C VAL A 367 6.69 11.04 -38.75
N MET A 368 5.73 11.34 -37.87
CA MET A 368 5.60 12.67 -37.28
C MET A 368 6.33 12.70 -35.95
N LEU A 369 7.17 13.73 -35.78
CA LEU A 369 7.97 13.89 -34.57
C LEU A 369 7.35 14.98 -33.71
N GLY A 370 7.23 14.71 -32.41
CA GLY A 370 6.58 15.62 -31.49
C GLY A 370 7.46 16.19 -30.41
N SER A 371 7.18 15.80 -29.16
CA SER A 371 7.86 16.41 -28.02
C SER A 371 9.37 16.32 -28.15
N LEU A 372 9.87 15.32 -28.88
CA LEU A 372 11.29 15.24 -29.20
C LEU A 372 11.86 16.59 -29.59
N LEU A 373 11.13 17.34 -30.43
CA LEU A 373 11.65 18.56 -31.02
C LEU A 373 11.37 19.81 -30.19
N ALA A 374 10.61 19.69 -29.10
CA ALA A 374 10.23 20.87 -28.34
C ALA A 374 11.44 21.58 -27.76
N GLY A 375 12.51 20.85 -27.49
CA GLY A 375 13.71 21.43 -26.94
C GLY A 375 14.66 22.00 -27.95
N CYS A 376 14.36 21.90 -29.24
CA CYS A 376 15.27 22.36 -30.26
C CYS A 376 15.27 23.88 -30.35
N GLU A 377 16.39 24.43 -30.81
CA GLU A 377 16.53 25.87 -30.91
C GLU A 377 15.40 26.49 -31.74
N GLU A 378 14.97 25.80 -32.79
CA GLU A 378 13.98 26.35 -33.72
C GLU A 378 12.55 26.26 -33.20
N SER A 379 12.32 25.65 -32.03
CA SER A 379 10.99 25.57 -31.48
C SER A 379 10.52 26.94 -31.01
N PRO A 380 9.21 27.13 -30.86
CA PRO A 380 8.69 28.48 -30.57
C PRO A 380 9.14 29.07 -29.24
N GLY A 381 9.49 28.26 -28.25
CA GLY A 381 9.78 28.76 -26.93
C GLY A 381 10.90 29.78 -26.90
N GLU A 382 11.04 30.44 -25.75
CA GLU A 382 12.14 31.36 -25.50
C GLU A 382 13.28 30.59 -24.82
N LEU A 383 14.50 30.77 -25.30
CA LEU A 383 15.65 30.13 -24.67
C LEU A 383 15.96 30.84 -23.36
N GLN A 384 15.94 30.09 -22.26
CA GLN A 384 16.18 30.65 -20.93
C GLN A 384 17.31 29.88 -20.25
N PHE A 385 18.00 30.55 -19.33
CA PHE A 385 19.16 30.01 -18.64
C PHE A 385 18.87 29.95 -17.14
N ILE A 386 18.93 28.74 -16.57
CA ILE A 386 18.80 28.56 -15.13
C ILE A 386 19.78 27.50 -14.65
N ASN A 387 21.06 27.87 -14.48
CA ASN A 387 22.13 26.91 -14.22
C ASN A 387 22.43 26.13 -15.50
N GLY A 388 21.36 25.63 -16.13
CA GLY A 388 21.43 25.08 -17.46
C GLY A 388 20.41 25.80 -18.33
N LYS A 389 20.30 25.34 -19.57
CA LYS A 389 19.42 25.96 -20.55
C LYS A 389 18.10 25.23 -20.72
N GLN A 390 17.02 26.01 -20.85
CA GLN A 390 15.69 25.45 -21.04
C GLN A 390 14.96 26.31 -22.06
N PHE A 391 13.91 25.74 -22.65
CA PHE A 391 13.03 26.47 -23.55
C PHE A 391 11.72 26.76 -22.81
N LYS A 392 11.37 28.04 -22.72
CA LYS A 392 10.17 28.44 -21.98
C LYS A 392 9.07 28.86 -22.94
N VAL A 437 11.36 22.87 -20.55
CA VAL A 437 11.85 21.89 -21.51
C VAL A 437 13.36 22.05 -21.69
N PRO A 438 14.12 20.95 -21.54
CA PRO A 438 15.58 21.06 -21.68
C PRO A 438 15.98 21.40 -23.11
N TYR A 439 16.98 22.26 -23.24
CA TYR A 439 17.45 22.70 -24.55
C TYR A 439 18.25 21.59 -25.22
N ARG A 440 17.92 21.30 -26.48
CA ARG A 440 18.56 20.23 -27.22
C ARG A 440 19.55 20.71 -28.27
N GLY A 441 19.56 21.99 -28.61
CA GLY A 441 20.37 22.49 -29.69
C GLY A 441 19.65 22.51 -31.01
N PRO A 442 20.39 22.71 -32.11
CA PRO A 442 19.74 22.86 -33.41
C PRO A 442 19.01 21.60 -33.85
N LEU A 443 17.88 21.80 -34.52
CA LEU A 443 17.15 20.67 -35.13
C LEU A 443 18.07 19.79 -35.96
N ALA A 444 19.03 20.40 -36.66
CA ALA A 444 19.88 19.65 -37.57
C ALA A 444 20.56 18.48 -36.87
N ASN A 445 20.98 18.65 -35.61
CA ASN A 445 21.66 17.55 -34.94
C ASN A 445 20.70 16.40 -34.69
N VAL A 446 19.47 16.70 -34.30
CA VAL A 446 18.49 15.66 -34.04
C VAL A 446 18.16 14.90 -35.32
N LEU A 447 17.88 15.63 -36.40
CA LEU A 447 17.49 14.97 -37.65
C LEU A 447 18.65 14.18 -38.23
N HIS A 448 19.87 14.69 -38.10
CA HIS A 448 21.03 13.97 -38.60
C HIS A 448 21.16 12.60 -37.94
N GLN A 449 20.92 12.52 -36.63
CA GLN A 449 20.98 11.23 -35.95
C GLN A 449 19.81 10.33 -36.36
N LEU A 450 18.61 10.90 -36.47
CA LEU A 450 17.45 10.11 -36.84
C LEU A 450 17.56 9.59 -38.27
N VAL A 451 17.93 10.46 -39.21
CA VAL A 451 18.08 10.03 -40.59
C VAL A 451 19.26 9.09 -40.74
N GLY A 452 20.34 9.36 -40.00
CA GLY A 452 21.46 8.42 -39.99
C GLY A 452 21.04 7.04 -39.53
N GLY A 453 20.26 6.98 -38.46
CA GLY A 453 19.75 5.69 -38.01
C GLY A 453 18.90 5.01 -39.06
N LEU A 454 18.01 5.76 -39.71
CA LEU A 454 17.15 5.17 -40.73
C LEU A 454 17.99 4.60 -41.87
N ARG A 455 19.03 5.32 -42.29
CA ARG A 455 19.88 4.83 -43.37
C ARG A 455 20.54 3.51 -42.98
N GLN A 456 20.92 3.37 -41.71
CA GLN A 456 21.45 2.10 -41.22
C GLN A 456 20.40 1.00 -41.35
N THR A 457 19.18 1.27 -40.91
CA THR A 457 18.11 0.29 -41.04
C THR A 457 17.97 -0.17 -42.48
N MET A 458 17.90 0.78 -43.41
CA MET A 458 17.69 0.44 -44.81
C MET A 458 18.85 -0.36 -45.37
N GLY A 459 20.08 0.01 -44.99
CA GLY A 459 21.22 -0.78 -45.40
C GLY A 459 21.17 -2.21 -44.90
N TYR A 460 20.76 -2.38 -43.64
CA TYR A 460 20.70 -3.73 -43.07
C TYR A 460 19.62 -4.58 -43.74
N VAL A 461 18.47 -3.98 -44.06
CA VAL A 461 17.38 -4.76 -44.65
C VAL A 461 17.54 -4.90 -46.15
N GLY A 462 18.40 -4.08 -46.76
CA GLY A 462 18.59 -4.10 -48.19
C GLY A 462 17.64 -3.24 -48.98
N ALA A 463 16.97 -2.29 -48.34
CA ALA A 463 15.99 -1.44 -49.00
C ALA A 463 16.72 -0.24 -49.60
N ALA A 464 16.73 -0.16 -50.93
CA ALA A 464 17.34 0.99 -51.60
C ALA A 464 16.42 2.21 -51.58
N THR A 465 15.13 2.00 -51.33
CA THR A 465 14.15 3.08 -51.29
C THR A 465 13.18 2.80 -50.15
N ILE A 466 12.43 3.84 -49.76
CA ILE A 466 11.44 3.67 -48.71
C ILE A 466 10.39 2.64 -49.13
N GLU A 467 9.99 2.68 -50.40
CA GLU A 467 8.97 1.76 -50.90
C GLU A 467 9.36 0.30 -50.75
N GLU A 468 10.66 -0.02 -50.67
CA GLU A 468 11.08 -1.39 -50.47
C GLU A 468 11.02 -1.83 -49.00
N MET A 469 10.82 -0.90 -48.06
CA MET A 469 10.89 -1.25 -46.65
C MET A 469 9.79 -2.23 -46.25
N GLU A 470 8.57 -2.02 -46.73
CA GLU A 470 7.47 -2.88 -46.28
C GLU A 470 7.72 -4.32 -46.72
N SER A 471 8.23 -4.49 -47.94
CA SER A 471 8.44 -5.84 -48.48
C SER A 471 9.74 -6.47 -47.97
N LYS A 472 10.81 -5.68 -47.86
CA LYS A 472 12.10 -6.24 -47.46
C LYS A 472 12.30 -6.27 -45.95
N GLY A 473 11.62 -5.41 -45.20
CA GLY A 473 11.77 -5.43 -43.75
C GLY A 473 11.03 -6.59 -43.13
N ARG A 474 11.77 -7.54 -42.58
CA ARG A 474 11.20 -8.70 -41.90
C ARG A 474 11.26 -8.48 -40.39
N PHE A 475 10.18 -8.81 -39.71
CA PHE A 475 10.04 -8.58 -38.28
C PHE A 475 10.22 -9.87 -37.49
N VAL A 476 10.71 -9.72 -36.26
CA VAL A 476 10.63 -10.76 -35.24
C VAL A 476 10.13 -10.10 -33.96
N ARG A 477 9.26 -10.79 -33.25
CA ARG A 477 8.82 -10.34 -31.93
C ARG A 477 9.83 -10.76 -30.88
N ILE A 478 9.92 -9.98 -29.79
CA ILE A 478 10.80 -10.32 -28.69
C ILE A 478 10.01 -10.28 -27.38
N THR A 479 10.52 -11.03 -26.40
CA THR A 479 9.94 -11.06 -25.08
C THR A 479 10.54 -9.94 -24.22
N SER A 480 10.03 -9.81 -23.00
CA SER A 480 10.60 -8.85 -22.05
C SER A 480 12.02 -9.23 -21.64
N ALA A 481 12.42 -10.49 -21.85
CA ALA A 481 13.76 -10.95 -21.54
C ALA A 481 14.77 -10.23 -22.41
N GLY B 10 -2.28 -14.49 -32.27
CA GLY B 10 -3.19 -13.38 -32.47
C GLY B 10 -2.56 -12.18 -33.15
N VAL B 11 -1.52 -12.43 -33.94
CA VAL B 11 -0.81 -11.37 -34.65
C VAL B 11 -0.87 -11.68 -36.15
N PRO B 12 -0.72 -10.66 -36.98
CA PRO B 12 -0.65 -10.92 -38.43
C PRO B 12 0.56 -11.73 -38.78
N GLU B 13 0.51 -12.39 -39.91
CA GLU B 13 1.74 -13.10 -40.24
C GLU B 13 3.02 -12.30 -40.36
N LYS B 14 2.92 -11.06 -40.75
CA LYS B 14 4.12 -10.25 -40.82
C LYS B 14 4.89 -10.29 -39.51
N PHE B 15 4.20 -10.54 -38.39
CA PHE B 15 4.82 -10.52 -37.08
C PHE B 15 4.75 -11.86 -36.36
N ALA B 16 4.59 -12.96 -37.11
CA ALA B 16 4.31 -14.25 -36.47
C ALA B 16 5.50 -14.76 -35.67
N THR B 17 6.72 -14.49 -36.12
CA THR B 17 7.91 -15.12 -35.53
C THR B 17 8.24 -14.50 -34.18
N LEU B 18 8.51 -15.35 -33.20
CA LEU B 18 8.96 -14.94 -31.88
C LEU B 18 10.44 -15.29 -31.73
N GLY B 19 11.26 -14.29 -31.43
CA GLY B 19 12.68 -14.50 -31.20
C GLY B 19 12.98 -14.72 -29.72
N LEU B 20 13.90 -15.64 -29.46
CA LEU B 20 14.23 -16.06 -28.10
C LEU B 20 15.69 -15.72 -27.78
N THR B 21 15.92 -15.20 -26.58
CA THR B 21 17.26 -14.97 -26.07
C THR B 21 17.63 -16.11 -25.13
N TYR B 22 18.86 -16.09 -24.62
CA TYR B 22 19.29 -17.14 -23.70
C TYR B 22 18.39 -17.18 -22.48
N ASP B 23 18.05 -16.02 -21.92
CA ASP B 23 17.21 -15.99 -20.72
C ASP B 23 15.81 -16.53 -20.98
N ASP B 24 15.40 -16.65 -22.23
CA ASP B 24 14.05 -17.13 -22.53
C ASP B 24 13.91 -18.64 -22.43
N VAL B 25 15.00 -19.39 -22.33
CA VAL B 25 14.93 -20.84 -22.42
C VAL B 25 15.81 -21.49 -21.36
N LEU B 26 15.51 -22.75 -21.09
CA LEU B 26 16.29 -23.60 -20.22
C LEU B 26 16.42 -24.97 -20.88
N LEU B 27 17.49 -25.68 -20.51
CA LEU B 27 17.67 -27.06 -20.97
C LEU B 27 17.13 -28.03 -19.93
N LEU B 28 16.46 -29.08 -20.41
CA LEU B 28 15.92 -30.07 -19.50
C LEU B 28 16.98 -31.10 -19.14
N PRO B 29 16.94 -31.64 -17.92
CA PRO B 29 17.74 -32.83 -17.62
C PRO B 29 17.23 -34.02 -18.41
N GLY B 30 18.16 -34.90 -18.79
CA GLY B 30 17.83 -36.09 -19.56
C GLY B 30 18.51 -37.33 -19.03
N ALA B 31 18.14 -38.46 -19.63
CA ALA B 31 18.83 -39.71 -19.33
C ALA B 31 20.32 -39.57 -19.60
N SER B 32 21.14 -39.94 -18.63
CA SER B 32 22.58 -39.74 -18.75
C SER B 32 23.34 -40.91 -18.16
N ALA B 33 24.37 -41.35 -18.90
CA ALA B 33 25.30 -42.37 -18.43
C ALA B 33 26.71 -41.82 -18.29
N VAL B 34 26.88 -40.51 -18.31
CA VAL B 34 28.19 -39.87 -18.36
C VAL B 34 28.23 -38.75 -17.32
N LEU B 35 29.34 -38.70 -16.56
CA LEU B 35 29.52 -37.67 -15.52
C LEU B 35 30.24 -36.45 -16.09
N PRO B 36 30.04 -35.29 -15.49
CA PRO B 36 30.69 -34.08 -16.02
C PRO B 36 32.18 -34.24 -16.27
N ASN B 37 32.92 -34.89 -15.38
CA ASN B 37 34.37 -34.97 -15.53
C ASN B 37 34.80 -35.92 -16.63
N ALA B 38 33.87 -36.62 -17.29
CA ALA B 38 34.21 -37.58 -18.32
C ALA B 38 33.75 -37.18 -19.72
N VAL B 39 33.00 -36.08 -19.86
CA VAL B 39 32.55 -35.70 -21.19
C VAL B 39 33.73 -35.14 -21.99
N ASP B 40 33.57 -35.14 -23.31
CA ASP B 40 34.58 -34.60 -24.22
C ASP B 40 34.09 -33.25 -24.73
N THR B 41 34.89 -32.20 -24.54
CA THR B 41 34.49 -30.84 -24.87
C THR B 41 35.11 -30.33 -26.16
N SER B 42 35.71 -31.19 -26.97
CA SER B 42 36.34 -30.73 -28.21
C SER B 42 35.30 -30.41 -29.27
N SER B 43 35.65 -29.49 -30.16
CA SER B 43 34.74 -29.02 -31.20
C SER B 43 35.56 -28.42 -32.34
N ARG B 44 34.86 -27.94 -33.37
CA ARG B 44 35.48 -27.36 -34.55
C ARG B 44 35.22 -25.87 -34.60
N ILE B 45 36.30 -25.10 -34.84
CA ILE B 45 36.15 -23.69 -35.16
C ILE B 45 35.61 -23.52 -36.58
N SER B 46 36.18 -24.28 -37.51
CA SER B 46 35.82 -24.26 -38.92
C SER B 46 36.06 -25.66 -39.45
N ARG B 47 35.84 -25.85 -40.76
CA ARG B 47 35.91 -27.19 -41.33
C ARG B 47 37.17 -27.92 -40.88
N ASN B 48 38.32 -27.23 -40.84
CA ASN B 48 39.60 -27.90 -40.62
C ASN B 48 40.38 -27.39 -39.41
N VAL B 49 39.73 -26.69 -38.48
CA VAL B 49 40.38 -26.22 -37.26
C VAL B 49 39.61 -26.75 -36.06
N ARG B 50 40.33 -27.43 -35.17
CA ARG B 50 39.72 -28.08 -34.02
C ARG B 50 40.29 -27.52 -32.72
N VAL B 51 39.44 -27.45 -31.70
CA VAL B 51 39.83 -26.99 -30.37
C VAL B 51 39.39 -28.02 -29.33
N ASN B 52 39.98 -27.92 -28.14
CA ASN B 52 39.71 -28.86 -27.06
C ASN B 52 38.66 -28.36 -26.08
N ILE B 53 38.43 -27.05 -26.02
CA ILE B 53 37.24 -26.48 -25.38
C ILE B 53 36.58 -25.60 -26.43
N PRO B 54 35.24 -25.49 -26.45
CA PRO B 54 34.55 -24.83 -27.57
C PRO B 54 34.43 -23.31 -27.41
N LEU B 55 35.56 -22.65 -27.16
CA LEU B 55 35.56 -21.23 -26.82
C LEU B 55 36.66 -20.49 -27.58
N LEU B 56 36.32 -19.29 -28.06
CA LEU B 56 37.27 -18.38 -28.69
C LEU B 56 37.27 -17.06 -27.93
N SER B 57 38.38 -16.33 -27.99
CA SER B 57 38.43 -14.96 -27.51
C SER B 57 38.23 -14.01 -28.70
N ALA B 58 37.43 -12.97 -28.49
CA ALA B 58 36.98 -12.13 -29.59
C ALA B 58 38.10 -11.24 -30.15
N ALA B 59 37.93 -10.87 -31.42
CA ALA B 59 38.86 -9.98 -32.12
C ALA B 59 38.54 -8.51 -31.81
N MET B 60 38.62 -8.19 -30.53
CA MET B 60 38.42 -6.83 -30.03
C MET B 60 39.75 -6.31 -29.51
N ASP B 61 40.03 -5.03 -29.77
CA ASP B 61 41.33 -4.50 -29.39
C ASP B 61 41.50 -4.39 -27.88
N LYS B 62 40.43 -4.53 -27.11
CA LYS B 62 40.52 -4.60 -25.66
C LYS B 62 40.62 -6.03 -25.14
N VAL B 63 40.64 -7.02 -26.04
CA VAL B 63 40.57 -8.41 -25.60
C VAL B 63 41.76 -9.22 -26.07
N THR B 64 41.93 -9.39 -27.37
CA THR B 64 42.85 -10.38 -27.90
C THR B 64 44.02 -9.79 -28.68
N GLU B 65 45.18 -9.76 -28.03
CA GLU B 65 46.47 -9.73 -28.71
C GLU B 65 47.22 -11.00 -28.36
N SER B 66 48.54 -11.04 -28.56
CA SER B 66 49.25 -12.30 -28.51
C SER B 66 49.13 -12.97 -27.14
N ARG B 67 49.22 -12.19 -26.07
CA ARG B 67 49.20 -12.78 -24.73
C ARG B 67 47.88 -13.48 -24.45
N MET B 68 46.77 -12.86 -24.84
CA MET B 68 45.47 -13.52 -24.69
C MET B 68 45.38 -14.76 -25.57
N ALA B 69 45.82 -14.63 -26.84
CA ALA B 69 45.71 -15.76 -27.76
C ALA B 69 46.53 -16.94 -27.27
N ILE B 70 47.71 -16.68 -26.71
CA ILE B 70 48.54 -17.74 -26.19
C ILE B 70 47.83 -18.46 -25.04
N SER B 71 47.26 -17.69 -24.11
CA SER B 71 46.60 -18.31 -22.97
C SER B 71 45.37 -19.09 -23.40
N MET B 72 44.56 -18.53 -24.30
CA MET B 72 43.40 -19.27 -24.80
C MET B 72 43.82 -20.61 -25.40
N ALA B 73 44.82 -20.59 -26.27
CA ALA B 73 45.25 -21.83 -26.92
C ALA B 73 45.81 -22.81 -25.90
N ARG B 74 46.57 -22.31 -24.92
CA ARG B 74 47.11 -23.19 -23.89
C ARG B 74 45.99 -23.88 -23.12
N GLN B 75 44.88 -23.18 -22.91
CA GLN B 75 43.75 -23.75 -22.20
C GLN B 75 42.87 -24.63 -23.09
N GLY B 76 43.19 -24.73 -24.38
CA GLY B 76 42.47 -25.60 -25.28
C GLY B 76 41.52 -24.88 -26.22
N GLY B 77 41.37 -23.58 -26.09
CA GLY B 77 40.59 -22.77 -27.00
C GLY B 77 41.47 -22.12 -28.04
N VAL B 78 41.07 -20.94 -28.50
CA VAL B 78 41.85 -20.20 -29.48
C VAL B 78 41.46 -18.73 -29.40
N GLY B 79 42.41 -17.86 -29.71
CA GLY B 79 42.15 -16.43 -29.80
C GLY B 79 42.08 -16.00 -31.25
N VAL B 80 41.26 -14.97 -31.50
CA VAL B 80 41.21 -14.31 -32.80
C VAL B 80 41.80 -12.92 -32.61
N LEU B 81 43.00 -12.71 -33.16
CA LEU B 81 43.70 -11.44 -33.00
C LEU B 81 42.93 -10.32 -33.68
N HIS B 82 42.75 -9.22 -32.96
CA HIS B 82 42.03 -8.08 -33.50
C HIS B 82 42.84 -7.42 -34.60
N ARG B 83 42.14 -6.63 -35.43
CA ARG B 83 42.74 -6.02 -36.60
C ARG B 83 42.83 -4.51 -36.51
N ASN B 84 42.65 -3.93 -35.31
CA ASN B 84 42.80 -2.49 -35.14
C ASN B 84 44.26 -2.14 -34.89
N LEU B 85 45.10 -2.48 -35.86
CA LEU B 85 46.52 -2.21 -35.82
C LEU B 85 47.09 -2.48 -37.21
N SER B 86 48.33 -2.06 -37.41
CA SER B 86 48.92 -2.18 -38.74
C SER B 86 49.04 -3.64 -39.14
N ILE B 87 49.17 -3.87 -40.44
CA ILE B 87 49.36 -5.22 -40.94
C ILE B 87 50.61 -5.84 -40.32
N GLU B 88 51.69 -5.06 -40.24
CA GLU B 88 52.93 -5.60 -39.71
C GLU B 88 52.80 -5.93 -38.22
N ASP B 89 52.04 -5.12 -37.48
CA ASP B 89 51.86 -5.39 -36.06
C ASP B 89 50.99 -6.61 -35.82
N GLN B 90 49.94 -6.78 -36.64
CA GLN B 90 49.09 -7.95 -36.45
C GLN B 90 49.82 -9.23 -36.84
N ALA B 91 50.58 -9.21 -37.93
CA ALA B 91 51.37 -10.38 -38.30
C ALA B 91 52.40 -10.70 -37.25
N ASN B 92 52.98 -9.67 -36.62
CA ASN B 92 53.92 -9.91 -35.52
C ASN B 92 53.22 -10.58 -34.35
N GLN B 93 51.98 -10.17 -34.06
CA GLN B 93 51.22 -10.84 -33.01
C GLN B 93 51.03 -12.31 -33.34
N VAL B 94 50.72 -12.62 -34.60
CA VAL B 94 50.62 -14.02 -35.01
C VAL B 94 51.93 -14.76 -34.75
N ASP B 95 53.05 -14.17 -35.18
CA ASP B 95 54.34 -14.81 -35.01
C ASP B 95 54.64 -15.11 -33.55
N LEU B 96 54.30 -14.18 -32.66
CA LEU B 96 54.54 -14.39 -31.24
C LEU B 96 53.78 -15.60 -30.73
N VAL B 97 52.57 -15.83 -31.23
CA VAL B 97 51.78 -16.98 -30.79
C VAL B 97 52.38 -18.27 -31.35
N LYS B 98 52.65 -18.30 -32.66
CA LYS B 98 53.15 -19.52 -33.29
C LYS B 98 54.50 -19.95 -32.72
N ARG B 99 55.35 -18.99 -32.35
CA ARG B 99 56.68 -19.27 -31.83
C ARG B 99 56.74 -19.13 -30.32
N SER B 100 55.64 -19.46 -29.63
CA SER B 100 55.59 -19.38 -28.18
C SER B 100 56.30 -20.57 -27.53
N GLU B 101 55.82 -21.78 -27.80
CA GLU B 101 56.45 -23.00 -27.30
C GLU B 101 56.35 -24.06 -28.37
N SER B 102 57.45 -24.79 -28.57
CA SER B 102 57.61 -25.76 -29.64
C SER B 102 57.54 -25.12 -31.02
N GLY B 103 57.57 -23.79 -31.09
CA GLY B 103 57.47 -23.10 -32.37
C GLY B 103 58.80 -22.75 -33.00
N MET B 104 59.89 -22.97 -32.29
CA MET B 104 61.22 -22.69 -32.81
C MET B 104 61.95 -23.95 -33.24
N VAL B 105 61.27 -25.10 -33.20
CA VAL B 105 61.91 -26.35 -33.60
C VAL B 105 62.36 -26.28 -35.06
N ALA B 106 61.66 -25.50 -35.89
CA ALA B 106 62.03 -25.37 -37.29
C ALA B 106 62.15 -23.93 -37.77
N ASN B 107 61.99 -22.93 -36.90
CA ASN B 107 62.16 -21.53 -37.26
C ASN B 107 62.69 -20.77 -36.06
N PRO B 108 63.97 -20.94 -35.74
CA PRO B 108 64.52 -20.32 -34.53
C PRO B 108 64.86 -18.85 -34.73
N ILE B 109 64.84 -18.11 -33.62
CA ILE B 109 65.39 -16.75 -33.61
C ILE B 109 66.91 -16.83 -33.58
N THR B 110 67.54 -15.76 -34.08
CA THR B 110 69.00 -15.70 -34.09
C THR B 110 69.44 -14.26 -33.88
N ILE B 111 70.72 -14.09 -33.55
CA ILE B 111 71.34 -12.78 -33.42
C ILE B 111 72.76 -12.87 -33.97
N HIS B 112 73.24 -11.71 -34.60
CA HIS B 112 74.63 -11.75 -35.06
C HIS B 112 75.59 -11.38 -33.93
N PRO B 113 76.81 -11.89 -33.96
CA PRO B 113 77.72 -11.70 -32.80
C PRO B 113 78.11 -10.25 -32.56
N ASP B 114 77.95 -9.36 -33.53
CA ASP B 114 78.28 -7.96 -33.36
C ASP B 114 77.12 -7.16 -32.76
N ALA B 115 75.99 -7.81 -32.50
CA ALA B 115 74.86 -7.15 -31.87
C ALA B 115 75.14 -6.87 -30.40
N THR B 116 74.39 -5.93 -29.85
CA THR B 116 74.55 -5.55 -28.46
C THR B 116 73.73 -6.48 -27.57
N LEU B 117 74.09 -6.49 -26.27
CA LEU B 117 73.28 -7.23 -25.32
C LEU B 117 71.86 -6.69 -25.26
N GLY B 118 71.72 -5.37 -25.43
CA GLY B 118 70.39 -4.78 -25.46
C GLY B 118 69.50 -5.39 -26.54
N GLU B 119 70.07 -5.60 -27.73
CA GLU B 119 69.31 -6.24 -28.80
C GLU B 119 68.98 -7.68 -28.45
N ALA B 120 69.93 -8.41 -27.85
CA ALA B 120 69.68 -9.79 -27.47
C ALA B 120 68.60 -9.89 -26.39
N ASP B 121 68.70 -9.05 -25.35
CA ASP B 121 67.72 -9.11 -24.28
C ASP B 121 66.34 -8.71 -24.76
N ALA B 122 66.26 -7.75 -25.68
CA ALA B 122 64.97 -7.35 -26.23
C ALA B 122 64.33 -8.50 -26.99
N LEU B 123 65.13 -9.28 -27.71
CA LEU B 123 64.61 -10.44 -28.42
C LEU B 123 64.10 -11.50 -27.46
N CYS B 124 64.84 -11.72 -26.36
CA CYS B 124 64.40 -12.66 -25.34
C CYS B 124 63.08 -12.24 -24.73
N ALA B 125 62.93 -10.95 -24.43
CA ALA B 125 61.69 -10.45 -23.86
C ALA B 125 60.55 -10.55 -24.88
N LYS B 126 60.84 -10.30 -26.15
CA LYS B 126 59.79 -10.29 -27.16
C LYS B 126 59.14 -11.66 -27.31
N PHE B 127 59.95 -12.70 -27.45
CA PHE B 127 59.45 -14.05 -27.66
C PHE B 127 59.31 -14.80 -26.35
N ARG B 128 59.54 -14.11 -25.25
CA ARG B 128 59.52 -14.70 -23.92
C ARG B 128 60.41 -15.94 -23.89
N ILE B 129 61.70 -15.79 -24.26
CA ILE B 129 62.60 -16.91 -24.01
C ILE B 129 63.96 -16.33 -23.61
N SER B 130 64.73 -17.15 -22.88
CA SER B 130 65.93 -16.80 -22.12
C SER B 130 67.21 -17.07 -22.87
N GLY B 131 67.20 -16.99 -24.19
CA GLY B 131 68.42 -17.18 -24.93
C GLY B 131 68.20 -17.10 -26.43
N VAL B 132 69.29 -16.83 -27.13
CA VAL B 132 69.30 -16.67 -28.58
C VAL B 132 70.53 -17.39 -29.13
N PRO B 133 70.37 -18.30 -30.09
CA PRO B 133 71.55 -18.79 -30.82
C PRO B 133 72.22 -17.66 -31.56
N VAL B 134 73.56 -17.66 -31.54
CA VAL B 134 74.36 -16.67 -32.24
C VAL B 134 74.86 -17.30 -33.53
N THR B 135 74.59 -16.65 -34.66
CA THR B 135 74.97 -17.18 -35.96
C THR B 135 75.65 -16.11 -36.80
N ASP B 136 76.36 -16.55 -37.83
CA ASP B 136 76.91 -15.67 -38.84
C ASP B 136 75.89 -15.47 -39.95
N GLY B 137 76.29 -14.77 -41.02
CA GLY B 137 75.34 -14.49 -42.08
C GLY B 137 74.83 -15.73 -42.78
N ALA B 138 75.64 -16.79 -42.80
CA ALA B 138 75.26 -18.05 -43.45
C ALA B 138 74.45 -18.97 -42.54
N GLY B 139 74.13 -18.53 -41.33
CA GLY B 139 73.39 -19.36 -40.41
C GLY B 139 74.21 -20.41 -39.71
N LYS B 140 75.54 -20.36 -39.82
CA LYS B 140 76.39 -21.26 -39.07
C LYS B 140 76.35 -20.88 -37.59
N LEU B 141 76.19 -21.88 -36.73
CA LEU B 141 76.08 -21.63 -35.29
C LEU B 141 77.45 -21.26 -34.74
N LEU B 142 77.52 -20.10 -34.09
CA LEU B 142 78.76 -19.65 -33.45
C LEU B 142 78.74 -19.83 -31.94
N GLY B 143 77.56 -19.79 -31.34
CA GLY B 143 77.45 -19.87 -29.90
C GLY B 143 76.04 -19.50 -29.46
N ILE B 144 75.87 -19.37 -28.16
CA ILE B 144 74.56 -19.08 -27.58
C ILE B 144 74.73 -18.14 -26.40
N VAL B 145 73.89 -17.11 -26.35
CA VAL B 145 73.86 -16.15 -25.26
C VAL B 145 72.50 -16.29 -24.58
N THR B 146 72.51 -16.45 -23.26
CA THR B 146 71.29 -16.74 -22.52
C THR B 146 71.17 -15.78 -21.34
N ASN B 147 70.02 -15.86 -20.67
CA ASN B 147 69.77 -15.00 -19.53
C ASN B 147 70.90 -15.05 -18.51
N ARG B 148 71.41 -16.25 -18.23
CA ARG B 148 72.47 -16.37 -17.23
C ARG B 148 73.75 -15.70 -17.69
N ASP B 149 74.02 -15.69 -18.99
CA ASP B 149 75.21 -15.01 -19.48
C ASP B 149 75.12 -13.49 -19.28
N MET B 150 73.91 -12.95 -19.28
CA MET B 150 73.68 -11.52 -19.17
C MET B 150 73.29 -11.09 -17.77
N ALA B 151 73.19 -12.03 -16.83
CA ALA B 151 72.60 -11.72 -15.53
C ALA B 151 73.35 -10.61 -14.81
N PHE B 152 74.69 -10.65 -14.85
CA PHE B 152 75.51 -9.70 -14.12
C PHE B 152 76.09 -8.61 -14.99
N GLU B 153 75.65 -8.51 -16.25
CA GLU B 153 76.18 -7.52 -17.17
C GLU B 153 75.42 -6.21 -16.98
N THR B 154 76.18 -5.10 -16.93
CA THR B 154 75.59 -3.79 -16.73
C THR B 154 75.61 -2.92 -17.98
N ASP B 155 76.54 -3.17 -18.91
CA ASP B 155 76.66 -2.35 -20.11
C ASP B 155 75.84 -3.01 -21.22
N ARG B 156 74.75 -2.34 -21.62
CA ARG B 156 73.88 -2.88 -22.65
C ARG B 156 74.44 -2.68 -24.05
N SER B 157 75.55 -1.95 -24.18
CA SER B 157 76.20 -1.76 -25.47
C SER B 157 77.22 -2.86 -25.77
N ARG B 158 77.56 -3.67 -24.78
CA ARG B 158 78.52 -4.75 -24.98
C ARG B 158 78.04 -5.71 -26.05
N GLN B 159 78.99 -6.25 -26.80
CA GLN B 159 78.66 -7.13 -27.92
C GLN B 159 78.35 -8.53 -27.45
N VAL B 160 77.43 -9.19 -28.16
CA VAL B 160 77.01 -10.53 -27.76
C VAL B 160 78.19 -11.47 -27.70
N ARG B 161 79.14 -11.33 -28.64
CA ARG B 161 80.27 -12.25 -28.71
C ARG B 161 81.10 -12.25 -27.43
N GLU B 162 81.08 -11.16 -26.66
CA GLU B 162 81.93 -11.08 -25.48
C GLU B 162 81.39 -11.88 -24.31
N VAL B 163 80.09 -12.14 -24.26
CA VAL B 163 79.49 -12.83 -23.13
C VAL B 163 78.87 -14.18 -23.50
N MET B 164 78.67 -14.45 -24.79
CA MET B 164 78.05 -15.69 -25.21
C MET B 164 78.93 -16.89 -24.85
N THR B 165 78.29 -18.04 -24.72
CA THR B 165 79.01 -19.30 -24.67
C THR B 165 79.35 -19.72 -26.10
N PRO B 166 80.64 -19.82 -26.46
CA PRO B 166 80.98 -20.15 -27.84
C PRO B 166 80.88 -21.64 -28.11
N MET B 167 80.69 -21.97 -29.40
CA MET B 167 80.81 -23.33 -29.89
C MET B 167 82.17 -23.86 -29.42
N PRO B 168 82.31 -25.16 -29.11
CA PRO B 168 81.28 -26.19 -29.29
C PRO B 168 80.22 -26.18 -28.20
N LEU B 169 78.96 -26.33 -28.61
CA LEU B 169 77.82 -26.39 -27.71
C LEU B 169 77.23 -27.80 -27.72
N VAL B 170 76.43 -28.09 -26.70
CA VAL B 170 75.58 -29.28 -26.73
C VAL B 170 74.48 -29.03 -27.74
N THR B 171 74.44 -29.85 -28.79
CA THR B 171 73.47 -29.67 -29.87
C THR B 171 72.73 -30.97 -30.14
N GLY B 172 71.64 -30.84 -30.91
CA GLY B 172 70.88 -31.99 -31.35
C GLY B 172 70.73 -32.00 -32.87
N GLN B 173 70.29 -33.15 -33.37
CA GLN B 173 70.02 -33.32 -34.79
C GLN B 173 68.58 -32.90 -35.12
N VAL B 174 68.37 -32.45 -36.36
CA VAL B 174 67.03 -32.25 -36.85
C VAL B 174 66.24 -33.55 -36.65
N GLY B 175 65.03 -33.43 -36.12
CA GLY B 175 64.19 -34.58 -35.91
C GLY B 175 64.37 -35.29 -34.58
N ILE B 176 65.26 -34.80 -33.72
CA ILE B 176 65.46 -35.41 -32.42
C ILE B 176 64.12 -35.51 -31.70
N SER B 177 63.94 -36.60 -30.97
CA SER B 177 62.70 -36.81 -30.25
C SER B 177 62.65 -35.99 -28.97
N GLY B 178 61.45 -35.80 -28.44
CA GLY B 178 61.31 -35.13 -27.16
C GLY B 178 62.09 -35.82 -26.06
N VAL B 179 61.99 -37.14 -25.99
CA VAL B 179 62.68 -37.90 -24.95
C VAL B 179 64.18 -37.71 -25.05
N ASP B 180 64.73 -37.73 -26.27
CA ASP B 180 66.20 -37.60 -26.50
C ASP B 180 66.67 -36.16 -26.23
N ALA B 181 65.89 -35.16 -26.66
CA ALA B 181 66.24 -33.72 -26.46
C ALA B 181 66.21 -33.41 -24.96
N MET B 182 65.27 -33.98 -24.21
CA MET B 182 65.14 -33.77 -22.74
C MET B 182 66.29 -34.49 -22.01
N GLU B 183 66.93 -35.48 -22.65
CA GLU B 183 68.08 -36.23 -22.05
C GLU B 183 69.38 -35.44 -22.28
N LEU B 184 69.39 -34.45 -23.19
CA LEU B 184 70.57 -33.56 -23.43
C LEU B 184 70.44 -32.32 -22.55
N LEU B 185 69.23 -31.97 -22.09
CA LEU B 185 69.00 -30.83 -21.17
C LEU B 185 69.18 -31.32 -19.72
N ARG B 186 68.97 -32.62 -19.46
CA ARG B 186 69.07 -33.20 -18.10
C ARG B 186 70.52 -33.61 -17.84
N ARG B 187 71.21 -34.25 -18.80
CA ARG B 187 72.57 -34.72 -18.61
C ARG B 187 73.55 -33.57 -18.47
N HIS B 188 73.41 -32.53 -19.28
CA HIS B 188 74.36 -31.42 -19.30
C HIS B 188 73.94 -30.25 -18.44
N LYS B 189 72.85 -30.37 -17.69
CA LYS B 189 72.39 -29.30 -16.81
C LYS B 189 72.22 -27.99 -17.56
N ILE B 190 71.62 -28.05 -18.75
CA ILE B 190 71.35 -26.87 -19.55
C ILE B 190 69.87 -26.83 -19.87
N GLU B 191 69.43 -25.66 -20.35
CA GLU B 191 68.03 -25.44 -20.70
C GLU B 191 67.81 -25.25 -22.19
N LYS B 192 68.87 -25.17 -23.00
CA LYS B 192 68.76 -24.90 -24.43
C LYS B 192 69.41 -26.01 -25.23
N LEU B 193 68.80 -26.35 -26.37
CA LEU B 193 69.36 -27.34 -27.30
C LEU B 193 69.21 -26.86 -28.73
N PRO B 194 70.23 -26.21 -29.28
CA PRO B 194 70.21 -25.89 -30.72
C PRO B 194 70.21 -27.16 -31.56
N LEU B 195 69.51 -27.10 -32.69
CA LEU B 195 69.44 -28.19 -33.66
C LEU B 195 70.18 -27.76 -34.91
N VAL B 196 71.16 -28.56 -35.33
CA VAL B 196 72.02 -28.20 -36.45
C VAL B 196 72.05 -29.34 -37.46
N ASP B 197 72.40 -28.98 -38.70
CA ASP B 197 72.61 -29.96 -39.76
C ASP B 197 74.07 -30.40 -39.77
N GLY B 198 74.45 -31.18 -40.78
CA GLY B 198 75.80 -31.72 -40.83
C GLY B 198 76.88 -30.66 -40.96
N ASP B 199 76.56 -29.53 -41.60
CA ASP B 199 77.52 -28.45 -41.79
C ASP B 199 77.49 -27.43 -40.64
N GLY B 200 76.75 -27.72 -39.57
CA GLY B 200 76.67 -26.80 -38.45
C GLY B 200 75.79 -25.59 -38.69
N ILE B 201 74.90 -25.65 -39.68
CA ILE B 201 73.93 -24.57 -39.87
C ILE B 201 72.78 -24.78 -38.90
N LEU B 202 72.38 -23.71 -38.21
CA LEU B 202 71.29 -23.79 -37.25
C LEU B 202 69.98 -24.02 -37.98
N LYS B 203 69.28 -25.09 -37.58
CA LYS B 203 67.99 -25.43 -38.19
C LYS B 203 66.81 -25.29 -37.24
N GLY B 204 67.05 -25.26 -35.93
CA GLY B 204 65.96 -25.17 -34.98
C GLY B 204 66.51 -24.95 -33.58
N LEU B 205 65.59 -24.88 -32.63
CA LEU B 205 65.97 -24.70 -31.23
C LEU B 205 64.92 -25.32 -30.33
N ILE B 206 65.36 -26.13 -29.38
CA ILE B 206 64.52 -26.66 -28.31
C ILE B 206 65.00 -26.07 -27.00
N THR B 207 64.06 -25.68 -26.14
CA THR B 207 64.40 -25.22 -24.80
C THR B 207 63.47 -25.88 -23.79
N VAL B 208 63.85 -25.76 -22.51
CA VAL B 208 63.07 -26.35 -21.42
C VAL B 208 61.65 -25.80 -21.40
N LYS B 209 61.44 -24.60 -21.93
CA LYS B 209 60.10 -24.05 -22.00
C LYS B 209 59.14 -24.99 -22.74
N ASP B 210 59.64 -25.63 -23.80
CA ASP B 210 58.81 -26.55 -24.57
C ASP B 210 58.25 -27.66 -23.70
N PHE B 211 59.08 -28.21 -22.80
CA PHE B 211 58.62 -29.31 -21.96
C PHE B 211 57.79 -28.81 -20.78
N VAL B 212 58.18 -27.68 -20.18
CA VAL B 212 57.43 -27.15 -19.06
C VAL B 212 56.00 -26.82 -19.49
N LYS B 213 55.85 -26.13 -20.61
CA LYS B 213 54.52 -25.69 -21.02
C LYS B 213 53.68 -26.85 -21.52
N ALA B 214 54.30 -27.88 -22.10
CA ALA B 214 53.54 -29.06 -22.51
C ALA B 214 52.96 -29.78 -21.31
N GLU B 215 53.69 -29.80 -20.19
CA GLU B 215 53.21 -30.45 -18.98
C GLU B 215 52.18 -29.61 -18.25
N GLN B 216 52.39 -28.30 -18.21
CA GLN B 216 51.45 -27.43 -17.49
C GLN B 216 50.12 -27.30 -18.22
N TYR B 217 50.15 -27.39 -19.55
CA TYR B 217 48.97 -27.15 -20.38
C TYR B 217 48.78 -28.35 -21.30
N PRO B 218 48.37 -29.49 -20.74
CA PRO B 218 48.27 -30.72 -21.55
C PRO B 218 47.13 -30.70 -22.56
N HIS B 219 46.18 -29.77 -22.45
CA HIS B 219 45.05 -29.69 -23.38
C HIS B 219 45.20 -28.56 -24.39
N ALA B 220 46.41 -28.03 -24.57
CA ALA B 220 46.63 -26.94 -25.51
C ALA B 220 46.11 -27.30 -26.90
N ALA B 221 45.48 -26.33 -27.55
CA ALA B 221 45.04 -26.47 -28.94
C ALA B 221 46.20 -26.12 -29.85
N LYS B 222 46.61 -27.06 -30.68
CA LYS B 222 47.84 -26.93 -31.46
C LYS B 222 47.58 -27.29 -32.92
N ASP B 223 48.47 -26.82 -33.79
CA ASP B 223 48.42 -27.15 -35.20
C ASP B 223 49.16 -28.46 -35.46
N ALA B 224 49.24 -28.85 -36.74
CA ALA B 224 49.86 -30.12 -37.11
C ALA B 224 51.35 -30.13 -36.79
N LYS B 225 51.97 -28.97 -36.63
CA LYS B 225 53.38 -28.88 -36.28
C LYS B 225 53.61 -28.81 -34.77
N GLY B 226 52.55 -28.89 -33.97
CA GLY B 226 52.69 -28.81 -32.53
C GLY B 226 52.78 -27.41 -31.95
N ARG B 227 52.50 -26.38 -32.74
CA ARG B 227 52.52 -25.00 -32.27
C ARG B 227 51.11 -24.55 -31.90
N LEU B 228 51.04 -23.57 -31.01
CA LEU B 228 49.74 -23.07 -30.56
C LEU B 228 48.93 -22.56 -31.73
N LEU B 229 47.65 -22.91 -31.76
CA LEU B 229 46.73 -22.39 -32.76
C LEU B 229 46.42 -20.93 -32.50
N VAL B 230 46.12 -20.20 -33.58
CA VAL B 230 45.71 -18.81 -33.47
C VAL B 230 44.94 -18.43 -34.73
N GLY B 231 43.95 -17.55 -34.57
CA GLY B 231 43.26 -16.95 -35.69
C GLY B 231 43.49 -15.45 -35.71
N ALA B 232 43.02 -14.82 -36.78
CA ALA B 232 43.15 -13.36 -36.92
C ALA B 232 42.02 -12.81 -37.76
N ALA B 233 41.56 -11.62 -37.41
CA ALA B 233 40.46 -10.97 -38.11
C ALA B 233 40.98 -10.11 -39.25
N VAL B 234 40.19 -10.06 -40.32
CA VAL B 234 40.42 -9.12 -41.43
C VAL B 234 39.06 -8.53 -41.79
N GLY B 235 39.10 -7.39 -42.48
CA GLY B 235 37.89 -6.77 -42.97
C GLY B 235 37.46 -7.36 -44.30
N ALA B 236 36.65 -6.59 -45.02
CA ALA B 236 36.13 -6.97 -46.33
C ALA B 236 36.44 -5.83 -47.30
N SER B 237 37.65 -5.84 -47.87
CA SER B 237 38.12 -4.73 -48.68
C SER B 237 39.43 -5.11 -49.36
N PRO B 238 39.91 -4.32 -50.32
CA PRO B 238 41.24 -4.61 -50.90
C PRO B 238 42.32 -4.68 -49.83
N GLU B 239 42.30 -3.78 -48.84
CA GLU B 239 43.28 -3.83 -47.77
C GLU B 239 43.21 -5.14 -46.99
N ALA B 240 41.99 -5.64 -46.75
CA ALA B 240 41.85 -6.89 -46.01
C ALA B 240 42.53 -8.03 -46.74
N LEU B 241 42.55 -7.99 -48.07
CA LEU B 241 43.25 -9.01 -48.85
C LEU B 241 44.75 -8.93 -48.62
N ASP B 242 45.32 -7.72 -48.61
CA ASP B 242 46.74 -7.60 -48.32
C ASP B 242 47.03 -8.07 -46.90
N ARG B 243 46.17 -7.70 -45.95
CA ARG B 243 46.33 -8.15 -44.57
C ARG B 243 46.26 -9.67 -44.49
N ALA B 244 45.29 -10.28 -45.19
CA ALA B 244 45.13 -11.73 -45.15
C ALA B 244 46.42 -12.43 -45.58
N GLN B 245 47.05 -11.96 -46.66
CA GLN B 245 48.27 -12.59 -47.14
C GLN B 245 49.38 -12.51 -46.10
N ALA B 246 49.56 -11.34 -45.50
CA ALA B 246 50.59 -11.17 -44.48
C ALA B 246 50.35 -12.09 -43.29
N LEU B 247 49.08 -12.23 -42.87
CA LEU B 247 48.77 -13.10 -41.74
C LEU B 247 49.00 -14.56 -42.08
N ALA B 248 48.64 -14.97 -43.30
CA ALA B 248 48.90 -16.34 -43.72
C ALA B 248 50.39 -16.63 -43.72
N GLU B 249 51.20 -15.69 -44.22
CA GLU B 249 52.64 -15.88 -44.24
C GLU B 249 53.21 -16.04 -42.84
N ALA B 250 52.65 -15.32 -41.86
CA ALA B 250 53.12 -15.41 -40.48
C ALA B 250 52.71 -16.70 -39.81
N GLY B 251 51.87 -17.51 -40.44
CA GLY B 251 51.49 -18.80 -39.91
C GLY B 251 50.13 -18.90 -39.27
N VAL B 252 49.23 -17.95 -39.53
CA VAL B 252 47.92 -18.01 -38.90
C VAL B 252 47.18 -19.25 -39.39
N ASP B 253 46.35 -19.81 -38.50
CA ASP B 253 45.64 -21.05 -38.81
C ASP B 253 44.28 -20.81 -39.45
N PHE B 254 43.65 -19.67 -39.20
CA PHE B 254 42.41 -19.34 -39.90
C PHE B 254 42.19 -17.83 -39.84
N LEU B 255 41.42 -17.34 -40.80
CA LEU B 255 41.05 -15.93 -40.87
C LEU B 255 39.56 -15.78 -40.56
N VAL B 256 39.21 -14.66 -39.95
CA VAL B 256 37.82 -14.30 -39.71
C VAL B 256 37.55 -13.01 -40.45
N VAL B 257 36.73 -13.09 -41.50
CA VAL B 257 36.28 -11.89 -42.21
C VAL B 257 35.16 -11.28 -41.37
N ASP B 258 35.49 -10.20 -40.66
CA ASP B 258 34.62 -9.64 -39.62
C ASP B 258 33.93 -8.41 -40.18
N THR B 259 32.62 -8.51 -40.42
CA THR B 259 31.81 -7.40 -40.85
C THR B 259 30.55 -7.35 -39.98
N SER B 260 30.00 -6.14 -39.82
CA SER B 260 28.75 -6.02 -39.07
C SER B 260 27.57 -6.62 -39.84
N HIS B 261 27.60 -6.56 -41.17
CA HIS B 261 26.53 -7.09 -42.01
C HIS B 261 27.09 -8.12 -42.99
N GLY B 262 27.14 -9.38 -42.55
CA GLY B 262 27.67 -10.44 -43.39
C GLY B 262 26.81 -10.76 -44.59
N HIS B 263 25.56 -10.32 -44.61
CA HIS B 263 24.67 -10.56 -45.73
C HIS B 263 24.76 -9.47 -46.79
N ASN B 264 25.70 -8.53 -46.65
CA ASN B 264 25.93 -7.53 -47.67
C ASN B 264 26.68 -8.15 -48.84
N SER B 265 26.22 -7.84 -50.05
CA SER B 265 26.77 -8.51 -51.24
C SER B 265 28.26 -8.22 -51.41
N ASN B 266 28.69 -6.99 -51.14
CA ASN B 266 30.11 -6.68 -51.27
C ASN B 266 30.94 -7.46 -50.25
N ALA B 267 30.46 -7.54 -49.01
CA ALA B 267 31.16 -8.33 -48.00
C ALA B 267 31.25 -9.79 -48.43
N LEU B 268 30.16 -10.34 -48.96
CA LEU B 268 30.18 -11.72 -49.43
C LEU B 268 31.22 -11.90 -50.53
N SER B 269 31.30 -10.95 -51.45
CA SER B 269 32.27 -11.06 -52.54
C SER B 269 33.71 -11.09 -52.01
N TRP B 270 34.01 -10.27 -51.01
CA TRP B 270 35.36 -10.25 -50.45
C TRP B 270 35.67 -11.53 -49.68
N MET B 271 34.67 -12.12 -49.03
CA MET B 271 34.87 -13.41 -48.39
C MET B 271 35.33 -14.45 -49.40
N SER B 272 34.66 -14.51 -50.55
CA SER B 272 35.05 -15.44 -51.61
C SER B 272 36.45 -15.12 -52.11
N LYS B 273 36.73 -13.84 -52.36
CA LYS B 273 38.05 -13.45 -52.87
C LYS B 273 39.14 -13.81 -51.87
N ILE B 274 38.92 -13.51 -50.59
CA ILE B 274 39.94 -13.78 -49.58
C ILE B 274 40.15 -15.28 -49.44
N LYS B 275 39.05 -16.03 -49.38
CA LYS B 275 39.13 -17.48 -49.27
C LYS B 275 39.94 -18.08 -50.42
N SER B 276 39.68 -17.63 -51.65
CA SER B 276 40.36 -18.23 -52.80
C SER B 276 41.82 -17.81 -52.89
N SER B 277 42.25 -16.82 -52.13
CA SER B 277 43.61 -16.32 -52.19
C SER B 277 44.52 -16.91 -51.13
N VAL B 278 43.98 -17.73 -50.22
CA VAL B 278 44.79 -18.36 -49.18
C VAL B 278 44.44 -19.84 -49.13
N GLY B 279 45.31 -20.59 -48.47
CA GLY B 279 45.15 -22.01 -48.30
C GLY B 279 44.59 -22.43 -46.96
N ILE B 280 44.32 -21.47 -46.08
CA ILE B 280 43.85 -21.76 -44.75
C ILE B 280 42.34 -21.50 -44.69
N ASP B 281 41.71 -21.97 -43.60
CA ASP B 281 40.28 -21.79 -43.41
C ASP B 281 39.93 -20.30 -43.24
N VAL B 282 38.76 -19.93 -43.76
CA VAL B 282 38.24 -18.57 -43.65
C VAL B 282 36.85 -18.62 -43.06
N VAL B 283 36.65 -17.94 -41.93
CA VAL B 283 35.35 -17.80 -41.28
C VAL B 283 34.74 -16.47 -41.71
N GLY B 284 33.44 -16.46 -41.94
CA GLY B 284 32.73 -15.25 -42.30
C GLY B 284 31.64 -14.90 -41.31
N GLY B 285 31.36 -13.61 -41.18
CA GLY B 285 30.27 -13.15 -40.35
C GLY B 285 30.10 -11.65 -40.48
N ASN B 286 29.11 -11.12 -39.76
CA ASN B 286 28.20 -11.85 -38.90
C ASN B 286 26.80 -11.92 -39.53
N VAL B 287 26.08 -13.01 -39.28
CA VAL B 287 24.71 -13.15 -39.76
C VAL B 287 23.84 -13.61 -38.59
N ALA B 288 22.52 -13.58 -38.80
CA ALA B 288 21.58 -13.96 -37.74
C ALA B 288 20.31 -14.57 -38.32
N THR B 289 20.34 -15.04 -39.56
CA THR B 289 19.19 -15.62 -40.21
C THR B 289 19.65 -16.86 -40.98
N ARG B 290 18.68 -17.68 -41.39
CA ARG B 290 19.02 -18.84 -42.22
C ARG B 290 19.57 -18.41 -43.57
N ASP B 291 18.90 -17.45 -44.23
CA ASP B 291 19.33 -17.06 -45.56
C ASP B 291 20.68 -16.35 -45.52
N GLY B 292 20.96 -15.61 -44.45
CA GLY B 292 22.28 -15.02 -44.29
C GLY B 292 23.35 -16.07 -44.13
N ALA B 293 23.10 -17.08 -43.28
CA ALA B 293 24.05 -18.16 -43.12
C ALA B 293 24.26 -18.90 -44.43
N GLN B 294 23.18 -19.10 -45.19
CA GLN B 294 23.30 -19.78 -46.48
C GLN B 294 24.14 -18.97 -47.45
N ALA B 295 23.98 -17.64 -47.43
CA ALA B 295 24.77 -16.78 -48.32
C ALA B 295 26.25 -16.88 -47.99
N LEU B 296 26.59 -16.91 -46.71
CA LEU B 296 27.99 -17.12 -46.33
C LEU B 296 28.49 -18.46 -46.83
N ILE B 297 27.68 -19.51 -46.66
CA ILE B 297 28.08 -20.84 -47.11
C ILE B 297 28.25 -20.85 -48.61
N ASP B 298 27.31 -20.23 -49.34
CA ASP B 298 27.44 -20.17 -50.80
C ASP B 298 28.66 -19.36 -51.22
N ALA B 299 29.08 -18.41 -50.38
CA ALA B 299 30.29 -17.65 -50.67
C ALA B 299 31.56 -18.45 -50.42
N GLY B 300 31.46 -19.60 -49.77
CA GLY B 300 32.58 -20.52 -49.65
C GLY B 300 33.28 -20.56 -48.32
N VAL B 301 32.73 -19.94 -47.28
CA VAL B 301 33.44 -19.88 -46.01
C VAL B 301 33.48 -21.26 -45.37
N ASP B 302 34.46 -21.45 -44.48
CA ASP B 302 34.65 -22.70 -43.77
C ASP B 302 34.01 -22.70 -42.40
N GLY B 303 33.48 -21.56 -41.96
CA GLY B 303 32.73 -21.46 -40.72
C GLY B 303 31.98 -20.15 -40.75
N ILE B 304 30.91 -20.08 -39.97
CA ILE B 304 30.10 -18.86 -39.92
C ILE B 304 30.06 -18.36 -38.48
N LYS B 305 29.98 -17.04 -38.34
CA LYS B 305 29.85 -16.39 -37.04
C LYS B 305 28.48 -15.72 -36.97
N VAL B 306 27.75 -15.99 -35.88
CA VAL B 306 26.34 -15.63 -35.77
C VAL B 306 26.19 -14.60 -34.67
N GLY B 307 25.53 -13.49 -34.98
CA GLY B 307 25.27 -12.47 -34.00
C GLY B 307 25.08 -11.10 -34.61
N VAL B 308 23.84 -10.62 -34.68
CA VAL B 308 23.52 -9.28 -35.12
C VAL B 308 22.52 -8.70 -34.12
N GLY B 309 22.95 -7.67 -33.40
CA GLY B 309 22.13 -7.06 -32.38
C GLY B 309 21.58 -8.07 -31.38
N PRO B 310 22.46 -8.91 -30.82
CA PRO B 310 21.97 -9.94 -29.90
C PRO B 310 21.58 -9.38 -28.54
N GLY B 311 22.17 -8.26 -28.14
CA GLY B 311 22.01 -7.75 -26.79
C GLY B 311 20.85 -6.79 -26.64
N SER B 312 20.16 -6.90 -25.50
CA SER B 312 19.10 -5.97 -25.17
C SER B 312 19.62 -4.53 -25.22
N ILE B 313 18.88 -3.68 -25.93
CA ILE B 313 19.22 -2.26 -26.05
C ILE B 313 20.69 -2.08 -26.36
N CYS B 314 21.19 -2.80 -27.35
CA CYS B 314 22.52 -2.55 -27.90
C CYS B 314 22.41 -1.55 -29.04
N THR B 315 23.55 -1.23 -29.65
CA THR B 315 23.61 -0.08 -30.55
C THR B 315 22.76 -0.29 -31.80
N THR B 316 22.92 -1.44 -32.48
CA THR B 316 22.18 -1.63 -33.72
C THR B 316 20.68 -1.68 -33.46
N ARG B 317 20.28 -2.15 -32.28
CA ARG B 317 18.86 -2.19 -31.94
C ARG B 317 18.31 -0.78 -31.71
N VAL B 318 19.04 0.03 -30.94
CA VAL B 318 18.56 1.35 -30.57
C VAL B 318 18.68 2.31 -31.74
N VAL B 319 19.81 2.27 -32.45
CA VAL B 319 20.04 3.20 -33.55
C VAL B 319 19.20 2.80 -34.76
N ALA B 320 19.19 1.51 -35.10
CA ALA B 320 18.63 1.03 -36.36
C ALA B 320 17.44 0.10 -36.22
N GLY B 321 17.06 -0.30 -35.00
CA GLY B 321 15.95 -1.22 -34.85
C GLY B 321 16.22 -2.60 -35.37
N ILE B 322 17.49 -2.94 -35.57
CA ILE B 322 17.91 -4.20 -36.17
C ILE B 322 18.42 -5.12 -35.07
N GLY B 323 18.00 -6.37 -35.10
CA GLY B 323 18.53 -7.36 -34.18
C GLY B 323 17.80 -8.68 -34.18
N VAL B 324 18.45 -9.72 -33.68
CA VAL B 324 17.85 -11.04 -33.56
C VAL B 324 18.23 -11.62 -32.20
N PRO B 325 17.26 -11.99 -31.35
CA PRO B 325 17.60 -12.72 -30.12
C PRO B 325 18.47 -13.92 -30.43
N GLN B 326 19.47 -14.16 -29.59
CA GLN B 326 20.61 -14.95 -30.02
C GLN B 326 20.29 -16.43 -30.14
N VAL B 327 19.40 -16.96 -29.30
CA VAL B 327 19.04 -18.37 -29.43
C VAL B 327 18.38 -18.60 -30.78
N THR B 328 17.44 -17.72 -31.14
CA THR B 328 16.82 -17.79 -32.47
C THR B 328 17.84 -17.57 -33.58
N ALA B 329 18.74 -16.60 -33.40
CA ALA B 329 19.76 -16.35 -34.42
C ALA B 329 20.59 -17.60 -34.67
N ILE B 330 21.05 -18.23 -33.59
CA ILE B 330 21.86 -19.44 -33.73
C ILE B 330 21.04 -20.56 -34.38
N TYR B 331 19.82 -20.76 -33.90
CA TYR B 331 19.01 -21.85 -34.45
C TYR B 331 18.73 -21.64 -35.93
N GLU B 332 18.32 -20.43 -36.31
CA GLU B 332 17.99 -20.17 -37.70
C GLU B 332 19.21 -20.32 -38.60
N ALA B 333 20.35 -19.77 -38.18
CA ALA B 333 21.57 -19.92 -38.95
C ALA B 333 21.97 -21.38 -39.04
N SER B 334 21.73 -22.16 -37.97
CA SER B 334 22.11 -23.56 -37.97
C SER B 334 21.28 -24.39 -38.94
N LEU B 335 20.07 -23.95 -39.28
CA LEU B 335 19.30 -24.68 -40.28
C LEU B 335 20.06 -24.76 -41.60
N ALA B 336 20.83 -23.71 -41.93
CA ALA B 336 21.69 -23.76 -43.09
C ALA B 336 23.04 -24.40 -42.78
N ALA B 337 23.65 -24.05 -41.66
CA ALA B 337 25.01 -24.49 -41.38
C ALA B 337 25.09 -25.98 -41.10
N ARG B 338 24.17 -26.50 -40.28
CA ARG B 338 24.19 -27.92 -39.98
C ARG B 338 23.87 -28.75 -41.23
N ALA B 339 22.98 -28.23 -42.08
CA ALA B 339 22.65 -28.90 -43.33
C ALA B 339 23.85 -28.97 -44.27
N ALA B 340 24.79 -28.03 -44.14
CA ALA B 340 25.98 -28.01 -44.98
C ALA B 340 27.22 -28.58 -44.28
N GLY B 341 27.14 -28.92 -43.01
CA GLY B 341 28.30 -29.39 -42.29
C GLY B 341 29.34 -28.32 -41.98
N VAL B 342 28.91 -27.07 -41.84
CA VAL B 342 29.80 -25.92 -41.64
C VAL B 342 29.72 -25.51 -40.19
N PRO B 343 30.84 -25.44 -39.45
CA PRO B 343 30.76 -25.07 -38.03
C PRO B 343 30.23 -23.64 -37.83
N LEU B 344 29.57 -23.45 -36.68
CA LEU B 344 28.87 -22.21 -36.37
C LEU B 344 29.39 -21.64 -35.05
N ILE B 345 29.84 -20.40 -35.09
CA ILE B 345 30.35 -19.70 -33.92
C ILE B 345 29.26 -18.77 -33.39
N GLY B 346 28.87 -18.97 -32.13
CA GLY B 346 27.96 -18.05 -31.47
C GLY B 346 28.69 -16.84 -30.91
N ASP B 347 28.35 -15.65 -31.40
CA ASP B 347 29.07 -14.42 -31.07
C ASP B 347 28.10 -13.36 -30.55
N GLY B 348 27.90 -13.36 -29.23
CA GLY B 348 27.19 -12.28 -28.57
C GLY B 348 26.03 -12.71 -27.70
N GLY B 349 25.63 -11.87 -26.76
CA GLY B 349 24.45 -12.09 -25.95
C GLY B 349 24.67 -12.91 -24.69
N LEU B 350 25.89 -13.37 -24.43
CA LEU B 350 26.13 -14.24 -23.29
C LEU B 350 25.94 -13.50 -21.98
N GLN B 351 25.39 -14.20 -20.99
CA GLN B 351 25.17 -13.63 -19.66
C GLN B 351 25.51 -14.57 -18.52
N TYR B 352 25.71 -15.87 -18.77
CA TYR B 352 26.02 -16.85 -17.72
C TYR B 352 26.78 -17.99 -18.37
N SER B 353 27.53 -18.74 -17.56
CA SER B 353 28.22 -19.90 -18.10
C SER B 353 27.22 -20.92 -18.64
N GLY B 354 26.01 -20.96 -18.07
CA GLY B 354 24.98 -21.85 -18.56
C GLY B 354 24.52 -21.54 -19.96
N ASP B 355 24.81 -20.33 -20.46
CA ASP B 355 24.42 -19.98 -21.81
C ASP B 355 25.26 -20.68 -22.86
N ILE B 356 26.44 -21.20 -22.48
CA ILE B 356 27.28 -21.91 -23.43
C ILE B 356 26.59 -23.19 -23.90
N GLY B 357 26.11 -23.99 -22.95
CA GLY B 357 25.37 -25.20 -23.31
C GLY B 357 24.12 -24.90 -24.11
N LYS B 358 23.43 -23.81 -23.76
CA LYS B 358 22.24 -23.42 -24.53
C LYS B 358 22.61 -23.13 -25.98
N ALA B 359 23.72 -22.42 -26.20
CA ALA B 359 24.16 -22.12 -27.56
C ALA B 359 24.48 -23.40 -28.33
N LEU B 360 25.18 -24.34 -27.71
CA LEU B 360 25.54 -25.57 -28.39
C LEU B 360 24.30 -26.40 -28.73
N ALA B 361 23.38 -26.53 -27.76
CA ALA B 361 22.15 -27.27 -28.03
C ALA B 361 21.30 -26.57 -29.08
N ALA B 362 21.43 -25.25 -29.19
CA ALA B 362 20.69 -24.51 -30.20
C ALA B 362 21.29 -24.64 -31.59
N GLY B 363 22.53 -25.11 -31.72
CA GLY B 363 23.12 -25.38 -33.01
C GLY B 363 24.53 -24.86 -33.20
N ALA B 364 25.09 -24.20 -32.19
CA ALA B 364 26.44 -23.69 -32.29
C ALA B 364 27.46 -24.79 -32.06
N ASP B 365 28.63 -24.64 -32.67
CA ASP B 365 29.77 -25.51 -32.42
C ASP B 365 30.75 -24.91 -31.43
N THR B 366 30.87 -23.59 -31.40
CA THR B 366 31.72 -22.92 -30.43
C THR B 366 31.07 -21.58 -30.07
N VAL B 367 31.63 -20.94 -29.06
CA VAL B 367 31.11 -19.67 -28.56
C VAL B 367 32.28 -18.70 -28.41
N MET B 368 32.11 -17.48 -28.92
CA MET B 368 33.13 -16.46 -28.83
C MET B 368 32.87 -15.59 -27.61
N LEU B 369 33.90 -15.38 -26.80
CA LEU B 369 33.82 -14.59 -25.57
C LEU B 369 34.43 -13.22 -25.83
N GLY B 370 33.75 -12.12 -25.43
CA GLY B 370 34.20 -10.75 -25.74
C GLY B 370 34.57 -9.92 -24.53
N SER B 371 33.72 -8.98 -24.09
CA SER B 371 34.02 -8.02 -22.98
C SER B 371 34.31 -8.75 -21.65
N LEU B 372 33.86 -10.00 -21.49
CA LEU B 372 34.13 -10.81 -20.26
C LEU B 372 35.65 -11.00 -20.09
N LEU B 373 36.42 -11.05 -21.18
CA LEU B 373 37.90 -11.30 -21.13
C LEU B 373 38.68 -9.98 -21.25
N ALA B 374 38.03 -8.81 -21.18
CA ALA B 374 38.69 -7.49 -21.35
C ALA B 374 39.39 -7.10 -20.04
N GLY B 375 38.90 -7.55 -18.88
CA GLY B 375 39.51 -7.31 -17.60
C GLY B 375 40.53 -8.34 -17.17
N CYS B 376 40.75 -9.37 -17.98
CA CYS B 376 41.67 -10.43 -17.60
C CYS B 376 43.10 -9.95 -17.71
N GLU B 377 43.98 -10.57 -16.93
CA GLU B 377 45.39 -10.19 -16.92
C GLU B 377 45.99 -10.22 -18.32
N GLU B 378 45.61 -11.22 -19.12
CA GLU B 378 46.23 -11.42 -20.43
C GLU B 378 45.69 -10.50 -21.51
N SER B 379 44.66 -9.70 -21.23
CA SER B 379 44.16 -8.78 -22.23
C SER B 379 45.12 -7.62 -22.44
N PRO B 380 45.03 -6.94 -23.58
CA PRO B 380 45.89 -5.77 -23.79
C PRO B 380 45.53 -4.68 -22.79
N GLY B 381 46.40 -3.70 -22.70
CA GLY B 381 46.24 -2.63 -21.73
C GLY B 381 47.04 -2.85 -20.47
N GLU B 382 47.41 -1.74 -19.83
CA GLU B 382 48.25 -1.79 -18.64
C GLU B 382 47.40 -1.86 -17.37
N LEU B 383 47.81 -2.73 -16.47
CA LEU B 383 47.15 -2.83 -15.18
C LEU B 383 47.47 -1.59 -14.39
N GLN B 384 46.44 -0.86 -13.98
CA GLN B 384 46.59 0.40 -13.25
C GLN B 384 45.83 0.31 -11.94
N PHE B 385 46.29 1.09 -10.97
CA PHE B 385 45.77 1.05 -9.61
C PHE B 385 45.15 2.40 -9.25
N ILE B 386 43.86 2.39 -8.92
CA ILE B 386 43.15 3.56 -8.43
C ILE B 386 42.25 3.11 -7.28
N ASN B 387 42.83 2.87 -6.10
CA ASN B 387 42.12 2.25 -4.98
C ASN B 387 41.91 0.76 -5.25
N GLY B 388 41.45 0.42 -6.46
CA GLY B 388 41.38 -0.95 -6.91
C GLY B 388 42.16 -1.11 -8.20
N LYS B 389 42.08 -2.32 -8.76
CA LYS B 389 42.84 -2.66 -9.97
C LYS B 389 41.95 -2.54 -11.19
N GLN B 390 42.50 -1.94 -12.24
CA GLN B 390 41.78 -1.71 -13.48
C GLN B 390 42.72 -1.97 -14.65
N PHE B 391 42.14 -2.24 -15.80
CA PHE B 391 42.89 -2.37 -17.04
C PHE B 391 42.65 -1.13 -17.90
N LYS B 392 43.74 -0.48 -18.31
CA LYS B 392 43.65 0.75 -19.08
C LYS B 392 44.31 0.60 -20.45
N VAL B 437 38.18 -0.54 -17.25
CA VAL B 437 37.67 -1.90 -17.10
C VAL B 437 38.23 -2.55 -15.83
N PRO B 438 37.36 -3.12 -15.01
CA PRO B 438 37.84 -3.73 -13.75
C PRO B 438 38.71 -4.96 -14.00
N TYR B 439 39.75 -5.08 -13.19
CA TYR B 439 40.68 -6.21 -13.32
C TYR B 439 40.02 -7.49 -12.82
N ARG B 440 40.08 -8.54 -13.64
CA ARG B 440 39.44 -9.81 -13.33
C ARG B 440 40.41 -10.91 -12.92
N GLY B 441 41.71 -10.72 -13.11
CA GLY B 441 42.67 -11.76 -12.82
C GLY B 441 42.94 -12.62 -14.04
N PRO B 442 43.61 -13.76 -13.81
CA PRO B 442 44.04 -14.60 -14.94
C PRO B 442 42.85 -15.15 -15.71
N LEU B 443 43.02 -15.25 -17.03
CA LEU B 443 42.04 -15.90 -17.89
C LEU B 443 41.69 -17.29 -17.37
N ALA B 444 42.68 -18.02 -16.86
CA ALA B 444 42.46 -19.41 -16.48
C ALA B 444 41.28 -19.55 -15.51
N ASN B 445 41.10 -18.57 -14.61
CA ASN B 445 40.01 -18.68 -13.65
C ASN B 445 38.66 -18.56 -14.34
N VAL B 446 38.56 -17.67 -15.33
CA VAL B 446 37.31 -17.50 -16.07
C VAL B 446 36.98 -18.76 -16.86
N LEU B 447 37.96 -19.29 -17.60
CA LEU B 447 37.70 -20.44 -18.46
C LEU B 447 37.36 -21.68 -17.64
N HIS B 448 38.02 -21.86 -16.49
CA HIS B 448 37.74 -23.01 -15.64
C HIS B 448 36.28 -23.01 -15.18
N GLN B 449 35.76 -21.84 -14.82
CA GLN B 449 34.36 -21.76 -14.42
C GLN B 449 33.43 -22.00 -15.60
N LEU B 450 33.76 -21.45 -16.77
CA LEU B 450 32.90 -21.63 -17.95
C LEU B 450 32.90 -23.07 -18.42
N VAL B 451 34.08 -23.69 -18.52
CA VAL B 451 34.16 -25.07 -18.96
C VAL B 451 33.57 -26.00 -17.91
N GLY B 452 33.82 -25.70 -16.63
CA GLY B 452 33.18 -26.47 -15.58
C GLY B 452 31.67 -26.45 -15.69
N GLY B 453 31.10 -25.27 -15.96
CA GLY B 453 29.67 -25.17 -16.17
C GLY B 453 29.21 -25.98 -17.38
N LEU B 454 29.93 -25.88 -18.48
CA LEU B 454 29.55 -26.63 -19.68
C LEU B 454 29.54 -28.13 -19.42
N ARG B 455 30.54 -28.62 -18.68
CA ARG B 455 30.58 -30.05 -18.36
C ARG B 455 29.36 -30.47 -17.55
N GLN B 456 28.91 -29.60 -16.64
CA GLN B 456 27.68 -29.87 -15.90
C GLN B 456 26.50 -30.01 -16.85
N THR B 457 26.35 -29.06 -17.78
CA THR B 457 25.26 -29.16 -18.76
C THR B 457 25.30 -30.49 -19.49
N MET B 458 26.48 -30.88 -19.97
CA MET B 458 26.60 -32.10 -20.77
C MET B 458 26.24 -33.33 -19.94
N GLY B 459 26.68 -33.36 -18.68
CA GLY B 459 26.28 -34.44 -17.80
C GLY B 459 24.78 -34.47 -17.56
N TYR B 460 24.17 -33.31 -17.35
CA TYR B 460 22.73 -33.26 -17.09
C TYR B 460 21.94 -33.72 -18.31
N VAL B 461 22.41 -33.36 -19.51
CA VAL B 461 21.69 -33.71 -20.73
C VAL B 461 22.03 -35.11 -21.22
N GLY B 462 23.14 -35.68 -20.76
CA GLY B 462 23.56 -36.98 -21.23
C GLY B 462 24.44 -36.95 -22.46
N ALA B 463 25.02 -35.81 -22.80
CA ALA B 463 25.85 -35.67 -23.99
C ALA B 463 27.29 -35.99 -23.63
N ALA B 464 27.82 -37.08 -24.18
CA ALA B 464 29.21 -37.44 -23.98
C ALA B 464 30.13 -36.65 -24.89
N THR B 465 29.60 -36.06 -25.96
CA THR B 465 30.39 -35.25 -26.89
C THR B 465 29.59 -34.02 -27.28
N ILE B 466 30.28 -33.01 -27.77
CA ILE B 466 29.61 -31.78 -28.21
C ILE B 466 28.62 -32.09 -29.32
N GLU B 467 28.99 -32.98 -30.24
CA GLU B 467 28.13 -33.33 -31.36
C GLU B 467 26.78 -33.89 -30.91
N GLU B 468 26.70 -34.46 -29.71
CA GLU B 468 25.44 -34.99 -29.21
C GLU B 468 24.53 -33.92 -28.61
N MET B 469 25.05 -32.70 -28.41
CA MET B 469 24.29 -31.68 -27.69
C MET B 469 23.01 -31.29 -28.42
N GLU B 470 23.08 -31.14 -29.74
CA GLU B 470 21.92 -30.65 -30.48
C GLU B 470 20.75 -31.62 -30.37
N SER B 471 21.04 -32.93 -30.42
CA SER B 471 19.97 -33.91 -30.37
C SER B 471 19.50 -34.18 -28.95
N LYS B 472 20.43 -34.20 -27.99
CA LYS B 472 20.09 -34.55 -26.61
C LYS B 472 19.60 -33.36 -25.80
N GLY B 473 19.97 -32.14 -26.18
CA GLY B 473 19.48 -30.98 -25.47
C GLY B 473 18.04 -30.66 -25.81
N ARG B 474 17.15 -30.81 -24.83
CA ARG B 474 15.74 -30.45 -24.99
C ARG B 474 15.49 -29.10 -24.31
N PHE B 475 14.77 -28.22 -24.98
CA PHE B 475 14.53 -26.88 -24.46
C PHE B 475 13.11 -26.76 -23.89
N VAL B 476 12.97 -25.88 -22.92
CA VAL B 476 11.67 -25.36 -22.50
C VAL B 476 11.79 -23.84 -22.45
N ARG B 477 10.75 -23.16 -22.90
CA ARG B 477 10.69 -21.70 -22.76
C ARG B 477 10.16 -21.37 -21.37
N ILE B 478 10.56 -20.20 -20.85
CA ILE B 478 10.08 -19.73 -19.57
C ILE B 478 9.54 -18.32 -19.73
N THR B 479 8.64 -17.95 -18.83
CA THR B 479 8.07 -16.61 -18.81
C THR B 479 8.96 -15.67 -17.99
N SER B 480 8.59 -14.39 -17.96
CA SER B 480 9.35 -13.45 -17.13
C SER B 480 9.23 -13.77 -15.65
N ALA B 481 8.17 -14.47 -15.24
CA ALA B 481 8.06 -14.89 -13.85
C ALA B 481 9.15 -15.91 -13.51
N GLY B 482 9.38 -16.86 -14.42
CA GLY B 482 10.43 -17.84 -14.21
C GLY B 482 11.81 -17.23 -14.18
N LEU B 483 11.99 -16.09 -14.84
CA LEU B 483 13.29 -15.43 -14.89
C LEU B 483 13.52 -14.63 -13.60
N GLY C 10 -23.86 37.62 -71.93
CA GLY C 10 -24.81 38.58 -72.45
C GLY C 10 -26.25 38.29 -72.09
N VAL C 11 -26.45 37.59 -70.98
CA VAL C 11 -27.78 37.22 -70.53
C VAL C 11 -27.96 37.79 -69.09
N PRO C 12 -29.20 38.00 -68.69
CA PRO C 12 -29.42 38.43 -67.29
C PRO C 12 -28.99 37.37 -66.28
N GLU C 13 -28.71 37.83 -65.06
CA GLU C 13 -28.30 36.91 -63.99
C GLU C 13 -29.30 35.78 -63.80
N LYS C 14 -30.59 36.08 -64.01
CA LYS C 14 -31.62 35.04 -63.90
C LYS C 14 -31.33 33.83 -64.77
N PHE C 15 -30.65 34.04 -65.91
CA PHE C 15 -30.39 32.96 -66.86
C PHE C 15 -28.90 32.68 -67.02
N ALA C 16 -28.09 33.04 -66.02
CA ALA C 16 -26.64 32.96 -66.19
C ALA C 16 -26.15 31.52 -66.32
N THR C 17 -26.78 30.58 -65.63
CA THR C 17 -26.24 29.22 -65.55
C THR C 17 -26.46 28.46 -66.85
N LEU C 18 -25.40 27.80 -67.32
CA LEU C 18 -25.47 26.91 -68.48
C LEU C 18 -25.35 25.47 -67.98
N GLY C 19 -26.33 24.64 -68.32
CA GLY C 19 -26.31 23.24 -67.94
C GLY C 19 -25.69 22.40 -69.05
N LEU C 20 -24.89 21.41 -68.64
CA LEU C 20 -24.13 20.58 -69.56
C LEU C 20 -24.59 19.14 -69.47
N THR C 21 -24.76 18.50 -70.63
CA THR C 21 -25.04 17.08 -70.71
C THR C 21 -23.76 16.34 -71.05
N TYR C 22 -23.84 15.01 -71.10
CA TYR C 22 -22.66 14.22 -71.43
C TYR C 22 -22.08 14.60 -72.78
N ASP C 23 -22.95 14.77 -73.78
CA ASP C 23 -22.48 15.12 -75.12
C ASP C 23 -21.79 16.47 -75.17
N ASP C 24 -21.98 17.32 -74.15
CA ASP C 24 -21.38 18.65 -74.17
C ASP C 24 -19.92 18.66 -73.77
N VAL C 25 -19.38 17.57 -73.21
CA VAL C 25 -18.05 17.59 -72.63
C VAL C 25 -17.25 16.35 -73.02
N LEU C 26 -15.94 16.48 -72.90
CA LEU C 26 -15.00 15.38 -73.08
C LEU C 26 -13.97 15.44 -71.96
N LEU C 27 -13.38 14.28 -71.67
CA LEU C 27 -12.27 14.21 -70.73
C LEU C 27 -10.95 14.24 -71.48
N LEU C 28 -9.98 14.95 -70.92
CA LEU C 28 -8.67 15.04 -71.53
C LEU C 28 -7.78 13.87 -71.13
N PRO C 29 -6.89 13.43 -72.02
CA PRO C 29 -5.83 12.51 -71.59
C PRO C 29 -4.88 13.22 -70.62
N GLY C 30 -4.36 12.45 -69.66
CA GLY C 30 -3.45 12.99 -68.67
C GLY C 30 -2.25 12.10 -68.47
N ALA C 31 -1.31 12.60 -67.66
CA ALA C 31 -0.17 11.78 -67.26
C ALA C 31 -0.68 10.51 -66.61
N SER C 32 -0.20 9.36 -67.08
CA SER C 32 -0.70 8.10 -66.57
C SER C 32 0.44 7.12 -66.38
N ALA C 33 0.42 6.45 -65.22
CA ALA C 33 1.36 5.38 -64.92
C ALA C 33 0.64 4.04 -64.75
N VAL C 34 -0.62 3.96 -65.17
CA VAL C 34 -1.46 2.79 -64.92
C VAL C 34 -2.16 2.43 -66.22
N LEU C 35 -2.17 1.14 -66.56
CA LEU C 35 -2.81 0.62 -67.75
C LEU C 35 -4.26 0.25 -67.48
N PRO C 36 -5.10 0.24 -68.52
CA PRO C 36 -6.52 -0.12 -68.30
C PRO C 36 -6.71 -1.42 -67.54
N ASN C 37 -5.93 -2.46 -67.83
CA ASN C 37 -6.15 -3.75 -67.19
C ASN C 37 -5.71 -3.78 -65.73
N ALA C 38 -5.12 -2.70 -65.21
CA ALA C 38 -4.63 -2.69 -63.84
C ALA C 38 -5.38 -1.75 -62.91
N VAL C 39 -6.33 -0.96 -63.42
CA VAL C 39 -7.04 -0.04 -62.55
C VAL C 39 -8.03 -0.82 -61.68
N ASP C 40 -8.41 -0.19 -60.56
CA ASP C 40 -9.38 -0.76 -59.64
C ASP C 40 -10.71 -0.03 -59.85
N THR C 41 -11.77 -0.80 -60.14
CA THR C 41 -13.06 -0.23 -60.49
C THR C 41 -14.08 -0.30 -59.36
N SER C 42 -13.67 -0.63 -58.14
CA SER C 42 -14.61 -0.73 -57.03
C SER C 42 -15.03 0.65 -56.54
N SER C 43 -16.23 0.72 -55.98
CA SER C 43 -16.80 1.98 -55.54
C SER C 43 -17.88 1.68 -54.50
N ARG C 44 -18.51 2.73 -54.00
CA ARG C 44 -19.56 2.62 -52.99
C ARG C 44 -20.92 2.96 -53.58
N ILE C 45 -21.89 2.08 -53.32
CA ILE C 45 -23.30 2.39 -53.59
C ILE C 45 -23.82 3.38 -52.57
N SER C 46 -23.51 3.13 -51.29
CA SER C 46 -23.96 3.94 -50.19
C SER C 46 -22.87 3.89 -49.12
N ARG C 47 -23.12 4.57 -47.99
CA ARG C 47 -22.09 4.69 -46.97
C ARG C 47 -21.46 3.33 -46.65
N ASN C 48 -22.27 2.27 -46.58
CA ASN C 48 -21.79 0.97 -46.10
C ASN C 48 -22.00 -0.16 -47.11
N VAL C 49 -22.23 0.15 -48.39
CA VAL C 49 -22.41 -0.86 -49.42
C VAL C 49 -21.41 -0.62 -50.53
N ARG C 50 -20.62 -1.64 -50.87
CA ARG C 50 -19.55 -1.54 -51.84
C ARG C 50 -19.76 -2.52 -52.99
N VAL C 51 -19.33 -2.10 -54.19
CA VAL C 51 -19.38 -2.94 -55.38
C VAL C 51 -18.00 -2.96 -56.02
N ASN C 52 -17.80 -3.95 -56.89
CA ASN C 52 -16.53 -4.13 -57.58
C ASN C 52 -16.51 -3.52 -58.98
N ILE C 53 -17.67 -3.27 -59.58
CA ILE C 53 -17.79 -2.39 -60.74
C ILE C 53 -18.84 -1.34 -60.38
N PRO C 54 -18.71 -0.09 -60.84
CA PRO C 54 -19.53 1.01 -60.33
C PRO C 54 -20.89 1.14 -61.04
N LEU C 55 -21.63 0.04 -61.11
CA LEU C 55 -22.84 -0.01 -61.92
C LEU C 55 -23.97 -0.70 -61.18
N LEU C 56 -25.18 -0.14 -61.31
CA LEU C 56 -26.40 -0.74 -60.81
C LEU C 56 -27.37 -0.95 -61.96
N SER C 57 -28.26 -1.92 -61.82
CA SER C 57 -29.41 -2.07 -62.73
C SER C 57 -30.61 -1.41 -62.08
N ALA C 58 -31.38 -0.67 -62.89
CA ALA C 58 -32.42 0.21 -62.35
C ALA C 58 -33.62 -0.58 -61.84
N ALA C 59 -34.34 0.03 -60.90
CA ALA C 59 -35.56 -0.53 -60.33
C ALA C 59 -36.76 -0.28 -61.24
N MET C 60 -36.67 -0.81 -62.46
CA MET C 60 -37.74 -0.74 -63.44
C MET C 60 -38.30 -2.15 -63.66
N ASP C 61 -39.62 -2.25 -63.84
CA ASP C 61 -40.22 -3.56 -63.95
C ASP C 61 -39.85 -4.26 -65.25
N LYS C 62 -39.28 -3.54 -66.22
CA LYS C 62 -38.74 -4.15 -67.43
C LYS C 62 -37.27 -4.50 -67.32
N VAL C 63 -36.66 -4.27 -66.15
CA VAL C 63 -35.21 -4.46 -66.03
C VAL C 63 -34.83 -5.43 -64.94
N THR C 64 -35.16 -5.13 -63.68
CA THR C 64 -34.58 -5.85 -62.55
C THR C 64 -35.60 -6.64 -61.73
N GLU C 65 -35.61 -7.95 -61.94
CA GLU C 65 -36.11 -8.91 -60.96
C GLU C 65 -34.92 -9.79 -60.57
N SER C 66 -35.17 -10.95 -59.97
CA SER C 66 -34.08 -11.70 -59.34
C SER C 66 -33.00 -12.09 -60.34
N ARG C 67 -33.39 -12.52 -61.54
CA ARG C 67 -32.40 -12.99 -62.50
C ARG C 67 -31.42 -11.88 -62.88
N MET C 68 -31.92 -10.67 -63.11
CA MET C 68 -31.04 -9.55 -63.40
C MET C 68 -30.18 -9.20 -62.19
N ALA C 69 -30.78 -9.17 -60.99
CA ALA C 69 -30.03 -8.81 -59.81
C ALA C 69 -28.92 -9.81 -59.54
N ILE C 70 -29.19 -11.10 -59.75
CA ILE C 70 -28.17 -12.11 -59.56
C ILE C 70 -27.02 -11.92 -60.54
N SER C 71 -27.34 -11.69 -61.82
CA SER C 71 -26.28 -11.54 -62.80
C SER C 71 -25.48 -10.26 -62.56
N MET C 72 -26.16 -9.16 -62.22
CA MET C 72 -25.45 -7.93 -61.87
C MET C 72 -24.46 -8.18 -60.74
N ALA C 73 -24.91 -8.80 -59.66
CA ALA C 73 -24.04 -9.02 -58.51
C ALA C 73 -22.89 -9.96 -58.86
N ARG C 74 -23.19 -11.00 -59.64
CA ARG C 74 -22.14 -11.92 -60.05
C ARG C 74 -21.04 -11.22 -60.82
N GLN C 75 -21.41 -10.23 -61.63
CA GLN C 75 -20.46 -9.45 -62.41
C GLN C 75 -19.77 -8.37 -61.58
N GLY C 76 -20.16 -8.17 -60.33
CA GLY C 76 -19.52 -7.21 -59.46
C GLY C 76 -20.32 -5.95 -59.21
N GLY C 77 -21.47 -5.80 -59.84
CA GLY C 77 -22.39 -4.70 -59.60
C GLY C 77 -23.48 -5.09 -58.63
N VAL C 78 -24.66 -4.50 -58.81
CA VAL C 78 -25.80 -4.82 -57.96
C VAL C 78 -27.07 -4.42 -58.70
N GLY C 79 -28.15 -5.15 -58.44
CA GLY C 79 -29.46 -4.81 -58.95
C GLY C 79 -30.31 -4.18 -57.87
N VAL C 80 -31.21 -3.28 -58.28
CA VAL C 80 -32.22 -2.72 -57.41
C VAL C 80 -33.56 -3.28 -57.87
N LEU C 81 -34.14 -4.19 -57.08
CA LEU C 81 -35.38 -4.83 -57.46
C LEU C 81 -36.51 -3.80 -57.53
N HIS C 82 -37.26 -3.84 -58.63
CA HIS C 82 -38.37 -2.90 -58.80
C HIS C 82 -39.48 -3.22 -57.82
N ARG C 83 -40.35 -2.24 -57.61
CA ARG C 83 -41.40 -2.33 -56.60
C ARG C 83 -42.79 -2.37 -57.21
N ASN C 84 -42.90 -2.61 -58.51
CA ASN C 84 -44.20 -2.75 -59.16
C ASN C 84 -44.69 -4.19 -59.05
N LEU C 85 -44.84 -4.63 -57.80
CA LEU C 85 -45.32 -5.96 -57.48
C LEU C 85 -45.64 -5.99 -56.00
N SER C 86 -46.32 -7.05 -55.57
CA SER C 86 -46.75 -7.13 -54.19
C SER C 86 -45.54 -7.18 -53.27
N ILE C 87 -45.78 -6.82 -52.00
CA ILE C 87 -44.73 -6.88 -51.00
C ILE C 87 -44.18 -8.30 -50.92
N GLU C 88 -45.06 -9.29 -50.93
CA GLU C 88 -44.61 -10.67 -50.80
C GLU C 88 -43.81 -11.11 -52.03
N ASP C 89 -44.16 -10.61 -53.21
CA ASP C 89 -43.43 -10.98 -54.41
C ASP C 89 -42.06 -10.31 -54.45
N GLN C 90 -41.97 -9.07 -53.98
CA GLN C 90 -40.67 -8.40 -53.97
C GLN C 90 -39.75 -9.02 -52.92
N ALA C 91 -40.28 -9.33 -51.74
CA ALA C 91 -39.47 -9.99 -50.72
C ALA C 91 -39.01 -11.35 -51.20
N ASN C 92 -39.86 -12.06 -51.94
CA ASN C 92 -39.43 -13.34 -52.52
C ASN C 92 -38.30 -13.13 -53.50
N GLN C 93 -38.36 -12.07 -54.30
CA GLN C 93 -37.26 -11.76 -55.23
C GLN C 93 -35.96 -11.54 -54.45
N VAL C 94 -36.02 -10.80 -53.35
CA VAL C 94 -34.83 -10.62 -52.51
C VAL C 94 -34.29 -11.97 -52.08
N ASP C 95 -35.15 -12.82 -51.54
CA ASP C 95 -34.73 -14.13 -51.04
C ASP C 95 -34.06 -14.95 -52.13
N LEU C 96 -34.59 -14.91 -53.35
CA LEU C 96 -34.00 -15.65 -54.44
C LEU C 96 -32.57 -15.20 -54.71
N VAL C 97 -32.30 -13.90 -54.57
CA VAL C 97 -30.95 -13.40 -54.79
C VAL C 97 -30.03 -13.81 -53.65
N LYS C 98 -30.47 -13.58 -52.41
CA LYS C 98 -29.62 -13.87 -51.25
C LYS C 98 -29.26 -15.35 -51.15
N ARG C 99 -30.18 -16.23 -51.53
CA ARG C 99 -29.96 -17.67 -51.46
C ARG C 99 -29.59 -18.26 -52.81
N SER C 100 -28.87 -17.50 -53.63
CA SER C 100 -28.46 -17.95 -54.95
C SER C 100 -27.27 -18.91 -54.86
N GLU C 101 -26.15 -18.44 -54.33
CA GLU C 101 -24.98 -19.27 -54.12
C GLU C 101 -24.32 -18.85 -52.80
N SER C 102 -23.89 -19.85 -52.03
CA SER C 102 -23.36 -19.68 -50.69
C SER C 102 -24.37 -19.06 -49.72
N GLY C 103 -25.63 -18.97 -50.12
CA GLY C 103 -26.65 -18.38 -49.28
C GLY C 103 -27.44 -19.34 -48.42
N MET C 104 -27.24 -20.64 -48.61
CA MET C 104 -27.93 -21.67 -47.84
C MET C 104 -27.04 -22.33 -46.80
N VAL C 105 -25.81 -21.85 -46.65
CA VAL C 105 -24.90 -22.42 -45.66
C VAL C 105 -25.49 -22.26 -44.26
N ALA C 106 -26.32 -21.23 -44.05
CA ALA C 106 -26.94 -21.02 -42.74
C ALA C 106 -28.45 -20.84 -42.78
N ASN C 107 -29.09 -20.94 -43.95
CA ASN C 107 -30.54 -20.86 -44.06
C ASN C 107 -30.97 -21.74 -45.23
N PRO C 108 -30.93 -23.06 -45.04
CA PRO C 108 -31.22 -23.97 -46.16
C PRO C 108 -32.72 -24.14 -46.39
N ILE C 109 -33.06 -24.50 -47.63
CA ILE C 109 -34.41 -24.94 -47.95
C ILE C 109 -34.61 -26.36 -47.45
N THR C 110 -35.87 -26.72 -47.20
CA THR C 110 -36.21 -28.05 -46.72
C THR C 110 -37.56 -28.49 -47.28
N ILE C 111 -37.78 -29.81 -47.21
CA ILE C 111 -39.02 -30.43 -47.64
C ILE C 111 -39.40 -31.53 -46.68
N HIS C 112 -40.71 -31.76 -46.54
CA HIS C 112 -41.16 -32.84 -45.67
C HIS C 112 -41.15 -34.17 -46.42
N PRO C 113 -40.91 -35.29 -45.74
CA PRO C 113 -40.80 -36.57 -46.46
C PRO C 113 -42.10 -37.02 -47.10
N ASP C 114 -43.25 -36.50 -46.67
CA ASP C 114 -44.53 -36.84 -47.28
C ASP C 114 -44.88 -35.92 -48.43
N ALA C 115 -44.01 -34.96 -48.75
CA ALA C 115 -44.23 -34.07 -49.89
C ALA C 115 -44.07 -34.85 -51.19
N THR C 116 -44.65 -34.31 -52.25
CA THR C 116 -44.60 -34.95 -53.56
C THR C 116 -43.31 -34.55 -54.30
N LEU C 117 -42.96 -35.36 -55.30
CA LEU C 117 -41.83 -35.02 -56.16
C LEU C 117 -42.07 -33.70 -56.88
N GLY C 118 -43.32 -33.42 -57.25
CA GLY C 118 -43.64 -32.14 -57.86
C GLY C 118 -43.28 -30.96 -56.97
N GLU C 119 -43.57 -31.07 -55.67
CA GLU C 119 -43.21 -29.99 -54.75
C GLU C 119 -41.70 -29.87 -54.63
N ALA C 120 -40.98 -31.01 -54.60
CA ALA C 120 -39.53 -30.98 -54.50
C ALA C 120 -38.92 -30.34 -55.75
N ASP C 121 -39.38 -30.75 -56.93
CA ASP C 121 -38.82 -30.19 -58.17
C ASP C 121 -39.15 -28.72 -58.30
N ALA C 122 -40.35 -28.32 -57.87
CA ALA C 122 -40.73 -26.91 -57.93
C ALA C 122 -39.80 -26.06 -57.07
N LEU C 123 -39.41 -26.58 -55.91
CA LEU C 123 -38.46 -25.86 -55.05
C LEU C 123 -37.09 -25.78 -55.70
N CYS C 124 -36.65 -26.87 -56.34
CA CYS C 124 -35.37 -26.87 -57.04
C CYS C 124 -35.39 -25.85 -58.17
N ALA C 125 -36.49 -25.78 -58.91
CA ALA C 125 -36.59 -24.80 -59.99
C ALA C 125 -36.62 -23.38 -59.44
N LYS C 126 -37.31 -23.17 -58.31
CA LYS C 126 -37.44 -21.82 -57.76
C LYS C 126 -36.09 -21.24 -57.37
N PHE C 127 -35.30 -22.01 -56.64
CA PHE C 127 -34.02 -21.54 -56.12
C PHE C 127 -32.84 -21.91 -56.99
N ARG C 128 -33.08 -22.55 -58.13
CA ARG C 128 -32.01 -22.97 -59.04
C ARG C 128 -30.97 -23.78 -58.28
N ILE C 129 -31.45 -24.83 -57.61
CA ILE C 129 -30.63 -25.76 -56.85
C ILE C 129 -31.14 -27.15 -57.20
N SER C 130 -30.25 -28.15 -57.16
CA SER C 130 -30.55 -29.47 -57.67
C SER C 130 -30.85 -30.50 -56.57
N GLY C 131 -31.35 -30.08 -55.43
CA GLY C 131 -31.69 -31.02 -54.39
C GLY C 131 -32.20 -30.31 -53.15
N VAL C 132 -32.87 -31.07 -52.31
CA VAL C 132 -33.47 -30.52 -51.09
C VAL C 132 -33.21 -31.46 -49.91
N PRO C 133 -32.67 -30.96 -48.80
CA PRO C 133 -32.64 -31.76 -47.57
C PRO C 133 -34.05 -32.11 -47.12
N VAL C 134 -34.24 -33.36 -46.70
CA VAL C 134 -35.50 -33.85 -46.16
C VAL C 134 -35.39 -33.89 -44.65
N THR C 135 -36.29 -33.20 -43.96
CA THR C 135 -36.25 -33.09 -42.51
C THR C 135 -37.64 -33.35 -41.94
N ASP C 136 -37.69 -33.66 -40.65
CA ASP C 136 -38.94 -33.76 -39.93
C ASP C 136 -39.32 -32.40 -39.35
N GLY C 137 -40.40 -32.36 -38.57
CA GLY C 137 -40.89 -31.11 -38.03
C GLY C 137 -39.92 -30.44 -37.07
N ALA C 138 -39.00 -31.21 -36.48
CA ALA C 138 -37.99 -30.66 -35.59
C ALA C 138 -36.73 -30.22 -36.32
N GLY C 139 -36.63 -30.48 -37.63
CA GLY C 139 -35.45 -30.15 -38.38
C GLY C 139 -34.39 -31.23 -38.41
N LYS C 140 -34.68 -32.42 -37.90
CA LYS C 140 -33.73 -33.52 -37.97
C LYS C 140 -33.59 -33.99 -39.41
N LEU C 141 -32.34 -34.17 -39.85
CA LEU C 141 -32.08 -34.55 -41.23
C LEU C 141 -32.42 -36.03 -41.43
N LEU C 142 -33.29 -36.30 -42.40
CA LEU C 142 -33.72 -37.66 -42.72
C LEU C 142 -33.06 -38.21 -43.98
N GLY C 143 -32.65 -37.33 -44.89
CA GLY C 143 -32.13 -37.75 -46.17
C GLY C 143 -32.04 -36.56 -47.10
N ILE C 144 -31.99 -36.83 -48.40
CA ILE C 144 -31.91 -35.76 -49.38
C ILE C 144 -32.33 -36.32 -50.73
N VAL C 145 -33.16 -35.55 -51.44
CA VAL C 145 -33.64 -35.91 -52.77
C VAL C 145 -33.07 -34.91 -53.75
N THR C 146 -32.47 -35.40 -54.84
CA THR C 146 -31.76 -34.56 -55.78
C THR C 146 -32.27 -34.82 -57.20
N ASN C 147 -31.79 -34.00 -58.14
CA ASN C 147 -32.22 -34.15 -59.53
C ASN C 147 -32.01 -35.58 -60.04
N ARG C 148 -30.88 -36.18 -59.70
CA ARG C 148 -30.62 -37.54 -60.19
C ARG C 148 -31.59 -38.54 -59.57
N ASP C 149 -32.03 -38.31 -58.34
CA ASP C 149 -33.03 -39.19 -57.73
C ASP C 149 -34.37 -39.09 -58.44
N MET C 150 -34.67 -37.93 -59.05
CA MET C 150 -35.93 -37.69 -59.71
C MET C 150 -35.85 -37.85 -61.22
N ALA C 151 -34.67 -38.15 -61.76
CA ALA C 151 -34.46 -38.05 -63.20
C ALA C 151 -35.40 -38.97 -63.98
N PHE C 152 -35.61 -40.19 -63.50
CA PHE C 152 -36.39 -41.17 -64.23
C PHE C 152 -37.79 -41.37 -63.67
N GLU C 153 -38.22 -40.53 -62.74
CA GLU C 153 -39.54 -40.65 -62.12
C GLU C 153 -40.59 -39.95 -62.97
N THR C 154 -41.72 -40.62 -63.17
CA THR C 154 -42.83 -40.08 -63.97
C THR C 154 -44.01 -39.61 -63.14
N ASP C 155 -44.18 -40.13 -61.92
CA ASP C 155 -45.33 -39.79 -61.08
C ASP C 155 -44.95 -38.61 -60.19
N ARG C 156 -45.58 -37.46 -60.43
CA ARG C 156 -45.28 -36.27 -59.64
C ARG C 156 -45.96 -36.29 -58.29
N SER C 157 -46.84 -37.25 -58.02
CA SER C 157 -47.48 -37.41 -56.73
C SER C 157 -46.70 -38.33 -55.80
N ARG C 158 -45.71 -39.05 -56.31
CA ARG C 158 -44.93 -39.96 -55.48
C ARG C 158 -44.27 -39.21 -54.33
N GLN C 159 -44.16 -39.87 -53.20
CA GLN C 159 -43.64 -39.24 -51.99
C GLN C 159 -42.12 -39.16 -52.05
N VAL C 160 -41.59 -38.06 -51.51
CA VAL C 160 -40.14 -37.84 -51.55
C VAL C 160 -39.41 -39.00 -50.90
N ARG C 161 -39.97 -39.54 -49.82
CA ARG C 161 -39.30 -40.61 -49.07
C ARG C 161 -39.02 -41.83 -49.93
N GLU C 162 -39.79 -42.04 -51.00
CA GLU C 162 -39.62 -43.26 -51.79
C GLU C 162 -38.41 -43.20 -52.71
N VAL C 163 -37.97 -42.00 -53.11
CA VAL C 163 -36.86 -41.86 -54.05
C VAL C 163 -35.66 -41.17 -53.44
N MET C 164 -35.81 -40.52 -52.29
CA MET C 164 -34.70 -39.83 -51.68
C MET C 164 -33.61 -40.82 -51.26
N THR C 165 -32.39 -40.33 -51.15
CA THR C 165 -31.33 -41.09 -50.50
C THR C 165 -31.41 -40.90 -48.99
N PRO C 166 -31.64 -41.96 -48.21
CA PRO C 166 -31.81 -41.78 -46.77
C PRO C 166 -30.49 -41.65 -46.02
N MET C 167 -30.56 -40.99 -44.87
CA MET C 167 -29.44 -40.98 -43.94
C MET C 167 -29.07 -42.43 -43.62
N PRO C 168 -27.78 -42.71 -43.36
CA PRO C 168 -26.71 -41.73 -43.17
C PRO C 168 -26.15 -41.14 -44.46
N LEU C 169 -26.05 -39.82 -44.49
CA LEU C 169 -25.49 -39.09 -45.63
C LEU C 169 -24.10 -38.58 -45.28
N VAL C 170 -23.35 -38.22 -46.32
CA VAL C 170 -22.12 -37.46 -46.13
C VAL C 170 -22.50 -36.04 -45.72
N THR C 171 -22.08 -35.64 -44.52
CA THR C 171 -22.43 -34.34 -43.97
C THR C 171 -21.18 -33.62 -43.50
N GLY C 172 -21.33 -32.32 -43.21
CA GLY C 172 -20.27 -31.52 -42.65
C GLY C 172 -20.73 -30.84 -41.38
N GLN C 173 -19.76 -30.30 -40.64
CA GLN C 173 -20.06 -29.55 -39.43
C GLN C 173 -20.32 -28.09 -39.77
N VAL C 174 -21.13 -27.43 -38.93
CA VAL C 174 -21.24 -25.98 -39.03
C VAL C 174 -19.85 -25.39 -38.99
N GLY C 175 -19.57 -24.48 -39.93
CA GLY C 175 -18.28 -23.83 -39.97
C GLY C 175 -17.24 -24.53 -40.81
N ILE C 176 -17.56 -25.66 -41.43
CA ILE C 176 -16.60 -26.34 -42.29
C ILE C 176 -16.08 -25.37 -43.33
N SER C 177 -14.79 -25.50 -43.67
CA SER C 177 -14.18 -24.63 -44.64
C SER C 177 -14.53 -25.05 -46.06
N GLY C 178 -14.34 -24.14 -47.04
CA GLY C 178 -14.63 -24.44 -48.46
C GLY C 178 -13.80 -25.62 -48.95
N VAL C 179 -12.50 -25.67 -48.62
CA VAL C 179 -11.58 -26.76 -49.10
C VAL C 179 -12.01 -28.08 -48.44
N ASP C 180 -12.41 -28.06 -47.16
CA ASP C 180 -12.83 -29.28 -46.42
C ASP C 180 -14.15 -29.78 -47.04
N ALA C 181 -15.10 -28.89 -47.32
CA ALA C 181 -16.41 -29.25 -47.93
C ALA C 181 -16.15 -29.81 -49.33
N MET C 182 -15.24 -29.21 -50.11
CA MET C 182 -14.91 -29.65 -51.49
C MET C 182 -14.25 -31.02 -51.44
N GLU C 183 -13.48 -31.34 -50.39
CA GLU C 183 -12.80 -32.65 -50.23
C GLU C 183 -13.87 -33.74 -50.02
N LEU C 184 -14.97 -33.43 -49.31
CA LEU C 184 -16.07 -34.41 -49.04
C LEU C 184 -16.97 -34.54 -50.29
N LEU C 185 -16.88 -33.61 -51.24
CA LEU C 185 -17.66 -33.65 -52.52
C LEU C 185 -16.81 -34.33 -53.60
N ARG C 186 -15.48 -34.21 -53.55
CA ARG C 186 -14.56 -34.80 -54.57
C ARG C 186 -14.25 -36.25 -54.20
N ARG C 187 -14.21 -36.59 -52.91
CA ARG C 187 -13.87 -37.97 -52.44
C ARG C 187 -15.08 -38.89 -52.63
N HIS C 188 -16.30 -38.42 -52.30
CA HIS C 188 -17.49 -39.25 -52.37
C HIS C 188 -18.24 -39.09 -53.69
N LYS C 189 -17.72 -38.30 -54.62
CA LYS C 189 -18.35 -38.11 -55.92
C LYS C 189 -19.82 -37.67 -55.78
N ILE C 190 -20.04 -36.71 -54.89
CA ILE C 190 -21.36 -36.14 -54.67
C ILE C 190 -21.28 -34.63 -54.89
N GLU C 191 -22.44 -34.01 -55.02
CA GLU C 191 -22.53 -32.57 -55.26
C GLU C 191 -23.15 -31.80 -54.10
N LYS C 192 -23.65 -32.48 -53.07
CA LYS C 192 -24.34 -31.83 -51.96
C LYS C 192 -23.66 -32.19 -50.64
N LEU C 193 -23.62 -31.22 -49.72
CA LEU C 193 -23.08 -31.45 -48.39
C LEU C 193 -23.96 -30.77 -47.35
N PRO C 194 -24.93 -31.49 -46.78
CA PRO C 194 -25.68 -30.92 -45.66
C PRO C 194 -24.78 -30.69 -44.45
N LEU C 195 -25.08 -29.62 -43.72
CA LEU C 195 -24.36 -29.27 -42.49
C LEU C 195 -25.29 -29.48 -41.31
N VAL C 196 -24.83 -30.27 -40.33
CA VAL C 196 -25.66 -30.66 -39.19
C VAL C 196 -24.93 -30.35 -37.89
N ASP C 197 -25.70 -30.24 -36.81
CA ASP C 197 -25.16 -30.10 -35.47
C ASP C 197 -24.99 -31.47 -34.81
N GLY C 198 -24.62 -31.47 -33.53
CA GLY C 198 -24.36 -32.73 -32.85
C GLY C 198 -25.57 -33.63 -32.75
N ASP C 199 -26.77 -33.04 -32.70
CA ASP C 199 -28.00 -33.80 -32.63
C ASP C 199 -28.54 -34.14 -34.01
N GLY C 200 -27.78 -33.86 -35.06
CA GLY C 200 -28.20 -34.15 -36.41
C GLY C 200 -29.26 -33.25 -36.97
N ILE C 201 -29.45 -32.06 -36.41
CA ILE C 201 -30.38 -31.09 -36.95
C ILE C 201 -29.71 -30.31 -38.08
N LEU C 202 -30.45 -30.15 -39.18
CA LEU C 202 -29.90 -29.45 -40.34
C LEU C 202 -29.69 -27.98 -40.03
N LYS C 203 -28.46 -27.52 -40.21
CA LYS C 203 -28.08 -26.13 -39.97
C LYS C 203 -27.70 -25.39 -41.26
N GLY C 204 -27.35 -26.11 -42.32
CA GLY C 204 -26.93 -25.47 -43.54
C GLY C 204 -26.80 -26.48 -44.66
N LEU C 205 -26.42 -25.97 -45.83
CA LEU C 205 -26.26 -26.80 -47.02
C LEU C 205 -25.21 -26.17 -47.92
N ILE C 206 -24.24 -26.97 -48.34
CA ILE C 206 -23.27 -26.58 -49.35
C ILE C 206 -23.50 -27.46 -50.57
N THR C 207 -23.46 -26.87 -51.75
CA THR C 207 -23.53 -27.64 -52.99
C THR C 207 -22.44 -27.19 -53.95
N VAL C 208 -22.20 -28.02 -54.97
CA VAL C 208 -21.16 -27.73 -55.95
C VAL C 208 -21.40 -26.39 -56.61
N LYS C 209 -22.66 -25.94 -56.66
CA LYS C 209 -22.96 -24.63 -57.23
C LYS C 209 -22.15 -23.54 -56.54
N ASP C 210 -21.98 -23.65 -55.22
CA ASP C 210 -21.23 -22.64 -54.47
C ASP C 210 -19.82 -22.48 -55.01
N PHE C 211 -19.16 -23.58 -55.35
CA PHE C 211 -17.79 -23.52 -55.84
C PHE C 211 -17.75 -23.16 -57.32
N VAL C 212 -18.72 -23.64 -58.09
CA VAL C 212 -18.79 -23.38 -59.57
C VAL C 212 -18.99 -21.87 -59.78
N LYS C 213 -19.98 -21.26 -59.12
CA LYS C 213 -20.31 -19.81 -59.31
C LYS C 213 -19.23 -18.93 -58.67
N ALA C 214 -18.44 -19.45 -57.72
CA ALA C 214 -17.32 -18.70 -57.09
C ALA C 214 -16.16 -18.58 -58.10
N GLU C 215 -15.89 -19.65 -58.86
CA GLU C 215 -14.77 -19.68 -59.86
C GLU C 215 -15.21 -18.97 -61.15
N GLN C 216 -16.48 -19.10 -61.54
CA GLN C 216 -17.01 -18.50 -62.79
C GLN C 216 -17.14 -16.98 -62.61
N TYR C 217 -17.36 -16.50 -61.37
CA TYR C 217 -17.59 -15.09 -61.09
C TYR C 217 -16.75 -14.63 -59.91
N PRO C 218 -15.44 -14.48 -60.12
CA PRO C 218 -14.55 -14.14 -58.99
C PRO C 218 -14.72 -12.71 -58.46
N HIS C 219 -15.37 -11.82 -59.18
CA HIS C 219 -15.57 -10.44 -58.73
C HIS C 219 -16.98 -10.19 -58.22
N ALA C 220 -17.71 -11.25 -57.88
CA ALA C 220 -19.07 -11.07 -57.37
C ALA C 220 -19.07 -10.09 -56.20
N ALA C 221 -20.07 -9.20 -56.20
CA ALA C 221 -20.27 -8.27 -55.09
C ALA C 221 -21.13 -8.97 -54.04
N LYS C 222 -20.59 -9.11 -52.83
CA LYS C 222 -21.21 -9.96 -51.81
C LYS C 222 -21.29 -9.22 -50.48
N ASP C 223 -22.18 -9.70 -49.62
CA ASP C 223 -22.33 -9.19 -48.27
C ASP C 223 -21.31 -9.86 -47.34
N ALA C 224 -21.38 -9.51 -46.06
CA ALA C 224 -20.40 -10.03 -45.10
C ALA C 224 -20.50 -11.54 -44.94
N LYS C 225 -21.64 -12.15 -45.28
CA LYS C 225 -21.82 -13.59 -45.17
C LYS C 225 -21.46 -14.32 -46.46
N GLY C 226 -20.97 -13.61 -47.47
CA GLY C 226 -20.61 -14.24 -48.72
C GLY C 226 -21.75 -14.43 -49.70
N ARG C 227 -22.91 -13.82 -49.45
CA ARG C 227 -24.05 -13.92 -50.33
C ARG C 227 -24.10 -12.73 -51.28
N LEU C 228 -24.70 -12.93 -52.44
CA LEU C 228 -24.80 -11.87 -53.43
C LEU C 228 -25.54 -10.66 -52.86
N LEU C 229 -25.00 -9.47 -53.11
CA LEU C 229 -25.64 -8.22 -52.72
C LEU C 229 -26.88 -7.95 -53.57
N VAL C 230 -27.85 -7.26 -52.98
CA VAL C 230 -29.03 -6.83 -53.71
C VAL C 230 -29.67 -5.65 -52.97
N GLY C 231 -30.23 -4.72 -53.74
CA GLY C 231 -31.03 -3.65 -53.21
C GLY C 231 -32.47 -3.78 -53.68
N ALA C 232 -33.34 -2.93 -53.12
CA ALA C 232 -34.74 -2.95 -53.50
C ALA C 232 -35.34 -1.56 -53.32
N ALA C 233 -36.24 -1.21 -54.24
CA ALA C 233 -36.89 0.09 -54.22
C ALA C 233 -38.16 0.04 -53.38
N VAL C 234 -38.44 1.15 -52.71
CA VAL C 234 -39.71 1.40 -52.03
C VAL C 234 -40.14 2.81 -52.37
N GLY C 235 -41.43 3.08 -52.18
CA GLY C 235 -41.96 4.41 -52.39
C GLY C 235 -41.76 5.30 -51.18
N ALA C 236 -42.58 6.34 -51.10
CA ALA C 236 -42.54 7.31 -50.01
C ALA C 236 -43.97 7.41 -49.47
N SER C 237 -44.33 6.51 -48.56
CA SER C 237 -45.70 6.40 -48.09
C SER C 237 -45.80 5.44 -46.91
N PRO C 238 -46.94 5.39 -46.21
CA PRO C 238 -47.09 4.36 -45.18
C PRO C 238 -46.88 2.96 -45.72
N GLU C 239 -47.40 2.68 -46.92
CA GLU C 239 -47.18 1.38 -47.54
C GLU C 239 -45.70 1.09 -47.75
N ALA C 240 -44.93 2.12 -48.15
CA ALA C 240 -43.51 1.92 -48.37
C ALA C 240 -42.79 1.50 -47.10
N LEU C 241 -43.28 1.95 -45.94
CA LEU C 241 -42.68 1.54 -44.67
C LEU C 241 -42.94 0.06 -44.41
N ASP C 242 -44.15 -0.43 -44.66
CA ASP C 242 -44.42 -1.85 -44.50
C ASP C 242 -43.59 -2.67 -45.47
N ARG C 243 -43.48 -2.22 -46.71
CA ARG C 243 -42.65 -2.91 -47.70
C ARG C 243 -41.20 -2.97 -47.25
N ALA C 244 -40.68 -1.84 -46.75
CA ALA C 244 -39.28 -1.79 -46.32
C ALA C 244 -38.99 -2.86 -45.27
N GLN C 245 -39.87 -2.99 -44.27
CA GLN C 245 -39.65 -3.98 -43.23
C GLN C 245 -39.62 -5.40 -43.80
N ALA C 246 -40.55 -5.70 -44.70
CA ALA C 246 -40.56 -7.02 -45.33
C ALA C 246 -39.28 -7.27 -46.11
N LEU C 247 -38.79 -6.25 -46.81
CA LEU C 247 -37.57 -6.42 -47.59
C LEU C 247 -36.34 -6.60 -46.69
N ALA C 248 -36.25 -5.83 -45.61
CA ALA C 248 -35.14 -6.00 -44.68
C ALA C 248 -35.16 -7.38 -44.05
N GLU C 249 -36.34 -7.88 -43.68
CA GLU C 249 -36.44 -9.21 -43.09
C GLU C 249 -35.94 -10.26 -44.08
N ALA C 250 -36.20 -10.07 -45.37
CA ALA C 250 -35.76 -11.01 -46.38
C ALA C 250 -34.27 -10.94 -46.67
N GLY C 251 -33.56 -9.96 -46.12
CA GLY C 251 -32.12 -9.88 -46.26
C GLY C 251 -31.60 -8.88 -47.27
N VAL C 252 -32.41 -7.90 -47.68
CA VAL C 252 -31.92 -6.92 -48.63
C VAL C 252 -30.80 -6.11 -47.98
N ASP C 253 -29.83 -5.70 -48.80
CA ASP C 253 -28.67 -4.99 -48.29
C ASP C 253 -28.83 -3.48 -48.27
N PHE C 254 -29.70 -2.92 -49.10
CA PHE C 254 -30.01 -1.50 -49.03
C PHE C 254 -31.36 -1.26 -49.68
N LEU C 255 -31.98 -0.15 -49.30
CA LEU C 255 -33.24 0.30 -49.86
C LEU C 255 -33.01 1.56 -50.68
N VAL C 256 -33.81 1.73 -51.73
CA VAL C 256 -33.82 2.95 -52.52
C VAL C 256 -35.22 3.52 -52.43
N VAL C 257 -35.35 4.67 -51.75
CA VAL C 257 -36.63 5.39 -51.70
C VAL C 257 -36.78 6.17 -53.01
N ASP C 258 -37.58 5.63 -53.94
CA ASP C 258 -37.76 6.21 -55.31
C ASP C 258 -38.94 7.19 -55.33
N THR C 259 -38.70 8.47 -55.60
CA THR C 259 -39.77 9.51 -55.74
C THR C 259 -39.46 10.31 -57.02
N SER C 260 -40.47 10.79 -57.74
CA SER C 260 -40.27 11.63 -58.95
C SER C 260 -39.57 12.92 -58.52
N HIS C 261 -39.93 13.49 -57.36
CA HIS C 261 -39.32 14.74 -56.83
C HIS C 261 -38.75 14.48 -55.43
N GLY C 262 -37.45 14.18 -55.30
CA GLY C 262 -36.79 13.97 -54.02
C GLY C 262 -36.69 15.21 -53.12
N HIS C 263 -36.90 16.41 -53.67
CA HIS C 263 -36.85 17.63 -52.86
C HIS C 263 -38.21 18.02 -52.28
N ASN C 264 -39.22 17.17 -52.45
CA ASN C 264 -40.51 17.41 -51.83
C ASN C 264 -40.43 17.09 -50.34
N SER C 265 -40.98 17.97 -49.52
CA SER C 265 -40.82 17.83 -48.07
C SER C 265 -41.43 16.52 -47.56
N ASN C 266 -42.57 16.11 -48.12
CA ASN C 266 -43.17 14.85 -47.69
C ASN C 266 -42.28 13.67 -48.08
N ALA C 267 -41.70 13.70 -49.28
CA ALA C 267 -40.77 12.65 -49.67
C ALA C 267 -39.59 12.59 -48.71
N LEU C 268 -39.03 13.76 -48.36
CA LEU C 268 -37.92 13.80 -47.43
C LEU C 268 -38.30 13.22 -46.07
N SER C 269 -39.51 13.55 -45.60
CA SER C 269 -39.95 13.04 -44.31
C SER C 269 -40.00 11.52 -44.29
N TRP C 270 -40.52 10.91 -45.37
CA TRP C 270 -40.60 9.46 -45.43
C TRP C 270 -39.23 8.81 -45.53
N MET C 271 -38.28 9.46 -46.21
CA MET C 271 -36.93 8.94 -46.22
C MET C 271 -36.38 8.82 -44.80
N SER C 272 -36.58 9.86 -44.00
CA SER C 272 -36.12 9.81 -42.60
C SER C 272 -36.83 8.71 -41.83
N LYS C 273 -38.16 8.61 -41.98
CA LYS C 273 -38.91 7.59 -41.27
C LYS C 273 -38.45 6.19 -41.66
N ILE C 274 -38.29 5.95 -42.96
CA ILE C 274 -37.88 4.63 -43.43
C ILE C 274 -36.47 4.33 -42.92
N LYS C 275 -35.56 5.30 -43.05
CA LYS C 275 -34.20 5.10 -42.57
C LYS C 275 -34.17 4.73 -41.10
N SER C 276 -34.92 5.45 -40.27
CA SER C 276 -34.90 5.21 -38.84
C SER C 276 -35.59 3.91 -38.45
N SER C 277 -36.34 3.29 -39.36
CA SER C 277 -37.08 2.08 -39.05
C SER C 277 -36.35 0.80 -39.45
N VAL C 278 -35.20 0.91 -40.10
CA VAL C 278 -34.42 -0.25 -40.50
C VAL C 278 -32.96 -0.02 -40.11
N GLY C 279 -32.20 -1.11 -40.11
CA GLY C 279 -30.79 -1.04 -39.80
C GLY C 279 -29.87 -1.03 -40.99
N ILE C 280 -30.41 -1.09 -42.20
CA ILE C 280 -29.62 -1.15 -43.41
C ILE C 280 -29.57 0.23 -44.06
N ASP C 281 -28.68 0.39 -45.03
CA ASP C 281 -28.53 1.65 -45.73
C ASP C 281 -29.79 2.00 -46.52
N VAL C 282 -30.09 3.30 -46.59
CA VAL C 282 -31.22 3.81 -47.36
C VAL C 282 -30.72 4.89 -48.30
N VAL C 283 -30.95 4.70 -49.59
CA VAL C 283 -30.63 5.69 -50.62
C VAL C 283 -31.89 6.48 -50.94
N GLY C 284 -31.74 7.78 -51.14
CA GLY C 284 -32.86 8.65 -51.49
C GLY C 284 -32.66 9.33 -52.83
N GLY C 285 -33.77 9.61 -53.51
CA GLY C 285 -33.73 10.35 -54.75
C GLY C 285 -35.13 10.63 -55.24
N ASN C 286 -35.23 11.31 -56.39
CA ASN C 286 -34.09 11.81 -57.15
C ASN C 286 -33.95 13.32 -57.03
N VAL C 287 -32.71 13.81 -57.12
CA VAL C 287 -32.46 15.25 -57.09
C VAL C 287 -31.52 15.60 -58.25
N ALA C 288 -31.36 16.90 -58.48
CA ALA C 288 -30.52 17.38 -59.57
C ALA C 288 -29.89 18.73 -59.26
N THR C 289 -29.85 19.12 -58.00
CA THR C 289 -29.28 20.39 -57.59
C THR C 289 -28.47 20.18 -56.32
N ARG C 290 -27.66 21.19 -55.98
CA ARG C 290 -26.92 21.13 -54.72
C ARG C 290 -27.88 21.15 -53.53
N ASP C 291 -28.87 22.05 -53.55
CA ASP C 291 -29.77 22.17 -52.41
C ASP C 291 -30.64 20.93 -52.26
N GLY C 292 -31.01 20.29 -53.37
CA GLY C 292 -31.75 19.04 -53.26
C GLY C 292 -30.93 17.92 -52.65
N ALA C 293 -29.67 17.79 -53.09
CA ALA C 293 -28.79 16.79 -52.51
C ALA C 293 -28.58 17.05 -51.03
N GLN C 294 -28.40 18.32 -50.64
CA GLN C 294 -28.21 18.62 -49.23
C GLN C 294 -29.45 18.27 -48.42
N ALA C 295 -30.63 18.49 -49.00
CA ALA C 295 -31.86 18.14 -48.28
C ALA C 295 -31.95 16.64 -48.06
N LEU C 296 -31.58 15.84 -49.07
CA LEU C 296 -31.54 14.39 -48.87
C LEU C 296 -30.54 14.02 -47.79
N ILE C 297 -29.36 14.64 -47.81
CA ILE C 297 -28.35 14.35 -46.79
C ILE C 297 -28.86 14.73 -45.41
N ASP C 298 -29.51 15.88 -45.30
CA ASP C 298 -30.08 16.30 -44.01
C ASP C 298 -31.17 15.35 -43.55
N ALA C 299 -31.85 14.69 -44.48
CA ALA C 299 -32.87 13.71 -44.09
C ALA C 299 -32.27 12.40 -43.59
N GLY C 300 -30.97 12.20 -43.77
CA GLY C 300 -30.27 11.08 -43.18
C GLY C 300 -29.94 9.95 -44.11
N VAL C 301 -30.09 10.13 -45.43
CA VAL C 301 -29.86 9.02 -46.34
C VAL C 301 -28.36 8.69 -46.41
N ASP C 302 -28.07 7.46 -46.81
CA ASP C 302 -26.70 6.97 -46.92
C ASP C 302 -26.15 7.06 -48.33
N GLY C 303 -26.99 7.44 -49.29
CA GLY C 303 -26.56 7.68 -50.66
C GLY C 303 -27.66 8.46 -51.35
N ILE C 304 -27.30 9.16 -52.41
CA ILE C 304 -28.26 9.96 -53.16
C ILE C 304 -28.26 9.51 -54.61
N LYS C 305 -29.42 9.63 -55.24
CA LYS C 305 -29.59 9.31 -56.65
C LYS C 305 -29.92 10.58 -57.41
N VAL C 306 -29.20 10.84 -58.50
CA VAL C 306 -29.24 12.12 -59.19
C VAL C 306 -29.80 11.91 -60.58
N GLY C 307 -30.80 12.70 -60.93
CA GLY C 307 -31.38 12.65 -62.26
C GLY C 307 -32.82 13.11 -62.26
N VAL C 308 -33.06 14.33 -62.75
CA VAL C 308 -34.40 14.85 -62.94
C VAL C 308 -34.45 15.46 -64.33
N GLY C 309 -35.25 14.87 -65.21
CA GLY C 309 -35.35 15.29 -66.59
C GLY C 309 -34.02 15.42 -67.29
N PRO C 310 -33.19 14.37 -67.22
CA PRO C 310 -31.86 14.45 -67.83
C PRO C 310 -31.87 14.31 -69.34
N GLY C 311 -32.88 13.64 -69.89
CA GLY C 311 -32.87 13.28 -71.30
C GLY C 311 -33.49 14.33 -72.19
N SER C 312 -32.88 14.52 -73.37
CA SER C 312 -33.41 15.46 -74.35
C SER C 312 -34.86 15.14 -74.67
N ILE C 313 -35.72 16.16 -74.57
CA ILE C 313 -37.14 16.04 -74.87
C ILE C 313 -37.71 14.81 -74.18
N CYS C 314 -37.44 14.66 -72.88
CA CYS C 314 -38.11 13.64 -72.08
C CYS C 314 -39.37 14.23 -71.45
N THR C 315 -40.09 13.39 -70.69
CA THR C 315 -41.46 13.73 -70.31
C THR C 315 -41.52 14.95 -69.41
N THR C 316 -40.74 14.97 -68.32
CA THR C 316 -40.82 16.09 -67.40
C THR C 316 -40.42 17.39 -68.09
N ARG C 317 -39.53 17.31 -69.08
CA ARG C 317 -39.13 18.51 -69.82
C ARG C 317 -40.26 19.01 -70.70
N VAL C 318 -40.91 18.11 -71.44
CA VAL C 318 -41.94 18.51 -72.38
C VAL C 318 -43.22 18.90 -71.66
N VAL C 319 -43.62 18.10 -70.67
CA VAL C 319 -44.88 18.37 -69.97
C VAL C 319 -44.73 19.55 -69.02
N ALA C 320 -43.64 19.60 -68.26
CA ALA C 320 -43.49 20.56 -67.17
C ALA C 320 -42.36 21.55 -67.35
N GLY C 321 -41.53 21.42 -68.39
CA GLY C 321 -40.42 22.32 -68.55
C GLY C 321 -39.36 22.17 -67.49
N ILE C 322 -39.36 21.03 -66.79
CA ILE C 322 -38.46 20.78 -65.67
C ILE C 322 -37.36 19.83 -66.13
N GLY C 323 -36.12 20.15 -65.79
CA GLY C 323 -35.02 19.26 -66.05
C GLY C 323 -33.66 19.88 -65.81
N VAL C 324 -32.64 19.03 -65.66
CA VAL C 324 -31.27 19.49 -65.50
C VAL C 324 -30.36 18.60 -66.36
N PRO C 325 -29.58 19.16 -67.28
CA PRO C 325 -28.58 18.36 -67.99
C PRO C 325 -27.70 17.60 -66.99
N GLN C 326 -27.40 16.34 -67.32
CA GLN C 326 -27.00 15.40 -66.27
C GLN C 326 -25.60 15.66 -65.73
N VAL C 327 -24.68 16.15 -66.55
CA VAL C 327 -23.34 16.45 -66.03
C VAL C 327 -23.43 17.56 -64.99
N THR C 328 -24.19 18.62 -65.31
CA THR C 328 -24.44 19.67 -64.33
C THR C 328 -25.15 19.12 -63.11
N ALA C 329 -26.15 18.26 -63.32
CA ALA C 329 -26.89 17.70 -62.19
C ALA C 329 -25.95 16.95 -61.24
N ILE C 330 -25.09 16.10 -61.79
CA ILE C 330 -24.16 15.33 -60.96
C ILE C 330 -23.20 16.29 -60.26
N TYR C 331 -22.61 17.22 -61.01
CA TYR C 331 -21.64 18.13 -60.42
C TYR C 331 -22.26 18.94 -59.28
N GLU C 332 -23.43 19.52 -59.54
CA GLU C 332 -24.07 20.35 -58.51
C GLU C 332 -24.42 19.52 -57.28
N ALA C 333 -24.99 18.34 -57.49
CA ALA C 333 -25.32 17.48 -56.36
C ALA C 333 -24.06 17.06 -55.61
N SER C 334 -22.96 16.83 -56.32
CA SER C 334 -21.73 16.40 -55.68
C SER C 334 -21.14 17.48 -54.77
N LEU C 335 -21.43 18.75 -55.04
CA LEU C 335 -20.96 19.80 -54.15
C LEU C 335 -21.46 19.56 -52.73
N ALA C 336 -22.67 19.03 -52.60
CA ALA C 336 -23.18 18.64 -51.29
C ALA C 336 -22.71 17.25 -50.89
N ALA C 337 -22.77 16.29 -51.81
CA ALA C 337 -22.53 14.89 -51.45
C ALA C 337 -21.07 14.65 -51.09
N ARG C 338 -20.15 15.18 -51.90
CA ARG C 338 -18.74 14.96 -51.60
C ARG C 338 -18.35 15.65 -50.30
N ALA C 339 -18.94 16.82 -50.04
CA ALA C 339 -18.66 17.53 -48.80
C ALA C 339 -19.14 16.75 -47.59
N ALA C 340 -20.17 15.91 -47.76
CA ALA C 340 -20.71 15.10 -46.67
C ALA C 340 -20.19 13.67 -46.69
N GLY C 341 -19.41 13.29 -47.70
CA GLY C 341 -18.94 11.92 -47.79
C GLY C 341 -20.00 10.91 -48.14
N VAL C 342 -21.05 11.31 -48.85
CA VAL C 342 -22.20 10.47 -49.16
C VAL C 342 -22.10 10.05 -50.62
N PRO C 343 -22.10 8.76 -50.95
CA PRO C 343 -21.98 8.37 -52.36
C PRO C 343 -23.15 8.86 -53.20
N LEU C 344 -22.86 9.09 -54.49
CA LEU C 344 -23.79 9.69 -55.44
C LEU C 344 -23.97 8.75 -56.62
N ILE C 345 -25.22 8.36 -56.87
CA ILE C 345 -25.57 7.48 -57.98
C ILE C 345 -26.07 8.33 -59.14
N GLY C 346 -25.41 8.21 -60.30
CA GLY C 346 -25.88 8.86 -61.50
C GLY C 346 -26.95 8.05 -62.20
N ASP C 347 -28.15 8.63 -62.34
CA ASP C 347 -29.31 7.90 -62.86
C ASP C 347 -29.95 8.69 -64.00
N GLY C 348 -29.50 8.43 -65.23
CA GLY C 348 -30.17 8.93 -66.40
C GLY C 348 -29.28 9.71 -67.35
N GLY C 349 -29.70 9.82 -68.61
CA GLY C 349 -29.01 10.63 -69.58
C GLY C 349 -27.89 9.95 -70.34
N LEU C 350 -27.61 8.69 -70.05
CA LEU C 350 -26.49 7.99 -70.66
C LEU C 350 -26.73 7.76 -72.15
N GLN C 351 -25.65 7.85 -72.93
CA GLN C 351 -25.71 7.60 -74.38
C GLN C 351 -24.54 6.77 -74.90
N TYR C 352 -23.47 6.57 -74.12
CA TYR C 352 -22.30 5.83 -74.57
C TYR C 352 -21.58 5.28 -73.36
N SER C 353 -20.76 4.25 -73.57
CA SER C 353 -19.96 3.74 -72.46
C SER C 353 -19.00 4.80 -71.96
N GLY C 354 -18.58 5.72 -72.83
CA GLY C 354 -17.72 6.81 -72.42
C GLY C 354 -18.36 7.75 -71.44
N ASP C 355 -19.68 7.73 -71.34
CA ASP C 355 -20.36 8.60 -70.38
C ASP C 355 -20.18 8.14 -68.95
N ILE C 356 -19.81 6.88 -68.73
CA ILE C 356 -19.61 6.40 -67.36
C ILE C 356 -18.44 7.14 -66.72
N GLY C 357 -17.30 7.19 -67.41
CA GLY C 357 -16.17 7.92 -66.90
C GLY C 357 -16.47 9.40 -66.71
N LYS C 358 -17.26 9.97 -67.62
CA LYS C 358 -17.63 11.37 -67.48
C LYS C 358 -18.41 11.59 -66.18
N ALA C 359 -19.36 10.69 -65.88
CA ALA C 359 -20.14 10.81 -64.65
C ALA C 359 -19.26 10.70 -63.42
N LEU C 360 -18.33 9.73 -63.41
CA LEU C 360 -17.46 9.56 -62.26
C LEU C 360 -16.56 10.78 -62.08
N ALA C 361 -16.00 11.30 -63.17
CA ALA C 361 -15.17 12.50 -63.07
C ALA C 361 -15.99 13.71 -62.66
N ALA C 362 -17.29 13.72 -62.98
CA ALA C 362 -18.15 14.84 -62.60
C ALA C 362 -18.57 14.79 -61.14
N GLY C 363 -18.39 13.66 -60.46
CA GLY C 363 -18.66 13.58 -59.04
C GLY C 363 -19.47 12.37 -58.63
N ALA C 364 -19.86 11.53 -59.58
CA ALA C 364 -20.64 10.35 -59.24
C ALA C 364 -19.73 9.25 -58.72
N ASP C 365 -20.30 8.39 -57.86
CA ASP C 365 -19.63 7.20 -57.37
C ASP C 365 -20.03 5.93 -58.14
N THR C 366 -21.27 5.87 -58.61
CA THR C 366 -21.75 4.77 -59.41
C THR C 366 -22.73 5.31 -60.43
N VAL C 367 -23.12 4.46 -61.38
CA VAL C 367 -24.04 4.84 -62.43
C VAL C 367 -25.12 3.78 -62.53
N MET C 368 -26.38 4.21 -62.60
CA MET C 368 -27.50 3.29 -62.71
C MET C 368 -27.86 3.10 -64.18
N LEU C 369 -27.99 1.85 -64.60
CA LEU C 369 -28.31 1.51 -65.97
C LEU C 369 -29.79 1.15 -66.06
N GLY C 370 -30.47 1.71 -67.06
CA GLY C 370 -31.91 1.52 -67.18
C GLY C 370 -32.35 0.80 -68.44
N SER C 371 -33.08 1.52 -69.30
CA SER C 371 -33.71 0.88 -70.45
C SER C 371 -32.70 0.13 -71.30
N LEU C 372 -31.44 0.57 -71.29
CA LEU C 372 -30.39 -0.19 -71.95
C LEU C 372 -30.51 -1.69 -71.67
N LEU C 373 -30.79 -2.06 -70.42
CA LEU C 373 -30.72 -3.45 -70.01
C LEU C 373 -32.03 -4.21 -70.22
N ALA C 374 -33.11 -3.52 -70.63
CA ALA C 374 -34.41 -4.18 -70.72
C ALA C 374 -34.41 -5.31 -71.74
N GLY C 375 -33.57 -5.22 -72.76
CA GLY C 375 -33.53 -6.25 -73.77
C GLY C 375 -32.63 -7.43 -73.46
N CYS C 376 -31.96 -7.41 -72.31
CA CYS C 376 -31.03 -8.46 -71.97
C CYS C 376 -31.77 -9.74 -71.57
N GLU C 377 -31.09 -10.87 -71.74
CA GLU C 377 -31.69 -12.15 -71.43
C GLU C 377 -32.21 -12.19 -70.00
N GLU C 378 -31.48 -11.59 -69.06
CA GLU C 378 -31.81 -11.68 -67.65
C GLU C 378 -32.93 -10.74 -67.23
N SER C 379 -33.43 -9.90 -68.14
CA SER C 379 -34.52 -9.01 -67.81
C SER C 379 -35.80 -9.82 -67.59
N PRO C 380 -36.79 -9.25 -66.90
CA PRO C 380 -37.97 -10.04 -66.54
C PRO C 380 -38.78 -10.51 -67.74
N GLY C 381 -38.72 -9.81 -68.87
CA GLY C 381 -39.61 -10.11 -69.96
C GLY C 381 -39.45 -11.51 -70.52
N GLU C 382 -40.43 -11.97 -71.31
CA GLU C 382 -40.39 -13.32 -71.95
C GLU C 382 -39.85 -13.15 -73.38
N LEU C 383 -38.88 -13.98 -73.79
CA LEU C 383 -38.26 -13.88 -75.15
C LEU C 383 -39.30 -14.34 -76.18
N GLN C 384 -39.70 -13.48 -77.13
CA GLN C 384 -40.71 -13.81 -78.18
C GLN C 384 -40.03 -13.86 -79.56
N PHE C 385 -40.51 -14.69 -80.50
CA PHE C 385 -39.93 -14.84 -81.87
C PHE C 385 -40.94 -14.34 -82.92
N ILE C 386 -40.75 -13.13 -83.48
CA ILE C 386 -41.62 -12.56 -84.56
C ILE C 386 -40.70 -12.12 -85.70
N ASN C 387 -40.06 -13.07 -86.41
CA ASN C 387 -39.07 -12.77 -87.50
C ASN C 387 -37.69 -12.64 -86.82
N GLY C 388 -37.57 -11.82 -85.75
CA GLY C 388 -36.33 -11.67 -84.96
C GLY C 388 -36.63 -11.82 -83.47
N LYS C 389 -35.60 -11.97 -82.62
CA LYS C 389 -35.77 -12.17 -81.15
C LYS C 389 -36.21 -10.85 -80.50
N GLN C 390 -37.11 -10.89 -79.50
CA GLN C 390 -37.61 -9.69 -78.77
C GLN C 390 -37.78 -10.01 -77.29
N PHE C 391 -38.38 -9.13 -76.49
CA PHE C 391 -38.63 -9.34 -75.03
C PHE C 391 -40.07 -8.94 -74.68
N VAL C 437 -39.41 -4.75 -76.98
CA VAL C 437 -38.01 -4.41 -76.76
C VAL C 437 -37.11 -5.45 -77.43
N PRO C 438 -36.14 -4.99 -78.23
CA PRO C 438 -35.27 -5.94 -78.94
C PRO C 438 -34.37 -6.71 -77.98
N TYR C 439 -34.22 -8.00 -78.25
CA TYR C 439 -33.39 -8.86 -77.41
C TYR C 439 -31.93 -8.55 -77.67
N ARG C 440 -31.19 -8.31 -76.59
CA ARG C 440 -29.80 -7.92 -76.68
C ARG C 440 -28.81 -9.02 -76.31
N GLY C 441 -29.28 -10.12 -75.71
CA GLY C 441 -28.39 -11.16 -75.22
C GLY C 441 -27.98 -11.04 -73.78
N PRO C 442 -26.97 -11.81 -73.39
CA PRO C 442 -26.60 -11.85 -71.98
C PRO C 442 -26.13 -10.49 -71.50
N LEU C 443 -26.52 -10.15 -70.26
CA LEU C 443 -26.04 -8.95 -69.62
C LEU C 443 -24.52 -8.87 -69.66
N ALA C 444 -23.85 -10.02 -69.54
CA ALA C 444 -22.40 -10.03 -69.46
C ALA C 444 -21.76 -9.30 -70.64
N ASN C 445 -22.35 -9.41 -71.84
CA ASN C 445 -21.75 -8.73 -72.98
C ASN C 445 -21.85 -7.22 -72.84
N VAL C 446 -22.98 -6.73 -72.34
CA VAL C 446 -23.16 -5.30 -72.14
C VAL C 446 -22.17 -4.77 -71.10
N LEU C 447 -22.11 -5.44 -69.94
CA LEU C 447 -21.24 -4.96 -68.88
C LEU C 447 -19.77 -5.06 -69.26
N HIS C 448 -19.39 -6.11 -69.99
CA HIS C 448 -18.01 -6.26 -70.43
C HIS C 448 -17.58 -5.07 -71.27
N GLN C 449 -18.45 -4.61 -72.17
CA GLN C 449 -18.14 -3.44 -72.98
C GLN C 449 -18.13 -2.17 -72.14
N LEU C 450 -19.10 -2.04 -71.23
CA LEU C 450 -19.18 -0.82 -70.41
C LEU C 450 -17.99 -0.73 -69.46
N VAL C 451 -17.65 -1.82 -68.77
CA VAL C 451 -16.52 -1.79 -67.86
C VAL C 451 -15.21 -1.66 -68.63
N GLY C 452 -15.12 -2.32 -69.78
CA GLY C 452 -13.96 -2.14 -70.63
C GLY C 452 -13.75 -0.69 -71.02
N GLY C 453 -14.84 0.00 -71.38
CA GLY C 453 -14.73 1.42 -71.69
C GLY C 453 -14.25 2.22 -70.50
N LEU C 454 -14.82 1.96 -69.32
CA LEU C 454 -14.42 2.69 -68.13
C LEU C 454 -12.93 2.49 -67.85
N ARG C 455 -12.43 1.26 -68.01
CA ARG C 455 -11.02 1.01 -67.78
C ARG C 455 -10.15 1.83 -68.73
N GLN C 456 -10.60 1.99 -69.98
CA GLN C 456 -9.90 2.86 -70.92
C GLN C 456 -9.85 4.29 -70.41
N THR C 457 -10.99 4.83 -70.00
CA THR C 457 -11.04 6.19 -69.47
C THR C 457 -10.04 6.37 -68.34
N MET C 458 -10.07 5.45 -67.37
CA MET C 458 -9.20 5.60 -66.20
C MET C 458 -7.74 5.52 -66.59
N GLY C 459 -7.41 4.63 -67.54
CA GLY C 459 -6.04 4.58 -68.05
C GLY C 459 -5.64 5.87 -68.73
N TYR C 460 -6.54 6.44 -69.55
CA TYR C 460 -6.20 7.67 -70.25
C TYR C 460 -6.02 8.82 -69.26
N VAL C 461 -6.84 8.85 -68.21
CA VAL C 461 -6.79 9.93 -67.22
C VAL C 461 -5.71 9.70 -66.18
N GLY C 462 -5.22 8.48 -66.02
CA GLY C 462 -4.23 8.19 -65.00
C GLY C 462 -4.81 7.85 -63.66
N ALA C 463 -6.09 7.52 -63.58
CA ALA C 463 -6.75 7.22 -62.32
C ALA C 463 -6.60 5.73 -62.03
N ALA C 464 -5.86 5.42 -60.96
CA ALA C 464 -5.70 4.04 -60.53
C ALA C 464 -6.91 3.53 -59.74
N THR C 465 -7.71 4.45 -59.19
CA THR C 465 -8.91 4.09 -58.44
C THR C 465 -10.02 5.06 -58.82
N ILE C 466 -11.26 4.65 -58.54
CA ILE C 466 -12.40 5.52 -58.83
C ILE C 466 -12.29 6.83 -58.06
N GLU C 467 -11.84 6.76 -56.80
CA GLU C 467 -11.72 7.96 -55.99
C GLU C 467 -10.81 9.00 -56.62
N GLU C 468 -9.89 8.60 -57.49
CA GLU C 468 -9.01 9.56 -58.14
C GLU C 468 -9.64 10.21 -59.37
N MET C 469 -10.80 9.73 -59.82
CA MET C 469 -11.37 10.22 -61.07
C MET C 469 -11.73 11.70 -60.99
N GLU C 470 -12.29 12.13 -59.86
CA GLU C 470 -12.76 13.51 -59.77
C GLU C 470 -11.61 14.51 -59.86
N SER C 471 -10.47 14.19 -59.24
CA SER C 471 -9.35 15.13 -59.21
C SER C 471 -8.55 15.09 -60.51
N LYS C 472 -8.32 13.91 -61.07
CA LYS C 472 -7.47 13.80 -62.26
C LYS C 472 -8.25 13.99 -63.56
N GLY C 473 -9.57 13.78 -63.56
CA GLY C 473 -10.33 13.99 -64.77
C GLY C 473 -10.49 15.46 -65.09
N ARG C 474 -9.88 15.89 -66.19
CA ARG C 474 -10.01 17.25 -66.66
C ARG C 474 -11.01 17.28 -67.81
N PHE C 475 -11.92 18.26 -67.77
CA PHE C 475 -12.98 18.36 -68.77
C PHE C 475 -12.67 19.47 -69.77
N VAL C 476 -13.16 19.28 -70.99
CA VAL C 476 -13.27 20.36 -71.97
C VAL C 476 -14.67 20.32 -72.53
N ARG C 477 -15.26 21.49 -72.75
CA ARG C 477 -16.54 21.59 -73.44
C ARG C 477 -16.31 21.60 -74.95
N ILE C 478 -17.31 21.12 -75.69
CA ILE C 478 -17.25 21.12 -77.14
C ILE C 478 -18.51 21.74 -77.71
N THR C 479 -18.40 22.26 -78.93
CA THR C 479 -19.53 22.84 -79.62
C THR C 479 -20.28 21.74 -80.40
N SER C 480 -21.39 22.14 -81.03
CA SER C 480 -22.14 21.19 -81.85
C SER C 480 -21.36 20.75 -83.08
N ALA C 481 -20.33 21.50 -83.48
CA ALA C 481 -19.51 21.12 -84.62
C ALA C 481 -18.74 19.83 -84.35
N GLY D 10 62.27 -51.19 -45.41
CA GLY D 10 62.51 -51.81 -46.70
C GLY D 10 61.87 -51.08 -47.85
N VAL D 11 60.80 -50.35 -47.56
CA VAL D 11 60.08 -49.59 -48.58
C VAL D 11 60.12 -48.10 -48.18
N PRO D 12 59.91 -47.21 -49.14
CA PRO D 12 59.81 -45.79 -48.80
C PRO D 12 58.60 -45.52 -47.92
N GLU D 13 58.67 -44.39 -47.19
CA GLU D 13 57.57 -44.00 -46.31
C GLU D 13 56.25 -43.87 -47.05
N LYS D 14 56.28 -43.45 -48.32
CA LYS D 14 55.07 -43.35 -49.11
C LYS D 14 54.30 -44.67 -49.16
N PHE D 15 55.00 -45.80 -49.04
CA PHE D 15 54.39 -47.12 -49.15
C PHE D 15 54.50 -47.91 -47.85
N ALA D 16 54.68 -47.23 -46.73
CA ALA D 16 54.99 -47.92 -45.48
C ALA D 16 53.81 -48.76 -44.98
N THR D 17 52.58 -48.31 -45.20
CA THR D 17 51.43 -48.94 -44.58
C THR D 17 51.09 -50.25 -45.28
N LEU D 18 50.85 -51.30 -44.49
CA LEU D 18 50.40 -52.59 -44.97
C LEU D 18 48.93 -52.75 -44.60
N GLY D 19 48.08 -52.98 -45.59
CA GLY D 19 46.67 -53.20 -45.36
C GLY D 19 46.37 -54.68 -45.25
N LEU D 20 45.47 -55.02 -44.32
CA LEU D 20 45.13 -56.40 -44.00
C LEU D 20 43.67 -56.69 -44.32
N THR D 21 43.44 -57.82 -44.96
CA THR D 21 42.09 -58.32 -45.22
C THR D 21 41.77 -59.41 -44.19
N TYR D 22 40.54 -59.93 -44.26
CA TYR D 22 40.12 -60.97 -43.33
C TYR D 22 41.02 -62.19 -43.41
N ASP D 23 41.36 -62.63 -44.64
CA ASP D 23 42.19 -63.81 -44.79
C ASP D 23 43.58 -63.62 -44.21
N ASP D 24 43.99 -62.38 -43.97
CA ASP D 24 45.34 -62.12 -43.46
C ASP D 24 45.50 -62.36 -41.97
N VAL D 25 44.40 -62.53 -41.23
CA VAL D 25 44.48 -62.55 -39.77
C VAL D 25 43.63 -63.68 -39.20
N LEU D 26 43.95 -64.04 -37.96
CA LEU D 26 43.20 -64.99 -37.18
C LEU D 26 43.04 -64.42 -35.77
N LEU D 27 41.99 -64.85 -35.07
CA LEU D 27 41.82 -64.48 -33.67
C LEU D 27 42.40 -65.57 -32.77
N LEU D 28 43.03 -65.15 -31.69
CA LEU D 28 43.59 -66.11 -30.76
C LEU D 28 42.53 -66.57 -29.75
N PRO D 29 42.59 -67.82 -29.31
CA PRO D 29 41.80 -68.21 -28.14
C PRO D 29 42.29 -67.49 -26.90
N GLY D 30 41.34 -67.16 -26.01
CA GLY D 30 41.68 -66.47 -24.78
C GLY D 30 41.00 -67.09 -23.57
N ALA D 31 41.36 -66.58 -22.40
CA ALA D 31 40.70 -66.99 -21.17
C ALA D 31 39.21 -66.74 -21.29
N SER D 32 38.40 -67.74 -20.99
CA SER D 32 36.97 -67.64 -21.17
C SER D 32 36.21 -68.27 -20.01
N ALA D 33 35.19 -67.57 -19.54
CA ALA D 33 34.27 -68.09 -18.54
C ALA D 33 32.85 -68.21 -19.09
N VAL D 34 32.69 -68.11 -20.41
CA VAL D 34 31.39 -68.02 -21.04
C VAL D 34 31.35 -68.98 -22.22
N LEU D 35 30.28 -69.74 -22.33
CA LEU D 35 30.09 -70.71 -23.40
C LEU D 35 29.37 -70.06 -24.57
N PRO D 36 29.54 -70.60 -25.78
CA PRO D 36 28.87 -70.01 -26.95
C PRO D 36 27.37 -69.77 -26.75
N ASN D 37 26.67 -70.70 -26.12
CA ASN D 37 25.22 -70.55 -25.99
C ASN D 37 24.80 -69.49 -24.98
N ALA D 38 25.75 -68.88 -24.27
CA ALA D 38 25.41 -67.91 -23.23
C ALA D 38 25.87 -66.49 -23.51
N VAL D 39 26.62 -66.25 -24.59
CA VAL D 39 27.06 -64.89 -24.88
C VAL D 39 25.89 -64.07 -25.40
N ASP D 40 26.03 -62.75 -25.30
CA ASP D 40 25.03 -61.78 -25.74
C ASP D 40 25.50 -61.16 -27.05
N THR D 41 24.70 -61.30 -28.10
CA THR D 41 25.08 -60.87 -29.45
C THR D 41 24.43 -59.56 -29.86
N SER D 42 23.86 -58.80 -28.94
CA SER D 42 23.20 -57.55 -29.31
C SER D 42 24.25 -56.48 -29.58
N SER D 43 23.86 -55.52 -30.43
CA SER D 43 24.78 -54.46 -30.84
C SER D 43 23.94 -53.29 -31.36
N ARG D 44 24.63 -52.22 -31.75
CA ARG D 44 23.99 -51.02 -32.25
C ARG D 44 24.21 -50.86 -33.74
N ILE D 45 23.13 -50.59 -34.47
CA ILE D 45 23.23 -50.15 -35.86
C ILE D 45 23.71 -48.70 -35.93
N SER D 46 23.12 -47.85 -35.10
CA SER D 46 23.42 -46.43 -35.08
C SER D 46 23.19 -45.95 -33.65
N ARG D 47 23.39 -44.64 -33.44
CA ARG D 47 23.33 -44.12 -32.08
C ARG D 47 22.09 -44.61 -31.34
N ASN D 48 20.94 -44.65 -32.02
CA ASN D 48 19.67 -44.92 -31.35
C ASN D 48 18.94 -46.14 -31.89
N VAL D 49 19.61 -47.02 -32.63
CA VAL D 49 18.98 -48.22 -33.16
C VAL D 49 19.80 -49.43 -32.72
N ARG D 50 19.12 -50.39 -32.09
CA ARG D 50 19.77 -51.59 -31.56
C ARG D 50 19.20 -52.84 -32.20
N VAL D 51 20.06 -53.84 -32.39
CA VAL D 51 19.66 -55.14 -32.92
C VAL D 51 20.15 -56.22 -31.95
N ASN D 52 19.57 -57.42 -32.10
CA ASN D 52 19.88 -58.53 -31.22
C ASN D 52 20.90 -59.50 -31.80
N ILE D 53 21.10 -59.50 -33.12
CA ILE D 53 22.27 -60.10 -33.75
C ILE D 53 22.92 -59.01 -34.60
N PRO D 54 24.25 -58.97 -34.71
CA PRO D 54 24.92 -57.81 -35.30
C PRO D 54 25.01 -57.87 -36.83
N LEU D 55 23.87 -58.06 -37.48
CA LEU D 55 23.85 -58.31 -38.92
C LEU D 55 22.75 -57.52 -39.59
N LEU D 56 23.07 -56.95 -40.75
CA LEU D 56 22.10 -56.29 -41.62
C LEU D 56 22.09 -56.97 -42.98
N SER D 57 20.96 -56.87 -43.70
CA SER D 57 20.91 -57.25 -45.10
C SER D 57 21.06 -56.01 -45.97
N ALA D 58 21.83 -56.14 -47.04
CA ALA D 58 22.27 -54.98 -47.81
C ALA D 58 21.12 -54.40 -48.65
N ALA D 59 21.26 -53.11 -48.96
CA ALA D 59 20.30 -52.38 -49.80
C ALA D 59 20.58 -52.62 -51.29
N MET D 60 20.52 -53.89 -51.68
CA MET D 60 20.67 -54.32 -53.06
C MET D 60 19.33 -54.83 -53.56
N ASP D 61 19.00 -54.52 -54.82
CA ASP D 61 17.68 -54.88 -55.33
C ASP D 61 17.52 -56.38 -55.51
N LYS D 62 18.60 -57.14 -55.49
CA LYS D 62 18.52 -58.59 -55.49
C LYS D 62 18.48 -59.18 -54.08
N VAL D 63 18.47 -58.33 -53.05
CA VAL D 63 18.57 -58.83 -51.68
C VAL D 63 17.38 -58.41 -50.82
N THR D 64 17.22 -57.10 -50.59
CA THR D 64 16.30 -56.65 -49.55
C THR D 64 15.11 -55.84 -50.10
N GLU D 65 13.96 -56.50 -50.16
CA GLU D 65 12.66 -55.85 -50.15
C GLU D 65 11.95 -56.28 -48.88
N SER D 66 10.63 -56.10 -48.80
CA SER D 66 9.96 -56.24 -47.50
C SER D 66 10.15 -57.63 -46.92
N ARG D 67 10.06 -58.66 -47.76
CA ARG D 67 10.12 -60.03 -47.24
C ARG D 67 11.47 -60.30 -46.57
N MET D 68 12.57 -59.87 -47.19
CA MET D 68 13.87 -60.02 -46.56
C MET D 68 13.96 -59.20 -45.27
N ALA D 69 13.49 -57.96 -45.31
CA ALA D 69 13.58 -57.11 -44.13
C ALA D 69 12.80 -57.70 -42.96
N ILE D 70 11.63 -58.27 -43.24
CA ILE D 70 10.82 -58.87 -42.18
C ILE D 70 11.55 -60.05 -41.56
N SER D 71 12.11 -60.93 -42.40
CA SER D 71 12.81 -62.09 -41.85
C SER D 71 14.06 -61.69 -41.08
N MET D 72 14.83 -60.74 -41.61
CA MET D 72 16.01 -60.26 -40.87
C MET D 72 15.62 -59.76 -39.49
N ALA D 73 14.60 -58.90 -39.42
CA ALA D 73 14.22 -58.32 -38.13
C ALA D 73 13.70 -59.40 -37.18
N ARG D 74 12.94 -60.36 -37.70
CA ARG D 74 12.43 -61.43 -36.87
C ARG D 74 13.57 -62.24 -36.26
N GLN D 75 14.65 -62.42 -37.02
CA GLN D 75 15.82 -63.14 -36.55
C GLN D 75 16.70 -62.30 -35.64
N GLY D 76 16.38 -61.02 -35.46
CA GLY D 76 17.11 -60.16 -34.56
C GLY D 76 18.02 -59.17 -35.23
N GLY D 77 18.14 -59.21 -36.56
CA GLY D 77 18.89 -58.25 -37.33
C GLY D 77 17.98 -57.18 -37.90
N VAL D 78 18.37 -56.66 -39.07
CA VAL D 78 17.55 -55.65 -39.74
C VAL D 78 17.90 -55.63 -41.22
N GLY D 79 16.92 -55.29 -42.04
CA GLY D 79 17.14 -55.12 -43.46
C GLY D 79 17.18 -53.64 -43.83
N VAL D 80 17.95 -53.31 -44.85
CA VAL D 80 17.97 -51.98 -45.44
C VAL D 80 17.33 -52.09 -46.80
N LEU D 81 16.13 -51.54 -46.93
CA LEU D 81 15.40 -51.62 -48.19
C LEU D 81 16.15 -50.87 -49.29
N HIS D 82 16.31 -51.53 -50.43
CA HIS D 82 16.99 -50.92 -51.56
C HIS D 82 16.15 -49.77 -52.12
N ARG D 83 16.81 -48.91 -52.89
CA ARG D 83 16.18 -47.70 -53.41
C ARG D 83 16.03 -47.71 -54.92
N ASN D 84 16.20 -48.86 -55.58
CA ASN D 84 16.03 -48.94 -57.03
C ASN D 84 14.55 -49.16 -57.37
N LEU D 85 13.75 -48.20 -56.95
CA LEU D 85 12.30 -48.20 -57.19
C LEU D 85 11.77 -46.83 -56.82
N SER D 86 10.53 -46.57 -57.20
CA SER D 86 9.96 -45.24 -56.98
C SER D 86 9.90 -44.94 -55.48
N ILE D 87 9.82 -43.64 -55.17
CA ILE D 87 9.71 -43.23 -53.77
C ILE D 87 8.50 -43.88 -53.12
N GLU D 88 7.36 -43.86 -53.81
CA GLU D 88 6.13 -44.40 -53.24
C GLU D 88 6.21 -45.92 -53.07
N ASP D 89 6.92 -46.60 -53.98
CA ASP D 89 7.04 -48.05 -53.85
C ASP D 89 7.96 -48.42 -52.69
N GLN D 90 9.03 -47.64 -52.48
CA GLN D 90 9.93 -47.92 -51.36
C GLN D 90 9.24 -47.62 -50.04
N ALA D 91 8.50 -46.52 -49.97
CA ALA D 91 7.76 -46.21 -48.75
C ALA D 91 6.73 -47.29 -48.45
N ASN D 92 6.12 -47.84 -49.49
CA ASN D 92 5.17 -48.94 -49.30
C ASN D 92 5.87 -50.16 -48.72
N GLN D 93 7.10 -50.44 -49.17
CA GLN D 93 7.86 -51.54 -48.60
C GLN D 93 8.10 -51.32 -47.11
N VAL D 94 8.46 -50.10 -46.72
CA VAL D 94 8.61 -49.77 -45.31
C VAL D 94 7.31 -50.08 -44.57
N ASP D 95 6.18 -49.63 -45.13
CA ASP D 95 4.90 -49.85 -44.48
C ASP D 95 4.63 -51.33 -44.28
N LEU D 96 4.97 -52.16 -45.27
CA LEU D 96 4.75 -53.61 -45.14
C LEU D 96 5.55 -54.19 -43.98
N VAL D 97 6.76 -53.70 -43.76
CA VAL D 97 7.57 -54.20 -42.65
C VAL D 97 7.01 -53.72 -41.31
N LYS D 98 6.73 -52.42 -41.22
CA LYS D 98 6.28 -51.87 -39.94
C LYS D 98 4.96 -52.48 -39.50
N ARG D 99 4.07 -52.81 -40.45
CA ARG D 99 2.75 -53.35 -40.13
C ARG D 99 2.68 -54.86 -40.34
N SER D 100 3.78 -55.57 -40.09
CA SER D 100 3.78 -57.02 -40.19
C SER D 100 3.12 -57.66 -38.96
N GLU D 101 3.69 -57.42 -37.78
CA GLU D 101 3.12 -57.93 -36.54
C GLU D 101 3.25 -56.87 -35.46
N SER D 102 2.18 -56.70 -34.68
CA SER D 102 2.04 -55.64 -33.70
C SER D 102 2.11 -54.25 -34.31
N GLY D 103 2.06 -54.14 -35.64
CA GLY D 103 2.15 -52.87 -36.30
C GLY D 103 0.84 -52.20 -36.64
N MET D 104 -0.28 -52.89 -36.44
CA MET D 104 -1.60 -52.34 -36.68
C MET D 104 -2.32 -51.98 -35.39
N VAL D 105 -1.64 -52.08 -34.25
CA VAL D 105 -2.27 -51.73 -32.99
C VAL D 105 -2.74 -50.29 -32.99
N ALA D 106 -2.07 -49.42 -33.74
CA ALA D 106 -2.46 -48.02 -33.83
C ALA D 106 -2.61 -47.51 -35.26
N ASN D 107 -2.47 -48.37 -36.27
CA ASN D 107 -2.65 -47.97 -37.67
C ASN D 107 -3.22 -49.15 -38.44
N PRO D 108 -4.51 -49.44 -38.26
CA PRO D 108 -5.08 -50.63 -38.88
C PRO D 108 -5.46 -50.38 -40.34
N ILE D 109 -5.48 -51.47 -41.11
CA ILE D 109 -6.08 -51.42 -42.44
C ILE D 109 -7.59 -51.46 -42.29
N THR D 110 -8.29 -50.91 -43.27
CA THR D 110 -9.74 -50.91 -43.28
C THR D 110 -10.22 -51.02 -44.71
N ILE D 111 -11.48 -51.41 -44.89
CA ILE D 111 -12.13 -51.48 -46.20
C ILE D 111 -13.58 -51.06 -46.04
N HIS D 112 -14.16 -50.51 -47.11
CA HIS D 112 -15.55 -50.09 -47.09
C HIS D 112 -16.49 -51.27 -47.35
N PRO D 113 -17.72 -51.20 -46.83
CA PRO D 113 -18.63 -52.36 -46.95
C PRO D 113 -19.06 -52.65 -48.39
N ASP D 114 -18.94 -51.70 -49.31
CA ASP D 114 -19.31 -51.94 -50.70
C ASP D 114 -18.15 -52.48 -51.53
N ALA D 115 -16.98 -52.66 -50.92
CA ALA D 115 -15.85 -53.23 -51.64
C ALA D 115 -16.09 -54.70 -51.94
N THR D 116 -15.40 -55.22 -52.94
CA THR D 116 -15.54 -56.61 -53.34
C THR D 116 -14.63 -57.51 -52.51
N LEU D 117 -14.98 -58.80 -52.50
CA LEU D 117 -14.13 -59.78 -51.83
C LEU D 117 -12.74 -59.82 -52.44
N GLY D 118 -12.64 -59.63 -53.76
CA GLY D 118 -11.33 -59.58 -54.38
C GLY D 118 -10.45 -58.47 -53.82
N GLU D 119 -11.03 -57.30 -53.60
CA GLU D 119 -10.27 -56.20 -53.01
C GLU D 119 -9.88 -56.51 -51.58
N ALA D 120 -10.79 -57.12 -50.81
CA ALA D 120 -10.48 -57.48 -49.43
C ALA D 120 -9.36 -58.52 -49.40
N ASP D 121 -9.46 -59.55 -50.25
CA ASP D 121 -8.45 -60.59 -50.26
C ASP D 121 -7.10 -60.05 -50.72
N ALA D 122 -7.10 -59.12 -51.69
CA ALA D 122 -5.86 -58.53 -52.13
C ALA D 122 -5.17 -57.78 -51.00
N LEU D 123 -5.96 -57.10 -50.16
CA LEU D 123 -5.39 -56.41 -49.01
C LEU D 123 -4.83 -57.41 -48.00
N CYS D 124 -5.54 -58.51 -47.78
CA CYS D 124 -5.04 -59.55 -46.88
C CYS D 124 -3.72 -60.12 -47.39
N ALA D 125 -3.64 -60.39 -48.70
CA ALA D 125 -2.41 -60.93 -49.26
C ALA D 125 -1.26 -59.92 -49.18
N LYS D 126 -1.57 -58.63 -49.38
CA LYS D 126 -0.53 -57.61 -49.38
C LYS D 126 0.13 -57.51 -48.00
N PHE D 127 -0.68 -57.44 -46.95
CA PHE D 127 -0.17 -57.25 -45.60
C PHE D 127 0.02 -58.55 -44.85
N ARG D 128 -0.26 -59.70 -45.47
CA ARG D 128 -0.11 -61.00 -44.83
C ARG D 128 -0.87 -61.01 -43.51
N ILE D 129 -2.15 -60.65 -43.59
CA ILE D 129 -3.07 -60.63 -42.47
C ILE D 129 -4.36 -61.26 -42.99
N SER D 130 -5.08 -61.95 -42.12
CA SER D 130 -6.18 -62.81 -42.53
C SER D 130 -7.54 -62.16 -42.34
N GLY D 131 -7.62 -60.84 -42.38
CA GLY D 131 -8.90 -60.18 -42.23
C GLY D 131 -8.73 -58.68 -42.25
N VAL D 132 -9.86 -58.00 -42.48
CA VAL D 132 -9.89 -56.55 -42.58
C VAL D 132 -11.08 -56.01 -41.80
N PRO D 133 -10.89 -55.08 -40.87
CA PRO D 133 -12.05 -54.37 -40.31
C PRO D 133 -12.78 -53.60 -41.40
N VAL D 134 -14.12 -53.65 -41.35
CA VAL D 134 -14.97 -52.91 -42.28
C VAL D 134 -15.48 -51.66 -41.58
N THR D 135 -15.24 -50.51 -42.19
CA THR D 135 -15.61 -49.23 -41.62
C THR D 135 -16.32 -48.37 -42.66
N ASP D 136 -17.01 -47.35 -42.17
CA ASP D 136 -17.58 -46.33 -43.04
C ASP D 136 -16.57 -45.20 -43.25
N GLY D 137 -17.03 -44.12 -43.88
CA GLY D 137 -16.16 -42.99 -44.17
C GLY D 137 -15.63 -42.29 -42.92
N ALA D 138 -16.37 -42.38 -41.81
CA ALA D 138 -15.96 -41.75 -40.55
C ALA D 138 -15.09 -42.66 -39.69
N GLY D 139 -14.74 -43.85 -40.17
CA GLY D 139 -14.00 -44.80 -39.36
C GLY D 139 -14.86 -45.57 -38.38
N LYS D 140 -16.18 -45.53 -38.53
CA LYS D 140 -17.06 -46.27 -37.64
C LYS D 140 -16.95 -47.75 -37.98
N LEU D 141 -16.75 -48.59 -36.96
CA LEU D 141 -16.58 -50.02 -37.20
C LEU D 141 -17.93 -50.64 -37.51
N LEU D 142 -18.04 -51.27 -38.68
CA LEU D 142 -19.26 -51.93 -39.10
C LEU D 142 -19.18 -53.44 -39.02
N GLY D 143 -17.99 -54.01 -39.05
CA GLY D 143 -17.82 -55.44 -39.06
C GLY D 143 -16.41 -55.81 -39.47
N ILE D 144 -16.21 -57.11 -39.68
CA ILE D 144 -14.91 -57.65 -40.01
C ILE D 144 -15.09 -58.81 -40.96
N VAL D 145 -14.31 -58.82 -42.04
CA VAL D 145 -14.32 -59.89 -43.03
C VAL D 145 -12.97 -60.58 -42.97
N THR D 146 -12.97 -61.90 -42.83
CA THR D 146 -11.74 -62.65 -42.61
C THR D 146 -11.67 -63.81 -43.60
N ASN D 147 -10.52 -64.49 -43.58
CA ASN D 147 -10.29 -65.61 -44.48
C ASN D 147 -11.40 -66.64 -44.41
N ARG D 148 -11.84 -66.97 -43.20
CA ARG D 148 -12.88 -67.99 -43.06
C ARG D 148 -14.21 -67.52 -43.63
N ASP D 149 -14.50 -66.22 -43.55
CA ASP D 149 -15.74 -65.71 -44.14
C ASP D 149 -15.71 -65.84 -45.66
N MET D 150 -14.51 -65.81 -46.26
CA MET D 150 -14.36 -65.88 -47.70
C MET D 150 -13.97 -67.27 -48.18
N ALA D 151 -13.78 -68.22 -47.26
CA ALA D 151 -13.18 -69.49 -47.63
C ALA D 151 -13.97 -70.21 -48.71
N PHE D 152 -15.30 -70.17 -48.62
CA PHE D 152 -16.17 -70.90 -49.54
C PHE D 152 -16.82 -70.00 -50.58
N GLU D 153 -16.37 -68.74 -50.72
CA GLU D 153 -16.97 -67.75 -51.66
C GLU D 153 -16.29 -67.86 -53.02
N THR D 154 -17.03 -68.13 -54.11
CA THR D 154 -16.49 -68.24 -55.50
C THR D 154 -16.78 -66.94 -56.28
N ASP D 155 -17.64 -66.06 -55.74
CA ASP D 155 -18.01 -64.77 -56.41
C ASP D 155 -17.09 -63.66 -55.88
N ARG D 156 -15.99 -63.36 -56.59
CA ARG D 156 -15.02 -62.32 -56.18
C ARG D 156 -15.74 -60.95 -56.17
N SER D 157 -16.66 -60.70 -57.11
CA SER D 157 -17.36 -59.39 -57.24
C SER D 157 -18.38 -59.19 -56.09
N ARG D 158 -18.73 -60.23 -55.34
CA ARG D 158 -19.66 -60.13 -54.17
C ARG D 158 -19.17 -59.00 -53.25
N GLN D 159 -20.06 -58.25 -52.60
CA GLN D 159 -19.69 -57.15 -51.71
C GLN D 159 -19.32 -57.67 -50.33
N VAL D 160 -18.38 -56.96 -49.70
CA VAL D 160 -17.87 -57.39 -48.40
C VAL D 160 -19.00 -57.52 -47.40
N ARG D 161 -19.96 -56.59 -47.44
CA ARG D 161 -21.02 -56.56 -46.44
C ARG D 161 -21.84 -57.85 -46.42
N GLU D 162 -21.88 -58.59 -47.52
CA GLU D 162 -22.73 -59.77 -47.57
C GLU D 162 -22.13 -60.95 -46.81
N VAL D 163 -20.81 -60.97 -46.64
CA VAL D 163 -20.14 -62.10 -46.00
C VAL D 163 -19.45 -61.73 -44.68
N MET D 164 -19.26 -60.44 -44.39
CA MET D 164 -18.59 -60.06 -43.17
C MET D 164 -19.40 -60.48 -41.95
N THR D 165 -18.70 -60.62 -40.83
CA THR D 165 -19.39 -60.72 -39.54
C THR D 165 -19.74 -59.31 -39.09
N PRO D 166 -21.01 -58.97 -38.96
CA PRO D 166 -21.38 -57.59 -38.60
C PRO D 166 -21.25 -57.34 -37.11
N MET D 167 -21.14 -56.05 -36.77
CA MET D 167 -21.20 -55.64 -35.38
C MET D 167 -22.53 -56.11 -34.77
N PRO D 168 -22.54 -56.45 -33.47
CA PRO D 168 -21.43 -56.28 -32.53
C PRO D 168 -20.35 -57.37 -32.62
N LEU D 169 -19.10 -56.95 -32.52
CA LEU D 169 -17.96 -57.85 -32.52
C LEU D 169 -17.30 -57.85 -31.15
N VAL D 170 -16.46 -58.86 -30.92
CA VAL D 170 -15.55 -58.83 -29.77
C VAL D 170 -14.48 -57.79 -30.06
N THR D 171 -14.41 -56.76 -29.23
CA THR D 171 -13.47 -55.65 -29.42
C THR D 171 -12.70 -55.42 -28.13
N GLY D 172 -11.61 -54.64 -28.26
CA GLY D 172 -10.81 -54.23 -27.13
C GLY D 172 -10.68 -52.71 -27.07
N GLN D 173 -10.22 -52.24 -25.92
CA GLN D 173 -9.97 -50.83 -25.72
C GLN D 173 -8.56 -50.45 -26.17
N VAL D 174 -8.40 -49.20 -26.58
CA VAL D 174 -7.06 -48.67 -26.81
C VAL D 174 -6.21 -48.90 -25.56
N GLY D 175 -5.00 -49.40 -25.76
CA GLY D 175 -4.09 -49.63 -24.66
C GLY D 175 -4.21 -50.99 -24.00
N ILE D 176 -5.10 -51.85 -24.48
CA ILE D 176 -5.23 -53.19 -23.91
C ILE D 176 -3.87 -53.88 -23.92
N SER D 177 -3.60 -54.64 -22.87
CA SER D 177 -2.34 -55.35 -22.76
C SER D 177 -2.35 -56.63 -23.60
N GLY D 178 -1.14 -57.13 -23.88
CA GLY D 178 -1.03 -58.39 -24.60
C GLY D 178 -1.76 -59.52 -23.89
N VAL D 179 -1.57 -59.61 -22.56
CA VAL D 179 -2.21 -60.68 -21.81
C VAL D 179 -3.73 -60.58 -21.91
N ASP D 180 -4.27 -59.36 -21.80
CA ASP D 180 -5.71 -59.19 -21.84
C ASP D 180 -6.27 -59.47 -23.23
N ALA D 181 -5.57 -58.98 -24.27
CA ALA D 181 -6.03 -59.24 -25.63
C ALA D 181 -6.03 -60.73 -25.93
N MET D 182 -4.96 -61.43 -25.53
CA MET D 182 -4.87 -62.87 -25.77
C MET D 182 -6.01 -63.62 -25.09
N GLU D 183 -6.35 -63.24 -23.86
CA GLU D 183 -7.45 -63.92 -23.17
C GLU D 183 -8.76 -63.77 -23.93
N LEU D 184 -9.00 -62.59 -24.50
CA LEU D 184 -10.21 -62.40 -25.29
C LEU D 184 -10.21 -63.31 -26.51
N LEU D 185 -9.07 -63.41 -27.20
CA LEU D 185 -8.97 -64.30 -28.34
C LEU D 185 -9.21 -65.74 -27.91
N ARG D 186 -8.60 -66.15 -26.79
CA ARG D 186 -8.77 -67.52 -26.30
C ARG D 186 -10.22 -67.78 -25.91
N ARG D 187 -10.83 -66.87 -25.15
CA ARG D 187 -12.18 -67.12 -24.64
C ARG D 187 -13.18 -67.27 -25.77
N HIS D 188 -13.09 -66.43 -26.78
CA HIS D 188 -14.08 -66.41 -27.86
C HIS D 188 -13.67 -67.26 -29.06
N LYS D 189 -12.53 -67.95 -28.98
CA LYS D 189 -12.07 -68.80 -30.08
C LYS D 189 -11.99 -68.03 -31.39
N ILE D 190 -11.44 -66.81 -31.33
CA ILE D 190 -11.28 -65.96 -32.50
C ILE D 190 -9.81 -65.56 -32.61
N GLU D 191 -9.46 -65.04 -33.78
CA GLU D 191 -8.09 -64.63 -34.07
C GLU D 191 -7.92 -63.13 -34.26
N LYS D 192 -9.00 -62.34 -34.25
CA LYS D 192 -8.92 -60.91 -34.49
C LYS D 192 -9.53 -60.15 -33.32
N LEU D 193 -8.93 -59.01 -32.98
CA LEU D 193 -9.46 -58.14 -31.93
C LEU D 193 -9.37 -56.70 -32.37
N PRO D 194 -10.42 -56.16 -32.99
CA PRO D 194 -10.44 -54.72 -33.29
C PRO D 194 -10.41 -53.90 -32.01
N LEU D 195 -9.74 -52.75 -32.07
CA LEU D 195 -9.66 -51.81 -30.97
C LEU D 195 -10.46 -50.56 -31.33
N VAL D 196 -11.40 -50.18 -30.47
CA VAL D 196 -12.30 -49.07 -30.73
C VAL D 196 -12.26 -48.09 -29.55
N ASP D 197 -12.63 -46.85 -29.84
CA ASP D 197 -12.79 -45.85 -28.80
C ASP D 197 -14.24 -45.84 -28.32
N GLY D 198 -14.59 -44.86 -27.48
CA GLY D 198 -15.92 -44.84 -26.88
C GLY D 198 -17.06 -44.70 -27.88
N ASP D 199 -16.81 -44.04 -29.01
CA ASP D 199 -17.83 -43.85 -30.03
C ASP D 199 -17.85 -44.96 -31.07
N GLY D 200 -17.08 -46.02 -30.88
CA GLY D 200 -17.04 -47.10 -31.84
C GLY D 200 -16.22 -46.81 -33.08
N ILE D 201 -15.32 -45.82 -33.04
CA ILE D 201 -14.41 -45.58 -34.13
C ILE D 201 -13.24 -46.55 -34.01
N LEU D 202 -12.88 -47.18 -35.13
CA LEU D 202 -11.77 -48.13 -35.12
C LEU D 202 -10.44 -47.40 -34.91
N LYS D 203 -9.69 -47.83 -33.90
CA LYS D 203 -8.40 -47.25 -33.58
C LYS D 203 -7.22 -48.17 -33.82
N GLY D 204 -7.46 -49.48 -33.88
CA GLY D 204 -6.35 -50.40 -34.05
C GLY D 204 -6.88 -51.81 -34.26
N LEU D 205 -5.93 -52.74 -34.41
CA LEU D 205 -6.27 -54.14 -34.62
C LEU D 205 -5.17 -55.03 -34.07
N ILE D 206 -5.56 -56.01 -33.27
CA ILE D 206 -4.69 -57.08 -32.81
C ILE D 206 -5.18 -58.37 -33.44
N THR D 207 -4.25 -59.20 -33.91
CA THR D 207 -4.58 -60.52 -34.41
C THR D 207 -3.63 -61.55 -33.80
N VAL D 208 -3.99 -62.82 -33.94
CA VAL D 208 -3.19 -63.90 -33.38
C VAL D 208 -1.78 -63.88 -33.92
N LYS D 209 -1.58 -63.32 -35.13
CA LYS D 209 -0.24 -63.23 -35.70
C LYS D 209 0.73 -62.52 -34.75
N ASP D 210 0.25 -61.48 -34.06
CA ASP D 210 1.12 -60.76 -33.15
C ASP D 210 1.71 -61.69 -32.09
N PHE D 211 0.91 -62.60 -31.56
CA PHE D 211 1.38 -63.51 -30.52
C PHE D 211 2.15 -64.68 -31.10
N VAL D 212 1.68 -65.22 -32.23
CA VAL D 212 2.38 -66.35 -32.85
C VAL D 212 3.80 -65.94 -33.23
N LYS D 213 3.95 -64.78 -33.88
CA LYS D 213 5.27 -64.37 -34.35
C LYS D 213 6.16 -63.96 -33.19
N ALA D 214 5.58 -63.44 -32.11
CA ALA D 214 6.39 -63.13 -30.94
C ALA D 214 6.95 -64.40 -30.30
N GLU D 215 6.18 -65.49 -30.35
CA GLU D 215 6.65 -66.76 -29.78
C GLU D 215 7.63 -67.46 -30.72
N GLN D 216 7.38 -67.41 -32.03
CA GLN D 216 8.27 -68.08 -32.97
C GLN D 216 9.61 -67.37 -33.08
N TYR D 217 9.62 -66.05 -32.89
CA TYR D 217 10.81 -65.22 -33.08
C TYR D 217 11.03 -64.38 -31.84
N PRO D 218 11.48 -65.01 -30.75
CA PRO D 218 11.61 -64.29 -29.47
C PRO D 218 12.74 -63.27 -29.46
N HIS D 219 13.65 -63.29 -30.42
CA HIS D 219 14.74 -62.34 -30.49
C HIS D 219 14.51 -61.26 -31.55
N ALA D 220 13.27 -61.08 -32.01
CA ALA D 220 12.97 -60.07 -33.01
C ALA D 220 13.47 -58.70 -32.56
N ALA D 221 14.06 -57.96 -33.49
CA ALA D 221 14.49 -56.58 -33.28
C ALA D 221 13.34 -55.63 -33.60
N LYS D 222 12.89 -54.87 -32.58
CA LYS D 222 11.68 -54.02 -32.73
C LYS D 222 11.92 -52.60 -32.24
N ASP D 223 11.07 -51.65 -32.63
CA ASP D 223 11.17 -50.22 -32.22
C ASP D 223 10.43 -50.09 -30.88
N ALA D 224 10.27 -48.89 -30.32
CA ALA D 224 9.65 -48.68 -28.99
C ALA D 224 8.18 -49.13 -29.00
N LYS D 225 7.49 -49.06 -30.15
CA LYS D 225 6.05 -49.43 -30.27
C LYS D 225 5.87 -50.96 -30.28
N GLY D 226 6.92 -51.74 -30.53
CA GLY D 226 6.84 -53.22 -30.60
C GLY D 226 6.69 -53.70 -32.04
N ARG D 227 7.09 -52.90 -33.04
CA ARG D 227 7.07 -53.21 -34.44
C ARG D 227 8.46 -53.55 -34.93
N LEU D 228 8.50 -54.38 -35.96
CA LEU D 228 9.77 -54.80 -36.54
C LEU D 228 10.56 -53.58 -37.02
N LEU D 229 11.85 -53.59 -36.71
CA LEU D 229 12.76 -52.55 -37.19
C LEU D 229 13.01 -52.69 -38.69
N VAL D 230 13.30 -51.56 -39.34
CA VAL D 230 13.68 -51.57 -40.75
C VAL D 230 14.42 -50.27 -41.07
N GLY D 231 15.39 -50.37 -41.98
CA GLY D 231 16.06 -49.22 -42.55
C GLY D 231 15.79 -49.13 -44.05
N ALA D 232 16.23 -48.03 -44.65
CA ALA D 232 16.04 -47.83 -46.07
C ALA D 232 17.16 -46.94 -46.61
N ALA D 233 17.58 -47.24 -47.84
CA ALA D 233 18.65 -46.50 -48.50
C ALA D 233 18.09 -45.32 -49.27
N VAL D 234 18.88 -44.25 -49.32
CA VAL D 234 18.63 -43.10 -50.18
C VAL D 234 19.94 -42.72 -50.85
N GLY D 235 19.83 -42.01 -51.96
CA GLY D 235 20.99 -41.52 -52.68
C GLY D 235 21.50 -40.21 -52.10
N ALA D 236 22.26 -39.50 -52.92
CA ALA D 236 22.83 -38.20 -52.56
C ALA D 236 22.45 -37.22 -53.67
N SER D 237 21.24 -36.65 -53.56
CA SER D 237 20.69 -35.81 -54.63
C SER D 237 19.41 -35.12 -54.13
N PRO D 238 18.90 -34.13 -54.86
CA PRO D 238 17.62 -33.52 -54.44
C PRO D 238 16.51 -34.54 -54.29
N GLU D 239 16.44 -35.51 -55.20
CA GLU D 239 15.43 -36.57 -55.09
C GLU D 239 15.57 -37.34 -53.79
N ALA D 240 16.82 -37.59 -53.36
CA ALA D 240 17.01 -38.34 -52.12
C ALA D 240 16.40 -37.63 -50.93
N LEU D 241 16.37 -36.30 -50.96
CA LEU D 241 15.76 -35.55 -49.86
C LEU D 241 14.26 -35.79 -49.80
N ASP D 242 13.59 -35.79 -50.95
CA ASP D 242 12.17 -36.13 -50.99
C ASP D 242 11.95 -37.59 -50.59
N ARG D 243 12.81 -38.49 -51.08
CA ARG D 243 12.69 -39.90 -50.71
C ARG D 243 12.85 -40.07 -49.21
N ALA D 244 13.86 -39.42 -48.61
CA ALA D 244 14.04 -39.51 -47.18
C ALA D 244 12.75 -39.11 -46.45
N GLN D 245 12.10 -38.05 -46.93
CA GLN D 245 10.88 -37.56 -46.30
C GLN D 245 9.79 -38.66 -46.29
N ALA D 246 9.54 -39.26 -47.45
CA ALA D 246 8.48 -40.27 -47.57
C ALA D 246 8.78 -41.49 -46.71
N LEU D 247 10.04 -41.91 -46.65
CA LEU D 247 10.39 -43.07 -45.84
C LEU D 247 10.17 -42.80 -44.36
N ALA D 248 10.55 -41.60 -43.90
CA ALA D 248 10.31 -41.25 -42.50
C ALA D 248 8.83 -41.25 -42.17
N GLU D 249 8.00 -40.68 -43.05
CA GLU D 249 6.57 -40.67 -42.81
C GLU D 249 6.01 -42.08 -42.73
N ALA D 250 6.53 -43.00 -43.53
CA ALA D 250 6.07 -44.37 -43.50
C ALA D 250 6.55 -45.14 -42.28
N GLY D 251 7.43 -44.56 -41.47
CA GLY D 251 7.85 -45.19 -40.23
C GLY D 251 9.19 -45.88 -40.24
N VAL D 252 10.07 -45.59 -41.21
CA VAL D 252 11.36 -46.24 -41.24
C VAL D 252 12.14 -45.84 -40.00
N ASP D 253 12.97 -46.75 -39.50
CA ASP D 253 13.70 -46.52 -38.25
C ASP D 253 15.05 -45.86 -38.47
N PHE D 254 15.66 -46.04 -39.63
CA PHE D 254 16.88 -45.32 -39.94
C PHE D 254 17.05 -45.28 -41.45
N LEU D 255 17.79 -44.27 -41.90
CA LEU D 255 18.12 -44.09 -43.30
C LEU D 255 19.60 -44.39 -43.51
N VAL D 256 19.93 -44.90 -44.69
CA VAL D 256 21.31 -45.12 -45.09
C VAL D 256 21.56 -44.30 -46.34
N VAL D 257 22.39 -43.27 -46.22
CA VAL D 257 22.84 -42.50 -47.38
C VAL D 257 23.97 -43.28 -48.05
N ASP D 258 23.67 -43.89 -49.20
CA ASP D 258 24.55 -44.88 -49.85
C ASP D 258 25.26 -44.19 -51.01
N THR D 259 26.56 -43.96 -50.85
CA THR D 259 27.42 -43.40 -51.88
C THR D 259 28.68 -44.24 -52.00
N SER D 260 29.28 -44.21 -53.18
CA SER D 260 30.51 -44.98 -53.34
C SER D 260 31.68 -44.34 -52.60
N HIS D 261 31.73 -43.02 -52.55
CA HIS D 261 32.82 -42.26 -51.94
C HIS D 261 32.24 -41.34 -50.87
N GLY D 262 32.12 -41.86 -49.65
CA GLY D 262 31.57 -41.06 -48.58
C GLY D 262 32.45 -39.88 -48.20
N HIS D 263 33.71 -39.88 -48.62
CA HIS D 263 34.60 -38.78 -48.32
C HIS D 263 34.58 -37.70 -49.39
N ASN D 264 33.71 -37.81 -50.39
CA ASN D 264 33.52 -36.77 -51.38
C ASN D 264 32.66 -35.65 -50.79
N SER D 265 33.06 -34.41 -51.06
CA SER D 265 32.40 -33.26 -50.44
C SER D 265 30.93 -33.18 -50.80
N ASN D 266 30.58 -33.53 -52.04
CA ASN D 266 29.16 -33.51 -52.42
C ASN D 266 28.38 -34.56 -51.66
N ALA D 267 28.95 -35.77 -51.52
CA ALA D 267 28.30 -36.80 -50.72
C ALA D 267 28.13 -36.36 -49.27
N LEU D 268 29.18 -35.78 -48.68
CA LEU D 268 29.09 -35.32 -47.31
C LEU D 268 28.00 -34.27 -47.14
N SER D 269 27.91 -33.35 -48.11
CA SER D 269 26.90 -32.30 -48.04
C SER D 269 25.49 -32.87 -48.00
N TRP D 270 25.23 -33.89 -48.82
CA TRP D 270 23.89 -34.48 -48.83
C TRP D 270 23.62 -35.27 -47.55
N MET D 271 24.64 -35.93 -46.99
CA MET D 271 24.44 -36.59 -45.70
C MET D 271 24.01 -35.60 -44.65
N SER D 272 24.69 -34.44 -44.59
CA SER D 272 24.31 -33.40 -43.64
C SER D 272 22.90 -32.88 -43.93
N LYS D 273 22.59 -32.63 -45.21
CA LYS D 273 21.28 -32.10 -45.55
C LYS D 273 20.18 -33.08 -45.17
N ILE D 274 20.35 -34.36 -45.50
CA ILE D 274 19.32 -35.34 -45.18
C ILE D 274 19.18 -35.51 -43.67
N LYS D 275 20.31 -35.60 -42.96
CA LYS D 275 20.27 -35.73 -41.52
C LYS D 275 19.48 -34.60 -40.88
N SER D 276 19.72 -33.36 -41.31
CA SER D 276 19.07 -32.22 -40.70
C SER D 276 17.60 -32.11 -41.08
N SER D 277 17.14 -32.86 -42.09
CA SER D 277 15.77 -32.76 -42.56
C SER D 277 14.85 -33.80 -41.95
N VAL D 278 15.37 -34.74 -41.16
CA VAL D 278 14.57 -35.77 -40.51
C VAL D 278 14.97 -35.85 -39.05
N GLY D 279 14.12 -36.53 -38.28
CA GLY D 279 14.36 -36.76 -36.88
C GLY D 279 14.89 -38.13 -36.52
N ILE D 280 15.05 -39.01 -37.51
CA ILE D 280 15.48 -40.36 -37.27
C ILE D 280 16.97 -40.47 -37.56
N ASP D 281 17.56 -41.60 -37.14
CA ASP D 281 18.99 -41.80 -37.35
C ASP D 281 19.31 -41.89 -38.84
N VAL D 282 20.47 -41.36 -39.21
CA VAL D 282 20.96 -41.39 -40.58
C VAL D 282 22.35 -42.00 -40.58
N VAL D 283 22.53 -43.08 -41.31
CA VAL D 283 23.83 -43.73 -41.48
C VAL D 283 24.44 -43.22 -42.77
N GLY D 284 25.75 -42.99 -42.75
CA GLY D 284 26.46 -42.53 -43.93
C GLY D 284 27.58 -43.47 -44.33
N GLY D 285 27.88 -43.50 -45.62
CA GLY D 285 29.00 -44.27 -46.12
C GLY D 285 29.19 -44.00 -47.60
N ASN D 286 30.19 -44.66 -48.19
CA ASN D 286 31.11 -45.57 -47.52
C ASN D 286 32.50 -44.95 -47.38
N VAL D 287 33.21 -45.29 -46.31
CA VAL D 287 34.57 -44.83 -46.09
C VAL D 287 35.45 -46.01 -45.70
N ALA D 288 36.77 -45.77 -45.69
CA ALA D 288 37.72 -46.84 -45.38
C ALA D 288 38.97 -46.29 -44.73
N THR D 289 38.93 -45.08 -44.18
CA THR D 289 40.07 -44.46 -43.53
C THR D 289 39.59 -43.78 -42.26
N ARG D 290 40.54 -43.43 -41.39
CA ARG D 290 40.18 -42.70 -40.19
C ARG D 290 39.64 -41.31 -40.54
N ASP D 291 40.32 -40.60 -41.42
CA ASP D 291 39.89 -39.24 -41.75
C ASP D 291 38.55 -39.26 -42.49
N GLY D 292 38.30 -40.30 -43.28
CA GLY D 292 36.99 -40.43 -43.90
C GLY D 292 35.89 -40.64 -42.88
N ALA D 293 36.12 -41.52 -41.91
CA ALA D 293 35.15 -41.72 -40.85
C ALA D 293 34.91 -40.43 -40.07
N GLN D 294 35.99 -39.70 -39.78
CA GLN D 294 35.84 -38.44 -39.05
C GLN D 294 35.02 -37.44 -39.86
N ALA D 295 35.20 -37.43 -41.18
CA ALA D 295 34.41 -36.52 -42.02
C ALA D 295 32.93 -36.87 -41.95
N LEU D 296 32.59 -38.16 -41.96
CA LEU D 296 31.20 -38.57 -41.82
C LEU D 296 30.65 -38.13 -40.46
N ILE D 297 31.43 -38.35 -39.39
CA ILE D 297 31.00 -37.94 -38.06
C ILE D 297 30.81 -36.44 -38.01
N ASP D 298 31.75 -35.68 -38.60
CA ASP D 298 31.61 -34.23 -38.62
C ASP D 298 30.40 -33.79 -39.42
N ALA D 299 29.98 -34.59 -40.40
CA ALA D 299 28.76 -34.28 -41.16
C ALA D 299 27.50 -34.56 -40.37
N GLY D 300 27.60 -35.28 -39.26
CA GLY D 300 26.49 -35.46 -38.34
C GLY D 300 25.82 -36.81 -38.37
N VAL D 301 26.41 -37.81 -39.03
CA VAL D 301 25.72 -39.10 -39.13
C VAL D 301 25.73 -39.82 -37.79
N ASP D 302 24.76 -40.72 -37.62
CA ASP D 302 24.60 -41.50 -36.41
C ASP D 302 25.23 -42.89 -36.51
N GLY D 303 25.72 -43.24 -37.68
CA GLY D 303 26.45 -44.47 -37.89
C GLY D 303 27.21 -44.33 -39.19
N ILE D 304 28.28 -45.10 -39.31
CA ILE D 304 29.10 -45.07 -40.51
C ILE D 304 29.18 -46.47 -41.10
N LYS D 305 29.28 -46.53 -42.42
CA LYS D 305 29.43 -47.77 -43.15
C LYS D 305 30.81 -47.79 -43.79
N VAL D 306 31.54 -48.88 -43.60
CA VAL D 306 32.95 -48.97 -43.96
C VAL D 306 33.12 -50.02 -45.03
N GLY D 307 33.76 -49.63 -46.14
CA GLY D 307 34.03 -50.54 -47.23
C GLY D 307 34.18 -49.83 -48.55
N VAL D 308 35.42 -49.69 -49.01
CA VAL D 308 35.74 -49.15 -50.33
C VAL D 308 36.73 -50.10 -50.96
N GLY D 309 36.32 -50.77 -52.03
CA GLY D 309 37.14 -51.76 -52.69
C GLY D 309 37.69 -52.81 -51.75
N PRO D 310 36.82 -53.40 -50.92
CA PRO D 310 37.32 -54.38 -49.94
C PRO D 310 37.69 -55.72 -50.56
N GLY D 311 37.08 -56.08 -51.69
CA GLY D 311 37.24 -57.41 -52.25
C GLY D 311 38.40 -57.51 -53.23
N SER D 312 39.11 -58.62 -53.17
CA SER D 312 40.18 -58.89 -54.10
C SER D 312 39.67 -58.81 -55.54
N ILE D 313 40.36 -58.05 -56.37
CA ILE D 313 40.02 -57.87 -57.78
C ILE D 313 38.54 -57.57 -57.93
N CYS D 314 38.04 -56.62 -57.14
CA CYS D 314 36.70 -56.08 -57.34
C CYS D 314 36.79 -54.86 -58.26
N THR D 315 35.64 -54.25 -58.53
CA THR D 315 35.53 -53.28 -59.62
C THR D 315 36.37 -52.03 -59.35
N THR D 316 36.22 -51.40 -58.18
CA THR D 316 36.94 -50.16 -57.95
C THR D 316 38.45 -50.40 -57.95
N ARG D 317 38.87 -51.60 -57.56
CA ARG D 317 40.30 -51.93 -57.60
C ARG D 317 40.79 -52.07 -59.04
N VAL D 318 40.04 -52.79 -59.87
CA VAL D 318 40.50 -53.07 -61.23
C VAL D 318 40.37 -51.83 -62.10
N VAL D 319 39.24 -51.13 -62.01
CA VAL D 319 39.00 -49.97 -62.87
C VAL D 319 39.84 -48.79 -62.41
N ALA D 320 39.86 -48.54 -61.10
CA ALA D 320 40.43 -47.30 -60.57
C ALA D 320 41.63 -47.50 -59.68
N GLY D 321 42.01 -48.74 -59.36
CA GLY D 321 43.13 -48.95 -58.48
C GLY D 321 42.88 -48.51 -57.06
N ILE D 322 41.62 -48.35 -56.69
CA ILE D 322 41.23 -47.83 -55.38
C ILE D 322 40.74 -48.97 -54.51
N GLY D 323 41.20 -49.00 -53.27
CA GLY D 323 40.68 -49.97 -52.32
C GLY D 323 41.42 -50.01 -51.00
N VAL D 324 40.77 -50.59 -49.99
CA VAL D 324 41.37 -50.76 -48.67
C VAL D 324 41.04 -52.16 -48.16
N PRO D 325 42.03 -52.99 -47.84
CA PRO D 325 41.72 -54.26 -47.17
C PRO D 325 40.86 -54.03 -45.94
N GLN D 326 39.86 -54.89 -45.75
CA GLN D 326 38.73 -54.51 -44.91
C GLN D 326 39.07 -54.50 -43.43
N VAL D 327 39.97 -55.36 -42.96
CA VAL D 327 40.32 -55.32 -41.55
C VAL D 327 40.98 -53.99 -41.23
N THR D 328 41.92 -53.56 -42.08
CA THR D 328 42.53 -52.25 -41.93
C THR D 328 41.50 -51.14 -42.03
N ALA D 329 40.58 -51.24 -43.00
CA ALA D 329 39.56 -50.22 -43.16
C ALA D 329 38.72 -50.08 -41.90
N ILE D 330 38.26 -51.21 -41.35
CA ILE D 330 37.43 -51.17 -40.15
C ILE D 330 38.23 -50.58 -38.99
N TYR D 331 39.47 -51.06 -38.80
CA TYR D 331 40.27 -50.59 -37.68
C TYR D 331 40.52 -49.09 -37.76
N GLU D 332 40.94 -48.61 -38.94
CA GLU D 332 41.26 -47.19 -39.07
C GLU D 332 40.02 -46.33 -38.84
N ALA D 333 38.89 -46.72 -39.46
CA ALA D 333 37.66 -45.97 -39.25
C ALA D 333 37.23 -46.01 -37.80
N SER D 334 37.45 -47.15 -37.14
CA SER D 334 37.04 -47.25 -35.75
C SER D 334 37.84 -46.32 -34.85
N LEU D 335 39.06 -45.93 -35.24
CA LEU D 335 39.81 -44.99 -34.43
C LEU D 335 38.99 -43.73 -34.22
N ALA D 336 38.27 -43.26 -35.25
CA ALA D 336 37.42 -42.04 -35.19
C ALA D 336 36.04 -42.44 -34.64
N ALA D 337 35.48 -43.58 -35.07
CA ALA D 337 34.12 -44.02 -34.68
C ALA D 337 34.06 -44.29 -33.17
N ARG D 338 35.03 -45.02 -32.59
CA ARG D 338 35.02 -45.39 -31.14
C ARG D 338 35.16 -44.14 -30.27
N ALA D 339 35.94 -43.14 -30.70
CA ALA D 339 36.19 -41.90 -29.92
C ALA D 339 34.93 -41.02 -29.92
N ALA D 340 34.07 -41.14 -30.94
CA ALA D 340 32.84 -40.30 -31.09
C ALA D 340 31.60 -41.07 -30.62
N GLY D 341 31.71 -42.35 -30.23
CA GLY D 341 30.54 -43.14 -29.86
C GLY D 341 29.60 -43.46 -30.99
N VAL D 342 30.10 -43.49 -32.22
CA VAL D 342 29.27 -43.67 -33.42
C VAL D 342 29.44 -45.10 -33.89
N PRO D 343 28.38 -45.90 -34.01
CA PRO D 343 28.54 -47.29 -34.45
C PRO D 343 29.06 -47.39 -35.87
N LEU D 344 29.74 -48.51 -36.14
CA LEU D 344 30.45 -48.76 -37.39
C LEU D 344 29.92 -50.05 -38.03
N ILE D 345 29.45 -49.95 -39.27
CA ILE D 345 28.95 -51.09 -40.02
C ILE D 345 30.03 -51.57 -40.98
N GLY D 346 30.45 -52.82 -40.84
CA GLY D 346 31.36 -53.43 -41.78
C GLY D 346 30.62 -53.91 -43.02
N ASP D 347 30.97 -53.35 -44.17
CA ASP D 347 30.24 -53.59 -45.43
C ASP D 347 31.20 -54.05 -46.52
N GLY D 348 31.39 -55.35 -46.62
CA GLY D 348 32.09 -55.94 -47.75
C GLY D 348 33.27 -56.81 -47.37
N GLY D 349 33.68 -57.67 -48.28
CA GLY D 349 34.85 -58.48 -48.09
C GLY D 349 34.63 -59.78 -47.35
N LEU D 350 33.41 -60.08 -46.93
CA LEU D 350 33.17 -61.29 -46.15
C LEU D 350 33.40 -62.53 -47.01
N GLN D 351 34.00 -63.56 -46.39
CA GLN D 351 34.29 -64.81 -47.09
C GLN D 351 34.03 -66.05 -46.25
N TYR D 352 33.82 -65.92 -44.94
CA TYR D 352 33.57 -67.04 -44.04
C TYR D 352 32.75 -66.49 -42.88
N SER D 353 32.02 -67.37 -42.20
CA SER D 353 31.28 -66.92 -41.03
C SER D 353 32.24 -66.41 -39.96
N GLY D 354 33.47 -66.94 -39.94
CA GLY D 354 34.48 -66.50 -39.00
C GLY D 354 34.93 -65.07 -39.21
N ASP D 355 34.67 -64.51 -40.38
CA ASP D 355 35.06 -63.12 -40.63
C ASP D 355 34.20 -62.15 -39.86
N ILE D 356 33.01 -62.58 -39.41
CA ILE D 356 32.16 -61.70 -38.62
C ILE D 356 32.83 -61.34 -37.30
N GLY D 357 33.32 -62.36 -36.59
CA GLY D 357 34.04 -62.10 -35.36
C GLY D 357 35.29 -61.26 -35.58
N LYS D 358 35.97 -61.50 -36.70
CA LYS D 358 37.15 -60.69 -37.03
C LYS D 358 36.76 -59.23 -37.19
N ALA D 359 35.66 -58.95 -37.88
CA ALA D 359 35.22 -57.57 -38.08
C ALA D 359 34.91 -56.90 -36.75
N LEU D 360 34.18 -57.59 -35.87
CA LEU D 360 33.82 -57.01 -34.58
C LEU D 360 35.06 -56.77 -33.71
N ALA D 361 35.98 -57.73 -33.66
CA ALA D 361 37.20 -57.52 -32.89
C ALA D 361 38.05 -56.41 -33.50
N ALA D 362 37.94 -56.20 -34.81
CA ALA D 362 38.69 -55.14 -35.47
C ALA D 362 38.09 -53.77 -35.22
N GLY D 363 36.85 -53.69 -34.74
CA GLY D 363 36.28 -52.41 -34.36
C GLY D 363 34.87 -52.17 -34.86
N ALA D 364 34.30 -53.12 -35.61
CA ALA D 364 32.95 -52.94 -36.10
C ALA D 364 31.93 -53.28 -35.02
N ASP D 365 30.76 -52.66 -35.13
CA ASP D 365 29.63 -52.99 -34.27
C ASP D 365 28.66 -53.97 -34.90
N THR D 366 28.51 -53.91 -36.23
CA THR D 366 27.67 -54.83 -36.96
C THR D 366 28.31 -55.07 -38.31
N VAL D 367 27.77 -56.05 -39.04
CA VAL D 367 28.28 -56.42 -40.35
C VAL D 367 27.11 -56.53 -41.32
N MET D 368 27.27 -55.96 -42.50
CA MET D 368 26.23 -55.99 -43.54
C MET D 368 26.46 -57.15 -44.49
N LEU D 369 25.40 -57.92 -44.74
CA LEU D 369 25.46 -59.08 -45.62
C LEU D 369 24.85 -58.71 -46.97
N GLY D 370 25.55 -59.10 -48.03
CA GLY D 370 25.11 -58.74 -49.37
C GLY D 370 24.75 -59.91 -50.24
N SER D 371 25.54 -60.12 -51.30
CA SER D 371 25.18 -61.11 -52.31
C SER D 371 24.97 -62.49 -51.70
N LEU D 372 25.62 -62.79 -50.57
CA LEU D 372 25.39 -64.01 -49.82
C LEU D 372 23.89 -64.33 -49.76
N LEU D 373 23.07 -63.30 -49.52
CA LEU D 373 21.65 -63.48 -49.25
C LEU D 373 20.80 -63.47 -50.50
N ALA D 374 21.38 -63.17 -51.66
CA ALA D 374 20.56 -63.01 -52.86
C ALA D 374 19.85 -64.31 -53.24
N GLY D 375 20.41 -65.45 -52.88
CA GLY D 375 19.80 -66.73 -53.21
C GLY D 375 18.78 -67.23 -52.23
N CYS D 376 18.53 -66.50 -51.14
CA CYS D 376 17.61 -66.96 -50.11
C CYS D 376 16.16 -66.82 -50.57
N GLU D 377 15.30 -67.67 -49.99
CA GLU D 377 13.89 -67.67 -50.35
C GLU D 377 13.27 -66.28 -50.21
N GLU D 378 13.66 -65.54 -49.19
CA GLU D 378 13.05 -64.25 -48.90
C GLU D 378 13.58 -63.12 -49.77
N SER D 379 14.57 -63.38 -50.63
CA SER D 379 15.06 -62.34 -51.53
C SER D 379 14.00 -62.03 -52.59
N PRO D 380 14.10 -60.85 -53.22
CA PRO D 380 13.02 -60.43 -54.13
C PRO D 380 12.84 -61.32 -55.36
N GLY D 381 13.86 -62.02 -55.79
CA GLY D 381 13.78 -62.75 -57.05
C GLY D 381 12.69 -63.80 -57.04
N GLU D 382 12.35 -64.26 -58.25
CA GLU D 382 11.36 -65.31 -58.43
C GLU D 382 12.06 -66.66 -58.42
N LEU D 383 11.52 -67.61 -57.67
CA LEU D 383 12.08 -68.96 -57.64
C LEU D 383 11.76 -69.67 -58.95
N GLN D 384 12.79 -70.11 -59.66
CA GLN D 384 12.63 -70.77 -60.94
C GLN D 384 13.35 -72.11 -60.92
N PHE D 385 12.86 -73.03 -61.77
CA PHE D 385 13.37 -74.39 -61.84
C PHE D 385 13.96 -74.62 -63.23
N ILE D 386 15.25 -74.93 -63.27
CA ILE D 386 15.92 -75.31 -64.51
C ILE D 386 16.87 -76.46 -64.20
N ASN D 387 16.33 -77.68 -64.05
CA ASN D 387 17.09 -78.82 -63.56
C ASN D 387 17.36 -78.66 -62.06
N GLY D 388 17.80 -77.47 -61.65
CA GLY D 388 17.92 -77.11 -60.25
C GLY D 388 17.14 -75.84 -59.95
N LYS D 389 17.27 -75.38 -58.70
CA LYS D 389 16.53 -74.22 -58.24
C LYS D 389 17.40 -72.97 -58.27
N GLN D 390 16.81 -71.88 -58.75
CA GLN D 390 17.50 -70.61 -58.89
C GLN D 390 16.53 -69.49 -58.54
N PHE D 391 17.07 -68.31 -58.25
CA PHE D 391 16.28 -67.10 -58.07
C PHE D 391 16.47 -66.22 -59.30
N LYS D 392 15.36 -65.74 -59.85
CA LYS D 392 15.39 -64.98 -61.10
C LYS D 392 14.76 -63.60 -60.96
N VAL D 437 20.93 -66.65 -59.89
CA VAL D 437 21.50 -66.91 -58.58
C VAL D 437 20.98 -68.22 -58.02
N PRO D 438 21.88 -69.08 -57.55
CA PRO D 438 21.43 -70.38 -57.01
C PRO D 438 20.61 -70.20 -55.73
N TYR D 439 19.56 -71.00 -55.62
CA TYR D 439 18.67 -70.93 -54.46
C TYR D 439 19.34 -71.52 -53.24
N ARG D 440 19.32 -70.77 -52.13
CA ARG D 440 19.98 -71.16 -50.90
C ARG D 440 19.02 -71.67 -49.83
N GLY D 441 17.71 -71.48 -50.01
CA GLY D 441 16.75 -71.84 -48.99
C GLY D 441 16.43 -70.68 -48.07
N PRO D 442 15.74 -70.98 -46.97
CA PRO D 442 15.28 -69.90 -46.08
C PRO D 442 16.46 -69.14 -45.48
N LEU D 443 16.28 -67.83 -45.32
CA LEU D 443 17.29 -67.00 -44.66
C LEU D 443 17.70 -67.58 -43.31
N ALA D 444 16.75 -68.17 -42.58
CA ALA D 444 17.03 -68.64 -41.23
C ALA D 444 18.23 -69.58 -41.20
N ASN D 445 18.40 -70.40 -42.23
CA ASN D 445 19.52 -71.34 -42.21
C ASN D 445 20.85 -70.64 -42.34
N VAL D 446 20.93 -69.61 -43.19
CA VAL D 446 22.17 -68.85 -43.34
C VAL D 446 22.52 -68.16 -42.03
N LEU D 447 21.54 -67.48 -41.43
CA LEU D 447 21.81 -66.73 -40.20
C LEU D 447 22.14 -67.65 -39.03
N HIS D 448 21.46 -68.79 -38.95
CA HIS D 448 21.76 -69.73 -37.86
C HIS D 448 23.23 -70.15 -37.93
N GLN D 449 23.73 -70.41 -39.13
CA GLN D 449 25.13 -70.78 -39.28
C GLN D 449 26.05 -69.61 -38.98
N LEU D 450 25.70 -68.40 -39.44
CA LEU D 450 26.55 -67.24 -39.20
C LEU D 450 26.57 -66.87 -37.72
N VAL D 451 25.40 -66.82 -37.09
CA VAL D 451 25.35 -66.46 -35.67
C VAL D 451 25.96 -67.57 -34.83
N GLY D 452 25.74 -68.84 -35.21
CA GLY D 452 26.41 -69.92 -34.52
C GLY D 452 27.91 -69.79 -34.57
N GLY D 453 28.46 -69.43 -35.72
CA GLY D 453 29.88 -69.19 -35.83
C GLY D 453 30.36 -68.07 -34.93
N LEU D 454 29.62 -66.95 -34.92
CA LEU D 454 30.02 -65.83 -34.08
C LEU D 454 30.03 -66.23 -32.61
N ARG D 455 29.03 -66.99 -32.18
CA ARG D 455 28.98 -67.42 -30.78
C ARG D 455 30.20 -68.28 -30.44
N GLN D 456 30.63 -69.12 -31.39
CA GLN D 456 31.86 -69.88 -31.20
C GLN D 456 33.05 -68.95 -31.00
N THR D 457 33.17 -67.94 -31.86
CA THR D 457 34.26 -66.98 -31.72
C THR D 457 34.25 -66.33 -30.34
N MET D 458 33.09 -65.85 -29.90
CA MET D 458 33.01 -65.13 -28.63
C MET D 458 33.36 -66.05 -27.46
N GLY D 459 32.90 -67.30 -27.50
CA GLY D 459 33.30 -68.26 -26.50
C GLY D 459 34.80 -68.49 -26.47
N TYR D 460 35.43 -68.57 -27.64
CA TYR D 460 36.87 -68.82 -27.70
C TYR D 460 37.66 -67.65 -27.15
N VAL D 461 37.23 -66.42 -27.44
CA VAL D 461 37.96 -65.24 -26.99
C VAL D 461 37.56 -64.84 -25.57
N GLY D 462 36.44 -65.35 -25.08
CA GLY D 462 35.97 -65.00 -23.75
C GLY D 462 35.10 -63.77 -23.70
N ALA D 463 34.55 -63.33 -24.83
CA ALA D 463 33.73 -62.12 -24.87
C ALA D 463 32.29 -62.50 -24.56
N ALA D 464 31.78 -61.99 -23.44
CA ALA D 464 30.39 -62.22 -23.07
C ALA D 464 29.43 -61.29 -23.80
N THR D 465 29.94 -60.19 -24.35
CA THR D 465 29.14 -59.23 -25.09
C THR D 465 29.94 -58.78 -26.30
N ILE D 466 29.25 -58.18 -27.26
CA ILE D 466 29.96 -57.66 -28.44
C ILE D 466 30.99 -56.62 -28.04
N GLU D 467 30.63 -55.76 -27.07
CA GLU D 467 31.53 -54.70 -26.63
C GLU D 467 32.86 -55.22 -26.11
N GLU D 468 32.93 -56.47 -25.65
CA GLU D 468 34.19 -57.04 -25.18
C GLU D 468 35.07 -57.54 -26.32
N MET D 469 34.53 -57.62 -27.54
CA MET D 469 35.27 -58.22 -28.64
C MET D 469 36.53 -57.42 -28.98
N GLU D 470 36.43 -56.09 -29.00
CA GLU D 470 37.56 -55.29 -29.44
C GLU D 470 38.75 -55.46 -28.50
N SER D 471 38.49 -55.53 -27.20
CA SER D 471 39.59 -55.64 -26.24
C SER D 471 40.07 -57.07 -26.08
N LYS D 472 39.15 -58.04 -26.04
CA LYS D 472 39.53 -59.42 -25.78
C LYS D 472 39.95 -60.17 -27.04
N GLY D 473 39.50 -59.75 -28.21
CA GLY D 473 39.93 -60.41 -29.42
C GLY D 473 41.35 -60.02 -29.77
N ARG D 474 42.27 -60.97 -29.66
CA ARG D 474 43.66 -60.74 -30.02
C ARG D 474 43.91 -61.32 -31.40
N PHE D 475 44.62 -60.57 -32.23
CA PHE D 475 44.87 -60.96 -33.60
C PHE D 475 46.29 -61.49 -33.77
N VAL D 476 46.45 -62.38 -34.74
CA VAL D 476 47.75 -62.72 -35.28
C VAL D 476 47.65 -62.69 -36.80
N ARG D 477 48.68 -62.17 -37.46
CA ARG D 477 48.75 -62.22 -38.91
C ARG D 477 49.30 -63.59 -39.33
N ILE D 478 48.91 -64.03 -40.52
CA ILE D 478 49.42 -65.28 -41.07
C ILE D 478 49.95 -65.03 -42.47
N THR D 479 50.87 -65.91 -42.89
CA THR D 479 51.43 -65.86 -44.22
C THR D 479 50.54 -66.63 -45.18
N SER D 480 50.89 -66.58 -46.48
CA SER D 480 50.15 -67.36 -47.46
C SER D 480 50.30 -68.85 -47.23
N ALA D 481 51.33 -69.28 -46.50
CA ALA D 481 51.51 -70.68 -46.16
C ALA D 481 50.37 -71.17 -45.27
N GLY E 10 4.69 -19.08 -32.40
CA GLY E 10 5.55 -18.49 -33.41
C GLY E 10 7.01 -18.86 -33.27
N VAL E 11 7.27 -20.02 -32.68
CA VAL E 11 8.62 -20.46 -32.43
C VAL E 11 8.83 -21.80 -33.17
N PRO E 12 10.09 -22.13 -33.46
CA PRO E 12 10.36 -23.45 -34.03
C PRO E 12 9.95 -24.50 -33.01
N GLU E 13 9.61 -25.68 -33.51
CA GLU E 13 9.21 -26.71 -32.57
C GLU E 13 10.31 -27.08 -31.58
N LYS E 14 11.58 -26.93 -31.95
CA LYS E 14 12.60 -27.22 -30.95
C LYS E 14 12.28 -26.49 -29.65
N PHE E 15 11.59 -25.34 -29.75
CA PHE E 15 11.33 -24.51 -28.58
C PHE E 15 9.84 -24.38 -28.25
N ALA E 16 9.01 -25.33 -28.69
CA ALA E 16 7.57 -25.17 -28.56
C ALA E 16 7.10 -25.18 -27.11
N THR E 17 7.77 -25.93 -26.24
CA THR E 17 7.25 -26.14 -24.90
C THR E 17 7.45 -24.90 -24.03
N LEU E 18 6.39 -24.50 -23.33
CA LEU E 18 6.43 -23.41 -22.36
C LEU E 18 6.38 -24.01 -20.97
N GLY E 19 7.37 -23.69 -20.15
CA GLY E 19 7.39 -24.15 -18.78
C GLY E 19 6.77 -23.12 -17.84
N LEU E 20 6.01 -23.62 -16.88
CA LEU E 20 5.25 -22.77 -15.97
C LEU E 20 5.74 -22.95 -14.54
N THR E 21 5.94 -21.84 -13.84
CA THR E 21 6.24 -21.84 -12.42
C THR E 21 4.97 -21.52 -11.63
N TYR E 22 5.08 -21.56 -10.31
CA TYR E 22 3.93 -21.27 -9.44
C TYR E 22 3.35 -19.90 -9.74
N ASP E 23 4.23 -18.89 -9.90
CA ASP E 23 3.76 -17.54 -10.16
C ASP E 23 3.05 -17.40 -11.50
N ASP E 24 3.20 -18.37 -12.39
CA ASP E 24 2.57 -18.28 -13.71
C ASP E 24 1.09 -18.65 -13.70
N VAL E 25 0.58 -19.25 -12.62
CA VAL E 25 -0.75 -19.83 -12.64
C VAL E 25 -1.50 -19.48 -11.36
N LEU E 26 -2.82 -19.61 -11.45
CA LEU E 26 -3.72 -19.47 -10.31
C LEU E 26 -4.73 -20.60 -10.38
N LEU E 27 -5.30 -20.95 -9.22
CA LEU E 27 -6.39 -21.90 -9.14
C LEU E 27 -7.72 -21.15 -9.13
N LEU E 28 -8.70 -21.68 -9.85
CA LEU E 28 -10.01 -21.07 -9.89
C LEU E 28 -10.87 -21.53 -8.72
N PRO E 29 -11.75 -20.66 -8.22
CA PRO E 29 -12.79 -21.14 -7.31
C PRO E 29 -13.74 -22.08 -8.06
N GLY E 30 -14.22 -23.12 -7.35
CA GLY E 30 -15.12 -24.08 -7.93
C GLY E 30 -16.29 -24.38 -7.01
N ALA E 31 -17.24 -25.16 -7.53
CA ALA E 31 -18.35 -25.62 -6.71
C ALA E 31 -17.82 -26.36 -5.48
N SER E 32 -18.29 -25.96 -4.31
CA SER E 32 -17.77 -26.51 -3.07
C SER E 32 -18.89 -26.73 -2.06
N ALA E 33 -18.84 -27.89 -1.41
CA ALA E 33 -19.74 -28.22 -0.32
C ALA E 33 -18.99 -28.41 1.00
N VAL E 34 -17.73 -27.99 1.08
CA VAL E 34 -16.87 -28.27 2.22
C VAL E 34 -16.15 -26.99 2.63
N LEU E 35 -16.12 -26.73 3.92
CA LEU E 35 -15.47 -25.54 4.45
C LEU E 35 -14.01 -25.84 4.79
N PRO E 36 -13.16 -24.80 4.80
CA PRO E 36 -11.74 -25.03 5.13
C PRO E 36 -11.51 -25.83 6.40
N ASN E 37 -12.29 -25.59 7.45
CA ASN E 37 -12.05 -26.28 8.71
C ASN E 37 -12.47 -27.74 8.70
N ALA E 38 -13.08 -28.23 7.62
CA ALA E 38 -13.57 -29.59 7.55
C ALA E 38 -12.84 -30.47 6.54
N VAL E 39 -11.92 -29.91 5.75
CA VAL E 39 -11.22 -30.74 4.76
C VAL E 39 -10.20 -31.64 5.45
N ASP E 40 -9.82 -32.71 4.76
CA ASP E 40 -8.84 -33.68 5.23
C ASP E 40 -7.53 -33.44 4.49
N THR E 41 -6.45 -33.19 5.24
CA THR E 41 -5.17 -32.82 4.64
C THR E 41 -4.15 -33.96 4.63
N SER E 42 -4.58 -35.20 4.87
CA SER E 42 -3.65 -36.32 4.88
C SER E 42 -3.26 -36.70 3.44
N SER E 43 -2.06 -37.26 3.31
CA SER E 43 -1.52 -37.64 2.01
C SER E 43 -0.45 -38.69 2.24
N ARG E 44 0.15 -39.16 1.15
CA ARG E 44 1.17 -40.20 1.19
C ARG E 44 2.53 -39.61 0.86
N ILE E 45 3.53 -39.93 1.69
CA ILE E 45 4.92 -39.65 1.35
C ILE E 45 5.39 -40.61 0.27
N SER E 46 5.08 -41.89 0.44
CA SER E 46 5.45 -42.96 -0.46
C SER E 46 4.34 -44.00 -0.40
N ARG E 47 4.51 -45.11 -1.13
CA ARG E 47 3.45 -46.10 -1.22
C ARG E 47 2.89 -46.46 0.16
N ASN E 48 3.75 -46.61 1.17
CA ASN E 48 3.34 -47.14 2.46
C ASN E 48 3.59 -46.19 3.62
N VAL E 49 3.82 -44.91 3.37
CA VAL E 49 4.04 -43.94 4.43
C VAL E 49 3.05 -42.80 4.25
N ARG E 50 2.28 -42.51 5.29
CA ARG E 50 1.22 -41.51 5.26
C ARG E 50 1.50 -40.42 6.29
N VAL E 51 1.10 -39.19 5.95
CA VAL E 51 1.22 -38.04 6.84
C VAL E 51 -0.15 -37.37 6.94
N ASN E 52 -0.30 -36.53 7.96
CA ASN E 52 -1.57 -35.85 8.22
C ASN E 52 -1.60 -34.42 7.68
N ILE E 53 -0.46 -33.80 7.42
CA ILE E 53 -0.37 -32.61 6.59
C ILE E 53 0.64 -32.92 5.50
N PRO E 54 0.49 -32.41 4.28
CA PRO E 54 1.26 -32.86 3.13
C PRO E 54 2.64 -32.18 3.02
N LEU E 55 3.41 -32.18 4.09
CA LEU E 55 4.63 -31.39 4.16
C LEU E 55 5.79 -32.18 4.76
N LEU E 56 6.97 -32.01 4.16
CA LEU E 56 8.21 -32.57 4.67
C LEU E 56 9.22 -31.44 4.91
N SER E 57 10.16 -31.66 5.82
CA SER E 57 11.32 -30.79 5.98
C SER E 57 12.50 -31.41 5.24
N ALA E 58 13.26 -30.57 4.54
CA ALA E 58 14.26 -31.05 3.61
C ALA E 58 15.48 -31.63 4.33
N ALA E 59 16.19 -32.52 3.64
CA ALA E 59 17.41 -33.13 4.15
C ALA E 59 18.61 -32.21 3.94
N MET E 60 18.52 -31.02 4.53
CA MET E 60 19.60 -30.04 4.52
C MET E 60 20.17 -29.92 5.92
N ASP E 61 21.50 -29.79 6.01
CA ASP E 61 22.13 -29.78 7.33
C ASP E 61 21.82 -28.50 8.10
N LYS E 62 21.27 -27.48 7.44
CA LYS E 62 20.79 -26.29 8.13
C LYS E 62 19.32 -26.39 8.50
N VAL E 63 18.66 -27.51 8.21
CA VAL E 63 17.23 -27.60 8.41
C VAL E 63 16.84 -28.74 9.35
N THR E 64 17.15 -29.98 8.97
CA THR E 64 16.57 -31.14 9.66
C THR E 64 17.60 -32.02 10.37
N GLU E 65 17.68 -31.86 11.69
CA GLU E 65 18.18 -32.90 12.58
C GLU E 65 17.01 -33.30 13.47
N SER E 66 17.28 -33.98 14.59
CA SER E 66 16.20 -34.63 15.32
C SER E 66 15.15 -33.64 15.81
N ARG E 67 15.57 -32.48 16.28
CA ARG E 67 14.61 -31.53 16.82
C ARG E 67 13.62 -31.08 15.74
N MET E 68 14.11 -30.78 14.54
CA MET E 68 13.22 -30.42 13.44
C MET E 68 12.32 -31.60 13.07
N ALA E 69 12.91 -32.80 12.97
CA ALA E 69 12.12 -33.96 12.58
C ALA E 69 11.04 -34.25 13.60
N ILE E 70 11.35 -34.09 14.89
CA ILE E 70 10.38 -34.34 15.94
C ILE E 70 9.21 -33.37 15.81
N SER E 71 9.51 -32.08 15.63
CA SER E 71 8.44 -31.09 15.54
C SER E 71 7.60 -31.28 14.28
N MET E 72 8.26 -31.55 13.14
CA MET E 72 7.52 -31.82 11.91
C MET E 72 6.53 -32.96 12.12
N ALA E 73 6.98 -34.06 12.70
CA ALA E 73 6.11 -35.21 12.90
C ALA E 73 4.99 -34.89 13.88
N ARG E 74 5.28 -34.12 14.92
CA ARG E 74 4.25 -33.76 15.89
C ARG E 74 3.14 -32.94 15.23
N GLN E 75 3.51 -32.09 14.28
CA GLN E 75 2.52 -31.27 13.58
C GLN E 75 1.81 -32.05 12.49
N GLY E 76 2.19 -33.30 12.24
CA GLY E 76 1.52 -34.13 11.27
C GLY E 76 2.28 -34.33 9.98
N GLY E 77 3.42 -33.67 9.82
CA GLY E 77 4.29 -33.89 8.69
C GLY E 77 5.39 -34.87 9.02
N VAL E 78 6.55 -34.71 8.37
CA VAL E 78 7.69 -35.58 8.63
C VAL E 78 8.95 -34.86 8.22
N GLY E 79 10.04 -35.17 8.91
CA GLY E 79 11.36 -34.64 8.57
C GLY E 79 12.21 -35.70 7.88
N VAL E 80 13.08 -35.24 6.99
CA VAL E 80 14.08 -36.08 6.35
C VAL E 80 15.44 -35.65 6.90
N LEU E 81 16.02 -36.52 7.74
CA LEU E 81 17.29 -36.22 8.36
C LEU E 81 18.40 -36.13 7.32
N HIS E 82 19.18 -35.06 7.39
CA HIS E 82 20.27 -34.86 6.44
C HIS E 82 21.38 -35.88 6.68
N ARG E 83 22.22 -36.04 5.66
CA ARG E 83 23.24 -37.08 5.65
C ARG E 83 24.66 -36.51 5.69
N ASN E 84 24.81 -35.24 6.02
CA ASN E 84 26.15 -34.65 6.13
C ASN E 84 26.72 -34.91 7.53
N LEU E 85 26.84 -36.20 7.83
CA LEU E 85 27.40 -36.67 9.10
C LEU E 85 27.62 -38.16 8.99
N SER E 86 28.34 -38.70 9.97
CA SER E 86 28.69 -40.12 9.92
C SER E 86 27.44 -40.98 9.98
N ILE E 87 27.58 -42.23 9.53
CA ILE E 87 26.46 -43.17 9.58
C ILE E 87 25.96 -43.31 11.01
N GLU E 88 26.89 -43.44 11.97
CA GLU E 88 26.52 -43.64 13.36
C GLU E 88 25.87 -42.40 13.95
N ASP E 89 26.29 -41.20 13.52
CA ASP E 89 25.64 -39.99 14.02
C ASP E 89 24.24 -39.83 13.42
N GLN E 90 24.07 -40.19 12.15
CA GLN E 90 22.75 -40.10 11.54
C GLN E 90 21.80 -41.14 12.13
N ALA E 91 22.28 -42.36 12.37
CA ALA E 91 21.44 -43.37 13.01
C ALA E 91 21.01 -42.92 14.40
N ASN E 92 21.90 -42.23 15.11
CA ASN E 92 21.56 -41.69 16.42
C ASN E 92 20.45 -40.65 16.31
N GLN E 93 20.51 -39.81 15.27
CA GLN E 93 19.43 -38.85 15.05
C GLN E 93 18.10 -39.57 14.81
N VAL E 94 18.11 -40.65 14.03
CA VAL E 94 16.90 -41.44 13.85
C VAL E 94 16.39 -41.94 15.20
N ASP E 95 17.28 -42.52 16.01
CA ASP E 95 16.89 -43.07 17.30
C ASP E 95 16.27 -42.00 18.19
N LEU E 96 16.83 -40.78 18.17
CA LEU E 96 16.28 -39.72 19.00
C LEU E 96 14.83 -39.41 18.61
N VAL E 97 14.52 -39.49 17.32
CA VAL E 97 13.15 -39.22 16.88
C VAL E 97 12.24 -40.39 17.25
N LYS E 98 12.66 -41.61 16.93
CA LYS E 98 11.79 -42.76 17.17
C LYS E 98 11.46 -42.94 18.65
N ARG E 99 12.39 -42.61 19.53
CA ARG E 99 12.20 -42.76 20.98
C ARG E 99 11.87 -41.45 21.65
N SER E 100 11.15 -40.57 20.93
CA SER E 100 10.77 -39.26 21.46
C SER E 100 9.60 -39.36 22.44
N GLU E 101 8.46 -39.87 21.98
CA GLU E 101 7.31 -40.09 22.84
C GLU E 101 6.63 -41.37 22.37
N SER E 102 6.24 -42.19 23.34
CA SER E 102 5.71 -43.54 23.10
C SER E 102 6.73 -44.44 22.41
N GLY E 103 7.99 -44.01 22.33
CA GLY E 103 9.01 -44.79 21.65
C GLY E 103 9.82 -45.72 22.51
N MET E 104 9.67 -45.68 23.83
CA MET E 104 10.40 -46.55 24.73
C MET E 104 9.53 -47.66 25.31
N VAL E 105 8.29 -47.81 24.83
CA VAL E 105 7.40 -48.83 25.36
C VAL E 105 8.01 -50.22 25.19
N ALA E 106 8.85 -50.40 24.17
CA ALA E 106 9.50 -51.68 23.94
C ALA E 106 11.01 -51.57 23.79
N ASN E 107 11.59 -50.38 23.96
CA ASN E 107 13.04 -50.19 23.88
C ASN E 107 13.45 -49.07 24.83
N PRO E 108 13.49 -49.34 26.13
CA PRO E 108 13.78 -48.29 27.09
C PRO E 108 15.27 -48.01 27.22
N ILE E 109 15.58 -46.79 27.64
CA ILE E 109 16.94 -46.48 28.07
C ILE E 109 17.14 -47.04 29.47
N THR E 110 18.39 -47.33 29.83
CA THR E 110 18.69 -47.86 31.15
C THR E 110 20.05 -47.31 31.60
N ILE E 111 20.31 -47.42 32.90
CA ILE E 111 21.60 -47.05 33.48
C ILE E 111 21.93 -48.04 34.58
N HIS E 112 23.24 -48.28 34.78
CA HIS E 112 23.77 -49.17 35.79
C HIS E 112 23.82 -48.45 37.14
N PRO E 113 23.65 -49.18 38.25
CA PRO E 113 23.59 -48.50 39.56
C PRO E 113 24.90 -47.83 39.95
N ASP E 114 26.02 -48.20 39.34
CA ASP E 114 27.29 -47.55 39.64
C ASP E 114 27.56 -46.31 38.81
N ALA E 115 26.65 -45.95 37.90
CA ALA E 115 26.85 -44.76 37.09
C ALA E 115 26.73 -43.51 37.95
N THR E 116 27.31 -42.42 37.46
CA THR E 116 27.28 -41.15 38.17
C THR E 116 26.00 -40.41 37.83
N LEU E 117 25.64 -39.45 38.68
CA LEU E 117 24.50 -38.60 38.38
C LEU E 117 24.72 -37.83 37.08
N GLY E 118 25.97 -37.43 36.82
CA GLY E 118 26.28 -36.76 35.57
C GLY E 118 25.94 -37.61 34.36
N GLU E 119 26.28 -38.90 34.41
CA GLU E 119 25.95 -39.78 33.30
C GLU E 119 24.44 -39.92 33.15
N ALA E 120 23.71 -40.03 34.26
CA ALA E 120 22.25 -40.14 34.19
C ALA E 120 21.63 -38.88 33.61
N ASP E 121 22.08 -37.71 34.08
CA ASP E 121 21.50 -36.45 33.61
C ASP E 121 21.81 -36.23 32.13
N ALA E 122 23.00 -36.63 31.69
CA ALA E 122 23.34 -36.51 30.27
C ALA E 122 22.41 -37.36 29.42
N LEU E 123 22.08 -38.56 29.92
CA LEU E 123 21.14 -39.43 29.20
C LEU E 123 19.75 -38.81 29.16
N CYS E 124 19.32 -38.20 30.26
CA CYS E 124 18.02 -37.53 30.29
C CYS E 124 17.97 -36.38 29.29
N ALA E 125 19.05 -35.59 29.22
CA ALA E 125 19.09 -34.47 28.29
C ALA E 125 19.11 -34.95 26.85
N LYS E 126 19.80 -36.05 26.58
CA LYS E 126 19.91 -36.54 25.21
C LYS E 126 18.55 -36.94 24.66
N PHE E 127 17.77 -37.68 25.44
CA PHE E 127 16.49 -38.19 24.99
C PHE E 127 15.31 -37.33 25.43
N ARG E 128 15.57 -36.22 26.13
CA ARG E 128 14.52 -35.35 26.62
C ARG E 128 13.48 -36.14 27.39
N ILE E 129 13.98 -36.86 28.39
CA ILE E 129 13.17 -37.64 29.32
C ILE E 129 13.72 -37.37 30.70
N SER E 130 12.85 -37.39 31.70
CA SER E 130 13.19 -36.92 33.04
C SER E 130 13.54 -38.04 34.01
N GLY E 131 14.06 -39.16 33.51
CA GLY E 131 14.44 -40.24 34.39
C GLY E 131 14.95 -41.42 33.60
N VAL E 132 15.64 -42.31 34.31
CA VAL E 132 16.23 -43.50 33.71
C VAL E 132 15.96 -44.71 34.60
N PRO E 133 15.38 -45.79 34.08
CA PRO E 133 15.34 -47.04 34.86
C PRO E 133 16.76 -47.53 35.16
N VAL E 134 16.95 -48.01 36.39
CA VAL E 134 18.22 -48.56 36.84
C VAL E 134 18.14 -50.09 36.79
N THR E 135 19.08 -50.71 36.08
CA THR E 135 19.07 -52.16 35.92
C THR E 135 20.47 -52.72 36.14
N ASP E 136 20.53 -54.03 36.41
CA ASP E 136 21.81 -54.73 36.45
C ASP E 136 22.12 -55.25 35.05
N GLY E 137 23.21 -56.02 34.91
CA GLY E 137 23.66 -56.50 33.62
C GLY E 137 22.70 -57.45 32.92
N ALA E 138 21.79 -58.07 33.66
CA ALA E 138 20.82 -58.97 33.07
C ALA E 138 19.52 -58.27 32.67
N GLY E 139 19.38 -56.99 32.99
CA GLY E 139 18.16 -56.26 32.69
C GLY E 139 17.16 -56.21 33.82
N LYS E 140 17.49 -56.78 34.98
CA LYS E 140 16.56 -56.76 36.10
C LYS E 140 16.42 -55.35 36.63
N LEU E 141 15.18 -54.93 36.88
CA LEU E 141 14.92 -53.57 37.34
C LEU E 141 15.31 -53.45 38.80
N LEU E 142 16.20 -52.51 39.10
CA LEU E 142 16.65 -52.25 40.46
C LEU E 142 16.08 -50.99 41.06
N GLY E 143 15.67 -50.04 40.22
CA GLY E 143 15.16 -48.77 40.71
C GLY E 143 14.97 -47.81 39.56
N ILE E 144 14.80 -46.54 39.91
CA ILE E 144 14.62 -45.48 38.93
C ILE E 144 15.13 -44.18 39.53
N VAL E 145 15.92 -43.45 38.74
CA VAL E 145 16.45 -42.14 39.12
C VAL E 145 15.86 -41.11 38.18
N THR E 146 15.29 -40.06 38.73
CA THR E 146 14.55 -39.07 37.94
C THR E 146 15.03 -37.67 38.28
N ASN E 147 14.53 -36.70 37.51
CA ASN E 147 14.92 -35.31 37.71
C ASN E 147 14.72 -34.87 39.16
N ARG E 148 13.60 -35.25 39.78
CA ARG E 148 13.35 -34.82 41.15
C ARG E 148 14.33 -35.45 42.13
N ASP E 149 14.78 -36.68 41.84
CA ASP E 149 15.79 -37.30 42.70
C ASP E 149 17.11 -36.55 42.66
N MET E 150 17.41 -35.89 41.53
CA MET E 150 18.67 -35.19 41.34
C MET E 150 18.54 -33.68 41.54
N ALA E 151 17.34 -33.18 41.82
CA ALA E 151 17.10 -31.74 41.78
C ALA E 151 18.02 -30.99 42.73
N PHE E 152 18.23 -31.52 43.93
CA PHE E 152 18.99 -30.83 44.96
C PHE E 152 20.41 -31.36 45.11
N GLU E 153 20.85 -32.22 44.20
CA GLU E 153 22.18 -32.80 44.26
C GLU E 153 23.18 -31.87 43.59
N THR E 154 24.33 -31.67 44.23
CA THR E 154 25.39 -30.82 43.70
C THR E 154 26.59 -31.62 43.20
N ASP E 155 26.80 -32.84 43.68
CA ASP E 155 27.94 -33.65 43.30
C ASP E 155 27.53 -34.53 42.11
N ARG E 156 28.10 -34.23 40.94
CA ARG E 156 27.72 -34.97 39.74
C ARG E 156 28.41 -36.33 39.65
N SER E 157 29.37 -36.61 40.54
CA SER E 157 30.05 -37.89 40.57
C SER E 157 29.36 -38.89 41.48
N ARG E 158 28.38 -38.45 42.27
CA ARG E 158 27.67 -39.36 43.15
C ARG E 158 27.01 -40.46 42.32
N GLN E 159 26.95 -41.65 42.91
CA GLN E 159 26.44 -42.81 42.20
C GLN E 159 24.93 -42.82 42.18
N VAL E 160 24.36 -43.33 41.09
CA VAL E 160 22.91 -43.32 40.92
C VAL E 160 22.25 -44.07 42.06
N ARG E 161 22.84 -45.18 42.49
CA ARG E 161 22.20 -46.00 43.52
C ARG E 161 21.94 -45.23 44.81
N GLU E 162 22.70 -44.16 45.07
CA GLU E 162 22.54 -43.44 46.33
C GLU E 162 21.31 -42.53 46.36
N VAL E 163 20.83 -42.10 45.20
CA VAL E 163 19.70 -41.17 45.13
C VAL E 163 18.48 -41.76 44.44
N MET E 164 18.62 -42.89 43.77
CA MET E 164 17.49 -43.47 43.05
C MET E 164 16.39 -43.90 44.03
N THR E 165 15.17 -43.97 43.53
CA THR E 165 14.11 -44.66 44.24
C THR E 165 14.24 -46.15 43.96
N PRO E 166 14.52 -46.98 44.97
CA PRO E 166 14.75 -48.41 44.71
C PRO E 166 13.45 -49.18 44.56
N MET E 167 13.56 -50.35 43.93
CA MET E 167 12.48 -51.31 43.95
C MET E 167 12.12 -51.60 45.41
N PRO E 168 10.83 -51.86 45.71
CA PRO E 168 9.73 -52.03 44.76
C PRO E 168 9.17 -50.71 44.22
N LEU E 169 8.97 -50.67 42.91
CA LEU E 169 8.41 -49.51 42.24
C LEU E 169 6.99 -49.81 41.76
N VAL E 170 6.25 -48.76 41.44
CA VAL E 170 5.01 -48.92 40.69
C VAL E 170 5.38 -49.29 39.25
N THR E 171 4.95 -50.46 38.81
CA THR E 171 5.30 -50.94 37.48
C THR E 171 4.04 -51.35 36.73
N GLY E 172 4.19 -51.56 35.42
CA GLY E 172 3.12 -52.05 34.59
C GLY E 172 3.55 -53.31 33.86
N GLN E 173 2.55 -53.97 33.28
CA GLN E 173 2.75 -55.18 32.50
C GLN E 173 3.04 -54.86 31.04
N VAL E 174 3.78 -55.77 30.38
CA VAL E 174 3.90 -55.70 28.93
C VAL E 174 2.52 -55.65 28.31
N GLY E 175 2.32 -54.71 27.39
CA GLY E 175 1.06 -54.60 26.70
C GLY E 175 0.02 -53.75 27.39
N ILE E 176 0.34 -53.17 28.54
CA ILE E 176 -0.62 -52.33 29.24
C ILE E 176 -1.14 -51.25 28.31
N SER E 177 -2.43 -50.93 28.44
CA SER E 177 -3.06 -49.94 27.59
C SER E 177 -2.75 -48.54 28.08
N GLY E 178 -2.96 -47.57 27.17
CA GLY E 178 -2.79 -46.17 27.56
C GLY E 178 -3.68 -45.79 28.72
N VAL E 179 -4.94 -46.19 28.67
CA VAL E 179 -5.87 -45.83 29.74
C VAL E 179 -5.41 -46.42 31.07
N ASP E 180 -4.96 -47.68 31.06
CA ASP E 180 -4.52 -48.32 32.29
C ASP E 180 -3.22 -47.71 32.80
N ALA E 181 -2.28 -47.44 31.91
CA ALA E 181 -1.02 -46.83 32.33
C ALA E 181 -1.25 -45.46 32.95
N MET E 182 -2.10 -44.65 32.32
CA MET E 182 -2.41 -43.33 32.88
C MET E 182 -3.03 -43.43 34.26
N GLU E 183 -3.92 -44.39 34.46
CA GLU E 183 -4.57 -44.54 35.76
C GLU E 183 -3.54 -44.83 36.85
N LEU E 184 -2.53 -45.64 36.53
CA LEU E 184 -1.47 -45.92 37.51
C LEU E 184 -0.68 -44.66 37.83
N LEU E 185 -0.34 -43.87 36.80
CA LEU E 185 0.37 -42.63 37.04
C LEU E 185 -0.46 -41.67 37.89
N ARG E 186 -1.75 -41.54 37.58
CA ARG E 186 -2.61 -40.63 38.34
C ARG E 186 -2.75 -41.10 39.78
N ARG E 187 -3.03 -42.40 39.97
CA ARG E 187 -3.29 -42.91 41.31
C ARG E 187 -2.08 -42.72 42.23
N HIS E 188 -0.88 -42.99 41.72
CA HIS E 188 0.33 -42.94 42.53
C HIS E 188 1.05 -41.60 42.43
N LYS E 189 0.51 -40.65 41.69
CA LYS E 189 1.11 -39.32 41.57
C LYS E 189 2.58 -39.41 41.15
N ILE E 190 2.84 -40.26 40.17
CA ILE E 190 4.18 -40.42 39.60
C ILE E 190 4.07 -40.14 38.11
N GLU E 191 5.24 -39.95 37.48
CA GLU E 191 5.30 -39.64 36.07
C GLU E 191 5.94 -40.73 35.23
N LYS E 192 6.47 -41.78 35.85
CA LYS E 192 7.15 -42.85 35.14
C LYS E 192 6.50 -44.18 35.47
N LEU E 193 6.42 -45.06 34.47
CA LEU E 193 5.89 -46.40 34.66
C LEU E 193 6.78 -47.39 33.93
N PRO E 194 7.75 -47.98 34.63
CA PRO E 194 8.51 -49.07 34.02
C PRO E 194 7.59 -50.26 33.73
N LEU E 195 7.88 -50.96 32.63
CA LEU E 195 7.16 -52.16 32.24
C LEU E 195 8.08 -53.34 32.42
N VAL E 196 7.64 -54.35 33.17
CA VAL E 196 8.48 -55.50 33.51
C VAL E 196 7.75 -56.79 33.17
N ASP E 197 8.54 -57.85 32.98
CA ASP E 197 7.99 -59.18 32.77
C ASP E 197 7.86 -59.89 34.12
N GLY E 198 7.49 -61.18 34.08
CA GLY E 198 7.22 -61.89 35.31
C GLY E 198 8.41 -62.02 36.23
N ASP E 199 9.61 -62.04 35.67
CA ASP E 199 10.84 -62.15 36.46
C ASP E 199 11.42 -60.80 36.85
N GLY E 200 10.69 -59.72 36.61
CA GLY E 200 11.19 -58.40 36.94
C GLY E 200 12.23 -57.85 36.00
N ILE E 201 12.33 -58.40 34.80
CA ILE E 201 13.22 -57.86 33.78
C ILE E 201 12.53 -56.67 33.11
N LEU E 202 13.26 -55.57 32.98
CA LEU E 202 12.70 -54.37 32.36
C LEU E 202 12.47 -54.61 30.87
N LYS E 203 11.24 -54.39 30.42
CA LYS E 203 10.89 -54.55 29.01
C LYS E 203 10.52 -53.23 28.32
N GLY E 204 10.16 -52.21 29.07
CA GLY E 204 9.73 -50.97 28.45
C GLY E 204 9.56 -49.86 29.47
N LEU E 205 9.16 -48.70 28.97
CA LEU E 205 8.96 -47.55 29.83
C LEU E 205 7.90 -46.63 29.24
N ILE E 206 6.94 -46.25 30.08
CA ILE E 206 5.97 -45.20 29.78
C ILE E 206 6.24 -44.06 30.73
N THR E 207 6.18 -42.82 30.23
CA THR E 207 6.26 -41.64 31.08
C THR E 207 5.14 -40.69 30.71
N VAL E 208 4.91 -39.70 31.57
CA VAL E 208 3.83 -38.74 31.35
C VAL E 208 4.01 -38.00 30.03
N LYS E 209 5.25 -37.90 29.54
CA LYS E 209 5.49 -37.25 28.24
C LYS E 209 4.67 -37.90 27.14
N ASP E 210 4.51 -39.22 27.18
CA ASP E 210 3.74 -39.92 26.15
C ASP E 210 2.32 -39.37 26.07
N PHE E 211 1.69 -39.10 27.22
CA PHE E 211 0.33 -38.60 27.23
C PHE E 211 0.26 -37.11 26.99
N VAL E 212 1.21 -36.35 27.56
CA VAL E 212 1.22 -34.91 27.35
C VAL E 212 1.37 -34.59 25.88
N LYS E 213 2.32 -35.23 25.20
CA LYS E 213 2.58 -34.90 23.81
C LYS E 213 1.47 -35.42 22.90
N ALA E 214 0.83 -36.54 23.26
CA ALA E 214 -0.30 -37.03 22.48
C ALA E 214 -1.47 -36.06 22.53
N GLU E 215 -1.65 -35.40 23.69
CA GLU E 215 -2.73 -34.43 23.83
C GLU E 215 -2.39 -33.10 23.17
N GLN E 216 -1.13 -32.66 23.29
CA GLN E 216 -0.73 -31.39 22.71
C GLN E 216 -0.66 -31.46 21.19
N TYR E 217 -0.34 -32.63 20.65
CA TYR E 217 -0.12 -32.80 19.21
C TYR E 217 -0.99 -33.93 18.70
N PRO E 218 -2.31 -33.71 18.64
CA PRO E 218 -3.23 -34.81 18.28
C PRO E 218 -3.13 -35.26 16.83
N HIS E 219 -2.48 -34.49 15.95
CA HIS E 219 -2.32 -34.86 14.55
C HIS E 219 -0.93 -35.38 14.23
N ALA E 220 -0.17 -35.80 15.25
CA ALA E 220 1.18 -36.32 15.03
C ALA E 220 1.17 -37.45 14.01
N ALA E 221 2.17 -37.45 13.14
CA ALA E 221 2.38 -38.52 12.17
C ALA E 221 3.22 -39.61 12.82
N LYS E 222 2.67 -40.82 12.89
CA LYS E 222 3.28 -41.90 13.64
C LYS E 222 3.30 -43.18 12.82
N ASP E 223 4.18 -44.10 13.21
CA ASP E 223 4.24 -45.42 12.58
C ASP E 223 3.23 -46.35 13.25
N ALA E 224 3.21 -47.61 12.81
CA ALA E 224 2.22 -48.56 13.31
C ALA E 224 2.37 -48.83 14.80
N LYS E 225 3.54 -48.55 15.38
CA LYS E 225 3.76 -48.74 16.80
C LYS E 225 3.48 -47.48 17.61
N GLY E 226 2.99 -46.42 16.97
CA GLY E 226 2.69 -45.19 17.67
C GLY E 226 3.86 -44.27 17.91
N ARG E 227 4.99 -44.51 17.26
CA ARG E 227 6.17 -43.67 17.37
C ARG E 227 6.18 -42.66 16.23
N LEU E 228 6.83 -41.52 16.47
CA LEU E 228 6.89 -40.47 15.46
C LEU E 228 7.55 -40.99 14.18
N LEU E 229 6.97 -40.63 13.04
CA LEU E 229 7.54 -40.97 11.75
C LEU E 229 8.80 -40.14 11.49
N VAL E 230 9.73 -40.71 10.73
CA VAL E 230 10.92 -39.97 10.32
C VAL E 230 11.51 -40.64 9.08
N GLY E 231 12.09 -39.82 8.20
CA GLY E 231 12.86 -40.30 7.07
C GLY E 231 14.32 -39.88 7.20
N ALA E 232 15.13 -40.41 6.30
CA ALA E 232 16.56 -40.09 6.30
C ALA E 232 17.10 -40.20 4.88
N ALA E 233 18.02 -39.31 4.54
CA ALA E 233 18.62 -39.28 3.22
C ALA E 233 19.85 -40.18 3.17
N VAL E 234 20.06 -40.77 1.99
CA VAL E 234 21.29 -41.48 1.67
C VAL E 234 21.70 -41.07 0.26
N GLY E 235 22.98 -41.27 -0.04
CA GLY E 235 23.50 -40.99 -1.37
C GLY E 235 23.25 -42.15 -2.31
N ALA E 236 24.04 -42.18 -3.39
CA ALA E 236 23.96 -43.22 -4.41
C ALA E 236 25.38 -43.77 -4.56
N SER E 237 25.74 -44.74 -3.71
CA SER E 237 27.12 -45.24 -3.67
C SER E 237 27.21 -46.46 -2.78
N PRO E 238 28.35 -47.17 -2.79
CA PRO E 238 28.49 -48.30 -1.85
C PRO E 238 28.29 -47.88 -0.39
N GLU E 239 28.82 -46.73 0.01
CA GLU E 239 28.63 -46.25 1.37
C GLU E 239 27.15 -46.03 1.68
N ALA E 240 26.38 -45.54 0.69
CA ALA E 240 24.96 -45.30 0.91
C ALA E 240 24.25 -46.59 1.26
N LEU E 241 24.73 -47.73 0.76
CA LEU E 241 24.13 -49.01 1.10
C LEU E 241 24.36 -49.36 2.57
N ASP E 242 25.59 -49.13 3.06
CA ASP E 242 25.84 -49.35 4.47
C ASP E 242 25.02 -48.41 5.34
N ARG E 243 24.93 -47.14 4.92
CA ARG E 243 24.13 -46.17 5.66
C ARG E 243 22.66 -46.60 5.72
N ALA E 244 22.12 -47.06 4.60
CA ALA E 244 20.72 -47.48 4.56
C ALA E 244 20.44 -48.57 5.59
N GLN E 245 21.30 -49.58 5.67
CA GLN E 245 21.08 -50.67 6.61
C GLN E 245 21.09 -50.16 8.04
N ALA E 246 22.06 -49.30 8.38
CA ALA E 246 22.15 -48.75 9.73
C ALA E 246 20.93 -47.91 10.07
N LEU E 247 20.45 -47.11 9.12
CA LEU E 247 19.28 -46.28 9.39
C LEU E 247 18.04 -47.13 9.56
N ALA E 248 17.89 -48.18 8.73
CA ALA E 248 16.78 -49.09 8.89
C ALA E 248 16.80 -49.77 10.26
N GLU E 249 18.00 -50.21 10.69
CA GLU E 249 18.12 -50.83 12.00
C GLU E 249 17.70 -49.88 13.12
N ALA E 250 18.00 -48.59 12.96
CA ALA E 250 17.63 -47.60 13.97
C ALA E 250 16.14 -47.28 13.96
N GLY E 251 15.38 -47.76 12.98
CA GLY E 251 13.95 -47.57 12.97
C GLY E 251 13.44 -46.51 12.01
N VAL E 252 14.25 -46.09 11.02
CA VAL E 252 13.78 -45.09 10.08
C VAL E 252 12.61 -45.66 9.28
N ASP E 253 11.67 -44.81 8.91
CA ASP E 253 10.44 -45.27 8.26
C ASP E 253 10.56 -45.27 6.74
N PHE E 254 11.41 -44.42 6.17
CA PHE E 254 11.67 -44.45 4.74
C PHE E 254 13.01 -43.79 4.48
N LEU E 255 13.60 -44.15 3.35
CA LEU E 255 14.84 -43.56 2.90
C LEU E 255 14.58 -42.69 1.69
N VAL E 256 15.37 -41.63 1.56
CA VAL E 256 15.36 -40.77 0.38
C VAL E 256 16.74 -40.89 -0.25
N VAL E 257 16.81 -41.50 -1.42
CA VAL E 257 18.07 -41.54 -2.18
C VAL E 257 18.19 -40.17 -2.85
N ASP E 258 19.07 -39.33 -2.32
CA ASP E 258 19.13 -37.92 -2.68
C ASP E 258 20.30 -37.73 -3.64
N THR E 259 19.98 -37.49 -4.91
CA THR E 259 20.96 -37.20 -5.94
C THR E 259 20.53 -35.94 -6.67
N SER E 260 21.51 -35.21 -7.20
CA SER E 260 21.18 -34.01 -7.97
C SER E 260 20.56 -34.35 -9.31
N HIS E 261 21.00 -35.44 -9.94
CA HIS E 261 20.51 -35.87 -11.24
C HIS E 261 19.95 -37.28 -11.13
N GLY E 262 18.66 -37.38 -10.82
CA GLY E 262 18.02 -38.67 -10.64
C GLY E 262 17.91 -39.49 -11.91
N HIS E 263 18.10 -38.88 -13.07
CA HIS E 263 18.03 -39.60 -14.34
C HIS E 263 19.39 -40.13 -14.77
N ASN E 264 20.41 -40.03 -13.93
CA ASN E 264 21.71 -40.64 -14.22
C ASN E 264 21.66 -42.14 -14.02
N SER E 265 22.24 -42.88 -14.96
CA SER E 265 22.10 -44.34 -14.95
C SER E 265 22.69 -44.96 -13.69
N ASN E 266 23.82 -44.45 -13.22
CA ASN E 266 24.42 -44.98 -12.00
C ASN E 266 23.56 -44.70 -10.78
N ALA E 267 23.01 -43.48 -10.68
CA ALA E 267 22.14 -43.16 -9.56
C ALA E 267 20.93 -44.09 -9.54
N LEU E 268 20.32 -44.31 -10.70
CA LEU E 268 19.16 -45.20 -10.77
C LEU E 268 19.55 -46.61 -10.33
N SER E 269 20.73 -47.08 -10.73
CA SER E 269 21.16 -48.42 -10.35
C SER E 269 21.28 -48.55 -8.83
N TRP E 270 21.83 -47.52 -8.18
CA TRP E 270 21.97 -47.58 -6.72
C TRP E 270 20.61 -47.51 -6.03
N MET E 271 19.64 -46.83 -6.62
CA MET E 271 18.29 -46.86 -6.07
C MET E 271 17.76 -48.29 -5.99
N SER E 272 17.92 -49.06 -7.08
CA SER E 272 17.45 -50.46 -7.15
C SER E 272 18.28 -51.32 -6.19
N LYS E 273 19.51 -50.91 -5.88
CA LYS E 273 20.41 -51.64 -4.93
C LYS E 273 20.09 -51.20 -3.49
N ILE E 274 19.56 -49.99 -3.27
CA ILE E 274 19.20 -49.48 -1.91
C ILE E 274 17.80 -50.02 -1.60
N LYS E 275 16.88 -49.98 -2.57
CA LYS E 275 15.52 -50.52 -2.39
C LYS E 275 15.53 -52.02 -2.11
N SER E 276 16.27 -52.80 -2.91
CA SER E 276 16.20 -54.25 -2.74
C SER E 276 16.91 -54.73 -1.48
N SER E 277 17.68 -53.86 -0.83
CA SER E 277 18.46 -54.25 0.34
C SER E 277 17.79 -53.93 1.67
N VAL E 278 16.63 -53.26 1.66
CA VAL E 278 15.91 -52.93 2.87
C VAL E 278 14.45 -53.28 2.68
N GLY E 279 13.72 -53.33 3.80
CA GLY E 279 12.31 -53.60 3.78
C GLY E 279 11.40 -52.39 3.89
N ILE E 280 11.97 -51.20 4.02
CA ILE E 280 11.18 -50.00 4.19
C ILE E 280 11.09 -49.27 2.84
N ASP E 281 10.21 -48.28 2.76
CA ASP E 281 10.02 -47.54 1.53
C ASP E 281 11.29 -46.75 1.18
N VAL E 282 11.55 -46.65 -0.12
CA VAL E 282 12.70 -45.89 -0.62
C VAL E 282 12.21 -44.89 -1.65
N VAL E 283 12.44 -43.62 -1.40
CA VAL E 283 12.11 -42.53 -2.32
C VAL E 283 13.35 -42.19 -3.12
N GLY E 284 13.16 -41.88 -4.40
CA GLY E 284 14.26 -41.47 -5.26
C GLY E 284 14.04 -40.10 -5.86
N GLY E 285 15.13 -39.40 -6.12
CA GLY E 285 15.07 -38.11 -6.79
C GLY E 285 16.47 -37.60 -7.06
N ASN E 286 16.55 -36.43 -7.70
CA ASN E 286 15.42 -35.63 -8.15
C ASN E 286 15.25 -35.69 -9.67
N VAL E 287 14.01 -35.57 -10.14
CA VAL E 287 13.72 -35.53 -11.57
C VAL E 287 12.76 -34.37 -11.83
N ALA E 288 12.57 -34.08 -13.12
CA ALA E 288 11.69 -32.98 -13.51
C ALA E 288 11.01 -33.22 -14.86
N THR E 289 10.96 -34.47 -15.31
CA THR E 289 10.35 -34.80 -16.59
C THR E 289 9.56 -36.09 -16.42
N ARG E 290 8.70 -36.37 -17.40
CA ARG E 290 7.96 -37.63 -17.38
C ARG E 290 8.91 -38.82 -17.50
N ASP E 291 9.84 -38.77 -18.46
CA ASP E 291 10.74 -39.89 -18.67
C ASP E 291 11.67 -40.10 -17.49
N GLY E 292 12.07 -39.02 -16.80
CA GLY E 292 12.84 -39.17 -15.59
C GLY E 292 12.07 -39.84 -14.46
N ALA E 293 10.81 -39.42 -14.27
CA ALA E 293 9.97 -40.07 -13.26
C ALA E 293 9.75 -41.54 -13.60
N GLN E 294 9.53 -41.86 -14.88
CA GLN E 294 9.35 -43.25 -15.27
C GLN E 294 10.60 -44.07 -15.00
N ALA E 295 11.78 -43.48 -15.20
CA ALA E 295 13.02 -44.18 -14.89
C ALA E 295 13.14 -44.47 -13.40
N LEU E 296 12.76 -43.52 -12.55
CA LEU E 296 12.76 -43.79 -11.11
C LEU E 296 11.79 -44.91 -10.77
N ILE E 297 10.58 -44.86 -11.34
CA ILE E 297 9.59 -45.91 -11.09
C ILE E 297 10.10 -47.26 -11.58
N ASP E 298 10.71 -47.29 -12.76
CA ASP E 298 11.25 -48.55 -13.28
C ASP E 298 12.36 -49.09 -12.38
N ALA E 299 13.07 -48.21 -11.69
CA ALA E 299 14.09 -48.64 -10.74
C ALA E 299 13.52 -49.18 -9.45
N GLY E 300 12.23 -48.99 -9.20
CA GLY E 300 11.55 -49.63 -8.10
C GLY E 300 11.25 -48.76 -6.90
N VAL E 301 11.39 -47.44 -7.01
CA VAL E 301 11.19 -46.60 -5.84
C VAL E 301 9.72 -46.56 -5.45
N ASP E 302 9.47 -46.23 -4.18
CA ASP E 302 8.13 -46.13 -3.63
C ASP E 302 7.60 -44.70 -3.60
N GLY E 303 8.44 -43.74 -3.98
CA GLY E 303 8.02 -42.36 -4.13
C GLY E 303 9.09 -41.64 -4.93
N ILE E 304 8.70 -40.56 -5.57
CA ILE E 304 9.64 -39.78 -6.37
C ILE E 304 9.65 -38.35 -5.85
N LYS E 305 10.82 -37.71 -5.95
CA LYS E 305 10.98 -36.31 -5.58
C LYS E 305 11.29 -35.49 -6.83
N VAL E 306 10.55 -34.41 -7.02
CA VAL E 306 10.55 -33.65 -8.26
C VAL E 306 11.12 -32.27 -8.01
N GLY E 307 12.13 -31.90 -8.80
CA GLY E 307 12.72 -30.58 -8.70
C GLY E 307 14.15 -30.52 -9.18
N VAL E 308 14.35 -29.95 -10.37
CA VAL E 308 15.67 -29.73 -10.94
C VAL E 308 15.71 -28.29 -11.44
N GLY E 309 16.53 -27.46 -10.82
CA GLY E 309 16.61 -26.04 -11.14
C GLY E 309 15.25 -25.36 -11.13
N PRO E 310 14.49 -25.55 -10.05
CA PRO E 310 13.13 -24.98 -10.01
C PRO E 310 13.13 -23.48 -9.77
N GLY E 311 14.17 -22.97 -9.11
CA GLY E 311 14.18 -21.58 -8.67
C GLY E 311 14.76 -20.63 -9.70
N SER E 312 14.14 -19.45 -9.81
CA SER E 312 14.63 -18.41 -10.70
C SER E 312 16.09 -18.08 -10.37
N ILE E 313 16.93 -18.05 -11.41
CA ILE E 313 18.34 -17.72 -11.26
C ILE E 313 18.92 -18.48 -10.07
N CYS E 314 18.65 -19.79 -10.02
CA CYS E 314 19.28 -20.66 -9.05
C CYS E 314 20.57 -21.23 -9.64
N THR E 315 21.27 -22.04 -8.84
CA THR E 315 22.64 -22.40 -9.18
C THR E 315 22.71 -23.24 -10.46
N THR E 316 21.94 -24.32 -10.53
CA THR E 316 22.02 -25.17 -11.72
C THR E 316 21.60 -24.41 -12.96
N ARG E 317 20.69 -23.44 -12.82
CA ARG E 317 20.26 -22.64 -13.96
C ARG E 317 21.37 -21.71 -14.44
N VAL E 318 22.04 -21.04 -13.50
CA VAL E 318 23.04 -20.05 -13.88
C VAL E 318 24.32 -20.75 -14.34
N VAL E 319 24.74 -21.78 -13.61
CA VAL E 319 25.99 -22.46 -13.94
C VAL E 319 25.83 -23.30 -15.20
N ALA E 320 24.74 -24.05 -15.29
CA ALA E 320 24.59 -25.07 -16.31
C ALA E 320 23.45 -24.84 -17.28
N GLY E 321 22.62 -23.82 -17.06
CA GLY E 321 21.50 -23.59 -17.96
C GLY E 321 20.45 -24.65 -17.90
N ILE E 322 20.45 -25.45 -16.84
CA ILE E 322 19.56 -26.60 -16.68
C ILE E 322 18.48 -26.21 -15.69
N GLY E 323 17.24 -26.53 -16.02
CA GLY E 323 16.15 -26.34 -15.08
C GLY E 323 14.78 -26.55 -15.66
N VAL E 324 13.79 -26.75 -14.79
CA VAL E 324 12.41 -26.90 -15.24
C VAL E 324 11.51 -26.11 -14.29
N PRO E 325 10.71 -25.17 -14.78
CA PRO E 325 9.72 -24.52 -13.93
C PRO E 325 8.86 -25.57 -13.21
N GLN E 326 8.59 -25.32 -11.93
CA GLN E 326 8.21 -26.42 -11.04
C GLN E 326 6.80 -26.93 -11.31
N VAL E 327 5.88 -26.07 -11.75
CA VAL E 327 4.52 -26.55 -12.04
C VAL E 327 4.57 -27.53 -13.20
N THR E 328 5.29 -27.18 -14.26
CA THR E 328 5.49 -28.08 -15.38
C THR E 328 6.21 -29.35 -14.94
N ALA E 329 7.26 -29.20 -14.13
CA ALA E 329 8.00 -30.37 -13.65
C ALA E 329 7.10 -31.33 -12.90
N ILE E 330 6.29 -30.81 -11.97
CA ILE E 330 5.40 -31.67 -11.20
C ILE E 330 4.39 -32.33 -12.14
N TYR E 331 3.79 -31.54 -13.03
CA TYR E 331 2.77 -32.08 -13.92
C TYR E 331 3.34 -33.19 -14.80
N GLU E 332 4.48 -32.93 -15.42
CA GLU E 332 5.07 -33.92 -16.33
C GLU E 332 5.43 -35.20 -15.58
N ALA E 333 6.06 -35.06 -14.41
CA ALA E 333 6.39 -36.23 -13.61
C ALA E 333 5.14 -36.97 -13.18
N SER E 334 4.06 -36.22 -12.88
CA SER E 334 2.85 -36.87 -12.42
C SER E 334 2.21 -37.73 -13.50
N LEU E 335 2.46 -37.41 -14.78
CA LEU E 335 1.95 -38.24 -15.86
C LEU E 335 2.45 -39.67 -15.72
N ALA E 336 3.69 -39.84 -15.25
CA ALA E 336 4.20 -41.18 -14.98
C ALA E 336 3.80 -41.67 -13.59
N ALA E 337 3.89 -40.80 -12.58
CA ALA E 337 3.71 -41.25 -11.21
C ALA E 337 2.26 -41.66 -10.94
N ARG E 338 1.29 -40.88 -11.42
CA ARG E 338 -0.09 -41.20 -11.13
C ARG E 338 -0.50 -42.51 -11.78
N ALA E 339 -0.01 -42.79 -12.99
CA ALA E 339 -0.35 -44.04 -13.66
C ALA E 339 0.22 -45.24 -12.90
N ALA E 340 1.32 -45.07 -12.18
CA ALA E 340 1.94 -46.15 -11.44
C ALA E 340 1.53 -46.19 -9.97
N GLY E 341 0.75 -45.21 -9.51
CA GLY E 341 0.37 -45.17 -8.11
C GLY E 341 1.51 -44.83 -7.16
N VAL E 342 2.51 -44.10 -7.63
CA VAL E 342 3.70 -43.79 -6.84
C VAL E 342 3.60 -42.33 -6.40
N PRO E 343 3.63 -42.03 -5.10
CA PRO E 343 3.49 -40.63 -4.67
C PRO E 343 4.62 -39.74 -5.15
N LEU E 344 4.31 -38.45 -5.31
CA LEU E 344 5.20 -37.46 -5.88
C LEU E 344 5.42 -36.33 -4.88
N ILE E 345 6.67 -36.09 -4.53
CA ILE E 345 7.06 -35.02 -3.62
C ILE E 345 7.53 -33.84 -4.43
N GLY E 346 6.87 -32.69 -4.24
CA GLY E 346 7.33 -31.45 -4.84
C GLY E 346 8.41 -30.80 -4.00
N ASP E 347 9.61 -30.65 -4.58
CA ASP E 347 10.80 -30.19 -3.86
C ASP E 347 11.43 -29.01 -4.58
N GLY E 348 10.98 -27.80 -4.21
CA GLY E 348 11.63 -26.59 -4.64
C GLY E 348 10.71 -25.58 -5.30
N GLY E 349 11.14 -24.32 -5.34
CA GLY E 349 10.42 -23.29 -6.04
C GLY E 349 9.33 -22.58 -5.25
N LEU E 350 9.11 -22.96 -3.99
CA LEU E 350 8.02 -22.38 -3.23
C LEU E 350 8.29 -20.91 -2.94
N GLN E 351 7.22 -20.10 -2.99
CA GLN E 351 7.32 -18.67 -2.70
C GLN E 351 6.15 -18.14 -1.86
N TYR E 352 5.06 -18.88 -1.73
CA TYR E 352 3.89 -18.44 -0.98
C TYR E 352 3.16 -19.68 -0.49
N SER E 353 2.37 -19.52 0.57
CA SER E 353 1.59 -20.66 1.05
C SER E 353 0.60 -21.12 0.00
N GLY E 354 0.13 -20.22 -0.85
CA GLY E 354 -0.78 -20.60 -1.92
C GLY E 354 -0.14 -21.54 -2.93
N ASP E 355 1.19 -21.60 -2.96
CA ASP E 355 1.87 -22.50 -3.89
C ASP E 355 1.72 -23.95 -3.50
N ILE E 356 1.37 -24.24 -2.24
CA ILE E 356 1.17 -25.62 -1.83
C ILE E 356 -0.02 -26.23 -2.55
N GLY E 357 -1.15 -25.53 -2.54
CA GLY E 357 -2.32 -26.02 -3.26
C GLY E 357 -2.06 -26.15 -4.75
N LYS E 358 -1.30 -25.22 -5.32
CA LYS E 358 -0.96 -25.32 -6.73
C LYS E 358 -0.17 -26.59 -7.00
N ALA E 359 0.80 -26.90 -6.14
CA ALA E 359 1.60 -28.11 -6.32
C ALA E 359 0.73 -29.35 -6.28
N LEU E 360 -0.18 -29.43 -5.32
CA LEU E 360 -1.06 -30.59 -5.20
C LEU E 360 -2.00 -30.70 -6.40
N ALA E 361 -2.59 -29.59 -6.82
CA ALA E 361 -3.48 -29.63 -7.98
C ALA E 361 -2.71 -29.97 -9.25
N ALA E 362 -1.43 -29.63 -9.31
CA ALA E 362 -0.61 -29.95 -10.47
C ALA E 362 -0.19 -31.41 -10.51
N GLY E 363 -0.33 -32.14 -9.41
CA GLY E 363 -0.06 -33.57 -9.43
C GLY E 363 0.78 -34.09 -8.27
N ALA E 364 1.22 -33.20 -7.39
CA ALA E 364 2.03 -33.62 -6.26
C ALA E 364 1.15 -34.20 -5.15
N ASP E 365 1.74 -35.08 -4.36
CA ASP E 365 1.12 -35.61 -3.15
C ASP E 365 1.59 -34.91 -1.89
N THR E 366 2.83 -34.44 -1.87
CA THR E 366 3.35 -33.68 -0.75
C THR E 366 4.33 -32.64 -1.27
N VAL E 367 4.75 -31.74 -0.40
CA VAL E 367 5.65 -30.66 -0.73
C VAL E 367 6.74 -30.61 0.32
N MET E 368 8.00 -30.54 -0.13
CA MET E 368 9.14 -30.49 0.78
C MET E 368 9.53 -29.03 0.99
N LEU E 369 9.70 -28.65 2.25
CA LEU E 369 10.06 -27.29 2.64
C LEU E 369 11.54 -27.23 2.95
N GLY E 370 12.22 -26.20 2.45
CA GLY E 370 13.66 -26.10 2.62
C GLY E 370 14.13 -24.89 3.41
N SER E 371 14.83 -23.98 2.73
CA SER E 371 15.48 -22.88 3.44
C SER E 371 14.49 -22.06 4.24
N LEU E 372 13.22 -22.03 3.84
CA LEU E 372 12.17 -21.41 4.63
C LEU E 372 12.34 -21.72 6.11
N LEU E 373 12.65 -22.98 6.43
CA LEU E 373 12.65 -23.46 7.80
C LEU E 373 13.99 -23.29 8.51
N ALA E 374 15.03 -22.86 7.80
CA ALA E 374 16.35 -22.79 8.42
C ALA E 374 16.38 -21.83 9.60
N GLY E 375 15.52 -20.81 9.59
CA GLY E 375 15.48 -19.86 10.67
C GLY E 375 14.61 -20.25 11.84
N CYS E 376 13.96 -21.40 11.79
CA CYS E 376 13.05 -21.81 12.85
C CYS E 376 13.83 -22.28 14.08
N GLU E 377 13.19 -22.16 15.24
CA GLU E 377 13.83 -22.52 16.50
C GLU E 377 14.38 -23.95 16.47
N GLU E 378 13.64 -24.86 15.83
CA GLU E 378 13.99 -26.28 15.84
C GLU E 378 15.07 -26.65 14.85
N SER E 379 15.54 -25.71 14.02
CA SER E 379 16.60 -26.01 13.08
C SER E 379 17.92 -26.20 13.84
N PRO E 380 18.91 -26.85 13.21
CA PRO E 380 20.13 -27.20 13.95
C PRO E 380 20.94 -26.00 14.44
N GLY E 381 20.82 -24.83 13.83
CA GLY E 381 21.69 -23.73 14.17
C GLY E 381 21.55 -23.30 15.62
N GLU E 382 22.55 -22.55 16.08
CA GLU E 382 22.54 -22.01 17.44
C GLU E 382 21.90 -20.62 17.41
N LEU E 383 20.98 -20.38 18.35
CA LEU E 383 20.34 -19.07 18.44
C LEU E 383 21.32 -18.05 19.03
N GLN E 384 21.58 -16.98 18.29
CA GLN E 384 22.49 -15.94 18.71
C GLN E 384 21.82 -14.58 18.62
N PHE E 385 22.33 -13.65 19.43
CA PHE E 385 21.80 -12.30 19.55
C PHE E 385 22.87 -11.32 19.07
N ILE E 386 22.54 -10.55 18.02
CA ILE E 386 23.42 -9.47 17.55
C ILE E 386 22.56 -8.27 17.19
N ASN E 387 22.10 -7.53 18.20
CA ASN E 387 21.10 -6.49 18.00
C ASN E 387 19.73 -7.13 17.71
N GLY E 388 19.70 -8.13 16.82
CA GLY E 388 18.53 -8.94 16.58
C GLY E 388 18.83 -10.42 16.76
N LYS E 389 17.88 -11.31 16.46
CA LYS E 389 18.05 -12.74 16.66
C LYS E 389 18.36 -13.43 15.34
N GLN E 390 19.33 -14.34 15.38
CA GLN E 390 19.77 -15.06 14.19
C GLN E 390 20.07 -16.51 14.57
N PHE E 391 20.11 -17.37 13.55
CA PHE E 391 20.55 -18.75 13.70
C PHE E 391 21.95 -18.90 13.12
N LYS E 392 22.84 -19.54 13.87
CA LYS E 392 24.23 -19.68 13.46
C LYS E 392 24.65 -21.15 13.40
N VAL E 437 21.27 -16.58 9.91
CA VAL E 437 19.99 -16.85 9.25
C VAL E 437 18.99 -16.19 10.18
N PRO E 438 18.12 -15.32 9.65
CA PRO E 438 17.22 -14.58 10.55
C PRO E 438 16.30 -15.54 11.30
N TYR E 439 16.15 -15.29 12.59
CA TYR E 439 15.36 -16.17 13.43
C TYR E 439 13.88 -15.97 13.15
N ARG E 440 13.18 -17.08 12.91
CA ARG E 440 11.77 -17.03 12.55
C ARG E 440 10.84 -17.41 13.68
N GLY E 441 11.34 -18.00 14.76
CA GLY E 441 10.49 -18.51 15.80
C GLY E 441 10.12 -19.96 15.61
N PRO E 442 9.13 -20.42 16.37
CA PRO E 442 8.81 -21.86 16.34
C PRO E 442 8.31 -22.31 14.97
N LEU E 443 8.69 -23.53 14.60
CA LEU E 443 8.19 -24.15 13.37
C LEU E 443 6.67 -24.09 13.31
N ALA E 444 6.00 -24.24 14.46
CA ALA E 444 4.55 -24.31 14.50
C ALA E 444 3.92 -23.10 13.82
N ASN E 445 4.51 -21.92 13.97
CA ASN E 445 3.90 -20.73 13.38
C ASN E 445 3.95 -20.80 11.86
N VAL E 446 5.06 -21.27 11.30
CA VAL E 446 5.16 -21.41 9.85
C VAL E 446 4.15 -22.43 9.34
N LEU E 447 4.10 -23.61 9.97
CA LEU E 447 3.22 -24.67 9.49
C LEU E 447 1.76 -24.27 9.66
N HIS E 448 1.43 -23.58 10.75
CA HIS E 448 0.05 -23.15 10.96
C HIS E 448 -0.41 -22.26 9.83
N GLN E 449 0.44 -21.33 9.40
CA GLN E 449 0.08 -20.45 8.29
C GLN E 449 0.01 -21.22 6.98
N LEU E 450 0.96 -22.13 6.75
CA LEU E 450 0.98 -22.88 5.51
C LEU E 450 -0.23 -23.81 5.42
N VAL E 451 -0.52 -24.55 6.50
CA VAL E 451 -1.65 -25.48 6.48
C VAL E 451 -2.97 -24.72 6.45
N GLY E 452 -3.05 -23.60 7.16
CA GLY E 452 -4.23 -22.76 7.06
C GLY E 452 -4.49 -22.30 5.64
N GLY E 453 -3.43 -21.89 4.94
CA GLY E 453 -3.59 -21.49 3.55
C GLY E 453 -4.08 -22.63 2.68
N LEU E 454 -3.54 -23.83 2.87
CA LEU E 454 -3.96 -24.98 2.07
C LEU E 454 -5.44 -25.27 2.28
N ARG E 455 -5.91 -25.18 3.53
CA ARG E 455 -7.32 -25.44 3.81
C ARG E 455 -8.21 -24.43 3.08
N GLN E 456 -7.76 -23.18 3.00
CA GLN E 456 -8.51 -22.19 2.22
C GLN E 456 -8.58 -22.60 0.76
N THR E 457 -7.44 -22.98 0.17
CA THR E 457 -7.43 -23.43 -1.21
C THR E 457 -8.43 -24.56 -1.42
N MET E 458 -8.39 -25.56 -0.54
CA MET E 458 -9.24 -26.74 -0.71
C MET E 458 -10.71 -26.38 -0.59
N GLY E 459 -11.04 -25.49 0.35
CA GLY E 459 -12.42 -25.02 0.44
C GLY E 459 -12.87 -24.31 -0.82
N TYR E 460 -12.01 -23.46 -1.38
CA TYR E 460 -12.34 -22.73 -2.59
C TYR E 460 -12.52 -23.67 -3.79
N VAL E 461 -11.70 -24.72 -3.85
CA VAL E 461 -11.74 -25.63 -5.00
C VAL E 461 -12.83 -26.68 -4.83
N GLY E 462 -13.32 -26.89 -3.61
CA GLY E 462 -14.30 -27.92 -3.36
C GLY E 462 -13.70 -29.28 -3.08
N ALA E 463 -12.41 -29.34 -2.77
CA ALA E 463 -11.72 -30.61 -2.53
C ALA E 463 -11.82 -30.95 -1.05
N ALA E 464 -12.53 -32.03 -0.73
CA ALA E 464 -12.63 -32.49 0.65
C ALA E 464 -11.39 -33.28 1.07
N THR E 465 -10.61 -33.76 0.11
CA THR E 465 -9.39 -34.51 0.38
C THR E 465 -8.32 -34.07 -0.61
N ILE E 466 -7.07 -34.38 -0.27
CA ILE E 466 -5.97 -34.04 -1.17
C ILE E 466 -6.14 -34.74 -2.51
N GLU E 467 -6.59 -36.00 -2.49
CA GLU E 467 -6.78 -36.76 -3.71
C GLU E 467 -7.76 -36.12 -4.68
N GLU E 468 -8.66 -35.26 -4.19
CA GLU E 468 -9.57 -34.56 -5.09
C GLU E 468 -8.95 -33.33 -5.74
N MET E 469 -7.78 -32.88 -5.26
CA MET E 469 -7.20 -31.63 -5.74
C MET E 469 -6.86 -31.70 -7.22
N GLU E 470 -6.29 -32.81 -7.67
CA GLU E 470 -5.82 -32.90 -9.05
C GLU E 470 -6.98 -32.77 -10.03
N SER E 471 -8.12 -33.39 -9.71
CA SER E 471 -9.27 -33.36 -10.61
C SER E 471 -10.07 -32.06 -10.46
N LYS E 472 -10.26 -31.59 -9.24
CA LYS E 472 -11.11 -30.43 -9.00
C LYS E 472 -10.38 -29.10 -9.15
N GLY E 473 -9.06 -29.09 -9.02
CA GLY E 473 -8.30 -27.86 -9.18
C GLY E 473 -8.18 -27.46 -10.64
N ARG E 474 -8.81 -26.36 -11.02
CA ARG E 474 -8.72 -25.82 -12.36
C ARG E 474 -7.76 -24.64 -12.37
N PHE E 475 -6.88 -24.60 -13.35
CA PHE E 475 -5.83 -23.58 -13.43
C PHE E 475 -6.16 -22.54 -14.49
N VAL E 476 -5.66 -21.33 -14.27
CA VAL E 476 -5.54 -20.32 -15.32
C VAL E 476 -4.14 -19.75 -15.27
N ARG E 477 -3.55 -19.51 -16.43
CA ARG E 477 -2.27 -18.82 -16.51
C ARG E 477 -2.51 -17.32 -16.41
N ILE E 478 -1.52 -16.60 -15.88
CA ILE E 478 -1.61 -15.15 -15.79
C ILE E 478 -0.35 -14.55 -16.40
N THR E 479 -0.48 -13.31 -16.83
CA THR E 479 0.65 -12.58 -17.40
C THR E 479 1.43 -11.90 -16.28
N SER E 480 2.55 -11.26 -16.62
CA SER E 480 3.31 -10.53 -15.62
C SER E 480 2.53 -9.35 -15.06
N ALA E 481 1.52 -8.86 -15.78
CA ALA E 481 0.69 -7.76 -15.30
C ALA E 481 -0.14 -8.15 -14.07
N GLY F 10 31.28 33.80 19.88
CA GLY F 10 30.82 34.81 18.95
C GLY F 10 29.31 34.97 18.92
N VAL F 11 28.66 34.62 20.02
CA VAL F 11 27.21 34.73 20.11
C VAL F 11 26.92 35.67 21.31
N PRO F 12 25.70 36.26 21.40
CA PRO F 12 25.33 37.05 22.58
C PRO F 12 25.39 36.21 23.87
N GLU F 13 25.32 36.83 25.05
CA GLU F 13 25.29 36.09 26.35
C GLU F 13 23.94 35.36 26.44
N LYS F 14 22.91 35.82 25.70
CA LYS F 14 21.56 35.20 25.69
C LYS F 14 21.68 33.77 25.13
N PHE F 15 22.62 33.53 24.21
CA PHE F 15 22.81 32.21 23.60
C PHE F 15 24.16 31.55 23.90
N ALA F 16 24.84 31.93 24.99
CA ALA F 16 26.20 31.47 25.20
C ALA F 16 26.29 29.96 25.46
N THR F 17 25.29 29.37 26.10
CA THR F 17 25.41 28.00 26.56
C THR F 17 25.27 27.02 25.39
N LEU F 18 26.17 26.05 25.34
CA LEU F 18 26.12 24.95 24.38
C LEU F 18 25.68 23.69 25.11
N GLY F 19 24.60 23.08 24.62
CA GLY F 19 24.12 21.83 25.19
C GLY F 19 24.72 20.65 24.45
N LEU F 20 25.06 19.60 25.21
CA LEU F 20 25.75 18.44 24.68
C LEU F 20 24.88 17.19 24.81
N THR F 21 24.83 16.40 23.74
CA THR F 21 24.18 15.10 23.75
C THR F 21 25.24 14.00 23.87
N TYR F 22 24.79 12.76 23.99
CA TYR F 22 25.72 11.64 24.14
C TYR F 22 26.68 11.57 22.95
N ASP F 23 26.16 11.73 21.74
CA ASP F 23 27.00 11.64 20.54
C ASP F 23 28.04 12.75 20.48
N ASP F 24 27.88 13.80 21.28
CA ASP F 24 28.82 14.90 21.25
C ASP F 24 30.11 14.62 22.01
N VAL F 25 30.16 13.55 22.82
CA VAL F 25 31.27 13.35 23.74
C VAL F 25 31.73 11.91 23.72
N LEU F 26 32.96 11.70 24.20
CA LEU F 26 33.53 10.39 24.40
C LEU F 26 34.25 10.38 25.74
N LEU F 27 34.36 9.19 26.33
CA LEU F 27 35.15 9.02 27.55
C LEU F 27 36.55 8.57 27.16
N LEU F 28 37.55 9.11 27.84
CA LEU F 28 38.94 8.76 27.60
C LEU F 28 39.32 7.51 28.38
N PRO F 29 40.24 6.71 27.84
CA PRO F 29 40.87 5.66 28.67
C PRO F 29 41.74 6.31 29.75
N GLY F 30 41.78 5.67 30.92
CA GLY F 30 42.55 6.18 32.04
C GLY F 30 43.34 5.09 32.71
N ALA F 31 44.18 5.51 33.67
CA ALA F 31 44.89 4.55 34.50
C ALA F 31 43.89 3.62 35.18
N SER F 32 44.11 2.31 35.04
CA SER F 32 43.16 1.33 35.54
C SER F 32 43.89 0.15 36.15
N ALA F 33 43.40 -0.30 37.30
CA ALA F 33 43.89 -1.51 37.96
C ALA F 33 42.79 -2.57 38.07
N VAL F 34 41.70 -2.41 37.32
CA VAL F 34 40.52 -3.26 37.47
C VAL F 34 40.07 -3.70 36.09
N LEU F 35 39.76 -4.99 35.94
CA LEU F 35 39.31 -5.58 34.69
C LEU F 35 37.78 -5.53 34.60
N PRO F 36 37.24 -5.54 33.38
CA PRO F 36 35.77 -5.50 33.24
C PRO F 36 35.03 -6.54 34.09
N ASN F 37 35.53 -7.76 34.16
CA ASN F 37 34.80 -8.80 34.90
C ASN F 37 34.88 -8.64 36.41
N ALA F 38 35.64 -7.67 36.93
CA ALA F 38 35.80 -7.50 38.36
C ALA F 38 35.17 -6.22 38.92
N VAL F 39 34.65 -5.34 38.06
CA VAL F 39 34.07 -4.11 38.56
C VAL F 39 32.72 -4.39 39.23
N ASP F 40 32.31 -3.47 40.09
CA ASP F 40 31.03 -3.56 40.79
C ASP F 40 30.06 -2.58 40.16
N THR F 41 28.91 -3.10 39.69
CA THR F 41 27.96 -2.30 38.95
C THR F 41 26.73 -1.91 39.77
N SER F 42 26.79 -2.06 41.09
CA SER F 42 25.65 -1.72 41.93
C SER F 42 25.53 -0.20 42.08
N SER F 43 24.31 0.27 42.32
CA SER F 43 24.04 1.70 42.42
C SER F 43 22.73 1.90 43.18
N ARG F 44 22.36 3.17 43.35
CA ARG F 44 21.16 3.55 44.06
C ARG F 44 20.12 4.11 43.10
N ILE F 45 18.88 3.63 43.22
CA ILE F 45 17.74 4.25 42.56
C ILE F 45 17.37 5.55 43.27
N SER F 46 17.30 5.49 44.60
CA SER F 46 16.93 6.61 45.45
C SER F 46 17.68 6.43 46.76
N ARG F 47 17.45 7.33 47.70
CA ARG F 47 18.21 7.32 48.95
C ARG F 47 18.31 5.91 49.55
N ASN F 48 17.20 5.16 49.52
CA ASN F 48 17.11 3.89 50.25
C ASN F 48 16.80 2.70 49.35
N VAL F 49 16.98 2.83 48.04
CA VAL F 49 16.73 1.72 47.11
C VAL F 49 18.00 1.48 46.32
N ARG F 50 18.49 0.25 46.36
CA ARG F 50 19.73 -0.15 45.71
C ARG F 50 19.45 -1.25 44.70
N VAL F 51 20.20 -1.24 43.59
CA VAL F 51 20.12 -2.24 42.55
C VAL F 51 21.53 -2.77 42.28
N ASN F 52 21.59 -3.91 41.61
CA ASN F 52 22.86 -4.54 41.31
C ASN F 52 23.39 -4.22 39.93
N ILE F 53 22.52 -3.81 39.00
CA ILE F 53 22.93 -3.17 37.75
C ILE F 53 22.20 -1.83 37.70
N PRO F 54 22.78 -0.78 37.14
CA PRO F 54 22.22 0.58 37.28
C PRO F 54 21.17 0.89 36.21
N LEU F 55 20.16 0.03 36.10
CA LEU F 55 19.19 0.13 35.00
C LEU F 55 17.77 -0.07 35.48
N LEU F 56 16.86 0.76 34.96
CA LEU F 56 15.43 0.62 35.19
C LEU F 56 14.72 0.47 33.85
N SER F 57 13.56 -0.18 33.86
CA SER F 57 12.66 -0.19 32.72
C SER F 57 11.59 0.88 32.92
N ALA F 58 11.27 1.60 31.85
CA ALA F 58 10.44 2.80 31.96
C ALA F 58 8.99 2.47 32.26
N ALA F 59 8.30 3.43 32.86
CA ALA F 59 6.87 3.32 33.17
C ALA F 59 6.02 3.66 31.94
N MET F 60 6.23 2.89 30.88
CA MET F 60 5.46 3.01 29.65
C MET F 60 4.59 1.78 29.51
N ASP F 61 3.35 1.97 29.05
CA ASP F 61 2.42 0.85 28.98
C ASP F 61 2.82 -0.16 27.92
N LYS F 62 3.76 0.18 27.04
CA LYS F 62 4.32 -0.77 26.10
C LYS F 62 5.56 -1.47 26.63
N VAL F 63 5.98 -1.17 27.85
CA VAL F 63 7.24 -1.70 28.36
C VAL F 63 7.07 -2.48 29.66
N THR F 64 6.60 -1.82 30.73
CA THR F 64 6.70 -2.41 32.06
C THR F 64 5.32 -2.70 32.68
N GLU F 65 4.96 -3.98 32.66
CA GLU F 65 3.99 -4.55 33.59
C GLU F 65 4.72 -5.61 34.40
N SER F 66 4.00 -6.52 35.07
CA SER F 66 4.64 -7.37 36.07
C SER F 66 5.75 -8.22 35.47
N ARG F 67 5.52 -8.78 34.28
CA ARG F 67 6.50 -9.70 33.69
C ARG F 67 7.83 -8.99 33.43
N MET F 68 7.78 -7.76 32.90
CA MET F 68 9.00 -7.00 32.70
C MET F 68 9.66 -6.66 34.03
N ALA F 69 8.87 -6.23 35.01
CA ALA F 69 9.44 -5.86 36.30
C ALA F 69 10.09 -7.06 36.97
N ILE F 70 9.48 -8.23 36.84
CA ILE F 70 10.04 -9.43 37.43
C ILE F 70 11.40 -9.75 36.80
N SER F 71 11.46 -9.71 35.47
CA SER F 71 12.72 -10.04 34.79
C SER F 71 13.80 -9.00 35.08
N MET F 72 13.44 -7.71 35.07
CA MET F 72 14.41 -6.68 35.41
C MET F 72 15.02 -6.95 36.78
N ALA F 73 14.18 -7.19 37.78
CA ALA F 73 14.68 -7.38 39.15
C ALA F 73 15.52 -8.64 39.25
N ARG F 74 15.11 -9.71 38.57
CA ARG F 74 15.90 -10.94 38.61
C ARG F 74 17.29 -10.71 38.05
N GLN F 75 17.41 -9.86 37.04
CA GLN F 75 18.70 -9.53 36.44
C GLN F 75 19.49 -8.52 37.25
N GLY F 76 18.92 -7.99 38.32
CA GLY F 76 19.62 -7.06 39.19
C GLY F 76 19.20 -5.62 39.05
N GLY F 77 18.32 -5.30 38.11
CA GLY F 77 17.75 -3.98 37.97
C GLY F 77 16.40 -3.87 38.65
N VAL F 78 15.53 -3.03 38.09
CA VAL F 78 14.20 -2.86 38.64
C VAL F 78 13.30 -2.29 37.56
N GLY F 79 12.01 -2.62 37.63
CA GLY F 79 11.02 -2.06 36.75
C GLY F 79 10.17 -1.02 37.46
N VAL F 80 9.72 -0.02 36.70
CA VAL F 80 8.76 0.96 37.18
C VAL F 80 7.44 0.68 36.46
N LEU F 81 6.47 0.16 37.20
CA LEU F 81 5.18 -0.20 36.62
C LEU F 81 4.46 1.04 36.11
N HIS F 82 3.95 0.97 34.88
CA HIS F 82 3.24 2.10 34.30
C HIS F 82 1.90 2.31 35.00
N ARG F 83 1.36 3.51 34.84
CA ARG F 83 0.15 3.91 35.54
C ARG F 83 -1.03 4.13 34.61
N ASN F 84 -0.95 3.67 33.35
CA ASN F 84 -2.07 3.79 32.43
C ASN F 84 -3.04 2.62 32.62
N LEU F 85 -3.58 2.53 33.84
CA LEU F 85 -4.55 1.53 34.24
C LEU F 85 -5.10 1.93 35.61
N SER F 86 -6.22 1.33 36.02
CA SER F 86 -6.92 1.70 37.27
C SER F 86 -5.96 1.58 38.46
N ILE F 87 -6.27 2.19 39.61
CA ILE F 87 -5.45 2.09 40.84
C ILE F 87 -5.47 0.63 41.30
N GLU F 88 -6.57 -0.10 41.06
CA GLU F 88 -6.72 -1.52 41.49
C GLU F 88 -5.94 -2.44 40.52
N ASP F 89 -5.88 -2.12 39.24
CA ASP F 89 -5.16 -2.94 38.22
C ASP F 89 -3.65 -2.80 38.46
N GLN F 90 -3.18 -1.60 38.79
CA GLN F 90 -1.74 -1.36 38.99
C GLN F 90 -1.25 -2.00 40.29
N ALA F 91 -2.05 -1.91 41.35
CA ALA F 91 -1.69 -2.56 42.61
C ALA F 91 -1.59 -4.08 42.42
N ASN F 92 -2.44 -4.65 41.58
CA ASN F 92 -2.34 -6.08 41.29
C ASN F 92 -1.02 -6.40 40.61
N GLN F 93 -0.57 -5.54 39.70
CA GLN F 93 0.73 -5.73 39.07
C GLN F 93 1.84 -5.72 40.12
N VAL F 94 1.79 -4.79 41.07
CA VAL F 94 2.76 -4.78 42.15
C VAL F 94 2.74 -6.11 42.90
N ASP F 95 1.54 -6.57 43.27
CA ASP F 95 1.41 -7.81 44.03
C ASP F 95 2.03 -8.98 43.27
N LEU F 96 1.83 -9.04 41.96
CA LEU F 96 2.40 -10.13 41.18
C LEU F 96 3.93 -10.12 41.25
N VAL F 97 4.54 -8.94 41.28
CA VAL F 97 5.99 -8.87 41.36
C VAL F 97 6.46 -9.28 42.75
N LYS F 98 5.82 -8.71 43.79
CA LYS F 98 6.26 -8.98 45.16
C LYS F 98 6.11 -10.45 45.50
N ARG F 99 5.07 -11.11 45.00
CA ARG F 99 4.80 -12.50 45.30
C ARG F 99 5.24 -13.43 44.19
N SER F 100 6.33 -13.07 43.50
CA SER F 100 6.86 -13.88 42.41
C SER F 100 7.64 -15.07 42.97
N GLU F 101 8.69 -14.80 43.75
CA GLU F 101 9.45 -15.84 44.42
C GLU F 101 9.87 -15.35 45.80
N SER F 102 9.75 -16.24 46.78
CA SER F 102 9.96 -15.94 48.20
C SER F 102 8.98 -14.91 48.74
N GLY F 103 7.94 -14.57 47.99
CA GLY F 103 6.99 -13.56 48.42
C GLY F 103 5.76 -14.06 49.13
N MET F 104 5.54 -15.37 49.16
CA MET F 104 4.39 -15.95 49.83
C MET F 104 4.76 -16.57 51.16
N VAL F 105 6.01 -16.38 51.61
CA VAL F 105 6.43 -16.94 52.88
C VAL F 105 5.56 -16.42 54.01
N ALA F 106 5.02 -15.21 53.87
CA ALA F 106 4.14 -14.62 54.87
C ALA F 106 2.82 -14.13 54.31
N ASN F 107 2.56 -14.33 53.02
CA ASN F 107 1.29 -13.93 52.41
C ASN F 107 0.94 -14.90 51.29
N PRO F 108 0.49 -16.10 51.65
CA PRO F 108 0.23 -17.12 50.63
C PRO F 108 -1.11 -16.93 49.94
N ILE F 109 -1.19 -17.45 48.71
CA ILE F 109 -2.48 -17.58 48.04
C ILE F 109 -3.20 -18.78 48.63
N THR F 110 -4.53 -18.76 48.53
CA THR F 110 -5.35 -19.85 49.02
C THR F 110 -6.55 -20.03 48.09
N ILE F 111 -7.18 -21.19 48.19
CA ILE F 111 -8.40 -21.49 47.46
C ILE F 111 -9.29 -22.32 48.37
N HIS F 112 -10.60 -22.19 48.19
CA HIS F 112 -11.56 -22.95 48.98
C HIS F 112 -11.82 -24.32 48.36
N PRO F 113 -12.19 -25.31 49.18
CA PRO F 113 -12.31 -26.68 48.66
C PRO F 113 -13.44 -26.87 47.66
N ASP F 114 -14.43 -25.99 47.62
CA ASP F 114 -15.52 -26.13 46.64
C ASP F 114 -15.23 -25.38 45.34
N ALA F 115 -14.06 -24.77 45.19
CA ALA F 115 -13.69 -24.14 43.94
C ALA F 115 -13.47 -25.19 42.87
N THR F 116 -13.56 -24.77 41.61
CA THR F 116 -13.36 -25.67 40.49
C THR F 116 -11.88 -25.76 40.14
N LEU F 117 -11.52 -26.82 39.42
CA LEU F 117 -10.15 -26.95 38.93
C LEU F 117 -9.81 -25.80 38.01
N GLY F 118 -10.77 -25.33 37.23
CA GLY F 118 -10.53 -24.17 36.38
C GLY F 118 -10.11 -22.94 37.17
N GLU F 119 -10.78 -22.71 38.30
CA GLU F 119 -10.41 -21.58 39.16
C GLU F 119 -9.03 -21.78 39.78
N ALA F 120 -8.72 -23.01 40.20
CA ALA F 120 -7.41 -23.27 40.77
C ALA F 120 -6.30 -23.07 39.74
N ASP F 121 -6.50 -23.58 38.52
CA ASP F 121 -5.48 -23.44 37.49
C ASP F 121 -5.30 -21.98 37.07
N ALA F 122 -6.38 -21.21 37.05
CA ALA F 122 -6.25 -19.79 36.72
C ALA F 122 -5.41 -19.05 37.74
N LEU F 123 -5.57 -19.40 39.03
CA LEU F 123 -4.75 -18.78 40.07
C LEU F 123 -3.28 -19.19 39.93
N CYS F 124 -3.03 -20.45 39.61
CA CYS F 124 -1.67 -20.90 39.38
C CYS F 124 -1.04 -20.14 38.22
N ALA F 125 -1.82 -19.94 37.15
CA ALA F 125 -1.31 -19.20 35.99
C ALA F 125 -1.07 -17.73 36.35
N LYS F 126 -1.94 -17.14 37.16
CA LYS F 126 -1.80 -15.72 37.48
C LYS F 126 -0.49 -15.46 38.21
N PHE F 127 -0.20 -16.27 39.23
CA PHE F 127 0.98 -16.06 40.06
C PHE F 127 2.17 -16.91 39.63
N ARG F 128 2.04 -17.69 38.56
CA ARG F 128 3.11 -18.56 38.07
C ARG F 128 3.65 -19.43 39.21
N ILE F 129 2.72 -20.14 39.83
CA ILE F 129 2.99 -21.10 40.89
C ILE F 129 2.19 -22.35 40.57
N SER F 130 2.70 -23.51 40.96
CA SER F 130 2.16 -24.78 40.50
C SER F 130 1.24 -25.43 41.53
N GLY F 131 0.62 -24.66 42.40
CA GLY F 131 -0.29 -25.22 43.38
C GLY F 131 -0.83 -24.15 44.30
N VAL F 132 -1.90 -24.50 44.98
CA VAL F 132 -2.59 -23.59 45.90
C VAL F 132 -2.93 -24.34 47.18
N PRO F 133 -2.56 -23.81 48.36
CA PRO F 133 -3.12 -24.36 49.60
C PRO F 133 -4.64 -24.22 49.62
N VAL F 134 -5.31 -25.26 50.08
CA VAL F 134 -6.76 -25.26 50.23
C VAL F 134 -7.09 -24.99 51.68
N THR F 135 -7.89 -23.96 51.94
CA THR F 135 -8.24 -23.55 53.30
C THR F 135 -9.74 -23.30 53.39
N ASP F 136 -10.23 -23.27 54.63
CA ASP F 136 -11.60 -22.85 54.90
C ASP F 136 -11.63 -21.32 55.09
N GLY F 137 -12.78 -20.79 55.48
CA GLY F 137 -12.92 -19.35 55.62
C GLY F 137 -12.03 -18.76 56.70
N ALA F 138 -11.67 -19.55 57.70
CA ALA F 138 -10.84 -19.07 58.79
C ALA F 138 -9.35 -19.16 58.50
N GLY F 139 -8.96 -19.72 57.36
CA GLY F 139 -7.56 -19.94 57.07
C GLY F 139 -7.02 -21.28 57.51
N LYS F 140 -7.87 -22.16 58.06
CA LYS F 140 -7.45 -23.51 58.41
C LYS F 140 -7.03 -24.28 57.17
N LEU F 141 -5.85 -24.88 57.24
CA LEU F 141 -5.30 -25.63 56.11
C LEU F 141 -6.02 -26.96 56.00
N LEU F 142 -6.63 -27.21 54.85
CA LEU F 142 -7.34 -28.45 54.60
C LEU F 142 -6.61 -29.40 53.66
N GLY F 143 -5.68 -28.88 52.86
CA GLY F 143 -5.02 -29.68 51.84
C GLY F 143 -4.28 -28.78 50.88
N ILE F 144 -3.88 -29.37 49.76
CA ILE F 144 -3.14 -28.65 48.73
C ILE F 144 -3.45 -29.29 47.38
N VAL F 145 -3.73 -28.46 46.39
CA VAL F 145 -3.99 -28.91 45.02
C VAL F 145 -2.88 -28.35 44.14
N THR F 146 -2.22 -29.21 43.38
CA THR F 146 -1.06 -28.81 42.61
C THR F 146 -1.23 -29.26 41.17
N ASN F 147 -0.29 -28.82 40.32
CA ASN F 147 -0.33 -29.19 38.91
C ASN F 147 -0.42 -30.69 38.72
N ARG F 148 0.33 -31.46 39.51
CA ARG F 148 0.30 -32.90 39.32
C ARG F 148 -1.06 -33.49 39.68
N ASP F 149 -1.76 -32.90 40.65
CA ASP F 149 -3.09 -33.37 41.01
C ASP F 149 -4.08 -33.15 39.87
N MET F 150 -3.85 -32.13 39.03
CA MET F 150 -4.75 -31.78 37.94
C MET F 150 -4.26 -32.29 36.58
N ALA F 151 -3.12 -32.96 36.54
CA ALA F 151 -2.46 -33.23 35.25
C ALA F 151 -3.36 -34.03 34.30
N PHE F 152 -4.06 -35.03 34.82
CA PHE F 152 -4.85 -35.92 33.97
C PHE F 152 -6.33 -35.60 34.01
N GLU F 153 -6.71 -34.47 34.59
CA GLU F 153 -8.11 -34.09 34.71
C GLU F 153 -8.55 -33.35 33.45
N THR F 154 -9.73 -33.72 32.93
CA THR F 154 -10.28 -33.09 31.74
C THR F 154 -11.47 -32.19 32.04
N ASP F 155 -12.18 -32.41 33.14
CA ASP F 155 -13.35 -31.63 33.50
C ASP F 155 -12.91 -30.49 34.41
N ARG F 156 -12.99 -29.25 33.90
CA ARG F 156 -12.52 -28.11 34.66
C ARG F 156 -13.52 -27.64 35.71
N SER F 157 -14.74 -28.20 35.70
CA SER F 157 -15.75 -27.85 36.69
C SER F 157 -15.65 -28.70 37.94
N ARG F 158 -14.83 -29.75 37.91
CA ARG F 158 -14.65 -30.60 39.08
C ARG F 158 -14.14 -29.79 40.26
N GLN F 159 -14.58 -30.18 41.46
CA GLN F 159 -14.23 -29.42 42.64
C GLN F 159 -12.83 -29.77 43.14
N VAL F 160 -12.17 -28.76 43.70
CA VAL F 160 -10.80 -28.93 44.18
C VAL F 160 -10.70 -30.05 45.18
N ARG F 161 -11.72 -30.19 46.05
CA ARG F 161 -11.69 -31.21 47.09
C ARG F 161 -11.55 -32.62 46.52
N GLU F 162 -11.95 -32.84 45.27
CA GLU F 162 -11.94 -34.19 44.71
C GLU F 162 -10.55 -34.67 44.31
N VAL F 163 -9.62 -33.76 44.03
CA VAL F 163 -8.29 -34.14 43.57
C VAL F 163 -7.18 -33.68 44.50
N MET F 164 -7.46 -32.82 45.46
CA MET F 164 -6.41 -32.29 46.33
C MET F 164 -5.82 -33.38 47.19
N THR F 165 -4.58 -33.17 47.62
CA THR F 165 -3.99 -33.96 48.69
C THR F 165 -4.46 -33.41 50.03
N PRO F 166 -5.20 -34.18 50.82
CA PRO F 166 -5.72 -33.65 52.08
C PRO F 166 -4.68 -33.66 53.19
N MET F 167 -4.89 -32.80 54.19
CA MET F 167 -4.15 -32.88 55.45
C MET F 167 -4.29 -34.30 55.98
N PRO F 168 -3.27 -34.85 56.66
CA PRO F 168 -2.02 -34.16 57.04
C PRO F 168 -1.01 -34.04 55.91
N LEU F 169 -0.40 -32.86 55.81
CA LEU F 169 0.61 -32.56 54.82
C LEU F 169 1.96 -32.38 55.48
N VAL F 170 3.02 -32.47 54.68
CA VAL F 170 4.33 -32.03 55.14
C VAL F 170 4.31 -30.50 55.21
N THR F 171 4.50 -29.97 56.42
CA THR F 171 4.42 -28.53 56.64
C THR F 171 5.68 -28.09 57.40
N GLY F 172 5.89 -26.78 57.43
CA GLY F 172 6.97 -26.19 58.20
C GLY F 172 6.43 -25.17 59.19
N GLN F 173 7.31 -24.78 60.11
CA GLN F 173 6.97 -23.77 61.10
C GLN F 173 7.29 -22.38 60.54
N VAL F 174 6.53 -21.39 61.02
CA VAL F 174 6.88 -20.01 60.75
C VAL F 174 8.32 -19.79 61.17
N GLY F 175 9.10 -19.15 60.31
CA GLY F 175 10.49 -18.88 60.59
C GLY F 175 11.46 -19.96 60.17
N ILE F 176 10.97 -21.06 59.58
CA ILE F 176 11.88 -22.10 59.11
C ILE F 176 12.92 -21.48 58.19
N SER F 177 14.15 -21.98 58.27
CA SER F 177 15.22 -21.47 57.45
C SER F 177 15.16 -22.07 56.04
N GLY F 178 15.84 -21.39 55.11
CA GLY F 178 15.93 -21.92 53.76
C GLY F 178 16.54 -23.31 53.74
N VAL F 179 17.62 -23.50 54.48
CA VAL F 179 18.29 -24.80 54.51
C VAL F 179 17.33 -25.87 55.02
N ASP F 180 16.57 -25.54 56.08
CA ASP F 180 15.65 -26.52 56.65
C ASP F 180 14.48 -26.81 55.72
N ALA F 181 13.93 -25.76 55.10
CA ALA F 181 12.81 -25.96 54.18
C ALA F 181 13.22 -26.82 52.99
N MET F 182 14.37 -26.52 52.38
CA MET F 182 14.83 -27.32 51.25
C MET F 182 15.05 -28.78 51.64
N GLU F 183 15.61 -29.01 52.82
CA GLU F 183 15.83 -30.39 53.27
C GLU F 183 14.51 -31.15 53.36
N LEU F 184 13.45 -30.49 53.85
CA LEU F 184 12.14 -31.15 53.93
C LEU F 184 11.62 -31.50 52.55
N LEU F 185 11.75 -30.59 51.59
CA LEU F 185 11.32 -30.86 50.23
C LEU F 185 12.09 -32.02 49.62
N ARG F 186 13.40 -32.05 49.82
CA ARG F 186 14.23 -33.14 49.27
C ARG F 186 13.86 -34.47 49.90
N ARG F 187 13.72 -34.51 51.23
CA ARG F 187 13.49 -35.78 51.90
C ARG F 187 12.16 -36.40 51.46
N HIS F 188 11.12 -35.59 51.31
CA HIS F 188 9.78 -36.08 50.99
C HIS F 188 9.45 -36.01 49.50
N LYS F 189 10.40 -35.58 48.66
CA LYS F 189 10.21 -35.51 47.21
C LYS F 189 8.95 -34.74 46.85
N ILE F 190 8.76 -33.58 47.48
CA ILE F 190 7.66 -32.69 47.20
C ILE F 190 8.24 -31.34 46.84
N GLU F 191 7.41 -30.48 46.24
CA GLU F 191 7.85 -29.17 45.80
C GLU F 191 7.23 -28.02 46.58
N LYS F 192 6.28 -28.30 47.47
CA LYS F 192 5.58 -27.28 48.22
C LYS F 192 5.71 -27.52 49.72
N LEU F 193 5.83 -26.44 50.48
CA LEU F 193 5.92 -26.53 51.94
C LEU F 193 5.04 -25.45 52.56
N PRO F 194 3.80 -25.78 52.88
CA PRO F 194 2.97 -24.84 53.64
C PRO F 194 3.57 -24.57 55.02
N LEU F 195 3.41 -23.34 55.47
CA LEU F 195 3.86 -22.91 56.79
C LEU F 195 2.62 -22.64 57.64
N VAL F 196 2.53 -23.29 58.80
CA VAL F 196 1.35 -23.20 59.65
C VAL F 196 1.78 -22.85 61.06
N ASP F 197 0.84 -22.28 61.81
CA ASP F 197 1.04 -22.01 63.23
C ASP F 197 0.51 -23.19 64.06
N GLY F 198 0.48 -23.02 65.38
CA GLY F 198 0.10 -24.11 66.26
C GLY F 198 -1.31 -24.62 66.05
N ASP F 199 -2.23 -23.75 65.64
CA ASP F 199 -3.62 -24.13 65.41
C ASP F 199 -3.89 -24.61 64.00
N GLY F 200 -2.85 -24.77 63.18
CA GLY F 200 -3.06 -25.22 61.81
C GLY F 200 -3.59 -24.15 60.88
N ILE F 201 -3.46 -22.89 61.24
CA ILE F 201 -3.79 -21.79 60.35
C ILE F 201 -2.63 -21.58 59.39
N LEU F 202 -2.94 -21.46 58.10
CA LEU F 202 -1.90 -21.24 57.10
C LEU F 202 -1.31 -19.85 57.28
N LYS F 203 0.02 -19.79 57.43
CA LYS F 203 0.72 -18.52 57.58
C LYS F 203 1.62 -18.18 56.41
N GLY F 204 1.99 -19.17 55.60
CA GLY F 204 2.89 -18.91 54.49
C GLY F 204 3.02 -20.13 53.61
N LEU F 205 3.83 -19.98 52.56
CA LEU F 205 4.09 -21.06 51.62
C LEU F 205 5.48 -20.89 51.03
N ILE F 206 6.25 -21.97 51.05
CA ILE F 206 7.52 -22.09 50.35
C ILE F 206 7.34 -23.12 49.25
N THR F 207 7.89 -22.85 48.07
CA THR F 207 7.91 -23.83 46.99
C THR F 207 9.30 -23.89 46.39
N VAL F 208 9.52 -24.95 45.59
CA VAL F 208 10.83 -25.16 44.97
C VAL F 208 11.22 -23.96 44.09
N LYS F 209 10.23 -23.20 43.62
CA LYS F 209 10.51 -22.02 42.82
C LYS F 209 11.42 -21.04 43.57
N ASP F 210 11.20 -20.89 44.88
CA ASP F 210 12.01 -19.96 45.66
C ASP F 210 13.49 -20.29 45.54
N PHE F 211 13.82 -21.57 45.58
CA PHE F 211 15.21 -21.99 45.52
C PHE F 211 15.73 -22.01 44.08
N VAL F 212 14.89 -22.46 43.14
CA VAL F 212 15.30 -22.48 41.74
C VAL F 212 15.64 -21.06 41.28
N LYS F 213 14.73 -20.12 41.54
CA LYS F 213 14.95 -18.77 41.04
C LYS F 213 16.09 -18.06 41.75
N ALA F 214 16.31 -18.37 43.03
CA ALA F 214 17.46 -17.79 43.73
C ALA F 214 18.77 -18.28 43.13
N GLU F 215 18.82 -19.53 42.68
CA GLU F 215 20.03 -20.06 42.09
C GLU F 215 20.22 -19.57 40.66
N GLN F 216 19.12 -19.46 39.89
CA GLN F 216 19.24 -19.02 38.51
C GLN F 216 19.58 -17.54 38.42
N TYR F 217 19.14 -16.74 39.39
CA TYR F 217 19.29 -15.29 39.35
C TYR F 217 19.96 -14.84 40.65
N PRO F 218 21.25 -15.14 40.80
CA PRO F 218 21.94 -14.82 42.06
C PRO F 218 22.15 -13.32 42.26
N HIS F 219 21.96 -12.49 41.23
CA HIS F 219 22.11 -11.06 41.34
C HIS F 219 20.77 -10.32 41.40
N ALA F 220 19.69 -11.03 41.69
CA ALA F 220 18.37 -10.38 41.75
C ALA F 220 18.40 -9.18 42.69
N ALA F 221 17.71 -8.12 42.32
CA ALA F 221 17.55 -6.98 43.22
C ALA F 221 16.39 -7.30 44.17
N LYS F 222 16.62 -7.43 45.52
CA LYS F 222 15.52 -7.75 46.44
C LYS F 222 15.46 -6.75 47.59
N ASP F 223 14.30 -6.77 48.22
CA ASP F 223 13.98 -6.00 49.40
C ASP F 223 14.47 -6.75 50.63
N ALA F 224 14.23 -6.14 51.79
CA ALA F 224 14.73 -6.71 53.02
C ALA F 224 14.09 -8.06 53.33
N LYS F 225 12.93 -8.35 52.75
CA LYS F 225 12.27 -9.64 52.99
C LYS F 225 12.65 -10.69 51.96
N GLY F 226 13.57 -10.37 51.06
CA GLY F 226 13.95 -11.31 50.03
C GLY F 226 13.05 -11.34 48.83
N ARG F 227 12.15 -10.37 48.69
CA ARG F 227 11.26 -10.30 47.53
C ARG F 227 11.80 -9.35 46.49
N LEU F 228 11.43 -9.60 45.24
CA LEU F 228 11.91 -8.79 44.14
C LEU F 228 11.52 -7.33 44.34
N LEU F 229 12.45 -6.42 44.06
CA LEU F 229 12.17 -5.00 44.11
C LEU F 229 11.28 -4.59 42.94
N VAL F 230 10.48 -3.55 43.17
CA VAL F 230 9.66 -2.98 42.10
C VAL F 230 9.27 -1.56 42.47
N GLY F 231 9.18 -0.70 41.45
CA GLY F 231 8.65 0.63 41.59
C GLY F 231 7.36 0.79 40.78
N ALA F 232 6.71 1.93 40.98
CA ALA F 232 5.47 2.21 40.26
C ALA F 232 5.32 3.72 40.08
N ALA F 233 4.77 4.11 38.94
CA ALA F 233 4.56 5.51 38.63
C ALA F 233 3.20 5.99 39.12
N VAL F 234 3.16 7.25 39.54
CA VAL F 234 1.92 7.97 39.83
C VAL F 234 2.02 9.34 39.21
N GLY F 235 0.87 9.99 39.03
CA GLY F 235 0.80 11.34 38.50
C GLY F 235 0.99 12.38 39.58
N ALA F 236 0.52 13.60 39.28
CA ALA F 236 0.59 14.74 40.18
C ALA F 236 -0.82 15.30 40.28
N SER F 237 -1.61 14.76 41.20
CA SER F 237 -3.03 15.09 41.29
C SER F 237 -3.64 14.49 42.55
N PRO F 238 -4.85 14.87 42.94
CA PRO F 238 -5.50 14.19 44.08
C PRO F 238 -5.58 12.69 43.86
N GLU F 239 -5.93 12.26 42.65
CA GLU F 239 -6.00 10.83 42.35
C GLU F 239 -4.64 10.15 42.56
N ALA F 240 -3.56 10.84 42.19
CA ALA F 240 -2.23 10.26 42.35
C ALA F 240 -1.95 9.94 43.81
N LEU F 241 -2.52 10.72 44.73
CA LEU F 241 -2.33 10.46 46.15
C LEU F 241 -3.02 9.17 46.56
N ASP F 242 -4.24 8.93 46.07
CA ASP F 242 -4.91 7.66 46.37
C ASP F 242 -4.15 6.49 45.75
N ARG F 243 -3.66 6.65 44.52
CA ARG F 243 -2.89 5.61 43.87
C ARG F 243 -1.66 5.26 44.70
N ALA F 244 -0.95 6.27 45.18
CA ALA F 244 0.25 6.03 45.98
C ALA F 244 -0.06 5.14 47.18
N GLN F 245 -1.15 5.42 47.88
CA GLN F 245 -1.50 4.63 49.06
C GLN F 245 -1.73 3.16 48.69
N ALA F 246 -2.50 2.93 47.63
CA ALA F 246 -2.80 1.57 47.21
C ALA F 246 -1.53 0.83 46.80
N LEU F 247 -0.62 1.52 46.10
CA LEU F 247 0.61 0.87 45.68
C LEU F 247 1.50 0.55 46.86
N ALA F 248 1.58 1.46 47.84
CA ALA F 248 2.38 1.20 49.03
C ALA F 248 1.86 0.01 49.82
N GLU F 249 0.54 -0.07 50.01
CA GLU F 249 -0.01 -1.20 50.74
C GLU F 249 0.23 -2.51 50.01
N ALA F 250 0.25 -2.49 48.67
CA ALA F 250 0.52 -3.69 47.90
C ALA F 250 1.99 -4.10 47.97
N GLY F 251 2.84 -3.28 48.58
CA GLY F 251 4.23 -3.63 48.80
C GLY F 251 5.24 -3.01 47.87
N VAL F 252 4.88 -1.95 47.14
CA VAL F 252 5.83 -1.31 46.25
C VAL F 252 6.97 -0.72 47.06
N ASP F 253 8.17 -0.74 46.50
CA ASP F 253 9.36 -0.29 47.21
C ASP F 253 9.66 1.19 46.99
N PHE F 254 9.22 1.75 45.86
CA PHE F 254 9.35 3.18 45.66
C PHE F 254 8.34 3.63 44.62
N LEU F 255 8.00 4.91 44.68
CA LEU F 255 7.09 5.55 43.74
C LEU F 255 7.88 6.53 42.88
N VAL F 256 7.40 6.71 41.65
CA VAL F 256 7.94 7.72 40.74
C VAL F 256 6.79 8.66 40.40
N VAL F 257 6.89 9.91 40.85
CA VAL F 257 5.93 10.94 40.46
C VAL F 257 6.35 11.37 39.05
N ASP F 258 5.62 10.91 38.04
CA ASP F 258 6.03 11.00 36.64
C ASP F 258 5.25 12.12 35.97
N THR F 259 5.93 13.23 35.70
CA THR F 259 5.33 14.36 34.99
C THR F 259 6.26 14.80 33.88
N SER F 260 5.66 15.40 32.84
CA SER F 260 6.48 15.92 31.74
C SER F 260 7.27 17.15 32.17
N HIS F 261 6.71 17.97 33.06
CA HIS F 261 7.37 19.18 33.54
C HIS F 261 7.47 19.18 35.06
N GLY F 262 8.56 18.59 35.57
CA GLY F 262 8.76 18.50 37.00
C GLY F 262 9.00 19.83 37.69
N HIS F 263 9.33 20.88 36.93
CA HIS F 263 9.56 22.20 37.50
C HIS F 263 8.28 23.02 37.60
N ASN F 264 7.13 22.42 37.28
CA ASN F 264 5.85 23.09 37.45
C ASN F 264 5.46 23.10 38.93
N SER F 265 4.96 24.24 39.38
CA SER F 265 4.68 24.42 40.81
C SER F 265 3.66 23.40 41.31
N ASN F 266 2.67 23.08 40.47
CA ASN F 266 1.67 22.09 40.90
C ASN F 266 2.29 20.71 41.07
N ALA F 267 3.13 20.30 40.12
CA ALA F 267 3.81 19.01 40.24
C ALA F 267 4.66 18.96 41.50
N LEU F 268 5.42 20.02 41.76
CA LEU F 268 6.27 20.05 42.94
C LEU F 268 5.43 19.92 44.21
N SER F 269 4.28 20.60 44.26
CA SER F 269 3.42 20.53 45.44
C SER F 269 2.91 19.10 45.65
N TRP F 270 2.52 18.40 44.59
CA TRP F 270 2.02 17.05 44.75
C TRP F 270 3.12 16.09 45.16
N MET F 271 4.35 16.32 44.68
CA MET F 271 5.49 15.52 45.12
C MET F 271 5.65 15.61 46.63
N SER F 272 5.60 16.82 47.17
CA SER F 272 5.72 16.98 48.62
C SER F 272 4.58 16.27 49.34
N LYS F 273 3.35 16.45 48.87
CA LYS F 273 2.21 15.80 49.51
C LYS F 273 2.32 14.29 49.44
N ILE F 274 2.68 13.76 48.26
CA ILE F 274 2.80 12.32 48.12
C ILE F 274 3.93 11.79 49.00
N LYS F 275 5.08 12.47 48.98
CA LYS F 275 6.20 12.05 49.80
C LYS F 275 5.81 11.96 51.27
N SER F 276 5.14 12.99 51.79
CA SER F 276 4.80 13.02 53.21
C SER F 276 3.71 12.03 53.59
N SER F 277 2.99 11.47 52.61
CA SER F 277 1.87 10.59 52.89
C SER F 277 2.23 9.10 52.85
N VAL F 278 3.46 8.76 52.50
CA VAL F 278 3.89 7.36 52.46
C VAL F 278 5.23 7.25 53.18
N GLY F 279 5.59 6.01 53.51
CA GLY F 279 6.84 5.73 54.17
C GLY F 279 7.95 5.23 53.29
N ILE F 280 7.69 5.07 52.00
CA ILE F 280 8.68 4.55 51.07
C ILE F 280 9.30 5.71 50.30
N ASP F 281 10.38 5.42 49.58
CA ASP F 281 11.06 6.45 48.80
C ASP F 281 10.15 6.95 47.69
N VAL F 282 10.28 8.25 47.38
CA VAL F 282 9.53 8.88 46.30
C VAL F 282 10.51 9.57 45.37
N VAL F 283 10.51 9.17 44.10
CA VAL F 283 11.31 9.81 43.06
C VAL F 283 10.43 10.81 42.32
N GLY F 284 11.00 11.95 41.97
CA GLY F 284 10.29 12.98 41.22
C GLY F 284 10.97 13.29 39.90
N GLY F 285 10.18 13.66 38.91
CA GLY F 285 10.70 14.09 37.63
C GLY F 285 9.57 14.58 36.74
N ASN F 286 9.93 15.00 35.53
CA ASN F 286 11.29 15.05 35.01
C ASN F 286 11.82 16.49 34.96
N VAL F 287 13.12 16.67 35.13
CA VAL F 287 13.76 17.97 35.03
C VAL F 287 14.99 17.85 34.15
N ALA F 288 15.56 19.02 33.80
CA ALA F 288 16.74 19.03 32.93
C ALA F 288 17.65 20.21 33.20
N THR F 289 17.54 20.84 34.38
CA THR F 289 18.37 21.98 34.75
C THR F 289 18.78 21.82 36.20
N ARG F 290 19.77 22.61 36.61
CA ARG F 290 20.16 22.60 38.02
C ARG F 290 19.03 23.11 38.90
N ASP F 291 18.41 24.23 38.52
CA ASP F 291 17.35 24.80 39.35
C ASP F 291 16.13 23.90 39.40
N GLY F 292 15.84 23.18 38.31
CA GLY F 292 14.77 22.21 38.36
C GLY F 292 15.07 21.05 39.30
N ALA F 293 16.30 20.52 39.22
CA ALA F 293 16.69 19.46 40.15
C ALA F 293 16.64 19.96 41.59
N GLN F 294 17.09 21.18 41.84
CA GLN F 294 17.04 21.73 43.20
C GLN F 294 15.60 21.88 43.68
N ALA F 295 14.69 22.27 42.78
CA ALA F 295 13.29 22.40 43.16
C ALA F 295 12.72 21.04 43.58
N LEU F 296 13.06 19.97 42.86
CA LEU F 296 12.62 18.65 43.27
C LEU F 296 13.18 18.29 44.64
N ILE F 297 14.46 18.56 44.87
CA ILE F 297 15.08 18.26 46.15
C ILE F 297 14.42 19.04 47.27
N ASP F 298 14.15 20.33 47.03
CA ASP F 298 13.47 21.13 48.04
C ASP F 298 12.08 20.60 48.34
N ALA F 299 11.44 19.96 47.36
CA ALA F 299 10.14 19.36 47.58
C ALA F 299 10.22 18.06 48.37
N GLY F 300 11.42 17.51 48.54
CA GLY F 300 11.64 16.40 49.44
C GLY F 300 11.82 15.03 48.81
N VAL F 301 12.04 14.95 47.49
CA VAL F 301 12.12 13.64 46.85
C VAL F 301 13.40 12.93 47.26
N ASP F 302 13.37 11.61 47.14
CA ASP F 302 14.50 10.75 47.45
C ASP F 302 15.33 10.40 46.23
N GLY F 303 14.89 10.81 45.05
CA GLY F 303 15.64 10.65 43.83
C GLY F 303 15.01 11.54 42.78
N ILE F 304 15.79 11.90 41.77
CA ILE F 304 15.29 12.74 40.69
C ILE F 304 15.48 12.01 39.37
N LYS F 305 14.57 12.27 38.43
CA LYS F 305 14.63 11.72 37.09
C LYS F 305 14.86 12.86 36.11
N VAL F 306 15.84 12.71 35.23
CA VAL F 306 16.33 13.79 34.38
C VAL F 306 16.06 13.44 32.93
N GLY F 307 15.43 14.36 32.21
CA GLY F 307 15.15 14.17 30.80
C GLY F 307 13.95 14.96 30.33
N VAL F 308 14.19 16.05 29.62
CA VAL F 308 13.15 16.86 29.00
C VAL F 308 13.57 17.15 27.56
N GLY F 309 12.83 16.61 26.60
CA GLY F 309 13.15 16.73 25.21
C GLY F 309 14.57 16.32 24.89
N PRO F 310 14.97 15.12 25.34
CA PRO F 310 16.36 14.70 25.15
C PRO F 310 16.69 14.24 23.73
N GLY F 311 15.69 13.75 23.00
CA GLY F 311 15.93 13.14 21.70
C GLY F 311 15.87 14.14 20.57
N SER F 312 16.78 13.99 19.61
CA SER F 312 16.78 14.83 18.43
C SER F 312 15.42 14.75 17.74
N ILE F 313 14.84 15.91 17.45
CA ILE F 313 13.55 15.98 16.79
C ILE F 313 12.56 15.03 17.48
N CYS F 314 12.46 15.16 18.80
CA CYS F 314 11.38 14.52 19.51
C CYS F 314 10.21 15.51 19.60
N THR F 315 9.11 15.08 20.20
CA THR F 315 7.87 15.85 20.08
C THR F 315 7.96 17.20 20.76
N THR F 316 8.41 17.23 22.03
CA THR F 316 8.45 18.51 22.72
C THR F 316 9.39 19.48 22.03
N ARG F 317 10.42 18.97 21.34
CA ARG F 317 11.31 19.84 20.58
C ARG F 317 10.60 20.37 19.34
N VAL F 318 9.91 19.50 18.61
CA VAL F 318 9.29 19.91 17.35
C VAL F 318 8.05 20.74 17.62
N VAL F 319 7.22 20.29 18.56
CA VAL F 319 5.96 20.98 18.85
C VAL F 319 6.21 22.28 19.60
N ALA F 320 7.07 22.24 20.61
CA ALA F 320 7.23 23.36 21.53
C ALA F 320 8.61 23.99 21.52
N GLY F 321 9.57 23.42 20.80
CA GLY F 321 10.90 23.99 20.81
C GLY F 321 11.60 23.87 22.14
N ILE F 322 11.13 22.96 23.00
CA ILE F 322 11.65 22.80 24.35
C ILE F 322 12.53 21.55 24.37
N GLY F 323 13.70 21.66 25.00
CA GLY F 323 14.54 20.49 25.20
C GLY F 323 15.92 20.80 25.72
N VAL F 324 16.57 19.77 26.26
CA VAL F 324 17.95 19.89 26.75
C VAL F 324 18.74 18.67 26.30
N PRO F 325 19.84 18.84 25.57
CA PRO F 325 20.72 17.69 25.30
C PRO F 325 21.08 16.96 26.59
N GLN F 326 21.07 15.63 26.53
CA GLN F 326 20.95 14.84 27.75
C GLN F 326 22.21 14.85 28.59
N VAL F 327 23.39 14.95 27.97
CA VAL F 327 24.61 15.02 28.76
C VAL F 327 24.62 16.29 29.60
N THR F 328 24.29 17.42 28.97
CA THR F 328 24.16 18.67 29.70
C THR F 328 23.06 18.58 30.76
N ALA F 329 21.93 17.97 30.41
CA ALA F 329 20.84 17.83 31.37
C ALA F 329 21.29 17.09 32.61
N ILE F 330 21.96 15.95 32.43
CA ILE F 330 22.43 15.17 33.56
C ILE F 330 23.45 15.96 34.37
N TYR F 331 24.42 16.56 33.69
CA TYR F 331 25.47 17.29 34.41
C TYR F 331 24.89 18.42 35.24
N GLU F 332 24.02 19.22 34.63
CA GLU F 332 23.43 20.35 35.34
C GLU F 332 22.59 19.88 36.53
N ALA F 333 21.76 18.86 36.32
CA ALA F 333 20.96 18.34 37.43
C ALA F 333 21.84 17.78 38.53
N SER F 334 22.96 17.15 38.17
CA SER F 334 23.83 16.56 39.17
C SER F 334 24.50 17.59 40.06
N LEU F 335 24.67 18.81 39.58
CA LEU F 335 25.24 19.87 40.43
C LEU F 335 24.41 20.05 41.69
N ALA F 336 23.09 19.93 41.56
CA ALA F 336 22.21 20.00 42.73
C ALA F 336 22.10 18.65 43.43
N ALA F 337 21.98 17.57 42.65
CA ALA F 337 21.71 16.27 43.25
C ALA F 337 22.90 15.75 44.05
N ARG F 338 24.11 15.85 43.50
CA ARG F 338 25.27 15.30 44.21
C ARG F 338 25.53 16.04 45.52
N ALA F 339 25.36 17.36 45.52
CA ALA F 339 25.56 18.13 46.74
C ALA F 339 24.56 17.74 47.82
N ALA F 340 23.39 17.26 47.43
CA ALA F 340 22.35 16.86 48.37
C ALA F 340 22.33 15.37 48.64
N GLY F 341 23.18 14.59 47.98
CA GLY F 341 23.17 13.15 48.17
C GLY F 341 21.96 12.43 47.62
N VAL F 342 21.32 12.99 46.59
CA VAL F 342 20.08 12.44 46.04
C VAL F 342 20.42 11.73 44.72
N PRO F 343 20.12 10.44 44.57
CA PRO F 343 20.47 9.75 43.33
C PRO F 343 19.72 10.35 42.14
N LEU F 344 20.34 10.23 40.95
CA LEU F 344 19.85 10.85 39.73
C LEU F 344 19.66 9.77 38.66
N ILE F 345 18.45 9.69 38.12
CA ILE F 345 18.11 8.72 37.08
C ILE F 345 18.15 9.42 35.72
N GLY F 346 18.99 8.90 34.82
CA GLY F 346 19.02 9.40 33.46
C GLY F 346 17.92 8.79 32.62
N ASP F 347 17.01 9.61 32.11
CA ASP F 347 15.81 9.14 31.41
C ASP F 347 15.69 9.79 30.04
N GLY F 348 16.28 9.14 29.04
CA GLY F 348 16.06 9.53 27.66
C GLY F 348 17.31 9.79 26.86
N GLY F 349 17.19 9.73 25.54
CA GLY F 349 18.27 10.08 24.64
C GLY F 349 19.25 8.98 24.30
N LEU F 350 19.07 7.79 24.85
CA LEU F 350 20.04 6.71 24.64
C LEU F 350 20.04 6.24 23.20
N GLN F 351 21.23 5.90 22.70
CA GLN F 351 21.40 5.40 21.34
C GLN F 351 22.38 4.23 21.23
N TYR F 352 23.19 3.96 22.24
CA TYR F 352 24.18 2.90 22.20
C TYR F 352 24.45 2.46 23.64
N SER F 353 24.96 1.24 23.78
CA SER F 353 25.29 0.78 25.13
C SER F 353 26.38 1.63 25.76
N GLY F 354 27.26 2.22 24.93
CA GLY F 354 28.29 3.10 25.45
C GLY F 354 27.76 4.36 26.09
N ASP F 355 26.51 4.72 25.81
CA ASP F 355 25.93 5.91 26.41
C ASP F 355 25.62 5.73 27.88
N ILE F 356 25.53 4.50 28.36
CA ILE F 356 25.28 4.27 29.78
C ILE F 356 26.44 4.79 30.60
N GLY F 357 27.66 4.39 30.23
CA GLY F 357 28.84 4.88 30.93
C GLY F 357 28.97 6.40 30.83
N LYS F 358 28.61 6.95 29.68
CA LYS F 358 28.65 8.41 29.55
C LYS F 358 27.68 9.06 30.53
N ALA F 359 26.47 8.52 30.66
CA ALA F 359 25.50 9.08 31.59
C ALA F 359 26.01 9.03 33.02
N LEU F 360 26.57 7.88 33.42
CA LEU F 360 27.07 7.75 34.78
C LEU F 360 28.24 8.68 35.04
N ALA F 361 29.17 8.79 34.09
CA ALA F 361 30.29 9.70 34.26
C ALA F 361 29.83 11.16 34.27
N ALA F 362 28.71 11.45 33.60
CA ALA F 362 28.18 12.81 33.58
C ALA F 362 27.45 13.18 34.86
N GLY F 363 27.12 12.21 35.71
CA GLY F 363 26.53 12.52 37.00
C GLY F 363 25.33 11.67 37.38
N ALA F 364 24.92 10.76 36.51
CA ALA F 364 23.78 9.91 36.81
C ALA F 364 24.20 8.73 37.69
N ASP F 365 23.25 8.26 38.49
CA ASP F 365 23.44 7.05 39.28
C ASP F 365 22.84 5.82 38.62
N THR F 366 21.75 5.98 37.86
CA THR F 366 21.15 4.89 37.12
C THR F 366 20.62 5.46 35.80
N VAL F 367 20.22 4.55 34.91
CA VAL F 367 19.72 4.92 33.59
C VAL F 367 18.43 4.16 33.33
N MET F 368 17.41 4.88 32.86
CA MET F 368 16.12 4.30 32.56
C MET F 368 16.06 3.92 31.08
N LEU F 369 15.65 2.69 30.80
CA LEU F 369 15.53 2.19 29.43
C LEU F 369 14.06 2.19 29.03
N GLY F 370 13.73 2.66 27.82
CA GLY F 370 12.32 2.82 27.38
C GLY F 370 11.92 1.95 26.19
N SER F 371 11.71 2.53 25.00
CA SER F 371 11.22 1.81 23.78
C SER F 371 12.23 0.77 23.29
N LEU F 372 13.48 0.78 23.78
CA LEU F 372 14.50 -0.25 23.44
C LEU F 372 14.02 -1.60 23.99
N LEU F 373 13.15 -1.60 25.01
CA LEU F 373 12.64 -2.84 25.67
C LEU F 373 11.18 -3.13 25.27
N ALA F 374 10.53 -2.36 24.37
CA ALA F 374 9.14 -2.68 24.04
C ALA F 374 9.05 -3.95 23.22
N GLY F 375 10.09 -4.29 22.48
CA GLY F 375 10.07 -5.50 21.68
C GLY F 375 10.47 -6.76 22.39
N CYS F 376 10.83 -6.68 23.67
CA CYS F 376 11.29 -7.84 24.40
C CYS F 376 10.14 -8.76 24.77
N GLU F 377 10.46 -10.04 24.93
CA GLU F 377 9.45 -11.06 25.23
C GLU F 377 8.64 -10.67 26.47
N GLU F 378 9.29 -10.10 27.48
CA GLU F 378 8.64 -9.80 28.73
C GLU F 378 7.79 -8.52 28.69
N SER F 379 7.79 -7.78 27.58
CA SER F 379 6.97 -6.59 27.48
C SER F 379 5.49 -6.98 27.41
N PRO F 380 4.60 -6.04 27.70
CA PRO F 380 3.17 -6.41 27.81
C PRO F 380 2.54 -6.90 26.52
N GLY F 381 3.07 -6.52 25.36
CA GLY F 381 2.41 -6.83 24.11
C GLY F 381 2.27 -8.33 23.86
N GLU F 382 1.39 -8.66 22.91
CA GLU F 382 1.17 -10.04 22.50
C GLU F 382 2.10 -10.39 21.35
N LEU F 383 2.76 -11.53 21.45
CA LEU F 383 3.63 -12.00 20.37
C LEU F 383 2.77 -12.54 19.24
N GLN F 384 2.92 -11.95 18.06
CA GLN F 384 2.17 -12.35 16.87
C GLN F 384 3.11 -12.58 15.72
N PHE F 385 2.67 -13.42 14.78
CA PHE F 385 3.48 -13.85 13.65
C PHE F 385 2.86 -13.36 12.35
N ILE F 386 3.62 -12.58 11.59
CA ILE F 386 3.21 -12.13 10.26
C ILE F 386 4.43 -12.21 9.33
N ASN F 387 4.77 -13.42 8.88
CA ASN F 387 6.01 -13.68 8.17
C ASN F 387 7.20 -13.64 9.14
N GLY F 388 7.23 -12.61 10.00
CA GLY F 388 8.16 -12.52 11.10
C GLY F 388 7.40 -12.33 12.40
N LYS F 389 8.17 -12.13 13.47
CA LYS F 389 7.60 -12.00 14.81
C LYS F 389 7.55 -10.54 15.25
N GLN F 390 6.44 -10.17 15.87
CA GLN F 390 6.20 -8.80 16.32
C GLN F 390 5.50 -8.83 17.66
N PHE F 391 5.56 -7.71 18.37
CA PHE F 391 4.79 -7.51 19.59
C PHE F 391 3.61 -6.59 19.30
N LYS F 392 2.43 -6.99 19.77
CA LYS F 392 1.21 -6.24 19.51
C LYS F 392 0.39 -6.02 20.78
N VAL F 437 5.79 -3.46 16.70
CA VAL F 437 7.15 -3.40 17.22
C VAL F 437 7.84 -4.75 16.97
N PRO F 438 9.03 -4.72 16.38
CA PRO F 438 9.72 -5.98 16.07
C PRO F 438 10.14 -6.72 17.33
N TYR F 439 10.00 -8.05 17.29
CA TYR F 439 10.34 -8.89 18.44
C TYR F 439 11.85 -8.96 18.60
N ARG F 440 12.33 -8.70 19.81
CA ARG F 440 13.76 -8.65 20.10
C ARG F 440 14.26 -9.87 20.85
N GLY F 441 13.38 -10.71 21.39
CA GLY F 441 13.78 -11.81 22.22
C GLY F 441 13.81 -11.46 23.69
N PRO F 442 14.39 -12.35 24.50
CA PRO F 442 14.35 -12.15 25.96
C PRO F 442 15.08 -10.88 26.39
N LEU F 443 14.54 -10.24 27.43
CA LEU F 443 15.21 -9.08 28.02
C LEU F 443 16.65 -9.40 28.39
N ALA F 444 16.90 -10.62 28.86
CA ALA F 444 18.24 -10.97 29.33
C ALA F 444 19.30 -10.69 28.27
N ASN F 445 18.96 -10.89 27.00
CA ASN F 445 19.95 -10.66 25.95
C ASN F 445 20.27 -9.18 25.83
N VAL F 446 19.25 -8.32 25.93
CA VAL F 446 19.48 -6.87 25.86
C VAL F 446 20.34 -6.42 27.03
N LEU F 447 19.99 -6.86 28.24
CA LEU F 447 20.70 -6.40 29.43
C LEU F 447 22.12 -6.95 29.47
N HIS F 448 22.32 -8.20 29.04
CA HIS F 448 23.66 -8.77 29.06
C HIS F 448 24.61 -7.94 28.20
N GLN F 449 24.15 -7.50 27.04
CA GLN F 449 24.96 -6.65 26.17
C GLN F 449 25.17 -5.27 26.78
N LEU F 450 24.12 -4.69 27.37
CA LEU F 450 24.23 -3.37 27.95
C LEU F 450 25.18 -3.36 29.15
N VAL F 451 25.01 -4.32 30.05
CA VAL F 451 25.88 -4.39 31.22
C VAL F 451 27.30 -4.79 30.80
N GLY F 452 27.42 -5.68 29.82
CA GLY F 452 28.74 -5.99 29.30
C GLY F 452 29.46 -4.76 28.78
N GLY F 453 28.73 -3.91 28.04
CA GLY F 453 29.33 -2.67 27.57
C GLY F 453 29.76 -1.76 28.69
N LEU F 454 28.90 -1.62 29.71
CA LEU F 454 29.25 -0.76 30.84
C LEU F 454 30.50 -1.24 31.54
N ARG F 455 30.64 -2.57 31.71
CA ARG F 455 31.83 -3.12 32.35
C ARG F 455 33.08 -2.78 31.55
N GLN F 456 32.98 -2.79 30.21
CA GLN F 456 34.10 -2.35 29.38
C GLN F 456 34.46 -0.90 29.68
N THR F 457 33.45 -0.03 29.72
CA THR F 457 33.69 1.37 30.04
C THR F 457 34.42 1.54 31.36
N MET F 458 33.93 0.86 32.40
CA MET F 458 34.52 1.04 33.74
C MET F 458 35.95 0.54 33.77
N GLY F 459 36.23 -0.59 33.10
CA GLY F 459 37.59 -1.05 33.02
C GLY F 459 38.50 -0.07 32.32
N TYR F 460 38.04 0.53 31.22
CA TYR F 460 38.84 1.49 30.48
C TYR F 460 39.11 2.74 31.31
N VAL F 461 38.12 3.15 32.10
CA VAL F 461 38.24 4.38 32.89
C VAL F 461 38.97 4.14 34.20
N GLY F 462 39.06 2.91 34.66
CA GLY F 462 39.68 2.62 35.93
C GLY F 462 38.75 2.72 37.12
N ALA F 463 37.43 2.73 36.88
CA ALA F 463 36.44 2.83 37.95
C ALA F 463 36.06 1.43 38.42
N ALA F 464 36.39 1.12 39.67
CA ALA F 464 36.02 -0.17 40.25
C ALA F 464 34.57 -0.20 40.71
N THR F 465 33.95 0.97 40.90
CA THR F 465 32.56 1.07 41.32
C THR F 465 31.89 2.18 40.53
N ILE F 466 30.56 2.19 40.55
CA ILE F 466 29.81 3.23 39.84
C ILE F 466 30.13 4.61 40.40
N GLU F 467 30.20 4.73 41.73
CA GLU F 467 30.48 6.04 42.34
C GLU F 467 31.83 6.61 41.94
N GLU F 468 32.76 5.78 41.46
CA GLU F 468 34.03 6.31 40.97
C GLU F 468 33.92 6.86 39.56
N MET F 469 32.81 6.60 38.85
CA MET F 469 32.70 6.98 37.44
C MET F 469 32.76 8.49 37.24
N GLU F 470 32.06 9.25 38.09
CA GLU F 470 31.97 10.69 37.88
C GLU F 470 33.34 11.35 38.03
N SER F 471 34.14 10.90 39.00
CA SER F 471 35.44 11.54 39.23
C SER F 471 36.50 11.04 38.26
N LYS F 472 36.49 9.74 37.94
CA LYS F 472 37.54 9.16 37.11
C LYS F 472 37.25 9.29 35.62
N GLY F 473 35.99 9.46 35.24
CA GLY F 473 35.64 9.61 33.84
C GLY F 473 35.99 10.96 33.27
N ARG F 474 36.94 11.00 32.35
CA ARG F 474 37.30 12.24 31.65
C ARG F 474 36.66 12.25 30.26
N PHE F 475 36.09 13.39 29.90
CA PHE F 475 35.38 13.55 28.65
C PHE F 475 36.21 14.33 27.64
N VAL F 476 35.98 14.06 26.36
CA VAL F 476 36.37 14.94 25.26
C VAL F 476 35.17 15.12 24.35
N ARG F 477 35.00 16.34 23.84
CA ARG F 477 33.99 16.60 22.83
C ARG F 477 34.52 16.21 21.46
N ILE F 478 33.61 15.85 20.56
CA ILE F 478 33.99 15.54 19.18
C ILE F 478 33.11 16.32 18.22
N THR F 479 33.64 16.52 17.01
CA THR F 479 32.91 17.19 15.95
C THR F 479 32.08 16.18 15.16
N SER F 480 31.31 16.68 14.20
CA SER F 480 30.54 15.78 13.34
C SER F 480 31.45 14.90 12.48
N ALA F 481 32.69 15.31 12.25
CA ALA F 481 33.64 14.52 11.47
C ALA F 481 33.98 13.20 12.17
N GLY G 10 1.95 -23.89 -26.22
CA GLY G 10 2.93 -24.91 -25.88
C GLY G 10 2.82 -25.47 -24.47
N VAL G 11 1.63 -25.44 -23.90
CA VAL G 11 1.41 -25.93 -22.54
C VAL G 11 0.38 -27.06 -22.60
N PRO G 12 0.35 -27.90 -21.56
CA PRO G 12 -0.69 -28.94 -21.49
C PRO G 12 -2.09 -28.34 -21.40
N GLU G 13 -3.07 -29.15 -21.80
CA GLU G 13 -4.47 -28.70 -21.75
C GLU G 13 -4.88 -28.25 -20.36
N LYS G 14 -4.34 -28.89 -19.31
CA LYS G 14 -4.66 -28.49 -17.94
C LYS G 14 -4.38 -27.02 -17.70
N PHE G 15 -3.42 -26.44 -18.41
CA PHE G 15 -3.01 -25.05 -18.20
C PHE G 15 -3.27 -24.19 -19.42
N ALA G 16 -4.20 -24.60 -20.29
CA ALA G 16 -4.37 -23.94 -21.58
C ALA G 16 -4.92 -22.51 -21.43
N THR G 17 -5.77 -22.27 -20.44
CA THR G 17 -6.49 -21.00 -20.37
C THR G 17 -5.57 -19.89 -19.86
N LEU G 18 -5.61 -18.75 -20.53
CA LEU G 18 -4.90 -17.54 -20.11
C LEU G 18 -5.92 -16.53 -19.57
N GLY G 19 -5.73 -16.10 -18.32
CA GLY G 19 -6.60 -15.11 -17.73
C GLY G 19 -6.03 -13.72 -17.92
N LEU G 20 -6.94 -12.78 -18.20
CA LEU G 20 -6.57 -11.40 -18.53
C LEU G 20 -7.08 -10.45 -17.46
N THR G 21 -6.24 -9.52 -17.04
CA THR G 21 -6.64 -8.44 -16.16
C THR G 21 -6.84 -7.17 -16.98
N TYR G 22 -7.27 -6.09 -16.31
CA TYR G 22 -7.49 -4.83 -17.00
C TYR G 22 -6.23 -4.35 -17.69
N ASP G 23 -5.08 -4.42 -17.01
CA ASP G 23 -3.84 -3.95 -17.60
C ASP G 23 -3.42 -4.77 -18.81
N ASP G 24 -3.98 -5.95 -19.00
CA ASP G 24 -3.61 -6.79 -20.13
C ASP G 24 -4.27 -6.37 -21.44
N VAL G 25 -5.27 -5.49 -21.41
CA VAL G 25 -6.07 -5.22 -22.59
C VAL G 25 -6.33 -3.73 -22.76
N LEU G 26 -6.67 -3.36 -23.99
CA LEU G 26 -7.10 -2.01 -24.33
C LEU G 26 -8.31 -2.11 -25.23
N LEU G 27 -9.14 -1.06 -25.23
CA LEU G 27 -10.26 -0.97 -26.15
C LEU G 27 -9.82 -0.20 -27.39
N LEU G 28 -10.27 -0.66 -28.54
CA LEU G 28 -9.94 0.02 -29.78
C LEU G 28 -10.92 1.17 -30.04
N PRO G 29 -10.47 2.24 -30.67
CA PRO G 29 -11.43 3.21 -31.22
C PRO G 29 -12.24 2.54 -32.32
N GLY G 30 -13.52 2.91 -32.42
CA GLY G 30 -14.39 2.33 -33.41
C GLY G 30 -15.22 3.40 -34.11
N ALA G 31 -15.97 2.96 -35.12
CA ALA G 31 -16.90 3.84 -35.79
C ALA G 31 -17.85 4.43 -34.75
N SER G 32 -17.98 5.74 -34.74
CA SER G 32 -18.78 6.39 -33.70
C SER G 32 -19.59 7.52 -34.30
N ALA G 33 -20.87 7.58 -33.92
CA ALA G 33 -21.76 8.66 -34.30
C ALA G 33 -22.24 9.46 -33.09
N VAL G 34 -21.59 9.29 -31.94
CA VAL G 34 -22.06 9.88 -30.68
C VAL G 34 -20.87 10.50 -29.97
N LEU G 35 -21.06 11.69 -29.44
CA LEU G 35 -20.03 12.41 -28.72
C LEU G 35 -20.07 12.07 -27.24
N PRO G 36 -18.94 12.21 -26.54
CA PRO G 36 -18.94 11.88 -25.10
C PRO G 36 -20.04 12.55 -24.30
N ASN G 37 -20.35 13.82 -24.56
CA ASN G 37 -21.34 14.52 -23.75
C ASN G 37 -22.77 14.10 -24.06
N ALA G 38 -23.00 13.23 -25.04
CA ALA G 38 -24.34 12.85 -25.46
C ALA G 38 -24.68 11.39 -25.18
N VAL G 39 -23.71 10.59 -24.70
CA VAL G 39 -24.01 9.19 -24.46
C VAL G 39 -24.89 9.05 -23.21
N ASP G 40 -25.57 7.90 -23.12
CA ASP G 40 -26.42 7.59 -21.99
C ASP G 40 -25.70 6.58 -21.10
N THR G 41 -25.50 6.95 -19.83
CA THR G 41 -24.69 6.14 -18.92
C THR G 41 -25.54 5.31 -17.95
N SER G 42 -26.84 5.19 -18.18
CA SER G 42 -27.68 4.44 -17.27
C SER G 42 -27.49 2.94 -17.49
N SER G 43 -27.72 2.18 -16.42
CA SER G 43 -27.53 0.74 -16.45
C SER G 43 -28.37 0.13 -15.33
N ARG G 44 -28.32 -1.18 -15.23
CA ARG G 44 -29.09 -1.92 -14.23
C ARG G 44 -28.17 -2.46 -13.15
N ILE G 45 -28.56 -2.23 -11.90
CA ILE G 45 -27.91 -2.91 -10.78
C ILE G 45 -28.33 -4.38 -10.76
N SER G 46 -29.63 -4.62 -10.92
CA SER G 46 -30.23 -5.95 -10.90
C SER G 46 -31.42 -5.89 -11.85
N ARG G 47 -32.15 -6.99 -11.95
CA ARG G 47 -33.24 -7.08 -12.93
C ARG G 47 -34.14 -5.85 -12.88
N ASN G 48 -34.47 -5.36 -11.68
CA ASN G 48 -35.49 -4.34 -11.52
C ASN G 48 -34.98 -3.07 -10.86
N VAL G 49 -33.66 -2.87 -10.80
CA VAL G 49 -33.07 -1.67 -10.21
C VAL G 49 -32.17 -1.02 -11.23
N ARG G 50 -32.41 0.26 -11.51
CA ARG G 50 -31.69 1.01 -12.52
C ARG G 50 -30.99 2.21 -11.88
N VAL G 51 -29.81 2.55 -12.39
CA VAL G 51 -29.05 3.71 -11.95
C VAL G 51 -28.72 4.54 -13.18
N ASN G 52 -28.33 5.79 -12.96
CA ASN G 52 -28.04 6.73 -14.03
C ASN G 52 -26.55 6.83 -14.36
N ILE G 53 -25.68 6.44 -13.43
CA ILE G 53 -24.28 6.17 -13.74
C ILE G 53 -24.02 4.74 -13.25
N PRO G 54 -23.16 3.95 -13.93
CA PRO G 54 -23.05 2.51 -13.66
C PRO G 54 -22.09 2.18 -12.52
N LEU G 55 -22.28 2.83 -11.36
CA LEU G 55 -21.32 2.73 -10.27
C LEU G 55 -22.03 2.53 -8.94
N LEU G 56 -21.46 1.65 -8.12
CA LEU G 56 -21.90 1.41 -6.75
C LEU G 56 -20.73 1.68 -5.81
N SER G 57 -21.04 2.05 -4.56
CA SER G 57 -20.06 2.11 -3.50
C SER G 57 -20.15 0.81 -2.70
N ALA G 58 -19.00 0.25 -2.34
CA ALA G 58 -18.96 -1.09 -1.78
C ALA G 58 -19.52 -1.15 -0.36
N ALA G 59 -19.97 -2.34 0.02
CA ALA G 59 -20.47 -2.61 1.37
C ALA G 59 -19.31 -2.87 2.34
N MET G 60 -18.46 -1.87 2.47
CA MET G 60 -17.31 -1.90 3.38
C MET G 60 -17.55 -0.89 4.50
N ASP G 61 -17.19 -1.25 5.72
CA ASP G 61 -17.46 -0.36 6.85
C ASP G 61 -16.60 0.89 6.84
N LYS G 62 -15.55 0.93 6.03
CA LYS G 62 -14.78 2.15 5.82
C LYS G 62 -15.27 2.96 4.63
N VAL G 63 -16.34 2.53 3.96
CA VAL G 63 -16.78 3.20 2.75
C VAL G 63 -18.21 3.70 2.83
N THR G 64 -19.18 2.79 2.98
CA THR G 64 -20.59 3.15 2.78
C THR G 64 -21.42 3.00 4.06
N GLU G 65 -21.71 4.14 4.68
CA GLU G 65 -22.86 4.29 5.57
C GLU G 65 -23.81 5.30 4.92
N SER G 66 -24.76 5.87 5.68
CA SER G 66 -25.85 6.61 5.03
C SER G 66 -25.30 7.76 4.20
N ARG G 67 -24.27 8.44 4.71
CA ARG G 67 -23.71 9.61 4.07
C ARG G 67 -23.11 9.29 2.70
N MET G 68 -22.37 8.18 2.58
CA MET G 68 -21.87 7.78 1.28
C MET G 68 -23.00 7.39 0.34
N ALA G 69 -23.98 6.63 0.86
CA ALA G 69 -25.07 6.17 0.01
C ALA G 69 -25.91 7.33 -0.52
N ILE G 70 -26.10 8.37 0.30
CA ILE G 70 -26.88 9.52 -0.15
C ILE G 70 -26.16 10.21 -1.30
N SER G 71 -24.86 10.43 -1.16
CA SER G 71 -24.10 11.11 -2.21
C SER G 71 -24.01 10.27 -3.48
N MET G 72 -23.78 8.96 -3.34
CA MET G 72 -23.78 8.10 -4.53
C MET G 72 -25.09 8.24 -5.29
N ALA G 73 -26.22 8.13 -4.58
CA ALA G 73 -27.52 8.20 -5.23
C ALA G 73 -27.78 9.57 -5.84
N ARG G 74 -27.37 10.64 -5.15
CA ARG G 74 -27.55 11.97 -5.71
C ARG G 74 -26.78 12.13 -7.02
N GLN G 75 -25.61 11.51 -7.11
CA GLN G 75 -24.79 11.57 -8.31
C GLN G 75 -25.26 10.59 -9.38
N GLY G 76 -26.26 9.76 -9.09
CA GLY G 76 -26.82 8.86 -10.07
C GLY G 76 -26.43 7.41 -9.89
N GLY G 77 -25.56 7.11 -8.94
CA GLY G 77 -25.20 5.76 -8.59
C GLY G 77 -26.00 5.25 -7.42
N VAL G 78 -25.40 4.36 -6.64
CA VAL G 78 -26.07 3.83 -5.47
C VAL G 78 -25.02 3.28 -4.51
N GLY G 79 -25.32 3.33 -3.22
CA GLY G 79 -24.47 2.75 -2.20
C GLY G 79 -25.05 1.45 -1.69
N VAL G 80 -24.17 0.53 -1.29
CA VAL G 80 -24.56 -0.70 -0.61
C VAL G 80 -24.10 -0.57 0.83
N LEU G 81 -25.05 -0.41 1.74
CA LEU G 81 -24.72 -0.21 3.15
C LEU G 81 -24.05 -1.45 3.73
N HIS G 82 -22.94 -1.24 4.43
CA HIS G 82 -22.21 -2.35 5.03
C HIS G 82 -23.04 -2.97 6.16
N ARG G 83 -22.69 -4.21 6.51
CA ARG G 83 -23.45 -4.98 7.48
C ARG G 83 -22.66 -5.25 8.75
N ASN G 84 -21.55 -4.55 8.97
CA ASN G 84 -20.77 -4.71 10.20
C ASN G 84 -21.34 -3.82 11.31
N LEU G 85 -22.61 -4.07 11.61
CA LEU G 85 -23.34 -3.37 12.66
C LEU G 85 -24.64 -4.12 12.89
N SER G 86 -25.33 -3.76 13.97
CA SER G 86 -26.54 -4.48 14.34
C SER G 86 -27.60 -4.33 13.25
N ILE G 87 -28.57 -5.24 13.26
CA ILE G 87 -29.68 -5.16 12.30
C ILE G 87 -30.39 -3.82 12.43
N GLU G 88 -30.66 -3.41 13.68
CA GLU G 88 -31.40 -2.18 13.88
C GLU G 88 -30.61 -0.96 13.44
N ASP G 89 -29.28 -0.99 13.59
CA ASP G 89 -28.46 0.14 13.16
C ASP G 89 -28.39 0.20 11.63
N GLN G 90 -28.31 -0.95 10.97
CA GLN G 90 -28.28 -0.96 9.51
C GLN G 90 -29.62 -0.52 8.94
N ALA G 91 -30.72 -0.98 9.53
CA ALA G 91 -32.03 -0.52 9.09
C ALA G 91 -32.17 0.97 9.29
N ASN G 92 -31.59 1.50 10.37
CA ASN G 92 -31.62 2.94 10.59
C ASN G 92 -30.84 3.69 9.50
N GLN G 93 -29.70 3.13 9.07
CA GLN G 93 -28.97 3.72 7.96
C GLN G 93 -29.82 3.75 6.69
N VAL G 94 -30.55 2.66 6.41
CA VAL G 94 -31.46 2.64 5.28
C VAL G 94 -32.47 3.78 5.40
N ASP G 95 -33.09 3.91 6.57
CA ASP G 95 -34.10 4.95 6.77
C ASP G 95 -33.53 6.34 6.51
N LEU G 96 -32.30 6.59 6.96
CA LEU G 96 -31.69 7.90 6.72
C LEU G 96 -31.57 8.20 5.23
N VAL G 97 -31.26 7.19 4.42
CA VAL G 97 -31.14 7.41 2.99
C VAL G 97 -32.51 7.64 2.37
N LYS G 98 -33.47 6.75 2.67
CA LYS G 98 -34.79 6.85 2.05
C LYS G 98 -35.48 8.16 2.39
N ARG G 99 -35.26 8.68 3.60
CA ARG G 99 -35.90 9.91 4.05
C ARG G 99 -34.95 11.10 3.98
N SER G 100 -34.08 11.09 2.96
CA SER G 100 -33.13 12.19 2.77
C SER G 100 -33.81 13.39 2.13
N GLU G 101 -34.37 13.21 0.93
CA GLU G 101 -35.13 14.24 0.25
C GLU G 101 -36.30 13.60 -0.47
N SER G 102 -37.47 14.24 -0.37
CA SER G 102 -38.74 13.71 -0.87
C SER G 102 -39.16 12.43 -0.17
N GLY G 103 -38.49 12.06 0.91
CA GLY G 103 -38.82 10.83 1.60
C GLY G 103 -39.79 10.95 2.74
N MET G 104 -40.16 12.18 3.13
CA MET G 104 -41.11 12.39 4.21
C MET G 104 -42.49 12.81 3.71
N VAL G 105 -42.72 12.80 2.40
CA VAL G 105 -44.03 13.16 1.89
C VAL G 105 -45.10 12.23 2.44
N ALA G 106 -44.73 10.99 2.76
CA ALA G 106 -45.67 10.01 3.30
C ALA G 106 -45.21 9.36 4.59
N ASN G 107 -44.06 9.77 5.15
CA ASN G 107 -43.59 9.24 6.42
C ASN G 107 -42.78 10.32 7.12
N PRO G 108 -43.44 11.32 7.70
CA PRO G 108 -42.71 12.44 8.30
C PRO G 108 -42.19 12.09 9.70
N ILE G 109 -41.12 12.78 10.08
CA ILE G 109 -40.68 12.77 11.48
C ILE G 109 -41.60 13.67 12.29
N THR G 110 -41.69 13.40 13.59
CA THR G 110 -42.53 14.21 14.47
C THR G 110 -41.85 14.27 15.84
N ILE G 111 -42.27 15.23 16.65
CA ILE G 111 -41.83 15.34 18.04
C ILE G 111 -43.00 15.83 18.89
N HIS G 112 -43.00 15.42 20.16
CA HIS G 112 -44.03 15.85 21.10
C HIS G 112 -43.72 17.23 21.68
N PRO G 113 -44.75 17.99 22.04
CA PRO G 113 -44.50 19.37 22.50
C PRO G 113 -43.74 19.47 23.82
N ASP G 114 -43.67 18.41 24.62
CA ASP G 114 -42.95 18.45 25.88
C ASP G 114 -41.47 18.09 25.73
N ALA G 115 -41.01 17.79 24.53
CA ALA G 115 -39.60 17.50 24.31
C ALA G 115 -38.77 18.76 24.46
N THR G 116 -37.47 18.56 24.72
CA THR G 116 -36.54 19.67 24.87
C THR G 116 -36.02 20.11 23.50
N LEU G 117 -35.50 21.33 23.46
CA LEU G 117 -34.86 21.80 22.23
C LEU G 117 -33.69 20.91 21.85
N GLY G 118 -32.98 20.37 22.84
CA GLY G 118 -31.91 19.44 22.54
C GLY G 118 -32.38 18.23 21.75
N GLU G 119 -33.53 17.67 22.14
CA GLU G 119 -34.07 16.52 21.41
C GLU G 119 -34.49 16.91 20.00
N ALA G 120 -35.13 18.07 19.85
CA ALA G 120 -35.55 18.50 18.51
C ALA G 120 -34.35 18.75 17.61
N ASP G 121 -33.31 19.41 18.13
CA ASP G 121 -32.13 19.71 17.33
C ASP G 121 -31.40 18.42 16.95
N ALA G 122 -31.38 17.44 17.85
CA ALA G 122 -30.75 16.17 17.53
C ALA G 122 -31.47 15.47 16.39
N LEU G 123 -32.80 15.56 16.37
CA LEU G 123 -33.57 14.98 15.27
C LEU G 123 -33.29 15.70 13.96
N CYS G 124 -33.18 17.04 14.01
CA CYS G 124 -32.85 17.80 12.81
C CYS G 124 -31.48 17.41 12.28
N ALA G 125 -30.50 17.24 13.16
CA ALA G 125 -29.17 16.83 12.73
C ALA G 125 -29.18 15.40 12.17
N LYS G 126 -29.97 14.53 12.78
CA LYS G 126 -29.98 13.12 12.35
C LYS G 126 -30.45 13.00 10.90
N PHE G 127 -31.55 13.66 10.57
CA PHE G 127 -32.15 13.56 9.24
C PHE G 127 -31.73 14.69 8.31
N ARG G 128 -30.89 15.61 8.77
CA ARG G 128 -30.45 16.75 7.97
C ARG G 128 -31.66 17.48 7.40
N ILE G 129 -32.53 17.87 8.33
CA ILE G 129 -33.72 18.65 8.04
C ILE G 129 -33.81 19.73 9.11
N SER G 130 -34.37 20.88 8.75
CA SER G 130 -34.31 22.07 9.58
C SER G 130 -35.57 22.30 10.39
N GLY G 131 -36.31 21.26 10.72
CA GLY G 131 -37.51 21.43 11.54
C GLY G 131 -38.23 20.12 11.72
N VAL G 132 -39.11 20.11 12.71
CA VAL G 132 -39.88 18.92 13.07
C VAL G 132 -41.34 19.32 13.32
N PRO G 133 -42.31 18.69 12.65
CA PRO G 133 -43.70 18.89 13.05
C PRO G 133 -43.94 18.42 14.49
N VAL G 134 -44.73 19.19 15.23
CA VAL G 134 -45.11 18.85 16.60
C VAL G 134 -46.52 18.27 16.55
N THR G 135 -46.68 17.06 17.08
CA THR G 135 -47.96 16.36 17.06
C THR G 135 -48.27 15.78 18.42
N ASP G 136 -49.54 15.45 18.63
CA ASP G 136 -49.94 14.69 19.82
C ASP G 136 -49.87 13.19 19.53
N GLY G 137 -50.27 12.40 20.52
CA GLY G 137 -50.18 10.95 20.41
C GLY G 137 -51.06 10.36 19.32
N LYS G 140 -52.09 14.19 15.63
CA LYS G 140 -52.72 15.49 15.36
C LYS G 140 -51.67 16.60 15.38
N LEU G 141 -51.69 17.44 14.36
CA LEU G 141 -50.70 18.50 14.22
C LEU G 141 -51.00 19.64 15.19
N LEU G 142 -50.02 19.96 16.04
CA LEU G 142 -50.12 21.07 16.97
C LEU G 142 -49.27 22.26 16.55
N GLY G 143 -48.21 22.04 15.78
CA GLY G 143 -47.33 23.12 15.39
C GLY G 143 -46.07 22.58 14.75
N ILE G 144 -45.08 23.46 14.62
CA ILE G 144 -43.81 23.13 13.96
C ILE G 144 -42.71 23.97 14.61
N VAL G 145 -41.59 23.32 14.93
CA VAL G 145 -40.42 23.98 15.49
C VAL G 145 -39.29 23.83 14.49
N THR G 146 -38.62 24.93 14.16
CA THR G 146 -37.62 24.92 13.10
C THR G 146 -36.33 25.57 13.58
N ASN G 147 -35.30 25.48 12.73
CA ASN G 147 -34.01 26.06 13.07
C ASN G 147 -34.13 27.53 13.47
N ARG G 148 -34.92 28.30 12.73
CA ARG G 148 -35.03 29.72 13.05
C ARG G 148 -35.72 29.93 14.39
N ASP G 149 -36.65 29.05 14.77
CA ASP G 149 -37.29 29.19 16.07
C ASP G 149 -36.27 28.96 17.19
N MET G 150 -35.25 28.16 16.93
CA MET G 150 -34.23 27.80 17.90
C MET G 150 -32.94 28.58 17.73
N ALA G 151 -32.87 29.48 16.74
CA ALA G 151 -31.60 30.12 16.39
C ALA G 151 -31.02 30.90 17.58
N PHE G 152 -31.85 31.64 18.30
CA PHE G 152 -31.37 32.51 19.38
C PHE G 152 -31.59 31.92 20.77
N GLU G 153 -31.99 30.65 20.86
CA GLU G 153 -32.24 30.04 22.16
C GLU G 153 -30.92 29.54 22.73
N THR G 154 -30.68 29.82 24.00
CA THR G 154 -29.44 29.40 24.66
C THR G 154 -29.63 28.23 25.60
N ASP G 155 -30.84 28.04 26.13
CA ASP G 155 -31.14 26.96 27.05
C ASP G 155 -31.65 25.78 26.23
N ARG G 156 -30.87 24.70 26.18
CA ARG G 156 -31.26 23.54 25.39
C ARG G 156 -32.31 22.69 26.09
N SER G 157 -32.64 23.01 27.34
CA SER G 157 -33.66 22.29 28.09
C SER G 157 -35.06 22.87 27.91
N ARG G 158 -35.19 24.05 27.31
CA ARG G 158 -36.52 24.63 27.12
C ARG G 158 -37.38 23.68 26.32
N GLN G 159 -38.68 23.67 26.64
CA GLN G 159 -39.60 22.73 26.00
C GLN G 159 -39.95 23.24 24.61
N VAL G 160 -40.15 22.30 23.69
CA VAL G 160 -40.41 22.70 22.31
C VAL G 160 -41.61 23.62 22.23
N ARG G 161 -42.64 23.35 23.03
CA ARG G 161 -43.89 24.12 22.97
C ARG G 161 -43.66 25.60 23.18
N GLU G 162 -42.59 25.98 23.87
CA GLU G 162 -42.35 27.38 24.17
C GLU G 162 -41.82 28.17 22.98
N VAL G 163 -41.18 27.51 22.02
CA VAL G 163 -40.57 28.20 20.89
C VAL G 163 -41.19 27.85 19.56
N MET G 164 -41.99 26.80 19.46
CA MET G 164 -42.60 26.41 18.19
C MET G 164 -43.57 27.47 17.69
N THR G 165 -43.78 27.47 16.38
CA THR G 165 -44.92 28.17 15.79
C THR G 165 -46.16 27.29 15.90
N PRO G 166 -47.18 27.68 16.64
CA PRO G 166 -48.35 26.80 16.79
C PRO G 166 -49.30 26.88 15.60
N MET G 167 -50.15 25.86 15.50
CA MET G 167 -51.28 25.92 14.59
C MET G 167 -52.11 27.16 14.89
N PRO G 168 -52.75 27.77 13.86
CA PRO G 168 -52.82 27.30 12.48
C PRO G 168 -51.56 27.57 11.67
N LEU G 169 -51.13 26.56 10.92
CA LEU G 169 -49.97 26.66 10.04
C LEU G 169 -50.43 26.61 8.59
N VAL G 170 -49.55 27.04 7.69
CA VAL G 170 -49.74 26.79 6.26
C VAL G 170 -49.51 25.31 6.01
N THR G 171 -50.54 24.62 5.52
CA THR G 171 -50.46 23.19 5.28
C THR G 171 -50.94 22.89 3.86
N GLY G 172 -50.66 21.66 3.42
CA GLY G 172 -51.13 21.18 2.14
C GLY G 172 -51.92 19.89 2.30
N GLN G 173 -52.61 19.51 1.23
CA GLN G 173 -53.36 18.28 1.18
C GLN G 173 -52.47 17.12 0.78
N VAL G 174 -52.82 15.92 1.25
CA VAL G 174 -52.18 14.72 0.73
C VAL G 174 -52.31 14.72 -0.79
N GLY G 175 -51.20 14.45 -1.46
CA GLY G 175 -51.19 14.40 -2.91
C GLY G 175 -50.92 15.71 -3.60
N ILE G 176 -50.72 16.79 -2.86
CA ILE G 176 -50.41 18.08 -3.47
C ILE G 176 -49.22 17.93 -4.40
N SER G 177 -49.23 18.63 -5.54
CA SER G 177 -48.15 18.53 -6.57
C SER G 177 -46.89 19.26 -6.09
N GLY G 178 -45.82 19.29 -6.89
CA GLY G 178 -44.58 20.03 -6.56
C GLY G 178 -44.70 21.48 -7.03
N VAL G 179 -45.56 21.76 -8.00
CA VAL G 179 -45.79 23.16 -8.51
C VAL G 179 -46.72 23.87 -7.53
N ASP G 180 -47.62 23.14 -6.84
CA ASP G 180 -48.59 23.72 -5.88
C ASP G 180 -47.86 23.95 -4.54
N ALA G 181 -47.17 22.94 -4.01
CA ALA G 181 -46.42 23.07 -2.74
C ALA G 181 -45.41 24.22 -2.81
N MET G 182 -44.67 24.34 -3.93
CA MET G 182 -43.70 25.41 -4.06
C MET G 182 -44.36 26.79 -3.98
N GLU G 183 -45.49 26.97 -4.65
CA GLU G 183 -46.16 28.27 -4.63
C GLU G 183 -46.52 28.69 -3.21
N LEU G 184 -46.99 27.74 -2.40
CA LEU G 184 -47.32 28.03 -1.02
C LEU G 184 -46.08 28.44 -0.23
N LEU G 185 -44.95 27.77 -0.48
CA LEU G 185 -43.66 28.10 0.21
C LEU G 185 -43.18 29.47 -0.28
N ARG G 186 -43.38 29.82 -1.56
CA ARG G 186 -42.89 31.10 -2.15
C ARG G 186 -43.82 32.25 -1.75
N ARG G 187 -45.12 31.98 -1.50
CA ARG G 187 -46.12 33.02 -1.18
C ARG G 187 -46.03 33.39 0.31
N HIS G 188 -45.89 32.39 1.19
CA HIS G 188 -45.84 32.61 2.63
C HIS G 188 -44.41 32.75 3.15
N LYS G 189 -43.42 32.73 2.27
CA LYS G 189 -42.02 32.92 2.65
C LYS G 189 -41.61 31.94 3.75
N ILE G 190 -42.02 30.69 3.59
CA ILE G 190 -41.68 29.63 4.53
C ILE G 190 -40.95 28.53 3.78
N GLU G 191 -40.34 27.63 4.54
CA GLU G 191 -39.57 26.54 3.97
C GLU G 191 -40.18 25.17 4.23
N LYS G 192 -41.24 25.08 5.03
CA LYS G 192 -41.85 23.82 5.40
C LYS G 192 -43.32 23.81 5.04
N LEU G 193 -43.82 22.65 4.59
CA LEU G 193 -45.23 22.49 4.28
C LEU G 193 -45.71 21.13 4.81
N PRO G 194 -46.24 21.11 6.02
CA PRO G 194 -46.88 19.87 6.52
C PRO G 194 -48.09 19.51 5.67
N LEU G 195 -48.31 18.21 5.52
CA LEU G 195 -49.46 17.67 4.79
C LEU G 195 -50.39 17.00 5.79
N VAL G 196 -51.65 17.42 5.80
CA VAL G 196 -52.63 16.94 6.76
C VAL G 196 -53.86 16.43 6.04
N ASP G 197 -54.60 15.55 6.71
CA ASP G 197 -55.88 15.08 6.22
C ASP G 197 -56.99 15.99 6.77
N GLY G 198 -58.24 15.61 6.54
CA GLY G 198 -59.35 16.46 6.92
C GLY G 198 -59.45 16.72 8.42
N ASP G 199 -59.02 15.77 9.23
CA ASP G 199 -59.10 15.90 10.68
C ASP G 199 -57.85 16.53 11.29
N GLY G 200 -56.93 17.02 10.47
CA GLY G 200 -55.72 17.63 10.99
C GLY G 200 -54.68 16.65 11.48
N ILE G 201 -54.75 15.39 11.06
CA ILE G 201 -53.70 14.42 11.37
C ILE G 201 -52.57 14.62 10.38
N LEU G 202 -51.34 14.66 10.89
CA LEU G 202 -50.18 14.85 10.03
C LEU G 202 -49.97 13.61 9.16
N LYS G 203 -49.94 13.80 7.84
CA LYS G 203 -49.74 12.70 6.90
C LYS G 203 -48.42 12.77 6.14
N GLY G 204 -47.78 13.94 6.08
CA GLY G 204 -46.55 14.05 5.34
C GLY G 204 -45.91 15.40 5.59
N LEU G 205 -44.76 15.62 4.94
CA LEU G 205 -44.03 16.87 5.08
C LEU G 205 -43.23 17.14 3.81
N ILE G 206 -43.37 18.35 3.29
CA ILE G 206 -42.53 18.85 2.20
C ILE G 206 -41.70 20.00 2.73
N THR G 207 -40.44 20.05 2.35
CA THR G 207 -39.57 21.16 2.70
C THR G 207 -38.81 21.63 1.47
N VAL G 208 -38.23 22.83 1.59
CA VAL G 208 -37.47 23.42 0.48
C VAL G 208 -36.33 22.50 0.05
N LYS G 209 -35.83 21.68 0.98
CA LYS G 209 -34.76 20.74 0.63
C LYS G 209 -35.17 19.84 -0.53
N ASP G 210 -36.45 19.43 -0.57
CA ASP G 210 -36.91 18.57 -1.65
C ASP G 210 -36.69 19.24 -3.01
N PHE G 211 -36.94 20.54 -3.10
CA PHE G 211 -36.76 21.24 -4.36
C PHE G 211 -35.30 21.60 -4.61
N VAL G 212 -34.59 22.01 -3.56
CA VAL G 212 -33.19 22.37 -3.71
C VAL G 212 -32.39 21.17 -4.19
N LYS G 213 -32.59 20.01 -3.57
CA LYS G 213 -31.78 18.84 -3.92
C LYS G 213 -32.16 18.27 -5.28
N ALA G 214 -33.42 18.40 -5.68
CA ALA G 214 -33.81 17.95 -7.01
C ALA G 214 -33.13 18.79 -8.09
N GLU G 215 -32.94 20.09 -7.83
CA GLU G 215 -32.29 20.96 -8.80
C GLU G 215 -30.78 20.78 -8.80
N GLN G 216 -30.19 20.58 -7.62
CA GLN G 216 -28.75 20.41 -7.53
C GLN G 216 -28.31 19.06 -8.08
N TYR G 217 -29.16 18.04 -7.98
CA TYR G 217 -28.82 16.68 -8.35
C TYR G 217 -29.87 16.13 -9.30
N PRO G 218 -29.88 16.63 -10.54
CA PRO G 218 -30.92 16.22 -11.49
C PRO G 218 -30.79 14.79 -11.99
N HIS G 219 -29.64 14.14 -11.78
CA HIS G 219 -29.47 12.76 -12.21
C HIS G 219 -29.56 11.77 -11.05
N ALA G 220 -30.13 12.20 -9.93
CA ALA G 220 -30.25 11.36 -8.71
C ALA G 220 -30.96 10.05 -9.06
N ALA G 221 -30.38 8.89 -8.76
CA ALA G 221 -31.04 7.57 -8.95
C ALA G 221 -32.10 7.47 -7.85
N LYS G 222 -33.37 7.15 -8.18
CA LYS G 222 -34.49 7.13 -7.20
C LYS G 222 -35.40 5.93 -7.45
N ASP G 223 -36.33 5.63 -6.53
CA ASP G 223 -37.29 4.49 -6.65
C ASP G 223 -38.57 5.04 -7.28
N ALA G 224 -39.70 4.32 -7.25
CA ALA G 224 -40.97 4.73 -7.90
C ALA G 224 -41.63 5.87 -7.10
N LYS G 225 -41.32 6.01 -5.81
CA LYS G 225 -41.90 7.06 -4.92
C LYS G 225 -41.04 8.33 -4.95
N GLY G 226 -39.95 8.37 -5.72
CA GLY G 226 -39.10 9.58 -5.86
C GLY G 226 -38.12 9.73 -4.70
N ARG G 227 -37.81 8.64 -3.99
CA ARG G 227 -36.84 8.63 -2.85
C ARG G 227 -35.50 8.06 -3.33
N LEU G 228 -34.36 8.51 -2.80
CA LEU G 228 -33.06 8.03 -3.21
C LEU G 228 -32.99 6.51 -3.08
N LEU G 229 -32.39 5.87 -4.09
CA LEU G 229 -32.14 4.45 -4.08
C LEU G 229 -31.03 4.10 -3.09
N VAL G 230 -31.11 2.88 -2.53
CA VAL G 230 -30.06 2.37 -1.65
C VAL G 230 -30.15 0.86 -1.62
N GLY G 231 -28.98 0.22 -1.49
CA GLY G 231 -28.90 -1.20 -1.26
C GLY G 231 -28.28 -1.48 0.10
N ALA G 232 -28.29 -2.74 0.50
CA ALA G 232 -27.72 -3.15 1.77
C ALA G 232 -27.22 -4.59 1.67
N ALA G 233 -26.11 -4.85 2.35
CA ALA G 233 -25.50 -6.17 2.35
C ALA G 233 -26.04 -7.03 3.49
N VAL G 234 -26.14 -8.34 3.21
CA VAL G 234 -26.44 -9.34 4.23
C VAL G 234 -25.52 -10.53 4.01
N GLY G 235 -25.37 -11.33 5.05
CA GLY G 235 -24.59 -12.55 4.95
C GLY G 235 -25.42 -13.70 4.40
N ALA G 236 -24.95 -14.92 4.67
CA ALA G 236 -25.61 -16.15 4.24
C ALA G 236 -25.76 -17.02 5.48
N SER G 237 -26.84 -16.80 6.22
CA SER G 237 -27.03 -17.44 7.52
C SER G 237 -28.45 -17.20 8.03
N PRO G 238 -28.88 -17.90 9.08
CA PRO G 238 -30.21 -17.57 9.66
C PRO G 238 -30.34 -16.12 10.07
N GLU G 239 -29.29 -15.55 10.67
CA GLU G 239 -29.33 -14.14 11.05
C GLU G 239 -29.53 -13.25 9.83
N ALA G 240 -28.89 -13.59 8.71
CA ALA G 240 -29.02 -12.77 7.51
C ALA G 240 -30.47 -12.71 7.04
N LEU G 241 -31.25 -13.76 7.29
CA LEU G 241 -32.66 -13.76 6.91
C LEU G 241 -33.44 -12.74 7.72
N ASP G 242 -33.18 -12.66 9.03
CA ASP G 242 -33.83 -11.65 9.85
C ASP G 242 -33.40 -10.26 9.43
N ARG G 243 -32.10 -10.08 9.15
CA ARG G 243 -31.60 -8.80 8.69
C ARG G 243 -32.29 -8.38 7.38
N ALA G 244 -32.41 -9.31 6.44
CA ALA G 244 -33.05 -8.99 5.16
C ALA G 244 -34.45 -8.44 5.38
N GLN G 245 -35.24 -9.10 6.23
CA GLN G 245 -36.60 -8.65 6.47
C GLN G 245 -36.61 -7.25 7.08
N ALA G 246 -35.74 -7.00 8.06
CA ALA G 246 -35.68 -5.67 8.67
C ALA G 246 -35.28 -4.61 7.65
N LEU G 247 -34.33 -4.93 6.76
CA LEU G 247 -33.89 -3.95 5.78
C LEU G 247 -35.00 -3.68 4.76
N ALA G 248 -35.71 -4.72 4.32
CA ALA G 248 -36.83 -4.50 3.40
C ALA G 248 -37.90 -3.62 4.03
N GLU G 249 -38.19 -3.85 5.32
CA GLU G 249 -39.20 -3.03 6.01
C GLU G 249 -38.77 -1.56 6.06
N ALA G 250 -37.47 -1.31 6.21
CA ALA G 250 -36.98 0.06 6.24
C ALA G 250 -36.98 0.71 4.86
N GLY G 251 -37.25 -0.06 3.81
CA GLY G 251 -37.39 0.48 2.48
C GLY G 251 -36.21 0.28 1.55
N VAL G 252 -35.31 -0.67 1.86
CA VAL G 252 -34.17 -0.88 0.99
C VAL G 252 -34.66 -1.38 -0.37
N ASP G 253 -33.96 -1.00 -1.43
CA ASP G 253 -34.38 -1.31 -2.78
C ASP G 253 -33.81 -2.62 -3.30
N PHE G 254 -32.66 -3.05 -2.78
CA PHE G 254 -32.14 -4.37 -3.11
C PHE G 254 -31.17 -4.80 -2.02
N LEU G 255 -31.00 -6.11 -1.91
CA LEU G 255 -30.06 -6.71 -0.99
C LEU G 255 -28.91 -7.33 -1.78
N VAL G 256 -27.73 -7.35 -1.16
CA VAL G 256 -26.56 -8.02 -1.70
C VAL G 256 -26.17 -9.11 -0.70
N VAL G 257 -26.33 -10.37 -1.09
CA VAL G 257 -25.86 -11.48 -0.27
C VAL G 257 -24.36 -11.59 -0.50
N ASP G 258 -23.57 -11.12 0.47
CA ASP G 258 -22.14 -10.91 0.31
C ASP G 258 -21.39 -12.06 0.96
N THR G 259 -20.81 -12.92 0.13
CA THR G 259 -19.98 -14.02 0.59
C THR G 259 -18.67 -14.02 -0.18
N SER G 260 -17.62 -14.53 0.46
CA SER G 260 -16.34 -14.63 -0.22
C SER G 260 -16.37 -15.68 -1.31
N HIS G 261 -17.10 -16.77 -1.11
CA HIS G 261 -17.20 -17.87 -2.07
C HIS G 261 -18.66 -18.13 -2.44
N GLY G 262 -19.12 -17.42 -3.47
CA GLY G 262 -20.50 -17.55 -3.90
C GLY G 262 -20.83 -18.91 -4.50
N HIS G 263 -19.84 -19.71 -4.86
CA HIS G 263 -20.07 -21.04 -5.41
C HIS G 263 -20.12 -22.12 -4.34
N ASN G 264 -20.11 -21.74 -3.06
CA ASN G 264 -20.31 -22.71 -1.99
C ASN G 264 -21.78 -23.08 -1.92
N SER G 265 -22.07 -24.38 -1.80
CA SER G 265 -23.45 -24.85 -1.91
C SER G 265 -24.33 -24.26 -0.81
N ASN G 266 -23.79 -24.14 0.41
CA ASN G 266 -24.59 -23.58 1.50
C ASN G 266 -24.90 -22.11 1.24
N ALA G 267 -23.91 -21.36 0.74
CA ALA G 267 -24.16 -19.95 0.41
C ALA G 267 -25.26 -19.82 -0.64
N LEU G 268 -25.21 -20.67 -1.66
CA LEU G 268 -26.24 -20.62 -2.70
C LEU G 268 -27.61 -20.91 -2.09
N SER G 269 -27.69 -21.88 -1.18
CA SER G 269 -28.96 -22.20 -0.55
C SER G 269 -29.53 -21.01 0.21
N TRP G 270 -28.66 -20.27 0.90
CA TRP G 270 -29.11 -19.09 1.64
C TRP G 270 -29.54 -17.97 0.70
N MET G 271 -28.86 -17.84 -0.45
CA MET G 271 -29.31 -16.87 -1.46
C MET G 271 -30.74 -17.16 -1.89
N SER G 272 -31.04 -18.43 -2.18
CA SER G 272 -32.40 -18.80 -2.57
C SER G 272 -33.38 -18.54 -1.43
N LYS G 273 -33.01 -18.93 -0.21
CA LYS G 273 -33.91 -18.71 0.92
C LYS G 273 -34.18 -17.23 1.15
N ILE G 274 -33.14 -16.40 1.09
CA ILE G 274 -33.33 -14.97 1.30
C ILE G 274 -34.17 -14.38 0.17
N LYS G 275 -33.86 -14.74 -1.07
CA LYS G 275 -34.61 -14.24 -2.22
C LYS G 275 -36.10 -14.54 -2.07
N SER G 276 -36.44 -15.78 -1.69
CA SER G 276 -37.84 -16.15 -1.61
C SER G 276 -38.55 -15.52 -0.42
N SER G 277 -37.81 -14.94 0.52
CA SER G 277 -38.39 -14.38 1.72
C SER G 277 -38.66 -12.89 1.63
N VAL G 278 -38.24 -12.23 0.55
CA VAL G 278 -38.47 -10.80 0.37
C VAL G 278 -39.02 -10.58 -1.02
N GLY G 279 -39.58 -9.40 -1.22
CA GLY G 279 -40.13 -9.03 -2.51
C GLY G 279 -39.22 -8.15 -3.35
N ILE G 280 -38.05 -7.78 -2.85
CA ILE G 280 -37.16 -6.89 -3.55
C ILE G 280 -36.04 -7.70 -4.21
N ASP G 281 -35.30 -7.06 -5.10
CA ASP G 281 -34.22 -7.74 -5.81
C ASP G 281 -33.14 -8.17 -4.83
N VAL G 282 -32.53 -9.32 -5.12
CA VAL G 282 -31.43 -9.84 -4.32
C VAL G 282 -30.26 -10.14 -5.25
N VAL G 283 -29.13 -9.51 -5.00
CA VAL G 283 -27.89 -9.76 -5.73
C VAL G 283 -27.05 -10.75 -4.94
N GLY G 284 -26.41 -11.68 -5.65
CA GLY G 284 -25.55 -12.65 -5.02
C GLY G 284 -24.13 -12.58 -5.55
N GLY G 285 -23.18 -12.95 -4.70
CA GLY G 285 -21.79 -13.04 -5.10
C GLY G 285 -20.98 -13.63 -3.96
N ASN G 286 -19.66 -13.76 -4.18
CA ASN G 286 -18.98 -13.42 -5.41
C ASN G 286 -18.56 -14.66 -6.21
N VAL G 287 -18.55 -14.55 -7.53
CA VAL G 287 -18.09 -15.64 -8.39
C VAL G 287 -17.11 -15.07 -9.41
N ALA G 288 -16.45 -15.98 -10.14
CA ALA G 288 -15.46 -15.56 -11.13
C ALA G 288 -15.38 -16.55 -12.29
N THR G 289 -16.40 -17.37 -12.49
CA THR G 289 -16.43 -18.35 -13.56
C THR G 289 -17.82 -18.39 -14.19
N ARG G 290 -17.90 -19.02 -15.36
CA ARG G 290 -19.21 -19.20 -15.98
C ARG G 290 -20.10 -20.09 -15.12
N ASP G 291 -19.55 -21.21 -14.63
CA ASP G 291 -20.36 -22.15 -13.85
C ASP G 291 -20.79 -21.54 -12.51
N GLY G 292 -19.94 -20.70 -11.92
CA GLY G 292 -20.35 -20.00 -10.70
C GLY G 292 -21.48 -19.02 -10.95
N ALA G 293 -21.38 -18.25 -12.04
CA ALA G 293 -22.47 -17.34 -12.39
C ALA G 293 -23.75 -18.12 -12.67
N GLN G 294 -23.64 -19.26 -13.35
CA GLN G 294 -24.83 -20.06 -13.64
C GLN G 294 -25.46 -20.58 -12.36
N ALA G 295 -24.64 -20.96 -11.38
CA ALA G 295 -25.17 -21.45 -10.11
C ALA G 295 -25.94 -20.35 -9.38
N LEU G 296 -25.42 -19.12 -9.39
CA LEU G 296 -26.15 -18.02 -8.79
C LEU G 296 -27.49 -17.81 -9.49
N ILE G 297 -27.49 -17.84 -10.82
CA ILE G 297 -28.72 -17.65 -11.57
C ILE G 297 -29.73 -18.73 -11.25
N ASP G 298 -29.26 -19.99 -11.21
CA ASP G 298 -30.15 -21.11 -10.87
C ASP G 298 -30.68 -20.99 -9.45
N ALA G 299 -29.92 -20.34 -8.56
CA ALA G 299 -30.39 -20.08 -7.21
C ALA G 299 -31.43 -18.98 -7.14
N GLY G 300 -31.60 -18.20 -8.22
CA GLY G 300 -32.68 -17.25 -8.32
C GLY G 300 -32.31 -15.79 -8.12
N VAL G 301 -31.02 -15.45 -8.13
CA VAL G 301 -30.64 -14.07 -7.86
C VAL G 301 -31.05 -13.18 -9.04
N ASP G 302 -31.19 -11.89 -8.74
CA ASP G 302 -31.55 -10.87 -9.74
C ASP G 302 -30.33 -10.12 -10.26
N GLY G 303 -29.16 -10.39 -9.71
CA GLY G 303 -27.91 -9.82 -10.20
C GLY G 303 -26.78 -10.60 -9.60
N ILE G 304 -25.64 -10.57 -10.26
CA ILE G 304 -24.47 -11.28 -9.77
C ILE G 304 -23.32 -10.30 -9.59
N LYS G 305 -22.47 -10.59 -8.60
CA LYS G 305 -21.28 -9.80 -8.33
C LYS G 305 -20.05 -10.65 -8.63
N VAL G 306 -19.12 -10.09 -9.40
CA VAL G 306 -18.01 -10.85 -9.95
C VAL G 306 -16.71 -10.31 -9.37
N GLY G 307 -15.90 -11.22 -8.83
CA GLY G 307 -14.61 -10.86 -8.31
C GLY G 307 -14.13 -11.80 -7.22
N VAL G 308 -13.18 -12.67 -7.58
CA VAL G 308 -12.52 -13.57 -6.62
C VAL G 308 -11.04 -13.47 -6.90
N GLY G 309 -10.28 -12.93 -5.94
CA GLY G 309 -8.87 -12.69 -6.11
C GLY G 309 -8.53 -11.93 -7.38
N PRO G 310 -9.19 -10.80 -7.62
CA PRO G 310 -8.94 -10.07 -8.87
C PRO G 310 -7.62 -9.31 -8.89
N GLY G 311 -7.10 -8.92 -7.73
CA GLY G 311 -5.94 -8.04 -7.68
C GLY G 311 -4.63 -8.81 -7.64
N SER G 312 -3.64 -8.27 -8.37
CA SER G 312 -2.31 -8.86 -8.36
C SER G 312 -1.78 -8.95 -6.92
N ILE G 313 -1.30 -10.14 -6.56
CA ILE G 313 -0.73 -10.40 -5.24
C ILE G 313 -1.66 -9.87 -4.15
N CYS G 314 -2.95 -10.20 -4.25
CA CYS G 314 -3.90 -9.92 -3.19
C CYS G 314 -3.96 -11.11 -2.23
N THR G 315 -4.82 -11.01 -1.22
CA THR G 315 -4.74 -11.93 -0.09
C THR G 315 -5.08 -13.37 -0.50
N THR G 316 -6.22 -13.57 -1.16
CA THR G 316 -6.60 -14.93 -1.52
C THR G 316 -5.57 -15.53 -2.48
N ARG G 317 -4.92 -14.70 -3.28
CA ARG G 317 -3.90 -15.19 -4.21
C ARG G 317 -2.65 -15.65 -3.47
N VAL G 318 -2.18 -14.87 -2.51
CA VAL G 318 -0.93 -15.18 -1.83
C VAL G 318 -1.13 -16.31 -0.83
N VAL G 319 -2.21 -16.24 -0.05
CA VAL G 319 -2.44 -17.22 1.00
C VAL G 319 -2.89 -18.55 0.41
N ALA G 320 -3.82 -18.51 -0.54
CA ALA G 320 -4.48 -19.71 -1.03
C ALA G 320 -4.22 -20.01 -2.49
N GLY G 321 -3.54 -19.12 -3.22
CA GLY G 321 -3.32 -19.36 -4.63
C GLY G 321 -4.57 -19.32 -5.46
N ILE G 322 -5.64 -18.72 -4.95
CA ILE G 322 -6.94 -18.69 -5.61
C ILE G 322 -7.14 -17.29 -6.19
N GLY G 323 -7.58 -17.24 -7.44
CA GLY G 323 -7.93 -15.97 -8.03
C GLY G 323 -8.20 -16.04 -9.52
N VAL G 324 -8.89 -15.02 -10.04
CA VAL G 324 -9.17 -14.95 -11.47
C VAL G 324 -8.91 -13.52 -11.93
N PRO G 325 -8.03 -13.30 -12.90
CA PRO G 325 -7.89 -11.96 -13.49
C PRO G 325 -9.25 -11.42 -13.91
N GLN G 326 -9.49 -10.13 -13.65
CA GLN G 326 -10.86 -9.65 -13.57
C GLN G 326 -11.53 -9.56 -14.94
N VAL G 327 -10.79 -9.25 -16.00
CA VAL G 327 -11.43 -9.19 -17.32
C VAL G 327 -11.95 -10.57 -17.71
N THR G 328 -11.13 -11.61 -17.51
CA THR G 328 -11.58 -12.97 -17.75
C THR G 328 -12.74 -13.35 -16.84
N ALA G 329 -12.66 -12.98 -15.56
CA ALA G 329 -13.74 -13.30 -14.63
C ALA G 329 -15.06 -12.72 -15.11
N ILE G 330 -15.06 -11.43 -15.48
CA ILE G 330 -16.29 -10.80 -15.96
C ILE G 330 -16.77 -11.48 -17.24
N TYR G 331 -15.86 -11.69 -18.19
CA TYR G 331 -16.27 -12.29 -19.46
C TYR G 331 -16.86 -13.67 -19.25
N GLU G 332 -16.18 -14.52 -18.48
CA GLU G 332 -16.67 -15.87 -18.25
C GLU G 332 -18.03 -15.83 -17.56
N ALA G 333 -18.16 -15.00 -16.52
CA ALA G 333 -19.45 -14.89 -15.83
C ALA G 333 -20.53 -14.35 -16.76
N SER G 334 -20.16 -13.42 -17.66
CA SER G 334 -21.16 -12.83 -18.54
C SER G 334 -21.70 -13.84 -19.54
N LEU G 335 -20.92 -14.88 -19.88
CA LEU G 335 -21.42 -15.91 -20.78
C LEU G 335 -22.71 -16.52 -20.22
N ALA G 336 -22.78 -16.69 -18.90
CA ALA G 336 -24.00 -17.17 -18.27
C ALA G 336 -24.99 -16.04 -18.03
N ALA G 337 -24.50 -14.90 -17.56
CA ALA G 337 -25.39 -13.82 -17.13
C ALA G 337 -26.12 -13.18 -18.32
N ARG G 338 -25.40 -12.93 -19.42
CA ARG G 338 -26.03 -12.26 -20.55
C ARG G 338 -27.12 -13.13 -21.16
N ALA G 339 -26.89 -14.45 -21.22
CA ALA G 339 -27.91 -15.34 -21.76
C ALA G 339 -29.16 -15.35 -20.87
N ALA G 340 -29.01 -15.08 -19.58
CA ALA G 340 -30.13 -15.09 -18.66
C ALA G 340 -30.69 -13.70 -18.42
N GLY G 341 -30.09 -12.66 -18.98
CA GLY G 341 -30.59 -11.32 -18.74
C GLY G 341 -30.39 -10.82 -17.33
N VAL G 342 -29.39 -11.33 -16.63
CA VAL G 342 -29.14 -11.00 -15.22
C VAL G 342 -27.99 -10.02 -15.17
N PRO G 343 -28.15 -8.83 -14.59
CA PRO G 343 -27.04 -7.86 -14.56
C PRO G 343 -25.84 -8.37 -13.78
N LEU G 344 -24.66 -7.90 -14.18
CA LEU G 344 -23.38 -8.35 -13.65
C LEU G 344 -22.63 -7.15 -13.09
N ILE G 345 -22.26 -7.22 -11.81
CA ILE G 345 -21.51 -6.17 -11.14
C ILE G 345 -20.04 -6.56 -11.10
N GLY G 346 -19.18 -5.72 -11.66
CA GLY G 346 -17.75 -5.91 -11.54
C GLY G 346 -17.21 -5.39 -10.23
N ASP G 347 -16.60 -6.26 -9.41
CA ASP G 347 -16.15 -5.90 -8.03
C ASP G 347 -14.69 -6.30 -7.79
N GLY G 348 -13.72 -5.37 -7.94
CA GLY G 348 -12.29 -5.62 -7.63
C GLY G 348 -11.40 -5.60 -8.87
N GLY G 349 -10.13 -5.15 -8.76
CA GLY G 349 -9.17 -5.17 -9.88
C GLY G 349 -8.99 -3.81 -10.54
N LEU G 350 -9.98 -2.90 -10.43
CA LEU G 350 -9.95 -1.58 -11.11
C LEU G 350 -8.81 -0.72 -10.54
N GLN G 351 -7.81 -0.32 -11.34
CA GLN G 351 -6.67 0.53 -10.92
C GLN G 351 -6.69 1.88 -11.65
N TYR G 352 -7.63 2.11 -12.58
CA TYR G 352 -7.75 3.37 -13.37
C TYR G 352 -9.23 3.67 -13.68
N SER G 353 -9.54 4.87 -14.19
CA SER G 353 -10.93 5.25 -14.61
C SER G 353 -11.21 4.58 -15.94
N GLY G 354 -10.17 4.35 -16.77
CA GLY G 354 -10.29 3.64 -18.02
C GLY G 354 -10.69 2.18 -17.86
N ASP G 355 -10.50 1.60 -16.68
CA ASP G 355 -10.87 0.22 -16.46
C ASP G 355 -12.39 0.05 -16.36
N ILE G 356 -13.12 1.12 -16.09
CA ILE G 356 -14.59 1.01 -16.03
C ILE G 356 -15.13 0.62 -17.39
N GLY G 357 -14.70 1.33 -18.44
CA GLY G 357 -15.12 0.98 -19.78
C GLY G 357 -14.70 -0.41 -20.18
N LYS G 358 -13.51 -0.83 -19.75
CA LYS G 358 -13.06 -2.18 -20.04
C LYS G 358 -14.00 -3.21 -19.41
N ALA G 359 -14.40 -2.97 -18.15
CA ALA G 359 -15.30 -3.90 -17.47
C ALA G 359 -16.64 -4.00 -18.19
N LEU G 360 -17.21 -2.86 -18.60
CA LEU G 360 -18.50 -2.89 -19.28
C LEU G 360 -18.41 -3.59 -20.62
N ALA G 361 -17.36 -3.30 -21.41
CA ALA G 361 -17.21 -3.96 -22.69
C ALA G 361 -16.95 -5.45 -22.52
N ALA G 362 -16.39 -5.86 -21.38
CA ALA G 362 -16.16 -7.27 -21.10
C ALA G 362 -17.43 -8.00 -20.69
N GLY G 363 -18.49 -7.28 -20.32
CA GLY G 363 -19.76 -7.90 -20.02
C GLY G 363 -20.44 -7.41 -18.76
N ALA G 364 -19.79 -6.51 -18.02
CA ALA G 364 -20.39 -5.99 -16.79
C ALA G 364 -21.44 -4.94 -17.11
N ASP G 365 -22.43 -4.83 -16.24
CA ASP G 365 -23.45 -3.78 -16.31
C ASP G 365 -23.14 -2.61 -15.41
N THR G 366 -22.50 -2.85 -14.27
CA THR G 366 -22.08 -1.80 -13.36
C THR G 366 -20.76 -2.21 -12.73
N VAL G 367 -20.14 -1.27 -12.02
CA VAL G 367 -18.86 -1.48 -11.37
C VAL G 367 -18.95 -1.00 -9.93
N MET G 368 -18.46 -1.82 -8.99
CA MET G 368 -18.46 -1.47 -7.58
C MET G 368 -17.12 -0.85 -7.20
N LEU G 369 -17.17 0.30 -6.54
CA LEU G 369 -15.98 1.02 -6.12
C LEU G 369 -15.74 0.78 -4.63
N GLY G 370 -14.50 0.49 -4.27
CA GLY G 370 -14.18 0.13 -2.90
C GLY G 370 -13.24 1.08 -2.20
N SER G 371 -12.04 0.60 -1.89
CA SER G 371 -11.11 1.36 -1.06
C SER G 371 -10.82 2.73 -1.66
N LEU G 372 -10.92 2.86 -2.98
CA LEU G 372 -10.83 4.14 -3.66
C LEU G 372 -11.60 5.22 -2.91
N LEU G 373 -12.78 4.88 -2.41
CA LEU G 373 -13.68 5.87 -1.84
C LEU G 373 -13.49 6.07 -0.34
N ALA G 374 -12.66 5.27 0.31
CA ALA G 374 -12.54 5.35 1.77
C ALA G 374 -12.02 6.71 2.21
N GLY G 375 -11.25 7.39 1.38
CA GLY G 375 -10.71 8.69 1.73
C GLY G 375 -11.62 9.86 1.44
N CYS G 376 -12.79 9.61 0.87
CA CYS G 376 -13.69 10.69 0.51
C CYS G 376 -14.36 11.26 1.74
N GLU G 377 -14.77 12.53 1.63
CA GLU G 377 -15.40 13.20 2.76
C GLU G 377 -16.61 12.42 3.27
N GLU G 378 -17.35 11.80 2.36
CA GLU G 378 -18.60 11.12 2.68
C GLU G 378 -18.39 9.74 3.29
N SER G 379 -17.16 9.24 3.39
CA SER G 379 -16.95 7.95 4.02
C SER G 379 -17.15 8.03 5.53
N PRO G 380 -17.38 6.90 6.19
CA PRO G 380 -17.72 6.96 7.63
C PRO G 380 -16.62 7.51 8.53
N GLY G 381 -15.36 7.43 8.12
CA GLY G 381 -14.27 7.80 9.01
C GLY G 381 -14.34 9.25 9.45
N GLU G 382 -13.60 9.55 10.51
CA GLU G 382 -13.51 10.91 11.04
C GLU G 382 -12.36 11.65 10.39
N LEU G 383 -12.61 12.87 9.93
CA LEU G 383 -11.56 13.69 9.33
C LEU G 383 -10.63 14.22 10.42
N GLN G 384 -9.34 13.90 10.30
CA GLN G 384 -8.33 14.32 11.25
C GLN G 384 -7.18 15.00 10.51
N PHE G 385 -6.46 15.85 11.24
CA PHE G 385 -5.37 16.65 10.70
C PHE G 385 -4.06 16.26 11.40
N ILE G 386 -3.09 15.80 10.63
CA ILE G 386 -1.75 15.52 11.14
C ILE G 386 -0.74 15.99 10.10
N ASN G 387 -0.49 17.31 10.03
CA ASN G 387 0.29 17.91 8.96
C ASN G 387 -0.51 17.94 7.66
N GLY G 388 -1.15 16.80 7.34
CA GLY G 388 -2.10 16.71 6.27
C GLY G 388 -3.45 16.16 6.78
N LYS G 389 -4.35 15.95 5.83
CA LYS G 389 -5.69 15.50 6.16
C LYS G 389 -5.81 14.00 5.90
N GLN G 390 -6.46 13.31 6.85
CA GLN G 390 -6.62 11.86 6.79
C GLN G 390 -8.01 11.51 7.31
N PHE G 391 -8.47 10.32 6.96
CA PHE G 391 -9.72 9.78 7.51
C PHE G 391 -9.38 8.68 8.51
N LYS G 392 -9.99 8.74 9.68
CA LYS G 392 -9.70 7.79 10.74
C LYS G 392 -10.96 7.04 11.18
N VAL G 437 -6.05 6.69 6.33
CA VAL G 437 -6.39 6.82 4.92
C VAL G 437 -6.32 8.28 4.50
N PRO G 438 -5.60 8.57 3.42
CA PRO G 438 -5.46 9.98 3.00
C PRO G 438 -6.80 10.55 2.55
N TYR G 439 -7.05 11.79 2.92
CA TYR G 439 -8.30 12.46 2.58
C TYR G 439 -8.32 12.82 1.11
N ARG G 440 -9.42 12.46 0.43
CA ARG G 440 -9.54 12.70 -0.99
C ARG G 440 -10.45 13.86 -1.35
N GLY G 441 -11.22 14.37 -0.41
CA GLY G 441 -12.20 15.39 -0.72
C GLY G 441 -13.55 14.80 -1.05
N PRO G 442 -14.45 15.62 -1.60
CA PRO G 442 -15.83 15.15 -1.83
C PRO G 442 -15.89 14.00 -2.83
N LEU G 443 -16.82 13.08 -2.59
CA LEU G 443 -17.08 12.01 -3.54
C LEU G 443 -17.31 12.54 -4.95
N ALA G 444 -17.98 13.69 -5.06
CA ALA G 444 -18.36 14.20 -6.37
C ALA G 444 -17.15 14.34 -7.29
N ASN G 445 -16.00 14.74 -6.76
CA ASN G 445 -14.84 14.92 -7.63
C ASN G 445 -14.36 13.58 -8.18
N VAL G 446 -14.36 12.54 -7.34
CA VAL G 446 -13.95 11.21 -7.81
C VAL G 446 -14.91 10.73 -8.89
N LEU G 447 -16.22 10.84 -8.64
CA LEU G 447 -17.19 10.35 -9.61
C LEU G 447 -17.17 11.18 -10.89
N HIS G 448 -16.97 12.50 -10.77
CA HIS G 448 -16.91 13.33 -11.97
C HIS G 448 -15.78 12.89 -12.89
N GLN G 449 -14.63 12.54 -12.32
CA GLN G 449 -13.53 12.05 -13.15
C GLN G 449 -13.83 10.68 -13.73
N LEU G 450 -14.41 9.78 -12.93
CA LEU G 450 -14.69 8.44 -13.42
C LEU G 450 -15.74 8.44 -14.50
N VAL G 451 -16.85 9.16 -14.29
CA VAL G 451 -17.89 9.23 -15.30
C VAL G 451 -17.39 9.99 -16.52
N GLY G 452 -16.58 11.03 -16.31
CA GLY G 452 -15.98 11.71 -17.44
C GLY G 452 -15.16 10.77 -18.29
N GLY G 453 -14.34 9.94 -17.66
CA GLY G 453 -13.57 8.95 -18.40
C GLY G 453 -14.45 7.98 -19.14
N LEU G 454 -15.50 7.49 -18.49
CA LEU G 454 -16.39 6.53 -19.13
C LEU G 454 -17.03 7.12 -20.38
N ARG G 455 -17.46 8.39 -20.30
CA ARG G 455 -18.07 9.02 -21.47
C ARG G 455 -17.08 9.09 -22.63
N GLN G 456 -15.81 9.35 -22.33
CA GLN G 456 -14.79 9.31 -23.38
C GLN G 456 -14.70 7.92 -24.00
N THR G 457 -14.61 6.88 -23.16
CA THR G 457 -14.57 5.52 -23.69
C THR G 457 -15.74 5.25 -24.62
N MET G 458 -16.95 5.61 -24.18
CA MET G 458 -18.14 5.32 -24.97
C MET G 458 -18.13 6.07 -26.30
N GLY G 459 -17.68 7.32 -26.28
CA GLY G 459 -17.55 8.06 -27.53
C GLY G 459 -16.54 7.41 -28.46
N TYR G 460 -15.41 6.96 -27.91
CA TYR G 460 -14.38 6.34 -28.75
C TYR G 460 -14.88 5.03 -29.34
N VAL G 461 -15.66 4.29 -28.57
CA VAL G 461 -16.14 2.98 -29.01
C VAL G 461 -17.37 3.11 -29.89
N GLY G 462 -18.07 4.23 -29.83
CA GLY G 462 -19.30 4.40 -30.58
C GLY G 462 -20.53 3.90 -29.85
N ALA G 463 -20.44 3.70 -28.55
CA ALA G 463 -21.55 3.17 -27.77
C ALA G 463 -22.40 4.35 -27.28
N ALA G 464 -23.62 4.43 -27.79
CA ALA G 464 -24.55 5.46 -27.34
C ALA G 464 -25.19 5.12 -26.01
N THR G 465 -25.16 3.85 -25.62
CA THR G 465 -25.73 3.38 -24.37
C THR G 465 -24.78 2.34 -23.79
N ILE G 466 -24.93 2.07 -22.49
CA ILE G 466 -24.11 1.05 -21.84
C ILE G 466 -24.33 -0.30 -22.50
N GLU G 467 -25.57 -0.62 -22.87
CA GLU G 467 -25.87 -1.90 -23.48
C GLU G 467 -25.12 -2.13 -24.79
N GLU G 468 -24.66 -1.07 -25.46
CA GLU G 468 -23.89 -1.24 -26.68
C GLU G 468 -22.41 -1.51 -26.41
N MET G 469 -21.94 -1.35 -25.17
CA MET G 469 -20.51 -1.48 -24.91
C MET G 469 -20.03 -2.90 -25.19
N GLU G 470 -20.81 -3.91 -24.79
CA GLU G 470 -20.36 -5.29 -24.94
C GLU G 470 -20.25 -5.68 -26.41
N SER G 471 -21.19 -5.22 -27.24
CA SER G 471 -21.17 -5.61 -28.65
C SER G 471 -20.20 -4.76 -29.46
N LYS G 472 -20.12 -3.46 -29.18
CA LYS G 472 -19.29 -2.55 -29.96
C LYS G 472 -17.86 -2.45 -29.47
N GLY G 473 -17.59 -2.77 -28.21
CA GLY G 473 -16.24 -2.67 -27.68
C GLY G 473 -15.33 -3.76 -28.22
N ARG G 474 -14.31 -3.37 -28.98
CA ARG G 474 -13.31 -4.30 -29.50
C ARG G 474 -12.06 -4.20 -28.65
N PHE G 475 -11.50 -5.35 -28.26
CA PHE G 475 -10.34 -5.42 -27.40
C PHE G 475 -9.08 -5.79 -28.18
N VAL G 476 -7.93 -5.33 -27.70
CA VAL G 476 -6.64 -5.88 -28.10
C VAL G 476 -5.83 -6.16 -26.84
N ARG G 477 -5.11 -7.27 -26.83
CA ARG G 477 -4.18 -7.56 -25.75
C ARG G 477 -2.86 -6.83 -26.01
N ILE G 478 -2.17 -6.47 -24.93
CA ILE G 478 -0.87 -5.82 -25.03
C ILE G 478 0.13 -6.57 -24.17
N THR G 479 1.40 -6.42 -24.53
CA THR G 479 2.49 -7.03 -23.78
C THR G 479 2.92 -6.10 -22.65
N SER G 480 3.87 -6.57 -21.83
CA SER G 480 4.42 -5.75 -20.77
C SER G 480 5.23 -4.58 -21.30
N ALA G 481 5.65 -4.62 -22.56
CA ALA G 481 6.40 -3.51 -23.15
C ALA G 481 5.54 -2.25 -23.24
N GLY H 10 -88.28 4.12 27.06
CA GLY H 10 -89.27 3.72 28.05
C GLY H 10 -89.12 2.29 28.53
N VAL H 11 -87.90 1.77 28.48
CA VAL H 11 -87.64 0.38 28.87
C VAL H 11 -86.67 0.38 30.03
N PRO H 12 -86.67 -0.70 30.83
CA PRO H 12 -85.68 -0.81 31.91
C PRO H 12 -84.28 -0.81 31.32
N GLU H 13 -83.28 -0.41 32.13
CA GLU H 13 -81.94 -0.36 31.56
C GLU H 13 -81.48 -1.72 31.04
N LYS H 14 -81.95 -2.82 31.64
CA LYS H 14 -81.57 -4.15 31.17
C LYS H 14 -81.81 -4.29 29.68
N PHE H 15 -82.78 -3.56 29.13
CA PHE H 15 -83.16 -3.69 27.73
C PHE H 15 -82.89 -2.42 26.93
N ALA H 16 -81.97 -1.57 27.40
CA ALA H 16 -81.81 -0.26 26.79
C ALA H 16 -81.28 -0.33 25.36
N THR H 17 -80.41 -1.30 25.07
CA THR H 17 -79.71 -1.30 23.79
C THR H 17 -80.63 -1.74 22.66
N LEU H 18 -80.60 -1.00 21.56
CA LEU H 18 -81.33 -1.34 20.35
C LEU H 18 -80.33 -1.84 19.31
N GLY H 19 -80.55 -3.04 18.80
CA GLY H 19 -79.70 -3.61 17.77
C GLY H 19 -80.26 -3.31 16.39
N LEU H 20 -79.35 -2.99 15.46
CA LEU H 20 -79.72 -2.58 14.12
C LEU H 20 -79.19 -3.59 13.11
N THR H 21 -80.04 -3.97 12.15
CA THR H 21 -79.64 -4.79 11.02
C THR H 21 -79.45 -3.90 9.80
N TYR H 22 -79.04 -4.51 8.68
CA TYR H 22 -78.82 -3.75 7.46
C TYR H 22 -80.11 -3.03 7.03
N ASP H 23 -81.25 -3.73 7.09
CA ASP H 23 -82.50 -3.12 6.66
C ASP H 23 -82.90 -1.93 7.52
N ASP H 24 -82.31 -1.77 8.70
CA ASP H 24 -82.69 -0.69 9.58
C ASP H 24 -82.06 0.65 9.22
N VAL H 25 -81.07 0.71 8.34
CA VAL H 25 -80.30 1.92 8.12
C VAL H 25 -80.06 2.17 6.63
N LEU H 26 -79.74 3.42 6.32
CA LEU H 26 -79.34 3.82 4.98
C LEU H 26 -78.12 4.74 5.08
N LEU H 27 -77.34 4.78 4.00
CA LEU H 27 -76.22 5.72 3.91
C LEU H 27 -76.70 6.98 3.20
N LEU H 28 -76.25 8.12 3.69
CA LEU H 28 -76.61 9.40 3.11
C LEU H 28 -75.68 9.76 1.95
N PRO H 29 -76.17 10.49 0.95
CA PRO H 29 -75.26 11.11 -0.01
C PRO H 29 -74.42 12.18 0.67
N GLY H 30 -73.16 12.30 0.24
CA GLY H 30 -72.26 13.28 0.79
C GLY H 30 -71.50 14.02 -0.29
N ALA H 31 -70.74 15.02 0.14
CA ALA H 31 -69.84 15.72 -0.77
C ALA H 31 -68.91 14.71 -1.42
N SER H 32 -68.83 14.76 -2.75
CA SER H 32 -68.04 13.78 -3.48
C SER H 32 -67.32 14.44 -4.65
N ALA H 33 -66.03 14.11 -4.79
CA ALA H 33 -65.23 14.53 -5.93
C ALA H 33 -64.76 13.34 -6.76
N VAL H 34 -65.36 12.16 -6.54
CA VAL H 34 -64.89 10.91 -7.13
C VAL H 34 -66.10 10.16 -7.70
N LEU H 35 -65.94 9.64 -8.92
CA LEU H 35 -66.99 8.91 -9.62
C LEU H 35 -66.87 7.41 -9.33
N PRO H 36 -67.98 6.66 -9.45
CA PRO H 36 -67.92 5.22 -9.18
C PRO H 36 -66.80 4.49 -9.91
N ASN H 37 -66.54 4.84 -11.17
CA ASN H 37 -65.53 4.11 -11.95
C ASN H 37 -64.10 4.43 -11.52
N ALA H 38 -63.89 5.36 -10.58
CA ALA H 38 -62.57 5.77 -10.18
C ALA H 38 -62.21 5.41 -8.74
N VAL H 39 -63.14 4.88 -7.96
CA VAL H 39 -62.81 4.55 -6.58
C VAL H 39 -61.94 3.29 -6.54
N ASP H 40 -61.21 3.15 -5.43
CA ASP H 40 -60.34 2.00 -5.19
C ASP H 40 -61.02 1.09 -4.17
N THR H 41 -61.25 -0.17 -4.54
CA THR H 41 -62.01 -1.10 -3.72
C THR H 41 -61.14 -2.08 -2.95
N SER H 42 -59.84 -1.84 -2.87
CA SER H 42 -58.96 -2.78 -2.17
C SER H 42 -59.11 -2.64 -0.66
N SER H 43 -58.87 -3.74 0.03
CA SER H 43 -59.01 -3.78 1.49
C SER H 43 -58.17 -4.94 2.00
N ARG H 44 -58.16 -5.10 3.32
CA ARG H 44 -57.36 -6.13 3.97
C ARG H 44 -58.26 -7.24 4.51
N ILE H 45 -57.89 -8.48 4.23
CA ILE H 45 -58.49 -9.62 4.91
C ILE H 45 -58.00 -9.70 6.34
N SER H 46 -56.70 -9.55 6.53
CA SER H 46 -56.05 -9.63 7.82
C SER H 46 -54.85 -8.69 7.76
N ARG H 47 -54.09 -8.64 8.85
CA ARG H 47 -52.99 -7.68 8.93
C ARG H 47 -52.13 -7.69 7.68
N ASN H 48 -51.83 -8.87 7.14
CA ASN H 48 -50.84 -9.02 6.08
C ASN H 48 -51.41 -9.63 4.80
N VAL H 49 -52.73 -9.66 4.64
CA VAL H 49 -53.36 -10.18 3.44
C VAL H 49 -54.30 -9.12 2.89
N ARG H 50 -54.10 -8.75 1.63
CA ARG H 50 -54.86 -7.71 0.97
C ARG H 50 -55.59 -8.30 -0.23
N VAL H 51 -56.78 -7.76 -0.50
CA VAL H 51 -57.59 -8.14 -1.66
C VAL H 51 -57.95 -6.88 -2.43
N ASN H 52 -58.38 -7.07 -3.68
CA ASN H 52 -58.69 -5.97 -4.57
C ASN H 52 -60.18 -5.63 -4.61
N ILE H 53 -61.05 -6.55 -4.23
CA ILE H 53 -62.46 -6.26 -3.93
C ILE H 53 -62.68 -6.81 -2.53
N PRO H 54 -63.52 -6.19 -1.69
CA PRO H 54 -63.58 -6.55 -0.26
C PRO H 54 -64.51 -7.71 0.03
N LEU H 55 -64.32 -8.83 -0.67
CA LEU H 55 -65.25 -9.94 -0.60
C LEU H 55 -64.54 -11.28 -0.48
N LEU H 56 -65.09 -12.14 0.38
CA LEU H 56 -64.64 -13.51 0.54
C LEU H 56 -65.81 -14.45 0.25
N SER H 57 -65.50 -15.67 -0.16
CA SER H 57 -66.48 -16.75 -0.25
C SER H 57 -66.37 -17.61 1.01
N ALA H 58 -67.52 -18.02 1.55
CA ALA H 58 -67.55 -18.64 2.86
C ALA H 58 -66.99 -20.06 2.84
N ALA H 59 -66.51 -20.51 4.00
CA ALA H 59 -65.99 -21.87 4.18
C ALA H 59 -67.12 -22.87 4.42
N MET H 60 -68.00 -22.96 3.43
CA MET H 60 -69.13 -23.89 3.46
C MET H 60 -68.89 -24.95 2.39
N ASP H 61 -69.24 -26.21 2.69
CA ASP H 61 -68.97 -27.27 1.73
C ASP H 61 -69.85 -27.19 0.50
N LYS H 62 -70.89 -26.37 0.52
CA LYS H 62 -71.70 -26.10 -0.67
C LYS H 62 -71.22 -24.87 -1.44
N VAL H 63 -70.14 -24.22 -1.00
CA VAL H 63 -69.73 -22.97 -1.61
C VAL H 63 -68.30 -23.01 -2.14
N THR H 64 -67.32 -23.20 -1.26
CA THR H 64 -65.92 -22.98 -1.63
C THR H 64 -65.09 -24.26 -1.57
N GLU H 65 -64.82 -24.83 -2.75
CA GLU H 65 -63.67 -25.69 -2.97
C GLU H 65 -62.77 -24.98 -3.97
N SER H 66 -61.85 -25.70 -4.61
CA SER H 66 -60.80 -25.02 -5.36
C SER H 66 -61.38 -24.15 -6.48
N ARG H 67 -62.39 -24.65 -7.18
CA ARG H 67 -62.91 -23.91 -8.32
C ARG H 67 -63.51 -22.56 -7.89
N MET H 68 -64.26 -22.55 -6.79
CA MET H 68 -64.79 -21.29 -6.29
C MET H 68 -63.67 -20.37 -5.82
N ALA H 69 -62.70 -20.92 -5.10
CA ALA H 69 -61.60 -20.11 -4.60
C ALA H 69 -60.79 -19.51 -5.74
N ILE H 70 -60.60 -20.28 -6.82
CA ILE H 70 -59.84 -19.79 -7.97
C ILE H 70 -60.57 -18.61 -8.60
N SER H 71 -61.89 -18.74 -8.81
CA SER H 71 -62.65 -17.66 -9.43
C SER H 71 -62.71 -16.43 -8.54
N MET H 72 -62.92 -16.62 -7.23
CA MET H 72 -62.91 -15.49 -6.30
C MET H 72 -61.60 -14.72 -6.42
N ALA H 73 -60.48 -15.44 -6.36
CA ALA H 73 -59.18 -14.77 -6.41
C ALA H 73 -58.98 -14.06 -7.74
N ARG H 74 -59.40 -14.69 -8.84
CA ARG H 74 -59.26 -14.06 -10.15
C ARG H 74 -60.06 -12.76 -10.22
N GLN H 75 -61.22 -12.72 -9.57
CA GLN H 75 -62.04 -11.52 -9.57
C GLN H 75 -61.55 -10.47 -8.59
N GLY H 76 -60.53 -10.79 -7.81
CA GLY H 76 -59.92 -9.84 -6.88
C GLY H 76 -60.26 -10.07 -5.44
N GLY H 77 -61.13 -11.03 -5.14
CA GLY H 77 -61.45 -11.44 -3.80
C GLY H 77 -60.61 -12.63 -3.38
N VAL H 78 -61.19 -13.45 -2.50
CA VAL H 78 -60.49 -14.65 -2.04
C VAL H 78 -61.53 -15.63 -1.51
N GLY H 79 -61.22 -16.91 -1.63
CA GLY H 79 -62.05 -17.96 -1.08
C GLY H 79 -61.43 -18.54 0.18
N VAL H 80 -62.29 -19.00 1.09
CA VAL H 80 -61.88 -19.74 2.27
C VAL H 80 -62.34 -21.18 2.08
N LEU H 81 -61.40 -22.08 1.85
CA LEU H 81 -61.72 -23.48 1.58
C LEU H 81 -62.33 -24.13 2.81
N HIS H 82 -63.46 -24.82 2.62
CA HIS H 82 -64.13 -25.48 3.72
C HIS H 82 -63.29 -26.64 4.25
N ARG H 83 -63.60 -27.03 5.48
CA ARG H 83 -62.82 -28.04 6.20
C ARG H 83 -63.58 -29.34 6.43
N ASN H 84 -64.71 -29.53 5.74
CA ASN H 84 -65.46 -30.78 5.88
C ASN H 84 -64.89 -31.84 4.93
N LEU H 85 -63.62 -32.20 5.12
CA LEU H 85 -62.93 -33.24 4.29
C LEU H 85 -61.64 -33.58 5.03
N SER H 86 -60.86 -34.59 4.63
CA SER H 86 -59.64 -35.02 5.39
C SER H 86 -58.62 -33.88 5.35
N ILE H 87 -57.55 -33.94 6.15
CA ILE H 87 -56.46 -32.91 6.17
C ILE H 87 -55.70 -33.03 4.84
N GLU H 88 -55.60 -34.24 4.26
CA GLU H 88 -54.84 -34.49 3.01
C GLU H 88 -55.66 -33.99 1.80
N ASP H 89 -57.00 -34.01 1.87
CA ASP H 89 -57.88 -33.59 0.73
C ASP H 89 -58.03 -32.06 0.76
N GLN H 90 -58.03 -31.43 1.94
CA GLN H 90 -58.12 -29.96 1.99
C GLN H 90 -56.82 -29.34 1.54
N ALA H 91 -55.68 -29.92 1.94
CA ALA H 91 -54.39 -29.44 1.47
C ALA H 91 -54.26 -29.56 -0.04
N ASN H 92 -54.84 -30.62 -0.61
CA ASN H 92 -54.85 -30.77 -2.05
C ASN H 92 -55.64 -29.64 -2.71
N GLN H 93 -56.76 -29.25 -2.10
CA GLN H 93 -57.53 -28.10 -2.61
C GLN H 93 -56.70 -26.83 -2.61
N VAL H 94 -55.93 -26.60 -1.54
CA VAL H 94 -55.04 -25.45 -1.49
C VAL H 94 -54.06 -25.51 -2.67
N ASP H 95 -53.42 -26.67 -2.85
CA ASP H 95 -52.43 -26.82 -3.92
C ASP H 95 -53.03 -26.51 -5.29
N LEU H 96 -54.28 -26.94 -5.52
CA LEU H 96 -54.92 -26.67 -6.80
C LEU H 96 -55.06 -25.17 -7.04
N VAL H 97 -55.35 -24.40 -5.99
CA VAL H 97 -55.50 -22.96 -6.14
C VAL H 97 -54.13 -22.31 -6.36
N LYS H 98 -53.15 -22.65 -5.52
CA LYS H 98 -51.85 -22.00 -5.61
C LYS H 98 -51.18 -22.27 -6.96
N ARG H 99 -51.39 -23.45 -7.52
CA ARG H 99 -50.77 -23.84 -8.78
C ARG H 99 -51.73 -23.73 -9.95
N SER H 100 -52.64 -22.75 -9.91
CA SER H 100 -53.59 -22.55 -10.99
C SER H 100 -52.95 -21.81 -12.17
N GLU H 101 -52.43 -20.60 -11.93
CA GLU H 101 -51.74 -19.84 -12.94
C GLU H 101 -50.57 -19.11 -12.29
N SER H 102 -49.41 -19.15 -12.96
CA SER H 102 -48.15 -18.65 -12.43
C SER H 102 -47.71 -19.39 -11.17
N GLY H 103 -48.37 -20.49 -10.83
CA GLY H 103 -48.05 -21.23 -9.61
C GLY H 103 -47.06 -22.36 -9.77
N MET H 104 -46.67 -22.68 -11.00
CA MET H 104 -45.73 -23.75 -11.28
C MET H 104 -44.36 -23.22 -11.67
N VAL H 105 -44.15 -21.91 -11.57
CA VAL H 105 -42.86 -21.32 -11.94
C VAL H 105 -41.74 -21.89 -11.08
N ALA H 106 -42.04 -22.31 -9.86
CA ALA H 106 -41.03 -22.89 -8.98
C ALA H 106 -41.44 -24.23 -8.40
N ASN H 107 -42.60 -24.77 -8.78
CA ASN H 107 -43.05 -26.09 -8.30
C ASN H 107 -43.87 -26.74 -9.39
N PRO H 108 -43.21 -27.27 -10.42
CA PRO H 108 -43.95 -27.84 -11.56
C PRO H 108 -44.42 -29.26 -11.30
N ILE H 109 -45.50 -29.64 -12.00
CA ILE H 109 -45.89 -31.04 -12.07
C ILE H 109 -44.95 -31.75 -13.02
N THR H 110 -44.79 -33.05 -12.84
CA THR H 110 -43.94 -33.85 -13.72
C THR H 110 -44.54 -35.23 -13.88
N ILE H 111 -44.07 -35.94 -14.90
CA ILE H 111 -44.47 -37.33 -15.15
C ILE H 111 -43.26 -38.08 -15.68
N HIS H 112 -43.19 -39.39 -15.36
CA HIS H 112 -42.09 -40.22 -15.85
C HIS H 112 -42.40 -40.77 -17.24
N PRO H 113 -41.37 -41.03 -18.04
CA PRO H 113 -41.62 -41.39 -19.46
C PRO H 113 -42.32 -42.72 -19.67
N ASP H 114 -42.30 -43.63 -18.70
CA ASP H 114 -43.01 -44.90 -18.87
C ASP H 114 -44.45 -44.82 -18.39
N ALA H 115 -44.91 -43.66 -17.93
CA ALA H 115 -46.28 -43.47 -17.51
C ALA H 115 -47.22 -43.56 -18.70
N THR H 116 -48.49 -43.84 -18.42
CA THR H 116 -49.49 -43.98 -19.47
C THR H 116 -50.06 -42.61 -19.85
N LEU H 117 -50.62 -42.54 -21.07
CA LEU H 117 -51.29 -41.31 -21.48
C LEU H 117 -52.46 -41.00 -20.57
N GLY H 118 -53.14 -42.03 -20.08
CA GLY H 118 -54.22 -41.82 -19.12
C GLY H 118 -53.75 -41.10 -17.88
N GLU H 119 -52.58 -41.49 -17.36
CA GLU H 119 -52.04 -40.82 -16.18
C GLU H 119 -51.67 -39.37 -16.49
N ALA H 120 -51.09 -39.13 -17.67
CA ALA H 120 -50.77 -37.76 -18.06
C ALA H 120 -52.03 -36.92 -18.22
N ASP H 121 -53.05 -37.48 -18.88
CA ASP H 121 -54.28 -36.73 -19.10
C ASP H 121 -55.01 -36.47 -17.79
N ALA H 122 -54.97 -37.42 -16.86
CA ALA H 122 -55.59 -37.19 -15.55
C ALA H 122 -54.91 -36.05 -14.81
N LEU H 123 -53.59 -35.95 -14.93
CA LEU H 123 -52.86 -34.86 -14.29
C LEU H 123 -53.23 -33.52 -14.92
N CYS H 124 -53.37 -33.49 -16.25
CA CYS H 124 -53.78 -32.26 -16.92
C CYS H 124 -55.17 -31.82 -16.47
N ALA H 125 -56.09 -32.76 -16.32
CA ALA H 125 -57.45 -32.41 -15.88
C ALA H 125 -57.44 -31.90 -14.44
N LYS H 126 -56.61 -32.49 -13.58
CA LYS H 126 -56.60 -32.10 -12.18
C LYS H 126 -56.15 -30.66 -12.02
N PHE H 127 -55.04 -30.28 -12.65
CA PHE H 127 -54.48 -28.95 -12.51
C PHE H 127 -54.92 -27.99 -13.60
N ARG H 128 -55.77 -28.44 -14.53
CA ARG H 128 -56.27 -27.61 -15.61
C ARG H 128 -55.10 -26.95 -16.35
N ILE H 129 -54.19 -27.82 -16.80
CA ILE H 129 -53.02 -27.44 -17.59
C ILE H 129 -52.92 -28.45 -18.72
N SER H 130 -52.41 -28.00 -19.87
CA SER H 130 -52.52 -28.78 -21.11
C SER H 130 -51.23 -29.53 -21.45
N GLY H 131 -50.43 -29.88 -20.45
CA GLY H 131 -49.23 -30.64 -20.72
C GLY H 131 -48.46 -30.88 -19.45
N VAL H 132 -47.54 -31.84 -19.53
CA VAL H 132 -46.74 -32.22 -18.38
C VAL H 132 -45.29 -32.38 -18.82
N PRO H 133 -44.33 -31.71 -18.17
CA PRO H 133 -42.92 -32.04 -18.41
C PRO H 133 -42.64 -33.49 -18.04
N VAL H 134 -41.85 -34.16 -18.88
CA VAL H 134 -41.44 -35.53 -18.65
C VAL H 134 -40.02 -35.50 -18.10
N THR H 135 -39.81 -36.12 -16.93
CA THR H 135 -38.51 -36.11 -16.29
C THR H 135 -38.14 -37.52 -15.83
N ASP H 136 -36.86 -37.72 -15.58
CA ASP H 136 -36.38 -38.96 -14.96
C ASP H 136 -36.41 -38.81 -13.44
N GLY H 137 -35.89 -39.81 -12.74
CA GLY H 137 -35.92 -39.79 -11.28
C GLY H 137 -35.08 -38.68 -10.67
N ALA H 138 -34.06 -38.21 -11.37
CA ALA H 138 -33.24 -37.10 -10.89
C ALA H 138 -33.82 -35.74 -11.26
N GLY H 139 -34.96 -35.70 -11.92
CA GLY H 139 -35.55 -34.46 -12.34
C GLY H 139 -35.02 -33.90 -13.64
N LYS H 140 -34.17 -34.64 -14.35
CA LYS H 140 -33.69 -34.18 -15.64
C LYS H 140 -34.82 -34.16 -16.65
N LEU H 141 -34.95 -33.07 -17.38
CA LEU H 141 -36.04 -32.91 -18.33
C LEU H 141 -35.78 -33.79 -19.56
N LEU H 142 -36.72 -34.68 -19.86
CA LEU H 142 -36.59 -35.57 -21.00
C LEU H 142 -37.45 -35.16 -22.19
N GLY H 143 -38.54 -34.45 -21.93
CA GLY H 143 -39.45 -34.06 -22.98
C GLY H 143 -40.68 -33.42 -22.38
N ILE H 144 -41.70 -33.28 -23.23
CA ILE H 144 -42.97 -32.69 -22.79
C ILE H 144 -44.09 -33.33 -23.61
N VAL H 145 -45.15 -33.72 -22.92
CA VAL H 145 -46.34 -34.30 -23.54
C VAL H 145 -47.50 -33.35 -23.28
N THR H 146 -48.20 -32.97 -24.34
CA THR H 146 -49.22 -31.94 -24.25
C THR H 146 -50.53 -32.42 -24.86
N ASN H 147 -51.57 -31.59 -24.71
CA ASN H 147 -52.87 -31.92 -25.26
C ASN H 147 -52.77 -32.26 -26.74
N ARG H 148 -52.00 -31.47 -27.50
CA ARG H 148 -51.91 -31.72 -28.94
C ARG H 148 -51.20 -33.03 -29.25
N ASP H 149 -50.25 -33.44 -28.43
CA ASP H 149 -49.58 -34.72 -28.66
C ASP H 149 -50.54 -35.89 -28.47
N MET H 150 -51.55 -35.73 -27.63
CA MET H 150 -52.50 -36.79 -27.32
C MET H 150 -53.82 -36.65 -28.07
N ALA H 151 -53.97 -35.60 -28.88
CA ALA H 151 -55.27 -35.27 -29.44
C ALA H 151 -55.84 -36.42 -30.26
N PHE H 152 -55.01 -37.10 -31.04
CA PHE H 152 -55.49 -38.14 -31.94
C PHE H 152 -55.20 -39.54 -31.43
N GLU H 153 -54.74 -39.68 -30.19
CA GLU H 153 -54.40 -40.98 -29.64
C GLU H 153 -55.65 -41.64 -29.06
N THR H 154 -55.84 -42.94 -29.36
CA THR H 154 -57.00 -43.66 -28.83
C THR H 154 -56.63 -44.66 -27.75
N ASP H 155 -55.41 -45.20 -27.76
CA ASP H 155 -54.96 -46.13 -26.72
C ASP H 155 -54.20 -45.32 -25.68
N ARG H 156 -54.84 -45.14 -24.52
CA ARG H 156 -54.31 -44.39 -23.39
C ARG H 156 -53.80 -45.32 -22.31
N SER H 157 -53.44 -46.55 -22.68
CA SER H 157 -52.41 -47.28 -21.96
C SER H 157 -51.02 -47.04 -22.51
N ARG H 158 -50.95 -46.39 -23.67
CA ARG H 158 -49.69 -46.07 -24.34
C ARG H 158 -48.81 -45.20 -23.45
N GLN H 159 -47.50 -45.38 -23.59
CA GLN H 159 -46.55 -44.67 -22.75
C GLN H 159 -46.31 -43.28 -23.30
N VAL H 160 -46.14 -42.31 -22.39
CA VAL H 160 -45.94 -40.92 -22.78
C VAL H 160 -44.70 -40.78 -23.66
N ARG H 161 -43.65 -41.55 -23.35
CA ARG H 161 -42.41 -41.41 -24.11
C ARG H 161 -42.62 -41.62 -25.60
N GLU H 162 -43.68 -42.34 -25.97
CA GLU H 162 -43.93 -42.64 -27.38
C GLU H 162 -44.56 -41.47 -28.12
N VAL H 163 -45.25 -40.58 -27.42
CA VAL H 163 -45.95 -39.46 -28.05
C VAL H 163 -45.40 -38.10 -27.63
N MET H 164 -44.60 -38.04 -26.58
CA MET H 164 -44.06 -36.76 -26.12
C MET H 164 -43.15 -36.17 -27.18
N THR H 165 -43.00 -34.85 -27.12
CA THR H 165 -41.93 -34.18 -27.86
C THR H 165 -40.64 -34.30 -27.05
N PRO H 166 -39.62 -34.97 -27.57
CA PRO H 166 -38.40 -35.15 -26.78
C PRO H 166 -37.51 -33.92 -26.81
N MET H 167 -36.64 -33.84 -25.81
CA MET H 167 -35.57 -32.85 -25.83
C MET H 167 -34.75 -33.04 -27.10
N PRO H 168 -34.15 -31.97 -27.64
CA PRO H 168 -34.10 -30.61 -27.07
C PRO H 168 -35.39 -29.81 -27.27
N LEU H 169 -35.83 -29.17 -26.20
CA LEU H 169 -37.04 -28.35 -26.21
C LEU H 169 -36.66 -26.88 -26.08
N VAL H 170 -37.61 -26.01 -26.42
CA VAL H 170 -37.48 -24.60 -26.08
C VAL H 170 -37.67 -24.46 -24.58
N THR H 171 -36.64 -23.97 -23.90
CA THR H 171 -36.68 -23.83 -22.44
C THR H 171 -36.28 -22.42 -22.04
N GLY H 172 -36.53 -22.10 -20.77
CA GLY H 172 -36.13 -20.83 -20.20
C GLY H 172 -35.27 -21.03 -18.96
N GLN H 173 -34.66 -19.94 -18.53
CA GLN H 173 -33.83 -19.92 -17.34
C GLN H 173 -34.67 -19.65 -16.09
N VAL H 174 -34.19 -20.14 -14.96
CA VAL H 174 -34.76 -19.74 -13.68
C VAL H 174 -34.76 -18.23 -13.60
N GLY H 175 -35.90 -17.65 -13.22
CA GLY H 175 -36.00 -16.21 -13.06
C GLY H 175 -36.36 -15.45 -14.31
N ILE H 176 -36.59 -16.12 -15.44
CA ILE H 176 -36.97 -15.41 -16.66
C ILE H 176 -38.18 -14.55 -16.38
N SER H 177 -38.21 -13.37 -16.99
CA SER H 177 -39.31 -12.44 -16.82
C SER H 177 -40.49 -12.83 -17.69
N GLY H 178 -41.67 -12.30 -17.34
CA GLY H 178 -42.85 -12.54 -18.15
C GLY H 178 -42.67 -12.11 -19.60
N VAL H 179 -42.12 -10.92 -19.80
CA VAL H 179 -41.91 -10.43 -21.17
C VAL H 179 -40.97 -11.36 -21.93
N ASP H 180 -39.90 -11.82 -21.27
CA ASP H 180 -38.95 -12.69 -21.94
C ASP H 180 -39.56 -14.06 -22.23
N ALA H 181 -40.31 -14.60 -21.27
CA ALA H 181 -40.97 -15.88 -21.49
C ALA H 181 -42.01 -15.77 -22.61
N MET H 182 -42.81 -14.71 -22.59
CA MET H 182 -43.82 -14.55 -23.64
C MET H 182 -43.20 -14.47 -25.03
N GLU H 183 -42.07 -13.76 -25.16
CA GLU H 183 -41.43 -13.66 -26.46
C GLU H 183 -41.00 -15.02 -26.98
N LEU H 184 -40.49 -15.88 -26.09
CA LEU H 184 -40.09 -17.23 -26.51
C LEU H 184 -41.31 -18.02 -26.98
N LEU H 185 -42.42 -17.92 -26.24
CA LEU H 185 -43.64 -18.61 -26.68
C LEU H 185 -44.11 -18.07 -28.03
N ARG H 186 -44.07 -16.75 -28.20
CA ARG H 186 -44.49 -16.15 -29.46
C ARG H 186 -43.59 -16.57 -30.61
N ARG H 187 -42.27 -16.46 -30.40
CA ARG H 187 -41.35 -16.73 -31.50
C ARG H 187 -41.44 -18.17 -31.98
N HIS H 188 -41.56 -19.12 -31.05
CA HIS H 188 -41.55 -20.54 -31.39
C HIS H 188 -42.95 -21.12 -31.55
N LYS H 189 -43.99 -20.30 -31.42
CA LYS H 189 -45.38 -20.75 -31.60
C LYS H 189 -45.69 -21.97 -30.73
N ILE H 190 -45.26 -21.90 -29.46
CA ILE H 190 -45.53 -22.95 -28.49
C ILE H 190 -46.25 -22.30 -27.31
N GLU H 191 -46.86 -23.14 -26.48
CA GLU H 191 -47.62 -22.67 -25.33
C GLU H 191 -46.99 -23.03 -23.99
N LYS H 192 -45.92 -23.82 -23.99
CA LYS H 192 -45.28 -24.28 -22.77
C LYS H 192 -43.82 -23.85 -22.77
N LEU H 193 -43.31 -23.48 -21.60
CA LEU H 193 -41.91 -23.11 -21.45
C LEU H 193 -41.38 -23.74 -20.16
N PRO H 194 -40.80 -24.94 -20.26
CA PRO H 194 -40.10 -25.49 -19.09
C PRO H 194 -38.92 -24.62 -18.72
N LEU H 195 -38.66 -24.54 -17.41
CA LEU H 195 -37.53 -23.80 -16.87
C LEU H 195 -36.53 -24.80 -16.29
N VAL H 196 -35.28 -24.71 -16.74
CA VAL H 196 -34.25 -25.67 -16.34
C VAL H 196 -33.05 -24.92 -15.81
N ASP H 197 -32.25 -25.63 -15.01
CA ASP H 197 -30.98 -25.12 -14.52
C ASP H 197 -29.86 -25.51 -15.47
N GLY H 198 -28.61 -25.22 -15.10
CA GLY H 198 -27.50 -25.47 -15.99
C GLY H 198 -27.31 -26.93 -16.34
N ASP H 199 -27.71 -27.83 -15.45
CA ASP H 199 -27.58 -29.27 -15.67
C ASP H 199 -28.82 -29.88 -16.32
N GLY H 200 -29.78 -29.05 -16.74
CA GLY H 200 -30.98 -29.56 -17.36
C GLY H 200 -31.98 -30.17 -16.41
N ILE H 201 -31.87 -29.87 -15.12
CA ILE H 201 -32.86 -30.30 -14.14
C ILE H 201 -34.06 -29.35 -14.21
N LEU H 202 -35.27 -29.91 -14.27
CA LEU H 202 -36.46 -29.09 -14.35
C LEU H 202 -36.66 -28.34 -13.04
N LYS H 203 -36.77 -27.01 -13.14
CA LYS H 203 -36.99 -26.17 -11.97
C LYS H 203 -38.36 -25.52 -11.93
N GLY H 204 -39.04 -25.40 -13.07
CA GLY H 204 -40.32 -24.72 -13.11
C GLY H 204 -40.97 -24.89 -14.47
N LEU H 205 -42.14 -24.28 -14.61
CA LEU H 205 -42.89 -24.34 -15.86
C LEU H 205 -43.75 -23.10 -16.01
N ILE H 206 -43.66 -22.48 -17.18
CA ILE H 206 -44.56 -21.40 -17.59
C ILE H 206 -45.38 -21.93 -18.76
N THR H 207 -46.68 -21.59 -18.77
CA THR H 207 -47.54 -21.90 -19.90
C THR H 207 -48.31 -20.65 -20.29
N VAL H 208 -48.92 -20.71 -21.48
CA VAL H 208 -49.69 -19.57 -21.98
C VAL H 208 -50.82 -19.22 -21.03
N LYS H 209 -51.29 -20.18 -20.23
CA LYS H 209 -52.33 -19.91 -19.25
C LYS H 209 -51.95 -18.76 -18.33
N ASP H 210 -50.67 -18.69 -17.94
CA ASP H 210 -50.23 -17.62 -17.04
C ASP H 210 -50.54 -16.25 -17.62
N PHE H 211 -50.31 -16.08 -18.92
CA PHE H 211 -50.52 -14.78 -19.56
C PHE H 211 -51.99 -14.57 -19.91
N VAL H 212 -52.67 -15.61 -20.37
CA VAL H 212 -54.09 -15.49 -20.71
C VAL H 212 -54.88 -15.08 -19.47
N LYS H 213 -54.64 -15.76 -18.35
CA LYS H 213 -55.41 -15.46 -17.14
C LYS H 213 -55.00 -14.13 -16.53
N ALA H 214 -53.74 -13.73 -16.69
CA ALA H 214 -53.33 -12.40 -16.22
C ALA H 214 -54.02 -11.30 -17.00
N GLU H 215 -54.25 -11.52 -18.29
CA GLU H 215 -54.93 -10.51 -19.11
C GLU H 215 -56.44 -10.52 -18.88
N GLN H 216 -57.03 -11.71 -18.74
CA GLN H 216 -58.47 -11.77 -18.55
C GLN H 216 -58.89 -11.28 -17.17
N TYR H 217 -58.02 -11.44 -16.17
CA TYR H 217 -58.33 -11.14 -14.79
C TYR H 217 -57.27 -10.20 -14.24
N PRO H 218 -57.29 -8.93 -14.67
CA PRO H 218 -56.21 -8.01 -14.28
C PRO H 218 -56.24 -7.60 -12.81
N HIS H 219 -57.34 -7.83 -12.10
CA HIS H 219 -57.44 -7.49 -10.69
C HIS H 219 -57.32 -8.70 -9.78
N ALA H 220 -56.79 -9.80 -10.29
CA ALA H 220 -56.64 -11.00 -9.47
C ALA H 220 -55.90 -10.68 -8.18
N ALA H 221 -56.38 -11.25 -7.09
CA ALA H 221 -55.73 -11.13 -5.78
C ALA H 221 -54.67 -12.22 -5.69
N LYS H 222 -53.41 -11.82 -5.54
CA LYS H 222 -52.28 -12.73 -5.61
C LYS H 222 -51.36 -12.53 -4.42
N ASP H 223 -50.54 -13.54 -4.16
CA ASP H 223 -49.53 -13.44 -3.11
C ASP H 223 -48.26 -12.78 -3.66
N ALA H 224 -47.22 -12.71 -2.81
CA ALA H 224 -45.99 -12.03 -3.19
C ALA H 224 -45.28 -12.74 -4.33
N LYS H 225 -45.56 -14.01 -4.58
CA LYS H 225 -44.94 -14.65 -5.72
C LYS H 225 -45.75 -14.51 -7.00
N GLY H 226 -46.90 -13.85 -6.95
CA GLY H 226 -47.77 -13.76 -8.08
C GLY H 226 -48.74 -14.92 -8.22
N ARG H 227 -48.91 -15.74 -7.18
CA ARG H 227 -49.87 -16.83 -7.20
C ARG H 227 -51.18 -16.38 -6.57
N LEU H 228 -52.28 -17.00 -6.99
CA LEU H 228 -53.58 -16.62 -6.47
C LEU H 228 -53.65 -16.83 -4.96
N LEU H 229 -54.24 -15.86 -4.27
CA LEU H 229 -54.47 -15.96 -2.84
C LEU H 229 -55.54 -16.99 -2.53
N VAL H 230 -55.43 -17.63 -1.36
CA VAL H 230 -56.46 -18.54 -0.89
C VAL H 230 -56.34 -18.67 0.63
N GLY H 231 -57.49 -18.83 1.28
CA GLY H 231 -57.54 -19.15 2.69
C GLY H 231 -58.16 -20.53 2.90
N ALA H 232 -58.10 -20.99 4.14
CA ALA H 232 -58.65 -22.28 4.51
C ALA H 232 -59.08 -22.25 5.96
N ALA H 233 -60.19 -22.94 6.25
CA ALA H 233 -60.74 -23.00 7.59
C ALA H 233 -60.15 -24.18 8.37
N VAL H 234 -59.98 -23.98 9.68
CA VAL H 234 -59.65 -25.04 10.61
C VAL H 234 -60.55 -24.88 11.83
N GLY H 235 -60.66 -25.95 12.60
CA GLY H 235 -61.43 -25.93 13.83
C GLY H 235 -60.60 -25.39 14.99
N ALA H 236 -61.05 -25.73 16.20
CA ALA H 236 -60.39 -25.32 17.44
C ALA H 236 -60.18 -26.60 18.25
N SER H 237 -59.08 -27.31 17.97
CA SER H 237 -58.85 -28.63 18.56
C SER H 237 -57.45 -29.13 18.26
N PRO H 238 -57.02 -30.22 18.90
CA PRO H 238 -55.71 -30.79 18.53
C PRO H 238 -55.61 -31.12 17.05
N GLU H 239 -56.66 -31.69 16.47
CA GLU H 239 -56.66 -31.99 15.04
C GLU H 239 -56.51 -30.72 14.21
N ALA H 240 -57.13 -29.63 14.64
CA ALA H 240 -57.03 -28.38 13.89
C ALA H 240 -55.59 -27.89 13.82
N LEU H 241 -54.78 -28.21 14.83
CA LEU H 241 -53.37 -27.83 14.81
C LEU H 241 -52.61 -28.59 13.74
N ASP H 242 -52.87 -29.90 13.62
CA ASP H 242 -52.25 -30.67 12.54
C ASP H 242 -52.75 -30.20 11.17
N ARG H 243 -54.04 -29.93 11.06
CA ARG H 243 -54.59 -29.42 9.80
C ARG H 243 -53.90 -28.12 9.41
N ALA H 244 -53.70 -27.21 10.37
CA ALA H 244 -53.06 -25.94 10.07
C ALA H 244 -51.69 -26.14 9.45
N GLN H 245 -50.88 -27.03 10.03
CA GLN H 245 -49.53 -27.25 9.52
C GLN H 245 -49.56 -27.76 8.08
N ALA H 246 -50.44 -28.73 7.80
CA ALA H 246 -50.54 -29.27 6.45
C ALA H 246 -50.96 -28.19 5.46
N LEU H 247 -51.91 -27.32 5.84
CA LEU H 247 -52.37 -26.28 4.94
C LEU H 247 -51.28 -25.23 4.71
N ALA H 248 -50.55 -24.86 5.77
CA ALA H 248 -49.44 -23.93 5.60
C ALA H 248 -48.38 -24.53 4.69
N GLU H 249 -48.08 -25.81 4.86
CA GLU H 249 -47.10 -26.46 3.99
C GLU H 249 -47.55 -26.43 2.55
N ALA H 250 -48.86 -26.57 2.31
CA ALA H 250 -49.40 -26.55 0.95
C ALA H 250 -49.43 -25.15 0.35
N GLY H 251 -49.15 -24.11 1.13
CA GLY H 251 -49.04 -22.77 0.61
C GLY H 251 -50.22 -21.86 0.87
N VAL H 252 -51.10 -22.21 1.81
CA VAL H 252 -52.25 -21.36 2.10
C VAL H 252 -51.75 -20.02 2.63
N ASP H 253 -52.50 -18.97 2.32
CA ASP H 253 -52.09 -17.62 2.67
C ASP H 253 -52.61 -17.16 4.03
N PHE H 254 -53.74 -17.71 4.50
CA PHE H 254 -54.19 -17.41 5.85
C PHE H 254 -55.14 -18.52 6.30
N LEU H 255 -55.25 -18.67 7.61
CA LEU H 255 -56.15 -19.62 8.23
C LEU H 255 -57.30 -18.89 8.89
N VAL H 256 -58.46 -19.53 8.89
CA VAL H 256 -59.64 -19.04 9.60
C VAL H 256 -59.99 -20.10 10.64
N VAL H 257 -59.81 -19.77 11.91
CA VAL H 257 -60.25 -20.64 12.99
C VAL H 257 -61.76 -20.43 13.14
N ASP H 258 -62.55 -21.39 12.67
CA ASP H 258 -63.99 -21.24 12.52
C ASP H 258 -64.67 -21.92 13.70
N THR H 259 -65.24 -21.13 14.60
CA THR H 259 -66.03 -21.64 15.71
C THR H 259 -67.35 -20.90 15.76
N SER H 260 -68.37 -21.57 16.27
CA SER H 260 -69.67 -20.93 16.41
C SER H 260 -69.64 -19.88 17.52
N HIS H 261 -68.87 -20.13 18.57
CA HIS H 261 -68.76 -19.23 19.72
C HIS H 261 -67.30 -18.82 19.91
N GLY H 262 -66.90 -17.73 19.24
CA GLY H 262 -65.53 -17.26 19.34
C GLY H 262 -65.15 -16.73 20.70
N HIS H 263 -66.13 -16.44 21.56
CA HIS H 263 -65.86 -15.95 22.91
C HIS H 263 -65.74 -17.08 23.93
N ASN H 264 -65.75 -18.33 23.49
CA ASN H 264 -65.50 -19.45 24.39
C ASN H 264 -64.02 -19.57 24.72
N SER H 265 -63.73 -19.81 26.00
CA SER H 265 -62.34 -19.78 26.47
C SER H 265 -61.49 -20.84 25.79
N ASN H 266 -62.05 -22.03 25.56
CA ASN H 266 -61.29 -23.07 24.89
C ASN H 266 -60.99 -22.70 23.45
N ALA H 267 -61.98 -22.13 22.74
CA ALA H 267 -61.75 -21.69 21.37
C ALA H 267 -60.64 -20.65 21.30
N LEU H 268 -60.69 -19.66 22.20
CA LEU H 268 -59.66 -18.64 22.23
C LEU H 268 -58.28 -19.24 22.46
N SER H 269 -58.20 -20.22 23.36
CA SER H 269 -56.92 -20.86 23.63
C SER H 269 -56.35 -21.53 22.39
N TRP H 270 -57.21 -22.21 21.62
CA TRP H 270 -56.74 -22.87 20.41
C TRP H 270 -56.35 -21.85 19.33
N MET H 271 -57.05 -20.71 19.26
CA MET H 271 -56.63 -19.67 18.32
C MET H 271 -55.19 -19.25 18.62
N SER H 272 -54.88 -19.00 19.89
CA SER H 272 -53.53 -18.63 20.27
C SER H 272 -52.54 -19.73 19.90
N LYS H 273 -52.89 -20.98 20.22
CA LYS H 273 -51.99 -22.10 19.93
C LYS H 273 -51.75 -22.22 18.43
N ILE H 274 -52.81 -22.14 17.64
CA ILE H 274 -52.68 -22.26 16.19
C ILE H 274 -51.88 -21.08 15.62
N LYS H 275 -52.21 -19.87 16.07
CA LYS H 275 -51.50 -18.69 15.61
C LYS H 275 -50.00 -18.82 15.86
N SER H 276 -49.63 -19.27 17.06
CA SER H 276 -48.22 -19.37 17.42
C SER H 276 -47.52 -20.53 16.72
N SER H 277 -48.27 -21.44 16.10
CA SER H 277 -47.68 -22.62 15.48
C SER H 277 -47.41 -22.46 13.99
N VAL H 278 -47.84 -21.35 13.38
CA VAL H 278 -47.64 -21.13 11.95
C VAL H 278 -47.10 -19.73 11.75
N GLY H 279 -46.58 -19.48 10.55
CA GLY H 279 -46.05 -18.19 10.18
C GLY H 279 -46.98 -17.33 9.36
N ILE H 280 -48.17 -17.82 9.03
CA ILE H 280 -49.11 -17.08 8.21
C ILE H 280 -50.18 -16.45 9.10
N ASP H 281 -50.96 -15.54 8.54
CA ASP H 281 -52.01 -14.86 9.28
C ASP H 281 -53.08 -15.85 9.71
N VAL H 282 -53.65 -15.60 10.89
CA VAL H 282 -54.72 -16.43 11.43
C VAL H 282 -55.90 -15.53 11.78
N VAL H 283 -57.06 -15.81 11.18
CA VAL H 283 -58.30 -15.10 11.47
C VAL H 283 -59.10 -15.93 12.46
N GLY H 284 -59.74 -15.26 13.42
CA GLY H 284 -60.56 -15.92 14.41
C GLY H 284 -61.99 -15.42 14.38
N GLY H 285 -62.92 -16.31 14.73
CA GLY H 285 -64.31 -15.93 14.85
C GLY H 285 -65.12 -17.10 15.39
N ASN H 286 -66.43 -16.88 15.54
CA ASN H 286 -67.10 -15.62 15.25
C ASN H 286 -67.51 -14.91 16.55
N VAL H 287 -67.54 -13.58 16.53
CA VAL H 287 -67.97 -12.78 17.66
C VAL H 287 -68.95 -11.73 17.16
N ALA H 288 -69.61 -11.06 18.11
CA ALA H 288 -70.60 -10.05 17.75
C ALA H 288 -70.68 -8.94 18.79
N THR H 289 -69.67 -8.80 19.64
CA THR H 289 -69.64 -7.78 20.68
C THR H 289 -68.24 -7.17 20.71
N ARG H 290 -68.12 -6.03 21.39
CA ARG H 290 -66.81 -5.43 21.57
C ARG H 290 -65.91 -6.33 22.40
N ASP H 291 -66.42 -6.85 23.52
CA ASP H 291 -65.59 -7.68 24.39
C ASP H 291 -65.21 -8.99 23.73
N GLY H 292 -66.10 -9.53 22.89
CA GLY H 292 -65.73 -10.71 22.12
C GLY H 292 -64.62 -10.42 21.13
N ALA H 293 -64.73 -9.29 20.43
CA ALA H 293 -63.67 -8.89 19.50
C ALA H 293 -62.36 -8.66 20.25
N GLN H 294 -62.42 -8.01 21.41
CA GLN H 294 -61.19 -7.77 22.18
C GLN H 294 -60.55 -9.08 22.62
N ALA H 295 -61.38 -10.06 23.00
CA ALA H 295 -60.84 -11.36 23.40
C ALA H 295 -60.12 -12.05 22.24
N LEU H 296 -60.69 -11.96 21.03
CA LEU H 296 -60.00 -12.50 19.86
C LEU H 296 -58.68 -11.78 19.64
N ILE H 297 -58.69 -10.44 19.76
CA ILE H 297 -57.47 -9.67 19.57
C ILE H 297 -56.44 -10.03 20.64
N ASP H 298 -56.88 -10.18 21.90
CA ASP H 298 -55.97 -10.56 22.97
C ASP H 298 -55.40 -11.95 22.74
N ALA H 299 -56.12 -12.82 22.04
CA ALA H 299 -55.61 -14.14 21.73
C ALA H 299 -54.57 -14.11 20.61
N GLY H 300 -54.44 -12.98 19.91
CA GLY H 300 -53.38 -12.79 18.94
C GLY H 300 -53.76 -12.90 17.48
N VAL H 301 -55.05 -12.91 17.16
CA VAL H 301 -55.44 -13.11 15.77
C VAL H 301 -55.09 -11.89 14.93
N ASP H 302 -54.94 -12.13 13.62
CA ASP H 302 -54.61 -11.09 12.65
C ASP H 302 -55.83 -10.52 11.95
N GLY H 303 -57.00 -11.10 12.20
CA GLY H 303 -58.26 -10.58 11.71
C GLY H 303 -59.36 -11.24 12.50
N ILE H 304 -60.51 -10.58 12.56
CA ILE H 304 -61.65 -11.12 13.28
C ILE H 304 -62.83 -11.26 12.32
N LYS H 305 -63.65 -12.28 12.55
CA LYS H 305 -64.86 -12.51 11.77
C LYS H 305 -66.07 -12.27 12.68
N VAL H 306 -67.01 -11.46 12.20
CA VAL H 306 -68.10 -10.96 13.02
C VAL H 306 -69.41 -11.52 12.49
N GLY H 307 -70.18 -12.13 13.38
CA GLY H 307 -71.48 -12.65 13.01
C GLY H 307 -71.96 -13.80 13.87
N VAL H 308 -72.89 -13.52 14.77
CA VAL H 308 -73.54 -14.52 15.60
C VAL H 308 -75.04 -14.26 15.53
N GLY H 309 -75.78 -15.21 14.95
CA GLY H 309 -77.20 -15.07 14.76
C GLY H 309 -77.61 -13.79 14.06
N PRO H 310 -77.00 -13.49 12.91
CA PRO H 310 -77.30 -12.21 12.25
C PRO H 310 -78.63 -12.11 11.50
N GLY H 311 -79.15 -13.23 10.99
CA GLY H 311 -80.29 -13.22 10.09
C GLY H 311 -81.65 -13.51 10.72
N SER H 312 -82.72 -13.20 9.99
CA SER H 312 -84.05 -13.31 10.60
C SER H 312 -84.25 -14.79 10.94
N ILE H 313 -84.76 -15.08 12.16
CA ILE H 313 -85.29 -16.40 12.46
C ILE H 313 -84.29 -17.40 11.93
N CYS H 314 -83.01 -17.16 12.22
CA CYS H 314 -81.98 -18.11 11.88
C CYS H 314 -81.86 -19.09 13.06
N THR H 315 -80.96 -20.07 12.91
CA THR H 315 -80.99 -21.21 13.81
C THR H 315 -80.66 -20.82 15.23
N THR H 316 -79.54 -20.10 15.43
CA THR H 316 -79.17 -19.75 16.81
C THR H 316 -80.22 -18.87 17.46
N ARG H 317 -80.94 -18.07 16.67
CA ARG H 317 -82.00 -17.23 17.23
C ARG H 317 -83.20 -18.05 17.66
N VAL H 318 -83.65 -18.98 16.82
CA VAL H 318 -84.86 -19.74 17.12
C VAL H 318 -84.58 -20.80 18.17
N VAL H 319 -83.44 -21.49 18.05
CA VAL H 319 -83.12 -22.58 18.96
C VAL H 319 -82.70 -22.01 20.32
N ALA H 320 -81.84 -21.00 20.31
CA ALA H 320 -81.18 -20.54 21.52
C ALA H 320 -81.51 -19.11 21.92
N GLY H 321 -82.23 -18.36 21.09
CA GLY H 321 -82.52 -16.98 21.43
C GLY H 321 -81.29 -16.09 21.42
N ILE H 322 -80.22 -16.53 20.77
CA ILE H 322 -78.95 -15.82 20.74
C ILE H 322 -78.80 -15.14 19.39
N GLY H 323 -78.39 -13.88 19.40
CA GLY H 323 -78.08 -13.20 18.16
C GLY H 323 -77.83 -11.72 18.34
N VAL H 324 -77.18 -11.12 17.35
CA VAL H 324 -76.92 -9.68 17.34
C VAL H 324 -77.21 -9.16 15.93
N PRO H 325 -78.11 -8.19 15.76
CA PRO H 325 -78.27 -7.56 14.45
C PRO H 325 -76.92 -7.10 13.90
N GLN H 326 -76.71 -7.31 12.59
CA GLN H 326 -75.35 -7.34 12.07
C GLN H 326 -74.70 -5.97 12.02
N VAL H 327 -75.46 -4.90 11.80
CA VAL H 327 -74.85 -3.58 11.81
C VAL H 327 -74.33 -3.25 13.20
N THR H 328 -75.13 -3.52 14.23
CA THR H 328 -74.66 -3.36 15.60
C THR H 328 -73.47 -4.25 15.90
N ALA H 329 -73.52 -5.51 15.46
CA ALA H 329 -72.42 -6.44 15.71
C ALA H 329 -71.13 -5.91 15.10
N ILE H 330 -71.19 -5.48 13.84
CA ILE H 330 -69.99 -4.97 13.18
C ILE H 330 -69.47 -3.73 13.91
N TYR H 331 -70.38 -2.79 14.20
CA TYR H 331 -69.96 -1.54 14.83
C TYR H 331 -69.31 -1.81 16.19
N GLU H 332 -69.95 -2.63 17.01
CA GLU H 332 -69.41 -2.91 18.33
C GLU H 332 -68.06 -3.60 18.24
N ALA H 333 -67.94 -4.59 17.36
CA ALA H 333 -66.67 -5.27 17.19
C ALA H 333 -65.60 -4.31 16.67
N SER H 334 -65.98 -3.37 15.82
CA SER H 334 -65.01 -2.45 15.26
C SER H 334 -64.43 -1.52 16.31
N LEU H 335 -65.16 -1.27 17.41
CA LEU H 335 -64.64 -0.42 18.53
C LEU H 335 -63.30 -1.01 18.99
N ALA H 336 -63.18 -2.34 19.09
CA ALA H 336 -61.94 -3.04 19.50
C ALA H 336 -61.05 -3.25 18.26
N ALA H 337 -61.61 -3.68 17.13
CA ALA H 337 -60.83 -3.98 15.90
C ALA H 337 -60.06 -2.71 15.46
N ARG H 338 -60.75 -1.60 15.20
CA ARG H 338 -60.11 -0.34 14.71
C ARG H 338 -59.03 0.12 15.69
N ALA H 339 -59.24 -0.03 17.00
CA ALA H 339 -58.27 0.41 18.04
C ALA H 339 -57.00 -0.45 17.96
N ALA H 340 -57.11 -1.73 17.56
CA ALA H 340 -55.96 -2.68 17.49
C ALA H 340 -55.37 -2.75 16.06
N GLY H 341 -55.99 -2.07 15.07
CA GLY H 341 -55.52 -2.15 13.66
C GLY H 341 -55.71 -3.55 13.11
N VAL H 342 -56.75 -4.28 13.54
CA VAL H 342 -57.01 -5.65 13.13
C VAL H 342 -58.20 -5.64 12.17
N PRO H 343 -58.06 -6.16 10.94
CA PRO H 343 -59.19 -6.13 10.01
C PRO H 343 -60.37 -6.94 10.50
N LEU H 344 -61.57 -6.54 10.07
CA LEU H 344 -62.84 -7.11 10.51
C LEU H 344 -63.61 -7.62 9.30
N ILE H 345 -63.95 -8.90 9.33
CA ILE H 345 -64.72 -9.53 8.26
C ILE H 345 -66.18 -9.62 8.71
N GLY H 346 -67.08 -9.02 7.93
CA GLY H 346 -68.50 -9.16 8.19
C GLY H 346 -69.05 -10.44 7.59
N ASP H 347 -69.59 -11.33 8.43
CA ASP H 347 -70.00 -12.67 8.04
C ASP H 347 -71.45 -12.91 8.44
N GLY H 348 -72.38 -12.56 7.54
CA GLY H 348 -73.77 -12.94 7.69
C GLY H 348 -74.73 -11.77 7.62
N GLY H 349 -76.00 -12.06 7.34
CA GLY H 349 -77.04 -11.06 7.37
C GLY H 349 -77.26 -10.29 6.09
N LEU H 350 -76.50 -10.56 5.03
CA LEU H 350 -76.62 -9.78 3.80
C LEU H 350 -77.95 -10.05 3.12
N GLN H 351 -78.53 -9.00 2.51
CA GLN H 351 -79.77 -9.13 1.77
C GLN H 351 -79.78 -8.37 0.45
N TYR H 352 -78.83 -7.46 0.21
CA TYR H 352 -78.78 -6.68 -1.02
C TYR H 352 -77.32 -6.25 -1.23
N SER H 353 -76.99 -5.93 -2.47
CA SER H 353 -75.63 -5.45 -2.73
C SER H 353 -75.34 -4.15 -1.98
N GLY H 354 -76.38 -3.35 -1.73
CA GLY H 354 -76.21 -2.13 -0.96
C GLY H 354 -75.78 -2.37 0.47
N ASP H 355 -75.95 -3.59 0.97
CA ASP H 355 -75.54 -3.88 2.34
C ASP H 355 -74.02 -3.95 2.47
N ILE H 356 -73.31 -4.11 1.36
CA ILE H 356 -71.85 -4.15 1.43
C ILE H 356 -71.32 -2.81 1.90
N GLY H 357 -71.75 -1.72 1.25
CA GLY H 357 -71.32 -0.40 1.67
C GLY H 357 -71.71 -0.09 3.11
N LYS H 358 -72.89 -0.54 3.52
CA LYS H 358 -73.30 -0.35 4.90
C LYS H 358 -72.35 -1.05 5.86
N ALA H 359 -71.95 -2.28 5.54
CA ALA H 359 -71.04 -3.03 6.40
C ALA H 359 -69.71 -2.30 6.53
N LEU H 360 -69.16 -1.83 5.41
CA LEU H 360 -67.88 -1.13 5.44
C LEU H 360 -68.00 0.18 6.22
N ALA H 361 -69.08 0.94 5.99
CA ALA H 361 -69.27 2.18 6.72
C ALA H 361 -69.49 1.93 8.21
N ALA H 362 -70.03 0.77 8.56
CA ALA H 362 -70.23 0.44 9.96
C ALA H 362 -68.96 -0.01 10.65
N GLY H 363 -67.91 -0.34 9.89
CA GLY H 363 -66.63 -0.66 10.49
C GLY H 363 -65.95 -1.89 9.94
N ALA H 364 -66.59 -2.58 9.00
CA ALA H 364 -65.99 -3.78 8.41
C ALA H 364 -64.95 -3.41 7.37
N ASP H 365 -63.97 -4.30 7.20
CA ASP H 365 -62.98 -4.18 6.14
C ASP H 365 -63.30 -5.02 4.91
N THR H 366 -63.96 -6.17 5.11
CA THR H 366 -64.39 -7.02 4.02
C THR H 366 -65.70 -7.68 4.43
N VAL H 367 -66.34 -8.35 3.48
CA VAL H 367 -67.61 -9.01 3.70
C VAL H 367 -67.55 -10.41 3.14
N MET H 368 -68.01 -11.40 3.92
CA MET H 368 -68.02 -12.79 3.50
C MET H 368 -69.37 -13.15 2.89
N LEU H 369 -69.33 -13.76 1.72
CA LEU H 369 -70.53 -14.16 0.99
C LEU H 369 -70.74 -15.66 1.18
N GLY H 370 -71.98 -16.06 1.47
CA GLY H 370 -72.28 -17.45 1.76
C GLY H 370 -73.23 -18.14 0.81
N SER H 371 -74.40 -18.52 1.33
CA SER H 371 -75.33 -19.35 0.58
C SER H 371 -75.69 -18.72 -0.76
N LEU H 372 -75.62 -17.39 -0.85
CA LEU H 372 -75.76 -16.66 -2.10
C LEU H 372 -75.03 -17.35 -3.23
N LEU H 373 -73.81 -17.82 -2.96
CA LEU H 373 -72.93 -18.32 -4.00
C LEU H 373 -73.09 -19.80 -4.27
N ALA H 374 -73.92 -20.50 -3.50
CA ALA H 374 -74.02 -21.95 -3.65
C ALA H 374 -74.54 -22.35 -5.02
N GLY H 375 -75.34 -21.49 -5.64
CA GLY H 375 -75.89 -21.82 -6.94
C GLY H 375 -75.01 -21.45 -8.11
N CYS H 376 -73.84 -20.87 -7.84
CA CYS H 376 -72.96 -20.44 -8.91
C CYS H 376 -72.27 -21.64 -9.54
N GLU H 377 -71.89 -21.48 -10.81
CA GLU H 377 -71.26 -22.57 -11.55
C GLU H 377 -70.05 -23.12 -10.81
N GLU H 378 -69.27 -22.25 -10.18
CA GLU H 378 -68.01 -22.63 -9.56
C GLU H 378 -68.19 -23.28 -8.20
N SER H 379 -69.41 -23.38 -7.67
CA SER H 379 -69.63 -24.05 -6.41
C SER H 379 -69.42 -25.55 -6.56
N PRO H 380 -69.17 -26.26 -5.47
CA PRO H 380 -68.82 -27.69 -5.59
C PRO H 380 -69.91 -28.56 -6.18
N GLY H 381 -71.18 -28.17 -6.07
CA GLY H 381 -72.26 -29.05 -6.50
C GLY H 381 -72.21 -29.39 -7.97
N GLU H 382 -72.92 -30.45 -8.33
CA GLU H 382 -73.02 -30.90 -9.72
C GLU H 382 -74.22 -30.23 -10.38
N LEU H 383 -74.01 -29.68 -11.58
CA LEU H 383 -75.09 -29.07 -12.34
C LEU H 383 -75.99 -30.14 -12.94
N GLN H 384 -77.28 -30.10 -12.60
CA GLN H 384 -78.25 -31.07 -13.10
C GLN H 384 -79.45 -30.34 -13.69
N PHE H 385 -80.14 -31.04 -14.59
CA PHE H 385 -81.26 -30.49 -15.35
C PHE H 385 -82.53 -31.25 -14.98
N ILE H 386 -83.52 -30.53 -14.46
CA ILE H 386 -84.84 -31.11 -14.18
C ILE H 386 -85.90 -30.09 -14.59
N ASN H 387 -86.16 -29.97 -15.90
CA ASN H 387 -86.97 -28.89 -16.43
C ASN H 387 -86.21 -27.57 -16.38
N GLY H 388 -85.57 -27.29 -15.23
CA GLY H 388 -84.66 -26.19 -15.08
C GLY H 388 -83.30 -26.65 -14.59
N LYS H 389 -82.44 -25.69 -14.32
CA LYS H 389 -81.06 -25.95 -13.91
C LYS H 389 -80.91 -25.79 -12.40
N GLN H 390 -80.21 -26.74 -11.78
CA GLN H 390 -80.01 -26.74 -10.34
C GLN H 390 -78.61 -27.26 -10.03
N PHE H 391 -78.13 -26.96 -8.83
CA PHE H 391 -76.89 -27.52 -8.33
C PHE H 391 -77.20 -28.56 -7.26
N LYS H 392 -76.60 -29.74 -7.39
CA LYS H 392 -76.85 -30.84 -6.47
C LYS H 392 -75.62 -31.17 -5.64
N VAL H 437 -80.57 -26.54 -5.04
CA VAL H 437 -80.25 -25.12 -5.13
C VAL H 437 -80.30 -24.67 -6.59
N PRO H 438 -81.02 -23.58 -6.86
CA PRO H 438 -81.15 -23.12 -8.26
C PRO H 438 -79.84 -22.59 -8.81
N TYR H 439 -79.60 -22.89 -10.09
CA TYR H 439 -78.39 -22.47 -10.77
C TYR H 439 -78.42 -20.98 -11.05
N ARG H 440 -77.34 -20.29 -10.68
CA ARG H 440 -77.25 -18.85 -10.80
C ARG H 440 -76.36 -18.39 -11.95
N GLY H 441 -75.59 -19.29 -12.56
CA GLY H 441 -74.64 -18.90 -13.58
C GLY H 441 -73.27 -18.60 -13.00
N PRO H 442 -72.39 -18.00 -13.81
CA PRO H 442 -71.01 -17.79 -13.36
C PRO H 442 -70.93 -16.85 -12.16
N LEU H 443 -69.99 -17.14 -11.27
CA LEU H 443 -69.72 -16.25 -10.15
C LEU H 443 -69.51 -14.82 -10.61
N ALA H 444 -68.85 -14.63 -11.76
CA ALA H 444 -68.50 -13.30 -12.22
C ALA H 444 -69.72 -12.38 -12.27
N ASN H 445 -70.88 -12.92 -12.63
CA ASN H 445 -72.07 -12.09 -12.74
C ASN H 445 -72.52 -11.60 -11.38
N VAL H 446 -72.44 -12.45 -10.35
CA VAL H 446 -72.81 -12.03 -9.01
C VAL H 446 -71.87 -10.94 -8.51
N LEU H 447 -70.56 -11.16 -8.66
CA LEU H 447 -69.59 -10.20 -8.14
C LEU H 447 -69.64 -8.89 -8.92
N HIS H 448 -69.86 -8.96 -10.24
CA HIS H 448 -69.95 -7.74 -11.03
C HIS H 448 -71.07 -6.84 -10.51
N GLN H 449 -72.22 -7.42 -10.18
CA GLN H 449 -73.31 -6.63 -9.65
C GLN H 449 -73.00 -6.12 -8.25
N LEU H 450 -72.40 -6.97 -7.40
CA LEU H 450 -72.08 -6.55 -6.04
C LEU H 450 -71.02 -5.47 -6.03
N VAL H 451 -69.95 -5.64 -6.82
CA VAL H 451 -68.89 -4.64 -6.85
C VAL H 451 -69.38 -3.36 -7.52
N GLY H 452 -70.19 -3.50 -8.57
CA GLY H 452 -70.80 -2.32 -9.18
C GLY H 452 -71.62 -1.52 -8.17
N GLY H 453 -72.41 -2.22 -7.36
CA GLY H 453 -73.18 -1.54 -6.33
C GLY H 453 -72.30 -0.82 -5.34
N LEU H 454 -71.24 -1.47 -4.87
CA LEU H 454 -70.35 -0.84 -3.91
C LEU H 454 -69.72 0.42 -4.49
N ARG H 455 -69.30 0.37 -5.76
CA ARG H 455 -68.70 1.56 -6.37
C ARG H 455 -69.69 2.71 -6.40
N GLN H 456 -70.97 2.42 -6.65
CA GLN H 456 -71.99 3.46 -6.58
C GLN H 456 -72.06 4.03 -5.17
N THR H 457 -72.09 3.17 -4.15
CA THR H 457 -72.12 3.65 -2.78
C THR H 457 -70.97 4.60 -2.51
N MET H 458 -69.76 4.19 -2.87
CA MET H 458 -68.57 5.00 -2.57
C MET H 458 -68.62 6.33 -3.29
N GLY H 459 -69.09 6.34 -4.54
CA GLY H 459 -69.26 7.59 -5.25
C GLY H 459 -70.23 8.52 -4.55
N TYR H 460 -71.35 7.98 -4.07
CA TYR H 460 -72.35 8.82 -3.42
C TYR H 460 -71.84 9.40 -2.12
N VAL H 461 -71.08 8.62 -1.33
CA VAL H 461 -70.60 9.11 -0.05
C VAL H 461 -69.33 9.93 -0.20
N GLY H 462 -68.66 9.83 -1.34
CA GLY H 462 -67.41 10.55 -1.56
C GLY H 462 -66.17 9.83 -1.11
N ALA H 463 -66.25 8.52 -0.88
CA ALA H 463 -65.10 7.75 -0.40
C ALA H 463 -64.31 7.27 -1.61
N ALA H 464 -63.08 7.76 -1.75
CA ALA H 464 -62.20 7.30 -2.83
C ALA H 464 -61.54 5.97 -2.50
N THR H 465 -61.54 5.59 -1.23
CA THR H 465 -60.95 4.34 -0.80
C THR H 465 -61.85 3.72 0.25
N ILE H 466 -61.67 2.42 0.48
CA ILE H 466 -62.43 1.74 1.53
C ILE H 466 -62.18 2.41 2.87
N GLU H 467 -60.94 2.87 3.10
CA GLU H 467 -60.62 3.48 4.39
C GLU H 467 -61.48 4.71 4.68
N GLU H 468 -61.97 5.41 3.65
CA GLU H 468 -62.80 6.61 3.87
C GLU H 468 -64.25 6.27 4.16
N MET H 469 -64.66 5.02 3.97
CA MET H 469 -66.07 4.68 4.14
C MET H 469 -66.52 4.91 5.58
N GLU H 470 -65.70 4.52 6.56
CA GLU H 470 -66.15 4.62 7.95
C GLU H 470 -66.31 6.08 8.38
N SER H 471 -65.40 6.97 7.97
CA SER H 471 -65.51 8.35 8.40
C SER H 471 -66.54 9.12 7.56
N LYS H 472 -66.56 8.86 6.26
CA LYS H 472 -67.43 9.62 5.36
C LYS H 472 -68.84 9.07 5.25
N GLY H 473 -69.04 7.79 5.52
CA GLY H 473 -70.38 7.24 5.43
C GLY H 473 -71.24 7.67 6.60
N ARG H 474 -72.26 8.49 6.35
CA ARG H 474 -73.20 8.91 7.37
C ARG H 474 -74.47 8.07 7.25
N PHE H 475 -74.96 7.60 8.40
CA PHE H 475 -76.12 6.72 8.45
C PHE H 475 -77.37 7.47 8.90
N VAL H 476 -78.51 7.00 8.44
CA VAL H 476 -79.81 7.35 9.01
C VAL H 476 -80.57 6.06 9.26
N ARG H 477 -81.28 5.99 10.38
CA ARG H 477 -82.17 4.88 10.63
C ARG H 477 -83.50 5.14 9.94
N ILE H 478 -84.18 4.06 9.56
CA ILE H 478 -85.49 4.16 8.93
C ILE H 478 -86.46 3.27 9.67
N THR H 479 -87.74 3.61 9.55
CA THR H 479 -88.80 2.83 10.15
C THR H 479 -89.21 1.72 9.19
N SER H 480 -90.14 0.86 9.62
CA SER H 480 -90.65 -0.18 8.75
C SER H 480 -91.42 0.40 7.58
N ALA H 481 -91.86 1.66 7.67
CA ALA H 481 -92.56 2.32 6.59
C ALA H 481 -91.67 2.50 5.36
N GLY I 10 -2.75 -85.36 53.56
CA GLY I 10 -1.90 -86.47 53.95
C GLY I 10 -0.94 -86.95 52.86
N VAL I 11 -0.57 -86.05 51.97
CA VAL I 11 0.30 -86.39 50.86
C VAL I 11 1.57 -85.48 50.97
N PRO I 12 2.66 -85.92 50.35
CA PRO I 12 3.85 -85.05 50.33
C PRO I 12 3.58 -83.75 49.59
N GLU I 13 4.38 -82.74 49.92
CA GLU I 13 4.22 -81.42 49.30
C GLU I 13 4.31 -81.50 47.78
N LYS I 14 5.13 -82.42 47.25
CA LYS I 14 5.24 -82.59 45.81
C LYS I 14 3.89 -82.85 45.15
N PHE I 15 2.94 -83.45 45.88
CA PHE I 15 1.65 -83.82 45.32
C PHE I 15 0.50 -83.06 45.96
N ALA I 16 0.79 -81.90 46.57
CA ALA I 16 -0.21 -81.21 47.38
C ALA I 16 -1.36 -80.67 46.55
N THR I 17 -1.10 -80.23 45.32
CA THR I 17 -2.13 -79.53 44.56
C THR I 17 -3.18 -80.51 44.04
N LEU I 18 -4.46 -80.15 44.22
CA LEU I 18 -5.58 -80.91 43.66
C LEU I 18 -6.16 -80.14 42.50
N GLY I 19 -6.21 -80.78 41.32
CA GLY I 19 -6.78 -80.16 40.14
C GLY I 19 -8.25 -80.51 39.98
N LEU I 20 -9.04 -79.52 39.56
CA LEU I 20 -10.48 -79.64 39.47
C LEU I 20 -10.94 -79.51 38.04
N THR I 21 -11.85 -80.40 37.62
CA THR I 21 -12.51 -80.30 36.34
C THR I 21 -13.91 -79.74 36.53
N TYR I 22 -14.63 -79.53 35.43
CA TYR I 22 -15.98 -78.99 35.52
C TYR I 22 -16.87 -79.86 36.39
N ASP I 23 -16.81 -81.18 36.19
CA ASP I 23 -17.67 -82.09 36.96
C ASP I 23 -17.36 -82.07 38.45
N ASP I 24 -16.21 -81.55 38.86
CA ASP I 24 -15.85 -81.53 40.27
C ASP I 24 -16.53 -80.42 41.05
N VAL I 25 -17.15 -79.45 40.37
CA VAL I 25 -17.63 -78.25 41.04
C VAL I 25 -19.02 -77.87 40.55
N LEU I 26 -19.70 -77.09 41.37
CA LEU I 26 -20.98 -76.50 41.04
C LEU I 26 -20.94 -75.04 41.46
N LEU I 27 -21.75 -74.22 40.80
CA LEU I 27 -21.91 -72.83 41.23
C LEU I 27 -23.11 -72.74 42.17
N LEU I 28 -22.97 -71.94 43.21
CA LEU I 28 -24.05 -71.74 44.16
C LEU I 28 -25.03 -70.67 43.66
N PRO I 29 -26.31 -70.81 43.98
CA PRO I 29 -27.21 -69.66 43.81
C PRO I 29 -26.79 -68.54 44.76
N GLY I 30 -26.92 -67.30 44.29
CA GLY I 30 -26.54 -66.15 45.07
C GLY I 30 -27.58 -65.06 45.01
N ALA I 31 -27.34 -64.01 45.79
CA ALA I 31 -28.19 -62.83 45.73
C ALA I 31 -28.21 -62.30 44.31
N SER I 32 -29.41 -62.11 43.76
CA SER I 32 -29.56 -61.73 42.37
C SER I 32 -30.64 -60.67 42.24
N ALA I 33 -30.34 -59.63 41.47
CA ALA I 33 -31.30 -58.59 41.14
C ALA I 33 -31.60 -58.54 39.65
N VAL I 34 -31.22 -59.58 38.91
CA VAL I 34 -31.29 -59.58 37.45
C VAL I 34 -31.88 -60.91 36.99
N LEU I 35 -32.81 -60.84 36.05
CA LEU I 35 -33.44 -62.03 35.51
C LEU I 35 -32.66 -62.54 34.31
N PRO I 36 -32.76 -63.84 34.01
CA PRO I 36 -32.02 -64.39 32.86
C PRO I 36 -32.22 -63.62 31.56
N ASN I 37 -33.44 -63.17 31.28
CA ASN I 37 -33.68 -62.49 30.00
C ASN I 37 -33.11 -61.07 29.96
N ALA I 38 -32.54 -60.57 31.06
CA ALA I 38 -32.05 -59.20 31.11
C ALA I 38 -30.54 -59.09 31.27
N VAL I 39 -29.83 -60.21 31.45
CA VAL I 39 -28.39 -60.10 31.62
C VAL I 39 -27.73 -59.78 30.28
N ASP I 40 -26.51 -59.24 30.36
CA ASP I 40 -25.71 -58.88 29.20
C ASP I 40 -24.64 -59.95 29.01
N THR I 41 -24.61 -60.58 27.85
CA THR I 41 -23.73 -61.70 27.59
C THR I 41 -22.51 -61.33 26.76
N SER I 42 -22.24 -60.04 26.57
CA SER I 42 -21.09 -59.64 25.77
C SER I 42 -19.81 -59.81 26.59
N SER I 43 -18.71 -60.05 25.88
CA SER I 43 -17.42 -60.29 26.51
C SER I 43 -16.34 -59.96 25.48
N ARG I 44 -15.08 -60.11 25.88
CA ARG I 44 -13.96 -59.81 25.01
C ARG I 44 -13.28 -61.09 24.57
N ILE I 45 -13.05 -61.20 23.25
CA ILE I 45 -12.18 -62.25 22.71
C ILE I 45 -10.73 -61.95 23.04
N SER I 46 -10.32 -60.70 22.81
CA SER I 46 -8.97 -60.23 23.01
C SER I 46 -9.08 -58.77 23.44
N ARG I 47 -7.93 -58.13 23.66
CA ARG I 47 -7.95 -56.77 24.20
C ARG I 47 -8.93 -55.87 23.45
N ASN I 48 -8.95 -55.97 22.12
CA ASN I 48 -9.70 -55.01 21.30
C ASN I 48 -10.77 -55.66 20.44
N VAL I 49 -11.16 -56.89 20.73
CA VAL I 49 -12.21 -57.58 19.98
C VAL I 49 -13.30 -57.99 20.95
N ARG I 50 -14.53 -57.59 20.65
CA ARG I 50 -15.68 -57.85 21.51
C ARG I 50 -16.72 -58.67 20.76
N VAL I 51 -17.39 -59.57 21.49
CA VAL I 51 -18.48 -60.39 20.97
C VAL I 51 -19.69 -60.22 21.88
N ASN I 52 -20.86 -60.61 21.36
CA ASN I 52 -22.13 -60.44 22.07
C ASN I 52 -22.58 -61.69 22.80
N ILE I 53 -22.09 -62.87 22.43
CA ILE I 53 -22.18 -64.07 23.27
C ILE I 53 -20.75 -64.57 23.43
N PRO I 54 -20.38 -65.14 24.59
CA PRO I 54 -18.97 -65.42 24.87
C PRO I 54 -18.48 -66.76 24.31
N LEU I 55 -18.70 -66.98 23.02
CA LEU I 55 -18.45 -68.27 22.40
C LEU I 55 -17.71 -68.11 21.07
N LEU I 56 -16.73 -68.98 20.85
CA LEU I 56 -16.01 -69.07 19.59
C LEU I 56 -16.16 -70.49 19.05
N SER I 57 -16.04 -70.64 17.73
CA SER I 57 -15.94 -71.96 17.10
C SER I 57 -14.47 -72.26 16.84
N ALA I 58 -14.07 -73.51 17.10
CA ALA I 58 -12.65 -73.85 17.11
C ALA I 58 -12.07 -73.88 15.70
N ALA I 59 -10.75 -73.66 15.63
CA ALA I 59 -10.02 -73.70 14.36
C ALA I 59 -9.66 -75.14 13.99
N MET I 60 -10.70 -75.95 13.81
CA MET I 60 -10.58 -77.34 13.38
C MET I 60 -11.15 -77.47 11.98
N ASP I 61 -10.49 -78.25 11.14
CA ASP I 61 -10.92 -78.34 9.75
C ASP I 61 -12.24 -79.08 9.59
N LYS I 62 -12.72 -79.76 10.63
CA LYS I 62 -14.05 -80.34 10.63
C LYS I 62 -15.10 -79.41 11.22
N VAL I 63 -14.72 -78.19 11.62
CA VAL I 63 -15.66 -77.31 12.31
C VAL I 63 -15.85 -75.97 11.62
N THR I 64 -14.79 -75.17 11.50
CA THR I 64 -14.93 -73.77 11.11
C THR I 64 -14.28 -73.46 9.76
N GLU I 65 -15.12 -73.35 8.73
CA GLU I 65 -14.80 -72.59 7.52
C GLU I 65 -15.79 -71.44 7.42
N SER I 66 -15.91 -70.83 6.25
CA SER I 66 -16.63 -69.55 6.18
C SER I 66 -18.08 -69.68 6.63
N ARG I 67 -18.75 -70.76 6.25
CA ARG I 67 -20.16 -70.90 6.61
C ARG I 67 -20.35 -70.95 8.12
N MET I 68 -19.50 -71.69 8.82
CA MET I 68 -19.56 -71.72 10.27
C MET I 68 -19.23 -70.35 10.86
N ALA I 69 -18.18 -69.71 10.34
CA ALA I 69 -17.77 -68.41 10.88
C ALA I 69 -18.87 -67.38 10.67
N ILE I 70 -19.55 -67.43 9.52
CA ILE I 70 -20.64 -66.49 9.27
C ILE I 70 -21.77 -66.69 10.27
N SER I 71 -22.16 -67.94 10.51
CA SER I 71 -23.26 -68.22 11.43
C SER I 71 -22.88 -67.85 12.87
N MET I 72 -21.67 -68.19 13.30
CA MET I 72 -21.23 -67.80 14.63
C MET I 72 -21.37 -66.29 14.82
N ALA I 73 -20.83 -65.51 13.89
CA ALA I 73 -20.86 -64.06 14.01
C ALA I 73 -22.29 -63.53 13.97
N ARG I 74 -23.13 -64.11 13.10
CA ARG I 74 -24.53 -63.66 13.05
C ARG I 74 -25.23 -63.87 14.37
N GLN I 75 -24.88 -64.95 15.07
CA GLN I 75 -25.45 -65.26 16.38
C GLN I 75 -24.80 -64.49 17.51
N GLY I 76 -23.76 -63.70 17.22
CA GLY I 76 -23.12 -62.86 18.22
C GLY I 76 -21.79 -63.38 18.70
N GLY I 77 -21.36 -64.55 18.26
CA GLY I 77 -20.05 -65.09 18.56
C GLY I 77 -19.06 -64.79 17.46
N VAL I 78 -18.10 -65.69 17.29
CA VAL I 78 -17.10 -65.53 16.24
C VAL I 78 -16.50 -66.90 15.94
N GLY I 79 -16.09 -67.09 14.70
CA GLY I 79 -15.39 -68.29 14.29
C GLY I 79 -13.90 -68.02 14.13
N VAL I 80 -13.11 -69.05 14.39
CA VAL I 80 -11.68 -69.03 14.11
C VAL I 80 -11.43 -69.97 12.94
N LEU I 81 -11.13 -69.41 11.77
CA LEU I 81 -10.94 -70.21 10.58
C LEU I 81 -9.71 -71.10 10.73
N HIS I 82 -9.87 -72.38 10.41
CA HIS I 82 -8.77 -73.33 10.52
C HIS I 82 -7.69 -73.03 9.48
N ARG I 83 -6.50 -73.55 9.73
CA ARG I 83 -5.34 -73.27 8.91
C ARG I 83 -4.85 -74.48 8.13
N ASN I 84 -5.64 -75.56 8.08
CA ASN I 84 -5.26 -76.75 7.32
C ASN I 84 -5.67 -76.59 5.84
N LEU I 85 -5.11 -75.55 5.24
CA LEU I 85 -5.31 -75.24 3.82
C LEU I 85 -4.30 -74.16 3.46
N SER I 86 -4.16 -73.91 2.16
CA SER I 86 -3.15 -72.99 1.67
C SER I 86 -3.43 -71.58 2.20
N ILE I 87 -2.40 -70.73 2.15
CA ILE I 87 -2.56 -69.35 2.60
C ILE I 87 -3.65 -68.64 1.78
N GLU I 88 -3.62 -68.77 0.45
CA GLU I 88 -4.62 -68.03 -0.30
C GLU I 88 -6.02 -68.57 -0.06
N ASP I 89 -6.12 -69.88 0.21
CA ASP I 89 -7.41 -70.48 0.49
C ASP I 89 -7.97 -69.99 1.82
N GLN I 90 -7.10 -69.82 2.82
CA GLN I 90 -7.59 -69.30 4.10
C GLN I 90 -7.99 -67.84 3.99
N ALA I 91 -7.19 -67.04 3.27
CA ALA I 91 -7.54 -65.65 3.06
C ALA I 91 -8.86 -65.52 2.31
N ASN I 92 -9.11 -66.44 1.38
CA ASN I 92 -10.38 -66.44 0.66
C ASN I 92 -11.54 -66.71 1.61
N GLN I 93 -11.35 -67.64 2.55
CA GLN I 93 -12.39 -67.87 3.57
C GLN I 93 -12.65 -66.61 4.38
N VAL I 94 -11.59 -65.89 4.75
CA VAL I 94 -11.76 -64.62 5.44
C VAL I 94 -12.61 -63.67 4.61
N ASP I 95 -12.26 -63.51 3.34
CA ASP I 95 -12.98 -62.58 2.47
C ASP I 95 -14.46 -62.94 2.39
N LEU I 96 -14.76 -64.24 2.31
CA LEU I 96 -16.16 -64.64 2.24
C LEU I 96 -16.92 -64.19 3.47
N VAL I 97 -16.28 -64.23 4.65
CA VAL I 97 -16.92 -63.80 5.89
C VAL I 97 -17.04 -62.28 5.93
N LYS I 98 -15.99 -61.56 5.53
CA LYS I 98 -16.03 -60.11 5.63
C LYS I 98 -17.01 -59.47 4.66
N ARG I 99 -17.12 -59.99 3.44
CA ARG I 99 -17.98 -59.43 2.41
C ARG I 99 -19.26 -60.22 2.44
N SER I 100 -19.59 -60.80 3.61
CA SER I 100 -20.80 -61.64 3.66
C SER I 100 -22.09 -60.81 3.75
N GLU I 101 -22.25 -59.88 4.72
CA GLU I 101 -23.40 -58.92 4.59
C GLU I 101 -22.90 -57.53 4.99
N SER I 102 -23.29 -56.45 4.30
CA SER I 102 -22.72 -55.11 4.53
C SER I 102 -21.18 -55.00 4.25
N GLY I 103 -20.58 -56.02 3.66
CA GLY I 103 -19.17 -56.05 3.39
C GLY I 103 -18.77 -55.57 2.01
N MET I 104 -19.73 -55.29 1.14
CA MET I 104 -19.45 -54.82 -0.22
C MET I 104 -19.72 -53.33 -0.38
N VAL I 105 -20.04 -52.63 0.72
CA VAL I 105 -20.31 -51.20 0.63
C VAL I 105 -19.10 -50.47 0.09
N ALA I 106 -17.90 -50.99 0.33
CA ALA I 106 -16.68 -50.38 -0.17
C ALA I 106 -15.77 -51.32 -0.95
N ASN I 107 -16.18 -52.57 -1.17
CA ASN I 107 -15.39 -53.52 -1.96
C ASN I 107 -16.34 -54.46 -2.69
N PRO I 108 -16.97 -53.99 -3.76
CA PRO I 108 -17.97 -54.82 -4.43
C PRO I 108 -17.32 -55.84 -5.37
N ILE I 109 -18.03 -56.94 -5.59
CA ILE I 109 -17.66 -57.87 -6.64
C ILE I 109 -18.09 -57.31 -8.00
N THR I 110 -17.39 -57.74 -9.05
CA THR I 110 -17.71 -57.31 -10.40
C THR I 110 -17.45 -58.46 -11.37
N ILE I 111 -18.03 -58.33 -12.57
CA ILE I 111 -17.81 -59.28 -13.65
C ILE I 111 -17.75 -58.49 -14.96
N HIS I 112 -17.00 -59.02 -15.92
CA HIS I 112 -16.87 -58.36 -17.22
C HIS I 112 -18.05 -58.72 -18.13
N PRO I 113 -18.42 -57.83 -19.05
CA PRO I 113 -19.60 -58.09 -19.89
C PRO I 113 -19.43 -59.28 -20.83
N ASP I 114 -18.23 -59.77 -21.06
CA ASP I 114 -18.05 -60.95 -21.89
C ASP I 114 -18.08 -62.27 -21.11
N ALA I 115 -18.28 -62.22 -19.79
CA ALA I 115 -18.35 -63.44 -19.01
C ALA I 115 -19.63 -64.22 -19.35
N THR I 116 -19.63 -65.51 -19.05
CA THR I 116 -20.83 -66.30 -19.30
C THR I 116 -21.77 -66.23 -18.10
N LEU I 117 -23.02 -66.59 -18.34
CA LEU I 117 -23.97 -66.69 -17.22
C LEU I 117 -23.47 -67.68 -16.18
N GLY I 118 -22.80 -68.75 -16.62
CA GLY I 118 -22.22 -69.69 -15.69
C GLY I 118 -21.21 -69.04 -14.76
N GLU I 119 -20.34 -68.20 -15.31
CA GLU I 119 -19.36 -67.51 -14.47
C GLU I 119 -20.05 -66.52 -13.54
N ALA I 120 -21.05 -65.81 -14.03
CA ALA I 120 -21.80 -64.90 -13.17
C ALA I 120 -22.52 -65.66 -12.07
N ASP I 121 -23.18 -66.77 -12.43
CA ASP I 121 -23.90 -67.55 -11.44
C ASP I 121 -22.97 -68.15 -10.41
N ALA I 122 -21.76 -68.55 -10.84
CA ALA I 122 -20.79 -69.09 -9.89
C ALA I 122 -20.37 -68.04 -8.87
N LEU I 123 -20.21 -66.79 -9.31
CA LEU I 123 -19.85 -65.73 -8.38
C LEU I 123 -20.97 -65.46 -7.39
N CYS I 124 -22.22 -65.47 -7.86
CA CYS I 124 -23.35 -65.29 -6.96
C CYS I 124 -23.40 -66.39 -5.91
N ALA I 125 -23.17 -67.64 -6.33
CA ALA I 125 -23.17 -68.74 -5.38
C ALA I 125 -22.02 -68.63 -4.40
N LYS I 126 -20.86 -68.16 -4.87
CA LYS I 126 -19.69 -68.08 -4.00
C LYS I 126 -19.92 -67.11 -2.84
N PHE I 127 -20.41 -65.92 -3.15
CA PHE I 127 -20.58 -64.86 -2.16
C PHE I 127 -21.99 -64.81 -1.58
N ARG I 128 -22.86 -65.73 -1.98
CA ARG I 128 -24.24 -65.77 -1.49
C ARG I 128 -24.92 -64.42 -1.71
N ILE I 129 -24.89 -63.97 -2.98
CA ILE I 129 -25.53 -62.74 -3.41
C ILE I 129 -26.19 -63.02 -4.75
N SER I 130 -27.28 -62.31 -5.04
CA SER I 130 -28.13 -62.59 -6.20
C SER I 130 -27.85 -61.68 -7.39
N GLY I 131 -26.64 -61.18 -7.52
CA GLY I 131 -26.33 -60.33 -8.66
C GLY I 131 -24.91 -59.82 -8.60
N VAL I 132 -24.45 -59.36 -9.75
CA VAL I 132 -23.09 -58.84 -9.91
C VAL I 132 -23.15 -57.54 -10.72
N PRO I 133 -22.57 -56.44 -10.25
CA PRO I 133 -22.39 -55.29 -11.12
C PRO I 133 -21.49 -55.66 -12.30
N VAL I 134 -21.86 -55.19 -13.49
CA VAL I 134 -21.08 -55.41 -14.70
C VAL I 134 -20.27 -54.15 -14.96
N THR I 135 -18.95 -54.29 -15.07
CA THR I 135 -18.07 -53.15 -15.26
C THR I 135 -17.08 -53.43 -16.37
N ASP I 136 -16.45 -52.36 -16.86
CA ASP I 136 -15.35 -52.47 -17.80
C ASP I 136 -14.03 -52.58 -17.05
N GLY I 137 -12.92 -52.59 -17.80
CA GLY I 137 -11.61 -52.74 -17.19
C GLY I 137 -11.21 -51.61 -16.29
N ALA I 138 -11.82 -50.44 -16.44
CA ALA I 138 -11.56 -49.29 -15.59
C ALA I 138 -12.52 -49.21 -14.41
N GLY I 139 -13.45 -50.15 -14.28
CA GLY I 139 -14.43 -50.07 -13.23
C GLY I 139 -15.60 -49.18 -13.53
N LYS I 140 -15.75 -48.75 -14.78
CA LYS I 140 -16.95 -48.01 -15.17
C LYS I 140 -18.15 -48.95 -15.16
N LEU I 141 -19.24 -48.50 -14.54
CA LEU I 141 -20.43 -49.34 -14.41
C LEU I 141 -21.15 -49.39 -15.76
N LEU I 142 -21.36 -50.60 -16.27
CA LEU I 142 -22.07 -50.81 -17.52
C LEU I 142 -23.48 -51.33 -17.31
N GLY I 143 -23.72 -52.04 -16.20
CA GLY I 143 -25.02 -52.62 -15.94
C GLY I 143 -24.94 -53.54 -14.73
N ILE I 144 -25.97 -54.37 -14.59
CA ILE I 144 -26.07 -55.31 -13.48
C ILE I 144 -26.85 -56.53 -13.95
N VAL I 145 -26.33 -57.72 -13.65
CA VAL I 145 -26.98 -58.98 -13.99
C VAL I 145 -27.35 -59.67 -12.68
N THR I 146 -28.60 -60.09 -12.57
CA THR I 146 -29.11 -60.63 -11.31
C THR I 146 -29.81 -61.96 -11.55
N ASN I 147 -30.17 -62.61 -10.44
CA ASN I 147 -30.85 -63.89 -10.50
C ASN I 147 -32.09 -63.84 -11.39
N ARG I 148 -32.88 -62.78 -11.27
CA ARG I 148 -34.09 -62.70 -12.08
C ARG I 148 -33.78 -62.57 -13.56
N ASP I 149 -32.66 -61.91 -13.91
CA ASP I 149 -32.27 -61.81 -15.31
C ASP I 149 -31.90 -63.18 -15.87
N MET I 150 -31.41 -64.08 -15.04
CA MET I 150 -30.96 -65.40 -15.46
C MET I 150 -32.00 -66.48 -15.17
N ALA I 151 -33.14 -66.12 -14.59
CA ALA I 151 -34.10 -67.12 -14.10
C ALA I 151 -34.59 -68.04 -15.21
N PHE I 152 -34.88 -67.47 -16.38
CA PHE I 152 -35.48 -68.23 -17.48
C PHE I 152 -34.46 -68.59 -18.56
N GLU I 153 -33.18 -68.39 -18.29
CA GLU I 153 -32.13 -68.67 -19.25
C GLU I 153 -31.71 -70.13 -19.16
N THR I 154 -31.57 -70.77 -20.32
CA THR I 154 -31.18 -72.17 -20.38
C THR I 154 -29.74 -72.39 -20.85
N ASP I 155 -29.17 -71.45 -21.60
CA ASP I 155 -27.81 -71.59 -22.12
C ASP I 155 -26.87 -70.91 -21.14
N ARG I 156 -26.03 -71.70 -20.46
CA ARG I 156 -25.13 -71.14 -19.47
C ARG I 156 -23.89 -70.50 -20.09
N SER I 157 -23.69 -70.64 -21.40
CA SER I 157 -22.58 -70.00 -22.09
C SER I 157 -22.91 -68.61 -22.61
N ARG I 158 -24.19 -68.23 -22.66
CA ARG I 158 -24.63 -66.90 -23.20
C ARG I 158 -23.83 -65.78 -22.53
N GLN I 159 -23.48 -64.71 -23.26
CA GLN I 159 -22.70 -63.56 -22.71
C GLN I 159 -23.57 -62.81 -21.69
N VAL I 160 -22.97 -62.17 -20.68
CA VAL I 160 -23.72 -61.41 -19.63
C VAL I 160 -24.40 -60.20 -20.30
N ARG I 161 -23.83 -59.68 -21.39
CA ARG I 161 -24.39 -58.49 -22.12
C ARG I 161 -25.85 -58.72 -22.52
N GLU I 162 -26.23 -59.95 -22.89
CA GLU I 162 -27.61 -60.26 -23.38
C GLU I 162 -28.65 -60.21 -22.26
N VAL I 163 -28.32 -60.67 -21.03
CA VAL I 163 -29.31 -60.78 -19.90
C VAL I 163 -29.21 -59.57 -18.95
N MET I 164 -28.04 -58.94 -18.81
CA MET I 164 -27.81 -57.84 -17.82
C MET I 164 -28.77 -56.67 -18.09
N THR I 165 -29.19 -55.93 -17.06
CA THR I 165 -30.00 -54.68 -17.19
C THR I 165 -28.99 -53.54 -17.40
N PRO I 166 -28.97 -52.82 -18.55
CA PRO I 166 -27.93 -51.83 -18.82
C PRO I 166 -28.19 -50.50 -18.12
N MET I 167 -27.10 -49.76 -17.93
CA MET I 167 -27.17 -48.42 -17.33
C MET I 167 -28.23 -47.58 -18.01
N LEU I 169 -28.91 -47.20 -14.42
CA LEU I 169 -29.42 -47.93 -13.26
C LEU I 169 -29.79 -46.99 -12.13
N VAL I 170 -30.59 -47.47 -11.18
CA VAL I 170 -30.78 -46.75 -9.92
C VAL I 170 -29.52 -46.92 -9.09
N THR I 171 -28.86 -45.80 -8.78
CA THR I 171 -27.60 -45.84 -8.04
C THR I 171 -27.64 -44.87 -6.87
N GLY I 172 -26.67 -45.04 -5.97
CA GLY I 172 -26.49 -44.13 -4.85
C GLY I 172 -25.07 -43.59 -4.80
N GLN I 173 -24.89 -42.56 -3.99
CA GLN I 173 -23.59 -41.94 -3.77
C GLN I 173 -22.83 -42.66 -2.67
N VAL I 174 -21.50 -42.61 -2.75
CA VAL I 174 -20.68 -43.08 -1.64
C VAL I 174 -21.13 -42.36 -0.37
N GLY I 175 -21.30 -43.14 0.71
CA GLY I 175 -21.70 -42.60 1.99
C GLY I 175 -23.19 -42.53 2.23
N ILE I 176 -24.03 -42.98 1.28
CA ILE I 176 -25.47 -42.97 1.47
C ILE I 176 -25.82 -43.72 2.75
N SER I 177 -26.84 -43.22 3.45
CA SER I 177 -27.30 -43.82 4.69
C SER I 177 -28.19 -45.03 4.42
N GLY I 178 -28.35 -45.86 5.46
CA GLY I 178 -29.22 -47.02 5.32
C GLY I 178 -30.64 -46.69 4.95
N VAL I 179 -31.24 -45.71 5.64
CA VAL I 179 -32.63 -45.34 5.34
C VAL I 179 -32.72 -44.81 3.92
N ASP I 180 -31.74 -44.02 3.49
CA ASP I 180 -31.78 -43.47 2.14
C ASP I 180 -31.64 -44.57 1.11
N ALA I 181 -30.72 -45.53 1.37
CA ALA I 181 -30.58 -46.66 0.47
C ALA I 181 -31.84 -47.50 0.45
N MET I 182 -32.44 -47.75 1.62
CA MET I 182 -33.67 -48.52 1.69
C MET I 182 -34.79 -47.86 0.91
N GLU I 183 -34.92 -46.53 1.02
CA GLU I 183 -35.97 -45.84 0.28
C GLU I 183 -35.80 -46.01 -1.23
N LEU I 184 -34.56 -45.95 -1.71
CA LEU I 184 -34.33 -46.17 -3.13
C LEU I 184 -34.73 -47.59 -3.54
N LEU I 185 -34.37 -48.57 -2.72
CA LEU I 185 -34.78 -49.95 -2.99
C LEU I 185 -36.30 -50.09 -2.95
N ARG I 186 -36.94 -49.49 -1.94
CA ARG I 186 -38.39 -49.58 -1.84
C ARG I 186 -39.07 -48.86 -3.00
N ARG I 187 -38.62 -47.63 -3.29
CA ARG I 187 -39.29 -46.81 -4.30
C ARG I 187 -39.20 -47.46 -5.68
N HIS I 188 -38.05 -48.01 -6.02
CA HIS I 188 -37.83 -48.56 -7.35
C HIS I 188 -38.11 -50.05 -7.43
N LYS I 189 -38.58 -50.66 -6.34
CA LYS I 189 -38.91 -52.09 -6.32
C LYS I 189 -37.74 -52.92 -6.83
N ILE I 190 -36.53 -52.58 -6.36
CA ILE I 190 -35.32 -53.30 -6.72
C ILE I 190 -34.65 -53.80 -5.44
N GLU I 191 -33.70 -54.72 -5.62
CA GLU I 191 -32.98 -55.30 -4.50
C GLU I 191 -31.50 -54.93 -4.48
N LYS I 192 -31.01 -54.25 -5.51
CA LYS I 192 -29.59 -53.91 -5.62
C LYS I 192 -29.44 -52.41 -5.76
N LEU I 193 -28.40 -51.85 -5.15
CA LEU I 193 -28.08 -50.43 -5.27
C LEU I 193 -26.58 -50.27 -5.48
N PRO I 194 -26.14 -50.20 -6.73
CA PRO I 194 -24.72 -49.88 -6.99
C PRO I 194 -24.33 -48.52 -6.47
N LEU I 195 -23.08 -48.41 -6.02
CA LEU I 195 -22.54 -47.17 -5.48
C LEU I 195 -21.44 -46.67 -6.39
N VAL I 196 -21.59 -45.44 -6.88
CA VAL I 196 -20.72 -44.89 -7.90
C VAL I 196 -20.21 -43.52 -7.49
N ASP I 197 -19.09 -43.15 -8.10
CA ASP I 197 -18.52 -41.82 -7.95
C ASP I 197 -19.08 -40.92 -9.05
N GLY I 198 -18.57 -39.69 -9.11
CA GLY I 198 -19.09 -38.73 -10.07
C GLY I 198 -18.91 -39.15 -11.51
N ASP I 199 -17.84 -39.89 -11.79
CA ASP I 199 -17.55 -40.34 -13.15
C ASP I 199 -18.16 -41.69 -13.47
N GLY I 200 -19.01 -42.22 -12.59
CA GLY I 200 -19.63 -43.50 -12.84
C GLY I 200 -18.76 -44.70 -12.61
N ILE I 201 -17.67 -44.56 -11.87
CA ILE I 201 -16.86 -45.71 -11.47
C ILE I 201 -17.55 -46.37 -10.28
N LEU I 202 -17.67 -47.69 -10.32
CA LEU I 202 -18.33 -48.42 -9.23
C LEU I 202 -17.46 -48.34 -7.98
N LYS I 203 -18.06 -47.88 -6.88
CA LYS I 203 -17.36 -47.75 -5.61
C LYS I 203 -17.87 -48.70 -4.53
N GLY I 204 -19.07 -49.24 -4.67
CA GLY I 204 -19.62 -50.11 -3.65
C GLY I 204 -20.91 -50.74 -4.12
N LEU I 205 -21.51 -51.54 -3.24
CA LEU I 205 -22.77 -52.19 -3.55
C LEU I 205 -23.55 -52.44 -2.27
N ILE I 206 -24.81 -52.03 -2.27
CA ILE I 206 -25.76 -52.36 -1.22
C ILE I 206 -26.84 -53.25 -1.83
N THR I 207 -27.23 -54.29 -1.11
CA THR I 207 -28.33 -55.15 -1.54
C THR I 207 -29.30 -55.37 -0.38
N VAL I 208 -30.48 -55.90 -0.71
CA VAL I 208 -31.50 -56.13 0.30
C VAL I 208 -30.99 -57.10 1.38
N LYS I 209 -30.03 -57.95 1.02
CA LYS I 209 -29.44 -58.86 2.00
C LYS I 209 -28.88 -58.08 3.19
N ASP I 210 -28.29 -56.91 2.94
CA ASP I 210 -27.73 -56.12 4.03
C ASP I 210 -28.79 -55.82 5.07
N PHE I 211 -30.00 -55.48 4.63
CA PHE I 211 -31.07 -55.12 5.56
C PHE I 211 -31.75 -56.36 6.12
N VAL I 212 -31.96 -57.39 5.30
CA VAL I 212 -32.62 -58.60 5.77
C VAL I 212 -31.81 -59.24 6.88
N LYS I 213 -30.49 -59.39 6.68
CA LYS I 213 -29.68 -60.08 7.67
C LYS I 213 -29.50 -59.24 8.93
N ALA I 214 -29.51 -57.92 8.81
CA ALA I 214 -29.43 -57.07 9.99
C ALA I 214 -30.66 -57.24 10.86
N GLU I 215 -31.83 -57.43 10.25
CA GLU I 215 -33.06 -57.60 11.02
C GLU I 215 -33.16 -59.01 11.59
N GLN I 216 -32.73 -60.02 10.84
CA GLN I 216 -32.83 -61.39 11.30
C GLN I 216 -31.83 -61.70 12.40
N TYR I 217 -30.68 -61.03 12.40
CA TYR I 217 -29.59 -61.30 13.34
C TYR I 217 -29.17 -60.00 14.00
N PRO I 218 -30.02 -59.47 14.89
CA PRO I 218 -29.72 -58.16 15.50
C PRO I 218 -28.56 -58.16 16.47
N HIS I 219 -28.10 -59.33 16.92
CA HIS I 219 -26.98 -59.42 17.85
C HIS I 219 -25.68 -59.84 17.15
N ALA I 220 -25.62 -59.70 15.83
CA ALA I 220 -24.41 -60.06 15.09
C ALA I 220 -23.20 -59.33 15.66
N ALA I 221 -22.08 -60.04 15.76
CA ALA I 221 -20.80 -59.46 16.17
C ALA I 221 -20.09 -58.91 14.93
N LYS I 222 -19.79 -57.62 14.93
CA LYS I 222 -19.26 -56.94 13.75
C LYS I 222 -18.05 -56.08 14.09
N ASP I 223 -17.29 -55.74 13.06
CA ASP I 223 -16.17 -54.83 13.21
C ASP I 223 -16.65 -53.38 13.13
N ALA I 224 -15.71 -52.45 13.20
CA ALA I 224 -16.08 -51.03 13.18
C ALA I 224 -16.71 -50.64 11.84
N LYS I 225 -16.52 -51.45 10.81
CA LYS I 225 -17.09 -51.19 9.49
C LYS I 225 -18.47 -51.80 9.31
N GLY I 226 -19.02 -52.46 10.31
CA GLY I 226 -20.31 -53.10 10.20
C GLY I 226 -20.29 -54.46 9.54
N ARG I 227 -19.12 -55.03 9.34
CA ARG I 227 -18.96 -56.36 8.74
C ARG I 227 -18.80 -57.41 9.83
N LEU I 228 -19.18 -58.64 9.50
CA LEU I 228 -19.08 -59.74 10.46
C LEU I 228 -17.65 -59.94 10.93
N LEU I 229 -17.49 -60.14 12.23
CA LEU I 229 -16.20 -60.45 12.82
C LEU I 229 -15.75 -61.86 12.43
N VAL I 230 -14.44 -62.06 12.36
CA VAL I 230 -13.87 -63.37 12.11
C VAL I 230 -12.43 -63.40 12.61
N GLY I 231 -12.01 -64.56 13.11
CA GLY I 231 -10.62 -64.81 13.43
C GLY I 231 -10.06 -65.91 12.54
N ALA I 232 -8.75 -66.11 12.64
CA ALA I 232 -8.08 -67.14 11.86
C ALA I 232 -6.85 -67.63 12.61
N ALA I 233 -6.58 -68.93 12.47
CA ALA I 233 -5.45 -69.56 13.13
C ALA I 233 -4.20 -69.52 12.25
N VAL I 234 -3.05 -69.40 12.90
CA VAL I 234 -1.74 -69.55 12.27
C VAL I 234 -0.88 -70.40 13.19
N GLY I 235 0.18 -70.96 12.62
CA GLY I 235 1.14 -71.72 13.40
C GLY I 235 2.16 -70.81 14.04
N ALA I 236 3.28 -71.42 14.43
CA ALA I 236 4.40 -70.70 15.05
C ALA I 236 5.64 -71.06 14.24
N SER I 237 5.86 -70.33 13.14
CA SER I 237 6.90 -70.66 12.19
C SER I 237 7.07 -69.52 11.20
N PRO I 238 8.14 -69.52 10.38
CA PRO I 238 8.25 -68.47 9.35
C PRO I 238 7.05 -68.42 8.42
N GLU I 239 6.54 -69.59 8.02
CA GLU I 239 5.35 -69.62 7.16
C GLU I 239 4.16 -68.94 7.84
N ALA I 240 4.02 -69.14 9.15
CA ALA I 240 2.92 -68.50 9.87
C ALA I 240 3.00 -66.99 9.78
N LEU I 241 4.21 -66.44 9.67
CA LEU I 241 4.37 -65.00 9.53
C LEU I 241 3.82 -64.51 8.20
N ASP I 242 4.10 -65.24 7.11
CA ASP I 242 3.51 -64.87 5.82
C ASP I 242 1.99 -65.03 5.85
N ARG I 243 1.51 -66.13 6.45
CA ARG I 243 0.07 -66.34 6.56
C ARG I 243 -0.60 -65.20 7.31
N ALA I 244 0.02 -64.75 8.41
CA ALA I 244 -0.55 -63.66 9.19
C ALA I 244 -0.79 -62.43 8.33
N GLN I 245 0.19 -62.07 7.51
CA GLN I 245 0.06 -60.89 6.66
C GLN I 245 -1.10 -61.04 5.69
N ALA I 246 -1.19 -62.20 5.02
CA ALA I 246 -2.25 -62.41 4.05
C ALA I 246 -3.63 -62.36 4.71
N LEU I 247 -3.75 -62.94 5.91
CA LEU I 247 -5.03 -62.93 6.59
C LEU I 247 -5.41 -61.50 7.01
N ALA I 248 -4.43 -60.73 7.48
CA ALA I 248 -4.71 -59.34 7.84
C ALA I 248 -5.17 -58.54 6.63
N GLU I 249 -4.52 -58.72 5.48
CA GLU I 249 -4.91 -57.99 4.28
C GLU I 249 -6.34 -58.32 3.88
N ALA I 250 -6.75 -59.57 4.06
CA ALA I 250 -8.12 -59.97 3.72
C ALA I 250 -9.14 -59.43 4.71
N GLY I 251 -8.70 -58.83 5.82
CA GLY I 251 -9.60 -58.20 6.75
C GLY I 251 -9.88 -58.97 8.02
N VAL I 252 -9.06 -59.97 8.36
CA VAL I 252 -9.30 -60.74 9.57
C VAL I 252 -9.17 -59.81 10.78
N ASP I 253 -9.98 -60.07 11.81
CA ASP I 253 -10.04 -59.19 12.97
C ASP I 253 -9.09 -59.59 14.09
N PHE I 254 -8.72 -60.85 14.18
CA PHE I 254 -7.70 -61.28 15.13
C PHE I 254 -7.13 -62.61 14.65
N LEU I 255 -5.90 -62.86 15.07
CA LEU I 255 -5.20 -64.11 14.78
C LEU I 255 -5.07 -64.92 16.06
N VAL I 256 -5.07 -66.24 15.91
CA VAL I 256 -4.82 -67.16 17.01
C VAL I 256 -3.58 -67.96 16.65
N VAL I 257 -2.49 -67.74 17.38
CA VAL I 257 -1.27 -68.53 17.22
C VAL I 257 -1.49 -69.85 17.95
N ASP I 258 -1.74 -70.91 17.19
CA ASP I 258 -2.22 -72.18 17.72
C ASP I 258 -1.05 -73.17 17.78
N THR I 259 -0.58 -73.46 19.00
CA THR I 259 0.46 -74.44 19.24
C THR I 259 0.00 -75.38 20.33
N SER I 260 0.52 -76.60 20.32
CA SER I 260 0.16 -77.55 21.37
C SER I 260 0.76 -77.16 22.72
N HIS I 261 1.96 -76.61 22.72
CA HIS I 261 2.65 -76.22 23.95
C HIS I 261 3.01 -74.73 23.90
N GLY I 262 2.10 -73.89 24.36
CA GLY I 262 2.33 -72.46 24.32
C GLY I 262 3.45 -71.99 25.23
N HIS I 263 3.90 -72.83 26.17
CA HIS I 263 4.99 -72.47 27.06
C HIS I 263 6.35 -72.86 26.51
N ASN I 264 6.42 -73.36 25.28
CA ASN I 264 7.70 -73.62 24.64
C ASN I 264 8.32 -72.30 24.19
N SER I 265 9.61 -72.13 24.45
CA SER I 265 10.26 -70.84 24.23
C SER I 265 10.21 -70.43 22.76
N ASN I 266 10.38 -71.39 21.85
CA ASN I 266 10.33 -71.07 20.43
C ASN I 266 8.93 -70.59 20.03
N ALA I 267 7.89 -71.26 20.53
CA ALA I 267 6.53 -70.83 20.27
C ALA I 267 6.30 -69.42 20.78
N LEU I 268 6.79 -69.11 21.98
CA LEU I 268 6.64 -67.76 22.51
C LEU I 268 7.33 -66.75 21.61
N SER I 269 8.51 -67.10 21.09
CA SER I 269 9.22 -66.18 20.20
C SER I 269 8.42 -65.88 18.95
N TRP I 270 7.79 -66.90 18.36
CA TRP I 270 7.00 -66.67 17.16
C TRP I 270 5.73 -65.88 17.45
N MET I 271 5.14 -66.07 18.62
CA MET I 271 4.00 -65.24 19.01
C MET I 271 4.39 -63.77 19.02
N SER I 272 5.53 -63.45 19.63
CA SER I 272 5.99 -62.07 19.67
C SER I 272 6.24 -61.53 18.27
N LYS I 273 6.94 -62.30 17.44
CA LYS I 273 7.23 -61.82 16.09
C LYS I 273 5.94 -61.58 15.31
N ILE I 274 4.99 -62.52 15.39
CA ILE I 274 3.75 -62.37 14.65
C ILE I 274 2.99 -61.15 15.14
N LYS I 275 2.91 -61.00 16.47
CA LYS I 275 2.22 -59.85 17.05
C LYS I 275 2.80 -58.54 16.54
N SER I 276 4.13 -58.43 16.53
CA SER I 276 4.76 -57.17 16.12
C SER I 276 4.70 -56.93 14.63
N SER I 277 4.33 -57.94 13.84
CA SER I 277 4.31 -57.84 12.39
C SER I 277 2.95 -57.47 11.82
N VAL I 278 1.91 -57.40 12.65
CA VAL I 278 0.57 -57.05 12.21
C VAL I 278 0.04 -56.01 13.17
N GLY I 279 -1.03 -55.33 12.76
CA GLY I 279 -1.67 -54.34 13.59
C GLY I 279 -2.92 -54.81 14.31
N ILE I 280 -3.34 -56.06 14.10
CA ILE I 280 -4.56 -56.56 14.69
C ILE I 280 -4.20 -57.40 15.91
N ASP I 281 -5.23 -57.74 16.70
CA ASP I 281 -5.02 -58.52 17.91
C ASP I 281 -4.49 -59.91 17.57
N VAL I 282 -3.61 -60.42 18.44
CA VAL I 282 -3.06 -61.76 18.29
C VAL I 282 -3.26 -62.51 19.60
N VAL I 283 -3.96 -63.64 19.53
CA VAL I 283 -4.16 -64.54 20.67
C VAL I 283 -3.13 -65.65 20.61
N GLY I 284 -2.62 -66.03 21.78
CA GLY I 284 -1.66 -67.12 21.88
C GLY I 284 -2.14 -68.24 22.78
N GLY I 285 -1.69 -69.45 22.48
CA GLY I 285 -1.99 -70.59 23.32
C GLY I 285 -1.24 -71.82 22.83
N ASN I 286 -1.45 -72.94 23.51
CA ASN I 286 -2.29 -73.07 24.69
C ASN I 286 -1.46 -73.24 25.97
N VAL I 287 -1.98 -72.76 27.10
CA VAL I 287 -1.33 -72.93 28.39
C VAL I 287 -2.35 -73.42 29.40
N ALA I 288 -1.84 -73.82 30.58
CA ALA I 288 -2.72 -74.35 31.62
C ALA I 288 -2.17 -74.04 33.00
N THR I 289 -1.29 -73.05 33.13
CA THR I 289 -0.69 -72.69 34.40
C THR I 289 -0.59 -71.18 34.49
N ARG I 290 -0.35 -70.69 35.71
CA ARG I 290 -0.15 -69.26 35.90
C ARG I 290 1.12 -68.80 35.18
N ASP I 291 2.22 -69.55 35.35
CA ASP I 291 3.47 -69.15 34.72
C ASP I 291 3.40 -69.22 33.22
N GLY I 292 2.64 -70.19 32.67
CA GLY I 292 2.44 -70.23 31.24
C GLY I 292 1.66 -69.05 30.72
N ALA I 293 0.57 -68.68 31.41
CA ALA I 293 -0.19 -67.51 31.02
C ALA I 293 0.68 -66.25 31.09
N GLN I 294 1.50 -66.15 32.14
CA GLN I 294 2.37 -64.99 32.28
C GLN I 294 3.38 -64.91 31.15
N ALA I 295 3.88 -66.06 30.71
CA ALA I 295 4.83 -66.07 29.59
C ALA I 295 4.17 -65.56 28.32
N LEU I 296 2.93 -65.96 28.07
CA LEU I 296 2.22 -65.44 26.91
C LEU I 296 2.05 -63.92 27.01
N ILE I 297 1.67 -63.43 28.19
CA ILE I 297 1.49 -62.00 28.37
C ILE I 297 2.80 -61.27 28.14
N ASP I 298 3.90 -61.80 28.69
CA ASP I 298 5.20 -61.17 28.49
C ASP I 298 5.61 -61.18 27.03
N ALA I 299 5.15 -62.17 26.26
CA ALA I 299 5.42 -62.21 24.84
C ALA I 299 4.59 -61.20 24.05
N GLY I 300 3.57 -60.61 24.67
CA GLY I 300 2.84 -59.52 24.08
C GLY I 300 1.48 -59.85 23.52
N VAL I 301 0.93 -61.03 23.81
CA VAL I 301 -0.34 -61.42 23.20
C VAL I 301 -1.48 -60.57 23.79
N ASP I 302 -2.55 -60.48 23.01
CA ASP I 302 -3.74 -59.73 23.40
C ASP I 302 -4.84 -60.62 23.97
N GLY I 303 -4.64 -61.93 23.95
CA GLY I 303 -5.55 -62.87 24.59
C GLY I 303 -4.83 -64.19 24.72
N ILE I 304 -5.26 -65.01 25.68
CA ILE I 304 -4.65 -66.30 25.90
C ILE I 304 -5.71 -67.39 25.78
N LYS I 305 -5.30 -68.55 25.30
CA LYS I 305 -6.17 -69.70 25.20
C LYS I 305 -5.68 -70.77 26.17
N VAL I 306 -6.60 -71.31 26.96
CA VAL I 306 -6.24 -72.17 28.09
C VAL I 306 -6.80 -73.57 27.83
N GLY I 307 -5.91 -74.57 27.95
CA GLY I 307 -6.32 -75.94 27.78
C GLY I 307 -5.19 -76.85 27.33
N VAL I 308 -4.67 -77.66 28.26
CA VAL I 308 -3.67 -78.69 27.94
C VAL I 308 -4.11 -79.97 28.65
N GLY I 309 -4.44 -80.99 27.87
CA GLY I 309 -4.96 -82.23 28.40
C GLY I 309 -6.14 -82.02 29.33
N PRO I 310 -7.15 -81.27 28.89
CA PRO I 310 -8.29 -80.97 29.78
C PRO I 310 -9.25 -82.12 29.95
N GLY I 311 -9.33 -83.02 28.97
CA GLY I 311 -10.34 -84.06 28.96
C GLY I 311 -9.89 -85.33 29.66
N SER I 312 -10.82 -85.94 30.39
CA SER I 312 -10.54 -87.21 31.04
C SER I 312 -10.05 -88.23 30.03
N ILE I 313 -8.92 -88.86 30.34
CA ILE I 313 -8.33 -89.89 29.48
C ILE I 313 -8.28 -89.41 28.04
N CYS I 314 -7.76 -88.19 27.81
CA CYS I 314 -7.49 -87.70 26.48
C CYS I 314 -6.07 -88.07 26.08
N THR I 315 -5.67 -87.69 24.86
CA THR I 315 -4.46 -88.26 24.27
C THR I 315 -3.21 -87.85 25.04
N THR I 316 -3.01 -86.56 25.27
CA THR I 316 -1.80 -86.13 25.96
C THR I 316 -1.73 -86.73 27.36
N ARG I 317 -2.89 -86.99 27.97
CA ARG I 317 -2.90 -87.61 29.29
C ARG I 317 -2.47 -89.07 29.24
N VAL I 318 -3.02 -89.84 28.30
CA VAL I 318 -2.74 -91.26 28.27
C VAL I 318 -1.34 -91.51 27.72
N VAL I 319 -0.99 -90.81 26.64
CA VAL I 319 0.29 -91.03 25.98
C VAL I 319 1.42 -90.45 26.81
N ALA I 320 1.25 -89.23 27.32
CA ALA I 320 2.33 -88.48 27.94
C ALA I 320 2.13 -88.20 29.42
N GLY I 321 0.96 -88.53 29.98
CA GLY I 321 0.74 -88.23 31.38
C GLY I 321 0.65 -86.76 31.68
N ILE I 322 0.42 -85.95 30.66
CA ILE I 322 0.41 -84.49 30.77
C ILE I 322 -1.03 -84.02 30.73
N GLY I 323 -1.39 -83.13 31.65
CA GLY I 323 -2.70 -82.52 31.60
C GLY I 323 -3.07 -81.72 32.84
N VAL I 324 -4.06 -80.84 32.69
CA VAL I 324 -4.55 -80.04 33.82
C VAL I 324 -6.07 -80.02 33.79
N PRO I 325 -6.75 -80.45 34.86
CA PRO I 325 -8.20 -80.27 34.93
C PRO I 325 -8.57 -78.81 34.65
N GLN I 326 -9.63 -78.62 33.87
CA GLN I 326 -9.80 -77.34 33.17
C GLN I 326 -10.18 -76.21 34.11
N VAL I 327 -10.94 -76.49 35.18
CA VAL I 327 -11.30 -75.42 36.10
C VAL I 327 -10.05 -74.88 36.78
N THR I 328 -9.18 -75.78 37.23
CA THR I 328 -7.90 -75.34 37.79
C THR I 328 -7.06 -74.62 36.75
N ALA I 329 -7.03 -75.15 35.53
CA ALA I 329 -6.25 -74.51 34.47
C ALA I 329 -6.70 -73.08 34.24
N ILE I 330 -8.02 -72.87 34.12
CA ILE I 330 -8.53 -71.52 33.88
C ILE I 330 -8.20 -70.62 35.06
N TYR I 331 -8.43 -71.12 36.28
CA TYR I 331 -8.20 -70.30 37.45
C TYR I 331 -6.74 -69.90 37.57
N GLU I 332 -5.83 -70.86 37.41
CA GLU I 332 -4.41 -70.54 37.52
C GLU I 332 -3.97 -69.55 36.46
N ALA I 333 -4.40 -69.76 35.22
CA ALA I 333 -4.08 -68.81 34.15
C ALA I 333 -4.71 -67.46 34.41
N SER I 334 -5.90 -67.44 35.00
CA SER I 334 -6.54 -66.16 35.27
C SER I 334 -5.78 -65.40 36.35
N LEU I 335 -5.04 -66.08 37.25
CA LEU I 335 -4.19 -65.38 38.26
C LEU I 335 -3.24 -64.42 37.53
N ALA I 336 -2.79 -64.72 36.30
CA ALA I 336 -1.89 -63.85 35.50
C ALA I 336 -2.74 -63.02 34.53
N ALA I 337 -3.70 -63.63 33.83
CA ALA I 337 -4.54 -62.95 32.81
C ALA I 337 -5.30 -61.78 33.47
N ARG I 338 -6.08 -62.03 34.53
CA ARG I 338 -6.92 -60.99 35.18
C ARG I 338 -6.06 -59.79 35.61
N ALA I 339 -4.83 -60.00 36.08
CA ALA I 339 -3.92 -58.92 36.53
C ALA I 339 -3.49 -58.07 35.33
N ALA I 340 -3.17 -58.69 34.19
CA ALA I 340 -2.66 -57.99 32.97
C ALA I 340 -3.82 -57.43 32.14
N GLY I 341 -5.08 -57.71 32.50
CA GLY I 341 -6.25 -57.27 31.70
C GLY I 341 -6.24 -57.95 30.34
N VAL I 342 -5.72 -59.18 30.24
CA VAL I 342 -5.63 -59.95 28.96
C VAL I 342 -6.76 -60.99 28.94
N PRO I 343 -7.77 -60.92 28.03
CA PRO I 343 -8.87 -61.89 28.02
C PRO I 343 -8.37 -63.33 27.91
N LEU I 344 -9.17 -64.25 28.47
CA LEU I 344 -8.82 -65.65 28.58
C LEU I 344 -9.90 -66.48 27.90
N ILE I 345 -9.48 -67.31 26.93
CA ILE I 345 -10.37 -68.21 26.20
C ILE I 345 -10.25 -69.61 26.80
N GLY I 346 -11.37 -70.16 27.24
CA GLY I 346 -11.42 -71.54 27.69
C GLY I 346 -11.57 -72.52 26.54
N ASP I 347 -10.59 -73.41 26.37
CA ASP I 347 -10.52 -74.29 25.21
C ASP I 347 -10.37 -75.74 25.67
N GLY I 348 -11.51 -76.40 25.89
CA GLY I 348 -11.53 -77.84 26.09
C GLY I 348 -12.19 -78.30 27.38
N GLY I 349 -12.62 -79.57 27.39
CA GLY I 349 -13.16 -80.20 28.57
C GLY I 349 -14.65 -80.04 28.79
N LEU I 350 -15.35 -79.34 27.91
CA LEU I 350 -16.78 -79.10 28.12
C LEU I 350 -17.57 -80.40 27.99
N GLN I 351 -18.60 -80.54 28.83
CA GLN I 351 -19.48 -81.71 28.79
C GLN I 351 -20.96 -81.35 28.94
N TYR I 352 -21.29 -80.13 29.34
CA TYR I 352 -22.67 -79.69 29.53
C TYR I 352 -22.69 -78.18 29.30
N SER I 353 -23.87 -77.66 28.95
CA SER I 353 -23.96 -76.22 28.77
C SER I 353 -23.68 -75.48 30.07
N GLY I 354 -23.95 -76.12 31.21
CA GLY I 354 -23.65 -75.53 32.49
C GLY I 354 -22.18 -75.29 32.72
N ASP I 355 -21.31 -75.96 31.96
CA ASP I 355 -19.87 -75.76 32.11
C ASP I 355 -19.42 -74.40 31.59
N ILE I 356 -20.23 -73.75 30.74
CA ILE I 356 -19.86 -72.43 30.24
C ILE I 356 -19.81 -71.44 31.39
N GLY I 357 -20.87 -71.38 32.19
CA GLY I 357 -20.87 -70.50 33.34
C GLY I 357 -19.76 -70.84 34.32
N LYS I 358 -19.48 -72.13 34.51
CA LYS I 358 -18.38 -72.52 35.38
C LYS I 358 -17.06 -71.95 34.86
N ALA I 359 -16.83 -72.03 33.55
CA ALA I 359 -15.60 -71.50 32.97
C ALA I 359 -15.51 -70.00 33.20
N LEU I 360 -16.61 -69.27 32.98
CA LEU I 360 -16.59 -67.83 33.17
C LEU I 360 -16.35 -67.46 34.63
N ALA I 361 -17.05 -68.14 35.56
CA ALA I 361 -16.85 -67.84 36.96
C ALA I 361 -15.45 -68.24 37.42
N ALA I 362 -14.84 -69.22 36.77
CA ALA I 362 -13.49 -69.62 37.12
C ALA I 362 -12.44 -68.64 36.61
N GLY I 363 -12.81 -67.76 35.68
CA GLY I 363 -11.90 -66.73 35.23
C GLY I 363 -11.82 -66.54 33.73
N ALA I 364 -12.56 -67.35 32.95
CA ALA I 364 -12.52 -67.21 31.51
C ALA I 364 -13.39 -66.04 31.07
N ASP I 365 -13.03 -65.44 29.93
CA ASP I 365 -13.84 -64.40 29.30
C ASP I 365 -14.72 -64.95 28.18
N THR I 366 -14.26 -65.99 27.49
CA THR I 366 -15.05 -66.65 26.47
C THR I 366 -14.71 -68.14 26.51
N VAL I 367 -15.48 -68.94 25.78
CA VAL I 367 -15.30 -70.38 25.73
C VAL I 367 -15.32 -70.81 24.27
N MET I 368 -14.35 -71.63 23.88
CA MET I 368 -14.26 -72.13 22.51
C MET I 368 -14.95 -73.49 22.41
N LEU I 369 -15.78 -73.64 21.40
CA LEU I 369 -16.54 -74.86 21.14
C LEU I 369 -15.86 -75.62 20.00
N GLY I 370 -15.72 -76.95 20.12
CA GLY I 370 -14.97 -77.77 19.13
C GLY I 370 -15.78 -78.87 18.46
N SER I 371 -15.57 -80.14 18.80
CA SER I 371 -16.21 -81.31 18.14
C SER I 371 -17.74 -81.33 18.35
N LEU I 372 -18.28 -80.53 19.29
CA LEU I 372 -19.75 -80.43 19.50
C LEU I 372 -20.40 -79.75 18.28
N LEU I 373 -19.62 -79.04 17.44
CA LEU I 373 -20.15 -78.28 16.28
C LEU I 373 -19.80 -78.98 14.95
N ALA I 374 -19.11 -80.13 14.92
CA ALA I 374 -18.77 -80.74 13.64
C ALA I 374 -20.01 -81.29 12.95
N GLY I 375 -21.04 -81.64 13.70
CA GLY I 375 -22.25 -82.17 13.14
C GLY I 375 -23.27 -81.15 12.70
N CYS I 376 -23.01 -79.87 12.90
CA CYS I 376 -23.95 -78.82 12.54
C CYS I 376 -23.97 -78.62 11.03
N GLU I 377 -25.11 -78.12 10.54
CA GLU I 377 -25.26 -77.90 9.10
C GLU I 377 -24.14 -77.05 8.54
N GLU I 378 -23.70 -76.03 9.27
CA GLU I 378 -22.71 -75.09 8.78
C GLU I 378 -21.28 -75.62 8.84
N SER I 379 -21.06 -76.81 9.38
CA SER I 379 -19.71 -77.36 9.42
C SER I 379 -19.26 -77.71 8.00
N PRO I 380 -17.95 -77.79 7.76
CA PRO I 380 -17.47 -77.99 6.39
C PRO I 380 -17.92 -79.30 5.76
N GLY I 381 -18.14 -80.34 6.60
CA GLY I 381 -18.49 -81.70 6.12
C GLY I 381 -19.67 -81.71 5.14
N GLU I 382 -19.73 -82.72 4.25
CA GLU I 382 -20.83 -82.86 3.25
C GLU I 382 -21.95 -83.73 3.86
N LEU I 383 -23.10 -83.16 4.21
CA LEU I 383 -24.24 -83.92 4.81
C LEU I 383 -24.58 -85.10 3.87
N GLN I 384 -24.60 -86.34 4.37
CA GLN I 384 -24.92 -87.57 3.58
C GLN I 384 -26.03 -88.36 4.29
N PHE I 385 -26.78 -89.21 3.58
CA PHE I 385 -27.90 -90.01 4.15
C PHE I 385 -27.56 -91.52 4.06
N ILE I 386 -27.32 -92.20 5.19
CA ILE I 386 -27.04 -93.67 5.25
C ILE I 386 -27.91 -94.25 6.38
N ASN I 387 -29.22 -94.44 6.16
CA ASN I 387 -30.14 -94.89 7.25
C ASN I 387 -29.98 -93.89 8.41
N GLY I 388 -29.88 -92.59 8.12
CA GLY I 388 -29.66 -91.54 9.14
C GLY I 388 -28.77 -90.41 8.59
N LYS I 389 -29.05 -89.15 8.92
CA LYS I 389 -28.26 -87.98 8.43
C LYS I 389 -26.93 -87.95 9.19
N GLN I 390 -25.81 -87.65 8.51
CA GLN I 390 -24.46 -87.58 9.13
C GLN I 390 -23.54 -86.68 8.31
N PHE I 391 -22.77 -85.78 8.93
CA PHE I 391 -21.81 -84.88 8.23
C PHE I 391 -20.51 -85.68 7.96
N LYS I 392 -19.89 -85.52 6.78
CA LYS I 392 -18.65 -86.27 6.38
C LYS I 392 -17.50 -85.27 6.18
N VAL I 437 -19.35 -87.94 11.47
CA VAL I 437 -19.98 -87.47 12.75
C VAL I 437 -21.50 -87.45 12.56
N PRO I 438 -22.34 -87.70 13.61
CA PRO I 438 -23.80 -87.58 13.46
C PRO I 438 -24.22 -86.15 13.05
N TYR I 439 -25.34 -85.99 12.33
CA TYR I 439 -25.85 -84.67 11.88
C TYR I 439 -26.64 -84.02 13.03
N ARG I 440 -26.36 -82.77 13.40
CA ARG I 440 -27.01 -82.09 14.51
C ARG I 440 -27.99 -81.01 14.09
N GLY I 441 -27.96 -80.56 12.84
CA GLY I 441 -28.81 -79.47 12.40
C GLY I 441 -28.15 -78.10 12.51
N PRO I 442 -28.97 -77.05 12.38
CA PRO I 442 -28.42 -75.70 12.33
C PRO I 442 -27.69 -75.39 13.62
N LEU I 443 -26.58 -74.66 13.47
CA LEU I 443 -25.83 -74.16 14.63
C LEU I 443 -26.74 -73.43 15.60
N ALA I 444 -27.74 -72.73 15.08
CA ALA I 444 -28.57 -71.85 15.92
C ALA I 444 -29.19 -72.56 17.11
N ASN I 445 -29.67 -73.79 16.93
CA ASN I 445 -30.28 -74.46 18.08
C ASN I 445 -29.23 -74.81 19.12
N VAL I 446 -28.04 -75.22 18.70
CA VAL I 446 -26.97 -75.51 19.64
C VAL I 446 -26.64 -74.25 20.44
N LEU I 447 -26.47 -73.13 19.75
CA LEU I 447 -26.15 -71.90 20.44
C LEU I 447 -27.33 -71.43 21.31
N HIS I 448 -28.57 -71.65 20.86
CA HIS I 448 -29.79 -71.21 21.60
C HIS I 448 -29.90 -72.00 22.91
N GLN I 449 -29.43 -73.25 22.93
CA GLN I 449 -29.45 -74.10 24.16
C GLN I 449 -28.23 -73.76 25.03
N LEU I 450 -27.13 -73.29 24.41
CA LEU I 450 -25.87 -72.95 25.15
C LEU I 450 -26.02 -71.53 25.76
N VAL I 451 -26.60 -70.56 25.04
CA VAL I 451 -26.70 -69.20 25.57
C VAL I 451 -27.86 -69.12 26.55
N GLY I 452 -28.93 -69.86 26.27
CA GLY I 452 -30.00 -69.97 27.24
C GLY I 452 -29.54 -70.50 28.58
N GLY I 453 -28.71 -71.54 28.55
CA GLY I 453 -28.17 -72.07 29.78
C GLY I 453 -27.33 -71.04 30.51
N LEU I 454 -26.47 -70.33 29.79
CA LEU I 454 -25.63 -69.31 30.42
C LEU I 454 -26.47 -68.23 31.09
N ARG I 455 -27.56 -67.82 30.43
CA ARG I 455 -28.42 -66.79 31.01
C ARG I 455 -29.01 -67.28 32.33
N GLN I 456 -29.34 -68.57 32.41
CA GLN I 456 -29.80 -69.12 33.68
C GLN I 456 -28.72 -69.02 34.74
N THR I 457 -27.50 -69.43 34.41
CA THR I 457 -26.38 -69.35 35.36
C THR I 457 -26.22 -67.93 35.87
N MET I 458 -26.20 -66.96 34.97
CA MET I 458 -25.97 -65.58 35.39
C MET I 458 -27.11 -65.09 36.27
N GLY I 459 -28.34 -65.47 35.94
CA GLY I 459 -29.47 -65.13 36.80
C GLY I 459 -29.35 -65.73 38.19
N TYR I 460 -28.93 -67.00 38.27
CA TYR I 460 -28.78 -67.65 39.58
C TYR I 460 -27.66 -66.99 40.38
N VAL I 461 -26.57 -66.62 39.71
CA VAL I 461 -25.42 -66.07 40.40
C VAL I 461 -25.58 -64.59 40.71
N GLY I 462 -26.47 -63.89 40.01
CA GLY I 462 -26.62 -62.47 40.20
C GLY I 462 -25.70 -61.62 39.36
N ALA I 463 -25.10 -62.18 38.31
CA ALA I 463 -24.18 -61.46 37.46
C ALA I 463 -24.97 -60.79 36.34
N ALA I 464 -24.98 -59.46 36.33
CA ALA I 464 -25.65 -58.73 35.27
C ALA I 464 -24.80 -58.68 34.01
N THR I 465 -23.50 -58.91 34.14
CA THR I 465 -22.58 -58.90 33.01
C THR I 465 -21.60 -60.05 33.19
N ILE I 466 -20.92 -60.41 32.10
CA ILE I 466 -19.92 -61.48 32.17
C ILE I 466 -18.82 -61.09 33.16
N GLU I 467 -18.43 -59.82 33.19
CA GLU I 467 -17.38 -59.37 34.09
C GLU I 467 -17.72 -59.63 35.56
N GLU I 468 -18.99 -59.75 35.91
CA GLU I 468 -19.38 -60.03 37.29
C GLU I 468 -19.31 -61.51 37.66
N MET I 469 -19.15 -62.40 36.68
CA MET I 469 -19.18 -63.83 36.98
C MET I 469 -18.03 -64.24 37.89
N GLU I 470 -16.82 -63.72 37.64
CA GLU I 470 -15.66 -64.16 38.42
C GLU I 470 -15.78 -63.73 39.87
N SER I 471 -16.27 -62.52 40.13
CA SER I 471 -16.35 -62.04 41.50
C SER I 471 -17.59 -62.58 42.22
N LYS I 472 -18.72 -62.66 41.52
CA LYS I 472 -19.97 -63.08 42.14
C LYS I 472 -20.17 -64.58 42.16
N GLY I 473 -19.49 -65.33 41.27
CA GLY I 473 -19.65 -66.77 41.22
C GLY I 473 -19.00 -67.46 42.39
N ARG I 474 -19.80 -68.11 43.24
CA ARG I 474 -19.29 -68.89 44.35
C ARG I 474 -19.34 -70.37 43.98
N PHE I 475 -18.25 -71.08 44.25
CA PHE I 475 -18.13 -72.49 43.89
C PHE I 475 -18.26 -73.37 45.13
N VAL I 476 -18.75 -74.59 44.91
CA VAL I 476 -18.64 -75.68 45.88
C VAL I 476 -18.13 -76.91 45.15
N ARG I 477 -17.25 -77.67 45.81
CA ARG I 477 -16.82 -78.96 45.28
C ARG I 477 -17.82 -80.04 45.66
N ILE I 478 -17.92 -81.07 44.83
CA ILE I 478 -18.79 -82.21 45.11
C ILE I 478 -17.99 -83.49 44.96
N THR I 479 -18.46 -84.53 45.64
CA THR I 479 -17.84 -85.84 45.57
C THR I 479 -18.42 -86.62 44.39
N SER I 480 -17.92 -87.84 44.17
CA SER I 480 -18.47 -88.68 43.11
C SER I 480 -19.90 -89.11 43.41
N ALA I 481 -20.32 -89.06 44.67
CA ALA I 481 -21.69 -89.39 45.05
C ALA I 481 -22.64 -88.35 44.44
N GLY J 10 39.05 31.17 17.29
CA GLY J 10 40.23 30.95 16.46
C GLY J 10 40.06 31.48 15.05
N VAL J 11 39.19 32.47 14.92
CA VAL J 11 38.92 33.11 13.64
C VAL J 11 39.29 34.57 13.78
N PRO J 12 39.65 35.29 12.68
CA PRO J 12 39.87 36.74 12.76
C PRO J 12 38.65 37.55 13.22
N GLU J 13 38.84 38.78 13.73
CA GLU J 13 37.72 39.64 14.24
C GLU J 13 36.74 39.97 13.09
N LYS J 14 37.21 39.97 11.84
CA LYS J 14 36.33 40.21 10.65
C LYS J 14 35.21 39.18 10.70
N PHE J 15 35.50 37.91 11.01
CA PHE J 15 34.51 36.81 11.00
C PHE J 15 34.21 36.31 12.42
N ALA J 16 34.15 37.15 13.47
CA ALA J 16 33.93 36.70 14.85
C ALA J 16 32.48 36.29 15.09
N THR J 17 31.53 36.95 14.44
CA THR J 17 30.12 36.75 14.77
C THR J 17 29.61 35.41 14.24
N LEU J 18 28.89 34.68 15.09
CA LEU J 18 28.20 33.46 14.71
C LEU J 18 26.71 33.71 14.65
N GLY J 19 26.10 33.44 13.50
CA GLY J 19 24.66 33.60 13.35
C GLY J 19 23.94 32.30 13.64
N LEU J 20 22.81 32.41 14.33
CA LEU J 20 22.06 31.26 14.79
C LEU J 20 20.69 31.21 14.14
N THR J 21 20.31 30.02 13.69
CA THR J 21 18.98 29.77 13.17
C THR J 21 18.13 29.07 14.24
N TYR J 22 16.86 28.85 13.91
CA TYR J 22 15.97 28.17 14.85
C TYR J 22 16.50 26.79 15.21
N ASP J 23 16.95 26.02 14.21
CA ASP J 23 17.47 24.68 14.48
C ASP J 23 18.71 24.70 15.36
N ASP J 24 19.37 25.85 15.49
CA ASP J 24 20.59 25.92 16.28
C ASP J 24 20.33 25.98 17.78
N VAL J 25 19.09 26.22 18.20
CA VAL J 25 18.82 26.51 19.60
C VAL J 25 17.57 25.78 20.07
N LEU J 26 17.49 25.63 21.39
CA LEU J 26 16.32 25.10 22.06
C LEU J 26 16.05 25.98 23.27
N LEU J 27 14.79 25.99 23.70
CA LEU J 27 14.41 26.68 24.94
C LEU J 27 14.41 25.70 26.09
N LEU J 28 14.87 26.16 27.24
CA LEU J 28 14.91 25.31 28.43
C LEU J 28 13.57 25.33 29.16
N PRO J 29 13.19 24.22 29.79
CA PRO J 29 12.08 24.27 30.74
C PRO J 29 12.49 25.11 31.95
N GLY J 30 11.51 25.83 32.50
CA GLY J 30 11.77 26.68 33.65
C GLY J 30 10.70 26.52 34.72
N ALA J 31 10.95 27.18 35.85
CA ALA J 31 9.94 27.24 36.90
C ALA J 31 8.67 27.84 36.32
N SER J 32 7.56 27.14 36.49
CA SER J 32 6.31 27.54 35.88
C SER J 32 5.16 27.32 36.85
N ALA J 33 4.27 28.30 36.94
CA ALA J 33 3.04 28.20 37.71
C ALA J 33 1.81 28.34 36.82
N VAL J 34 1.98 28.20 35.51
CA VAL J 34 0.92 28.47 34.55
C VAL J 34 0.88 27.32 33.56
N LEU J 35 -0.32 26.83 33.28
CA LEU J 35 -0.55 25.72 32.36
C LEU J 35 -0.78 26.23 30.94
N PRO J 36 -0.51 25.39 29.94
CA PRO J 36 -0.70 25.83 28.55
C PRO J 36 -2.06 26.44 28.27
N ASN J 37 -3.13 25.85 28.81
CA ASN J 37 -4.47 26.33 28.50
C ASN J 37 -4.82 27.65 29.18
N ALA J 38 -3.95 28.20 30.03
CA ALA J 38 -4.24 29.41 30.76
C ALA J 38 -3.39 30.61 30.37
N VAL J 39 -2.40 30.44 29.51
CA VAL J 39 -1.54 31.56 29.14
C VAL J 39 -2.30 32.52 28.21
N ASP J 40 -1.80 33.75 28.13
CA ASP J 40 -2.35 34.79 27.27
C ASP J 40 -1.46 34.92 26.04
N THR J 41 -2.06 34.76 24.86
CA THR J 41 -1.30 34.77 23.61
C THR J 41 -1.45 36.07 22.84
N SER J 42 -1.97 37.12 23.45
CA SER J 42 -2.15 38.38 22.75
C SER J 42 -0.81 39.09 22.61
N SER J 43 -0.69 39.89 21.55
CA SER J 43 0.55 40.60 21.24
C SER J 43 0.21 41.78 20.34
N ARG J 44 1.23 42.55 19.98
CA ARG J 44 1.06 43.73 19.14
C ARG J 44 1.65 43.49 17.76
N ILE J 45 0.89 43.82 16.72
CA ILE J 45 1.44 43.91 15.37
C ILE J 45 2.32 45.14 15.24
N SER J 46 1.82 46.26 15.73
CA SER J 46 2.50 47.55 15.67
C SER J 46 2.08 48.33 16.91
N ARG J 47 2.58 49.56 17.04
CA ARG J 47 2.35 50.33 18.25
C ARG J 47 0.88 50.31 18.66
N ASN J 48 -0.04 50.44 17.69
CA ASN J 48 -1.45 50.65 18.01
C ASN J 48 -2.36 49.57 17.42
N VAL J 49 -1.82 48.43 17.04
CA VAL J 49 -2.62 47.32 16.51
C VAL J 49 -2.31 46.07 17.32
N ARG J 50 -3.34 45.44 17.87
CA ARG J 50 -3.21 44.27 18.73
C ARG J 50 -3.97 43.09 18.14
N VAL J 51 -3.41 41.90 18.36
CA VAL J 51 -4.02 40.63 17.95
C VAL J 51 -4.06 39.71 19.17
N ASN J 52 -4.89 38.67 19.05
CA ASN J 52 -5.10 37.72 20.15
C ASN J 52 -4.26 36.44 20.03
N ILE J 53 -3.78 36.11 18.83
CA ILE J 53 -2.73 35.13 18.64
C ILE J 53 -1.63 35.84 17.86
N PRO J 54 -0.35 35.55 18.10
CA PRO J 54 0.73 36.38 17.56
C PRO J 54 1.16 35.98 16.14
N LEU J 55 0.19 35.92 15.23
CA LEU J 55 0.43 35.38 13.89
C LEU J 55 -0.21 36.25 12.81
N LEU J 56 0.52 36.45 11.72
CA LEU J 56 0.01 37.12 10.53
C LEU J 56 0.13 36.17 9.34
N SER J 57 -0.71 36.39 8.32
CA SER J 57 -0.54 35.75 7.02
C SER J 57 0.17 36.73 6.08
N ALA J 58 1.13 36.21 5.33
CA ALA J 58 2.04 37.07 4.57
C ALA J 58 1.34 37.72 3.37
N ALA J 59 1.90 38.85 2.94
CA ALA J 59 1.40 39.59 1.79
C ALA J 59 1.92 38.98 0.48
N MET J 60 1.56 37.73 0.27
CA MET J 60 1.90 36.98 -0.93
C MET J 60 0.63 36.75 -1.74
N ASP J 61 0.72 36.86 -3.06
CA ASP J 61 -0.48 36.73 -3.87
C ASP J 61 -1.01 35.30 -3.91
N LYS J 62 -0.23 34.33 -3.45
CA LYS J 62 -0.73 32.96 -3.30
C LYS J 62 -1.27 32.69 -1.91
N VAL J 63 -1.27 33.68 -1.01
CA VAL J 63 -1.64 33.43 0.38
C VAL J 63 -2.81 34.28 0.83
N THR J 64 -2.66 35.61 0.81
CA THR J 64 -3.62 36.48 1.47
C THR J 64 -4.37 37.40 0.51
N GLU J 65 -5.62 37.03 0.23
CA GLU J 65 -6.65 37.96 -0.22
C GLU J 65 -7.72 37.99 0.85
N SER J 66 -8.93 38.47 0.54
CA SER J 66 -9.91 38.76 1.58
C SER J 66 -10.28 37.50 2.36
N ARG J 67 -10.44 36.37 1.68
CA ARG J 67 -10.87 35.16 2.36
C ARG J 67 -9.86 34.71 3.41
N MET J 68 -8.57 34.76 3.08
CA MET J 68 -7.55 34.44 4.07
C MET J 68 -7.53 35.46 5.21
N ALA J 69 -7.60 36.74 4.86
CA ALA J 69 -7.55 37.78 5.88
C ALA J 69 -8.73 37.66 6.83
N ILE J 70 -9.91 37.32 6.30
CA ILE J 70 -11.08 37.17 7.14
C ILE J 70 -10.88 36.02 8.12
N SER J 71 -10.39 34.88 7.64
CA SER J 71 -10.20 33.73 8.52
C SER J 71 -9.11 34.00 9.55
N MET J 72 -8.00 34.62 9.14
CA MET J 72 -6.96 34.98 10.11
C MET J 72 -7.54 35.82 11.24
N ALA J 73 -8.27 36.88 10.91
CA ALA J 73 -8.80 37.76 11.92
C ALA J 73 -9.82 37.05 12.81
N ARG J 74 -10.66 36.21 12.19
CA ARG J 74 -11.63 35.46 12.98
C ARG J 74 -10.95 34.55 13.99
N GLN J 75 -9.78 34.01 13.63
CA GLN J 75 -9.03 33.15 14.53
C GLN J 75 -8.19 33.93 15.53
N GLY J 76 -8.15 35.26 15.43
CA GLY J 76 -7.45 36.10 16.38
C GLY J 76 -6.14 36.69 15.87
N GLY J 77 -5.73 36.34 14.66
CA GLY J 77 -4.58 36.92 14.01
C GLY J 77 -4.99 38.02 13.07
N VAL J 78 -4.21 38.19 11.99
CA VAL J 78 -4.52 39.19 10.98
C VAL J 78 -3.82 38.80 9.69
N GLY J 79 -4.43 39.15 8.57
CA GLY J 79 -3.84 38.95 7.26
C GLY J 79 -3.31 40.27 6.73
N VAL J 80 -2.25 40.18 5.93
CA VAL J 80 -1.70 41.31 5.21
C VAL J 80 -1.99 41.08 3.73
N LEU J 81 -2.91 41.86 3.18
CA LEU J 81 -3.33 41.69 1.79
C LEU J 81 -2.17 41.99 0.85
N HIS J 82 -1.94 41.10 -0.11
CA HIS J 82 -0.87 41.30 -1.08
C HIS J 82 -1.20 42.47 -2.01
N ARG J 83 -0.16 43.00 -2.65
CA ARG J 83 -0.28 44.20 -3.47
C ARG J 83 -0.04 43.94 -4.94
N ASN J 84 -0.06 42.68 -5.38
CA ASN J 84 0.11 42.35 -6.79
C ASN J 84 -1.24 42.43 -7.51
N LEU J 85 -1.82 43.62 -7.47
CA LEU J 85 -3.09 43.92 -8.12
C LEU J 85 -3.29 45.43 -8.10
N SER J 86 -4.28 45.90 -8.85
CA SER J 86 -4.50 47.33 -8.96
C SER J 86 -4.85 47.91 -7.60
N ILE J 87 -4.65 49.22 -7.47
CA ILE J 87 -4.96 49.91 -6.21
C ILE J 87 -6.42 49.70 -5.85
N GLU J 88 -7.31 49.86 -6.83
CA GLU J 88 -8.74 49.74 -6.58
C GLU J 88 -9.13 48.30 -6.28
N ASP J 89 -8.44 47.33 -6.87
CA ASP J 89 -8.74 45.94 -6.55
C ASP J 89 -8.29 45.60 -5.13
N GLN J 90 -7.15 46.14 -4.70
CA GLN J 90 -6.69 45.90 -3.34
C GLN J 90 -7.56 46.62 -2.33
N ALA J 91 -7.96 47.86 -2.63
CA ALA J 91 -8.87 48.57 -1.73
C ALA J 91 -10.18 47.82 -1.60
N ASN J 92 -10.65 47.21 -2.70
CA ASN J 92 -11.85 46.39 -2.65
C ASN J 92 -11.65 45.19 -1.75
N GLN J 93 -10.47 44.57 -1.80
CA GLN J 93 -10.17 43.46 -0.89
C GLN J 93 -10.28 43.91 0.55
N VAL J 94 -9.72 45.08 0.86
CA VAL J 94 -9.85 45.64 2.21
C VAL J 94 -11.32 45.78 2.58
N ASP J 95 -12.11 46.39 1.70
CA ASP J 95 -13.53 46.61 1.99
C ASP J 95 -14.24 45.29 2.28
N LEU J 96 -13.92 44.24 1.53
CA LEU J 96 -14.58 42.95 1.76
C LEU J 96 -14.29 42.43 3.17
N VAL J 97 -13.08 42.68 3.68
CA VAL J 97 -12.76 42.23 5.03
C VAL J 97 -13.46 43.11 6.06
N LYS J 98 -13.35 44.42 5.91
CA LYS J 98 -13.90 45.33 6.92
C LYS J 98 -15.41 45.17 7.04
N ARG J 99 -16.09 44.90 5.93
CA ARG J 99 -17.55 44.76 5.91
C ARG J 99 -17.97 43.30 5.89
N SER J 100 -17.20 42.44 6.56
CA SER J 100 -17.53 41.02 6.64
C SER J 100 -18.64 40.77 7.65
N GLU J 101 -18.39 41.14 8.91
CA GLU J 101 -19.39 41.02 9.97
C GLU J 101 -19.27 42.21 10.89
N SER J 102 -20.42 42.77 11.28
CA SER J 102 -20.51 44.00 12.05
C SER J 102 -19.92 45.19 11.32
N GLY J 103 -19.66 45.09 10.02
CA GLY J 103 -19.04 46.18 9.29
C GLY J 103 -19.96 47.10 8.52
N MET J 104 -21.24 46.70 8.38
CA MET J 104 -22.26 47.48 7.61
C MET J 104 -23.19 48.21 8.59
N VAL J 105 -22.93 48.10 9.91
CA VAL J 105 -23.77 48.77 10.97
C VAL J 105 -23.68 50.29 10.80
N ALA J 106 -22.66 50.81 10.10
CA ALA J 106 -22.49 52.26 9.82
C ALA J 106 -22.22 52.52 8.32
N ASN J 107 -22.12 51.49 7.48
CA ASN J 107 -21.81 51.65 6.06
C ASN J 107 -22.43 50.50 5.30
N PRO J 108 -23.75 50.50 5.13
CA PRO J 108 -24.42 49.37 4.50
C PRO J 108 -24.34 49.42 2.98
N ILE J 109 -24.44 48.22 2.38
CA ILE J 109 -24.67 48.16 0.94
C ILE J 109 -26.13 48.49 0.66
N THR J 110 -26.40 48.97 -0.55
CA THR J 110 -27.75 49.31 -0.95
C THR J 110 -27.92 48.96 -2.43
N ILE J 111 -29.17 48.86 -2.87
CA ILE J 111 -29.50 48.63 -4.26
C ILE J 111 -30.73 49.45 -4.60
N HIS J 112 -30.82 49.90 -5.84
CA HIS J 112 -31.97 50.66 -6.27
C HIS J 112 -33.12 49.73 -6.64
N PRO J 113 -34.36 50.18 -6.49
CA PRO J 113 -35.50 49.28 -6.74
C PRO J 113 -35.62 48.84 -8.19
N ASP J 114 -35.01 49.56 -9.14
CA ASP J 114 -35.05 49.19 -10.54
C ASP J 114 -33.94 48.23 -10.94
N ALA J 115 -33.08 47.85 -10.01
CA ALA J 115 -32.02 46.89 -10.29
C ALA J 115 -32.62 45.49 -10.49
N THR J 116 -31.86 44.64 -11.17
CA THR J 116 -32.30 43.28 -11.43
C THR J 116 -31.94 42.36 -10.27
N LEU J 117 -32.62 41.22 -10.23
CA LEU J 117 -32.27 40.20 -9.23
C LEU J 117 -30.82 39.73 -9.43
N GLY J 118 -30.37 39.66 -10.68
CA GLY J 118 -28.98 39.27 -10.91
C GLY J 118 -27.99 40.20 -10.24
N GLU J 119 -28.24 41.51 -10.31
CA GLU J 119 -27.35 42.46 -9.65
C GLU J 119 -27.42 42.34 -8.14
N ALA J 120 -28.63 42.15 -7.60
CA ALA J 120 -28.76 41.99 -6.16
C ALA J 120 -28.04 40.73 -5.70
N ASP J 121 -28.19 39.63 -6.43
CA ASP J 121 -27.55 38.39 -6.06
C ASP J 121 -26.03 38.49 -6.17
N ALA J 122 -25.54 39.22 -7.18
CA ALA J 122 -24.10 39.40 -7.30
C ALA J 122 -23.55 40.17 -6.10
N LEU J 123 -24.30 41.16 -5.62
CA LEU J 123 -23.89 41.90 -4.44
C LEU J 123 -23.90 41.03 -3.19
N CYS J 124 -24.92 40.18 -3.06
CA CYS J 124 -24.96 39.25 -1.93
C CYS J 124 -23.77 38.31 -1.95
N ALA J 125 -23.40 37.81 -3.13
CA ALA J 125 -22.25 36.93 -3.23
C ALA J 125 -20.94 37.67 -2.93
N LYS J 126 -20.85 38.93 -3.36
CA LYS J 126 -19.60 39.66 -3.18
C LYS J 126 -19.27 39.85 -1.70
N PHE J 127 -20.25 40.28 -0.92
CA PHE J 127 -20.04 40.58 0.49
C PHE J 127 -20.43 39.43 1.41
N ARG J 128 -20.89 38.31 0.86
CA ARG J 128 -21.30 37.15 1.64
C ARG J 128 -22.33 37.57 2.70
N ILE J 129 -23.40 38.19 2.19
CA ILE J 129 -24.53 38.63 2.98
C ILE J 129 -25.79 38.22 2.20
N SER J 130 -26.86 37.93 2.93
CA SER J 130 -28.03 37.30 2.33
C SER J 130 -29.16 38.28 2.03
N GLY J 131 -28.85 39.54 1.79
CA GLY J 131 -29.88 40.50 1.45
C GLY J 131 -29.30 41.88 1.27
N VAL J 132 -30.09 42.74 0.65
CA VAL J 132 -29.68 44.11 0.36
C VAL J 132 -30.81 45.08 0.70
N PRO J 133 -30.56 46.10 1.51
CA PRO J 133 -31.55 47.17 1.65
C PRO J 133 -31.79 47.86 0.31
N VAL J 134 -33.06 48.15 0.03
CA VAL J 134 -33.47 48.85 -1.19
C VAL J 134 -33.72 50.30 -0.82
N THR J 135 -33.05 51.22 -1.52
CA THR J 135 -33.17 52.64 -1.23
C THR J 135 -33.36 53.42 -2.53
N ASP J 136 -33.86 54.64 -2.39
CA ASP J 136 -33.92 55.57 -3.51
C ASP J 136 -32.64 56.40 -3.54
N GLY J 137 -32.58 57.36 -4.47
CA GLY J 137 -31.38 58.15 -4.65
C GLY J 137 -30.99 58.99 -3.45
N ALA J 138 -31.94 59.28 -2.57
CA ALA J 138 -31.68 60.06 -1.36
C ALA J 138 -31.38 59.18 -0.16
N GLY J 139 -31.20 57.88 -0.36
CA GLY J 139 -30.95 56.97 0.74
C GLY J 139 -32.17 56.59 1.55
N LYS J 140 -33.37 56.92 1.07
CA LYS J 140 -34.58 56.54 1.78
C LYS J 140 -34.83 55.04 1.65
N LEU J 141 -35.12 54.39 2.77
CA LEU J 141 -35.33 52.95 2.78
C LEU J 141 -36.69 52.63 2.18
N LEU J 142 -36.69 51.81 1.13
CA LEU J 142 -37.93 51.40 0.47
C LEU J 142 -38.34 49.98 0.79
N GLY J 143 -37.39 49.14 1.18
CA GLY J 143 -37.68 47.74 1.43
C GLY J 143 -36.38 46.96 1.56
N ILE J 144 -36.51 45.63 1.48
CA ILE J 144 -35.36 44.75 1.60
C ILE J 144 -35.62 43.51 0.77
N VAL J 145 -34.63 43.09 -0.01
CA VAL J 145 -34.68 41.90 -0.82
C VAL J 145 -33.63 40.93 -0.29
N THR J 146 -34.03 39.70 -0.02
CA THR J 146 -33.14 38.75 0.64
C THR J 146 -33.12 37.43 -0.14
N ASN J 147 -32.23 36.54 0.32
CA ASN J 147 -32.09 35.23 -0.31
C ASN J 147 -33.43 34.52 -0.43
N ARG J 148 -34.25 34.58 0.63
CA ARG J 148 -35.53 33.87 0.59
C ARG J 148 -36.49 34.51 -0.41
N ASP J 149 -36.40 35.84 -0.61
CA ASP J 149 -37.24 36.47 -1.61
C ASP J 149 -36.88 36.03 -3.01
N MET J 150 -35.62 35.66 -3.25
CA MET J 150 -35.18 35.25 -4.58
C MET J 150 -35.09 33.74 -4.73
N ALA J 151 -35.42 32.97 -3.69
CA ALA J 151 -35.11 31.55 -3.69
C ALA J 151 -35.79 30.84 -4.86
N PHE J 152 -37.03 31.21 -5.16
CA PHE J 152 -37.82 30.53 -6.18
C PHE J 152 -37.90 31.31 -7.49
N GLU J 153 -37.11 32.37 -7.65
CA GLU J 153 -37.14 33.17 -8.86
C GLU J 153 -36.23 32.58 -9.92
N THR J 154 -36.73 32.51 -11.16
CA THR J 154 -35.99 31.97 -12.28
C THR J 154 -35.50 33.03 -13.26
N ASP J 155 -36.15 34.18 -13.31
CA ASP J 155 -35.76 35.25 -14.25
C ASP J 155 -34.79 36.17 -13.54
N ARG J 156 -33.53 36.18 -13.99
CA ARG J 156 -32.52 37.01 -13.34
C ARG J 156 -32.61 38.47 -13.76
N SER J 157 -33.45 38.79 -14.75
CA SER J 157 -33.66 40.17 -15.17
C SER J 157 -34.80 40.86 -14.43
N ARG J 158 -35.60 40.11 -13.67
CA ARG J 158 -36.72 40.72 -12.95
C ARG J 158 -36.21 41.79 -11.99
N GLN J 159 -37.04 42.81 -11.80
CA GLN J 159 -36.63 43.95 -10.99
C GLN J 159 -36.82 43.67 -9.50
N VAL J 160 -35.92 44.25 -8.70
CA VAL J 160 -35.93 44.03 -7.26
C VAL J 160 -37.26 44.44 -6.67
N ARG J 161 -37.85 45.54 -7.16
CA ARG J 161 -39.09 46.05 -6.61
C ARG J 161 -40.21 45.01 -6.65
N GLU J 162 -40.13 44.04 -7.58
CA GLU J 162 -41.20 43.08 -7.73
C GLU J 162 -41.19 41.99 -6.67
N VAL J 163 -40.03 41.71 -6.08
CA VAL J 163 -39.92 40.63 -5.11
C VAL J 163 -39.52 41.11 -3.71
N MET J 164 -39.04 42.33 -3.55
CA MET J 164 -38.61 42.80 -2.25
C MET J 164 -39.77 42.86 -1.27
N THR J 165 -39.45 42.78 0.02
CA THR J 165 -40.40 43.11 1.06
C THR J 165 -40.41 44.62 1.25
N PRO J 166 -41.53 45.30 0.96
CA PRO J 166 -41.53 46.76 1.06
C PRO J 166 -41.74 47.26 2.48
N MET J 167 -41.32 48.50 2.72
CA MET J 167 -41.63 49.21 3.95
C MET J 167 -43.15 49.12 4.14
N PRO J 168 -43.66 49.03 5.37
CA PRO J 168 -42.86 49.13 6.61
C PRO J 168 -42.15 47.82 7.00
N LEU J 169 -40.87 47.95 7.32
CA LEU J 169 -40.03 46.84 7.78
C LEU J 169 -39.77 46.99 9.28
N VAL J 170 -39.31 45.90 9.89
CA VAL J 170 -38.77 45.96 11.24
C VAL J 170 -37.41 46.64 11.19
N THR J 171 -37.28 47.81 11.80
CA THR J 171 -36.02 48.61 11.79
C THR J 171 -35.59 48.92 13.23
N GLY J 172 -34.29 49.17 13.46
CA GLY J 172 -33.77 49.54 14.79
C GLY J 172 -33.29 50.99 14.77
N GLN J 173 -32.99 51.58 15.93
CA GLN J 173 -32.47 52.98 16.03
C GLN J 173 -30.98 52.98 15.65
N VAL J 174 -30.40 54.13 15.32
CA VAL J 174 -28.94 54.25 15.02
C VAL J 174 -28.23 54.26 16.37
N GLY J 175 -27.52 53.19 16.76
CA GLY J 175 -26.87 53.05 18.09
C GLY J 175 -27.50 51.93 18.89
N ILE J 176 -28.43 51.16 18.31
CA ILE J 176 -29.10 50.05 18.98
C ILE J 176 -28.07 49.08 19.49
N SER J 177 -28.33 48.50 20.66
CA SER J 177 -27.42 47.55 21.25
C SER J 177 -27.58 46.18 20.61
N GLY J 178 -26.54 45.35 20.76
CA GLY J 178 -26.60 43.99 20.25
C GLY J 178 -27.75 43.22 20.85
N VAL J 179 -27.92 43.30 22.18
CA VAL J 179 -29.01 42.58 22.83
C VAL J 179 -30.36 43.04 22.29
N ASP J 180 -30.50 44.35 22.08
CA ASP J 180 -31.78 44.89 21.60
C ASP J 180 -32.03 44.47 20.16
N ALA J 181 -31.00 44.53 19.31
CA ALA J 181 -31.17 44.12 17.93
C ALA J 181 -31.52 42.64 17.85
N MET J 182 -30.83 41.81 18.64
CA MET J 182 -31.13 40.38 18.65
C MET J 182 -32.56 40.12 19.07
N GLU J 183 -33.05 40.84 20.07
CA GLU J 183 -34.43 40.63 20.51
C GLU J 183 -35.42 40.92 19.39
N LEU J 184 -35.16 41.96 18.59
CA LEU J 184 -36.03 42.27 17.46
C LEU J 184 -36.00 41.14 16.44
N LEU J 185 -34.80 40.62 16.14
CA LEU J 185 -34.69 39.52 15.18
C LEU J 185 -35.43 38.28 15.68
N ARG J 186 -35.27 37.95 16.97
CA ARG J 186 -35.92 36.75 17.51
C ARG J 186 -37.43 36.88 17.50
N ARG J 187 -37.95 38.03 17.98
CA ARG J 187 -39.38 38.19 18.10
C ARG J 187 -40.05 38.10 16.74
N HIS J 188 -39.42 38.65 15.72
CA HIS J 188 -39.97 38.83 14.40
C HIS J 188 -39.58 37.74 13.42
N LYS J 189 -38.83 36.74 13.85
CA LYS J 189 -38.44 35.63 12.98
C LYS J 189 -37.81 36.13 11.68
N ILE J 190 -36.94 37.14 11.80
CA ILE J 190 -36.23 37.69 10.66
C ILE J 190 -34.74 37.64 10.95
N GLU J 191 -33.94 37.83 9.91
CA GLU J 191 -32.48 37.80 10.01
C GLU J 191 -31.83 39.14 9.75
N LYS J 192 -32.59 40.16 9.34
CA LYS J 192 -32.04 41.45 8.98
C LYS J 192 -32.70 42.55 9.80
N LEU J 193 -31.90 43.56 10.18
CA LEU J 193 -32.40 44.73 10.87
C LEU J 193 -31.77 45.99 10.30
N PRO J 194 -32.41 46.61 9.31
CA PRO J 194 -31.92 47.91 8.84
C PRO J 194 -32.02 48.96 9.94
N LEU J 195 -31.05 49.87 9.95
CA LEU J 195 -31.01 50.98 10.90
C LEU J 195 -31.28 52.27 10.14
N VAL J 196 -32.28 53.03 10.60
CA VAL J 196 -32.73 54.24 9.92
C VAL J 196 -32.75 55.39 10.91
N ASP J 197 -32.69 56.60 10.36
CA ASP J 197 -32.82 57.80 11.17
C ASP J 197 -34.29 58.24 11.21
N GLY J 198 -34.54 59.43 11.78
CA GLY J 198 -35.91 59.89 11.95
C GLY J 198 -36.66 60.09 10.65
N ASP J 199 -35.96 60.44 9.58
CA ASP J 199 -36.57 60.67 8.27
C ASP J 199 -36.65 59.41 7.42
N GLY J 200 -36.31 58.25 7.98
CA GLY J 200 -36.33 57.02 7.22
C GLY J 200 -35.15 56.84 6.28
N ILE J 201 -34.07 57.57 6.49
CA ILE J 201 -32.85 57.37 5.72
C ILE J 201 -32.07 56.20 6.31
N LEU J 202 -31.63 55.29 5.45
CA LEU J 202 -30.85 54.15 5.91
C LEU J 202 -29.48 54.59 6.40
N LYS J 203 -29.15 54.24 7.64
CA LYS J 203 -27.86 54.58 8.23
C LYS J 203 -27.00 53.35 8.54
N GLY J 204 -27.58 52.16 8.60
CA GLY J 204 -26.81 50.97 8.94
C GLY J 204 -27.62 49.71 8.66
N LEU J 205 -26.99 48.57 8.92
CA LEU J 205 -27.63 47.29 8.72
C LEU J 205 -27.02 46.27 9.67
N ILE J 206 -27.88 45.57 10.41
CA ILE J 206 -27.48 44.43 11.24
C ILE J 206 -28.13 43.18 10.67
N THR J 207 -27.38 42.09 10.61
CA THR J 207 -27.93 40.80 10.20
C THR J 207 -27.48 39.73 11.17
N VAL J 208 -28.14 38.56 11.08
CA VAL J 208 -27.84 37.44 11.96
C VAL J 208 -26.39 37.02 11.83
N LYS J 209 -25.77 37.27 10.68
CA LYS J 209 -24.36 36.94 10.50
C LYS J 209 -23.49 37.58 11.59
N ASP J 210 -23.82 38.83 11.97
CA ASP J 210 -23.02 39.51 12.98
C ASP J 210 -22.99 38.72 14.28
N PHE J 211 -24.13 38.16 14.68
CA PHE J 211 -24.20 37.42 15.94
C PHE J 211 -23.64 36.01 15.78
N VAL J 212 -23.91 35.37 14.64
CA VAL J 212 -23.40 34.02 14.42
C VAL J 212 -21.88 34.02 14.44
N LYS J 213 -21.27 34.97 13.73
CA LYS J 213 -19.81 34.98 13.62
C LYS J 213 -19.14 35.40 14.92
N ALA J 214 -19.80 36.26 15.70
CA ALA J 214 -19.25 36.63 17.01
C ALA J 214 -19.25 35.44 17.96
N GLU J 215 -20.27 34.58 17.86
CA GLU J 215 -20.34 33.41 18.73
C GLU J 215 -19.39 32.31 18.26
N GLN J 216 -19.26 32.13 16.95
CA GLN J 216 -18.39 31.09 16.43
C GLN J 216 -16.91 31.43 16.62
N TYR J 217 -16.58 32.72 16.61
CA TYR J 217 -15.19 33.19 16.66
C TYR J 217 -15.04 34.20 17.78
N PRO J 218 -15.08 33.75 19.04
CA PRO J 218 -15.04 34.69 20.16
C PRO J 218 -13.70 35.38 20.36
N HIS J 219 -12.64 34.90 19.72
CA HIS J 219 -11.32 35.52 19.82
C HIS J 219 -10.94 36.32 18.58
N ALA J 220 -11.92 36.69 17.75
CA ALA J 220 -11.64 37.47 16.56
C ALA J 220 -10.88 38.74 16.91
N ALA J 221 -9.89 39.07 16.08
CA ALA J 221 -9.14 40.32 16.22
C ALA J 221 -9.89 41.42 15.47
N LYS J 222 -10.30 42.46 16.19
CA LYS J 222 -11.20 43.47 15.64
C LYS J 222 -10.70 44.88 15.95
N ASP J 223 -11.20 45.84 15.17
CA ASP J 223 -10.90 47.25 15.39
C ASP J 223 -11.88 47.83 16.42
N ALA J 224 -11.75 49.13 16.67
CA ALA J 224 -12.57 49.79 17.68
C ALA J 224 -14.05 49.78 17.34
N LYS J 225 -14.41 49.59 16.08
CA LYS J 225 -15.81 49.54 15.68
C LYS J 225 -16.36 48.12 15.68
N GLY J 226 -15.56 47.13 16.09
CA GLY J 226 -16.00 45.75 16.09
C GLY J 226 -15.85 45.04 14.77
N ARG J 227 -15.15 45.62 13.81
CA ARG J 227 -14.92 45.02 12.52
C ARG J 227 -13.58 44.30 12.51
N LEU J 228 -13.49 43.28 11.66
CA LEU J 228 -12.28 42.47 11.59
C LEU J 228 -11.08 43.34 11.21
N LEU J 229 -9.96 43.11 11.89
CA LEU J 229 -8.71 43.79 11.56
C LEU J 229 -8.15 43.26 10.23
N VAL J 230 -7.43 44.13 9.53
CA VAL J 230 -6.76 43.73 8.30
C VAL J 230 -5.63 44.71 8.03
N GLY J 231 -4.53 44.20 7.45
CA GLY J 231 -3.45 45.02 6.97
C GLY J 231 -3.30 44.89 5.46
N ALA J 232 -2.44 45.73 4.90
CA ALA J 232 -2.21 45.70 3.46
C ALA J 232 -0.80 46.14 3.14
N ALA J 233 -0.21 45.51 2.12
CA ALA J 233 1.15 45.83 1.70
C ALA J 233 1.14 46.93 0.66
N VAL J 234 2.18 47.77 0.70
CA VAL J 234 2.48 48.74 -0.34
C VAL J 234 3.97 48.69 -0.60
N GLY J 235 4.37 49.20 -1.76
CA GLY J 235 5.77 49.29 -2.11
C GLY J 235 6.40 50.55 -1.55
N ALA J 236 7.51 50.94 -2.16
CA ALA J 236 8.27 52.14 -1.78
C ALA J 236 8.46 52.94 -3.06
N SER J 237 7.47 53.76 -3.41
CA SER J 237 7.47 54.47 -4.68
C SER J 237 6.36 55.50 -4.71
N PRO J 238 6.35 56.40 -5.70
CA PRO J 238 5.22 57.34 -5.80
C PRO J 238 3.87 56.65 -5.88
N GLU J 239 3.78 55.56 -6.65
CA GLU J 239 2.52 54.82 -6.75
C GLU J 239 2.12 54.28 -5.38
N ALA J 240 3.09 53.84 -4.58
CA ALA J 240 2.77 53.28 -3.27
C ALA J 240 2.10 54.31 -2.38
N LEU J 241 2.42 55.59 -2.56
CA LEU J 241 1.77 56.64 -1.79
C LEU J 241 0.30 56.75 -2.16
N ASP J 242 -0.03 56.70 -3.45
CA ASP J 242 -1.43 56.69 -3.85
C ASP J 242 -2.13 55.44 -3.35
N ARG J 243 -1.47 54.28 -3.45
CA ARG J 243 -2.06 53.05 -2.94
C ARG J 243 -2.36 53.16 -1.45
N ALA J 244 -1.40 53.69 -0.68
CA ALA J 244 -1.59 53.80 0.76
C ALA J 244 -2.83 54.62 1.09
N GLN J 245 -3.00 55.77 0.42
CA GLN J 245 -4.15 56.62 0.71
C GLN J 245 -5.46 55.89 0.40
N ALA J 246 -5.51 55.20 -0.75
CA ALA J 246 -6.71 54.46 -1.11
C ALA J 246 -7.01 53.37 -0.09
N LEU J 247 -5.97 52.67 0.38
CA LEU J 247 -6.19 51.61 1.37
C LEU J 247 -6.65 52.17 2.69
N ALA J 248 -6.10 53.31 3.11
CA ALA J 248 -6.56 53.96 4.33
C ALA J 248 -8.03 54.37 4.21
N GLU J 249 -8.41 54.92 3.05
CA GLU J 249 -9.81 55.31 2.84
C GLU J 249 -10.74 54.11 2.93
N ALA J 250 -10.29 52.94 2.46
CA ALA J 250 -11.11 51.74 2.52
C ALA J 250 -11.21 51.16 3.92
N GLY J 251 -10.44 51.67 4.87
CA GLY J 251 -10.54 51.24 6.25
C GLY J 251 -9.47 50.28 6.71
N VAL J 252 -8.35 50.16 5.99
CA VAL J 252 -7.29 49.27 6.42
C VAL J 252 -6.74 49.77 7.76
N ASP J 253 -6.34 48.81 8.60
CA ASP J 253 -5.88 49.15 9.95
C ASP J 253 -4.39 49.40 10.05
N PHE J 254 -3.59 48.83 9.16
CA PHE J 254 -2.17 49.16 9.11
C PHE J 254 -1.63 48.82 7.74
N LEU J 255 -0.53 49.48 7.39
CA LEU J 255 0.16 49.25 6.14
C LEU J 255 1.50 48.57 6.42
N VAL J 256 1.93 47.75 5.46
CA VAL J 256 3.25 47.13 5.49
C VAL J 256 3.97 47.64 4.24
N VAL J 257 4.97 48.48 4.43
CA VAL J 257 5.84 48.91 3.33
C VAL J 257 6.81 47.76 3.09
N ASP J 258 6.57 46.99 2.04
CA ASP J 258 7.25 45.71 1.81
C ASP J 258 8.34 45.92 0.76
N THR J 259 9.58 45.89 1.21
CA THR J 259 10.74 45.98 0.34
C THR J 259 11.69 44.84 0.69
N SER J 260 12.47 44.40 -0.29
CA SER J 260 13.45 43.36 -0.04
C SER J 260 14.61 43.86 0.81
N HIS J 261 14.99 45.12 0.64
CA HIS J 261 16.09 45.74 1.40
C HIS J 261 15.61 46.96 2.15
N GLY J 262 15.15 46.75 3.39
CA GLY J 262 14.63 47.84 4.20
C GLY J 262 15.67 48.86 4.62
N HIS J 263 16.95 48.54 4.51
CA HIS J 263 18.01 49.47 4.85
C HIS J 263 18.45 50.34 3.67
N ASN J 264 17.75 50.26 2.55
CA ASN J 264 18.03 51.14 1.42
C ASN J 264 17.46 52.52 1.69
N SER J 265 18.26 53.55 1.40
CA SER J 265 17.89 54.91 1.78
C SER J 265 16.60 55.36 1.09
N ASN J 266 16.42 55.00 -0.18
CA ASN J 266 15.20 55.38 -0.88
C ASN J 266 13.99 54.68 -0.26
N ALA J 267 14.14 53.41 0.09
CA ALA J 267 13.05 52.71 0.77
C ALA J 267 12.70 53.39 2.08
N LEU J 268 13.71 53.75 2.87
CA LEU J 268 13.46 54.43 4.14
C LEU J 268 12.74 55.75 3.92
N SER J 269 13.14 56.51 2.90
CA SER J 269 12.50 57.79 2.63
C SER J 269 11.02 57.61 2.31
N TRP J 270 10.68 56.59 1.51
CA TRP J 270 9.28 56.36 1.16
C TRP J 270 8.49 55.90 2.38
N MET J 271 9.12 55.17 3.29
CA MET J 271 8.47 54.82 4.55
C MET J 271 8.07 56.08 5.32
N SER J 272 8.98 57.04 5.42
CA SER J 272 8.67 58.30 6.10
C SER J 272 7.56 59.05 5.40
N LYS J 273 7.65 59.16 4.07
CA LYS J 273 6.62 59.88 3.32
C LYS J 273 5.26 59.21 3.48
N ILE J 274 5.22 57.88 3.35
CA ILE J 274 3.95 57.17 3.48
C ILE J 274 3.41 57.31 4.89
N LYS J 275 4.27 57.15 5.89
CA LYS J 275 3.84 57.29 7.27
C LYS J 275 3.19 58.64 7.51
N SER J 276 3.82 59.71 7.03
CA SER J 276 3.29 61.05 7.28
C SER J 276 2.06 61.36 6.46
N SER J 277 1.73 60.56 5.45
CA SER J 277 0.60 60.83 4.58
C SER J 277 -0.67 60.09 4.99
N VAL J 278 -0.60 59.22 5.99
CA VAL J 278 -1.76 58.51 6.50
C VAL J 278 -1.74 58.61 8.02
N GLY J 279 -2.88 58.32 8.62
CA GLY J 279 -3.01 58.36 10.06
C GLY J 279 -2.94 57.02 10.75
N ILE J 280 -2.79 55.93 10.00
CA ILE J 280 -2.79 54.60 10.56
C ILE J 280 -1.36 54.12 10.73
N ASP J 281 -1.19 53.02 11.45
CA ASP J 281 0.15 52.49 11.68
C ASP J 281 0.78 52.04 10.37
N VAL J 282 2.09 52.22 10.28
CA VAL J 282 2.86 51.81 9.12
C VAL J 282 4.00 50.91 9.58
N VAL J 283 4.03 49.68 9.09
CA VAL J 283 5.09 48.71 9.38
C VAL J 283 6.11 48.77 8.25
N GLY J 284 7.38 48.68 8.60
CA GLY J 284 8.45 48.69 7.62
C GLY J 284 9.30 47.43 7.68
N GLY J 285 9.84 47.05 6.54
CA GLY J 285 10.76 45.93 6.46
C GLY J 285 11.31 45.84 5.05
N ASN J 286 12.18 44.85 4.83
CA ASN J 286 12.63 43.91 5.85
C ASN J 286 14.08 44.21 6.24
N VAL J 287 14.43 43.96 7.49
CA VAL J 287 15.80 44.15 7.97
C VAL J 287 16.22 42.91 8.76
N ALA J 288 17.52 42.87 9.10
CA ALA J 288 18.05 41.72 9.82
C ALA J 288 19.23 42.11 10.71
N THR J 289 19.38 43.39 11.05
CA THR J 289 20.47 43.86 11.87
C THR J 289 19.95 44.89 12.86
N ARG J 290 20.77 45.20 13.87
CA ARG J 290 20.38 46.24 14.82
C ARG J 290 20.29 47.59 14.12
N ASP J 291 21.32 47.93 13.33
CA ASP J 291 21.34 49.24 12.68
C ASP J 291 20.25 49.35 11.62
N GLY J 292 19.91 48.24 10.96
CA GLY J 292 18.79 48.26 10.04
C GLY J 292 17.47 48.50 10.76
N ALA J 293 17.26 47.83 11.89
CA ALA J 293 16.06 48.08 12.67
C ALA J 293 16.01 49.52 13.14
N GLN J 294 17.15 50.05 13.57
CA GLN J 294 17.18 51.44 14.04
C GLN J 294 16.85 52.41 12.92
N ALA J 295 17.32 52.14 11.70
CA ALA J 295 17.00 53.01 10.57
C ALA J 295 15.51 53.01 10.29
N LEU J 296 14.87 51.85 10.38
CA LEU J 296 13.42 51.80 10.21
C LEU J 296 12.73 52.63 11.29
N ILE J 297 13.17 52.47 12.54
CA ILE J 297 12.58 53.22 13.64
C ILE J 297 12.78 54.72 13.44
N ASP J 298 13.99 55.12 13.01
CA ASP J 298 14.26 56.53 12.76
C ASP J 298 13.41 57.08 11.62
N ALA J 299 13.03 56.22 10.67
CA ALA J 299 12.15 56.63 9.59
C ALA J 299 10.71 56.83 10.05
N GLY J 300 10.37 56.39 11.25
CA GLY J 300 9.08 56.67 11.85
C GLY J 300 8.08 55.54 11.87
N VAL J 301 8.50 54.32 11.57
CA VAL J 301 7.55 53.22 11.46
C VAL J 301 7.01 52.84 12.82
N ASP J 302 5.83 52.21 12.81
CA ASP J 302 5.16 51.75 14.02
C ASP J 302 5.41 50.27 14.29
N GLY J 303 6.08 49.58 13.37
CA GLY J 303 6.46 48.20 13.56
C GLY J 303 7.52 47.85 12.53
N ILE J 304 8.31 46.83 12.84
CA ILE J 304 9.36 46.40 11.93
C ILE J 304 9.17 44.92 11.60
N LYS J 305 9.55 44.56 10.38
CA LYS J 305 9.51 43.19 9.91
C LYS J 305 10.94 42.72 9.67
N VAL J 306 11.30 41.57 10.24
CA VAL J 306 12.68 41.11 10.29
C VAL J 306 12.79 39.83 9.48
N GLY J 307 13.75 39.79 8.56
CA GLY J 307 14.00 38.61 7.76
C GLY J 307 14.64 38.96 6.44
N VAL J 308 15.94 38.71 6.31
CA VAL J 308 16.68 38.87 5.07
C VAL J 308 17.52 37.62 4.86
N GLY J 309 17.21 36.87 3.80
CA GLY J 309 17.88 35.63 3.52
C GLY J 309 17.92 34.70 4.72
N PRO J 310 16.76 34.48 5.35
CA PRO J 310 16.73 33.66 6.57
C PRO J 310 16.86 32.16 6.31
N GLY J 311 16.45 31.71 5.13
CA GLY J 311 16.36 30.28 4.85
C GLY J 311 17.64 29.70 4.27
N SER J 312 17.96 28.48 4.71
CA SER J 312 19.13 27.78 4.20
C SER J 312 19.05 27.65 2.67
N ILE J 313 20.14 28.03 2.01
CA ILE J 313 20.25 27.95 0.55
C ILE J 313 18.99 28.52 -0.08
N CYS J 314 18.57 29.69 0.38
CA CYS J 314 17.49 30.44 -0.26
C CYS J 314 18.08 31.38 -1.32
N THR J 315 17.20 32.12 -1.98
CA THR J 315 17.59 32.82 -3.20
C THR J 315 18.63 33.90 -2.94
N THR J 316 18.35 34.81 -1.99
CA THR J 316 19.31 35.89 -1.76
C THR J 316 20.65 35.34 -1.26
N ARG J 317 20.62 34.19 -0.58
CA ARG J 317 21.86 33.58 -0.12
C ARG J 317 22.66 33.00 -1.27
N VAL J 318 21.99 32.28 -2.18
CA VAL J 318 22.71 31.61 -3.26
C VAL J 318 23.14 32.60 -4.31
N VAL J 319 22.26 33.53 -4.68
CA VAL J 319 22.55 34.47 -5.75
C VAL J 319 23.54 35.52 -5.29
N ALA J 320 23.32 36.08 -4.09
CA ALA J 320 24.07 37.25 -3.63
C ALA J 320 24.92 37.00 -2.40
N GLY J 321 24.82 35.82 -1.78
CA GLY J 321 25.60 35.58 -0.58
C GLY J 321 25.15 36.39 0.60
N ILE J 322 23.93 36.93 0.56
CA ILE J 322 23.41 37.82 1.60
C ILE J 322 22.44 37.02 2.46
N GLY J 323 22.57 37.17 3.77
CA GLY J 323 21.59 36.57 4.67
C GLY J 323 21.98 36.63 6.13
N VAL J 324 20.99 36.47 7.01
CA VAL J 324 21.22 36.45 8.45
C VAL J 324 20.38 35.30 9.03
N PRO J 325 21.01 34.33 9.72
CA PRO J 325 20.20 33.32 10.43
C PRO J 325 19.19 34.01 11.33
N GLN J 326 17.96 33.46 11.36
CA GLN J 326 16.81 34.25 11.79
C GLN J 326 16.79 34.52 13.29
N VAL J 327 17.29 33.59 14.10
CA VAL J 327 17.32 33.86 15.53
C VAL J 327 18.23 35.05 15.82
N THR J 328 19.40 35.07 15.20
CA THR J 328 20.30 36.22 15.31
C THR J 328 19.64 37.48 14.76
N ALA J 329 18.98 37.37 13.60
CA ALA J 329 18.33 38.54 13.01
C ALA J 329 17.30 39.13 13.96
N ILE J 330 16.44 38.28 14.53
CA ILE J 330 15.43 38.78 15.46
C ILE J 330 16.09 39.39 16.68
N TYR J 331 17.07 38.68 17.26
CA TYR J 331 17.71 39.17 18.47
C TYR J 331 18.37 40.52 18.24
N GLU J 332 19.14 40.64 17.16
CA GLU J 332 19.84 41.88 16.87
C GLU J 332 18.86 43.02 16.62
N ALA J 333 17.83 42.77 15.81
CA ALA J 333 16.84 43.80 15.55
C ALA J 333 16.10 44.19 16.82
N SER J 334 15.87 43.22 17.71
CA SER J 334 15.14 43.52 18.94
C SER J 334 15.92 44.42 19.87
N LEU J 335 17.25 44.43 19.78
CA LEU J 335 18.03 45.35 20.61
C LEU J 335 17.63 46.79 20.36
N ALA J 336 17.30 47.12 19.10
CA ALA J 336 16.80 48.46 18.78
C ALA J 336 15.31 48.57 19.02
N ALA J 337 14.54 47.54 18.64
CA ALA J 337 13.09 47.66 18.69
C ALA J 337 12.58 47.71 20.11
N ARG J 338 13.12 46.89 21.01
CA ARG J 338 12.63 46.88 22.38
C ARG J 338 12.91 48.20 23.09
N ALA J 339 14.08 48.80 22.83
CA ALA J 339 14.40 50.08 23.44
C ALA J 339 13.46 51.18 22.97
N ALA J 340 12.92 51.07 21.76
CA ALA J 340 12.02 52.07 21.22
C ALA J 340 10.55 51.71 21.41
N GLY J 341 10.26 50.54 21.97
CA GLY J 341 8.88 50.12 22.14
C GLY J 341 8.15 49.79 20.85
N VAL J 342 8.87 49.39 19.82
CA VAL J 342 8.30 49.16 18.49
C VAL J 342 8.18 47.66 18.29
N PRO J 343 6.99 47.12 18.01
CA PRO J 343 6.86 45.67 17.83
C PRO J 343 7.66 45.15 16.65
N LEU J 344 8.06 43.88 16.74
CA LEU J 344 8.94 43.23 15.78
C LEU J 344 8.25 41.99 15.24
N ILE J 345 8.09 41.93 13.92
CA ILE J 345 7.46 40.80 13.24
C ILE J 345 8.56 39.91 12.69
N GLY J 346 8.56 38.65 13.11
CA GLY J 346 9.47 37.67 12.55
C GLY J 346 8.94 37.13 11.25
N ASP J 347 9.69 37.31 10.16
CA ASP J 347 9.25 36.97 8.81
C ASP J 347 10.28 36.07 8.13
N GLY J 348 10.12 34.76 8.30
CA GLY J 348 10.88 33.81 7.52
C GLY J 348 11.66 32.82 8.35
N GLY J 349 12.03 31.70 7.72
CA GLY J 349 12.88 30.71 8.35
C GLY J 349 12.17 29.66 9.18
N LEU J 350 10.85 29.71 9.28
CA LEU J 350 10.13 28.78 10.13
C LEU J 350 10.22 27.35 9.57
N GLN J 351 10.34 26.38 10.47
CA GLN J 351 10.39 24.97 10.08
C GLN J 351 9.59 24.05 10.99
N TYR J 352 9.15 24.51 12.16
CA TYR J 352 8.40 23.71 13.12
C TYR J 352 7.54 24.67 13.93
N SER J 353 6.46 24.14 14.50
CA SER J 353 5.62 24.98 15.35
C SER J 353 6.41 25.48 16.56
N GLY J 354 7.39 24.71 17.01
CA GLY J 354 8.23 25.13 18.10
C GLY J 354 9.07 26.34 17.81
N ASP J 355 9.24 26.68 16.52
CA ASP J 355 10.03 27.86 16.17
C ASP J 355 9.31 29.16 16.49
N ILE J 356 7.98 29.11 16.67
CA ILE J 356 7.25 30.31 17.04
C ILE J 356 7.68 30.79 18.43
N GLY J 357 7.66 29.89 19.40
CA GLY J 357 8.12 30.25 20.73
C GLY J 357 9.56 30.70 20.74
N LYS J 358 10.40 30.08 19.92
CA LYS J 358 11.79 30.51 19.81
C LYS J 358 11.89 31.94 19.33
N ALA J 359 11.10 32.30 18.31
CA ALA J 359 11.15 33.67 17.78
C ALA J 359 10.72 34.67 18.84
N LEU J 360 9.65 34.38 19.57
CA LEU J 360 9.17 35.29 20.61
C LEU J 360 10.19 35.43 21.73
N ALA J 361 10.77 34.32 22.18
CA ALA J 361 11.78 34.39 23.23
C ALA J 361 13.03 35.13 22.75
N ALA J 362 13.30 35.10 21.45
CA ALA J 362 14.44 35.81 20.89
C ALA J 362 14.21 37.31 20.76
N GLY J 363 12.94 37.76 20.85
CA GLY J 363 12.66 39.18 20.83
C GLY J 363 11.52 39.60 19.92
N ALA J 364 10.92 38.65 19.22
CA ALA J 364 9.81 38.98 18.34
C ALA J 364 8.51 39.13 19.12
N ASP J 365 7.62 39.97 18.59
CA ASP J 365 6.27 40.11 19.14
C ASP J 365 5.24 39.28 18.39
N THR J 366 5.43 39.09 17.08
CA THR J 366 4.55 38.25 16.27
C THR J 366 5.39 37.55 15.22
N VAL J 367 4.77 36.61 14.52
CA VAL J 367 5.43 35.82 13.49
C VAL J 367 4.54 35.81 12.25
N MET J 368 5.13 36.06 11.09
CA MET J 368 4.41 36.05 9.82
C MET J 368 4.53 34.67 9.18
N LEU J 369 3.39 34.13 8.76
CA LEU J 369 3.33 32.82 8.13
C LEU J 369 3.17 33.01 6.62
N GLY J 370 3.95 32.25 5.86
CA GLY J 370 3.96 32.43 4.42
C GLY J 370 3.50 31.23 3.61
N SER J 371 4.45 30.63 2.86
CA SER J 371 4.11 29.58 1.90
C SER J 371 3.38 28.42 2.56
N LEU J 372 3.63 28.17 3.84
CA LEU J 372 2.88 27.19 4.63
C LEU J 372 1.39 27.25 4.35
N LEU J 373 0.84 28.47 4.24
CA LEU J 373 -0.59 28.67 4.18
C LEU J 373 -1.13 28.65 2.75
N ALA J 374 -0.27 28.54 1.74
CA ALA J 374 -0.75 28.60 0.37
C ALA J 374 -1.70 27.46 0.05
N GLY J 375 -1.56 26.33 0.73
CA GLY J 375 -2.41 25.19 0.48
C GLY J 375 -3.73 25.18 1.23
N CYS J 376 -3.98 26.17 2.07
CA CYS J 376 -5.20 26.20 2.86
C CYS J 376 -6.39 26.60 1.99
N GLU J 377 -7.57 26.14 2.41
CA GLU J 377 -8.79 26.41 1.64
C GLU J 377 -8.98 27.90 1.40
N GLU J 378 -8.64 28.72 2.39
CA GLU J 378 -8.89 30.16 2.30
C GLU J 378 -7.86 30.90 1.46
N SER J 379 -6.85 30.20 0.93
CA SER J 379 -5.89 30.85 0.06
C SER J 379 -6.53 31.21 -1.28
N PRO J 380 -5.97 32.16 -2.01
CA PRO J 380 -6.62 32.64 -3.24
C PRO J 380 -6.77 31.59 -4.32
N GLY J 381 -5.92 30.57 -4.34
CA GLY J 381 -5.92 29.60 -5.42
C GLY J 381 -7.25 28.86 -5.56
N GLU J 382 -7.40 28.22 -6.71
CA GLU J 382 -8.57 27.40 -6.99
C GLU J 382 -8.29 25.95 -6.57
N LEU J 383 -9.25 25.35 -5.86
CA LEU J 383 -9.12 23.94 -5.49
C LEU J 383 -9.36 23.07 -6.71
N GLN J 384 -8.38 22.25 -7.06
CA GLN J 384 -8.47 21.36 -8.20
C GLN J 384 -8.15 19.93 -7.76
N PHE J 385 -8.70 18.97 -8.51
CA PHE J 385 -8.58 17.55 -8.19
C PHE J 385 -7.78 16.86 -9.29
N ILE J 386 -6.65 16.26 -8.92
CA ILE J 386 -5.85 15.47 -9.83
C ILE J 386 -5.40 14.19 -9.12
N ASN J 387 -6.30 13.23 -8.98
CA ASN J 387 -6.06 12.07 -8.13
C ASN J 387 -6.11 12.49 -6.66
N GLY J 388 -5.43 13.59 -6.34
CA GLY J 388 -5.51 14.23 -5.04
C GLY J 388 -5.93 15.68 -5.20
N LYS J 389 -5.93 16.39 -4.08
CA LYS J 389 -6.39 17.78 -4.04
C LYS J 389 -5.22 18.75 -4.06
N GLN J 390 -5.34 19.80 -4.85
CA GLN J 390 -4.31 20.81 -4.99
C GLN J 390 -4.96 22.18 -5.12
N PHE J 391 -4.17 23.21 -4.82
CA PHE J 391 -4.56 24.59 -5.04
C PHE J 391 -3.81 25.12 -6.26
N LYS J 392 -4.55 25.66 -7.22
CA LYS J 392 -3.94 26.11 -8.47
C LYS J 392 -4.21 27.58 -8.74
N VAL J 437 0.19 23.34 -5.74
CA VAL J 437 0.38 23.34 -4.29
C VAL J 437 -0.61 22.36 -3.64
N PRO J 438 -0.11 21.48 -2.78
CA PRO J 438 -1.00 20.49 -2.17
C PRO J 438 -2.01 21.15 -1.23
N TYR J 439 -3.24 20.65 -1.29
CA TYR J 439 -4.32 21.18 -0.46
C TYR J 439 -4.13 20.73 0.99
N ARG J 440 -4.20 21.69 1.92
CA ARG J 440 -3.96 21.41 3.32
C ARG J 440 -5.24 21.40 4.17
N GLY J 441 -6.36 21.85 3.63
CA GLY J 441 -7.56 21.96 4.41
C GLY J 441 -7.71 23.34 5.03
N PRO J 442 -8.64 23.47 5.97
CA PRO J 442 -8.94 24.81 6.52
C PRO J 442 -7.75 25.40 7.28
N LEU J 443 -7.61 26.72 7.19
CA LEU J 443 -6.59 27.43 7.96
C LEU J 443 -6.67 27.09 9.44
N ALA J 444 -7.90 26.90 9.95
CA ALA J 444 -8.08 26.68 11.38
C ALA J 444 -7.23 25.53 11.89
N ASN J 445 -7.05 24.48 11.08
CA ASN J 445 -6.27 23.34 11.55
C ASN J 445 -4.81 23.72 11.72
N VAL J 446 -4.27 24.52 10.80
CA VAL J 446 -2.88 24.95 10.90
C VAL J 446 -2.68 25.81 12.14
N LEU J 447 -3.57 26.79 12.34
CA LEU J 447 -3.41 27.71 13.46
C LEU J 447 -3.63 27.00 14.80
N HIS J 448 -4.58 26.07 14.85
CA HIS J 448 -4.82 25.35 16.10
C HIS J 448 -3.57 24.59 16.53
N GLN J 449 -2.88 23.95 15.58
CA GLN J 449 -1.66 23.24 15.91
C GLN J 449 -0.53 24.20 16.29
N LEU J 450 -0.41 25.31 15.57
CA LEU J 450 0.66 26.26 15.86
C LEU J 450 0.44 26.93 17.21
N VAL J 451 -0.78 27.38 17.47
CA VAL J 451 -1.08 28.02 18.75
C VAL J 451 -1.01 27.01 19.88
N GLY J 452 -1.49 25.79 19.65
CA GLY J 452 -1.34 24.75 20.64
C GLY J 452 0.12 24.53 21.01
N GLY J 453 0.99 24.47 20.00
CA GLY J 453 2.40 24.34 20.28
C GLY J 453 2.94 25.51 21.09
N LEU J 454 2.57 26.73 20.71
CA LEU J 454 3.05 27.91 21.43
C LEU J 454 2.63 27.86 22.90
N ARG J 455 1.38 27.47 23.16
CA ARG J 455 0.93 27.38 24.55
C ARG J 455 1.77 26.38 25.33
N GLN J 456 2.17 25.29 24.69
CA GLN J 456 3.08 24.34 25.32
C GLN J 456 4.41 25.01 25.67
N THR J 457 4.99 25.74 24.72
CA THR J 457 6.23 26.45 24.97
C THR J 457 6.09 27.36 26.19
N MET J 458 5.01 28.15 26.23
CA MET J 458 4.83 29.11 27.31
C MET J 458 4.65 28.42 28.65
N GLY J 459 3.91 27.30 28.67
CA GLY J 459 3.79 26.54 29.90
C GLY J 459 5.12 26.00 30.39
N TYR J 460 5.94 25.49 29.47
CA TYR J 460 7.24 24.95 29.87
C TYR J 460 8.16 26.06 30.38
N VAL J 461 8.09 27.24 29.75
CA VAL J 461 8.97 28.33 30.12
C VAL J 461 8.47 29.10 31.34
N GLY J 462 7.19 28.98 31.67
CA GLY J 462 6.62 29.72 32.77
C GLY J 462 6.13 31.11 32.40
N ALA J 463 5.97 31.39 31.12
CA ALA J 463 5.54 32.70 30.65
C ALA J 463 4.02 32.72 30.59
N ALA J 464 3.40 33.57 31.44
CA ALA J 464 1.95 33.72 31.42
C ALA J 464 1.48 34.61 30.28
N THR J 465 2.37 35.43 29.72
CA THR J 465 2.05 36.31 28.62
C THR J 465 3.21 36.28 27.64
N ILE J 466 2.95 36.74 26.41
CA ILE J 466 4.00 36.80 25.40
C ILE J 466 5.15 37.67 25.86
N GLU J 467 4.84 38.80 26.50
CA GLU J 467 5.87 39.72 26.97
C GLU J 467 6.84 39.08 27.96
N GLU J 468 6.44 37.99 28.63
CA GLU J 468 7.34 37.30 29.54
C GLU J 468 8.28 36.34 28.81
N MET J 469 8.06 36.08 27.52
CA MET J 469 8.88 35.10 26.81
C MET J 469 10.33 35.55 26.72
N GLU J 470 10.57 36.83 26.44
CA GLU J 470 11.93 37.30 26.23
C GLU J 470 12.77 37.18 27.49
N SER J 471 12.20 37.50 28.65
CA SER J 471 12.95 37.45 29.90
C SER J 471 13.02 36.04 30.47
N LYS J 472 11.92 35.29 30.39
CA LYS J 472 11.87 33.97 31.02
C LYS J 472 12.39 32.86 30.12
N GLY J 473 12.38 33.05 28.80
CA GLY J 473 12.88 32.02 27.90
C GLY J 473 14.39 31.96 27.93
N ARG J 474 14.95 30.85 28.41
CA ARG J 474 16.39 30.61 28.40
C ARG J 474 16.73 29.67 27.25
N PHE J 475 17.78 30.00 26.51
CA PHE J 475 18.19 29.25 25.33
C PHE J 475 19.41 28.39 25.63
N VAL J 476 19.53 27.29 24.87
CA VAL J 476 20.78 26.56 24.74
C VAL J 476 21.04 26.30 23.27
N ARG J 477 22.29 26.41 22.86
CA ARG J 477 22.67 26.02 21.50
C ARG J 477 22.87 24.51 21.48
N ILE J 478 22.65 23.90 20.31
CA ILE J 478 22.88 22.48 20.14
C ILE J 478 23.77 22.28 18.93
N THR J 479 24.46 21.15 18.91
CA THR J 479 25.31 20.79 17.79
C THR J 479 24.47 20.07 16.73
N SER J 480 25.11 19.78 15.59
CA SER J 480 24.42 19.03 14.55
C SER J 480 24.06 17.63 15.02
N ALA J 481 24.72 17.13 16.06
CA ALA J 481 24.40 15.82 16.63
C ALA J 481 23.00 15.83 17.25
N GLY K 10 -39.88 66.24 40.61
CA GLY K 10 -41.00 67.10 40.97
C GLY K 10 -40.97 68.44 40.26
N VAL K 11 -40.34 68.46 39.09
CA VAL K 11 -40.18 69.67 38.31
C VAL K 11 -40.84 69.42 36.94
N PRO K 12 -41.20 70.48 36.24
CA PRO K 12 -41.72 70.28 34.87
C PRO K 12 -40.67 69.66 33.96
N GLU K 13 -41.14 69.01 32.90
CA GLU K 13 -40.22 68.37 31.95
C GLU K 13 -39.22 69.36 31.37
N LYS K 14 -39.63 70.61 31.18
CA LYS K 14 -38.72 71.64 30.68
C LYS K 14 -37.46 71.74 31.51
N PHE K 15 -37.54 71.41 32.80
CA PHE K 15 -36.41 71.55 33.71
C PHE K 15 -35.95 70.21 34.26
N ALA K 16 -36.26 69.11 33.56
CA ALA K 16 -36.02 67.78 34.12
C ALA K 16 -34.54 67.48 34.29
N THR K 17 -33.69 67.98 33.39
CA THR K 17 -32.30 67.57 33.36
C THR K 17 -31.49 68.21 34.49
N LEU K 18 -30.70 67.39 35.17
CA LEU K 18 -29.77 67.85 36.20
C LEU K 18 -28.36 67.78 35.65
N GLY K 19 -27.66 68.90 35.66
CA GLY K 19 -26.27 68.96 35.21
C GLY K 19 -25.32 68.78 36.38
N LEU K 20 -24.25 68.03 36.14
CA LEU K 20 -23.30 67.66 37.18
C LEU K 20 -21.93 68.25 36.88
N THR K 21 -21.30 68.82 37.90
CA THR K 21 -19.93 69.29 37.84
C THR K 21 -19.01 68.27 38.52
N TYR K 22 -17.70 68.55 38.47
CA TYR K 22 -16.74 67.64 39.07
C TYR K 22 -17.01 67.44 40.56
N ASP K 23 -17.29 68.54 41.27
CA ASP K 23 -17.52 68.44 42.72
C ASP K 23 -18.75 67.61 43.04
N ASP K 24 -19.64 67.38 42.06
CA ASP K 24 -20.86 66.65 42.32
C ASP K 24 -20.69 65.14 42.36
N VAL K 25 -19.54 64.62 41.94
CA VAL K 25 -19.39 63.18 41.74
C VAL K 25 -18.06 62.70 42.30
N LEU K 26 -18.00 61.39 42.55
CA LEU K 26 -16.79 60.70 42.94
C LEU K 26 -16.71 59.40 42.17
N LEU K 27 -15.49 58.90 41.99
CA LEU K 27 -15.26 57.60 41.38
C LEU K 27 -15.12 56.54 42.47
N LEU K 28 -15.70 55.37 42.22
CA LEU K 28 -15.61 54.27 43.17
C LEU K 28 -14.32 53.48 42.97
N PRO K 29 -13.75 52.91 44.03
CA PRO K 29 -12.71 51.90 43.86
C PRO K 29 -13.29 50.66 43.21
N GLY K 30 -12.49 50.00 42.36
CA GLY K 30 -12.93 48.81 41.67
C GLY K 30 -11.87 47.72 41.71
N ALA K 31 -12.25 46.55 41.20
CA ALA K 31 -11.29 45.46 41.06
C ALA K 31 -10.10 45.93 40.25
N SER K 32 -8.90 45.70 40.78
CA SER K 32 -7.69 46.19 40.13
C SER K 32 -6.58 45.16 40.24
N ALA K 33 -5.89 44.94 39.11
CA ALA K 33 -4.70 44.10 39.08
C ALA K 33 -3.47 44.90 38.67
N VAL K 34 -3.55 46.23 38.71
CA VAL K 34 -2.52 47.11 38.17
C VAL K 34 -2.23 48.19 39.20
N LEU K 35 -0.96 48.45 39.45
CA LEU K 35 -0.55 49.45 40.41
C LEU K 35 -0.38 50.80 39.73
N PRO K 36 -0.51 51.90 40.48
CA PRO K 36 -0.37 53.23 39.87
C PRO K 36 0.88 53.37 39.01
N ASN K 37 2.02 52.84 39.45
CA ASN K 37 3.26 53.02 38.70
C ASN K 37 3.31 52.19 37.43
N ALA K 38 2.32 51.35 37.16
CA ALA K 38 2.34 50.47 35.99
C ALA K 38 1.27 50.79 34.97
N VAL K 39 0.36 51.73 35.25
CA VAL K 39 -0.67 52.04 34.27
C VAL K 39 -0.05 52.82 33.12
N ASP K 40 -0.75 52.81 31.98
CA ASP K 40 -0.33 53.54 30.79
C ASP K 40 -1.21 54.76 30.64
N THR K 41 -0.60 55.94 30.59
CA THR K 41 -1.33 57.20 30.56
C THR K 41 -1.40 57.82 29.18
N SER K 42 -1.07 57.06 28.13
CA SER K 42 -1.08 57.61 26.78
C SER K 42 -2.52 57.74 26.27
N SER K 43 -2.72 58.70 25.38
CA SER K 43 -4.06 58.99 24.87
C SER K 43 -3.92 59.70 23.53
N ARG K 44 -5.07 60.07 22.96
CA ARG K 44 -5.14 60.76 21.68
C ARG K 44 -5.65 62.18 21.86
N ILE K 45 -4.94 63.14 21.24
CA ILE K 45 -5.47 64.49 21.11
C ILE K 45 -6.57 64.52 20.06
N SER K 46 -6.32 63.88 18.92
CA SER K 46 -7.23 63.85 17.79
C SER K 46 -7.04 62.51 17.10
N ARG K 47 -7.75 62.30 16.00
CA ARG K 47 -7.71 61.00 15.33
C ARG K 47 -6.27 60.52 15.14
N ASN K 48 -5.36 61.41 14.77
CA ASN K 48 -4.02 61.04 14.35
C ASN K 48 -2.92 61.70 15.18
N VAL K 49 -3.22 62.23 16.35
CA VAL K 49 -2.22 62.84 17.21
C VAL K 49 -2.28 62.19 18.58
N ARG K 50 -1.15 61.68 19.05
CA ARG K 50 -1.06 60.93 20.29
C ARG K 50 -0.11 61.61 21.27
N VAL K 51 -0.42 61.48 22.56
CA VAL K 51 0.42 61.98 23.64
C VAL K 51 0.64 60.87 24.66
N ASN K 52 1.65 61.07 25.52
CA ASN K 52 2.01 60.10 26.53
C ASN K 52 1.43 60.41 27.90
N ILE K 53 1.05 61.66 28.14
CA ILE K 53 0.16 62.01 29.27
C ILE K 53 -1.03 62.75 28.67
N PRO K 54 -2.23 62.59 29.21
CA PRO K 54 -3.44 63.10 28.55
C PRO K 54 -3.73 64.56 28.85
N LEU K 55 -2.74 65.43 28.63
CA LEU K 55 -2.83 66.82 29.05
C LEU K 55 -2.33 67.77 27.97
N LEU K 56 -3.05 68.88 27.80
CA LEU K 56 -2.64 69.97 26.92
C LEU K 56 -2.55 71.25 27.74
N SER K 57 -1.72 72.19 27.28
CA SER K 57 -1.72 73.55 27.82
C SER K 57 -2.58 74.43 26.92
N ALA K 58 -3.38 75.31 27.53
CA ALA K 58 -4.40 76.04 26.80
C ALA K 58 -3.80 77.11 25.90
N ALA K 59 -4.56 77.45 24.85
CA ALA K 59 -4.16 78.49 23.90
C ALA K 59 -4.54 79.88 24.41
N MET K 60 -3.97 80.24 25.56
CA MET K 60 -4.15 81.55 26.18
C MET K 60 -2.81 82.27 26.12
N ASP K 61 -2.84 83.59 25.88
CA ASP K 61 -1.60 84.33 25.71
C ASP K 61 -0.83 84.46 27.02
N LYS K 62 -1.45 84.15 28.16
CA LYS K 62 -0.74 84.10 29.42
C LYS K 62 -0.21 82.71 29.75
N VAL K 63 -0.39 81.74 28.86
CA VAL K 63 -0.02 80.37 29.16
C VAL K 63 0.98 79.80 28.16
N THR K 64 0.59 79.68 26.89
CA THR K 64 1.37 78.89 25.93
C THR K 64 1.97 79.70 24.79
N GLU K 65 3.27 79.97 24.90
CA GLU K 65 4.11 80.28 23.76
C GLU K 65 5.14 79.15 23.65
N SER K 66 6.23 79.36 22.92
CA SER K 66 7.09 78.23 22.56
C SER K 66 7.66 77.53 23.79
N ARG K 67 8.09 78.30 24.80
CA ARG K 67 8.72 77.69 25.96
C ARG K 67 7.78 76.75 26.70
N MET K 68 6.52 77.16 26.86
CA MET K 68 5.53 76.27 27.49
C MET K 68 5.26 75.05 26.60
N ALA K 69 5.11 75.27 25.30
CA ALA K 69 4.82 74.15 24.41
C ALA K 69 5.97 73.15 24.41
N ILE K 70 7.21 73.64 24.47
CA ILE K 70 8.36 72.76 24.52
C ILE K 70 8.35 71.92 25.78
N SER K 71 8.10 72.55 26.94
CA SER K 71 8.11 71.80 28.19
C SER K 71 6.96 70.80 28.25
N MET K 72 5.77 71.21 27.80
CA MET K 72 4.64 70.29 27.75
C MET K 72 4.99 69.04 26.94
N ALA K 73 5.55 69.25 25.74
CA ALA K 73 5.86 68.12 24.87
C ALA K 73 6.95 67.23 25.46
N ARG K 74 7.96 67.84 26.09
CA ARG K 74 9.03 67.05 26.70
C ARG K 74 8.50 66.16 27.81
N GLN K 75 7.49 66.62 28.54
CA GLN K 75 6.88 65.83 29.61
C GLN K 75 5.87 64.83 29.07
N GLY K 76 5.61 64.82 27.76
CA GLY K 76 4.72 63.84 27.16
C GLY K 76 3.36 64.37 26.79
N GLY K 77 3.05 65.63 27.10
CA GLY K 77 1.84 66.28 26.68
C GLY K 77 2.04 67.11 25.44
N VAL K 78 1.27 68.19 25.32
CA VAL K 78 1.41 69.07 24.17
C VAL K 78 0.84 70.43 24.53
N GLY K 79 1.41 71.47 23.93
CA GLY K 79 0.90 72.81 24.06
C GLY K 79 0.16 73.24 22.79
N VAL K 80 -0.84 74.09 22.98
CA VAL K 80 -1.54 74.73 21.87
C VAL K 80 -1.16 76.21 21.90
N LEU K 81 -0.37 76.62 20.92
CA LEU K 81 0.11 78.00 20.87
C LEU K 81 -1.05 78.96 20.67
N HIS K 82 -1.10 80.01 21.48
CA HIS K 82 -2.15 81.00 21.38
C HIS K 82 -2.01 81.81 20.08
N ARG K 83 -3.11 82.45 19.70
CA ARG K 83 -3.19 83.16 18.43
C ARG K 83 -3.33 84.67 18.59
N ASN K 84 -3.06 85.19 19.78
CA ASN K 84 -3.11 86.63 20.01
C ASN K 84 -1.77 87.26 19.62
N LEU K 85 -1.44 87.08 18.35
CA LEU K 85 -0.23 87.63 17.75
C LEU K 85 -0.32 87.44 16.25
N SER K 86 0.58 88.10 15.53
CA SER K 86 0.54 88.06 14.08
C SER K 86 0.75 86.63 13.59
N ILE K 87 0.31 86.38 12.35
CA ILE K 87 0.49 85.07 11.74
C ILE K 87 1.97 84.69 11.71
N GLU K 88 2.82 85.65 11.36
CA GLU K 88 4.25 85.39 11.25
C GLU K 88 4.87 85.13 12.62
N ASP K 89 4.38 85.80 13.67
CA ASP K 89 4.91 85.55 15.01
C ASP K 89 4.45 84.20 15.55
N GLN K 90 3.20 83.82 15.26
CA GLN K 90 2.73 82.51 15.69
C GLN K 90 3.46 81.40 14.94
N ALA K 91 3.68 81.59 13.64
CA ALA K 91 4.43 80.61 12.87
C ALA K 91 5.85 80.48 13.40
N ASN K 92 6.44 81.60 13.84
CA ASN K 92 7.77 81.54 14.45
C ASN K 92 7.75 80.71 15.73
N GLN K 93 6.70 80.85 16.53
CA GLN K 93 6.58 80.03 17.74
C GLN K 93 6.55 78.55 17.39
N VAL K 94 5.78 78.18 16.36
CA VAL K 94 5.77 76.79 15.91
C VAL K 94 7.19 76.36 15.57
N ASP K 95 7.89 77.18 14.79
CA ASP K 95 9.25 76.84 14.36
C ASP K 95 10.17 76.60 15.56
N LEU K 96 10.05 77.44 16.58
CA LEU K 96 10.90 77.27 17.77
C LEU K 96 10.65 75.93 18.43
N VAL K 97 9.40 75.47 18.45
CA VAL K 97 9.10 74.18 19.07
C VAL K 97 9.61 73.05 18.18
N LYS K 98 9.31 73.10 16.89
CA LYS K 98 9.70 72.00 16.00
C LYS K 98 11.20 71.83 15.94
N ARG K 99 11.95 72.93 16.00
CA ARG K 99 13.40 72.89 15.91
C ARG K 99 14.10 73.00 17.26
N SER K 100 13.49 72.44 18.31
CA SER K 100 14.10 72.46 19.63
C SER K 100 15.20 71.40 19.74
N GLU K 101 14.84 70.14 19.52
CA GLU K 101 15.78 69.04 19.53
C GLU K 101 15.38 68.07 18.43
N SER K 102 16.37 67.57 17.69
CA SER K 102 16.19 66.74 16.50
C SER K 102 15.45 67.47 15.38
N GLY K 103 15.26 68.77 15.49
CA GLY K 103 14.55 69.51 14.47
C GLY K 103 15.44 70.13 13.41
N MET K 104 16.75 70.05 13.62
CA MET K 104 17.71 70.61 12.69
C MET K 104 18.38 69.55 11.83
N VAL K 105 17.98 68.29 11.98
CA VAL K 105 18.60 67.21 11.21
C VAL K 105 18.37 67.41 9.73
N ALA K 106 17.27 68.04 9.33
CA ALA K 106 16.99 68.29 7.93
C ALA K 106 16.63 69.74 7.64
N ASN K 107 16.69 70.62 8.63
CA ASN K 107 16.42 72.05 8.45
C ASN K 107 17.27 72.85 9.41
N PRO K 108 18.57 73.00 9.13
CA PRO K 108 19.46 73.68 10.08
C PRO K 108 19.37 75.19 9.96
N ILE K 109 19.71 75.87 11.06
CA ILE K 109 19.95 77.30 11.00
C ILE K 109 21.34 77.56 10.39
N THR K 110 21.52 78.74 9.79
CA THR K 110 22.82 79.15 9.18
C THR K 110 23.08 80.63 9.47
N ILE K 111 24.34 81.08 9.46
CA ILE K 111 24.74 82.51 9.68
C ILE K 111 25.71 82.88 8.55
N HIS K 112 25.66 84.10 8.02
CA HIS K 112 26.61 84.57 6.96
C HIS K 112 27.99 84.78 7.58
N PRO K 113 29.13 84.54 6.87
CA PRO K 113 30.46 84.86 7.42
C PRO K 113 30.62 86.38 7.54
N ASP K 114 29.83 87.18 6.80
CA ASP K 114 29.88 88.67 6.85
C ASP K 114 28.97 89.18 7.98
N ALA K 115 28.23 88.30 8.68
CA ALA K 115 27.37 88.67 9.83
C ALA K 115 28.28 89.05 11.00
N THR K 116 27.74 89.48 12.15
CA THR K 116 28.53 89.88 13.35
C THR K 116 28.30 88.85 14.47
N LEU K 117 29.09 88.90 15.56
CA LEU K 117 28.92 88.00 16.68
C LEU K 117 27.62 88.26 17.41
N GLY K 118 27.19 89.52 17.47
CA GLY K 118 25.89 89.81 18.08
C GLY K 118 24.76 89.09 17.39
N GLU K 119 24.79 89.05 16.05
CA GLU K 119 23.75 88.34 15.31
C GLU K 119 23.83 86.84 15.56
N ALA K 120 25.04 86.29 15.61
CA ALA K 120 25.19 84.85 15.87
C ALA K 120 24.66 84.49 17.25
N ASP K 121 25.01 85.28 18.27
CA ASP K 121 24.55 84.98 19.61
C ASP K 121 23.04 85.16 19.73
N ALA K 122 22.47 86.13 19.03
CA ALA K 122 21.01 86.30 19.05
C ALA K 122 20.32 85.09 18.45
N LEU K 123 20.88 84.52 17.37
CA LEU K 123 20.31 83.31 16.79
C LEU K 123 20.47 82.13 17.74
N CYS K 124 21.62 82.02 18.39
CA CYS K 124 21.83 80.95 19.36
C CYS K 124 20.80 81.05 20.49
N ALA K 125 20.56 82.27 20.98
CA ALA K 125 19.57 82.47 22.03
C ALA K 125 18.17 82.18 21.53
N LYS K 126 17.86 82.53 20.28
CA LYS K 126 16.51 82.35 19.76
C LYS K 126 16.13 80.87 19.75
N PHE K 127 17.02 80.04 19.22
CA PHE K 127 16.74 78.61 19.08
C PHE K 127 17.31 77.77 20.21
N ARG K 128 17.91 78.40 21.22
CA ARG K 128 18.51 77.68 22.36
C ARG K 128 19.45 76.60 21.83
N ILE K 129 20.42 77.04 21.03
CA ILE K 129 21.46 76.21 20.45
C ILE K 129 22.77 76.95 20.61
N SER K 130 23.86 76.21 20.76
CA SER K 130 25.13 76.79 21.14
C SER K 130 26.06 77.01 19.95
N GLY K 131 25.52 77.16 18.75
CA GLY K 131 26.35 77.41 17.61
C GLY K 131 25.50 77.44 16.34
N VAL K 132 26.11 78.00 15.30
CA VAL K 132 25.45 78.13 14.00
C VAL K 132 26.41 77.73 12.90
N PRO K 133 26.04 76.82 12.00
CA PRO K 133 26.86 76.60 10.80
C PRO K 133 26.95 77.87 9.96
N VAL K 134 28.16 78.15 9.44
CA VAL K 134 28.40 79.31 8.60
C VAL K 134 28.41 78.85 7.15
N THR K 135 27.58 79.48 6.32
CA THR K 135 27.44 79.09 4.93
C THR K 135 27.47 80.31 4.02
N ASP K 136 27.73 80.07 2.74
CA ASP K 136 27.57 81.10 1.73
C ASP K 136 26.15 81.08 1.17
N GLY K 137 25.90 81.91 0.16
CA GLY K 137 24.57 82.02 -0.42
C GLY K 137 24.06 80.75 -1.07
N ALA K 138 24.96 79.88 -1.53
CA ALA K 138 24.54 78.62 -2.13
C ALA K 138 24.32 77.52 -1.10
N GLY K 139 24.61 77.79 0.17
CA GLY K 139 24.47 76.79 1.22
C GLY K 139 25.71 75.99 1.50
N LYS K 140 26.84 76.32 0.86
CA LYS K 140 28.07 75.58 1.08
C LYS K 140 28.63 75.89 2.46
N LEU K 141 29.04 74.85 3.17
CA LEU K 141 29.54 75.01 4.54
C LEU K 141 30.94 75.61 4.52
N LEU K 142 31.10 76.75 5.20
CA LEU K 142 32.38 77.43 5.32
C LEU K 142 33.04 77.26 6.68
N GLY K 143 32.25 76.92 7.71
CA GLY K 143 32.77 76.83 9.05
C GLY K 143 31.62 76.77 10.03
N ILE K 144 31.96 76.88 11.31
CA ILE K 144 30.96 76.83 12.37
C ILE K 144 31.44 77.70 13.52
N VAL K 145 30.54 78.53 14.05
CA VAL K 145 30.82 79.42 15.17
C VAL K 145 29.94 78.98 16.34
N THR K 146 30.57 78.79 17.50
CA THR K 146 29.89 78.22 18.66
C THR K 146 30.15 79.08 19.89
N ASN K 147 29.45 78.73 20.97
CA ASN K 147 29.61 79.47 22.22
C ASN K 147 31.07 79.55 22.65
N ARG K 148 31.81 78.44 22.52
CA ARG K 148 33.20 78.46 22.97
C ARG K 148 34.05 79.38 22.11
N ASP K 149 33.71 79.53 20.83
CA ASP K 149 34.44 80.44 19.97
C ASP K 149 34.23 81.90 20.38
N MET K 150 33.06 82.21 20.93
CA MET K 150 32.69 83.57 21.29
C MET K 150 32.86 83.84 22.79
N ALA K 151 33.31 82.86 23.55
CA ALA K 151 33.27 82.97 25.01
C ALA K 151 34.06 84.18 25.50
N PHE K 152 35.22 84.44 24.92
CA PHE K 152 36.09 85.50 25.40
C PHE K 152 36.07 86.75 24.52
N GLU K 153 35.11 86.83 23.58
CA GLU K 153 35.02 87.97 22.69
C GLU K 153 34.22 89.09 23.35
N THR K 154 34.72 90.32 23.24
CA THR K 154 34.06 91.47 23.83
C THR K 154 33.37 92.37 22.82
N ASP K 155 33.80 92.36 21.56
CA ASP K 155 33.24 93.21 20.52
C ASP K 155 32.15 92.43 19.78
N ARG K 156 30.90 92.86 19.93
CA ARG K 156 29.80 92.17 19.29
C ARG K 156 29.66 92.52 17.81
N SER K 157 30.43 93.49 17.32
CA SER K 157 30.40 93.85 15.91
C SER K 157 31.41 93.06 15.10
N ARG K 158 32.31 92.33 15.76
CA ARG K 158 33.30 91.54 15.05
C ARG K 158 32.61 90.54 14.14
N GLN K 159 33.24 90.22 13.00
CA GLN K 159 32.62 89.31 11.99
C GLN K 159 32.68 87.85 12.47
N VAL K 160 31.73 87.01 12.07
CA VAL K 160 31.69 85.56 12.45
C VAL K 160 32.91 84.87 11.82
N ARG K 161 33.29 85.24 10.60
CA ARG K 161 34.42 84.59 9.87
C ARG K 161 35.74 84.76 10.63
N GLU K 162 35.87 85.76 11.51
CA GLU K 162 37.14 86.05 12.24
C GLU K 162 37.29 85.16 13.47
N VAL K 163 36.21 84.64 14.06
CA VAL K 163 36.25 83.82 15.32
C VAL K 163 35.77 82.39 15.07
N MET K 164 35.21 82.06 13.90
CA MET K 164 34.61 80.73 13.64
C MET K 164 35.69 79.68 13.35
N THR K 165 35.42 78.39 13.56
CA THR K 165 36.32 77.32 13.15
C THR K 165 36.07 77.03 11.68
N PRO K 166 37.05 77.25 10.79
CA PRO K 166 36.80 77.03 9.36
C PRO K 166 36.90 75.57 8.96
N MET K 167 36.32 75.28 7.80
CA MET K 167 36.54 73.97 7.17
C MET K 167 38.04 73.75 6.98
N PRO K 168 38.50 72.49 7.03
CA PRO K 168 37.67 71.29 7.16
C PRO K 168 37.17 71.03 8.58
N LEU K 169 35.87 70.72 8.68
CA LEU K 169 35.23 70.40 9.94
C LEU K 169 34.95 68.91 10.00
N VAL K 170 34.70 68.42 11.21
CA VAL K 170 34.14 67.07 11.38
C VAL K 170 32.68 67.14 10.94
N THR K 171 32.33 66.37 9.92
CA THR K 171 30.98 66.38 9.39
C THR K 171 30.48 64.95 9.27
N GLY K 172 29.15 64.83 9.06
CA GLY K 172 28.53 63.56 8.81
C GLY K 172 27.75 63.58 7.51
N GLN K 173 27.35 62.40 7.07
CA GLN K 173 26.53 62.25 5.89
C GLN K 173 25.06 62.37 6.23
N VAL K 174 24.26 62.82 5.26
CA VAL K 174 22.82 62.73 5.40
C VAL K 174 22.45 61.28 5.70
N GLY K 175 21.58 61.10 6.69
CA GLY K 175 21.14 59.77 7.07
C GLY K 175 22.00 59.10 8.11
N ILE K 176 23.06 59.77 8.59
CA ILE K 176 23.91 59.19 9.62
C ILE K 176 23.05 58.81 10.81
N SER K 177 23.39 57.68 11.44
CA SER K 177 22.66 57.18 12.59
C SER K 177 23.07 57.90 13.86
N GLY K 178 22.22 57.80 14.88
CA GLY K 178 22.55 58.35 16.18
C GLY K 178 23.84 57.78 16.74
N VAL K 179 23.99 56.45 16.66
CA VAL K 179 25.18 55.80 17.19
C VAL K 179 26.43 56.31 16.48
N ASP K 180 26.37 56.43 15.15
CA ASP K 180 27.53 56.89 14.39
C ASP K 180 27.80 58.37 14.64
N ALA K 181 26.76 59.20 14.71
CA ALA K 181 26.98 60.60 15.00
C ALA K 181 27.59 60.78 16.38
N MET K 182 27.10 60.05 17.38
CA MET K 182 27.65 60.15 18.72
C MET K 182 29.11 59.74 18.75
N GLU K 183 29.47 58.68 18.02
CA GLU K 183 30.86 58.24 18.00
C GLU K 183 31.77 59.33 17.46
N LEU K 184 31.33 60.08 16.44
CA LEU K 184 32.13 61.22 15.88
C LEU K 184 32.28 62.28 16.97
N LEU K 185 31.20 62.66 17.65
CA LEU K 185 31.22 63.71 18.72
C LEU K 185 32.12 63.23 19.87
N ARG K 186 32.19 61.91 20.12
CA ARG K 186 33.00 61.34 21.25
C ARG K 186 34.49 61.35 20.86
N ARG K 187 34.84 60.88 19.66
CA ARG K 187 36.26 60.74 19.24
C ARG K 187 36.91 62.14 19.08
N HIS K 188 36.17 63.14 18.56
CA HIS K 188 36.70 64.50 18.28
C HIS K 188 36.41 65.45 19.46
N LYS K 189 35.76 64.99 20.52
CA LYS K 189 35.47 65.84 21.74
C LYS K 189 34.80 67.13 21.29
N ILE K 190 33.83 67.07 20.36
CA ILE K 190 33.07 68.22 19.89
C ILE K 190 31.61 67.94 20.20
N GLU K 191 30.80 68.99 20.12
CA GLU K 191 29.38 68.87 20.41
C GLU K 191 28.50 69.08 19.19
N LYS K 192 29.07 69.42 18.03
CA LYS K 192 28.30 69.72 16.83
C LYS K 192 28.75 68.81 15.69
N LEU K 193 27.78 68.39 14.88
CA LEU K 193 28.05 67.58 13.69
C LEU K 193 27.21 68.09 12.53
N PRO K 194 27.76 69.00 11.71
CA PRO K 194 27.06 69.39 10.48
C PRO K 194 26.93 68.20 9.54
N LEU K 195 25.82 68.15 8.81
CA LEU K 195 25.56 67.13 7.80
C LEU K 195 25.60 67.78 6.42
N VAL K 196 26.44 67.24 5.54
CA VAL K 196 26.66 67.82 4.22
C VAL K 196 26.47 66.74 3.17
N ASP K 197 26.19 67.19 1.94
CA ASP K 197 26.15 66.29 0.80
C ASP K 197 27.52 66.24 0.13
N GLY K 198 27.61 65.55 -1.01
CA GLY K 198 28.89 65.35 -1.66
C GLY K 198 29.57 66.64 -2.10
N ASP K 199 28.78 67.67 -2.40
CA ASP K 199 29.32 68.94 -2.85
C ASP K 199 29.58 69.90 -1.70
N GLY K 200 29.44 69.44 -0.46
CA GLY K 200 29.67 70.28 0.70
C GLY K 200 28.57 71.26 1.01
N ILE K 201 27.36 71.04 0.48
CA ILE K 201 26.21 71.85 0.84
C ILE K 201 25.66 71.37 2.17
N LEU K 202 25.41 72.32 3.08
CA LEU K 202 24.87 71.97 4.39
C LEU K 202 23.45 71.46 4.24
N LYS K 203 23.19 70.25 4.76
CA LYS K 203 21.86 69.66 4.70
C LYS K 203 21.20 69.52 6.06
N GLY K 204 21.97 69.53 7.15
CA GLY K 204 21.38 69.33 8.45
C GLY K 204 22.39 69.56 9.55
N LEU K 205 21.93 69.40 10.78
CA LEU K 205 22.82 69.59 11.93
C LEU K 205 22.35 68.73 13.09
N ILE K 206 23.30 67.99 13.66
CA ILE K 206 23.12 67.27 14.92
C ILE K 206 24.00 67.94 15.95
N THR K 207 23.47 68.12 17.15
CA THR K 207 24.24 68.64 18.27
C THR K 207 24.00 67.75 19.49
N VAL K 208 24.87 67.91 20.49
CA VAL K 208 24.75 67.11 21.70
C VAL K 208 23.39 67.31 22.35
N LYS K 209 22.75 68.45 22.12
CA LYS K 209 21.42 68.70 22.67
C LYS K 209 20.44 67.62 22.28
N ASP K 210 20.52 67.13 21.04
CA ASP K 210 19.61 66.08 20.60
C ASP K 210 19.71 64.86 21.49
N PHE K 211 20.94 64.49 21.88
CA PHE K 211 21.11 63.30 22.71
C PHE K 211 20.76 63.57 24.16
N VAL K 212 21.15 64.74 24.68
CA VAL K 212 20.87 65.07 26.07
C VAL K 212 19.37 65.12 26.32
N LYS K 213 18.63 65.80 25.44
CA LYS K 213 17.20 65.97 25.67
C LYS K 213 16.45 64.66 25.49
N ALA K 214 16.92 63.79 24.60
CA ALA K 214 16.28 62.49 24.43
C ALA K 214 16.43 61.67 25.71
N GLU K 215 17.57 61.79 26.39
CA GLU K 215 17.79 61.05 27.62
C GLU K 215 17.06 61.67 28.80
N GLN K 216 17.05 63.01 28.89
CA GLN K 216 16.41 63.66 30.03
C GLN K 216 14.89 63.55 29.98
N TYR K 217 14.32 63.49 28.78
CA TYR K 217 12.86 63.50 28.59
C TYR K 217 12.49 62.30 27.74
N PRO K 218 12.61 61.10 28.30
CA PRO K 218 12.37 59.88 27.51
C PRO K 218 10.91 59.68 27.14
N HIS K 219 9.98 60.40 27.76
CA HIS K 219 8.56 60.28 27.45
C HIS K 219 8.05 61.44 26.60
N ALA K 220 8.96 62.18 25.96
CA ALA K 220 8.56 63.29 25.12
C ALA K 220 7.55 62.85 24.06
N ALA K 221 6.56 63.69 23.81
CA ALA K 221 5.61 63.47 22.73
C ALA K 221 6.19 64.08 21.45
N LYS K 222 6.40 63.25 20.44
CA LYS K 222 7.13 63.65 19.25
C LYS K 222 6.38 63.19 18.00
N ASP K 223 6.69 63.83 16.88
CA ASP K 223 6.13 63.44 15.60
C ASP K 223 6.96 62.31 14.99
N ALA K 224 6.59 61.88 13.79
CA ALA K 224 7.27 60.75 13.16
C ALA K 224 8.73 61.04 12.85
N LYS K 225 9.12 62.31 12.77
CA LYS K 225 10.51 62.66 12.53
C LYS K 225 11.31 62.87 13.81
N GLY K 226 10.72 62.62 14.96
CA GLY K 226 11.40 62.79 16.22
C GLY K 226 11.41 64.20 16.77
N ARG K 227 10.61 65.09 16.22
CA ARG K 227 10.53 66.47 16.70
C ARG K 227 9.37 66.60 17.68
N LEU K 228 9.49 67.55 18.60
CA LEU K 228 8.46 67.76 19.60
C LEU K 228 7.14 68.11 18.92
N LEU K 229 6.06 67.49 19.41
CA LEU K 229 4.73 67.82 18.93
C LEU K 229 4.32 69.21 19.41
N VAL K 230 3.46 69.86 18.62
CA VAL K 230 2.91 71.15 19.00
C VAL K 230 1.61 71.37 18.23
N GLY K 231 0.66 72.04 18.88
CA GLY K 231 -0.55 72.49 18.22
C GLY K 231 -0.61 74.01 18.21
N ALA K 232 -1.59 74.54 17.48
CA ALA K 232 -1.75 75.99 17.40
C ALA K 232 -3.22 76.32 17.17
N ALA K 233 -3.65 77.42 17.77
CA ALA K 233 -5.04 77.87 17.67
C ALA K 233 -5.23 78.78 16.47
N VAL K 234 -6.42 78.68 15.86
CA VAL K 234 -6.86 79.59 14.82
C VAL K 234 -8.30 79.98 15.13
N GLY K 235 -8.73 81.10 14.55
CA GLY K 235 -10.10 81.56 14.66
C GLY K 235 -11.02 80.93 13.63
N ALA K 236 -12.15 81.60 13.41
CA ALA K 236 -13.16 81.19 12.44
C ALA K 236 -13.42 82.40 11.55
N SER K 237 -12.59 82.59 10.52
CA SER K 237 -12.63 83.79 9.70
C SER K 237 -11.72 83.62 8.50
N PRO K 238 -11.79 84.51 7.50
CA PRO K 238 -10.82 84.43 6.39
C PRO K 238 -9.38 84.48 6.86
N GLU K 239 -9.08 85.35 7.84
CA GLU K 239 -7.73 85.45 8.37
C GLU K 239 -7.28 84.12 8.96
N ALA K 240 -8.20 83.41 9.62
CA ALA K 240 -7.85 82.12 10.22
C ALA K 240 -7.41 81.12 9.15
N LEU K 241 -7.97 81.23 7.94
CA LEU K 241 -7.57 80.31 6.87
C LEU K 241 -6.13 80.57 6.44
N ASP K 242 -5.74 81.84 6.30
CA ASP K 242 -4.35 82.16 6.00
C ASP K 242 -3.44 81.75 7.15
N ARG K 243 -3.88 81.99 8.39
CA ARG K 243 -3.10 81.58 9.55
C ARG K 243 -2.86 80.08 9.54
N ALA K 244 -3.90 79.29 9.24
CA ALA K 244 -3.76 77.84 9.24
C ALA K 244 -2.65 77.38 8.28
N GLN K 245 -2.65 77.91 7.06
CA GLN K 245 -1.64 77.50 6.09
C GLN K 245 -0.24 77.88 6.57
N ALA K 246 -0.06 79.09 7.10
CA ALA K 246 1.25 79.49 7.60
C ALA K 246 1.71 78.57 8.72
N LEU K 247 0.79 78.19 9.62
CA LEU K 247 1.16 77.30 10.71
C LEU K 247 1.48 75.90 10.20
N ALA K 248 0.70 75.40 9.25
CA ALA K 248 1.01 74.09 8.67
C ALA K 248 2.36 74.09 7.99
N GLU K 249 2.68 75.14 7.25
CA GLU K 249 3.98 75.23 6.58
C GLU K 249 5.11 75.21 7.58
N ALA K 250 4.92 75.85 8.74
CA ALA K 250 5.95 75.87 9.77
C ALA K 250 6.09 74.54 10.49
N GLY K 251 5.21 73.58 10.24
CA GLY K 251 5.33 72.26 10.81
C GLY K 251 4.43 71.95 11.98
N VAL K 252 3.37 72.74 12.19
CA VAL K 252 2.47 72.46 13.31
C VAL K 252 1.80 71.11 13.07
N ASP K 253 1.53 70.39 14.16
CA ASP K 253 1.00 69.04 14.06
C ASP K 253 -0.52 68.97 14.07
N PHE K 254 -1.19 69.96 14.66
CA PHE K 254 -2.65 70.02 14.59
C PHE K 254 -3.08 71.46 14.86
N LEU K 255 -4.27 71.78 14.37
CA LEU K 255 -4.89 73.07 14.58
C LEU K 255 -6.09 72.93 15.51
N VAL K 256 -6.36 73.97 16.27
CA VAL K 256 -7.56 74.07 17.10
C VAL K 256 -8.32 75.30 16.65
N VAL K 257 -9.49 75.10 16.05
CA VAL K 257 -10.36 76.22 15.69
C VAL K 257 -11.11 76.63 16.96
N ASP K 258 -10.70 77.76 17.54
CA ASP K 258 -11.13 78.17 18.88
C ASP K 258 -12.20 79.24 18.79
N THR K 259 -13.43 78.88 19.12
CA THR K 259 -14.55 79.82 19.19
C THR K 259 -15.27 79.62 20.52
N SER K 260 -15.91 80.69 20.99
CA SER K 260 -16.68 80.59 22.23
C SER K 260 -17.93 79.75 22.03
N HIS K 261 -18.55 79.82 20.85
CA HIS K 261 -19.76 79.08 20.53
C HIS K 261 -19.52 78.19 19.31
N GLY K 262 -19.04 76.98 19.56
CA GLY K 262 -18.74 76.07 18.47
C GLY K 262 -19.95 75.60 17.69
N HIS K 263 -21.15 75.79 18.23
CA HIS K 263 -22.38 75.41 17.55
C HIS K 263 -22.94 76.53 16.68
N ASN K 264 -22.22 77.63 16.52
CA ASN K 264 -22.64 78.69 15.62
C ASN K 264 -22.38 78.27 14.17
N SER K 265 -23.36 78.52 13.30
CA SER K 265 -23.30 77.99 11.95
C SER K 265 -22.09 78.51 11.19
N ASN K 266 -21.77 79.80 11.35
CA ASN K 266 -20.62 80.34 10.65
C ASN K 266 -19.31 79.73 11.16
N ALA K 267 -19.19 79.55 12.48
CA ALA K 267 -18.02 78.89 13.03
C ALA K 267 -17.87 77.48 12.47
N LEU K 268 -18.97 76.73 12.44
CA LEU K 268 -18.91 75.37 11.90
C LEU K 268 -18.47 75.38 10.44
N SER K 269 -18.98 76.33 9.66
CA SER K 269 -18.61 76.40 8.25
C SER K 269 -17.12 76.61 8.08
N TRP K 270 -16.53 77.47 8.92
CA TRP K 270 -15.09 77.72 8.84
C TRP K 270 -14.28 76.52 9.29
N MET K 271 -14.76 75.73 10.26
CA MET K 271 -14.05 74.52 10.62
C MET K 271 -13.92 73.57 9.43
N SER K 272 -15.02 73.37 8.69
CA SER K 272 -14.96 72.54 7.50
C SER K 272 -13.99 73.12 6.48
N LYS K 273 -14.07 74.43 6.27
CA LYS K 273 -13.21 75.10 5.29
C LYS K 273 -11.74 74.96 5.68
N ILE K 274 -11.42 75.20 6.95
CA ILE K 274 -10.04 75.07 7.40
C ILE K 274 -9.58 73.63 7.31
N LYS K 275 -10.42 72.70 7.78
CA LYS K 275 -10.06 71.29 7.75
C LYS K 275 -9.72 70.83 6.34
N SER K 276 -10.54 71.22 5.36
CA SER K 276 -10.31 70.77 3.99
C SER K 276 -9.12 71.43 3.32
N SER K 277 -8.60 72.52 3.90
CA SER K 277 -7.51 73.27 3.28
C SER K 277 -6.14 72.85 3.80
N VAL K 278 -6.07 71.97 4.80
CA VAL K 278 -4.81 71.51 5.34
C VAL K 278 -4.84 69.99 5.43
N GLY K 279 -3.66 69.41 5.57
CA GLY K 279 -3.51 67.98 5.67
C GLY K 279 -3.33 67.46 7.07
N ILE K 280 -3.30 68.35 8.07
CA ILE K 280 -3.08 67.96 9.44
C ILE K 280 -4.42 67.93 10.17
N ASP K 281 -4.42 67.33 11.36
CA ASP K 281 -5.65 67.23 12.14
C ASP K 281 -6.13 68.61 12.54
N VAL K 282 -7.45 68.77 12.59
CA VAL K 282 -8.08 70.02 13.00
C VAL K 282 -9.07 69.71 14.11
N VAL K 283 -8.88 70.33 15.28
CA VAL K 283 -9.78 70.19 16.41
C VAL K 283 -10.71 71.38 16.42
N GLY K 284 -11.98 71.14 16.76
CA GLY K 284 -12.97 72.20 16.84
C GLY K 284 -13.59 72.31 18.21
N GLY K 285 -14.00 73.52 18.57
CA GLY K 285 -14.71 73.76 19.80
C GLY K 285 -15.15 75.21 19.86
N ASN K 286 -15.81 75.58 20.97
CA ASN K 286 -16.14 74.69 22.07
C ASN K 286 -17.62 74.35 22.09
N VAL K 287 -17.96 73.13 22.54
CA VAL K 287 -19.35 72.71 22.68
C VAL K 287 -19.54 72.08 24.06
N ALA K 288 -20.81 71.84 24.41
CA ALA K 288 -21.13 71.27 25.70
C ALA K 288 -22.41 70.43 25.65
N THR K 289 -22.83 69.99 24.47
CA THR K 289 -24.04 69.20 24.31
C THR K 289 -23.75 68.08 23.32
N ARG K 290 -24.62 67.09 23.29
CA ARG K 290 -24.48 66.03 22.30
C ARG K 290 -24.67 66.59 20.89
N ASP K 291 -25.71 67.38 20.67
CA ASP K 291 -25.98 67.90 19.33
C ASP K 291 -24.89 68.86 18.88
N GLY K 292 -24.29 69.60 19.81
CA GLY K 292 -23.16 70.44 19.46
C GLY K 292 -21.96 69.62 19.03
N ALA K 293 -21.65 68.56 19.78
CA ALA K 293 -20.55 67.68 19.39
C ALA K 293 -20.81 67.04 18.04
N GLN K 294 -22.04 66.60 17.79
CA GLN K 294 -22.36 65.98 16.50
C GLN K 294 -22.19 66.98 15.36
N ALA K 295 -22.55 68.24 15.58
CA ALA K 295 -22.35 69.26 14.55
C ALA K 295 -20.87 69.46 14.23
N LEU K 296 -20.02 69.48 15.26
CA LEU K 296 -18.58 69.57 15.01
C LEU K 296 -18.11 68.36 14.20
N ILE K 297 -18.56 67.16 14.57
CA ILE K 297 -18.16 65.96 13.85
C ILE K 297 -18.64 66.03 12.40
N ASP K 298 -19.89 66.46 12.19
CA ASP K 298 -20.42 66.57 10.83
C ASP K 298 -19.63 67.61 10.03
N ALA K 299 -19.05 68.61 10.70
CA ALA K 299 -18.22 69.57 10.00
C ALA K 299 -16.87 68.99 9.60
N GLY K 300 -16.50 67.84 10.14
CA GLY K 300 -15.33 67.11 9.70
C GLY K 300 -14.13 67.18 10.60
N VAL K 301 -14.28 67.66 11.84
CA VAL K 301 -13.12 67.82 12.71
C VAL K 301 -12.59 66.46 13.15
N ASP K 302 -11.32 66.45 13.55
CA ASP K 302 -10.65 65.25 14.02
C ASP K 302 -10.63 65.14 15.53
N GLY K 303 -11.10 66.16 16.23
CA GLY K 303 -11.25 66.13 17.67
C GLY K 303 -12.16 67.26 18.07
N ILE K 304 -12.78 67.12 19.24
CA ILE K 304 -13.68 68.15 19.74
C ILE K 304 -13.18 68.62 21.10
N LYS K 305 -13.41 69.89 21.40
CA LYS K 305 -13.08 70.50 22.67
C LYS K 305 -14.38 70.88 23.37
N VAL K 306 -14.51 70.48 24.63
CA VAL K 306 -15.77 70.58 25.36
C VAL K 306 -15.62 71.54 26.52
N GLY K 307 -16.53 72.50 26.61
CA GLY K 307 -16.53 73.44 27.71
C GLY K 307 -17.19 74.76 27.34
N VAL K 308 -18.41 74.98 27.82
CA VAL K 308 -19.11 76.24 27.67
C VAL K 308 -19.68 76.59 29.04
N GLY K 309 -19.17 77.68 29.62
CA GLY K 309 -19.55 78.09 30.96
C GLY K 309 -19.41 76.99 31.99
N PRO K 310 -18.24 76.34 32.04
CA PRO K 310 -18.09 75.22 32.99
C PRO K 310 -17.92 75.65 34.43
N GLY K 311 -17.43 76.86 34.68
CA GLY K 311 -17.07 77.27 36.03
C GLY K 311 -18.22 77.95 36.77
N SER K 312 -18.31 77.65 38.07
CA SER K 312 -19.30 78.30 38.92
C SER K 312 -19.14 79.81 38.85
N ILE K 313 -20.25 80.50 38.59
CA ILE K 313 -20.27 81.95 38.51
C ILE K 313 -19.11 82.47 37.67
N CYS K 314 -18.93 81.89 36.48
CA CYS K 314 -18.00 82.42 35.50
C CYS K 314 -18.73 83.41 34.61
N THR K 315 -18.02 83.98 33.64
CA THR K 315 -18.53 85.16 32.94
C THR K 315 -19.79 84.83 32.14
N THR K 316 -19.74 83.80 31.30
CA THR K 316 -20.89 83.49 30.47
C THR K 316 -22.10 83.13 31.31
N ARG K 317 -21.88 82.55 32.49
CA ARG K 317 -23.01 82.23 33.37
C ARG K 317 -23.64 83.50 33.94
N VAL K 318 -22.82 84.43 34.42
CA VAL K 318 -23.34 85.62 35.09
C VAL K 318 -23.91 86.60 34.08
N VAL K 319 -23.19 86.84 32.98
CA VAL K 319 -23.62 87.83 32.00
C VAL K 319 -24.82 87.32 31.21
N ALA K 320 -24.76 86.06 30.76
CA ALA K 320 -25.72 85.53 29.81
C ALA K 320 -26.56 84.38 30.33
N GLY K 321 -26.28 83.85 31.53
CA GLY K 321 -27.03 82.73 32.02
C GLY K 321 -26.77 81.45 31.26
N ILE K 322 -25.67 81.38 30.51
CA ILE K 322 -25.36 80.25 29.65
C ILE K 322 -24.27 79.42 30.32
N GLY K 323 -24.45 78.10 30.34
CA GLY K 323 -23.43 77.20 30.83
C GLY K 323 -23.87 75.77 30.99
N VAL K 324 -22.91 74.85 31.06
CA VAL K 324 -23.17 73.43 31.29
C VAL K 324 -22.17 72.90 32.31
N PRO K 325 -22.61 72.35 33.44
CA PRO K 325 -21.67 71.68 34.33
C PRO K 325 -20.83 70.66 33.57
N GLN K 326 -19.53 70.61 33.88
CA GLN K 326 -18.57 70.05 32.93
C GLN K 326 -18.67 68.53 32.83
N VAL K 327 -19.03 67.84 33.92
CA VAL K 327 -19.17 66.39 33.82
C VAL K 327 -20.30 66.05 32.86
N THR K 328 -21.44 66.73 33.01
CA THR K 328 -22.54 66.56 32.06
C THR K 328 -22.12 66.95 30.64
N ALA K 329 -21.40 68.06 30.51
CA ALA K 329 -20.96 68.49 29.18
C ALA K 329 -20.11 67.42 28.52
N ILE K 330 -19.13 66.89 29.24
CA ILE K 330 -18.26 65.87 28.67
C ILE K 330 -19.06 64.63 28.31
N TYR K 331 -19.91 64.18 29.23
CA TYR K 331 -20.67 62.94 28.99
C TYR K 331 -21.56 63.09 27.76
N GLU K 332 -22.32 64.18 27.69
CA GLU K 332 -23.23 64.36 26.56
C GLU K 332 -22.47 64.45 25.24
N ALA K 333 -21.38 65.23 25.22
CA ALA K 333 -20.59 65.32 24.00
C ALA K 333 -19.99 63.98 23.64
N SER K 334 -19.67 63.13 24.63
CA SER K 334 -19.06 61.79 24.41
C SER K 334 -20.08 60.81 23.81
N LEU K 335 -21.39 61.11 23.90
CA LEU K 335 -22.44 60.27 23.26
C LEU K 335 -22.22 60.34 21.75
N ALA K 336 -21.84 61.51 21.21
CA ALA K 336 -21.57 61.73 19.77
C ALA K 336 -20.09 61.43 19.48
N ALA K 337 -19.16 61.83 20.36
CA ALA K 337 -17.71 61.67 20.13
C ALA K 337 -17.34 60.18 20.14
N ARG K 338 -17.68 59.43 21.20
CA ARG K 338 -17.31 57.99 21.35
C ARG K 338 -17.93 57.18 20.19
N ALA K 339 -19.13 57.54 19.72
CA ALA K 339 -19.82 56.82 18.62
C ALA K 339 -19.11 57.09 17.29
N ALA K 340 -18.43 58.23 17.14
CA ALA K 340 -17.74 58.63 15.89
C ALA K 340 -16.24 58.32 15.95
N GLY K 341 -15.70 57.83 17.08
CA GLY K 341 -14.27 57.62 17.20
C GLY K 341 -13.44 58.89 17.20
N VAL K 342 -14.01 59.99 17.63
CA VAL K 342 -13.35 61.30 17.61
C VAL K 342 -12.91 61.64 19.04
N PRO K 343 -11.62 61.87 19.29
CA PRO K 343 -11.19 62.17 20.66
C PRO K 343 -11.81 63.46 21.18
N LEU K 344 -11.99 63.52 22.50
CA LEU K 344 -12.70 64.59 23.18
C LEU K 344 -11.77 65.23 24.21
N ILE K 345 -11.59 66.55 24.09
CA ILE K 345 -10.74 67.32 25.00
C ILE K 345 -11.63 68.01 26.02
N GLY K 346 -11.39 67.75 27.30
CA GLY K 346 -12.07 68.46 28.37
C GLY K 346 -11.41 69.80 28.67
N ASP K 347 -12.15 70.89 28.47
CA ASP K 347 -11.59 72.25 28.56
C ASP K 347 -12.41 73.11 29.51
N GLY K 348 -12.04 73.08 30.79
CA GLY K 348 -12.57 74.02 31.76
C GLY K 348 -13.18 73.35 32.97
N GLY K 349 -13.31 74.10 34.07
CA GLY K 349 -13.98 73.65 35.26
C GLY K 349 -13.12 72.89 36.26
N LEU K 350 -11.84 72.71 35.98
CA LEU K 350 -10.98 71.92 36.86
C LEU K 350 -10.79 72.61 38.20
N GLN K 351 -10.72 71.80 39.27
CA GLN K 351 -10.46 72.31 40.62
C GLN K 351 -9.50 71.45 41.42
N TYR K 352 -9.19 70.23 40.99
CA TYR K 352 -8.30 69.34 41.72
C TYR K 352 -7.68 68.36 40.73
N SER K 353 -6.54 67.78 41.12
CA SER K 353 -5.93 66.77 40.27
C SER K 353 -6.85 65.56 40.09
N GLY K 354 -7.70 65.29 41.09
CA GLY K 354 -8.65 64.21 40.98
C GLY K 354 -9.70 64.41 39.91
N ASP K 355 -9.88 65.67 39.47
CA ASP K 355 -10.88 65.93 38.43
C ASP K 355 -10.43 65.42 37.07
N ILE K 356 -9.14 65.17 36.88
CA ILE K 356 -8.67 64.63 35.61
C ILE K 356 -9.24 63.24 35.39
N GLY K 357 -9.09 62.38 36.40
CA GLY K 357 -9.66 61.04 36.30
C GLY K 357 -11.16 61.06 36.11
N LYS K 358 -11.84 62.00 36.78
CA LYS K 358 -13.29 62.12 36.59
C LYS K 358 -13.62 62.46 35.15
N ALA K 359 -12.87 63.39 34.54
CA ALA K 359 -13.13 63.78 33.17
C ALA K 359 -12.95 62.60 32.22
N LEU K 360 -11.86 61.85 32.38
CA LEU K 360 -11.62 60.70 31.51
C LEU K 360 -12.69 59.64 31.68
N ALA K 361 -13.07 59.35 32.93
CA ALA K 361 -14.12 58.37 33.15
C ALA K 361 -15.46 58.85 32.63
N ALA K 362 -15.67 60.16 32.57
CA ALA K 362 -16.89 60.71 32.03
C ALA K 362 -16.94 60.70 30.51
N GLY K 363 -15.81 60.49 29.85
CA GLY K 363 -15.79 60.35 28.41
C GLY K 363 -14.73 61.13 27.67
N ALA K 364 -13.92 61.90 28.39
CA ALA K 364 -12.86 62.67 27.75
C ALA K 364 -11.65 61.78 27.46
N ASP K 365 -10.90 62.15 26.42
CA ASP K 365 -9.64 61.50 26.10
C ASP K 365 -8.43 62.26 26.63
N THR K 366 -8.52 63.58 26.69
CA THR K 366 -7.47 64.42 27.26
C THR K 366 -8.14 65.58 27.98
N VAL K 367 -7.34 66.33 28.72
CA VAL K 367 -7.83 67.47 29.51
C VAL K 367 -6.92 68.66 29.24
N MET K 368 -7.52 69.82 28.98
CA MET K 368 -6.76 71.02 28.71
C MET K 368 -6.59 71.81 30.00
N LEU K 369 -5.35 72.21 30.28
CA LEU K 369 -5.01 72.95 31.48
C LEU K 369 -4.86 74.43 31.12
N GLY K 370 -5.46 75.29 31.93
CA GLY K 370 -5.47 76.71 31.61
C GLY K 370 -4.78 77.60 32.62
N SER K 371 -5.56 78.43 33.30
CA SER K 371 -4.98 79.46 34.17
C SER K 371 -4.05 78.87 35.22
N LEU K 372 -4.29 77.62 35.61
CA LEU K 372 -3.41 76.87 36.49
C LEU K 372 -1.95 77.08 36.13
N LEU K 373 -1.65 77.04 34.83
CA LEU K 373 -0.27 77.04 34.35
C LEU K 373 0.28 78.44 34.13
N ALA K 374 -0.55 79.48 34.26
CA ALA K 374 -0.10 80.83 33.94
C ALA K 374 1.05 81.28 34.82
N GLY K 375 1.13 80.76 36.05
CA GLY K 375 2.19 81.11 36.96
C GLY K 375 3.46 80.31 36.83
N CYS K 376 3.50 79.34 35.90
CA CYS K 376 4.67 78.48 35.77
C CYS K 376 5.82 79.24 35.11
N GLU K 377 7.04 78.79 35.40
CA GLU K 377 8.23 79.45 34.87
C GLU K 377 8.17 79.54 33.34
N GLU K 378 7.66 78.51 32.69
CA GLU K 378 7.67 78.45 31.23
C GLU K 378 6.56 79.27 30.58
N SER K 379 5.68 79.89 31.36
CA SER K 379 4.63 80.73 30.79
C SER K 379 5.24 82.00 30.21
N PRO K 380 4.53 82.67 29.30
CA PRO K 380 5.13 83.81 28.58
C PRO K 380 5.52 85.00 29.45
N GLY K 381 4.89 85.18 30.60
CA GLY K 381 5.08 86.38 31.39
C GLY K 381 6.52 86.56 31.85
N GLU K 382 6.80 87.77 32.33
CA GLU K 382 8.11 88.09 32.90
C GLU K 382 8.08 87.80 34.40
N LEU K 383 9.11 87.10 34.89
CA LEU K 383 9.22 86.82 36.32
C LEU K 383 9.67 88.08 37.05
N GLN K 384 8.86 88.54 38.00
CA GLN K 384 9.14 89.74 38.77
C GLN K 384 9.08 89.45 40.26
N PHE K 385 9.82 90.24 41.02
CA PHE K 385 9.95 90.08 42.47
C PHE K 385 9.35 91.31 43.14
N ILE K 386 8.33 91.11 43.97
CA ILE K 386 7.72 92.17 44.76
C ILE K 386 7.45 91.61 46.15
N ASN K 387 8.49 91.51 46.98
CA ASN K 387 8.41 90.80 48.26
C ASN K 387 8.36 89.30 48.01
N GLY K 388 7.51 88.87 47.08
CA GLY K 388 7.49 87.50 46.60
C GLY K 388 7.63 87.46 45.09
N LYS K 389 7.51 86.27 44.49
CA LYS K 389 7.71 86.10 43.06
C LYS K 389 6.38 86.05 42.33
N GLN K 390 6.31 86.74 41.19
CA GLN K 390 5.10 86.83 40.40
C GLN K 390 5.47 86.79 38.92
N PHE K 391 4.49 86.48 38.08
CA PHE K 391 4.62 86.55 36.63
C PHE K 391 3.85 87.76 36.11
N LYS K 392 4.48 88.51 35.21
CA LYS K 392 3.86 89.72 34.67
C LYS K 392 3.60 89.62 33.18
N VAL K 437 0.13 87.44 38.65
CA VAL K 437 -0.08 86.02 38.86
C VAL K 437 1.08 85.45 39.68
N PRO K 438 0.76 84.73 40.75
CA PRO K 438 1.83 84.19 41.60
C PRO K 438 2.67 83.14 40.88
N TYR K 439 3.97 83.17 41.12
CA TYR K 439 4.89 82.23 40.50
C TYR K 439 4.73 80.84 41.11
N ARG K 440 4.60 79.83 40.25
CA ARG K 440 4.38 78.47 40.69
C ARG K 440 5.61 77.58 40.56
N GLY K 441 6.65 78.04 39.87
CA GLY K 441 7.80 77.22 39.62
C GLY K 441 7.71 76.46 38.31
N PRO K 442 8.60 75.48 38.12
CA PRO K 442 8.63 74.76 36.83
C PRO K 442 7.34 74.00 36.57
N LEU K 443 6.93 73.98 35.29
CA LEU K 443 5.79 73.18 34.88
C LEU K 443 5.91 71.74 35.35
N ALA K 444 7.13 71.19 35.32
CA ALA K 444 7.33 69.78 35.64
C ALA K 444 6.72 69.42 36.98
N ASN K 445 6.81 70.32 37.97
CA ASN K 445 6.27 70.01 39.29
C ASN K 445 4.76 69.90 39.25
N VAL K 446 4.11 70.81 38.51
CA VAL K 446 2.66 70.76 38.37
C VAL K 446 2.22 69.47 37.68
N LEU K 447 2.87 69.14 36.57
CA LEU K 447 2.47 67.94 35.82
C LEU K 447 2.75 66.68 36.62
N HIS K 448 3.87 66.65 37.34
CA HIS K 448 4.19 65.47 38.14
C HIS K 448 3.10 65.19 39.16
N GLN K 449 2.59 66.24 39.81
CA GLN K 449 1.52 66.05 40.77
C GLN K 449 0.23 65.64 40.08
N LEU K 450 -0.09 66.25 38.93
CA LEU K 450 -1.33 65.93 38.24
C LEU K 450 -1.30 64.50 37.71
N VAL K 451 -0.20 64.11 37.06
CA VAL K 451 -0.11 62.76 36.51
C VAL K 451 -0.03 61.74 37.64
N GLY K 452 0.67 62.07 38.71
CA GLY K 452 0.69 61.19 39.88
C GLY K 452 -0.71 60.92 40.39
N GLY K 453 -1.53 61.98 40.49
CA GLY K 453 -2.90 61.80 40.91
C GLY K 453 -3.68 60.90 39.97
N LEU K 454 -3.52 61.10 38.66
CA LEU K 454 -4.22 60.27 37.69
C LEU K 454 -3.81 58.81 37.82
N ARG K 455 -2.53 58.54 38.03
CA ARG K 455 -2.09 57.16 38.20
C ARG K 455 -2.76 56.53 39.41
N GLN K 456 -2.93 57.30 40.49
CA GLN K 456 -3.68 56.81 41.64
C GLN K 456 -5.11 56.47 41.26
N THR K 457 -5.78 57.36 40.54
CA THR K 457 -7.14 57.10 40.10
C THR K 457 -7.22 55.79 39.31
N MET K 458 -6.32 55.61 38.34
CA MET K 458 -6.37 54.44 37.48
C MET K 458 -6.11 53.16 38.26
N GLY K 459 -5.16 53.19 39.20
CA GLY K 459 -4.94 52.04 40.04
C GLY K 459 -6.16 51.67 40.85
N TYR K 460 -6.84 52.67 41.42
CA TYR K 460 -8.02 52.41 42.23
C TYR K 460 -9.16 51.84 41.39
N VAL K 461 -9.31 52.33 40.16
CA VAL K 461 -10.41 51.91 39.30
C VAL K 461 -10.09 50.60 38.57
N GLY K 462 -8.82 50.23 38.47
CA GLY K 462 -8.43 49.04 37.75
C GLY K 462 -8.18 49.27 36.28
N ALA K 463 -8.01 50.50 35.84
CA ALA K 463 -7.79 50.82 34.43
C ALA K 463 -6.30 50.79 34.14
N ALA K 464 -5.88 49.84 33.30
CA ALA K 464 -4.48 49.76 32.88
C ALA K 464 -4.18 50.76 31.77
N THR K 465 -5.21 51.30 31.12
CA THR K 465 -5.06 52.27 30.05
C THR K 465 -6.11 53.35 30.27
N ILE K 466 -5.90 54.51 29.64
CA ILE K 466 -6.87 55.60 29.82
C ILE K 466 -8.24 55.09 29.43
N GLU K 467 -8.32 54.49 28.26
CA GLU K 467 -9.56 53.90 27.75
C GLU K 467 -10.23 52.78 28.47
N GLU K 468 -9.57 52.24 29.45
CA GLU K 468 -10.36 51.42 30.30
C GLU K 468 -11.14 52.29 31.26
N MET K 469 -10.82 53.60 31.31
CA MET K 469 -11.44 54.46 32.32
C MET K 469 -12.95 54.60 32.13
N GLU K 470 -13.43 54.79 30.90
CA GLU K 470 -14.85 55.07 30.72
C GLU K 470 -15.70 53.89 31.17
N SER K 471 -15.25 52.67 30.89
CA SER K 471 -16.03 51.50 31.25
C SER K 471 -15.83 51.11 32.72
N LYS K 472 -14.59 51.19 33.20
CA LYS K 472 -14.29 50.73 34.56
C LYS K 472 -14.54 51.79 35.62
N GLY K 473 -14.50 53.07 35.26
CA GLY K 473 -14.76 54.11 36.24
C GLY K 473 -16.24 54.18 36.57
N ARG K 474 -16.60 53.84 37.81
CA ARG K 474 -17.97 53.93 38.28
C ARG K 474 -18.14 55.19 39.11
N PHE K 475 -19.23 55.91 38.86
CA PHE K 475 -19.48 57.18 39.53
C PHE K 475 -20.53 57.01 40.63
N VAL K 476 -20.42 57.83 41.65
CA VAL K 476 -21.50 58.06 42.61
C VAL K 476 -21.65 59.57 42.76
N ARG K 477 -22.89 60.03 42.87
CA ARG K 477 -23.15 61.43 43.17
C ARG K 477 -23.07 61.64 44.68
N ILE K 478 -22.70 62.86 45.07
CA ILE K 478 -22.63 63.21 46.49
C ILE K 478 -23.41 64.50 46.70
N THR K 479 -23.87 64.68 47.93
CA THR K 479 -24.60 65.87 48.33
C THR K 479 -23.63 66.97 48.76
N SER K 480 -24.18 68.14 49.08
CA SER K 480 -23.34 69.22 49.59
C SER K 480 -22.71 68.89 50.93
N ALA K 481 -23.30 67.94 51.68
CA ALA K 481 -22.74 67.52 52.95
C ALA K 481 -21.39 66.85 52.76
N GLY L 10 38.84 24.88 22.96
CA GLY L 10 39.23 23.76 23.79
C GLY L 10 40.25 22.85 23.13
N VAL L 11 41.05 23.42 22.25
CA VAL L 11 42.06 22.67 21.51
C VAL L 11 43.42 23.24 21.83
N PRO L 12 44.49 22.46 21.63
CA PRO L 12 45.86 22.97 21.82
C PRO L 12 46.17 24.11 20.86
N GLU L 13 47.16 24.94 21.24
CA GLU L 13 47.51 26.09 20.39
C GLU L 13 47.90 25.66 18.98
N LYS L 14 48.53 24.50 18.83
CA LYS L 14 48.91 24.00 17.51
C LYS L 14 47.72 23.95 16.56
N PHE L 15 46.51 23.78 17.08
CA PHE L 15 45.32 23.64 16.25
C PHE L 15 44.32 24.78 16.47
N ALA L 16 44.78 25.92 16.97
CA ALA L 16 43.87 26.96 17.38
C ALA L 16 43.12 27.58 16.21
N THR L 17 43.75 27.68 15.05
CA THR L 17 43.19 28.42 13.93
C THR L 17 42.05 27.64 13.27
N LEU L 18 40.94 28.32 13.01
CA LEU L 18 39.81 27.77 12.29
C LEU L 18 39.76 28.38 10.89
N GLY L 19 39.79 27.52 9.88
CA GLY L 19 39.70 27.97 8.51
C GLY L 19 38.26 27.97 8.02
N LEU L 20 37.89 29.00 7.28
CA LEU L 20 36.53 29.21 6.82
C LEU L 20 36.46 29.17 5.30
N THR L 21 35.46 28.46 4.78
CA THR L 21 35.16 28.45 3.36
C THR L 21 33.97 29.35 3.08
N TYR L 22 33.62 29.47 1.80
CA TYR L 22 32.49 30.31 1.40
C TYR L 22 31.20 29.87 2.08
N ASP L 23 30.94 28.57 2.12
CA ASP L 23 29.71 28.08 2.74
C ASP L 23 29.64 28.38 4.22
N ASP L 24 30.77 28.70 4.84
CA ASP L 24 30.79 28.95 6.29
C ASP L 24 30.28 30.33 6.66
N VAL L 25 30.11 31.25 5.72
CA VAL L 25 29.85 32.65 6.05
C VAL L 25 28.77 33.22 5.16
N LEU L 26 28.18 34.32 5.63
CA LEU L 26 27.22 35.10 4.85
C LEU L 26 27.55 36.57 5.05
N LEU L 27 27.17 37.38 4.07
CA LEU L 27 27.28 38.82 4.18
C LEU L 27 25.98 39.41 4.71
N LEU L 28 26.09 40.40 5.57
CA LEU L 28 24.93 41.06 6.12
C LEU L 28 24.43 42.17 5.19
N PRO L 29 23.12 42.41 5.14
CA PRO L 29 22.64 43.64 4.51
C PRO L 29 23.10 44.86 5.31
N GLY L 30 23.39 45.95 4.61
CA GLY L 30 23.83 47.16 5.25
C GLY L 30 23.14 48.38 4.70
N ALA L 31 23.41 49.53 5.34
CA ALA L 31 22.90 50.80 4.83
C ALA L 31 23.37 51.00 3.39
N SER L 32 22.42 51.28 2.50
CA SER L 32 22.73 51.38 1.09
C SER L 32 21.97 52.53 0.47
N ALA L 33 22.67 53.32 -0.34
CA ALA L 33 22.08 54.39 -1.13
C ALA L 33 22.23 54.14 -2.63
N VAL L 34 22.59 52.92 -3.03
CA VAL L 34 22.94 52.60 -4.40
C VAL L 34 22.20 51.33 -4.80
N LEU L 35 21.59 51.34 -5.97
CA LEU L 35 20.85 50.20 -6.45
C LEU L 35 21.75 49.28 -7.25
N PRO L 36 21.40 47.99 -7.35
CA PRO L 36 22.27 47.06 -8.10
C PRO L 36 22.65 47.54 -9.50
N ASN L 37 21.73 48.13 -10.25
CA ASN L 37 22.03 48.51 -11.61
C ASN L 37 22.94 49.73 -11.72
N ALA L 38 23.30 50.36 -10.61
CA ALA L 38 24.10 51.57 -10.63
C ALA L 38 25.49 51.41 -10.04
N VAL L 39 25.82 50.25 -9.45
CA VAL L 39 27.14 50.07 -8.87
C VAL L 39 28.18 49.93 -9.98
N ASP L 40 29.44 50.17 -9.61
CA ASP L 40 30.57 50.06 -10.53
C ASP L 40 31.33 48.78 -10.20
N THR L 41 31.48 47.89 -11.18
CA THR L 41 32.07 46.58 -10.97
C THR L 41 33.51 46.50 -11.47
N SER L 42 34.15 47.63 -11.75
CA SER L 42 35.51 47.59 -12.26
C SER L 42 36.47 47.29 -11.12
N SER L 43 37.60 46.69 -11.48
CA SER L 43 38.60 46.28 -10.49
C SER L 43 39.94 46.15 -11.20
N ARG L 44 40.96 45.77 -10.44
CA ARG L 44 42.31 45.61 -10.96
C ARG L 44 42.69 44.13 -10.98
N ILE L 45 43.21 43.67 -12.13
CA ILE L 45 43.86 42.36 -12.19
C ILE L 45 45.21 42.43 -11.49
N SER L 46 45.97 43.47 -11.78
CA SER L 46 47.30 43.69 -11.24
C SER L 46 47.50 45.19 -11.13
N ARG L 47 48.69 45.59 -10.70
CA ARG L 47 48.94 47.02 -10.46
C ARG L 47 48.47 47.87 -11.63
N ASN L 48 48.73 47.42 -12.87
CA ASN L 48 48.51 48.26 -14.04
C ASN L 48 47.55 47.65 -15.06
N VAL L 49 46.74 46.66 -14.68
CA VAL L 49 45.76 46.05 -15.58
C VAL L 49 44.39 46.16 -14.94
N ARG L 50 43.44 46.73 -15.68
CA ARG L 50 42.11 47.01 -15.18
C ARG L 50 41.07 46.25 -15.99
N VAL L 51 40.00 45.79 -15.31
CA VAL L 51 38.88 45.13 -15.96
C VAL L 51 37.60 45.83 -15.50
N ASN L 52 36.51 45.59 -16.25
CA ASN L 52 35.21 46.20 -15.95
C ASN L 52 34.28 45.28 -15.18
N ILE L 53 34.50 43.98 -15.22
CA ILE L 53 33.89 43.04 -14.28
C ILE L 53 35.05 42.28 -13.64
N PRO L 54 34.96 41.92 -12.34
CA PRO L 54 36.13 41.41 -11.62
C PRO L 54 36.34 39.90 -11.79
N LEU L 55 36.38 39.45 -13.05
CA LEU L 55 36.40 38.03 -13.35
C LEU L 55 37.41 37.68 -14.42
N LEU L 56 38.13 36.58 -14.21
CA LEU L 56 39.04 36.00 -15.18
C LEU L 56 38.60 34.57 -15.49
N SER L 57 38.97 34.08 -16.67
CA SER L 57 38.83 32.67 -16.99
C SER L 57 40.17 31.97 -16.76
N ALA L 58 40.13 30.78 -16.18
CA ALA L 58 41.33 30.14 -15.71
C ALA L 58 42.21 29.66 -16.86
N ALA L 59 43.51 29.56 -16.61
CA ALA L 59 44.48 29.08 -17.59
C ALA L 59 44.51 27.54 -17.62
N MET L 60 43.37 26.96 -17.94
CA MET L 60 43.21 25.52 -18.08
C MET L 60 42.98 25.20 -19.55
N ASP L 61 43.55 24.10 -20.03
CA ASP L 61 43.44 23.77 -21.44
C ASP L 61 42.03 23.35 -21.83
N LYS L 62 41.16 23.09 -20.87
CA LYS L 62 39.74 22.86 -21.15
C LYS L 62 38.91 24.13 -21.08
N VAL L 63 39.53 25.28 -20.81
CA VAL L 63 38.76 26.50 -20.57
C VAL L 63 39.14 27.64 -21.52
N THR L 64 40.38 28.10 -21.44
CA THR L 64 40.76 29.37 -22.08
C THR L 64 41.77 29.17 -23.21
N GLU L 65 41.26 29.22 -24.45
CA GLU L 65 42.07 29.54 -25.61
C GLU L 65 41.52 30.84 -26.18
N SER L 66 41.86 31.18 -27.42
CA SER L 66 41.58 32.54 -27.89
C SER L 66 40.10 32.87 -27.86
N ARG L 67 39.25 31.92 -28.25
CA ARG L 67 37.82 32.21 -28.30
C ARG L 67 37.27 32.54 -26.93
N MET L 68 37.68 31.79 -25.91
CA MET L 68 37.24 32.12 -24.55
C MET L 68 37.77 33.48 -24.13
N ALA L 69 39.04 33.74 -24.41
CA ALA L 69 39.65 35.01 -24.00
C ALA L 69 38.96 36.19 -24.68
N ILE L 70 38.58 36.04 -25.95
CA ILE L 70 37.91 37.12 -26.66
C ILE L 70 36.57 37.43 -26.00
N SER L 71 35.78 36.38 -25.69
CA SER L 71 34.48 36.60 -25.10
C SER L 71 34.60 37.20 -23.70
N MET L 72 35.53 36.69 -22.89
CA MET L 72 35.75 37.27 -21.57
C MET L 72 36.04 38.76 -21.68
N ALA L 73 36.97 39.13 -22.57
CA ALA L 73 37.35 40.54 -22.69
C ALA L 73 36.19 41.38 -23.22
N ARG L 74 35.43 40.85 -24.17
CA ARG L 74 34.29 41.61 -24.69
C ARG L 74 33.27 41.89 -23.59
N GLN L 75 33.10 40.94 -22.67
CA GLN L 75 32.17 41.11 -21.55
C GLN L 75 32.75 41.95 -20.43
N GLY L 76 34.01 42.38 -20.54
CA GLY L 76 34.61 43.24 -19.55
C GLY L 76 35.58 42.58 -18.62
N GLY L 77 35.74 41.27 -18.72
CA GLY L 77 36.71 40.53 -17.96
C GLY L 77 37.97 40.30 -18.76
N VAL L 78 38.64 39.18 -18.49
CA VAL L 78 39.86 38.84 -19.21
C VAL L 78 40.07 37.34 -19.10
N GLY L 79 40.70 36.77 -20.12
CA GLY L 79 41.08 35.38 -20.10
C GLY L 79 42.58 35.25 -19.88
N VAL L 80 42.97 34.17 -19.23
CA VAL L 80 44.38 33.79 -19.08
C VAL L 80 44.59 32.54 -19.93
N LEU L 81 45.30 32.72 -21.05
CA LEU L 81 45.54 31.61 -21.98
C LEU L 81 46.39 30.55 -21.32
N HIS L 82 45.97 29.29 -21.44
CA HIS L 82 46.70 28.18 -20.87
C HIS L 82 48.02 27.97 -21.62
N ARG L 83 48.94 27.25 -20.97
CA ARG L 83 50.29 27.06 -21.47
C ARG L 83 50.58 25.61 -21.83
N ASN L 84 49.55 24.76 -21.93
CA ASN L 84 49.75 23.38 -22.34
C ASN L 84 49.77 23.29 -23.88
N LEU L 85 50.72 24.02 -24.45
CA LEU L 85 50.94 24.05 -25.89
C LEU L 85 52.27 24.75 -26.13
N SER L 86 52.76 24.65 -27.36
CA SER L 86 54.07 25.21 -27.68
C SER L 86 54.06 26.73 -27.50
N ILE L 87 55.27 27.28 -27.36
CA ILE L 87 55.41 28.73 -27.22
C ILE L 87 54.79 29.44 -28.41
N GLU L 88 55.07 28.93 -29.61
CA GLU L 88 54.57 29.57 -30.81
C GLU L 88 53.05 29.42 -30.94
N ASP L 89 52.51 28.29 -30.47
CA ASP L 89 51.06 28.12 -30.52
C ASP L 89 50.38 29.03 -29.50
N GLN L 90 50.98 29.21 -28.32
CA GLN L 90 50.42 30.11 -27.33
C GLN L 90 50.53 31.57 -27.77
N ALA L 91 51.67 31.95 -28.36
CA ALA L 91 51.81 33.31 -28.88
C ALA L 91 50.81 33.57 -29.99
N ASN L 92 50.54 32.55 -30.82
CA ASN L 92 49.53 32.70 -31.86
C ASN L 92 48.15 32.93 -31.24
N GLN L 93 47.85 32.23 -30.13
CA GLN L 93 46.61 32.49 -29.42
C GLN L 93 46.53 33.93 -28.93
N VAL L 94 47.63 34.45 -28.39
CA VAL L 94 47.67 35.85 -27.98
C VAL L 94 47.35 36.75 -29.17
N ASP L 95 48.04 36.52 -30.30
CA ASP L 95 47.84 37.35 -31.47
C ASP L 95 46.37 37.35 -31.91
N LEU L 96 45.72 36.19 -31.84
CA LEU L 96 44.32 36.10 -32.25
C LEU L 96 43.44 36.99 -31.38
N VAL L 97 43.74 37.10 -30.10
CA VAL L 97 42.95 37.96 -29.22
C VAL L 97 43.25 39.43 -29.51
N LYS L 98 44.53 39.78 -29.57
CA LYS L 98 44.91 41.18 -29.75
C LYS L 98 44.40 41.74 -31.07
N ARG L 99 44.35 40.92 -32.11
CA ARG L 99 43.92 41.34 -33.43
C ARG L 99 42.49 40.92 -33.73
N SER L 100 41.64 40.90 -32.68
CA SER L 100 40.24 40.53 -32.84
C SER L 100 39.42 41.67 -33.43
N GLU L 101 39.38 42.81 -32.73
CA GLU L 101 38.70 44.00 -33.22
C GLU L 101 39.52 45.21 -32.81
N SER L 102 39.67 46.16 -33.74
CA SER L 102 40.53 47.32 -33.59
C SER L 102 41.99 46.96 -33.40
N GLY L 103 42.35 45.69 -33.61
CA GLY L 103 43.71 45.25 -33.41
C GLY L 103 44.59 45.25 -34.64
N MET L 104 44.02 45.52 -35.81
CA MET L 104 44.76 45.57 -37.06
C MET L 104 44.98 46.98 -37.54
N VAL L 105 44.63 47.98 -36.74
CA VAL L 105 44.82 49.37 -37.14
C VAL L 105 46.29 49.66 -37.43
N ALA L 106 47.18 48.94 -36.77
CA ALA L 106 48.62 49.13 -36.98
C ALA L 106 49.36 47.83 -37.29
N ASN L 107 48.65 46.70 -37.40
CA ASN L 107 49.28 45.42 -37.73
C ASN L 107 48.30 44.58 -38.54
N PRO L 108 48.12 44.91 -39.82
CA PRO L 108 47.13 44.20 -40.62
C PRO L 108 47.64 42.87 -41.15
N ILE L 109 46.72 41.96 -41.40
CA ILE L 109 47.04 40.76 -42.15
C ILE L 109 47.13 41.13 -43.63
N THR L 110 47.91 40.36 -44.38
CA THR L 110 48.06 40.58 -45.80
C THR L 110 48.19 39.24 -46.50
N ILE L 111 48.01 39.29 -47.82
CA ILE L 111 48.18 38.16 -48.71
C ILE L 111 48.66 38.69 -50.05
N HIS L 112 49.42 37.84 -50.77
CA HIS L 112 50.02 38.21 -52.07
C HIS L 112 49.05 37.90 -53.21
N PRO L 113 49.16 38.56 -54.40
CA PRO L 113 48.25 38.32 -55.51
C PRO L 113 48.41 36.89 -56.06
N ASP L 114 49.56 36.24 -55.84
CA ASP L 114 49.84 34.86 -56.35
C ASP L 114 49.28 33.80 -55.40
N ALA L 115 48.66 34.18 -54.27
CA ALA L 115 48.04 33.22 -53.31
C ALA L 115 46.77 32.63 -53.95
N THR L 116 46.09 31.68 -53.29
CA THR L 116 44.84 31.04 -53.80
C THR L 116 43.64 31.51 -52.97
N LEU L 117 42.40 31.21 -53.37
CA LEU L 117 41.22 31.58 -52.59
C LEU L 117 41.14 30.75 -51.30
N GLY L 118 41.57 29.50 -51.38
CA GLY L 118 41.62 28.68 -50.17
C GLY L 118 42.50 29.28 -49.09
N GLU L 119 43.68 29.79 -49.48
CA GLU L 119 44.56 30.42 -48.50
C GLU L 119 43.95 31.70 -47.96
N ALA L 120 43.30 32.49 -48.82
CA ALA L 120 42.66 33.72 -48.36
C ALA L 120 41.54 33.40 -47.38
N ASP L 121 40.69 32.42 -47.73
CA ASP L 121 39.57 32.06 -46.86
C ASP L 121 40.05 31.47 -45.53
N ALA L 122 41.15 30.71 -45.56
CA ALA L 122 41.68 30.18 -44.31
C ALA L 122 42.14 31.31 -43.39
N LEU L 123 42.72 32.36 -43.96
CA LEU L 123 43.15 33.50 -43.16
C LEU L 123 41.93 34.25 -42.60
N CYS L 124 40.90 34.44 -43.42
CA CYS L 124 39.68 35.08 -42.94
C CYS L 124 39.05 34.28 -41.80
N ALA L 125 39.03 32.95 -41.94
CA ALA L 125 38.48 32.13 -40.88
C ALA L 125 39.32 32.21 -39.62
N LYS L 126 40.66 32.25 -39.77
CA LYS L 126 41.53 32.25 -38.61
C LYS L 126 41.32 33.50 -37.76
N PHE L 127 41.28 34.68 -38.39
CA PHE L 127 41.15 35.93 -37.69
C PHE L 127 39.72 36.44 -37.60
N ARG L 128 38.75 35.70 -38.14
CA ARG L 128 37.35 36.11 -38.13
C ARG L 128 37.21 37.53 -38.69
N ILE L 129 37.71 37.68 -39.91
CA ILE L 129 37.66 38.91 -40.67
C ILE L 129 37.26 38.53 -42.08
N SER L 130 36.52 39.42 -42.76
CA SER L 130 35.87 39.07 -44.01
C SER L 130 36.64 39.56 -45.24
N GLY L 131 37.95 39.71 -45.13
CA GLY L 131 38.73 40.13 -46.27
C GLY L 131 40.19 40.28 -45.87
N VAL L 132 41.03 40.34 -46.90
CA VAL L 132 42.47 40.47 -46.70
C VAL L 132 43.02 41.50 -47.68
N PRO L 133 43.76 42.51 -47.21
CA PRO L 133 44.50 43.35 -48.14
C PRO L 133 45.50 42.51 -48.93
N VAL L 134 45.58 42.77 -50.23
CA VAL L 134 46.53 42.08 -51.11
C VAL L 134 47.70 43.02 -51.33
N THR L 135 48.92 42.53 -51.05
CA THR L 135 50.11 43.35 -51.16
C THR L 135 51.21 42.61 -51.92
N ASP L 136 52.18 43.38 -52.40
CA ASP L 136 53.39 42.79 -52.96
C ASP L 136 54.41 42.60 -51.83
N GLY L 137 55.61 42.14 -52.19
CA GLY L 137 56.61 41.82 -51.19
C GLY L 137 57.08 43.00 -50.37
N ALA L 138 56.97 44.21 -50.91
CA ALA L 138 57.36 45.42 -50.20
C ALA L 138 56.23 45.98 -49.33
N GLY L 139 55.06 45.36 -49.37
CA GLY L 139 53.92 45.86 -48.63
C GLY L 139 53.07 46.85 -49.37
N LYS L 140 53.32 47.07 -50.65
CA LYS L 140 52.50 47.99 -51.43
C LYS L 140 51.11 47.38 -51.65
N LEU L 141 50.09 48.18 -51.42
CA LEU L 141 48.71 47.71 -51.54
C LEU L 141 48.35 47.58 -53.01
N LEU L 142 47.93 46.37 -53.41
CA LEU L 142 47.52 46.10 -54.78
C LEU L 142 46.01 45.96 -54.93
N GLY L 143 45.30 45.70 -53.84
CA GLY L 143 43.88 45.44 -53.90
C GLY L 143 43.40 44.83 -52.61
N ILE L 144 42.17 44.34 -52.64
CA ILE L 144 41.56 43.73 -51.46
C ILE L 144 40.61 42.64 -51.95
N VAL L 145 40.68 41.48 -51.32
CA VAL L 145 39.80 40.35 -51.62
C VAL L 145 38.96 40.07 -50.38
N THR L 146 37.64 40.01 -50.55
CA THR L 146 36.73 39.93 -49.42
C THR L 146 35.74 38.79 -49.64
N ASN L 147 34.94 38.54 -48.60
CA ASN L 147 33.96 37.47 -48.67
C ASN L 147 33.06 37.62 -49.88
N ARG L 148 32.61 38.85 -50.16
CA ARG L 148 31.71 39.03 -51.30
C ARG L 148 32.42 38.74 -52.61
N ASP L 149 33.73 39.00 -52.68
CA ASP L 149 34.48 38.68 -53.88
C ASP L 149 34.54 37.18 -54.14
N MET L 150 34.51 36.38 -53.07
CA MET L 150 34.63 34.93 -53.18
C MET L 150 33.30 34.21 -53.07
N ALA L 151 32.20 34.94 -52.89
CA ALA L 151 30.93 34.32 -52.53
C ALA L 151 30.49 33.30 -53.59
N PHE L 152 30.67 33.62 -54.87
CA PHE L 152 30.19 32.78 -55.94
C PHE L 152 31.31 31.97 -56.60
N GLU L 153 32.50 31.95 -56.00
CA GLU L 153 33.70 31.26 -56.56
C GLU L 153 33.71 29.82 -56.05
N THR L 154 33.69 28.80 -56.94
CA THR L 154 33.72 27.37 -56.59
C THR L 154 35.19 26.91 -56.48
N ASP L 155 36.02 27.21 -57.49
CA ASP L 155 37.46 26.84 -57.50
C ASP L 155 38.16 27.47 -56.29
N ARG L 156 38.76 26.66 -55.39
CA ARG L 156 39.50 27.13 -54.20
C ARG L 156 41.00 27.11 -54.51
N SER L 157 41.39 26.90 -55.78
CA SER L 157 42.81 26.96 -56.23
C SER L 157 43.00 28.22 -57.07
N ARG L 158 41.93 28.96 -57.37
CA ARG L 158 42.02 30.20 -58.17
C ARG L 158 42.81 31.25 -57.40
N GLN L 159 43.57 32.07 -58.13
CA GLN L 159 44.43 33.06 -57.49
C GLN L 159 43.63 34.29 -57.09
N VAL L 160 43.99 34.87 -55.95
CA VAL L 160 43.25 36.03 -55.44
C VAL L 160 43.26 37.16 -56.46
N ARG L 161 44.37 37.32 -57.20
CA ARG L 161 44.46 38.43 -58.14
C ARG L 161 43.32 38.41 -59.15
N GLU L 162 42.74 37.25 -59.42
CA GLU L 162 41.69 37.13 -60.42
C GLU L 162 40.33 37.62 -59.92
N VAL L 163 40.11 37.63 -58.61
CA VAL L 163 38.81 38.00 -58.05
C VAL L 163 38.89 39.24 -57.16
N MET L 164 40.07 39.69 -56.77
CA MET L 164 40.17 40.84 -55.87
C MET L 164 39.65 42.10 -56.56
N THR L 165 39.26 43.07 -55.74
CA THR L 165 39.06 44.43 -56.23
C THR L 165 40.42 45.12 -56.28
N PRO L 166 40.90 45.53 -57.45
CA PRO L 166 42.23 46.14 -57.52
C PRO L 166 42.21 47.61 -57.13
N MET L 167 43.40 48.10 -56.75
CA MET L 167 43.58 49.52 -56.57
C MET L 167 43.19 50.25 -57.86
N PRO L 168 42.66 51.48 -57.76
CA PRO L 168 42.54 52.29 -56.56
C PRO L 168 41.34 51.95 -55.68
N LEU L 169 41.60 51.80 -54.38
CA LEU L 169 40.58 51.51 -53.39
C LEU L 169 40.27 52.76 -52.58
N VAL L 170 39.13 52.73 -51.88
CA VAL L 170 38.87 53.73 -50.86
C VAL L 170 39.78 53.43 -49.68
N THR L 171 40.68 54.37 -49.35
CA THR L 171 41.64 54.14 -48.29
C THR L 171 41.61 55.29 -47.30
N GLY L 172 42.22 55.06 -46.14
CA GLY L 172 42.40 56.08 -45.14
C GLY L 172 43.86 56.19 -44.76
N GLN L 173 44.17 57.25 -44.00
CA GLN L 173 45.51 57.45 -43.48
C GLN L 173 45.66 56.91 -42.07
N VAL L 174 46.89 56.54 -41.73
CA VAL L 174 47.24 56.27 -40.34
C VAL L 174 46.81 57.44 -39.49
N GLY L 175 46.14 57.13 -38.37
CA GLY L 175 45.68 58.14 -37.45
C GLY L 175 44.27 58.65 -37.72
N ILE L 176 43.61 58.18 -38.78
CA ILE L 176 42.24 58.58 -39.05
C ILE L 176 41.39 58.27 -37.83
N SER L 177 40.42 59.14 -37.55
CA SER L 177 39.55 58.95 -36.40
C SER L 177 38.46 57.93 -36.70
N GLY L 178 37.87 57.40 -35.63
CA GLY L 178 36.74 56.49 -35.80
C GLY L 178 35.61 57.13 -36.57
N VAL L 179 35.28 58.38 -36.23
CA VAL L 179 34.19 59.08 -36.90
C VAL L 179 34.47 59.24 -38.39
N ASP L 180 35.71 59.59 -38.74
CA ASP L 180 36.06 59.80 -40.14
C ASP L 180 36.10 58.47 -40.90
N ALA L 181 36.64 57.42 -40.29
CA ALA L 181 36.66 56.13 -40.95
C ALA L 181 35.25 55.63 -41.23
N MET L 182 34.35 55.76 -40.24
CA MET L 182 32.98 55.32 -40.43
C MET L 182 32.30 56.06 -41.58
N GLU L 183 32.51 57.37 -41.68
CA GLU L 183 31.89 58.13 -42.76
C GLU L 183 32.34 57.62 -44.13
N LEU L 184 33.62 57.27 -44.27
CA LEU L 184 34.09 56.72 -45.54
C LEU L 184 33.42 55.39 -45.84
N LEU L 185 33.30 54.53 -44.83
CA LEU L 185 32.60 53.25 -45.03
C LEU L 185 31.14 53.49 -45.40
N ARG L 186 30.47 54.42 -44.70
CA ARG L 186 29.08 54.72 -45.00
C ARG L 186 28.94 55.34 -46.39
N ARG L 187 29.78 56.31 -46.70
CA ARG L 187 29.61 57.03 -47.97
C ARG L 187 29.77 56.09 -49.16
N HIS L 188 30.73 55.18 -49.10
CA HIS L 188 31.04 54.31 -50.22
C HIS L 188 30.39 52.93 -50.10
N LYS L 189 29.58 52.71 -49.06
CA LYS L 189 28.87 51.44 -48.89
C LYS L 189 29.82 50.24 -48.95
N ILE L 190 30.96 50.37 -48.25
CA ILE L 190 31.94 49.31 -48.16
C ILE L 190 32.14 49.02 -46.68
N GLU L 191 32.78 47.88 -46.39
CA GLU L 191 33.01 47.46 -45.01
C GLU L 191 34.47 47.47 -44.61
N LYS L 192 35.39 47.73 -45.55
CA LYS L 192 36.82 47.69 -45.28
C LYS L 192 37.46 49.03 -45.62
N LEU L 193 38.44 49.43 -44.81
CA LEU L 193 39.20 50.66 -45.06
C LEU L 193 40.67 50.40 -44.81
N PRO L 194 41.42 50.03 -45.86
CA PRO L 194 42.87 49.96 -45.72
C PRO L 194 43.45 51.32 -45.39
N LEU L 195 44.50 51.33 -44.58
CA LEU L 195 45.23 52.54 -44.21
C LEU L 195 46.61 52.48 -44.85
N VAL L 196 46.96 53.51 -45.61
CA VAL L 196 48.21 53.53 -46.36
C VAL L 196 48.97 54.81 -46.05
N ASP L 197 50.29 54.75 -46.27
CA ASP L 197 51.14 55.92 -46.16
C ASP L 197 51.23 56.61 -47.53
N GLY L 198 52.09 57.62 -47.64
CA GLY L 198 52.18 58.41 -48.85
C GLY L 198 52.60 57.61 -50.07
N ASP L 199 53.38 56.55 -49.87
CA ASP L 199 53.86 55.71 -50.96
C ASP L 199 52.93 54.54 -51.27
N GLY L 200 51.76 54.49 -50.66
CA GLY L 200 50.84 53.39 -50.89
C GLY L 200 51.22 52.10 -50.20
N ILE L 201 52.08 52.16 -49.20
CA ILE L 201 52.39 50.99 -48.39
C ILE L 201 51.29 50.80 -47.36
N LEU L 202 50.81 49.56 -47.23
CA LEU L 202 49.77 49.24 -46.25
C LEU L 202 50.33 49.33 -44.84
N LYS L 203 49.66 50.14 -44.00
CA LYS L 203 50.06 50.31 -42.61
C LYS L 203 49.05 49.77 -41.61
N GLY L 204 47.80 49.59 -42.01
CA GLY L 204 46.77 49.15 -41.09
C GLY L 204 45.50 48.82 -41.83
N LEU L 205 44.50 48.42 -41.06
CA LEU L 205 43.20 48.05 -41.63
C LEU L 205 42.09 48.32 -40.63
N ILE L 206 41.05 48.99 -41.09
CA ILE L 206 39.81 49.16 -40.34
C ILE L 206 38.72 48.42 -41.10
N THR L 207 37.87 47.70 -40.38
CA THR L 207 36.71 47.06 -40.97
C THR L 207 35.49 47.37 -40.09
N VAL L 208 34.31 47.10 -40.65
CA VAL L 208 33.06 47.37 -39.95
C VAL L 208 33.01 46.61 -38.63
N LYS L 209 33.73 45.50 -38.53
CA LYS L 209 33.77 44.74 -37.29
C LYS L 209 34.22 45.61 -36.11
N ASP L 210 35.17 46.50 -36.34
CA ASP L 210 35.65 47.36 -35.25
C ASP L 210 34.51 48.15 -34.63
N PHE L 211 33.60 48.67 -35.46
CA PHE L 211 32.51 49.47 -34.94
C PHE L 211 31.37 48.60 -34.42
N VAL L 212 31.06 47.52 -35.12
CA VAL L 212 29.98 46.63 -34.67
C VAL L 212 30.30 46.08 -33.29
N LYS L 213 31.52 45.58 -33.10
CA LYS L 213 31.86 44.96 -31.83
C LYS L 213 31.98 45.98 -30.71
N ALA L 214 32.40 47.21 -31.03
CA ALA L 214 32.45 48.25 -30.01
C ALA L 214 31.05 48.60 -29.53
N GLU L 215 30.08 48.56 -30.43
CA GLU L 215 28.69 48.85 -30.07
C GLU L 215 28.03 47.68 -29.38
N GLN L 216 28.32 46.45 -29.82
CA GLN L 216 27.70 45.29 -29.19
C GLN L 216 28.27 45.04 -27.80
N TYR L 217 29.52 45.40 -27.56
CA TYR L 217 30.21 45.10 -26.31
C TYR L 217 30.80 46.39 -25.75
N PRO L 218 29.94 47.28 -25.24
CA PRO L 218 30.42 48.59 -24.78
C PRO L 218 31.26 48.54 -23.51
N HIS L 219 31.27 47.42 -22.78
CA HIS L 219 32.08 47.29 -21.58
C HIS L 219 33.32 46.43 -21.80
N ALA L 220 33.70 46.22 -23.07
CA ALA L 220 34.86 45.35 -23.43
C ALA L 220 36.12 45.85 -22.70
N ALA L 221 36.74 45.04 -21.85
CA ALA L 221 38.02 45.39 -21.19
C ALA L 221 39.04 45.51 -22.34
N LYS L 222 39.68 46.67 -22.53
CA LYS L 222 40.65 46.91 -23.63
C LYS L 222 41.93 47.52 -23.07
N ASP L 223 43.03 47.49 -23.82
CA ASP L 223 44.35 48.05 -23.38
C ASP L 223 44.40 49.51 -23.86
N ALA L 224 45.56 50.16 -23.86
CA ALA L 224 45.66 51.58 -24.20
C ALA L 224 45.47 51.84 -25.70
N LYS L 225 45.66 50.83 -26.53
CA LYS L 225 45.47 50.96 -27.97
C LYS L 225 44.07 50.57 -28.43
N GLY L 226 43.18 50.23 -27.50
CA GLY L 226 41.83 49.83 -27.86
C GLY L 226 41.65 48.39 -28.27
N ARG L 227 42.65 47.55 -28.04
CA ARG L 227 42.55 46.13 -28.37
C ARG L 227 42.13 45.35 -27.13
N LEU L 228 41.50 44.21 -27.35
CA LEU L 228 41.01 43.40 -26.24
C LEU L 228 42.18 43.00 -25.33
N LEU L 229 41.97 43.10 -24.03
CA LEU L 229 42.97 42.66 -23.06
C LEU L 229 43.06 41.14 -23.04
N VAL L 230 44.25 40.63 -22.72
CA VAL L 230 44.45 39.20 -22.55
C VAL L 230 45.68 38.96 -21.70
N GLY L 231 45.63 37.89 -20.90
CA GLY L 231 46.78 37.42 -20.17
C GLY L 231 47.18 36.02 -20.64
N ALA L 232 48.33 35.57 -20.14
CA ALA L 232 48.83 34.25 -20.51
C ALA L 232 49.65 33.69 -19.37
N ALA L 233 49.54 32.38 -19.16
CA ALA L 233 50.27 31.69 -18.11
C ALA L 233 51.63 31.20 -18.60
N VAL L 234 52.61 31.22 -17.70
CA VAL L 234 53.91 30.62 -17.91
C VAL L 234 54.27 29.83 -16.66
N GLY L 235 55.22 28.91 -16.81
CA GLY L 235 55.71 28.14 -15.70
C GLY L 235 56.78 28.86 -14.92
N ALA L 236 57.55 28.08 -14.16
CA ALA L 236 58.64 28.58 -13.33
C ALA L 236 59.88 27.76 -13.72
N SER L 237 60.55 28.19 -14.78
CA SER L 237 61.66 27.41 -15.34
C SER L 237 62.38 28.22 -16.40
N PRO L 238 63.58 27.82 -16.90
CA PRO L 238 64.25 28.53 -18.00
C PRO L 238 63.34 28.60 -19.25
N GLU L 239 62.58 27.54 -19.53
CA GLU L 239 61.67 27.49 -20.71
C GLU L 239 60.58 28.56 -20.54
N ALA L 240 60.07 28.75 -19.31
CA ALA L 240 59.00 29.73 -19.02
C ALA L 240 59.53 31.16 -19.24
N LEU L 241 60.83 31.41 -19.00
CA LEU L 241 61.44 32.75 -19.22
C LEU L 241 61.38 33.05 -20.72
N ASP L 242 61.71 32.07 -21.57
CA ASP L 242 61.64 32.24 -23.06
C ASP L 242 60.16 32.40 -23.46
N ARG L 243 59.26 31.60 -22.89
CA ARG L 243 57.80 31.65 -23.18
C ARG L 243 57.30 33.07 -22.83
N ALA L 244 57.73 33.63 -21.70
CA ALA L 244 57.32 34.99 -21.24
C ALA L 244 57.70 36.02 -22.30
N GLN L 245 58.93 35.96 -22.84
CA GLN L 245 59.42 36.93 -23.85
C GLN L 245 58.59 36.78 -25.14
N ALA L 246 58.31 35.55 -25.58
CA ALA L 246 57.54 35.29 -26.82
C ALA L 246 56.11 35.84 -26.66
N LEU L 247 55.48 35.65 -25.49
CA LEU L 247 54.10 36.11 -25.22
C LEU L 247 54.10 37.65 -25.20
N ALA L 248 55.09 38.28 -24.56
CA ALA L 248 55.19 39.76 -24.43
C ALA L 248 55.41 40.38 -25.83
N GLU L 249 56.09 39.67 -26.74
CA GLU L 249 56.35 40.17 -28.13
C GLU L 249 55.03 40.11 -28.91
N ALA L 250 54.17 39.11 -28.65
CA ALA L 250 52.89 38.97 -29.33
C ALA L 250 51.84 39.94 -28.83
N GLY L 251 52.11 40.68 -27.77
CA GLY L 251 51.21 41.70 -27.28
C GLY L 251 50.41 41.36 -26.05
N VAL L 252 50.80 40.34 -25.29
CA VAL L 252 50.06 39.99 -24.09
C VAL L 252 50.16 41.13 -23.08
N ASP L 253 49.10 41.30 -22.29
CA ASP L 253 49.02 42.42 -21.36
C ASP L 253 49.53 42.09 -19.96
N PHE L 254 49.50 40.82 -19.56
CA PHE L 254 50.10 40.40 -18.31
C PHE L 254 50.38 38.92 -18.37
N LEU L 255 51.34 38.49 -17.55
CA LEU L 255 51.70 37.10 -17.42
C LEU L 255 51.28 36.59 -16.05
N VAL L 256 50.95 35.31 -15.97
CA VAL L 256 50.66 34.63 -14.72
C VAL L 256 51.69 33.51 -14.57
N VAL L 257 52.58 33.64 -13.60
CA VAL L 257 53.52 32.55 -13.27
C VAL L 257 52.72 31.55 -12.43
N ASP L 258 52.33 30.43 -13.05
CA ASP L 258 51.34 29.51 -12.50
C ASP L 258 52.03 28.27 -11.95
N THR L 259 52.08 28.14 -10.61
CA THR L 259 52.70 26.97 -9.93
C THR L 259 51.70 26.39 -8.93
N SER L 260 51.79 25.10 -8.59
CA SER L 260 50.92 24.47 -7.56
C SER L 260 51.41 24.92 -6.17
N HIS L 261 52.70 25.26 -6.04
CA HIS L 261 53.31 25.72 -4.75
C HIS L 261 54.02 27.06 -4.97
N GLY L 262 53.33 28.20 -4.85
CA GLY L 262 53.91 29.54 -4.94
C GLY L 262 54.91 29.94 -3.86
N HIS L 263 54.91 29.27 -2.71
CA HIS L 263 55.85 29.57 -1.64
C HIS L 263 57.13 28.78 -1.75
N ASN L 264 57.30 28.03 -2.85
CA ASN L 264 58.55 27.31 -3.09
C ASN L 264 59.62 28.31 -3.53
N SER L 265 60.81 28.19 -2.94
CA SER L 265 61.85 29.18 -3.17
C SER L 265 62.25 29.25 -4.64
N ASN L 266 62.33 28.09 -5.31
CA ASN L 266 62.70 28.11 -6.73
C ASN L 266 61.63 28.81 -7.56
N ALA L 267 60.36 28.54 -7.28
CA ALA L 267 59.29 29.24 -7.98
C ALA L 267 59.38 30.75 -7.76
N LEU L 268 59.62 31.17 -6.51
CA LEU L 268 59.74 32.59 -6.24
C LEU L 268 60.90 33.21 -7.02
N SER L 269 62.03 32.49 -7.11
CA SER L 269 63.17 33.01 -7.84
C SER L 269 62.83 33.27 -9.31
N TRP L 270 62.10 32.34 -9.94
CA TRP L 270 61.73 32.51 -11.33
C TRP L 270 60.73 33.63 -11.51
N MET L 271 59.85 33.85 -10.54
CA MET L 271 58.95 35.00 -10.62
C MET L 271 59.75 36.29 -10.72
N SER L 272 60.79 36.43 -9.89
CA SER L 272 61.65 37.61 -9.95
C SER L 272 62.36 37.70 -11.30
N LYS L 273 62.93 36.58 -11.76
CA LYS L 273 63.64 36.61 -13.03
C LYS L 273 62.72 36.98 -14.19
N ILE L 274 61.53 36.37 -14.22
CA ILE L 274 60.59 36.64 -15.30
C ILE L 274 60.11 38.08 -15.23
N LYS L 275 59.76 38.55 -14.03
CA LYS L 275 59.28 39.91 -13.86
C LYS L 275 60.28 40.92 -14.40
N SER L 276 61.56 40.74 -14.06
CA SER L 276 62.58 41.70 -14.46
C SER L 276 62.94 41.60 -15.93
N SER L 277 62.51 40.55 -16.63
CA SER L 277 62.87 40.35 -18.03
C SER L 277 61.82 40.89 -19.00
N VAL L 278 60.68 41.37 -18.50
CA VAL L 278 59.63 41.91 -19.34
C VAL L 278 59.18 43.24 -18.75
N GLY L 279 58.46 44.00 -19.57
CA GLY L 279 57.92 45.28 -19.15
C GLY L 279 56.46 45.26 -18.75
N ILE L 280 55.79 44.12 -18.82
CA ILE L 280 54.39 44.03 -18.51
C ILE L 280 54.21 43.46 -17.10
N ASP L 281 53.00 43.56 -16.58
CA ASP L 281 52.70 43.06 -15.24
C ASP L 281 52.87 41.55 -15.18
N VAL L 282 53.34 41.07 -14.04
CA VAL L 282 53.52 39.64 -13.82
C VAL L 282 52.79 39.25 -12.53
N VAL L 283 51.84 38.33 -12.65
CA VAL L 283 51.11 37.79 -11.51
C VAL L 283 51.76 36.49 -11.08
N GLY L 284 51.85 36.28 -9.77
CA GLY L 284 52.41 35.06 -9.23
C GLY L 284 51.39 34.32 -8.37
N GLY L 285 51.54 33.00 -8.33
CA GLY L 285 50.71 32.18 -7.47
C GLY L 285 51.20 30.73 -7.53
N ASN L 286 50.52 29.86 -6.78
CA ASN L 286 49.40 30.20 -5.91
C ASN L 286 49.82 30.14 -4.45
N VAL L 287 49.22 30.97 -3.61
CA VAL L 287 49.48 30.97 -2.17
C VAL L 287 48.15 30.96 -1.43
N ALA L 288 48.25 30.74 -0.11
CA ALA L 288 47.05 30.69 0.72
C ALA L 288 47.33 31.15 2.15
N THR L 289 48.42 31.89 2.38
CA THR L 289 48.79 32.36 3.70
C THR L 289 49.30 33.79 3.57
N ARG L 290 49.39 34.48 4.72
CA ARG L 290 49.96 35.82 4.71
C ARG L 290 51.43 35.79 4.32
N ASP L 291 52.21 34.87 4.92
CA ASP L 291 53.63 34.83 4.64
C ASP L 291 53.90 34.40 3.19
N GLY L 292 53.04 33.54 2.64
CA GLY L 292 53.17 33.19 1.24
C GLY L 292 52.91 34.36 0.32
N ALA L 293 51.86 35.14 0.60
CA ALA L 293 51.60 36.34 -0.19
C ALA L 293 52.74 37.34 -0.06
N GLN L 294 53.27 37.51 1.15
CA GLN L 294 54.37 38.45 1.34
C GLN L 294 55.60 38.02 0.55
N ALA L 295 55.85 36.72 0.47
CA ALA L 295 56.97 36.22 -0.31
C ALA L 295 56.78 36.52 -1.80
N LEU L 296 55.56 36.36 -2.31
CA LEU L 296 55.29 36.74 -3.69
C LEU L 296 55.54 38.23 -3.90
N ILE L 297 55.06 39.05 -2.97
CA ILE L 297 55.25 40.49 -3.07
C ILE L 297 56.73 40.83 -3.05
N ASP L 298 57.49 40.19 -2.17
CA ASP L 298 58.92 40.44 -2.10
C ASP L 298 59.63 40.02 -3.37
N ALA L 299 59.09 39.04 -4.10
CA ALA L 299 59.66 38.64 -5.37
C ALA L 299 59.38 39.65 -6.47
N GLY L 300 58.46 40.59 -6.23
CA GLY L 300 58.24 41.70 -7.12
C GLY L 300 57.00 41.60 -7.99
N VAL L 301 56.10 40.67 -7.71
CA VAL L 301 54.95 40.48 -8.60
C VAL L 301 54.01 41.68 -8.48
N ASP L 302 53.22 41.88 -9.53
CA ASP L 302 52.26 42.96 -9.59
C ASP L 302 50.86 42.53 -9.18
N GLY L 303 50.66 41.23 -8.96
CA GLY L 303 49.42 40.69 -8.43
C GLY L 303 49.69 39.30 -7.93
N ILE L 304 48.84 38.85 -7.01
CA ILE L 304 48.97 37.52 -6.43
C ILE L 304 47.69 36.73 -6.68
N LYS L 305 47.84 35.43 -6.85
CA LYS L 305 46.71 34.52 -7.05
C LYS L 305 46.63 33.58 -5.86
N VAL L 306 45.44 33.47 -5.27
CA VAL L 306 45.25 32.80 -3.98
C VAL L 306 44.38 31.57 -4.18
N GLY L 307 44.87 30.43 -3.68
CA GLY L 307 44.13 29.19 -3.75
C GLY L 307 45.02 27.97 -3.71
N VAL L 308 45.05 27.29 -2.57
CA VAL L 308 45.77 26.02 -2.41
C VAL L 308 44.83 25.05 -1.72
N GLY L 309 44.43 24.00 -2.44
CA GLY L 309 43.48 23.03 -1.92
C GLY L 309 42.23 23.67 -1.37
N PRO L 310 41.60 24.56 -2.15
CA PRO L 310 40.41 25.26 -1.62
C PRO L 310 39.18 24.37 -1.57
N GLY L 311 39.10 23.35 -2.41
CA GLY L 311 37.88 22.56 -2.54
C GLY L 311 37.87 21.37 -1.60
N SER L 312 36.68 21.12 -1.03
CA SER L 312 36.48 19.98 -0.16
C SER L 312 36.84 18.67 -0.85
N ILE L 313 37.63 17.84 -0.17
CA ILE L 313 38.04 16.54 -0.68
C ILE L 313 38.49 16.67 -2.12
N CYS L 314 39.33 17.67 -2.38
CA CYS L 314 39.98 17.83 -3.67
C CYS L 314 41.31 17.09 -3.64
N THR L 315 42.06 17.17 -4.74
CA THR L 315 43.20 16.30 -4.91
C THR L 315 44.27 16.58 -3.86
N THR L 316 44.64 17.85 -3.70
CA THR L 316 45.70 18.19 -2.76
C THR L 316 45.31 17.85 -1.33
N ARG L 317 44.02 17.95 -0.99
CA ARG L 317 43.59 17.61 0.35
C ARG L 317 43.64 16.09 0.58
N VAL L 318 43.16 15.32 -0.38
CA VAL L 318 43.06 13.88 -0.19
C VAL L 318 44.43 13.23 -0.28
N VAL L 319 45.23 13.63 -1.28
CA VAL L 319 46.51 12.98 -1.49
C VAL L 319 47.51 13.41 -0.42
N ALA L 320 47.59 14.71 -0.14
CA ALA L 320 48.66 15.25 0.68
C ALA L 320 48.17 15.88 1.98
N GLY L 321 46.86 15.99 2.20
CA GLY L 321 46.38 16.61 3.41
C GLY L 321 46.65 18.10 3.48
N ILE L 322 46.90 18.72 2.34
CA ILE L 322 47.26 20.13 2.26
C ILE L 322 46.05 20.91 1.77
N GLY L 323 45.78 22.04 2.43
CA GLY L 323 44.74 22.93 1.95
C GLY L 323 44.40 24.05 2.89
N VAL L 324 43.76 25.09 2.36
CA VAL L 324 43.29 26.22 3.16
C VAL L 324 41.88 26.58 2.71
N PRO L 325 40.88 26.57 3.59
CA PRO L 325 39.56 27.11 3.21
C PRO L 325 39.70 28.50 2.62
N GLN L 326 38.95 28.77 1.55
CA GLN L 326 39.32 29.85 0.65
C GLN L 326 39.05 31.23 1.27
N VAL L 327 38.02 31.37 2.10
CA VAL L 327 37.76 32.66 2.72
C VAL L 327 38.93 33.04 3.62
N THR L 328 39.40 32.08 4.43
CA THR L 328 40.58 32.30 5.24
C THR L 328 41.80 32.57 4.37
N ALA L 329 41.97 31.79 3.30
CA ALA L 329 43.13 31.98 2.42
C ALA L 329 43.14 33.40 1.85
N ILE L 330 42.00 33.86 1.34
CA ILE L 330 41.92 35.21 0.78
C ILE L 330 42.20 36.24 1.87
N TYR L 331 41.55 36.09 3.02
CA TYR L 331 41.72 37.09 4.08
C TYR L 331 43.17 37.18 4.52
N GLU L 332 43.79 36.02 4.79
CA GLU L 332 45.16 36.02 5.26
C GLU L 332 46.10 36.61 4.22
N ALA L 333 45.94 36.21 2.95
CA ALA L 333 46.78 36.76 1.90
C ALA L 333 46.56 38.26 1.74
N SER L 334 45.31 38.72 1.90
CA SER L 334 45.02 40.13 1.73
C SER L 334 45.67 40.98 2.81
N LEU L 335 45.95 40.42 3.98
CA LEU L 335 46.67 41.18 5.00
C LEU L 335 48.00 41.69 4.47
N ALA L 336 48.68 40.88 3.65
CA ALA L 336 49.91 41.32 3.03
C ALA L 336 49.64 42.14 1.76
N ALA L 337 48.70 41.66 0.93
CA ALA L 337 48.38 42.27 -0.38
C ALA L 337 47.87 43.70 -0.18
N ARG L 338 46.87 43.93 0.67
CA ARG L 338 46.27 45.28 0.90
C ARG L 338 47.34 46.23 1.45
N ALA L 339 48.30 45.76 2.25
CA ALA L 339 49.37 46.58 2.85
C ALA L 339 50.34 47.06 1.76
N ALA L 340 50.54 46.28 0.69
CA ALA L 340 51.45 46.60 -0.40
C ALA L 340 50.74 47.19 -1.62
N GLY L 341 49.42 47.25 -1.61
CA GLY L 341 48.69 47.74 -2.77
C GLY L 341 48.71 46.81 -3.96
N VAL L 342 48.83 45.51 -3.73
CA VAL L 342 48.97 44.52 -4.80
C VAL L 342 47.63 43.80 -4.95
N PRO L 343 47.02 43.80 -6.13
CA PRO L 343 45.71 43.12 -6.28
C PRO L 343 45.81 41.63 -6.04
N LEU L 344 44.70 41.06 -5.56
CA LEU L 344 44.61 39.66 -5.15
C LEU L 344 43.53 38.96 -5.95
N ILE L 345 43.90 37.87 -6.62
CA ILE L 345 42.99 37.07 -7.42
C ILE L 345 42.56 35.86 -6.61
N GLY L 346 41.25 35.71 -6.38
CA GLY L 346 40.72 34.52 -5.74
C GLY L 346 40.55 33.39 -6.74
N ASP L 347 41.25 32.28 -6.53
CA ASP L 347 41.31 31.18 -7.49
C ASP L 347 40.95 29.86 -6.82
N GLY L 348 39.66 29.54 -6.83
CA GLY L 348 39.19 28.23 -6.44
C GLY L 348 38.15 28.22 -5.35
N GLY L 349 37.40 27.12 -5.27
CA GLY L 349 36.44 26.92 -4.20
C GLY L 349 35.05 27.48 -4.46
N LEU L 350 34.83 28.13 -5.60
CA LEU L 350 33.53 28.75 -5.85
C LEU L 350 32.45 27.69 -5.99
N GLN L 351 31.26 28.00 -5.47
CA GLN L 351 30.11 27.10 -5.56
C GLN L 351 28.80 27.81 -5.90
N TYR L 352 28.74 29.14 -5.83
CA TYR L 352 27.53 29.89 -6.10
C TYR L 352 27.95 31.27 -6.57
N SER L 353 27.06 31.96 -7.29
CA SER L 353 27.37 33.32 -7.70
C SER L 353 27.57 34.22 -6.51
N GLY L 354 26.90 33.91 -5.38
CA GLY L 354 27.07 34.68 -4.17
C GLY L 354 28.45 34.61 -3.57
N ASP L 355 29.24 33.60 -3.94
CA ASP L 355 30.60 33.49 -3.41
C ASP L 355 31.52 34.56 -3.98
N ILE L 356 31.16 35.18 -5.11
CA ILE L 356 32.00 36.23 -5.67
C ILE L 356 32.06 37.42 -4.72
N GLY L 357 30.89 37.90 -4.28
CA GLY L 357 30.86 38.99 -3.33
C GLY L 357 31.55 38.66 -2.03
N LYS L 358 31.42 37.40 -1.58
CA LYS L 358 32.13 36.98 -0.38
C LYS L 358 33.63 37.08 -0.57
N ALA L 359 34.13 36.64 -1.74
CA ALA L 359 35.56 36.71 -2.01
C ALA L 359 36.04 38.16 -1.99
N LEU L 360 35.30 39.05 -2.64
CA LEU L 360 35.69 40.46 -2.69
C LEU L 360 35.65 41.08 -1.29
N ALA L 361 34.60 40.81 -0.53
CA ALA L 361 34.50 41.36 0.81
C ALA L 361 35.58 40.79 1.72
N ALA L 362 36.05 39.58 1.44
CA ALA L 362 37.12 38.97 2.22
C ALA L 362 38.50 39.52 1.88
N GLY L 363 38.64 40.23 0.76
CA GLY L 363 39.91 40.86 0.44
C GLY L 363 40.40 40.67 -0.99
N ALA L 364 39.65 39.93 -1.80
CA ALA L 364 40.05 39.73 -3.18
C ALA L 364 39.66 40.95 -4.03
N ASP L 365 40.42 41.17 -5.09
CA ASP L 365 40.09 42.19 -6.09
C ASP L 365 39.39 41.60 -7.30
N THR L 366 39.68 40.35 -7.66
CA THR L 366 39.00 39.68 -8.76
C THR L 366 38.90 38.21 -8.41
N VAL L 367 38.13 37.47 -9.21
CA VAL L 367 37.89 36.05 -8.99
C VAL L 367 38.11 35.30 -10.29
N MET L 368 38.87 34.21 -10.24
CA MET L 368 39.16 33.40 -11.40
C MET L 368 38.16 32.26 -11.50
N LEU L 369 37.56 32.08 -12.67
CA LEU L 369 36.57 31.05 -12.92
C LEU L 369 37.21 29.90 -13.70
N GLY L 370 36.95 28.68 -13.27
CA GLY L 370 37.58 27.53 -13.88
C GLY L 370 36.63 26.54 -14.54
N SER L 371 36.54 25.35 -13.95
CA SER L 371 35.81 24.26 -14.61
C SER L 371 34.38 24.66 -14.94
N LEU L 372 33.79 25.58 -14.18
CA LEU L 372 32.48 26.09 -14.55
C LEU L 372 32.36 26.35 -16.05
N LEU L 373 33.38 26.99 -16.62
CA LEU L 373 33.30 27.52 -17.97
C LEU L 373 33.69 26.51 -19.04
N ALA L 374 34.17 25.34 -18.65
CA ALA L 374 34.63 24.36 -19.62
C ALA L 374 33.51 23.93 -20.56
N GLY L 375 32.27 24.00 -20.10
CA GLY L 375 31.13 23.63 -20.90
C GLY L 375 30.57 24.73 -21.78
N CYS L 376 31.13 25.93 -21.72
CA CYS L 376 30.61 27.05 -22.49
C CYS L 376 31.00 26.90 -23.95
N GLU L 377 30.20 27.50 -24.83
CA GLU L 377 30.44 27.40 -26.26
C GLU L 377 31.84 27.82 -26.64
N GLU L 378 32.37 28.85 -25.99
CA GLU L 378 33.67 29.42 -26.36
C GLU L 378 34.85 28.65 -25.82
N SER L 379 34.65 27.60 -25.02
CA SER L 379 35.76 26.81 -24.51
C SER L 379 36.38 25.99 -25.65
N PRO L 380 37.61 25.52 -25.46
CA PRO L 380 38.34 24.90 -26.59
C PRO L 380 37.71 23.63 -27.15
N GLY L 381 36.95 22.88 -26.35
CA GLY L 381 36.46 21.59 -26.77
C GLY L 381 35.56 21.65 -28.00
N GLU L 382 35.34 20.47 -28.58
CA GLU L 382 34.45 20.34 -29.73
C GLU L 382 33.04 20.07 -29.22
N LEU L 383 32.05 20.80 -29.75
CA LEU L 383 30.66 20.57 -29.41
C LEU L 383 30.17 19.32 -30.12
N GLN L 384 29.71 18.33 -29.34
CA GLN L 384 29.24 17.08 -29.89
C GLN L 384 27.85 16.77 -29.35
N PHE L 385 27.11 15.98 -30.13
CA PHE L 385 25.73 15.62 -29.81
C PHE L 385 25.70 14.12 -29.53
N ILE L 386 25.30 13.76 -28.31
CA ILE L 386 25.14 12.37 -27.91
C ILE L 386 23.86 12.26 -27.10
N ASN L 387 22.72 12.25 -27.79
CA ASN L 387 21.41 12.36 -27.14
C ASN L 387 21.21 13.79 -26.62
N GLY L 388 22.23 14.33 -25.95
CA GLY L 388 22.27 15.72 -25.55
C GLY L 388 23.54 16.38 -26.05
N LYS L 389 23.80 17.62 -25.66
CA LYS L 389 24.96 18.36 -26.14
C LYS L 389 26.07 18.31 -25.10
N GLN L 390 27.29 18.10 -25.57
CA GLN L 390 28.47 17.96 -24.72
C GLN L 390 29.64 18.67 -25.39
N PHE L 391 30.64 19.01 -24.58
CA PHE L 391 31.88 19.58 -25.10
C PHE L 391 33.02 18.57 -25.03
N VAL L 437 32.20 17.04 -20.60
CA VAL L 437 31.36 17.83 -19.66
C VAL L 437 30.04 18.20 -20.34
N PRO L 438 28.94 18.52 -19.62
CA PRO L 438 27.70 18.99 -20.29
C PRO L 438 27.91 20.33 -21.04
N TYR L 439 27.10 20.62 -22.06
CA TYR L 439 27.18 21.90 -22.83
C TYR L 439 26.44 22.97 -22.02
N ARG L 440 27.02 24.18 -21.85
CA ARG L 440 26.45 25.22 -21.01
C ARG L 440 25.93 26.40 -21.82
N GLY L 441 26.27 26.48 -23.10
CA GLY L 441 25.87 27.59 -23.93
C GLY L 441 26.86 28.73 -23.91
N PRO L 442 26.43 29.88 -24.43
CA PRO L 442 27.38 31.01 -24.54
C PRO L 442 27.85 31.47 -23.17
N LEU L 443 29.14 31.84 -23.10
CA LEU L 443 29.71 32.42 -21.89
C LEU L 443 28.85 33.56 -21.36
N ALA L 444 28.28 34.35 -22.27
CA ALA L 444 27.52 35.53 -21.86
C ALA L 444 26.44 35.18 -20.85
N ASN L 445 25.81 34.02 -20.99
CA ASN L 445 24.74 33.67 -20.07
C ASN L 445 25.28 33.43 -18.66
N VAL L 446 26.42 32.76 -18.57
CA VAL L 446 27.04 32.49 -17.28
C VAL L 446 27.47 33.80 -16.62
N LEU L 447 28.17 34.65 -17.37
CA LEU L 447 28.68 35.89 -16.79
C LEU L 447 27.53 36.83 -16.41
N HIS L 448 26.48 36.85 -17.23
CA HIS L 448 25.34 37.72 -16.92
C HIS L 448 24.74 37.35 -15.57
N GLN L 449 24.61 36.06 -15.28
CA GLN L 449 24.08 35.64 -13.99
C GLN L 449 25.07 35.95 -12.87
N LEU L 450 26.36 35.70 -13.11
CA LEU L 450 27.36 35.92 -12.07
C LEU L 450 27.48 37.42 -11.75
N VAL L 451 27.57 38.25 -12.78
CA VAL L 451 27.69 39.69 -12.54
C VAL L 451 26.39 40.23 -11.95
N GLY L 452 25.25 39.74 -12.43
CA GLY L 452 23.99 40.12 -11.84
C GLY L 452 23.95 39.82 -10.34
N GLY L 453 24.41 38.63 -9.96
CA GLY L 453 24.47 38.31 -8.55
C GLY L 453 25.36 39.25 -7.76
N LEU L 454 26.54 39.55 -8.30
CA LEU L 454 27.46 40.45 -7.61
C LEU L 454 26.84 41.82 -7.40
N ARG L 455 26.13 42.33 -8.42
CA ARG L 455 25.48 43.62 -8.27
C ARG L 455 24.44 43.60 -7.16
N GLN L 456 23.72 42.48 -7.01
CA GLN L 456 22.81 42.33 -5.89
C GLN L 456 23.57 42.41 -4.58
N THR L 457 24.68 41.68 -4.47
CA THR L 457 25.50 41.74 -3.26
C THR L 457 25.89 43.18 -2.93
N MET L 458 26.40 43.90 -3.92
CA MET L 458 26.87 45.26 -3.68
C MET L 458 25.73 46.18 -3.27
N GLY L 459 24.57 46.03 -3.91
CA GLY L 459 23.41 46.81 -3.51
C GLY L 459 23.00 46.54 -2.08
N TYR L 460 22.99 45.26 -1.69
CA TYR L 460 22.59 44.91 -0.34
C TYR L 460 23.59 45.45 0.69
N VAL L 461 24.88 45.44 0.34
CA VAL L 461 25.93 45.86 1.26
C VAL L 461 26.12 47.37 1.26
N GLY L 462 25.66 48.06 0.23
CA GLY L 462 25.87 49.48 0.13
C GLY L 462 27.17 49.89 -0.53
N ALA L 463 27.82 48.97 -1.25
CA ALA L 463 29.09 49.25 -1.89
C ALA L 463 28.82 49.77 -3.30
N ALA L 464 29.16 51.04 -3.54
CA ALA L 464 29.03 51.61 -4.87
C ALA L 464 30.17 51.17 -5.78
N THR L 465 31.27 50.71 -5.21
CA THR L 465 32.43 50.26 -5.96
C THR L 465 32.98 48.99 -5.33
N ILE L 466 33.80 48.27 -6.09
CA ILE L 466 34.43 47.08 -5.55
C ILE L 466 35.28 47.43 -4.34
N GLU L 467 36.01 48.54 -4.40
CA GLU L 467 36.88 48.95 -3.32
C GLU L 467 36.14 49.16 -2.00
N GLU L 468 34.83 49.42 -2.03
CA GLU L 468 34.07 49.57 -0.81
C GLU L 468 33.66 48.23 -0.20
N MET L 469 33.81 47.13 -0.92
CA MET L 469 33.30 45.84 -0.44
C MET L 469 34.01 45.41 0.83
N GLU L 470 35.33 45.58 0.91
CA GLU L 470 36.07 45.07 2.06
C GLU L 470 35.65 45.77 3.34
N SER L 471 35.42 47.07 3.28
CA SER L 471 35.07 47.82 4.49
C SER L 471 33.59 47.70 4.82
N LYS L 472 32.71 47.74 3.81
CA LYS L 472 31.28 47.74 4.06
C LYS L 472 30.70 46.34 4.21
N GLY L 473 31.34 45.32 3.64
CA GLY L 473 30.84 43.97 3.76
C GLY L 473 31.08 43.41 5.15
N ARG L 474 30.00 43.18 5.90
CA ARG L 474 30.09 42.58 7.22
C ARG L 474 29.73 41.10 7.12
N PHE L 475 30.53 40.26 7.76
CA PHE L 475 30.34 38.82 7.69
C PHE L 475 29.69 38.30 8.97
N VAL L 476 28.94 37.21 8.83
CA VAL L 476 28.54 36.38 9.95
C VAL L 476 28.83 34.94 9.57
N ARG L 477 29.31 34.15 10.54
CA ARG L 477 29.49 32.72 10.33
C ARG L 477 28.16 32.01 10.58
N ILE L 478 27.98 30.87 9.92
CA ILE L 478 26.79 30.06 10.11
C ILE L 478 27.20 28.62 10.41
N THR L 479 26.29 27.90 11.08
CA THR L 479 26.51 26.51 11.41
C THR L 479 26.04 25.61 10.27
N SER L 480 26.25 24.30 10.43
CA SER L 480 25.77 23.35 9.43
C SER L 480 24.25 23.33 9.34
N ALA L 481 23.56 23.79 10.38
CA ALA L 481 22.10 23.86 10.35
C ALA L 481 21.63 24.86 9.30
N GLY M 10 -125.81 -36.73 -29.11
CA GLY M 10 -126.99 -35.93 -28.86
C GLY M 10 -126.94 -34.53 -29.44
N VAL M 11 -126.15 -34.36 -30.49
CA VAL M 11 -125.97 -33.05 -31.11
C VAL M 11 -126.37 -33.22 -32.60
N PRO M 12 -126.67 -32.11 -33.33
CA PRO M 12 -126.95 -32.19 -34.77
C PRO M 12 -125.73 -32.72 -35.55
N GLU M 13 -125.92 -33.19 -36.79
CA GLU M 13 -124.81 -33.70 -37.65
C GLU M 13 -123.81 -32.57 -37.92
N LYS M 14 -124.25 -31.31 -37.85
CA LYS M 14 -123.37 -30.12 -38.06
C LYS M 14 -122.24 -30.15 -37.01
N PHE M 15 -122.56 -30.46 -35.75
CA PHE M 15 -121.58 -30.43 -34.63
C PHE M 15 -121.20 -31.86 -34.22
N ALA M 16 -121.29 -32.85 -35.11
CA ALA M 16 -121.05 -34.24 -34.71
C ALA M 16 -119.57 -34.47 -34.38
N THR M 17 -118.66 -33.79 -35.06
CA THR M 17 -117.24 -34.12 -34.95
C THR M 17 -116.67 -33.61 -33.62
N LEU M 18 -115.92 -34.48 -32.95
CA LEU M 18 -115.20 -34.14 -31.73
C LEU M 18 -113.72 -34.08 -32.03
N GLY M 19 -113.09 -32.96 -31.72
CA GLY M 19 -111.65 -32.79 -31.89
C GLY M 19 -110.91 -33.14 -30.61
N LEU M 20 -109.77 -33.82 -30.77
CA LEU M 20 -108.99 -34.34 -29.65
C LEU M 20 -107.63 -33.66 -29.62
N THR M 21 -107.21 -33.25 -28.41
CA THR M 21 -105.89 -32.71 -28.20
C THR M 21 -104.99 -33.78 -27.56
N TYR M 22 -103.72 -33.42 -27.35
CA TYR M 22 -102.77 -34.36 -26.77
C TYR M 22 -103.25 -34.81 -25.38
N ASP M 23 -103.70 -33.88 -24.56
CA ASP M 23 -104.14 -34.22 -23.21
C ASP M 23 -105.36 -35.13 -23.22
N ASP M 24 -106.07 -35.21 -24.35
CA ASP M 24 -107.28 -36.02 -24.42
C ASP M 24 -107.00 -37.50 -24.58
N VAL M 25 -105.76 -37.91 -24.87
CA VAL M 25 -105.49 -39.29 -25.23
C VAL M 25 -104.22 -39.78 -24.54
N LEU M 26 -104.11 -41.11 -24.46
CA LEU M 26 -102.93 -41.79 -23.98
C LEU M 26 -102.65 -42.96 -24.91
N LEU M 27 -101.39 -43.36 -24.96
CA LEU M 27 -100.99 -44.55 -25.71
C LEU M 27 -100.97 -45.75 -24.78
N LEU M 28 -101.44 -46.89 -25.28
CA LEU M 28 -101.46 -48.12 -24.52
C LEU M 28 -100.11 -48.83 -24.61
N PRO M 29 -99.69 -49.54 -23.56
CA PRO M 29 -98.58 -50.48 -23.71
C PRO M 29 -98.99 -51.62 -24.62
N GLY M 30 -98.02 -52.12 -25.40
CA GLY M 30 -98.26 -53.21 -26.30
C GLY M 30 -97.19 -54.28 -26.22
N ALA M 31 -97.44 -55.38 -26.94
CA ALA M 31 -96.42 -56.41 -27.08
C ALA M 31 -95.15 -55.80 -27.64
N SER M 32 -94.03 -56.04 -26.98
CA SER M 32 -92.78 -55.41 -27.37
C SER M 32 -91.61 -56.36 -27.24
N ALA M 33 -90.75 -56.34 -28.25
CA ALA M 33 -89.50 -57.08 -28.24
C ALA M 33 -88.28 -56.16 -28.32
N VAL M 34 -88.46 -54.87 -28.08
CA VAL M 34 -87.40 -53.88 -28.29
C VAL M 34 -87.35 -52.96 -27.08
N LEU M 35 -86.14 -52.70 -26.59
CA LEU M 35 -85.93 -51.84 -25.43
C LEU M 35 -85.72 -50.39 -25.87
N PRO M 36 -86.01 -49.43 -24.99
CA PRO M 36 -85.83 -48.01 -25.37
C PRO M 36 -84.47 -47.69 -25.96
N ASN M 37 -83.38 -48.23 -25.40
CA ASN M 37 -82.06 -47.85 -25.91
C ASN M 37 -81.73 -48.46 -27.26
N ALA M 38 -82.60 -49.31 -27.83
CA ALA M 38 -82.31 -49.98 -29.08
C ALA M 38 -83.20 -49.54 -30.24
N VAL M 39 -84.19 -48.69 -29.99
CA VAL M 39 -85.07 -48.27 -31.09
C VAL M 39 -84.35 -47.29 -32.00
N ASP M 40 -84.86 -47.17 -33.22
CA ASP M 40 -84.33 -46.25 -34.22
C ASP M 40 -85.26 -45.05 -34.32
N THR M 41 -84.71 -43.86 -34.10
CA THR M 41 -85.50 -42.63 -34.03
C THR M 41 -85.41 -41.79 -35.29
N SER M 42 -84.86 -42.34 -36.37
CA SER M 42 -84.71 -41.56 -37.59
C SER M 42 -86.06 -41.43 -38.31
N SER M 43 -86.20 -40.33 -39.04
CA SER M 43 -87.46 -40.04 -39.73
C SER M 43 -87.16 -39.07 -40.87
N ARG M 44 -88.22 -38.71 -41.59
CA ARG M 44 -88.12 -37.82 -42.74
C ARG M 44 -88.74 -36.46 -42.43
N ILE M 45 -88.00 -35.39 -42.75
CA ILE M 45 -88.57 -34.05 -42.77
C ILE M 45 -89.49 -33.90 -43.98
N SER M 46 -89.02 -34.34 -45.14
CA SER M 46 -89.74 -34.25 -46.40
C SER M 46 -89.29 -35.44 -47.23
N ARG M 47 -89.80 -35.52 -48.46
CA ARG M 47 -89.55 -36.70 -49.29
C ARG M 47 -88.07 -37.08 -49.29
N ASN M 48 -87.18 -36.08 -49.39
CA ASN M 48 -85.76 -36.35 -49.60
C ASN M 48 -84.86 -35.80 -48.51
N VAL M 49 -85.40 -35.46 -47.35
CA VAL M 49 -84.60 -34.96 -46.23
C VAL M 49 -84.86 -35.82 -45.00
N ARG M 50 -83.79 -36.38 -44.44
CA ARG M 50 -83.90 -37.30 -43.31
C ARG M 50 -83.14 -36.74 -42.12
N VAL M 51 -83.68 -37.02 -40.92
CA VAL M 51 -83.06 -36.65 -39.66
C VAL M 51 -82.94 -37.90 -38.80
N ASN M 52 -82.09 -37.80 -37.77
CA ASN M 52 -81.83 -38.92 -36.88
C ASN M 52 -82.64 -38.89 -35.58
N ILE M 53 -83.14 -37.71 -35.19
CA ILE M 53 -84.19 -37.60 -34.18
C ILE M 53 -85.31 -36.81 -34.85
N PRO M 54 -86.59 -37.11 -34.56
CA PRO M 54 -87.69 -36.55 -35.35
C PRO M 54 -88.15 -35.17 -34.88
N LEU M 55 -87.21 -34.23 -34.77
CA LEU M 55 -87.47 -32.94 -34.16
C LEU M 55 -86.86 -31.81 -34.98
N LEU M 56 -87.62 -30.72 -35.11
CA LEU M 56 -87.15 -29.50 -35.72
C LEU M 56 -87.28 -28.35 -34.73
N SER M 57 -86.45 -27.31 -34.88
CA SER M 57 -86.63 -26.05 -34.16
C SER M 57 -87.37 -25.07 -35.08
N ALA M 58 -88.32 -24.34 -34.50
CA ALA M 58 -89.26 -23.56 -35.29
C ALA M 58 -88.60 -22.34 -35.92
N ALA M 59 -89.21 -21.88 -37.02
CA ALA M 59 -88.75 -20.67 -37.72
C ALA M 59 -89.31 -19.42 -37.04
N MET M 60 -88.95 -19.25 -35.77
CA MET M 60 -89.33 -18.09 -34.97
C MET M 60 -88.08 -17.28 -34.70
N ASP M 61 -88.20 -15.95 -34.75
CA ASP M 61 -87.01 -15.12 -34.60
C ASP M 61 -86.45 -15.12 -33.19
N LYS M 62 -87.21 -15.63 -32.22
CA LYS M 62 -86.70 -15.84 -30.87
C LYS M 62 -86.13 -17.24 -30.67
N VAL M 63 -86.12 -18.07 -31.71
CA VAL M 63 -85.73 -19.46 -31.54
C VAL M 63 -84.55 -19.83 -32.42
N THR M 64 -84.71 -19.75 -33.74
CA THR M 64 -83.75 -20.34 -34.65
C THR M 64 -83.01 -19.33 -35.53
N GLU M 65 -81.76 -19.05 -35.16
CA GLU M 65 -80.76 -18.53 -36.08
C GLU M 65 -79.66 -19.58 -36.19
N SER M 66 -78.48 -19.21 -36.69
CA SER M 66 -77.50 -20.23 -37.07
C SER M 66 -77.10 -21.09 -35.89
N ARG M 67 -76.88 -20.48 -34.71
CA ARG M 67 -76.41 -21.24 -33.57
C ARG M 67 -77.39 -22.31 -33.16
N MET M 68 -78.69 -22.00 -33.16
CA MET M 68 -79.69 -23.01 -32.88
C MET M 68 -79.71 -24.08 -33.95
N ALA M 69 -79.66 -23.68 -35.22
CA ALA M 69 -79.69 -24.65 -36.31
C ALA M 69 -78.48 -25.57 -36.25
N ILE M 70 -77.32 -25.02 -35.91
CA ILE M 70 -76.12 -25.84 -35.80
C ILE M 70 -76.27 -26.88 -34.71
N SER M 71 -76.76 -26.46 -33.54
CA SER M 71 -76.91 -27.40 -32.43
C SER M 71 -77.99 -28.44 -32.73
N MET M 72 -79.12 -28.02 -33.31
CA MET M 72 -80.14 -29.00 -33.70
C MET M 72 -79.55 -30.07 -34.60
N ALA M 73 -78.82 -29.65 -35.64
CA ALA M 73 -78.28 -30.62 -36.59
C ALA M 73 -77.23 -31.51 -35.94
N ARG M 74 -76.39 -30.95 -35.07
CA ARG M 74 -75.38 -31.76 -34.40
C ARG M 74 -76.02 -32.86 -33.56
N GLN M 75 -77.18 -32.55 -32.96
CA GLN M 75 -77.90 -33.52 -32.13
C GLN M 75 -78.72 -34.49 -32.96
N GLY M 76 -78.77 -34.31 -34.28
CA GLY M 76 -79.48 -35.23 -35.16
C GLY M 76 -80.80 -34.70 -35.69
N GLY M 77 -81.23 -33.52 -35.28
CA GLY M 77 -82.40 -32.87 -35.80
C GLY M 77 -82.04 -31.87 -36.87
N VAL M 78 -82.86 -30.82 -36.98
CA VAL M 78 -82.61 -29.76 -37.95
C VAL M 78 -83.33 -28.51 -37.50
N GLY M 79 -82.77 -27.35 -37.82
CA GLY M 79 -83.40 -26.08 -37.55
C GLY M 79 -83.97 -25.48 -38.82
N VAL M 80 -85.05 -24.72 -38.67
CA VAL M 80 -85.62 -23.94 -39.76
C VAL M 80 -85.36 -22.47 -39.45
N LEU M 81 -84.43 -21.87 -40.19
CA LEU M 81 -84.06 -20.48 -39.95
C LEU M 81 -85.25 -19.56 -40.22
N HIS M 82 -85.52 -18.67 -39.27
CA HIS M 82 -86.63 -17.74 -39.41
C HIS M 82 -86.34 -16.73 -40.52
N ARG M 83 -87.41 -16.09 -40.99
CA ARG M 83 -87.35 -15.18 -42.12
C ARG M 83 -87.63 -13.73 -41.75
N ASN M 84 -87.62 -13.39 -40.45
CA ASN M 84 -87.85 -12.01 -40.03
C ASN M 84 -86.53 -11.24 -40.09
N LEU M 85 -85.96 -11.19 -41.30
CA LEU M 85 -84.72 -10.47 -41.58
C LEU M 85 -84.54 -10.40 -43.08
N SER M 86 -83.60 -9.57 -43.52
CA SER M 86 -83.40 -9.34 -44.93
C SER M 86 -82.99 -10.63 -45.62
N ILE M 87 -83.17 -10.67 -46.95
CA ILE M 87 -82.82 -11.86 -47.71
C ILE M 87 -81.34 -12.19 -47.53
N GLU M 88 -80.45 -11.18 -47.64
CA GLU M 88 -79.04 -11.51 -47.54
C GLU M 88 -78.67 -11.96 -46.14
N ASP M 89 -79.34 -11.41 -45.13
CA ASP M 89 -79.04 -11.79 -43.76
C ASP M 89 -79.46 -13.22 -43.49
N GLN M 90 -80.60 -13.64 -44.06
CA GLN M 90 -81.03 -15.03 -43.88
C GLN M 90 -80.11 -15.98 -44.65
N ALA M 91 -79.71 -15.59 -45.86
CA ALA M 91 -78.76 -16.40 -46.61
C ALA M 91 -77.44 -16.54 -45.88
N ASN M 92 -77.04 -15.47 -45.18
CA ASN M 92 -75.83 -15.54 -44.36
C ASN M 92 -75.98 -16.53 -43.21
N GLN M 93 -77.15 -16.56 -42.58
CA GLN M 93 -77.38 -17.55 -41.54
C GLN M 93 -77.26 -18.97 -42.11
N VAL M 94 -77.82 -19.20 -43.30
CA VAL M 94 -77.66 -20.48 -43.96
C VAL M 94 -76.18 -20.80 -44.14
N ASP M 95 -75.42 -19.84 -44.67
CA ASP M 95 -74.01 -20.04 -44.91
C ASP M 95 -73.25 -20.42 -43.64
N LEU M 96 -73.58 -19.78 -42.53
CA LEU M 96 -72.92 -20.09 -41.26
C LEU M 96 -73.16 -21.55 -40.87
N VAL M 97 -74.36 -22.06 -41.14
CA VAL M 97 -74.66 -23.45 -40.79
C VAL M 97 -73.93 -24.40 -41.72
N LYS M 98 -74.03 -24.17 -43.04
CA LYS M 98 -73.43 -25.10 -43.99
C LYS M 98 -71.91 -25.17 -43.84
N ARG M 99 -71.28 -24.05 -43.52
CA ARG M 99 -69.83 -23.99 -43.37
C ARG M 99 -69.40 -24.06 -41.91
N SER M 100 -70.16 -24.79 -41.10
CA SER M 100 -69.84 -24.95 -39.68
C SER M 100 -68.71 -25.97 -39.49
N GLU M 101 -68.91 -27.20 -39.96
CA GLU M 101 -67.88 -28.22 -39.93
C GLU M 101 -67.98 -29.06 -41.19
N SER M 102 -66.82 -29.35 -41.78
CA SER M 102 -66.70 -30.03 -43.06
C SER M 102 -67.30 -29.23 -44.21
N GLY M 103 -67.66 -27.97 -43.99
CA GLY M 103 -68.29 -27.16 -45.01
C GLY M 103 -67.35 -26.29 -45.82
N MET M 104 -66.09 -26.22 -45.45
CA MET M 104 -65.10 -25.43 -46.18
C MET M 104 -64.18 -26.28 -47.02
N VAL M 105 -64.45 -27.59 -47.13
CA VAL M 105 -63.59 -28.46 -47.93
C VAL M 105 -63.57 -27.98 -49.38
N ALA M 106 -64.64 -27.35 -49.85
CA ALA M 106 -64.69 -26.84 -51.21
C ALA M 106 -65.11 -25.38 -51.31
N ASN M 107 -65.29 -24.68 -50.19
CA ASN M 107 -65.64 -23.25 -50.20
C ASN M 107 -65.03 -22.60 -48.96
N PRO M 108 -63.72 -22.38 -48.98
CA PRO M 108 -63.05 -21.84 -47.79
C PRO M 108 -63.19 -20.33 -47.67
N ILE M 109 -63.09 -19.87 -46.42
CA ILE M 109 -62.94 -18.43 -46.18
C ILE M 109 -61.51 -18.01 -46.51
N THR M 110 -61.30 -16.75 -46.89
CA THR M 110 -59.95 -16.21 -47.22
C THR M 110 -59.83 -14.77 -46.71
N ILE M 111 -58.61 -14.20 -46.68
CA ILE M 111 -58.39 -12.77 -46.27
C ILE M 111 -57.11 -12.29 -46.98
N HIS M 112 -57.06 -11.06 -47.48
CA HIS M 112 -55.88 -10.52 -48.22
C HIS M 112 -54.76 -10.24 -47.21
N PRO M 113 -53.45 -10.21 -47.61
CA PRO M 113 -52.37 -10.01 -46.64
C PRO M 113 -52.41 -8.62 -45.97
N ASP M 114 -53.00 -7.59 -46.61
CA ASP M 114 -53.00 -6.25 -46.06
C ASP M 114 -54.15 -6.02 -45.08
N ALA M 115 -54.98 -7.03 -44.83
CA ALA M 115 -56.05 -6.87 -43.86
C ALA M 115 -55.46 -6.75 -42.45
N THR M 116 -56.26 -6.18 -41.55
CA THR M 116 -55.82 -6.04 -40.17
C THR M 116 -56.14 -7.30 -39.38
N LEU M 117 -55.43 -7.46 -38.26
CA LEU M 117 -55.72 -8.58 -37.38
C LEU M 117 -57.16 -8.51 -36.87
N GLY M 118 -57.66 -7.30 -36.64
CA GLY M 118 -59.05 -7.16 -36.24
C GLY M 118 -60.02 -7.75 -37.23
N GLU M 119 -59.78 -7.53 -38.53
CA GLU M 119 -60.64 -8.11 -39.55
C GLU M 119 -60.49 -9.63 -39.57
N ALA M 120 -59.26 -10.13 -39.42
CA ALA M 120 -59.05 -11.57 -39.39
C ALA M 120 -59.75 -12.21 -38.19
N ASP M 121 -59.61 -11.60 -37.02
CA ASP M 121 -60.24 -12.15 -35.82
C ASP M 121 -61.75 -12.09 -35.92
N ALA M 122 -62.29 -11.02 -36.54
CA ALA M 122 -63.73 -10.93 -36.72
C ALA M 122 -64.25 -12.04 -37.63
N LEU M 123 -63.50 -12.38 -38.68
CA LEU M 123 -63.89 -13.48 -39.56
C LEU M 123 -63.84 -14.81 -38.81
N CYS M 124 -62.81 -14.99 -37.98
CA CYS M 124 -62.71 -16.20 -37.17
C CYS M 124 -63.90 -16.31 -36.22
N ALA M 125 -64.29 -15.18 -35.61
CA ALA M 125 -65.43 -15.18 -34.71
C ALA M 125 -66.72 -15.49 -35.46
N LYS M 126 -66.87 -14.96 -36.67
CA LYS M 126 -68.10 -15.14 -37.43
C LYS M 126 -68.36 -16.61 -37.74
N PHE M 127 -67.33 -17.30 -38.24
CA PHE M 127 -67.47 -18.68 -38.68
C PHE M 127 -67.06 -19.69 -37.61
N ARG M 128 -66.65 -19.23 -36.44
CA ARG M 128 -66.20 -20.12 -35.37
C ARG M 128 -65.11 -21.06 -35.89
N ILE M 129 -64.08 -20.44 -36.48
CA ILE M 129 -62.90 -21.13 -36.99
C ILE M 129 -61.70 -20.31 -36.53
N SER M 130 -60.58 -20.99 -36.29
CA SER M 130 -59.45 -20.38 -35.61
C SER M 130 -58.34 -19.94 -36.57
N GLY M 131 -58.67 -19.63 -37.81
CA GLY M 131 -57.66 -19.17 -38.74
C GLY M 131 -58.26 -18.94 -40.10
N VAL M 132 -57.51 -18.21 -40.92
CA VAL M 132 -57.94 -17.89 -42.28
C VAL M 132 -56.77 -18.08 -43.25
N PRO M 133 -56.94 -18.83 -44.33
CA PRO M 133 -55.93 -18.80 -45.39
C PRO M 133 -55.79 -17.40 -45.95
N VAL M 134 -54.55 -16.98 -46.20
CA VAL M 134 -54.25 -15.67 -46.78
C VAL M 134 -53.98 -15.87 -48.26
N THR M 135 -54.70 -15.13 -49.10
CA THR M 135 -54.60 -15.26 -50.55
C THR M 135 -54.52 -13.88 -51.19
N ASP M 136 -54.06 -13.87 -52.45
CA ASP M 136 -54.10 -12.67 -53.28
C ASP M 136 -55.44 -12.63 -54.01
N GLY M 137 -55.60 -11.67 -54.90
CA GLY M 137 -56.87 -11.51 -55.61
C GLY M 137 -57.24 -12.68 -56.50
N ALA M 138 -56.26 -13.43 -56.96
CA ALA M 138 -56.51 -14.58 -57.82
C ALA M 138 -56.76 -15.86 -57.04
N GLY M 139 -56.71 -15.81 -55.71
CA GLY M 139 -56.88 -16.98 -54.89
C GLY M 139 -55.62 -17.78 -54.62
N LYS M 140 -54.46 -17.27 -55.04
CA LYS M 140 -53.22 -17.97 -54.77
C LYS M 140 -52.91 -17.93 -53.28
N LEU M 141 -52.56 -19.07 -52.71
CA LEU M 141 -52.31 -19.17 -51.28
C LEU M 141 -50.96 -18.53 -50.95
N LEU M 142 -50.99 -17.55 -50.05
CA LEU M 142 -49.78 -16.87 -49.60
C LEU M 142 -49.34 -17.28 -48.21
N GLY M 143 -50.28 -17.75 -47.39
CA GLY M 143 -49.97 -18.14 -46.03
C GLY M 143 -51.25 -18.42 -45.27
N ILE M 144 -51.13 -18.41 -43.94
CA ILE M 144 -52.26 -18.68 -43.07
C ILE M 144 -52.02 -17.96 -41.75
N VAL M 145 -53.05 -17.28 -41.26
CA VAL M 145 -53.01 -16.58 -39.98
C VAL M 145 -54.03 -17.25 -39.08
N THR M 146 -53.59 -17.65 -37.89
CA THR M 146 -54.44 -18.44 -37.00
C THR M 146 -54.46 -17.80 -35.61
N ASN M 147 -55.31 -18.35 -34.74
CA ASN M 147 -55.43 -17.81 -33.38
C ASN M 147 -54.07 -17.71 -32.70
N ARG M 148 -53.23 -18.75 -32.85
CA ARG M 148 -51.94 -18.73 -32.18
C ARG M 148 -51.01 -17.65 -32.73
N ASP M 149 -51.14 -17.32 -34.03
CA ASP M 149 -50.33 -16.24 -34.57
C ASP M 149 -50.73 -14.89 -33.97
N MET M 150 -51.98 -14.75 -33.55
CA MET M 150 -52.50 -13.52 -32.99
C MET M 150 -52.57 -13.52 -31.47
N ALA M 151 -52.15 -14.61 -30.83
CA ALA M 151 -52.42 -14.79 -29.41
C ALA M 151 -51.84 -13.65 -28.58
N PHE M 152 -50.63 -13.21 -28.90
CA PHE M 152 -49.93 -12.22 -28.10
C PHE M 152 -49.94 -10.84 -28.72
N GLU M 153 -50.74 -10.63 -29.76
CA GLU M 153 -50.80 -9.36 -30.46
C GLU M 153 -51.79 -8.43 -29.76
N THR M 154 -51.38 -7.18 -29.56
CA THR M 154 -52.22 -6.18 -28.92
C THR M 154 -52.74 -5.12 -29.87
N ASP M 155 -52.06 -4.89 -31.00
CA ASP M 155 -52.44 -3.86 -31.96
C ASP M 155 -53.33 -4.52 -33.01
N ARG M 156 -54.63 -4.18 -33.01
CA ARG M 156 -55.56 -4.80 -33.92
C ARG M 156 -55.49 -4.23 -35.33
N SER M 157 -54.75 -3.13 -35.53
CA SER M 157 -54.57 -2.53 -36.84
C SER M 157 -53.39 -3.11 -37.60
N ARG M 158 -52.57 -3.92 -36.94
CA ARG M 158 -51.42 -4.55 -37.58
C ARG M 158 -51.88 -5.42 -38.75
N GLN M 159 -51.06 -5.49 -39.77
CA GLN M 159 -51.42 -6.21 -40.99
C GLN M 159 -51.19 -7.71 -40.84
N VAL M 160 -52.07 -8.48 -41.49
CA VAL M 160 -52.00 -9.93 -41.40
C VAL M 160 -50.63 -10.44 -41.86
N ARG M 161 -50.08 -9.83 -42.90
CA ARG M 161 -48.82 -10.31 -43.45
C ARG M 161 -47.71 -10.33 -42.41
N GLU M 162 -47.82 -9.49 -41.38
CA GLU M 162 -46.74 -9.38 -40.40
C GLU M 162 -46.69 -10.54 -39.41
N VAL M 163 -47.81 -11.24 -39.18
CA VAL M 163 -47.85 -12.31 -38.19
C VAL M 163 -48.19 -13.66 -38.80
N MET M 164 -48.65 -13.70 -40.04
CA MET M 164 -49.05 -14.97 -40.64
C MET M 164 -47.86 -15.90 -40.82
N THR M 165 -48.14 -17.20 -40.86
CA THR M 165 -47.17 -18.18 -41.33
C THR M 165 -47.17 -18.19 -42.84
N PRO M 166 -46.06 -17.84 -43.50
CA PRO M 166 -46.07 -17.77 -44.96
C PRO M 166 -45.90 -19.15 -45.61
N MET M 167 -46.34 -19.26 -46.86
CA MET M 167 -46.02 -20.39 -47.70
C MET M 167 -44.51 -20.57 -47.68
N PRO M 168 -43.98 -21.79 -47.79
CA PRO M 168 -44.72 -23.04 -47.98
C PRO M 168 -45.35 -23.57 -46.69
N LEU M 169 -46.60 -24.02 -46.81
CA LEU M 169 -47.37 -24.59 -45.71
C LEU M 169 -47.58 -26.08 -45.97
N VAL M 170 -47.97 -26.80 -44.92
CA VAL M 170 -48.48 -28.15 -45.10
C VAL M 170 -49.86 -28.06 -45.74
N THR M 171 -49.99 -28.64 -46.93
CA THR M 171 -51.23 -28.59 -47.68
C THR M 171 -51.64 -30.00 -48.10
N GLY M 172 -52.90 -30.12 -48.56
CA GLY M 172 -53.40 -31.36 -49.11
C GLY M 172 -53.95 -31.13 -50.51
N GLN M 173 -54.18 -32.25 -51.20
CA GLN M 173 -54.75 -32.21 -52.54
C GLN M 173 -56.27 -32.19 -52.46
N VAL M 174 -56.89 -31.57 -53.47
CA VAL M 174 -58.32 -31.71 -53.62
C VAL M 174 -58.68 -33.18 -53.64
N GLY M 175 -59.70 -33.55 -52.87
CA GLY M 175 -60.13 -34.93 -52.79
C GLY M 175 -59.45 -35.74 -51.72
N ILE M 176 -58.53 -35.15 -50.95
CA ILE M 176 -57.87 -35.88 -49.88
C ILE M 176 -58.92 -36.47 -48.96
N SER M 177 -58.63 -37.67 -48.45
CA SER M 177 -59.55 -38.36 -47.54
C SER M 177 -59.40 -37.83 -46.12
N GLY M 178 -60.42 -38.09 -45.30
CA GLY M 178 -60.35 -37.74 -43.90
C GLY M 178 -59.17 -38.39 -43.20
N VAL M 179 -58.99 -39.69 -43.43
CA VAL M 179 -57.89 -40.41 -42.79
C VAL M 179 -56.55 -39.79 -43.17
N ASP M 180 -56.40 -39.44 -44.46
CA ASP M 180 -55.14 -38.85 -44.89
C ASP M 180 -54.96 -37.44 -44.34
N ALA M 181 -56.04 -36.66 -44.30
CA ALA M 181 -55.94 -35.31 -43.74
C ALA M 181 -55.57 -35.36 -42.25
N MET M 182 -56.20 -36.26 -41.51
CA MET M 182 -55.88 -36.39 -40.08
C MET M 182 -54.41 -36.75 -39.86
N GLU M 183 -53.87 -37.66 -40.68
CA GLU M 183 -52.48 -38.05 -40.53
C GLU M 183 -51.55 -36.84 -40.72
N LEU M 184 -51.86 -35.99 -41.69
CA LEU M 184 -51.05 -34.79 -41.89
C LEU M 184 -51.12 -33.86 -40.69
N LEU M 185 -52.33 -33.65 -40.16
CA LEU M 185 -52.47 -32.81 -38.97
C LEU M 185 -51.72 -33.39 -37.79
N ARG M 186 -51.83 -34.70 -37.58
CA ARG M 186 -51.14 -35.35 -36.46
C ARG M 186 -49.63 -35.28 -36.64
N ARG M 187 -49.14 -35.61 -37.83
CA ARG M 187 -47.69 -35.69 -38.02
C ARG M 187 -47.02 -34.35 -37.78
N HIS M 188 -47.62 -33.27 -38.28
CA HIS M 188 -47.03 -31.95 -38.21
C HIS M 188 -47.51 -31.14 -37.01
N LYS M 189 -48.35 -31.72 -36.16
CA LYS M 189 -48.84 -31.06 -34.96
C LYS M 189 -49.44 -29.69 -35.31
N ILE M 190 -50.26 -29.68 -36.36
CA ILE M 190 -50.97 -28.48 -36.78
C ILE M 190 -52.46 -28.80 -36.77
N GLU M 191 -53.27 -27.74 -36.82
CA GLU M 191 -54.72 -27.89 -36.77
C GLU M 191 -55.42 -27.51 -38.07
N LYS M 192 -54.70 -26.99 -39.06
CA LYS M 192 -55.28 -26.53 -40.31
C LYS M 192 -54.60 -27.23 -41.49
N LEU M 193 -55.39 -27.53 -42.52
CA LEU M 193 -54.86 -28.13 -43.75
C LEU M 193 -55.51 -27.48 -44.95
N PRO M 194 -54.88 -26.44 -45.51
CA PRO M 194 -55.38 -25.89 -46.78
C PRO M 194 -55.26 -26.92 -47.90
N LEU M 195 -56.23 -26.87 -48.82
CA LEU M 195 -56.25 -27.71 -50.00
C LEU M 195 -56.03 -26.83 -51.23
N VAL M 196 -55.02 -27.19 -52.03
CA VAL M 196 -54.63 -26.39 -53.18
C VAL M 196 -54.60 -27.26 -54.42
N ASP M 197 -54.72 -26.61 -55.58
CA ASP M 197 -54.57 -27.29 -56.86
C ASP M 197 -53.10 -27.22 -57.31
N GLY M 198 -52.84 -27.68 -58.54
CA GLY M 198 -51.47 -27.75 -59.02
C GLY M 198 -50.80 -26.40 -59.15
N ASP M 199 -51.58 -25.34 -59.40
CA ASP M 199 -51.04 -23.99 -59.54
C ASP M 199 -50.99 -23.24 -58.21
N GLY M 200 -51.28 -23.92 -57.10
CA GLY M 200 -51.26 -23.26 -55.81
C GLY M 200 -52.44 -22.37 -55.53
N ILE M 201 -53.54 -22.55 -56.26
CA ILE M 201 -54.77 -21.83 -55.95
C ILE M 201 -55.48 -22.57 -54.83
N LEU M 202 -55.92 -21.82 -53.82
CA LEU M 202 -56.62 -22.42 -52.68
C LEU M 202 -57.98 -22.93 -53.14
N LYS M 203 -58.25 -24.21 -52.90
CA LYS M 203 -59.52 -24.81 -53.29
C LYS M 203 -60.39 -25.20 -52.10
N GLY M 204 -59.81 -25.34 -50.91
CA GLY M 204 -60.58 -25.76 -49.76
C GLY M 204 -59.75 -25.66 -48.50
N LEU M 205 -60.38 -26.03 -47.39
CA LEU M 205 -59.73 -26.00 -46.09
C LEU M 205 -60.33 -27.06 -45.18
N ILE M 206 -59.46 -27.86 -44.57
CA ILE M 206 -59.83 -28.80 -43.52
C ILE M 206 -59.17 -28.33 -42.24
N THR M 207 -59.89 -28.39 -41.13
CA THR M 207 -59.31 -28.09 -39.82
C THR M 207 -59.72 -29.18 -38.83
N VAL M 208 -59.02 -29.18 -37.69
CA VAL M 208 -59.26 -30.16 -36.65
C VAL M 208 -60.70 -30.12 -36.16
N LYS M 209 -61.38 -28.99 -36.31
CA LYS M 209 -62.78 -28.89 -35.93
C LYS M 209 -63.63 -29.93 -36.66
N ASP M 210 -63.34 -30.17 -37.94
CA ASP M 210 -64.12 -31.14 -38.71
C ASP M 210 -64.10 -32.51 -38.04
N PHE M 211 -62.94 -32.90 -37.51
CA PHE M 211 -62.82 -34.21 -36.87
C PHE M 211 -63.33 -34.18 -35.44
N VAL M 212 -63.08 -33.10 -34.72
CA VAL M 212 -63.54 -32.99 -33.33
C VAL M 212 -65.07 -33.05 -33.29
N LYS M 213 -65.73 -32.28 -34.15
CA LYS M 213 -67.19 -32.22 -34.11
C LYS M 213 -67.81 -33.51 -34.63
N ALA M 214 -67.15 -34.18 -35.59
CA ALA M 214 -67.66 -35.46 -36.06
C ALA M 214 -67.64 -36.50 -34.94
N GLU M 215 -66.63 -36.44 -34.07
CA GLU M 215 -66.53 -37.38 -32.96
C GLU M 215 -67.46 -36.98 -31.82
N GLN M 216 -67.60 -35.68 -31.55
CA GLN M 216 -68.46 -35.26 -30.44
C GLN M 216 -69.93 -35.47 -30.75
N TYR M 217 -70.31 -35.38 -32.03
CA TYR M 217 -71.72 -35.44 -32.45
C TYR M 217 -71.86 -36.49 -33.54
N PRO M 218 -71.75 -37.77 -33.17
CA PRO M 218 -71.79 -38.84 -34.18
C PRO M 218 -73.15 -39.03 -34.84
N HIS M 219 -74.23 -38.46 -34.29
CA HIS M 219 -75.54 -38.57 -34.89
C HIS M 219 -75.97 -37.31 -35.63
N ALA M 220 -75.02 -36.42 -35.94
CA ALA M 220 -75.35 -35.19 -36.64
C ALA M 220 -76.11 -35.51 -37.92
N ALA M 221 -77.12 -34.69 -38.20
CA ALA M 221 -77.89 -34.79 -39.44
C ALA M 221 -77.15 -33.97 -40.50
N LYS M 222 -76.73 -34.65 -41.57
CA LYS M 222 -75.84 -34.04 -42.54
C LYS M 222 -76.35 -34.29 -43.96
N ASP M 223 -75.89 -33.45 -44.87
CA ASP M 223 -76.22 -33.60 -46.28
C ASP M 223 -75.23 -34.57 -46.94
N ALA M 224 -75.39 -34.74 -48.25
CA ALA M 224 -74.55 -35.70 -48.97
C ALA M 224 -73.08 -35.30 -48.97
N LYS M 225 -72.77 -34.03 -48.70
CA LYS M 225 -71.39 -33.57 -48.65
C LYS M 225 -70.81 -33.64 -47.25
N GLY M 226 -71.55 -34.15 -46.28
CA GLY M 226 -71.06 -34.20 -44.92
C GLY M 226 -71.23 -32.92 -44.14
N ARG M 227 -72.01 -31.96 -44.65
CA ARG M 227 -72.28 -30.72 -43.98
C ARG M 227 -73.61 -30.79 -43.22
N LEU M 228 -73.71 -29.98 -42.17
CA LEU M 228 -74.92 -29.97 -41.35
C LEU M 228 -76.14 -29.58 -42.18
N LEU M 229 -77.24 -30.29 -41.97
CA LEU M 229 -78.50 -29.96 -42.62
C LEU M 229 -79.10 -28.69 -42.02
N VAL M 230 -79.86 -27.96 -42.84
CA VAL M 230 -80.56 -26.76 -42.37
C VAL M 230 -81.70 -26.46 -43.32
N GLY M 231 -82.80 -25.94 -42.76
CA GLY M 231 -83.90 -25.43 -43.53
C GLY M 231 -84.07 -23.94 -43.30
N ALA M 232 -84.96 -23.33 -44.09
CA ALA M 232 -85.23 -21.91 -43.97
C ALA M 232 -86.66 -21.62 -44.40
N ALA M 233 -87.30 -20.68 -43.72
CA ALA M 233 -88.68 -20.31 -44.00
C ALA M 233 -88.74 -19.20 -45.05
N VAL M 234 -89.79 -19.26 -45.88
CA VAL M 234 -90.12 -18.19 -46.80
C VAL M 234 -91.62 -17.96 -46.74
N GLY M 235 -92.05 -16.78 -47.19
CA GLY M 235 -93.45 -16.46 -47.25
C GLY M 235 -94.11 -16.97 -48.51
N ALA M 236 -95.26 -16.38 -48.84
CA ALA M 236 -96.05 -16.72 -50.02
C ALA M 236 -96.29 -15.40 -50.76
N SER M 237 -95.33 -14.99 -51.58
CA SER M 237 -95.38 -13.69 -52.23
C SER M 237 -94.28 -13.59 -53.27
N PRO M 238 -94.30 -12.57 -54.14
CA PRO M 238 -93.18 -12.40 -55.07
C PRO M 238 -91.84 -12.29 -54.37
N GLU M 239 -91.76 -11.57 -53.24
CA GLU M 239 -90.52 -11.48 -52.50
C GLU M 239 -90.04 -12.85 -52.02
N ALA M 240 -90.99 -13.70 -51.60
CA ALA M 240 -90.61 -15.03 -51.11
C ALA M 240 -89.92 -15.83 -52.20
N LEU M 241 -90.26 -15.59 -53.46
CA LEU M 241 -89.60 -16.28 -54.57
C LEU M 241 -88.14 -15.85 -54.69
N ASP M 242 -87.87 -14.55 -54.58
CA ASP M 242 -86.48 -14.09 -54.58
C ASP M 242 -85.72 -14.63 -53.38
N ARG M 243 -86.36 -14.61 -52.20
CA ARG M 243 -85.73 -15.17 -51.00
C ARG M 243 -85.37 -16.63 -51.21
N ALA M 244 -86.29 -17.40 -51.79
CA ALA M 244 -86.04 -18.83 -52.02
C ALA M 244 -84.78 -19.04 -52.83
N GLN M 245 -84.60 -18.27 -53.91
CA GLN M 245 -83.42 -18.45 -54.76
C GLN M 245 -82.14 -18.17 -53.97
N ALA M 246 -82.12 -17.08 -53.21
CA ALA M 246 -80.93 -16.75 -52.43
C ALA M 246 -80.62 -17.82 -51.41
N LEU M 247 -81.64 -18.38 -50.76
CA LEU M 247 -81.41 -19.42 -49.77
C LEU M 247 -80.91 -20.70 -50.43
N ALA M 248 -81.49 -21.07 -51.57
CA ALA M 248 -81.01 -22.25 -52.29
C ALA M 248 -79.55 -22.07 -52.70
N GLU M 249 -79.19 -20.88 -53.19
CA GLU M 249 -77.81 -20.63 -53.59
C GLU M 249 -76.86 -20.76 -52.40
N ALA M 250 -77.32 -20.36 -51.22
CA ALA M 250 -76.48 -20.45 -50.03
C ALA M 250 -76.33 -21.88 -49.53
N GLY M 251 -77.06 -22.83 -50.10
CA GLY M 251 -76.90 -24.22 -49.78
C GLY M 251 -77.95 -24.80 -48.85
N VAL M 252 -79.11 -24.14 -48.70
CA VAL M 252 -80.14 -24.66 -47.82
C VAL M 252 -80.65 -25.98 -48.37
N ASP M 253 -81.03 -26.88 -47.46
CA ASP M 253 -81.45 -28.23 -47.84
C ASP M 253 -82.94 -28.35 -48.09
N PHE M 254 -83.75 -27.49 -47.48
CA PHE M 254 -85.17 -27.46 -47.79
C PHE M 254 -85.73 -26.10 -47.38
N LEU M 255 -86.84 -25.74 -48.01
CA LEU M 255 -87.56 -24.52 -47.71
C LEU M 255 -88.89 -24.88 -47.06
N VAL M 256 -89.35 -24.01 -46.17
CA VAL M 256 -90.67 -24.13 -45.56
C VAL M 256 -91.45 -22.88 -45.93
N VAL M 257 -92.49 -23.04 -46.74
CA VAL M 257 -93.39 -21.95 -47.08
C VAL M 257 -94.34 -21.79 -45.90
N ASP M 258 -94.12 -20.74 -45.09
CA ASP M 258 -94.77 -20.58 -43.80
C ASP M 258 -95.88 -19.54 -43.95
N THR M 259 -97.13 -20.01 -43.91
CA THR M 259 -98.30 -19.14 -43.95
C THR M 259 -99.22 -19.53 -42.80
N SER M 260 -100.01 -18.55 -42.34
CA SER M 260 -100.97 -18.86 -41.29
C SER M 260 -102.12 -19.72 -41.80
N HIS M 261 -102.52 -19.53 -43.05
CA HIS M 261 -103.61 -20.28 -43.67
C HIS M 261 -103.12 -20.97 -44.94
N GLY M 262 -102.60 -22.19 -44.77
CA GLY M 262 -102.06 -22.93 -45.91
C GLY M 262 -103.11 -23.37 -46.92
N HIS M 263 -104.39 -23.33 -46.55
CA HIS M 263 -105.46 -23.69 -47.47
C HIS M 263 -105.96 -22.51 -48.28
N ASN M 264 -105.32 -21.36 -48.15
CA ASN M 264 -105.67 -20.20 -48.98
C ASN M 264 -105.12 -20.42 -50.39
N SER M 265 -105.94 -20.13 -51.40
CA SER M 265 -105.59 -20.47 -52.76
C SER M 265 -104.34 -19.73 -53.22
N ASN M 266 -104.20 -18.46 -52.83
CA ASN M 266 -103.01 -17.71 -53.23
C ASN M 266 -101.75 -18.29 -52.57
N ALA M 267 -101.86 -18.69 -51.30
CA ALA M 267 -100.74 -19.35 -50.66
C ALA M 267 -100.37 -20.63 -51.40
N LEU M 268 -101.36 -21.43 -51.77
CA LEU M 268 -101.11 -22.67 -52.51
C LEU M 268 -100.42 -22.37 -53.84
N SER M 269 -100.87 -21.32 -54.53
CA SER M 269 -100.26 -20.97 -55.81
C SER M 269 -98.79 -20.62 -55.66
N TRP M 270 -98.44 -19.86 -54.62
CA TRP M 270 -97.04 -19.50 -54.40
C TRP M 270 -96.21 -20.71 -54.01
N MET M 271 -96.79 -21.66 -53.28
CA MET M 271 -96.07 -22.90 -52.99
C MET M 271 -95.68 -23.59 -54.28
N SER M 272 -96.63 -23.70 -55.22
CA SER M 272 -96.32 -24.33 -56.51
C SER M 272 -95.24 -23.55 -57.26
N LYS M 273 -95.37 -22.22 -57.30
CA LYS M 273 -94.37 -21.42 -58.02
C LYS M 273 -92.99 -21.60 -57.39
N ILE M 274 -92.92 -21.56 -56.06
CA ILE M 274 -91.64 -21.70 -55.38
C ILE M 274 -91.07 -23.09 -55.60
N LYS M 275 -91.91 -24.11 -55.46
CA LYS M 275 -91.46 -25.49 -55.65
C LYS M 275 -90.85 -25.67 -57.04
N SER M 276 -91.51 -25.15 -58.06
CA SER M 276 -91.02 -25.33 -59.43
C SER M 276 -89.79 -24.49 -59.73
N SER M 277 -89.45 -23.52 -58.89
CA SER M 277 -88.33 -22.63 -59.15
C SER M 277 -87.03 -23.06 -58.48
N VAL M 278 -87.05 -24.10 -57.65
CA VAL M 278 -85.86 -24.58 -56.98
C VAL M 278 -85.78 -26.09 -57.17
N GLY M 279 -84.60 -26.62 -56.91
CA GLY M 279 -84.36 -28.05 -57.00
C GLY M 279 -84.39 -28.78 -55.68
N ILE M 280 -84.59 -28.08 -54.57
CA ILE M 280 -84.58 -28.69 -53.26
C ILE M 280 -86.01 -28.91 -52.79
N ASP M 281 -86.16 -29.68 -51.71
CA ASP M 281 -87.48 -29.97 -51.17
C ASP M 281 -88.14 -28.69 -50.65
N VAL M 282 -89.47 -28.62 -50.81
CA VAL M 282 -90.26 -27.50 -50.32
C VAL M 282 -91.40 -28.06 -49.47
N VAL M 283 -91.46 -27.62 -48.22
CA VAL M 283 -92.52 -27.98 -47.29
C VAL M 283 -93.55 -26.86 -47.27
N GLY M 284 -94.83 -27.22 -47.18
CA GLY M 284 -95.91 -26.25 -47.11
C GLY M 284 -96.72 -26.36 -45.84
N GLY M 285 -97.25 -25.22 -45.40
CA GLY M 285 -98.16 -25.19 -44.28
C GLY M 285 -98.70 -23.80 -44.07
N ASN M 286 -99.56 -23.64 -43.06
CA ASN M 286 -100.00 -24.72 -42.18
C ASN M 286 -101.45 -25.13 -42.49
N VAL M 287 -101.78 -26.41 -42.29
CA VAL M 287 -103.14 -26.91 -42.47
C VAL M 287 -103.51 -27.74 -41.24
N ALA M 288 -104.80 -28.09 -41.16
CA ALA M 288 -105.27 -28.87 -40.01
C ALA M 288 -106.43 -29.77 -40.40
N THR M 289 -106.62 -30.06 -41.68
CA THR M 289 -107.69 -30.91 -42.16
C THR M 289 -107.16 -31.84 -43.24
N ARG M 290 -107.93 -32.87 -43.56
CA ARG M 290 -107.55 -33.75 -44.66
C ARG M 290 -107.55 -32.99 -45.99
N ASP M 291 -108.61 -32.21 -46.24
CA ASP M 291 -108.70 -31.50 -47.52
C ASP M 291 -107.62 -30.43 -47.62
N GLY M 292 -107.25 -29.81 -46.51
CA GLY M 292 -106.14 -28.87 -46.53
C GLY M 292 -104.82 -29.55 -46.85
N ALA M 293 -104.56 -30.71 -46.23
CA ALA M 293 -103.35 -31.45 -46.53
C ALA M 293 -103.33 -31.90 -48.00
N GLN M 294 -104.47 -32.35 -48.50
CA GLN M 294 -104.53 -32.77 -49.91
C GLN M 294 -104.24 -31.60 -50.83
N ALA M 295 -104.73 -30.40 -50.49
CA ALA M 295 -104.49 -29.23 -51.32
C ALA M 295 -103.00 -28.91 -51.40
N LEU M 296 -102.30 -29.00 -50.27
CA LEU M 296 -100.86 -28.80 -50.29
C LEU M 296 -100.17 -29.83 -51.17
N ILE M 297 -100.59 -31.09 -51.04
CA ILE M 297 -99.98 -32.16 -51.84
C ILE M 297 -100.20 -31.91 -53.32
N ASP M 298 -101.41 -31.52 -53.70
CA ASP M 298 -101.69 -31.23 -55.11
C ASP M 298 -100.88 -30.05 -55.61
N ALA M 299 -100.52 -29.13 -54.72
CA ALA M 299 -99.67 -28.01 -55.11
C ALA M 299 -98.22 -28.43 -55.30
N GLY M 300 -97.86 -29.63 -54.86
CA GLY M 300 -96.57 -30.21 -55.17
C GLY M 300 -95.56 -30.21 -54.06
N VAL M 301 -95.96 -29.93 -52.81
CA VAL M 301 -94.98 -29.83 -51.73
C VAL M 301 -94.42 -31.22 -51.41
N ASP M 302 -93.22 -31.22 -50.83
CA ASP M 302 -92.54 -32.44 -50.45
C ASP M 302 -92.77 -32.80 -48.98
N GLY M 303 -93.44 -31.93 -48.23
CA GLY M 303 -93.84 -32.19 -46.87
C GLY M 303 -94.88 -31.17 -46.48
N ILE M 304 -95.69 -31.53 -45.48
CA ILE M 304 -96.72 -30.62 -44.97
C ILE M 304 -96.51 -30.39 -43.49
N LYS M 305 -96.86 -29.19 -43.05
CA LYS M 305 -96.80 -28.80 -41.65
C LYS M 305 -98.21 -28.59 -41.13
N VAL M 306 -98.53 -29.21 -40.00
CA VAL M 306 -99.90 -29.30 -39.50
C VAL M 306 -99.99 -28.53 -38.20
N GLY M 307 -100.96 -27.63 -38.10
CA GLY M 307 -101.18 -26.86 -36.90
C GLY M 307 -101.84 -25.53 -37.17
N VAL M 308 -103.13 -25.43 -36.88
CA VAL M 308 -103.88 -24.20 -36.99
C VAL M 308 -104.66 -24.04 -35.68
N GLY M 309 -104.29 -23.04 -34.89
CA GLY M 309 -104.89 -22.81 -33.59
C GLY M 309 -104.88 -24.04 -32.72
N PRO M 310 -103.72 -24.69 -32.57
CA PRO M 310 -103.67 -25.94 -31.81
C PRO M 310 -103.75 -25.76 -30.30
N GLY M 311 -103.33 -24.61 -29.79
CA GLY M 311 -103.20 -24.40 -28.36
C GLY M 311 -104.49 -23.87 -27.73
N SER M 312 -104.79 -24.39 -26.54
CA SER M 312 -105.94 -23.90 -25.80
C SER M 312 -105.83 -22.39 -25.59
N ILE M 313 -106.91 -21.69 -25.92
CA ILE M 313 -106.99 -20.24 -25.76
C ILE M 313 -105.75 -19.56 -26.33
N CYS M 314 -105.39 -19.93 -27.56
CA CYS M 314 -104.37 -19.22 -28.31
C CYS M 314 -105.04 -18.14 -29.16
N THR M 315 -104.23 -17.41 -29.93
CA THR M 315 -104.69 -16.17 -30.54
C THR M 315 -105.79 -16.40 -31.58
N THR M 316 -105.57 -17.32 -32.53
CA THR M 316 -106.55 -17.52 -33.58
C THR M 316 -107.87 -18.03 -33.00
N ARG M 317 -107.79 -18.79 -31.90
CA ARG M 317 -109.01 -19.28 -31.27
C ARG M 317 -109.78 -18.15 -30.62
N VAL M 318 -109.08 -17.27 -29.90
CA VAL M 318 -109.77 -16.20 -29.18
C VAL M 318 -110.21 -15.11 -30.14
N VAL M 319 -109.33 -14.73 -31.07
CA VAL M 319 -109.64 -13.62 -31.97
C VAL M 319 -110.66 -14.05 -33.02
N ALA M 320 -110.47 -15.22 -33.61
CA ALA M 320 -111.25 -15.64 -34.78
C ALA M 320 -112.10 -16.88 -34.53
N GLY M 321 -111.98 -17.52 -33.39
CA GLY M 321 -112.75 -18.73 -33.18
C GLY M 321 -112.31 -19.89 -34.04
N ILE M 322 -111.11 -19.81 -34.61
CA ILE M 322 -110.61 -20.80 -35.55
C ILE M 322 -109.60 -21.68 -34.83
N GLY M 323 -109.72 -22.99 -35.02
CA GLY M 323 -108.72 -23.90 -34.50
C GLY M 323 -109.09 -25.36 -34.62
N VAL M 324 -108.08 -26.23 -34.51
CA VAL M 324 -108.29 -27.68 -34.55
C VAL M 324 -107.42 -28.32 -33.47
N PRO M 325 -107.99 -29.07 -32.53
CA PRO M 325 -107.16 -29.84 -31.59
C PRO M 325 -106.15 -30.70 -32.34
N GLN M 326 -104.92 -30.75 -31.82
CA GLN M 326 -103.78 -31.13 -32.66
C GLN M 326 -103.78 -32.61 -33.00
N VAL M 327 -104.25 -33.48 -32.10
CA VAL M 327 -104.27 -34.90 -32.44
C VAL M 327 -105.20 -35.14 -33.62
N THR M 328 -106.39 -34.52 -33.58
CA THR M 328 -107.30 -34.59 -34.71
C THR M 328 -106.68 -33.99 -35.97
N ALA M 329 -106.03 -32.83 -35.83
CA ALA M 329 -105.41 -32.19 -36.99
C ALA M 329 -104.39 -33.11 -37.64
N ILE M 330 -103.49 -33.70 -36.84
CA ILE M 330 -102.47 -34.58 -37.39
C ILE M 330 -103.11 -35.79 -38.06
N TYR M 331 -104.06 -36.44 -37.37
CA TYR M 331 -104.67 -37.64 -37.92
C TYR M 331 -105.38 -37.34 -39.24
N GLU M 332 -106.19 -36.27 -39.27
CA GLU M 332 -106.93 -35.94 -40.48
C GLU M 332 -105.98 -35.63 -41.62
N ALA M 333 -104.95 -34.84 -41.35
CA ALA M 333 -103.97 -34.52 -42.39
C ALA M 333 -103.23 -35.78 -42.84
N SER M 334 -102.97 -36.71 -41.92
CA SER M 334 -102.23 -37.91 -42.28
C SER M 334 -103.01 -38.79 -43.24
N LEU M 335 -104.34 -38.73 -43.21
CA LEU M 335 -105.14 -39.52 -44.14
C LEU M 335 -104.76 -39.19 -45.58
N ALA M 336 -104.45 -37.92 -45.84
CA ALA M 336 -103.98 -37.53 -47.17
C ALA M 336 -102.48 -37.76 -47.32
N ALA M 337 -101.70 -37.45 -46.28
CA ALA M 337 -100.25 -37.42 -46.43
C ALA M 337 -99.62 -38.81 -46.59
N ARG M 338 -99.96 -39.77 -45.72
CA ARG M 338 -99.32 -41.08 -45.87
C ARG M 338 -99.81 -41.81 -47.13
N ALA M 339 -101.06 -41.58 -47.54
CA ALA M 339 -101.52 -42.18 -48.78
C ALA M 339 -100.70 -41.67 -49.96
N ALA M 340 -100.15 -40.46 -49.86
CA ALA M 340 -99.32 -39.87 -50.88
C ALA M 340 -97.82 -40.02 -50.60
N GLY M 341 -97.45 -40.58 -49.45
CA GLY M 341 -96.06 -40.69 -49.11
C GLY M 341 -95.37 -39.38 -48.78
N VAL M 342 -96.12 -38.39 -48.30
CA VAL M 342 -95.59 -37.06 -48.03
C VAL M 342 -95.41 -36.92 -46.52
N PRO M 343 -94.20 -36.65 -46.02
CA PRO M 343 -94.01 -36.53 -44.57
C PRO M 343 -94.82 -35.39 -43.98
N LEU M 344 -95.18 -35.55 -42.70
CA LEU M 344 -96.07 -34.65 -41.98
C LEU M 344 -95.36 -34.12 -40.75
N ILE M 345 -95.26 -32.80 -40.65
CA ILE M 345 -94.62 -32.14 -39.51
C ILE M 345 -95.70 -31.66 -38.54
N GLY M 346 -95.65 -32.13 -37.30
CA GLY M 346 -96.52 -31.64 -36.26
C GLY M 346 -96.01 -30.34 -35.66
N ASP M 347 -96.78 -29.27 -35.78
CA ASP M 347 -96.35 -27.92 -35.37
C ASP M 347 -97.38 -27.31 -34.44
N GLY M 348 -97.21 -27.54 -33.13
CA GLY M 348 -97.98 -26.82 -32.13
C GLY M 348 -98.71 -27.71 -31.15
N GLY M 349 -99.08 -27.13 -30.00
CA GLY M 349 -99.90 -27.79 -29.02
C GLY M 349 -99.16 -28.65 -28.01
N LEU M 350 -97.84 -28.74 -28.11
CA LEU M 350 -97.08 -29.61 -27.23
C LEU M 350 -97.10 -29.10 -25.80
N GLN M 351 -97.16 -30.05 -24.84
CA GLN M 351 -97.13 -29.71 -23.42
C GLN M 351 -96.28 -30.66 -22.58
N TYR M 352 -95.85 -31.80 -23.12
CA TYR M 352 -95.06 -32.78 -22.40
C TYR M 352 -94.23 -33.55 -23.41
N SER M 353 -93.13 -34.16 -22.94
CA SER M 353 -92.32 -34.98 -23.86
C SER M 353 -93.14 -36.15 -24.38
N GLY M 354 -94.10 -36.62 -23.59
CA GLY M 354 -94.97 -37.71 -24.02
C GLY M 354 -95.85 -37.37 -25.20
N ASP M 355 -96.02 -36.07 -25.50
CA ASP M 355 -96.83 -35.69 -26.64
C ASP M 355 -96.14 -35.98 -27.97
N ILE M 356 -94.81 -36.14 -27.96
CA ILE M 356 -94.11 -36.45 -29.20
C ILE M 356 -94.53 -37.82 -29.72
N GLY M 357 -94.50 -38.84 -28.85
CA GLY M 357 -94.94 -40.15 -29.25
C GLY M 357 -96.40 -40.16 -29.70
N LYS M 358 -97.24 -39.37 -29.02
CA LYS M 358 -98.63 -39.27 -29.43
C LYS M 358 -98.74 -38.70 -30.83
N ALA M 359 -97.97 -37.66 -31.13
CA ALA M 359 -98.01 -37.06 -32.47
C ALA M 359 -97.60 -38.06 -33.54
N LEU M 360 -96.51 -38.78 -33.29
CA LEU M 360 -96.03 -39.76 -34.27
C LEU M 360 -97.04 -40.89 -34.44
N ALA M 361 -97.57 -41.39 -33.32
CA ALA M 361 -98.57 -42.45 -33.42
C ALA M 361 -99.84 -41.96 -34.10
N ALA M 362 -100.12 -40.66 -33.99
CA ALA M 362 -101.30 -40.11 -34.65
C ALA M 362 -101.09 -39.90 -36.14
N GLY M 363 -99.85 -39.94 -36.63
CA GLY M 363 -99.60 -39.84 -38.04
C GLY M 363 -98.49 -38.89 -38.45
N ALA M 364 -97.88 -38.21 -37.50
CA ALA M 364 -96.80 -37.29 -37.82
C ALA M 364 -95.49 -38.05 -38.03
N ASP M 365 -94.62 -37.49 -38.86
CA ASP M 365 -93.28 -38.02 -39.05
C ASP M 365 -92.24 -37.30 -38.22
N THR M 366 -92.43 -36.02 -37.96
CA THR M 366 -91.55 -35.24 -37.10
C THR M 366 -92.41 -34.24 -36.33
N VAL M 367 -91.79 -33.58 -35.35
CA VAL M 367 -92.46 -32.61 -34.50
C VAL M 367 -91.59 -31.37 -34.41
N MET M 368 -92.21 -30.20 -34.60
CA MET M 368 -91.51 -28.93 -34.55
C MET M 368 -91.62 -28.34 -33.14
N LEU M 369 -90.48 -27.95 -32.59
CA LEU M 369 -90.42 -27.38 -31.25
C LEU M 369 -90.29 -25.87 -31.35
N GLY M 370 -91.08 -25.14 -30.56
CA GLY M 370 -91.12 -23.70 -30.66
C GLY M 370 -90.66 -22.95 -29.43
N SER M 371 -91.60 -22.23 -28.80
CA SER M 371 -91.24 -21.32 -27.72
C SER M 371 -90.46 -22.03 -26.61
N LEU M 372 -90.69 -23.33 -26.43
CA LEU M 372 -89.91 -24.14 -25.50
C LEU M 372 -88.43 -23.79 -25.57
N LEU M 373 -87.91 -23.62 -26.79
CA LEU M 373 -86.48 -23.49 -27.02
C LEU M 373 -86.00 -22.05 -26.94
N ALA M 374 -86.91 -21.08 -26.79
CA ALA M 374 -86.48 -19.68 -26.81
C ALA M 374 -85.53 -19.37 -25.67
N GLY M 375 -85.63 -20.10 -24.56
CA GLY M 375 -84.77 -19.88 -23.42
C GLY M 375 -83.45 -20.61 -23.46
N CYS M 376 -83.19 -21.40 -24.49
CA CYS M 376 -81.97 -22.18 -24.57
C CYS M 376 -80.79 -21.28 -24.92
N GLU M 377 -79.60 -21.72 -24.49
CA GLU M 377 -78.40 -20.93 -24.72
C GLU M 377 -78.21 -20.59 -26.19
N GLU M 378 -78.55 -21.54 -27.07
CA GLU M 378 -78.28 -21.36 -28.49
C GLU M 378 -79.30 -20.47 -29.19
N SER M 379 -80.35 -20.04 -28.49
CA SER M 379 -81.34 -19.17 -29.12
C SER M 379 -80.74 -17.79 -29.39
N PRO M 380 -81.35 -17.02 -30.29
CA PRO M 380 -80.72 -15.76 -30.71
C PRO M 380 -80.58 -14.72 -29.61
N GLY M 381 -81.40 -14.75 -28.57
CA GLY M 381 -81.41 -13.70 -27.58
C GLY M 381 -80.06 -13.53 -26.90
N GLU M 382 -79.94 -12.40 -26.18
CA GLU M 382 -78.76 -12.12 -25.39
C GLU M 382 -78.96 -12.64 -23.97
N LEU M 383 -77.96 -13.36 -23.45
CA LEU M 383 -78.00 -13.85 -22.08
C LEU M 383 -77.73 -12.68 -21.14
N GLN M 384 -78.68 -12.39 -20.25
CA GLN M 384 -78.55 -11.30 -19.30
C GLN M 384 -78.81 -11.80 -17.89
N PHE M 385 -78.24 -11.09 -16.91
CA PHE M 385 -78.32 -11.45 -15.51
C PHE M 385 -79.11 -10.34 -14.80
N ILE M 386 -80.25 -10.70 -14.23
CA ILE M 386 -81.08 -9.78 -13.46
C ILE M 386 -81.58 -10.51 -12.22
N ASN M 387 -80.72 -10.66 -11.22
CA ASN M 387 -80.97 -11.51 -10.06
C ASN M 387 -80.85 -12.97 -10.49
N GLY M 388 -81.50 -13.33 -11.59
CA GLY M 388 -81.35 -14.63 -12.23
C GLY M 388 -80.98 -14.47 -13.69
N LYS M 389 -80.93 -15.57 -14.44
CA LYS M 389 -80.51 -15.54 -15.84
C LYS M 389 -81.73 -15.60 -16.76
N GLN M 390 -81.71 -14.75 -17.80
CA GLN M 390 -82.79 -14.64 -18.77
C GLN M 390 -82.18 -14.40 -20.15
N PHE M 391 -82.99 -14.65 -21.17
CA PHE M 391 -82.64 -14.35 -22.54
C PHE M 391 -83.41 -13.12 -23.00
N LYS M 392 -82.71 -12.18 -23.60
CA LYS M 392 -83.32 -10.90 -23.98
C LYS M 392 -83.32 -10.69 -25.49
N VAL M 437 -87.42 -13.93 -21.19
CA VAL M 437 -87.57 -15.37 -21.24
C VAL M 437 -86.52 -16.02 -20.33
N PRO M 438 -86.95 -16.91 -19.44
CA PRO M 438 -86.01 -17.53 -18.51
C PRO M 438 -85.01 -18.42 -19.22
N TYR M 439 -83.77 -18.37 -18.76
CA TYR M 439 -82.69 -19.16 -19.35
C TYR M 439 -82.84 -20.62 -18.96
N ARG M 440 -82.78 -21.51 -19.95
CA ARG M 440 -82.96 -22.93 -19.73
C ARG M 440 -81.68 -23.75 -19.79
N GLY M 441 -80.58 -23.16 -20.26
CA GLY M 441 -79.36 -23.89 -20.46
C GLY M 441 -79.23 -24.44 -21.87
N PRO M 442 -78.25 -25.33 -22.08
CA PRO M 442 -77.99 -25.81 -23.45
C PRO M 442 -79.16 -26.59 -24.03
N LEU M 443 -79.34 -26.44 -25.34
CA LEU M 443 -80.35 -27.21 -26.06
C LEU M 443 -80.23 -28.70 -25.77
N ALA M 444 -79.00 -29.19 -25.63
CA ALA M 444 -78.78 -30.62 -25.46
C ALA M 444 -79.60 -31.18 -24.32
N ASN M 445 -79.79 -30.41 -23.24
CA ASN M 445 -80.53 -30.95 -22.11
C ASN M 445 -82.00 -31.16 -22.47
N VAL M 446 -82.59 -30.21 -23.20
CA VAL M 446 -83.98 -30.34 -23.63
C VAL M 446 -84.14 -31.53 -24.56
N LEU M 447 -83.28 -31.65 -25.56
CA LEU M 447 -83.41 -32.73 -26.54
C LEU M 447 -83.15 -34.09 -25.91
N HIS M 448 -82.19 -34.17 -24.99
CA HIS M 448 -81.91 -35.45 -24.35
C HIS M 448 -83.14 -35.96 -23.59
N GLN M 449 -83.83 -35.07 -22.89
CA GLN M 449 -85.03 -35.47 -22.17
C GLN M 449 -86.15 -35.83 -23.14
N LEU M 450 -86.32 -35.04 -24.21
CA LEU M 450 -87.41 -35.30 -25.15
C LEU M 450 -87.18 -36.61 -25.90
N VAL M 451 -85.97 -36.83 -26.40
CA VAL M 451 -85.70 -38.07 -27.13
C VAL M 451 -85.72 -39.26 -26.18
N GLY M 452 -85.22 -39.07 -24.96
CA GLY M 452 -85.33 -40.12 -23.96
C GLY M 452 -86.77 -40.54 -23.72
N GLY M 453 -87.67 -39.56 -23.61
CA GLY M 453 -89.07 -39.88 -23.47
C GLY M 453 -89.62 -40.63 -24.66
N LEU M 454 -89.28 -40.19 -25.87
CA LEU M 454 -89.78 -40.87 -27.06
C LEU M 454 -89.32 -42.32 -27.10
N ARG M 455 -88.07 -42.57 -26.72
CA ARG M 455 -87.58 -43.95 -26.71
C ARG M 455 -88.37 -44.80 -25.73
N GLN M 456 -88.76 -44.21 -24.59
CA GLN M 456 -89.62 -44.92 -23.65
C GLN M 456 -90.96 -45.28 -24.31
N THR M 457 -91.58 -44.31 -24.98
CA THR M 457 -92.85 -44.58 -25.67
C THR M 457 -92.70 -45.74 -26.64
N MET M 458 -91.66 -45.70 -27.47
CA MET M 458 -91.50 -46.73 -28.49
C MET M 458 -91.26 -48.10 -27.87
N GLY M 459 -90.49 -48.15 -26.79
CA GLY M 459 -90.32 -49.41 -26.08
C GLY M 459 -91.64 -49.95 -25.54
N TYR M 460 -92.45 -49.06 -24.96
CA TYR M 460 -93.73 -49.50 -24.42
C TYR M 460 -94.67 -49.96 -25.53
N VAL M 461 -94.62 -49.28 -26.68
CA VAL M 461 -95.52 -49.59 -27.78
C VAL M 461 -95.00 -50.76 -28.62
N GLY M 462 -93.71 -51.07 -28.54
CA GLY M 462 -93.13 -52.12 -29.34
C GLY M 462 -92.67 -51.70 -30.71
N ALA M 463 -92.52 -50.40 -30.95
CA ALA M 463 -92.11 -49.89 -32.25
C ALA M 463 -90.59 -49.81 -32.30
N ALA M 464 -89.98 -50.60 -33.19
CA ALA M 464 -88.55 -50.54 -33.39
C ALA M 464 -88.13 -49.35 -34.23
N THR M 465 -89.07 -48.77 -34.98
CA THR M 465 -88.79 -47.62 -35.83
C THR M 465 -89.96 -46.64 -35.71
N ILE M 466 -89.72 -45.40 -36.13
CA ILE M 466 -90.78 -44.40 -36.14
C ILE M 466 -91.93 -44.87 -37.03
N GLU M 467 -91.61 -45.48 -38.16
CA GLU M 467 -92.64 -45.94 -39.09
C GLU M 467 -93.60 -46.96 -38.48
N GLU M 468 -93.19 -47.67 -37.44
CA GLU M 468 -94.09 -48.61 -36.78
C GLU M 468 -95.04 -47.94 -35.79
N MET M 469 -94.80 -46.67 -35.47
CA MET M 469 -95.59 -46.01 -34.43
C MET M 469 -97.06 -45.91 -34.81
N GLU M 470 -97.36 -45.59 -36.07
CA GLU M 470 -98.74 -45.36 -36.46
C GLU M 470 -99.55 -46.65 -36.38
N SER M 471 -98.97 -47.77 -36.79
CA SER M 471 -99.72 -49.03 -36.79
C SER M 471 -99.77 -49.66 -35.41
N LYS M 472 -98.67 -49.62 -34.67
CA LYS M 472 -98.58 -50.29 -33.38
C LYS M 472 -99.10 -49.44 -32.23
N GLY M 473 -99.12 -48.12 -32.37
CA GLY M 473 -99.60 -47.26 -31.31
C GLY M 473 -101.10 -47.30 -31.17
N ARG M 474 -101.58 -47.82 -30.05
CA ARG M 474 -103.01 -47.85 -29.75
C ARG M 474 -103.36 -46.75 -28.78
N PHE M 475 -104.46 -46.04 -29.07
CA PHE M 475 -104.89 -44.91 -28.27
C PHE M 475 -106.09 -45.27 -27.41
N VAL M 476 -106.21 -44.61 -26.28
CA VAL M 476 -107.45 -44.54 -25.50
C VAL M 476 -107.70 -43.08 -25.16
N ARG M 477 -108.97 -42.66 -25.23
CA ARG M 477 -109.33 -41.33 -24.77
C ARG M 477 -109.52 -41.36 -23.26
N ILE M 478 -109.29 -40.22 -22.61
CA ILE M 478 -109.51 -40.11 -21.18
C ILE M 478 -110.41 -38.91 -20.91
N THR M 479 -111.09 -38.95 -19.77
CA THR M 479 -111.91 -37.83 -19.34
C THR M 479 -111.04 -36.84 -18.58
N SER M 480 -111.65 -35.72 -18.18
CA SER M 480 -110.92 -34.74 -17.38
C SER M 480 -110.53 -35.29 -16.02
N ALA M 481 -111.19 -36.35 -15.55
CA ALA M 481 -110.85 -36.96 -14.27
C ALA M 481 -109.45 -37.58 -14.29
N GLY N 10 31.27 27.71 25.86
CA GLY N 10 29.96 27.67 26.50
C GLY N 10 29.59 26.33 27.10
N VAL N 11 30.59 25.55 27.47
CA VAL N 11 30.38 24.23 28.06
C VAL N 11 31.06 24.22 29.44
N PRO N 12 30.62 23.33 30.32
CA PRO N 12 31.33 23.19 31.61
C PRO N 12 32.76 22.71 31.42
N GLU N 13 33.60 23.02 32.42
CA GLU N 13 35.00 22.60 32.37
C GLU N 13 35.14 21.09 32.20
N LYS N 14 34.22 20.31 32.77
CA LYS N 14 34.24 18.87 32.62
C LYS N 14 34.30 18.46 31.15
N PHE N 15 33.74 19.28 30.26
CA PHE N 15 33.64 18.95 28.84
C PHE N 15 34.39 19.94 27.95
N ALA N 16 35.35 20.66 28.50
CA ALA N 16 35.97 21.76 27.75
C ALA N 16 36.79 21.26 26.57
N THR N 17 37.42 20.10 26.67
CA THR N 17 38.37 19.68 25.66
C THR N 17 37.64 19.23 24.39
N LEU N 18 38.14 19.71 23.25
CA LEU N 18 37.66 19.29 21.94
C LEU N 18 38.69 18.37 21.31
N GLY N 19 38.26 17.17 20.94
CA GLY N 19 39.13 16.22 20.30
C GLY N 19 39.02 16.32 18.79
N LEU N 20 40.15 16.20 18.11
CA LEU N 20 40.23 16.39 16.67
C LEU N 20 40.67 15.09 16.01
N THR N 21 39.99 14.72 14.92
CA THR N 21 40.37 13.61 14.07
C THR N 21 41.06 14.16 12.83
N TYR N 22 41.54 13.25 11.96
CA TYR N 22 42.23 13.68 10.75
C TYR N 22 41.35 14.59 9.89
N ASP N 23 40.09 14.23 9.71
CA ASP N 23 39.21 15.02 8.86
C ASP N 23 38.96 16.42 9.41
N ASP N 24 39.24 16.66 10.69
CA ASP N 24 38.99 17.97 11.27
C ASP N 24 40.05 19.00 10.90
N VAL N 25 41.19 18.60 10.35
CA VAL N 25 42.31 19.50 10.18
C VAL N 25 42.93 19.34 8.80
N LEU N 26 43.64 20.37 8.38
CA LEU N 26 44.44 20.38 7.17
C LEU N 26 45.78 21.00 7.52
N LEU N 27 46.80 20.65 6.73
CA LEU N 27 48.11 21.26 6.86
C LEU N 27 48.21 22.42 5.88
N LEU N 28 48.85 23.50 6.32
CA LEU N 28 49.02 24.66 5.46
C LEU N 28 50.26 24.48 4.58
N PRO N 29 50.25 25.02 3.37
CA PRO N 29 51.51 25.15 2.62
C PRO N 29 52.42 26.14 3.32
N GLY N 30 53.73 25.87 3.27
CA GLY N 30 54.71 26.71 3.91
C GLY N 30 55.88 26.99 2.99
N ALA N 31 56.77 27.87 3.47
CA ALA N 31 58.02 28.14 2.76
C ALA N 31 58.77 26.83 2.55
N SER N 32 59.16 26.57 1.31
CA SER N 32 59.80 25.30 0.99
C SER N 32 60.94 25.49 0.00
N ALA N 33 62.05 24.82 0.27
CA ALA N 33 63.19 24.78 -0.64
C ALA N 33 63.46 23.37 -1.13
N VAL N 34 62.51 22.45 -0.95
CA VAL N 34 62.73 21.03 -1.23
C VAL N 34 61.55 20.49 -2.01
N LEU N 35 61.83 19.72 -3.05
CA LEU N 35 60.82 19.12 -3.91
C LEU N 35 60.42 17.74 -3.39
N PRO N 36 59.21 17.28 -3.71
CA PRO N 36 58.78 15.95 -3.23
C PRO N 36 59.78 14.84 -3.50
N ASN N 37 60.41 14.82 -4.69
CA ASN N 37 61.29 13.72 -5.03
C ASN N 37 62.62 13.77 -4.27
N ALA N 38 62.87 14.81 -3.47
CA ALA N 38 64.15 14.95 -2.79
C ALA N 38 64.06 14.85 -1.27
N VAL N 39 62.86 14.73 -0.71
CA VAL N 39 62.76 14.65 0.74
C VAL N 39 63.21 13.28 1.23
N ASP N 40 63.57 13.21 2.51
CA ASP N 40 64.00 11.98 3.15
C ASP N 40 62.86 11.48 4.02
N THR N 41 62.40 10.25 3.75
CA THR N 41 61.23 9.71 4.43
C THR N 41 61.60 8.69 5.51
N SER N 42 62.86 8.63 5.92
CA SER N 42 63.27 7.67 6.93
C SER N 42 62.82 8.15 8.31
N SER N 43 62.59 7.19 9.20
CA SER N 43 62.10 7.49 10.54
C SER N 43 62.43 6.31 11.43
N ARG N 44 62.08 6.44 12.71
CA ARG N 44 62.36 5.43 13.72
C ARG N 44 61.09 4.71 14.12
N ILE N 45 61.13 3.38 14.13
CA ILE N 45 60.08 2.59 14.76
C ILE N 45 60.16 2.71 16.27
N SER N 46 61.37 2.57 16.80
CA SER N 46 61.64 2.62 18.23
C SER N 46 63.05 3.19 18.38
N ARG N 47 63.52 3.28 19.63
CA ARG N 47 64.79 3.93 19.89
C ARG N 47 65.89 3.45 18.95
N ASN N 48 65.94 2.14 18.68
CA ASN N 48 67.07 1.54 17.96
C ASN N 48 66.65 0.83 16.68
N VAL N 49 65.46 1.10 16.17
CA VAL N 49 64.99 0.49 14.92
C VAL N 49 64.59 1.60 13.97
N ARG N 50 65.17 1.59 12.77
CA ARG N 50 64.93 2.63 11.77
C ARG N 50 64.37 2.01 10.50
N VAL N 51 63.50 2.75 9.82
CA VAL N 51 62.91 2.35 8.55
C VAL N 51 63.13 3.48 7.55
N ASN N 52 62.98 3.14 6.27
CA ASN N 52 63.20 4.09 5.18
C ASN N 52 61.91 4.73 4.68
N ILE N 53 60.76 4.13 4.91
CA ILE N 53 59.46 4.79 4.79
C ILE N 53 58.79 4.61 6.15
N PRO N 54 58.00 5.58 6.63
CA PRO N 54 57.51 5.55 8.01
C PRO N 54 56.23 4.75 8.20
N LEU N 55 56.23 3.50 7.75
CA LEU N 55 55.02 2.70 7.69
C LEU N 55 55.27 1.29 8.20
N LEU N 56 54.31 0.79 8.98
CA LEU N 56 54.30 -0.59 9.47
C LEU N 56 53.02 -1.27 9.00
N SER N 57 53.07 -2.59 8.87
CA SER N 57 51.87 -3.40 8.67
C SER N 57 51.45 -3.98 10.02
N ALA N 58 50.14 -3.96 10.28
CA ALA N 58 49.62 -4.26 11.61
C ALA N 58 49.74 -5.74 11.94
N ALA N 59 49.78 -6.04 13.24
CA ALA N 59 49.82 -7.41 13.74
C ALA N 59 48.42 -8.01 13.81
N MET N 60 47.78 -8.09 12.64
CA MET N 60 46.48 -8.72 12.49
C MET N 60 46.65 -9.99 11.67
N ASP N 61 45.93 -11.06 12.05
CA ASP N 61 46.13 -12.34 11.38
C ASP N 61 45.60 -12.35 9.95
N LYS N 62 44.83 -11.33 9.55
CA LYS N 62 44.43 -11.18 8.17
C LYS N 62 45.41 -10.31 7.38
N VAL N 63 46.49 -9.84 8.00
CA VAL N 63 47.36 -8.88 7.35
C VAL N 63 48.81 -9.36 7.25
N THR N 64 49.46 -9.57 8.40
CA THR N 64 50.92 -9.74 8.42
C THR N 64 51.35 -11.11 8.90
N GLU N 65 51.74 -11.97 7.95
CA GLU N 65 52.63 -13.09 8.20
C GLU N 65 53.90 -12.84 7.38
N SER N 66 54.71 -13.88 7.15
CA SER N 66 56.05 -13.64 6.62
C SER N 66 56.00 -12.94 5.26
N ARG N 67 55.08 -13.32 4.40
CA ARG N 67 55.04 -12.75 3.06
C ARG N 67 54.77 -11.24 3.11
N MET N 68 53.85 -10.81 3.97
CA MET N 68 53.61 -9.39 4.12
C MET N 68 54.82 -8.69 4.73
N ALA N 69 55.42 -9.29 5.76
CA ALA N 69 56.56 -8.67 6.42
C ALA N 69 57.74 -8.55 5.47
N ILE N 70 57.96 -9.56 4.62
CA ILE N 70 59.07 -9.49 3.67
C ILE N 70 58.84 -8.34 2.70
N SER N 71 57.63 -8.22 2.16
CA SER N 71 57.35 -7.15 1.20
C SER N 71 57.45 -5.78 1.86
N MET N 72 56.91 -5.63 3.08
CA MET N 72 57.03 -4.36 3.78
C MET N 72 58.48 -3.95 3.92
N ALA N 73 59.33 -4.88 4.39
CA ALA N 73 60.73 -4.54 4.60
C ALA N 73 61.43 -4.23 3.29
N ARG N 74 61.11 -4.98 2.23
CA ARG N 74 61.74 -4.73 0.93
C ARG N 74 61.40 -3.34 0.44
N GLN N 75 60.19 -2.86 0.72
CA GLN N 75 59.78 -1.52 0.31
C GLN N 75 60.29 -0.44 1.25
N GLY N 76 60.94 -0.80 2.34
CA GLY N 76 61.53 0.17 3.26
C GLY N 76 60.78 0.34 4.56
N GLY N 77 59.64 -0.32 4.73
CA GLY N 77 58.92 -0.33 5.97
C GLY N 77 59.26 -1.56 6.80
N VAL N 78 58.28 -2.01 7.58
CA VAL N 78 58.47 -3.20 8.39
C VAL N 78 57.09 -3.77 8.71
N GLY N 79 57.03 -5.08 8.86
CA GLY N 79 55.82 -5.76 9.30
C GLY N 79 55.94 -6.17 10.76
N VAL N 80 54.80 -6.20 11.45
CA VAL N 80 54.72 -6.75 12.79
C VAL N 80 53.90 -8.04 12.69
N LEU N 81 54.58 -9.17 12.83
CA LEU N 81 53.91 -10.47 12.70
C LEU N 81 52.89 -10.67 13.81
N HIS N 82 51.69 -11.09 13.43
CA HIS N 82 50.62 -11.31 14.38
C HIS N 82 50.93 -12.51 15.27
N ARG N 83 50.23 -12.57 16.41
CA ARG N 83 50.51 -13.57 17.43
C ARG N 83 49.38 -14.57 17.61
N ASN N 84 48.42 -14.63 16.69
CA ASN N 84 47.34 -15.60 16.78
C ASN N 84 47.76 -16.94 16.19
N LEU N 85 48.81 -17.49 16.78
CA LEU N 85 49.36 -18.79 16.40
C LEU N 85 50.35 -19.21 17.48
N SER N 86 50.77 -20.47 17.40
CA SER N 86 51.64 -21.01 18.43
C SER N 86 52.98 -20.27 18.46
N ILE N 87 53.67 -20.38 19.59
CA ILE N 87 54.98 -19.75 19.73
C ILE N 87 55.93 -20.25 18.66
N GLU N 88 55.95 -21.56 18.44
CA GLU N 88 56.88 -22.12 17.47
C GLU N 88 56.53 -21.70 16.05
N ASP N 89 55.23 -21.53 15.76
CA ASP N 89 54.84 -21.08 14.42
C ASP N 89 55.18 -19.61 14.21
N GLN N 90 55.00 -18.77 15.23
CA GLN N 90 55.34 -17.36 15.06
C GLN N 90 56.84 -17.18 14.93
N ALA N 91 57.62 -17.93 15.72
CA ALA N 91 59.07 -17.89 15.58
C ALA N 91 59.50 -18.36 14.21
N ASN N 92 58.80 -19.35 13.65
CA ASN N 92 59.09 -19.79 12.30
C ASN N 92 58.84 -18.68 11.29
N GLN N 93 57.76 -17.92 11.48
CA GLN N 93 57.49 -16.79 10.61
C GLN N 93 58.62 -15.78 10.65
N VAL N 94 59.14 -15.49 11.85
CA VAL N 94 60.30 -14.62 11.97
C VAL N 94 61.47 -15.18 11.17
N ASP N 95 61.78 -16.47 11.36
CA ASP N 95 62.91 -17.08 10.68
C ASP N 95 62.79 -16.95 9.17
N LEU N 96 61.58 -17.10 8.63
CA LEU N 96 61.37 -16.97 7.19
C LEU N 96 61.74 -15.57 6.72
N VAL N 97 61.43 -14.55 7.51
CA VAL N 97 61.76 -13.18 7.11
C VAL N 97 63.26 -12.93 7.23
N LYS N 98 63.85 -13.30 8.38
CA LYS N 98 65.26 -13.00 8.61
C LYS N 98 66.14 -13.69 7.58
N ARG N 99 65.76 -14.90 7.16
CA ARG N 99 66.53 -15.68 6.20
C ARG N 99 65.94 -15.60 4.80
N SER N 100 65.37 -14.46 4.45
CA SER N 100 64.79 -14.25 3.13
C SER N 100 65.88 -14.00 2.09
N GLU N 101 66.66 -12.94 2.28
CA GLU N 101 67.78 -12.63 1.42
C GLU N 101 68.91 -12.07 2.26
N SER N 102 70.13 -12.52 1.98
CA SER N 102 71.33 -12.22 2.76
C SER N 102 71.24 -12.74 4.19
N GLY N 103 70.26 -13.57 4.51
CA GLY N 103 70.10 -14.07 5.86
C GLY N 103 70.74 -15.42 6.11
N MET N 104 71.24 -16.08 5.08
CA MET N 104 71.88 -17.37 5.22
C MET N 104 73.40 -17.30 5.12
N VAL N 105 73.96 -16.09 5.04
CA VAL N 105 75.41 -15.94 4.95
C VAL N 105 76.07 -16.52 6.19
N ALA N 106 75.38 -16.54 7.33
CA ALA N 106 75.94 -17.09 8.56
C ALA N 106 75.06 -18.12 9.24
N ASN N 107 73.91 -18.47 8.65
CA ASN N 107 73.02 -19.50 9.20
C ASN N 107 72.30 -20.18 8.05
N PRO N 108 72.99 -21.07 7.33
CA PRO N 108 72.38 -21.69 6.15
C PRO N 108 71.48 -22.87 6.52
N ILE N 109 70.52 -23.15 5.62
CA ILE N 109 69.78 -24.41 5.68
C ILE N 109 70.63 -25.55 5.11
N THR N 110 70.38 -26.77 5.57
CA THR N 110 71.13 -27.98 5.11
C THR N 110 70.17 -29.16 4.99
N ILE N 111 70.58 -30.25 4.33
CA ILE N 111 69.74 -31.48 4.20
C ILE N 111 70.69 -32.69 4.22
N HIS N 112 70.30 -33.81 4.84
CA HIS N 112 71.12 -35.06 4.88
C HIS N 112 71.24 -35.60 3.44
N PRO N 113 72.30 -36.37 3.07
CA PRO N 113 72.36 -36.96 1.73
C PRO N 113 71.34 -38.10 1.56
N ASP N 114 70.77 -38.62 2.66
CA ASP N 114 69.77 -39.74 2.60
C ASP N 114 68.35 -39.18 2.48
N ALA N 115 68.15 -37.85 2.52
CA ALA N 115 66.84 -37.25 2.46
C ALA N 115 66.29 -37.37 1.04
N THR N 116 64.97 -37.28 0.93
CA THR N 116 64.30 -37.41 -0.35
C THR N 116 64.26 -36.08 -1.08
N LEU N 117 64.05 -36.17 -2.41
CA LEU N 117 63.87 -34.97 -3.21
C LEU N 117 62.63 -34.19 -2.75
N GLY N 118 61.59 -34.91 -2.34
CA GLY N 118 60.42 -34.24 -1.80
C GLY N 118 60.73 -33.39 -0.59
N GLU N 119 61.57 -33.91 0.31
CA GLU N 119 61.97 -33.12 1.47
C GLU N 119 62.80 -31.92 1.05
N ALA N 120 63.72 -32.12 0.10
CA ALA N 120 64.55 -31.01 -0.38
C ALA N 120 63.69 -29.94 -1.02
N ASP N 121 62.73 -30.34 -1.86
CA ASP N 121 61.88 -29.36 -2.53
C ASP N 121 61.00 -28.60 -1.54
N ALA N 122 60.52 -29.29 -0.50
CA ALA N 122 59.71 -28.61 0.50
C ALA N 122 60.52 -27.55 1.23
N LEU N 123 61.79 -27.83 1.51
CA LEU N 123 62.65 -26.84 2.13
C LEU N 123 62.88 -25.65 1.19
N CYS N 124 63.08 -25.93 -0.09
CA CYS N 124 63.24 -24.86 -1.07
C CYS N 124 61.98 -24.00 -1.14
N ALA N 125 60.81 -24.63 -1.13
CA ALA N 125 59.57 -23.86 -1.17
C ALA N 125 59.37 -23.06 0.12
N LYS N 126 59.75 -23.62 1.26
CA LYS N 126 59.53 -22.96 2.53
C LYS N 126 60.29 -21.64 2.60
N PHE N 127 61.58 -21.67 2.26
CA PHE N 127 62.44 -20.50 2.38
C PHE N 127 62.54 -19.73 1.06
N ARG N 128 61.85 -20.16 0.02
CA ARG N 128 61.90 -19.50 -1.28
C ARG N 128 63.35 -19.36 -1.73
N ILE N 129 64.04 -20.50 -1.76
CA ILE N 129 65.42 -20.62 -2.21
C ILE N 129 65.48 -21.85 -3.10
N SER N 130 66.37 -21.82 -4.09
CA SER N 130 66.37 -22.80 -5.16
C SER N 130 67.43 -23.89 -4.99
N GLY N 131 67.81 -24.18 -3.76
CA GLY N 131 68.79 -25.23 -3.55
C GLY N 131 69.13 -25.35 -2.08
N VAL N 132 69.74 -26.48 -1.74
CA VAL N 132 70.12 -26.77 -0.37
C VAL N 132 71.53 -27.34 -0.34
N PRO N 133 72.44 -26.78 0.45
CA PRO N 133 73.71 -27.46 0.71
C PRO N 133 73.45 -28.81 1.39
N VAL N 134 74.17 -29.83 0.94
CA VAL N 134 74.08 -31.17 1.52
C VAL N 134 75.27 -31.38 2.45
N THR N 135 74.98 -31.75 3.69
CA THR N 135 76.03 -31.93 4.69
C THR N 135 75.82 -33.24 5.44
N ASP N 136 76.89 -33.69 6.09
CA ASP N 136 76.82 -34.81 7.01
C ASP N 136 76.48 -34.30 8.41
N GLY N 137 76.48 -35.21 9.39
CA GLY N 137 76.10 -34.84 10.74
C GLY N 137 77.04 -33.85 11.38
N ALA N 138 78.29 -33.78 10.92
CA ALA N 138 79.27 -32.83 11.43
C ALA N 138 79.23 -31.50 10.68
N GLY N 139 78.34 -31.35 9.70
CA GLY N 139 78.26 -30.13 8.94
C GLY N 139 79.26 -30.02 7.81
N LYS N 140 80.02 -31.09 7.54
CA LYS N 140 80.94 -31.07 6.41
C LYS N 140 80.16 -31.06 5.11
N LEU N 141 80.56 -30.18 4.19
CA LEU N 141 79.84 -30.02 2.93
C LEU N 141 80.12 -31.19 2.01
N LEU N 142 79.05 -31.85 1.57
CA LEU N 142 79.15 -33.00 0.66
C LEU N 142 78.77 -32.64 -0.76
N GLY N 143 77.85 -31.71 -0.94
CA GLY N 143 77.43 -31.32 -2.27
C GLY N 143 76.34 -30.28 -2.17
N ILE N 144 75.57 -30.15 -3.25
CA ILE N 144 74.48 -29.18 -3.29
C ILE N 144 73.45 -29.69 -4.29
N VAL N 145 72.18 -29.65 -3.90
CA VAL N 145 71.07 -30.06 -4.74
C VAL N 145 70.20 -28.83 -4.99
N THR N 146 69.91 -28.56 -6.26
CA THR N 146 69.21 -27.34 -6.65
C THR N 146 68.03 -27.67 -7.55
N ASN N 147 67.24 -26.64 -7.84
CA ASN N 147 66.07 -26.81 -8.69
C ASN N 147 66.43 -27.48 -10.01
N ARG N 148 67.54 -27.07 -10.63
CA ARG N 148 67.91 -27.67 -11.92
C ARG N 148 68.29 -29.13 -11.75
N ASP N 149 68.84 -29.51 -10.59
CA ASP N 149 69.15 -30.92 -10.34
C ASP N 149 67.88 -31.76 -10.24
N MET N 150 66.78 -31.16 -9.79
CA MET N 150 65.52 -31.87 -9.60
C MET N 150 64.50 -31.60 -10.71
N ALA N 151 64.86 -30.77 -11.70
CA ALA N 151 63.85 -30.28 -12.63
C ALA N 151 63.16 -31.40 -13.39
N PHE N 152 63.91 -32.41 -13.83
CA PHE N 152 63.36 -33.47 -14.65
C PHE N 152 63.07 -34.74 -13.87
N GLU N 153 63.14 -34.69 -12.55
CA GLU N 153 62.93 -35.85 -11.70
C GLU N 153 61.44 -36.05 -11.44
N THR N 154 60.99 -37.30 -11.56
CA THR N 154 59.60 -37.65 -11.33
C THR N 154 59.36 -38.39 -10.03
N ASP N 155 60.38 -39.04 -9.48
CA ASP N 155 60.26 -39.79 -8.24
C ASP N 155 60.65 -38.89 -7.09
N ARG N 156 59.67 -38.51 -6.25
CA ARG N 156 59.95 -37.61 -5.15
C ARG N 156 60.57 -38.31 -3.95
N SER N 157 60.66 -39.64 -3.97
CA SER N 157 61.29 -40.41 -2.91
C SER N 157 62.78 -40.62 -3.15
N ARG N 158 63.27 -40.37 -4.36
CA ARG N 158 64.71 -40.59 -4.75
C ARG N 158 65.63 -39.88 -3.75
N GLN N 159 66.84 -40.37 -3.50
CA GLN N 159 67.81 -39.75 -2.53
C GLN N 159 68.40 -38.49 -3.17
N VAL N 160 68.62 -37.42 -2.38
CA VAL N 160 69.21 -36.13 -2.88
C VAL N 160 70.65 -36.42 -3.35
N ARG N 161 71.37 -37.31 -2.67
CA ARG N 161 72.79 -37.65 -3.01
C ARG N 161 72.88 -38.16 -4.45
N GLU N 162 71.82 -38.82 -4.97
CA GLU N 162 71.83 -39.41 -6.34
C GLU N 162 71.73 -38.32 -7.42
N VAL N 163 71.04 -37.19 -7.17
CA VAL N 163 70.82 -36.11 -8.18
C VAL N 163 71.69 -34.88 -7.86
N MET N 164 72.29 -34.78 -6.67
CA MET N 164 73.02 -33.55 -6.25
C MET N 164 74.38 -33.44 -6.94
N THR N 165 74.91 -32.22 -7.07
CA THR N 165 76.27 -32.00 -7.54
C THR N 165 77.23 -32.19 -6.36
N PRO N 166 78.11 -33.19 -6.39
CA PRO N 166 78.97 -33.44 -5.25
C PRO N 166 80.20 -32.53 -5.22
N MET N 167 80.78 -32.41 -4.02
CA MET N 167 82.08 -31.78 -3.90
C MET N 167 83.04 -32.46 -4.87
N PRO N 168 83.99 -31.71 -5.45
CA PRO N 168 84.28 -30.30 -5.14
C PRO N 168 83.37 -29.28 -5.82
N LEU N 169 82.88 -28.34 -5.02
CA LEU N 169 82.01 -27.26 -5.47
C LEU N 169 82.78 -25.94 -5.50
N VAL N 170 82.22 -24.96 -6.23
CA VAL N 170 82.71 -23.59 -6.11
C VAL N 170 82.27 -23.02 -4.77
N THR N 171 83.24 -22.66 -3.92
CA THR N 171 82.95 -22.15 -2.59
C THR N 171 83.70 -20.84 -2.34
N GLY N 172 83.30 -20.16 -1.28
CA GLY N 172 83.97 -18.94 -0.86
C GLY N 172 84.41 -19.02 0.60
N GLN N 173 85.19 -18.02 1.03
CA GLN N 173 85.56 -17.98 2.44
C GLN N 173 84.53 -17.21 3.27
N VAL N 174 84.47 -17.55 4.56
CA VAL N 174 83.70 -16.72 5.47
C VAL N 174 84.20 -15.29 5.32
N GLY N 175 83.27 -14.35 5.17
CA GLY N 175 83.65 -12.96 5.03
C GLY N 175 83.91 -12.49 3.62
N ILE N 176 83.74 -13.35 2.62
CA ILE N 176 83.92 -12.94 1.23
C ILE N 176 83.07 -11.72 0.97
N SER N 177 83.59 -10.81 0.15
CA SER N 177 82.87 -9.59 -0.17
C SER N 177 81.79 -9.86 -1.23
N GLY N 178 80.83 -8.94 -1.30
CA GLY N 178 79.81 -9.05 -2.33
C GLY N 178 80.39 -9.08 -3.72
N VAL N 179 81.34 -8.18 -3.99
CA VAL N 179 81.96 -8.12 -5.31
C VAL N 179 82.67 -9.43 -5.61
N ASP N 180 83.39 -9.99 -4.63
CA ASP N 180 84.14 -11.22 -4.87
C ASP N 180 83.22 -12.41 -5.06
N ALA N 181 82.15 -12.50 -4.25
CA ALA N 181 81.21 -13.61 -4.41
C ALA N 181 80.53 -13.55 -5.78
N MET N 182 80.06 -12.36 -6.17
CA MET N 182 79.42 -12.22 -7.47
C MET N 182 80.37 -12.60 -8.60
N GLU N 183 81.65 -12.22 -8.49
CA GLU N 183 82.68 -12.56 -9.52
C GLU N 183 82.69 -14.07 -9.72
N LEU N 184 82.66 -14.86 -8.63
CA LEU N 184 82.66 -16.36 -8.70
C LEU N 184 81.38 -16.81 -9.42
N LEU N 185 80.21 -16.26 -9.05
CA LEU N 185 78.90 -16.68 -9.64
C LEU N 185 78.93 -16.38 -11.15
N ARG N 186 79.52 -15.26 -11.57
CA ARG N 186 79.54 -14.84 -13.02
C ARG N 186 80.52 -15.73 -13.80
N ARG N 187 81.70 -16.03 -13.25
CA ARG N 187 82.76 -16.81 -13.96
C ARG N 187 82.37 -18.28 -14.07
N HIS N 188 81.75 -18.87 -13.05
CA HIS N 188 81.40 -20.32 -13.00
C HIS N 188 79.96 -20.54 -13.49
N LYS N 189 79.25 -19.50 -13.94
CA LYS N 189 77.83 -19.61 -14.43
C LYS N 189 77.03 -20.45 -13.41
N ILE N 190 77.09 -20.11 -12.13
CA ILE N 190 76.31 -20.75 -11.07
C ILE N 190 75.57 -19.68 -10.28
N GLU N 191 74.58 -20.14 -9.50
CA GLU N 191 73.75 -19.25 -8.70
C GLU N 191 73.94 -19.40 -7.20
N LYS N 192 74.73 -20.37 -6.76
CA LYS N 192 74.93 -20.66 -5.34
C LYS N 192 76.41 -20.61 -5.01
N LEU N 193 76.72 -20.11 -3.81
CA LEU N 193 78.09 -20.08 -3.31
C LEU N 193 78.08 -20.49 -1.85
N PRO N 194 78.28 -21.79 -1.57
CA PRO N 194 78.46 -22.21 -0.18
C PRO N 194 79.70 -21.57 0.43
N LEU N 195 79.63 -21.26 1.72
CA LEU N 195 80.74 -20.70 2.46
C LEU N 195 81.26 -21.72 3.45
N VAL N 196 82.55 -22.02 3.39
CA VAL N 196 83.16 -23.06 4.22
C VAL N 196 84.37 -22.51 4.95
N ASP N 197 84.72 -23.19 6.04
CA ASP N 197 85.94 -22.89 6.78
C ASP N 197 87.09 -23.76 6.27
N GLY N 198 88.23 -23.71 6.96
CA GLY N 198 89.40 -24.43 6.49
C GLY N 198 89.21 -25.94 6.44
N ASP N 199 88.38 -26.48 7.31
CA ASP N 199 88.13 -27.92 7.35
C ASP N 199 86.96 -28.34 6.47
N GLY N 200 86.42 -27.42 5.67
CA GLY N 200 85.29 -27.75 4.82
C GLY N 200 83.96 -27.85 5.53
N ILE N 201 83.84 -27.27 6.72
CA ILE N 201 82.56 -27.20 7.40
C ILE N 201 81.76 -26.04 6.82
N LEU N 202 80.49 -26.29 6.52
CA LEU N 202 79.63 -25.25 5.95
C LEU N 202 79.35 -24.18 6.98
N LYS N 203 79.66 -22.93 6.64
CA LYS N 203 79.43 -21.80 7.53
C LYS N 203 78.37 -20.83 7.02
N GLY N 204 78.06 -20.84 5.73
CA GLY N 204 77.09 -19.89 5.20
C GLY N 204 76.77 -20.22 3.76
N LEU N 205 75.88 -19.40 3.19
CA LEU N 205 75.46 -19.58 1.81
C LEU N 205 75.07 -18.24 1.21
N ILE N 206 75.61 -17.96 0.04
CA ILE N 206 75.20 -16.83 -0.79
C ILE N 206 74.58 -17.39 -2.07
N THR N 207 73.49 -16.78 -2.51
CA THR N 207 72.87 -17.14 -3.77
C THR N 207 72.57 -15.88 -4.57
N VAL N 208 72.27 -16.07 -5.85
CA VAL N 208 71.98 -14.94 -6.72
C VAL N 208 70.80 -14.13 -6.18
N LYS N 209 69.92 -14.77 -5.40
CA LYS N 209 68.81 -14.05 -4.80
C LYS N 209 69.28 -12.87 -3.96
N ASP N 210 70.40 -13.03 -3.24
CA ASP N 210 70.90 -11.93 -2.43
C ASP N 210 71.17 -10.70 -3.27
N PHE N 211 71.75 -10.89 -4.46
CA PHE N 211 72.08 -9.77 -5.33
C PHE N 211 70.87 -9.29 -6.10
N VAL N 212 70.02 -10.21 -6.57
CA VAL N 212 68.83 -9.82 -7.31
C VAL N 212 67.93 -8.96 -6.44
N LYS N 213 67.66 -9.40 -5.21
CA LYS N 213 66.73 -8.66 -4.37
C LYS N 213 67.31 -7.34 -3.87
N ALA N 214 68.64 -7.28 -3.67
CA ALA N 214 69.26 -6.02 -3.28
C ALA N 214 69.13 -4.99 -4.39
N GLU N 215 69.18 -5.43 -5.64
CA GLU N 215 69.05 -4.50 -6.76
C GLU N 215 67.59 -4.11 -6.97
N GLN N 216 66.66 -5.07 -6.81
CA GLN N 216 65.26 -4.77 -7.05
C GLN N 216 64.67 -3.89 -5.96
N TYR N 217 65.19 -3.99 -4.73
CA TYR N 217 64.64 -3.31 -3.57
C TYR N 217 65.75 -2.54 -2.89
N PRO N 218 66.20 -1.45 -3.51
CA PRO N 218 67.36 -0.70 -2.95
C PRO N 218 67.04 0.06 -1.68
N HIS N 219 65.77 0.26 -1.33
CA HIS N 219 65.41 0.97 -0.10
C HIS N 219 64.97 0.03 1.01
N ALA N 220 65.29 -1.26 0.88
CA ALA N 220 64.90 -2.24 1.89
C ALA N 220 65.38 -1.83 3.28
N ALA N 221 64.52 -2.05 4.27
CA ALA N 221 64.87 -1.83 5.67
C ALA N 221 65.54 -3.08 6.20
N LYS N 222 66.77 -2.96 6.68
CA LYS N 222 67.59 -4.09 7.05
C LYS N 222 68.22 -3.86 8.42
N ASP N 223 68.61 -4.96 9.06
CA ASP N 223 69.32 -4.91 10.33
C ASP N 223 70.82 -4.73 10.07
N ALA N 224 71.60 -4.72 11.16
CA ALA N 224 73.04 -4.48 11.02
C ALA N 224 73.74 -5.58 10.23
N LYS N 225 73.13 -6.75 10.10
CA LYS N 225 73.72 -7.83 9.33
C LYS N 225 73.25 -7.86 7.88
N GLY N 226 72.45 -6.89 7.46
CA GLY N 226 71.95 -6.87 6.10
C GLY N 226 70.72 -7.71 5.85
N ARG N 227 70.06 -8.20 6.90
CA ARG N 227 68.85 -8.99 6.76
C ARG N 227 67.63 -8.09 6.93
N LEU N 228 66.52 -8.50 6.30
CA LEU N 228 65.30 -7.72 6.36
C LEU N 228 64.83 -7.57 7.80
N LEU N 229 64.42 -6.35 8.16
CA LEU N 229 63.88 -6.09 9.48
C LEU N 229 62.50 -6.72 9.64
N VAL N 230 62.16 -7.07 10.88
CA VAL N 230 60.83 -7.59 11.19
C VAL N 230 60.55 -7.39 12.66
N GLY N 231 59.27 -7.14 12.98
CA GLY N 231 58.80 -7.12 14.34
C GLY N 231 57.77 -8.24 14.54
N ALA N 232 57.40 -8.44 15.81
CA ALA N 232 56.42 -9.47 16.15
C ALA N 232 55.68 -9.05 17.40
N ALA N 233 54.39 -9.38 17.45
CA ALA N 233 53.54 -9.02 18.57
C ALA N 233 53.57 -10.12 19.64
N VAL N 234 53.46 -9.69 20.90
CA VAL N 234 53.24 -10.58 22.02
C VAL N 234 52.14 -9.98 22.88
N GLY N 235 51.53 -10.81 23.71
CA GLY N 235 50.52 -10.36 24.64
C GLY N 235 51.13 -9.83 25.93
N ALA N 236 50.30 -9.78 26.96
CA ALA N 236 50.69 -9.31 28.29
C ALA N 236 50.28 -10.39 29.29
N SER N 237 51.15 -11.37 29.49
CA SER N 237 50.85 -12.54 30.30
C SER N 237 52.14 -13.34 30.51
N PRO N 238 52.14 -14.32 31.41
CA PRO N 238 53.34 -15.18 31.52
C PRO N 238 53.72 -15.84 30.20
N GLU N 239 52.73 -16.29 29.43
CA GLU N 239 53.00 -16.89 28.13
C GLU N 239 53.72 -15.92 27.20
N ALA N 240 53.36 -14.64 27.28
CA ALA N 240 54.01 -13.66 26.42
C ALA N 240 55.51 -13.58 26.68
N LEU N 241 55.93 -13.82 27.92
CA LEU N 241 57.36 -13.82 28.22
C LEU N 241 58.07 -14.98 27.52
N ASP N 242 57.46 -16.16 27.52
CA ASP N 242 58.03 -17.27 26.78
C ASP N 242 58.05 -16.97 25.29
N ARG N 243 56.95 -16.42 24.77
CA ARG N 243 56.90 -16.05 23.36
C ARG N 243 57.99 -15.05 23.01
N ALA N 244 58.17 -14.02 23.84
CA ALA N 244 59.19 -13.00 23.57
C ALA N 244 60.56 -13.64 23.40
N GLN N 245 60.94 -14.54 24.29
CA GLN N 245 62.26 -15.17 24.21
C GLN N 245 62.40 -15.97 22.92
N ALA N 246 61.37 -16.77 22.58
CA ALA N 246 61.44 -17.56 21.35
C ALA N 246 61.56 -16.66 20.12
N LEU N 247 60.84 -15.54 20.10
CA LEU N 247 60.93 -14.63 18.97
C LEU N 247 62.29 -13.96 18.91
N ALA N 248 62.82 -13.57 20.08
CA ALA N 248 64.16 -12.99 20.10
C ALA N 248 65.20 -13.98 19.58
N GLU N 249 65.07 -15.25 19.96
CA GLU N 249 66.00 -16.27 19.49
C GLU N 249 65.93 -16.44 17.99
N ALA N 250 64.73 -16.32 17.40
CA ALA N 250 64.60 -16.45 15.96
C ALA N 250 65.15 -15.25 15.20
N GLY N 251 65.53 -14.19 15.91
CA GLY N 251 66.15 -13.04 15.29
C GLY N 251 65.25 -11.84 15.09
N VAL N 252 64.11 -11.78 15.78
CA VAL N 252 63.22 -10.64 15.61
C VAL N 252 63.95 -9.37 16.08
N ASP N 253 63.65 -8.27 15.41
CA ASP N 253 64.36 -7.01 15.68
C ASP N 253 63.68 -6.16 16.74
N PHE N 254 62.37 -6.31 16.91
CA PHE N 254 61.67 -5.63 18.00
C PHE N 254 60.38 -6.37 18.28
N LEU N 255 59.88 -6.20 19.50
CA LEU N 255 58.62 -6.77 19.92
C LEU N 255 57.61 -5.66 20.14
N VAL N 256 56.34 -5.98 19.90
CA VAL N 256 55.23 -5.08 20.18
C VAL N 256 54.33 -5.78 21.18
N VAL N 257 54.27 -5.24 22.40
CA VAL N 257 53.31 -5.71 23.40
C VAL N 257 51.95 -5.10 23.05
N ASP N 258 51.03 -5.92 22.50
CA ASP N 258 49.78 -5.44 21.90
C ASP N 258 48.57 -5.71 22.83
N THR N 259 47.95 -4.64 23.42
CA THR N 259 46.81 -4.76 24.35
C THR N 259 45.80 -3.66 24.04
N SER N 260 44.54 -3.77 24.35
CA SER N 260 43.80 -2.60 23.89
C SER N 260 43.90 -1.50 25.02
N HIS N 261 44.20 -1.92 26.26
CA HIS N 261 44.32 -0.96 27.35
C HIS N 261 45.77 -0.93 27.87
N GLY N 262 46.57 -0.11 27.20
CA GLY N 262 47.95 0.06 27.57
C GLY N 262 48.14 0.75 28.90
N HIS N 263 47.11 1.43 29.39
CA HIS N 263 47.17 2.11 30.68
C HIS N 263 46.72 1.22 31.82
N ASN N 264 46.47 -0.06 31.56
CA ASN N 264 46.14 -1.01 32.62
C ASN N 264 47.41 -1.40 33.38
N SER N 265 47.30 -1.44 34.71
CA SER N 265 48.47 -1.66 35.54
C SER N 265 49.11 -3.01 35.24
N ASN N 266 48.29 -4.03 35.01
CA ASN N 266 48.84 -5.35 34.71
C ASN N 266 49.56 -5.35 33.37
N ALA N 267 48.97 -4.70 32.35
CA ALA N 267 49.64 -4.60 31.07
C ALA N 267 50.98 -3.87 31.22
N LEU N 268 50.98 -2.77 31.96
CA LEU N 268 52.22 -2.02 32.17
C LEU N 268 53.27 -2.89 32.86
N SER N 269 52.85 -3.70 33.83
CA SER N 269 53.81 -4.56 34.52
C SER N 269 54.43 -5.58 33.57
N TRP N 270 53.64 -6.17 32.67
CA TRP N 270 54.18 -7.14 31.74
C TRP N 270 55.10 -6.51 30.71
N MET N 271 54.83 -5.26 30.31
CA MET N 271 55.74 -4.57 29.42
C MET N 271 57.13 -4.45 30.04
N SER N 272 57.21 -4.06 31.31
CA SER N 272 58.49 -3.97 31.98
C SER N 272 59.17 -5.33 32.05
N LYS N 273 58.42 -6.36 32.45
CA LYS N 273 59.00 -7.70 32.56
C LYS N 273 59.50 -8.17 31.20
N ILE N 274 58.70 -7.99 30.15
CA ILE N 274 59.12 -8.42 28.82
C ILE N 274 60.33 -7.62 28.37
N LYS N 275 60.30 -6.30 28.59
CA LYS N 275 61.42 -5.46 28.22
C LYS N 275 62.71 -5.95 28.89
N SER N 276 62.64 -6.27 30.17
CA SER N 276 63.82 -6.67 30.90
C SER N 276 64.32 -8.07 30.54
N SER N 277 63.51 -8.86 29.85
CA SER N 277 63.85 -10.25 29.55
C SER N 277 64.48 -10.44 28.18
N VAL N 278 64.56 -9.40 27.36
CA VAL N 278 65.18 -9.47 26.04
C VAL N 278 66.12 -8.29 25.88
N GLY N 279 66.98 -8.38 24.87
CA GLY N 279 67.92 -7.34 24.55
C GLY N 279 67.51 -6.46 23.40
N ILE N 280 66.36 -6.74 22.78
CA ILE N 280 65.91 -5.99 21.63
C ILE N 280 64.87 -4.96 22.06
N ASP N 281 64.56 -4.02 21.18
CA ASP N 281 63.60 -2.97 21.49
C ASP N 281 62.22 -3.58 21.71
N VAL N 282 61.47 -2.99 22.65
CA VAL N 282 60.12 -3.41 22.98
C VAL N 282 59.19 -2.21 22.87
N VAL N 283 58.19 -2.31 22.02
CA VAL N 283 57.15 -1.27 21.86
C VAL N 283 55.93 -1.66 22.67
N GLY N 284 55.31 -0.66 23.31
CA GLY N 284 54.10 -0.88 24.07
C GLY N 284 52.93 -0.04 23.56
N GLY N 285 51.73 -0.57 23.74
CA GLY N 285 50.51 0.15 23.40
C GLY N 285 49.31 -0.65 23.86
N ASN N 286 48.12 -0.11 23.60
CA ASN N 286 47.90 1.18 22.97
C ASN N 286 47.43 2.23 23.97
N VAL N 287 47.78 3.50 23.75
CA VAL N 287 47.34 4.59 24.60
C VAL N 287 46.84 5.72 23.71
N ALA N 288 46.21 6.72 24.35
CA ALA N 288 45.68 7.85 23.61
C ALA N 288 45.70 9.14 24.42
N THR N 289 46.50 9.21 25.48
CA THR N 289 46.57 10.38 26.34
C THR N 289 48.03 10.64 26.69
N ARG N 290 48.29 11.84 27.22
CA ARG N 290 49.65 12.13 27.69
C ARG N 290 50.02 11.24 28.86
N ASP N 291 49.12 11.10 29.85
CA ASP N 291 49.46 10.32 31.03
C ASP N 291 49.60 8.84 30.68
N GLY N 292 48.83 8.35 29.71
CA GLY N 292 49.02 6.98 29.25
C GLY N 292 50.36 6.77 28.58
N ALA N 293 50.76 7.70 27.72
CA ALA N 293 52.08 7.61 27.09
C ALA N 293 53.18 7.65 28.13
N GLN N 294 53.04 8.51 29.14
CA GLN N 294 54.06 8.61 30.18
C GLN N 294 54.17 7.31 30.97
N ALA N 295 53.05 6.64 31.22
CA ALA N 295 53.10 5.36 31.93
C ALA N 295 53.84 4.31 31.12
N LEU N 296 53.59 4.25 29.81
CA LEU N 296 54.33 3.32 28.97
C LEU N 296 55.83 3.65 29.01
N ILE N 297 56.17 4.94 28.92
CA ILE N 297 57.56 5.34 28.97
C ILE N 297 58.17 4.97 30.32
N ASP N 298 57.43 5.20 31.40
CA ASP N 298 57.94 4.83 32.73
C ASP N 298 58.13 3.33 32.86
N ALA N 299 57.36 2.54 32.11
CA ALA N 299 57.53 1.10 32.12
C ALA N 299 58.76 0.64 31.35
N GLY N 300 59.39 1.53 30.58
CA GLY N 300 60.66 1.23 29.94
C GLY N 300 60.59 0.93 28.47
N VAL N 301 59.46 1.17 27.81
CA VAL N 301 59.36 0.79 26.41
C VAL N 301 60.24 1.69 25.55
N ASP N 302 60.60 1.17 24.38
CA ASP N 302 61.44 1.88 23.43
C ASP N 302 60.63 2.59 22.36
N GLY N 303 59.32 2.38 22.34
CA GLY N 303 58.42 3.07 21.44
C GLY N 303 57.01 2.87 21.96
N ILE N 304 56.12 3.78 21.57
CA ILE N 304 54.73 3.71 21.98
C ILE N 304 53.83 3.65 20.76
N LYS N 305 52.70 2.95 20.91
CA LYS N 305 51.67 2.87 19.88
C LYS N 305 50.42 3.58 20.36
N VAL N 306 49.88 4.46 19.54
CA VAL N 306 48.82 5.39 19.94
C VAL N 306 47.58 5.08 19.12
N GLY N 307 46.46 4.88 19.81
CA GLY N 307 45.20 4.64 19.16
C GLY N 307 44.24 3.86 20.03
N VAL N 308 43.25 4.54 20.59
CA VAL N 308 42.18 3.93 21.37
C VAL N 308 40.87 4.49 20.85
N GLY N 309 40.05 3.66 20.25
CA GLY N 309 38.80 4.09 19.66
C GLY N 309 38.98 5.26 18.72
N PRO N 310 39.91 5.15 17.78
CA PRO N 310 40.21 6.29 16.90
C PRO N 310 39.15 6.54 15.83
N GLY N 311 38.45 5.48 15.41
CA GLY N 311 37.54 5.59 14.29
C GLY N 311 36.12 5.91 14.74
N SER N 312 35.48 6.81 13.99
CA SER N 312 34.08 7.14 14.25
C SER N 312 33.22 5.89 14.21
N ILE N 313 32.39 5.72 15.23
CA ILE N 313 31.49 4.58 15.34
C ILE N 313 32.24 3.27 15.10
N CYS N 314 33.39 3.13 15.75
CA CYS N 314 34.09 1.86 15.84
C CYS N 314 33.60 1.14 17.10
N THR N 315 34.11 -0.07 17.34
CA THR N 315 33.48 -0.94 18.33
C THR N 315 33.60 -0.37 19.75
N THR N 316 34.80 0.03 20.17
CA THR N 316 34.95 0.50 21.54
C THR N 316 34.10 1.74 21.79
N ARG N 317 33.88 2.55 20.77
CA ARG N 317 33.03 3.74 20.93
C ARG N 317 31.58 3.36 21.11
N VAL N 318 31.08 2.44 20.27
CA VAL N 318 29.66 2.10 20.32
C VAL N 318 29.37 1.25 21.54
N VAL N 319 30.24 0.28 21.83
CA VAL N 319 29.98 -0.64 22.94
C VAL N 319 30.22 0.08 24.27
N ALA N 320 31.33 0.81 24.38
CA ALA N 320 31.77 1.35 25.66
C ALA N 320 31.81 2.86 25.72
N GLY N 321 31.58 3.56 24.63
CA GLY N 321 31.66 5.01 24.65
C GLY N 321 33.07 5.52 24.86
N ILE N 322 34.07 4.68 24.61
CA ILE N 322 35.47 5.01 24.86
C ILE N 322 36.13 5.34 23.54
N GLY N 323 36.89 6.43 23.52
CA GLY N 323 37.67 6.75 22.34
C GLY N 323 38.32 8.13 22.36
N VAL N 324 39.33 8.31 21.51
CA VAL N 324 40.00 9.60 21.37
C VAL N 324 40.22 9.89 19.89
N PRO N 325 39.71 11.01 19.37
CA PRO N 325 40.07 11.39 18.00
C PRO N 325 41.58 11.38 17.82
N GLN N 326 42.03 10.86 16.67
CA GLN N 326 43.40 10.37 16.58
C GLN N 326 44.42 11.50 16.55
N VAL N 327 44.06 12.66 15.98
CA VAL N 327 45.00 13.77 15.97
C VAL N 327 45.27 14.23 17.40
N THR N 328 44.20 14.36 18.19
CA THR N 328 44.37 14.67 19.60
C THR N 328 45.16 13.59 20.32
N ALA N 329 44.84 12.32 20.05
CA ALA N 329 45.55 11.22 20.69
C ALA N 329 47.05 11.28 20.41
N ILE N 330 47.42 11.46 19.14
CA ILE N 330 48.83 11.54 18.79
C ILE N 330 49.49 12.75 19.45
N TYR N 331 48.85 13.92 19.35
CA TYR N 331 49.44 15.13 19.90
C TYR N 331 49.66 15.00 21.40
N GLU N 332 48.64 14.55 22.12
CA GLU N 332 48.74 14.43 23.57
C GLU N 332 49.84 13.44 23.95
N ALA N 333 49.86 12.28 23.28
CA ALA N 333 50.89 11.29 23.57
C ALA N 333 52.28 11.83 23.25
N SER N 334 52.39 12.62 22.18
CA SER N 334 53.69 13.15 21.79
C SER N 334 54.24 14.13 22.82
N LEU N 335 53.37 14.76 23.60
CA LEU N 335 53.85 15.65 24.65
C LEU N 335 54.76 14.90 25.62
N ALA N 336 54.43 13.64 25.91
CA ALA N 336 55.31 12.81 26.74
C ALA N 336 56.40 12.16 25.91
N ALA N 337 56.06 11.63 24.74
CA ALA N 337 57.01 10.85 23.96
C ALA N 337 58.16 11.70 23.44
N ARG N 338 57.86 12.91 22.95
CA ARG N 338 58.92 13.75 22.41
C ARG N 338 59.90 14.16 23.50
N ALA N 339 59.41 14.45 24.71
CA ALA N 339 60.30 14.82 25.79
C ALA N 339 61.23 13.69 26.20
N ALA N 340 60.79 12.44 26.01
CA ALA N 340 61.59 11.27 26.38
C ALA N 340 62.39 10.72 25.23
N GLY N 341 62.26 11.28 24.03
CA GLY N 341 62.96 10.75 22.88
C GLY N 341 62.48 9.39 22.44
N VAL N 342 61.22 9.06 22.69
CA VAL N 342 60.66 7.74 22.42
C VAL N 342 59.78 7.84 21.18
N PRO N 343 60.04 7.06 20.13
CA PRO N 343 59.23 7.16 18.91
C PRO N 343 57.78 6.78 19.16
N LEU N 344 56.88 7.36 18.36
CA LEU N 344 55.44 7.22 18.52
C LEU N 344 54.85 6.68 17.23
N ILE N 345 54.15 5.55 17.32
CA ILE N 345 53.49 4.91 16.20
C ILE N 345 52.02 5.29 16.23
N GLY N 346 51.52 5.90 15.16
CA GLY N 346 50.11 6.16 15.01
C GLY N 346 49.36 4.96 14.47
N ASP N 347 48.41 4.44 15.24
CA ASP N 347 47.72 3.18 14.90
C ASP N 347 46.21 3.40 14.93
N GLY N 348 45.66 3.77 13.77
CA GLY N 348 44.22 3.78 13.59
C GLY N 348 43.64 5.10 13.11
N GLY N 349 42.45 5.04 12.54
CA GLY N 349 41.70 6.23 12.16
C GLY N 349 41.99 6.78 10.78
N LEU N 350 42.91 6.17 10.04
CA LEU N 350 43.31 6.68 8.73
C LEU N 350 42.17 6.56 7.71
N GLN N 351 42.06 7.56 6.83
CA GLN N 351 41.05 7.57 5.78
C GLN N 351 41.57 8.05 4.44
N TYR N 352 42.77 8.64 4.37
CA TYR N 352 43.33 9.17 3.13
C TYR N 352 44.84 9.10 3.27
N SER N 353 45.54 9.05 2.12
CA SER N 353 47.00 9.05 2.19
C SER N 353 47.51 10.35 2.81
N GLY N 354 46.76 11.43 2.65
CA GLY N 354 47.12 12.70 3.26
C GLY N 354 47.10 12.65 4.77
N ASP N 355 46.43 11.66 5.36
CA ASP N 355 46.40 11.54 6.82
C ASP N 355 47.75 11.12 7.36
N ILE N 356 48.63 10.58 6.52
CA ILE N 356 49.97 10.20 6.95
C ILE N 356 50.74 11.45 7.37
N GLY N 357 50.75 12.47 6.50
CA GLY N 357 51.42 13.70 6.84
C GLY N 357 50.83 14.38 8.07
N LYS N 358 49.51 14.33 8.21
CA LYS N 358 48.89 14.93 9.38
C LYS N 358 49.36 14.25 10.66
N ALA N 359 49.42 12.90 10.65
CA ALA N 359 49.88 12.17 11.82
C ALA N 359 51.31 12.55 12.18
N LEU N 360 52.18 12.61 11.18
CA LEU N 360 53.57 12.96 11.44
C LEU N 360 53.69 14.39 11.96
N ALA N 361 52.95 15.32 11.37
CA ALA N 361 53.00 16.70 11.85
C ALA N 361 52.40 16.85 13.24
N ALA N 362 51.47 15.98 13.60
CA ALA N 362 50.87 16.02 14.92
C ALA N 362 51.77 15.42 15.99
N GLY N 363 52.79 14.66 15.60
CA GLY N 363 53.74 14.14 16.57
C GLY N 363 54.13 12.68 16.39
N ALA N 364 53.56 12.01 15.40
CA ALA N 364 53.92 10.61 15.17
C ALA N 364 55.24 10.51 14.42
N ASP N 365 55.95 9.42 14.65
CA ASP N 365 57.17 9.10 13.90
C ASP N 365 56.91 8.13 12.76
N THR N 366 55.97 7.21 12.94
CA THR N 366 55.57 6.29 11.91
C THR N 366 54.08 6.03 12.05
N VAL N 367 53.52 5.35 11.06
CA VAL N 367 52.10 5.06 11.03
C VAL N 367 51.89 3.59 10.70
N MET N 368 51.02 2.93 11.45
CA MET N 368 50.72 1.52 11.24
C MET N 368 49.49 1.39 10.34
N LEU N 369 49.61 0.57 9.32
CA LEU N 369 48.53 0.34 8.36
C LEU N 369 47.85 -0.98 8.67
N GLY N 370 46.52 -0.99 8.65
CA GLY N 370 45.79 -2.18 9.04
C GLY N 370 44.95 -2.80 7.94
N SER N 371 43.63 -2.76 8.13
CA SER N 371 42.72 -3.49 7.25
C SER N 371 42.90 -3.12 5.79
N LEU N 372 43.35 -1.90 5.50
CA LEU N 372 43.68 -1.50 4.14
C LEU N 372 44.41 -2.62 3.41
N LEU N 373 45.36 -3.26 4.10
CA LEU N 373 46.27 -4.20 3.47
C LEU N 373 45.76 -5.63 3.45
N ALA N 374 44.62 -5.92 4.08
CA ALA N 374 44.16 -7.31 4.16
C ALA N 374 43.89 -7.87 2.77
N GLY N 375 43.52 -7.02 1.82
CA GLY N 375 43.24 -7.45 0.48
C GLY N 375 44.42 -7.55 -0.43
N CYS N 376 45.61 -7.23 0.06
CA CYS N 376 46.80 -7.26 -0.78
C CYS N 376 47.24 -8.69 -1.03
N GLU N 377 47.90 -8.90 -2.17
CA GLU N 377 48.35 -10.23 -2.54
C GLU N 377 49.17 -10.88 -1.43
N GLU N 378 49.98 -10.09 -0.75
CA GLU N 378 50.91 -10.60 0.26
C GLU N 378 50.25 -10.92 1.59
N SER N 379 48.95 -10.64 1.75
CA SER N 379 48.27 -10.95 2.99
C SER N 379 48.10 -12.48 3.13
N PRO N 380 47.89 -12.95 4.36
CA PRO N 380 47.89 -14.42 4.58
C PRO N 380 46.78 -15.18 3.86
N GLY N 381 45.68 -14.52 3.54
CA GLY N 381 44.53 -15.23 2.99
C GLY N 381 44.84 -15.94 1.68
N GLU N 382 43.91 -16.82 1.30
CA GLU N 382 43.99 -17.54 0.03
C GLU N 382 43.23 -16.74 -1.03
N LEU N 383 43.85 -16.55 -2.20
CA LEU N 383 43.22 -15.85 -3.31
C LEU N 383 42.19 -16.77 -3.97
N GLN N 384 40.92 -16.33 -3.99
CA GLN N 384 39.84 -17.10 -4.57
C GLN N 384 39.07 -16.24 -5.57
N PHE N 385 38.44 -16.92 -6.53
CA PHE N 385 37.70 -16.29 -7.62
C PHE N 385 36.22 -16.66 -7.48
N ILE N 386 35.37 -15.65 -7.32
CA ILE N 386 33.92 -15.83 -7.25
C ILE N 386 33.29 -14.73 -8.09
N ASN N 387 33.32 -14.90 -9.41
CA ASN N 387 32.95 -13.84 -10.35
C ASN N 387 34.06 -12.76 -10.37
N GLY N 388 34.52 -12.35 -9.19
CA GLY N 388 35.66 -11.47 -9.04
C GLY N 388 36.72 -12.07 -8.15
N LYS N 389 37.77 -11.32 -7.81
CA LYS N 389 38.87 -11.83 -7.01
C LYS N 389 38.73 -11.37 -5.55
N GLN N 390 38.93 -12.29 -4.62
CA GLN N 390 38.81 -12.00 -3.19
C GLN N 390 39.83 -12.81 -2.40
N PHE N 391 40.12 -12.32 -1.19
CA PHE N 391 40.98 -13.01 -0.24
C PHE N 391 40.11 -13.65 0.85
N LYS N 392 40.45 -14.88 1.22
CA LYS N 392 39.68 -15.59 2.23
C LYS N 392 40.59 -16.17 3.31
N VAL N 437 37.09 -10.46 1.62
CA VAL N 437 37.84 -9.22 1.43
C VAL N 437 38.24 -9.08 -0.04
N PRO N 438 37.94 -7.93 -0.63
CA PRO N 438 38.26 -7.75 -2.07
C PRO N 438 39.76 -7.72 -2.30
N TYR N 439 40.18 -8.35 -3.39
CA TYR N 439 41.60 -8.40 -3.74
C TYR N 439 42.04 -7.04 -4.25
N ARG N 440 43.14 -6.53 -3.69
CA ARG N 440 43.63 -5.21 -4.03
C ARG N 440 44.88 -5.22 -4.91
N GLY N 441 45.52 -6.38 -5.07
CA GLY N 441 46.77 -6.46 -5.81
C GLY N 441 47.98 -6.33 -4.92
N PRO N 442 49.15 -6.16 -5.53
CA PRO N 442 50.40 -6.15 -4.74
C PRO N 442 50.45 -4.99 -3.77
N LEU N 443 51.03 -5.24 -2.60
CA LEU N 443 51.25 -4.20 -1.61
C LEU N 443 51.95 -2.98 -2.21
N ALA N 444 52.87 -3.20 -3.15
CA ALA N 444 53.71 -2.12 -3.65
C ALA N 444 52.91 -0.91 -4.14
N ASN N 445 51.79 -1.14 -4.82
CA ASN N 445 51.02 0.01 -5.31
C ASN N 445 50.38 0.79 -4.16
N VAL N 446 49.92 0.09 -3.13
CA VAL N 446 49.37 0.80 -1.97
C VAL N 446 50.43 1.70 -1.36
N LEU N 447 51.63 1.14 -1.14
CA LEU N 447 52.71 1.90 -0.53
C LEU N 447 53.20 2.99 -1.46
N HIS N 448 53.28 2.70 -2.76
CA HIS N 448 53.72 3.71 -3.72
C HIS N 448 52.79 4.92 -3.68
N GLN N 449 51.48 4.69 -3.58
CA GLN N 449 50.54 5.80 -3.51
C GLN N 449 50.65 6.53 -2.18
N LEU N 450 50.79 5.79 -1.08
CA LEU N 450 50.88 6.43 0.23
C LEU N 450 52.18 7.22 0.38
N VAL N 451 53.31 6.63 -0.02
CA VAL N 451 54.58 7.34 0.11
C VAL N 451 54.63 8.52 -0.85
N GLY N 452 54.08 8.35 -2.05
CA GLY N 452 53.99 9.47 -2.97
C GLY N 452 53.23 10.64 -2.38
N GLY N 453 52.10 10.36 -1.74
CA GLY N 453 51.34 11.42 -1.08
C GLY N 453 52.13 12.10 0.02
N LEU N 454 52.82 11.32 0.85
CA LEU N 454 53.62 11.91 1.93
C LEU N 454 54.69 12.84 1.38
N ARG N 455 55.34 12.43 0.28
CA ARG N 455 56.37 13.28 -0.33
C ARG N 455 55.77 14.60 -0.80
N GLN N 456 54.53 14.56 -1.32
CA GLN N 456 53.83 15.79 -1.67
C GLN N 456 53.63 16.66 -0.44
N THR N 457 53.14 16.06 0.66
CA THR N 457 52.96 16.81 1.90
C THR N 457 54.25 17.50 2.31
N MET N 458 55.35 16.75 2.34
CA MET N 458 56.61 17.29 2.82
C MET N 458 57.10 18.44 1.94
N GLY N 459 56.93 18.30 0.63
CA GLY N 459 57.27 19.40 -0.25
C GLY N 459 56.46 20.65 0.02
N TYR N 460 55.15 20.48 0.27
CA TYR N 460 54.30 21.64 0.51
C TYR N 460 54.65 22.34 1.82
N VAL N 461 54.97 21.57 2.86
CA VAL N 461 55.25 22.18 4.15
C VAL N 461 56.70 22.63 4.24
N GLY N 462 57.56 22.15 3.35
CA GLY N 462 58.97 22.49 3.38
C GLY N 462 59.82 21.59 4.25
N ALA N 463 59.34 20.40 4.61
CA ALA N 463 60.07 19.50 5.48
C ALA N 463 60.96 18.59 4.63
N ALA N 464 62.28 18.74 4.78
CA ALA N 464 63.23 17.89 4.10
C ALA N 464 63.40 16.54 4.78
N THR N 465 63.01 16.43 6.05
CA THR N 465 63.11 15.19 6.81
C THR N 465 61.84 15.04 7.62
N ILE N 466 61.60 13.81 8.09
CA ILE N 466 60.41 13.56 8.90
C ILE N 466 60.42 14.37 10.17
N GLU N 467 61.56 14.46 10.87
CA GLU N 467 61.50 15.18 12.14
C GLU N 467 61.14 16.66 11.96
N GLU N 468 61.33 17.21 10.77
CA GLU N 468 60.97 18.59 10.52
C GLU N 468 59.46 18.78 10.38
N MET N 469 58.70 17.68 10.28
CA MET N 469 57.26 17.78 10.07
C MET N 469 56.58 18.42 11.28
N GLU N 470 57.01 18.04 12.50
CA GLU N 470 56.32 18.52 13.69
C GLU N 470 56.45 20.03 13.85
N SER N 471 57.63 20.58 13.54
CA SER N 471 57.83 22.01 13.71
C SER N 471 57.31 22.82 12.53
N LYS N 472 57.53 22.35 11.31
CA LYS N 472 57.16 23.12 10.13
C LYS N 472 55.71 22.91 9.71
N GLY N 473 55.10 21.79 10.10
CA GLY N 473 53.72 21.57 9.75
C GLY N 473 52.80 22.46 10.56
N ARG N 474 52.14 23.39 9.88
CA ARG N 474 51.16 24.26 10.51
C ARG N 474 49.76 23.75 10.18
N PHE N 475 48.90 23.72 11.18
CA PHE N 475 47.55 23.19 11.04
C PHE N 475 46.52 24.29 10.99
N VAL N 476 45.41 24.02 10.29
CA VAL N 476 44.18 24.78 10.43
C VAL N 476 43.04 23.81 10.61
N ARG N 477 42.09 24.14 11.48
CA ARG N 477 40.87 23.36 11.62
C ARG N 477 39.87 23.79 10.56
N ILE N 478 38.99 22.85 10.18
CA ILE N 478 37.94 23.15 9.21
C ILE N 478 36.60 22.70 9.77
N THR N 479 35.53 23.30 9.26
CA THR N 479 34.19 22.94 9.65
C THR N 479 33.69 21.80 8.77
N SER N 480 32.48 21.30 9.06
CA SER N 480 31.89 20.25 8.25
C SER N 480 31.58 20.74 6.83
N ALA N 481 31.48 22.04 6.62
CA ALA N 481 31.25 22.59 5.29
C ALA N 481 32.43 22.33 4.37
N GLY O 10 -33.12 62.92 36.97
CA GLY O 10 -32.85 63.66 35.75
C GLY O 10 -31.40 63.59 35.30
N VAL O 11 -30.70 62.51 35.71
CA VAL O 11 -29.25 62.32 35.43
C VAL O 11 -29.09 61.02 34.61
N PRO O 12 -28.09 60.88 33.71
CA PRO O 12 -27.87 59.60 33.00
C PRO O 12 -27.67 58.43 33.99
N GLU O 13 -27.88 57.18 33.55
CA GLU O 13 -27.70 55.97 34.40
C GLU O 13 -26.22 55.86 34.83
N LYS O 14 -25.31 56.51 34.10
CA LYS O 14 -23.84 56.51 34.42
C LYS O 14 -23.59 57.21 35.77
N PHE O 15 -24.49 58.07 36.24
CA PHE O 15 -24.33 58.80 37.53
C PHE O 15 -25.57 58.60 38.41
N ALA O 16 -26.45 57.62 38.16
CA ALA O 16 -27.72 57.50 38.84
C ALA O 16 -27.57 57.39 40.36
N THR O 17 -26.51 56.75 40.83
CA THR O 17 -26.39 56.44 42.25
C THR O 17 -26.03 57.68 43.05
N LEU O 18 -26.73 57.88 44.17
CA LEU O 18 -26.43 58.94 45.12
C LEU O 18 -25.78 58.33 46.36
N GLY O 19 -24.60 58.81 46.70
CA GLY O 19 -23.90 58.35 47.89
C GLY O 19 -24.21 59.24 49.08
N LEU O 20 -24.39 58.60 50.23
CA LEU O 20 -24.82 59.27 51.45
C LEU O 20 -23.74 59.17 52.53
N THR O 21 -23.48 60.30 53.20
CA THR O 21 -22.59 60.35 54.35
C THR O 21 -23.42 60.39 55.64
N TYR O 22 -22.72 60.37 56.78
CA TYR O 22 -23.43 60.39 58.06
C TYR O 22 -24.30 61.64 58.19
N ASP O 23 -23.75 62.80 57.81
CA ASP O 23 -24.50 64.05 57.91
C ASP O 23 -25.73 64.06 57.02
N ASP O 24 -25.78 63.18 56.02
CA ASP O 24 -26.91 63.16 55.10
C ASP O 24 -28.15 62.50 55.68
N VAL O 25 -28.04 61.79 56.81
CA VAL O 25 -29.13 60.95 57.29
C VAL O 25 -29.31 61.11 58.80
N LEU O 26 -30.51 60.73 59.25
CA LEU O 26 -30.83 60.66 60.67
C LEU O 26 -31.60 59.37 60.92
N LEU O 27 -31.53 58.88 62.15
CA LEU O 27 -32.33 57.75 62.58
C LEU O 27 -33.62 58.23 63.21
N LEU O 28 -34.74 57.53 62.91
CA LEU O 28 -36.01 57.90 63.48
C LEU O 28 -36.20 57.27 64.86
N PRO O 29 -36.89 57.95 65.78
CA PRO O 29 -37.34 57.26 66.99
C PRO O 29 -38.36 56.20 66.64
N GLY O 30 -38.32 55.08 67.39
CA GLY O 30 -39.24 54.00 67.16
C GLY O 30 -39.85 53.50 68.46
N ALA O 31 -40.79 52.57 68.33
CA ALA O 31 -41.34 51.90 69.49
C ALA O 31 -40.21 51.24 70.27
N SER O 32 -40.16 51.51 71.58
CA SER O 32 -39.06 51.02 72.40
C SER O 32 -39.56 50.57 73.75
N ALA O 33 -39.06 49.42 74.21
CA ALA O 33 -39.34 48.90 75.53
C ALA O 33 -38.08 48.81 76.39
N VAL O 34 -36.98 49.44 75.97
CA VAL O 34 -35.68 49.27 76.61
C VAL O 34 -35.05 50.66 76.79
N LEU O 35 -34.51 50.89 77.97
CA LEU O 35 -33.89 52.17 78.29
C LEU O 35 -32.40 52.15 77.96
N PRO O 36 -31.81 53.32 77.72
CA PRO O 36 -30.37 53.36 77.37
C PRO O 36 -29.49 52.58 78.32
N ASN O 37 -29.73 52.65 79.63
CA ASN O 37 -28.84 51.98 80.57
C ASN O 37 -29.01 50.45 80.59
N ALA O 38 -29.97 49.91 79.85
CA ALA O 38 -30.26 48.48 79.87
C ALA O 38 -29.92 47.76 78.57
N VAL O 39 -29.53 48.48 77.53
CA VAL O 39 -29.21 47.82 76.27
C VAL O 39 -27.86 47.12 76.36
N ASP O 40 -27.64 46.15 75.47
CA ASP O 40 -26.40 45.38 75.40
C ASP O 40 -25.60 45.89 74.19
N THR O 41 -24.38 46.33 74.44
CA THR O 41 -23.56 46.95 73.40
C THR O 41 -22.49 46.03 72.85
N SER O 42 -22.56 44.73 73.13
CA SER O 42 -21.54 43.81 72.65
C SER O 42 -21.73 43.53 71.17
N SER O 43 -20.64 43.20 70.49
CA SER O 43 -20.65 42.97 69.05
C SER O 43 -19.44 42.14 68.69
N ARG O 44 -19.30 41.83 67.41
CA ARG O 44 -18.21 41.02 66.90
C ARG O 44 -17.23 41.87 66.11
N ILE O 45 -15.94 41.71 66.41
CA ILE O 45 -14.89 42.27 65.57
C ILE O 45 -14.77 41.45 64.29
N SER O 46 -14.77 40.13 64.44
CA SER O 46 -14.65 39.18 63.35
C SER O 46 -15.43 37.94 63.78
N ARG O 47 -15.42 36.92 62.92
CA ARG O 47 -16.25 35.75 63.17
C ARG O 47 -16.11 35.25 64.61
N ASN O 48 -14.88 35.20 65.14
CA ASN O 48 -14.62 34.55 66.42
C ASN O 48 -14.02 35.49 67.46
N VAL O 49 -14.12 36.81 67.28
CA VAL O 49 -13.61 37.78 68.24
C VAL O 49 -14.77 38.71 68.63
N ARG O 50 -15.04 38.79 69.93
CA ARG O 50 -16.16 39.56 70.46
C ARG O 50 -15.67 40.64 71.41
N VAL O 51 -16.38 41.78 71.40
CA VAL O 51 -16.09 42.90 72.29
C VAL O 51 -17.37 43.31 73.01
N ASN O 52 -17.18 44.10 74.09
CA ASN O 52 -18.29 44.54 74.92
C ASN O 52 -18.78 45.94 74.59
N ILE O 53 -17.97 46.77 73.95
CA ILE O 53 -18.43 48.00 73.30
C ILE O 53 -17.95 47.90 71.86
N PRO O 54 -18.71 48.40 70.87
CA PRO O 54 -18.41 48.13 69.46
C PRO O 54 -17.39 49.09 68.84
N LEU O 55 -16.23 49.22 69.50
CA LEU O 55 -15.25 50.23 69.11
C LEU O 55 -13.85 49.64 69.11
N LEU O 56 -13.06 50.03 68.10
CA LEU O 56 -11.65 49.70 68.01
C LEU O 56 -10.85 50.99 67.93
N SER O 57 -9.59 50.94 68.33
CA SER O 57 -8.63 52.02 68.08
C SER O 57 -7.81 51.66 66.85
N ALA O 58 -7.60 52.64 65.98
CA ALA O 58 -7.03 52.38 64.67
C ALA O 58 -5.55 52.03 64.75
N ALA O 59 -5.08 51.30 63.73
CA ALA O 59 -3.66 50.92 63.62
C ALA O 59 -2.84 52.07 63.02
N MET O 60 -2.86 53.20 63.73
CA MET O 60 -2.09 54.37 63.36
C MET O 60 -0.99 54.55 64.40
N ASP O 61 0.21 54.93 63.95
CA ASP O 61 1.33 55.01 64.88
C ASP O 61 1.20 56.18 65.85
N LYS O 62 0.28 57.11 65.60
CA LYS O 62 -0.03 58.17 66.55
C LYS O 62 -1.16 57.79 67.49
N VAL O 63 -1.70 56.58 67.40
CA VAL O 63 -2.88 56.22 68.17
C VAL O 63 -2.64 54.99 69.04
N THR O 64 -2.36 53.84 68.44
CA THR O 64 -2.41 52.57 69.13
C THR O 64 -1.05 51.89 69.24
N GLU O 65 -0.45 51.97 70.44
CA GLU O 65 0.54 51.00 70.88
C GLU O 65 -0.01 50.31 72.13
N SER O 66 0.86 49.66 72.92
CA SER O 66 0.36 48.76 73.95
C SER O 66 -0.51 49.51 74.96
N ARG O 67 -0.10 50.72 75.34
CA ARG O 67 -0.84 51.47 76.36
C ARG O 67 -2.26 51.78 75.88
N MET O 68 -2.41 52.20 74.62
CA MET O 68 -3.74 52.44 74.08
C MET O 68 -4.52 51.13 73.98
N ALA O 69 -3.88 50.06 73.49
CA ALA O 69 -4.57 48.79 73.33
C ALA O 69 -5.04 48.25 74.68
N ILE O 70 -4.22 48.42 75.72
CA ILE O 70 -4.60 47.95 77.05
C ILE O 70 -5.84 48.69 77.53
N SER O 71 -5.85 50.02 77.39
CA SER O 71 -6.99 50.80 77.86
C SER O 71 -8.24 50.50 77.05
N MET O 72 -8.11 50.39 75.72
CA MET O 72 -9.26 50.02 74.91
C MET O 72 -9.86 48.71 75.40
N ALA O 73 -9.02 47.68 75.58
CA ALA O 73 -9.52 46.38 75.99
C ALA O 73 -10.12 46.42 77.39
N ARG O 74 -9.51 47.17 78.30
CA ARG O 74 -10.05 47.28 79.65
C ARG O 74 -11.44 47.92 79.63
N GLN O 75 -11.66 48.85 78.71
CA GLN O 75 -12.95 49.52 78.59
C GLN O 75 -13.96 48.70 77.81
N GLY O 76 -13.57 47.56 77.27
CA GLY O 76 -14.48 46.66 76.58
C GLY O 76 -14.34 46.66 75.07
N GLY O 77 -13.51 47.52 74.50
CA GLY O 77 -13.20 47.52 73.09
C GLY O 77 -11.93 46.74 72.81
N VAL O 78 -11.22 47.16 71.76
CA VAL O 78 -9.95 46.52 71.42
C VAL O 78 -9.13 47.50 70.59
N GLY O 79 -7.81 47.41 70.74
CA GLY O 79 -6.90 48.18 69.93
C GLY O 79 -6.27 47.31 68.86
N VAL O 80 -5.97 47.92 67.72
CA VAL O 80 -5.23 47.28 66.65
C VAL O 80 -3.85 47.92 66.61
N LEU O 81 -2.83 47.17 67.02
CA LEU O 81 -1.48 47.69 67.08
C LEU O 81 -0.96 48.02 65.69
N HIS O 82 -0.42 49.22 65.54
CA HIS O 82 0.12 49.66 64.25
C HIS O 82 1.38 48.89 63.90
N ARG O 83 1.72 48.93 62.62
CA ARG O 83 2.80 48.13 62.07
C ARG O 83 3.97 48.96 61.56
N ASN O 84 4.04 50.24 61.92
CA ASN O 84 5.17 51.07 61.51
C ASN O 84 6.33 50.91 62.48
N LEU O 85 6.81 49.67 62.58
CA LEU O 85 7.95 49.32 63.41
C LEU O 85 8.35 47.90 63.04
N SER O 86 9.51 47.48 63.55
CA SER O 86 10.00 46.17 63.18
C SER O 86 9.06 45.08 63.65
N ILE O 87 9.18 43.90 63.02
CA ILE O 87 8.36 42.75 63.42
C ILE O 87 8.59 42.41 64.88
N GLU O 88 9.85 42.42 65.32
CA GLU O 88 10.15 42.04 66.70
C GLU O 88 9.59 43.05 67.68
N ASP O 89 9.57 44.33 67.30
CA ASP O 89 9.01 45.35 68.18
C ASP O 89 7.49 45.26 68.25
N GLN O 90 6.84 44.94 67.12
CA GLN O 90 5.38 44.84 67.13
C GLN O 90 4.94 43.63 67.93
N ALA O 91 5.66 42.51 67.79
CA ALA O 91 5.38 41.34 68.60
C ALA O 91 5.55 41.67 70.08
N ASN O 92 6.55 42.50 70.41
CA ASN O 92 6.73 42.90 71.80
C ASN O 92 5.54 43.71 72.31
N GLN O 93 5.00 44.61 71.47
CA GLN O 93 3.80 45.34 71.88
C GLN O 93 2.65 44.39 72.18
N VAL O 94 2.47 43.37 71.35
CA VAL O 94 1.45 42.35 71.62
C VAL O 94 1.71 41.72 72.98
N ASP O 95 2.96 41.30 73.24
CA ASP O 95 3.28 40.63 74.49
C ASP O 95 2.94 41.50 75.68
N LEU O 96 3.21 42.81 75.59
CA LEU O 96 2.90 43.71 76.71
C LEU O 96 1.41 43.73 77.00
N VAL O 97 0.58 43.67 75.96
CA VAL O 97 -0.87 43.68 76.17
C VAL O 97 -1.33 42.34 76.74
N LYS O 98 -0.92 41.24 76.11
CA LYS O 98 -1.39 39.93 76.52
C LYS O 98 -0.99 39.63 77.96
N ARG O 99 0.19 40.09 78.38
CA ARG O 99 0.70 39.85 79.73
C ARG O 99 0.52 41.06 80.63
N SER O 100 -0.58 41.80 80.43
CA SER O 100 -0.87 42.97 81.25
C SER O 100 -1.43 42.55 82.61
N GLU O 101 -2.56 41.85 82.60
CA GLU O 101 -3.15 41.33 83.82
C GLU O 101 -3.73 39.95 83.55
N SER O 102 -3.50 39.03 84.48
CA SER O 102 -3.87 37.63 84.37
C SER O 102 -3.17 36.92 83.22
N GLY O 103 -2.17 37.57 82.60
CA GLY O 103 -1.47 36.98 81.47
C GLY O 103 -0.21 36.24 81.81
N MET O 104 0.23 36.30 83.07
CA MET O 104 1.44 35.64 83.52
C MET O 104 1.16 34.39 84.33
N VAL O 105 -0.12 33.98 84.42
CA VAL O 105 -0.45 32.78 85.18
C VAL O 105 0.25 31.57 84.58
N ALA O 106 0.52 31.59 83.27
CA ALA O 106 1.20 30.48 82.61
C ALA O 106 2.43 30.90 81.81
N ASN O 107 2.81 32.17 81.84
CA ASN O 107 4.01 32.64 81.15
C ASN O 107 4.62 33.79 81.94
N PRO O 108 5.26 33.49 83.05
CA PRO O 108 5.79 34.57 83.92
C PRO O 108 7.12 35.11 83.42
N ILE O 109 7.38 36.37 83.80
CA ILE O 109 8.72 36.93 83.64
C ILE O 109 9.63 36.39 84.74
N THR O 110 10.94 36.38 84.46
CA THR O 110 11.92 35.93 85.44
C THR O 110 13.20 36.74 85.30
N ILE O 111 14.04 36.68 86.33
CA ILE O 111 15.36 37.29 86.32
C ILE O 111 16.33 36.36 87.03
N HIS O 112 17.60 36.39 86.61
CA HIS O 112 18.62 35.57 87.24
C HIS O 112 19.16 36.27 88.50
N PRO O 113 19.58 35.49 89.50
CA PRO O 113 19.98 36.12 90.79
C PRO O 113 21.22 36.99 90.70
N ASP O 114 22.04 36.88 89.66
CA ASP O 114 23.22 37.73 89.52
C ASP O 114 22.93 39.03 88.78
N ALA O 115 21.70 39.26 88.36
CA ALA O 115 21.32 40.50 87.68
C ALA O 115 21.35 41.67 88.64
N THR O 116 21.42 42.87 88.08
CA THR O 116 21.42 44.09 88.88
C THR O 116 20.00 44.52 89.17
N LEU O 117 19.86 45.36 90.20
CA LEU O 117 18.55 45.94 90.51
C LEU O 117 18.05 46.78 89.34
N GLY O 118 18.97 47.44 88.64
CA GLY O 118 18.58 48.19 87.45
C GLY O 118 17.90 47.33 86.41
N GLU O 119 18.43 46.12 86.19
CA GLU O 119 17.80 45.21 85.23
C GLU O 119 16.43 44.77 85.72
N ALA O 120 16.31 44.47 87.02
CA ALA O 120 15.02 44.07 87.57
C ALA O 120 14.01 45.21 87.47
N ASP O 121 14.43 46.43 87.83
CA ASP O 121 13.52 47.56 87.79
C ASP O 121 13.08 47.87 86.36
N ALA O 122 13.96 47.69 85.38
CA ALA O 122 13.57 47.91 83.99
C ALA O 122 12.50 46.92 83.56
N LEU O 123 12.61 45.66 83.99
CA LEU O 123 11.58 44.67 83.66
C LEU O 123 10.26 45.00 84.33
N CYS O 124 10.30 45.48 85.57
CA CYS O 124 9.07 45.90 86.24
C CYS O 124 8.42 47.04 85.48
N ALA O 125 9.22 48.00 85.01
CA ALA O 125 8.67 49.12 84.24
C ALA O 125 8.12 48.66 82.90
N LYS O 126 8.79 47.70 82.25
CA LYS O 126 8.37 47.26 80.92
C LYS O 126 6.98 46.65 80.96
N PHE O 127 6.74 45.74 81.90
CA PHE O 127 5.49 45.01 81.99
C PHE O 127 4.51 45.61 82.98
N ARG O 128 4.85 46.74 83.59
CA ARG O 128 3.98 47.38 84.58
C ARG O 128 3.60 46.39 85.68
N ILE O 129 4.64 45.82 86.29
CA ILE O 129 4.49 44.87 87.39
C ILE O 129 5.50 45.25 88.47
N SER O 130 5.17 44.96 89.72
CA SER O 130 5.95 45.43 90.86
C SER O 130 6.86 44.36 91.43
N GLY O 131 7.29 43.38 90.64
CA GLY O 131 8.20 42.36 91.14
C GLY O 131 8.49 41.32 90.09
N VAL O 132 9.56 40.58 90.34
CA VAL O 132 10.03 39.55 89.41
C VAL O 132 10.42 38.29 90.16
N PRO O 133 9.88 37.12 89.79
CA PRO O 133 10.43 35.87 90.34
C PRO O 133 11.89 35.71 89.93
N VAL O 134 12.71 35.25 90.88
CA VAL O 134 14.14 34.98 90.64
C VAL O 134 14.31 33.48 90.48
N THR O 135 14.92 33.07 89.36
CA THR O 135 15.08 31.66 89.05
C THR O 135 16.50 31.36 88.62
N ASP O 136 16.85 30.08 88.65
CA ASP O 136 18.11 29.61 88.09
C ASP O 136 17.93 29.27 86.62
N GLY O 137 19.00 28.73 86.02
CA GLY O 137 18.97 28.43 84.60
C GLY O 137 17.98 27.36 84.23
N ALA O 138 17.56 26.53 85.19
CA ALA O 138 16.58 25.49 84.94
C ALA O 138 15.15 25.93 85.23
N GLY O 139 14.96 27.12 85.76
CA GLY O 139 13.64 27.58 86.14
C GLY O 139 13.26 27.26 87.57
N LYS O 140 14.20 26.85 88.40
CA LYS O 140 13.93 26.63 89.81
C LYS O 140 13.75 27.97 90.52
N LEU O 141 12.68 28.09 91.30
CA LEU O 141 12.37 29.34 91.98
C LEU O 141 13.33 29.55 93.15
N LEU O 142 14.05 30.67 93.14
CA LEU O 142 14.99 30.98 94.20
C LEU O 142 14.43 32.07 95.11
N ILE O 144 12.20 36.36 95.12
CA ILE O 144 11.25 37.32 94.47
C ILE O 144 11.71 38.75 94.78
N VAL O 145 12.26 39.50 93.81
CA VAL O 145 12.74 40.91 93.99
C VAL O 145 11.57 41.86 93.67
N THR O 146 10.91 42.44 94.67
CA THR O 146 9.71 43.31 94.47
C THR O 146 10.07 44.79 94.63
N ASN O 147 9.16 45.71 94.34
CA ASN O 147 9.36 47.14 94.54
C ASN O 147 9.73 47.47 95.98
N ARG O 148 9.06 46.84 96.95
CA ARG O 148 9.36 47.16 98.34
C ARG O 148 10.77 46.69 98.71
N ASP O 149 11.24 45.61 98.10
CA ASP O 149 12.61 45.16 98.34
C ASP O 149 13.63 46.17 97.83
N MET O 150 13.28 46.91 96.78
CA MET O 150 14.18 47.87 96.15
C MET O 150 13.90 49.31 96.57
N ALA O 151 12.89 49.54 97.42
CA ALA O 151 12.43 50.90 97.67
C ALA O 151 13.54 51.79 98.21
N PHE O 152 14.35 51.27 99.13
CA PHE O 152 15.36 52.06 99.82
C PHE O 152 16.77 51.82 99.29
N GLU O 153 16.91 51.13 98.16
CA GLU O 153 18.22 50.84 97.59
C GLU O 153 18.65 52.02 96.73
N THR O 154 19.92 52.40 96.87
CA THR O 154 20.48 53.52 96.11
C THR O 154 21.41 53.10 95.00
N ASP O 155 22.05 51.93 95.10
CA ASP O 155 22.99 51.44 94.11
C ASP O 155 22.24 50.54 93.13
N ARG O 156 22.14 50.99 91.87
CA ARG O 156 21.42 50.20 90.89
C ARG O 156 22.24 49.03 90.35
N SER O 157 23.52 48.94 90.73
CA SER O 157 24.37 47.83 90.33
C SER O 157 24.32 46.66 91.30
N ARG O 158 23.72 46.83 92.48
CA ARG O 158 23.63 45.75 93.45
C ARG O 158 22.88 44.57 92.84
N GLN O 159 23.30 43.37 93.23
CA GLN O 159 22.77 42.13 92.66
C GLN O 159 21.44 41.74 93.28
N VAL O 160 20.59 41.12 92.47
CA VAL O 160 19.26 40.72 92.94
C VAL O 160 19.35 39.84 94.17
N ARG O 161 20.34 38.93 94.19
CA ARG O 161 20.44 37.96 95.27
C ARG O 161 20.57 38.62 96.64
N GLU O 162 21.07 39.85 96.70
CA GLU O 162 21.31 40.48 97.99
C GLU O 162 20.06 41.06 98.63
N VAL O 163 19.03 41.38 97.85
CA VAL O 163 17.84 42.03 98.38
C VAL O 163 16.57 41.19 98.22
N MET O 164 16.59 40.13 97.41
CA MET O 164 15.39 39.35 97.22
C MET O 164 14.96 38.66 98.51
N THR O 165 13.68 38.38 98.61
CA THR O 165 13.15 37.50 99.65
C THR O 165 13.33 36.04 99.22
N PRO O 166 14.05 35.21 100.00
CA PRO O 166 14.31 33.85 99.54
C PRO O 166 13.14 32.88 99.70
N LEU O 169 9.16 30.86 100.13
CA LEU O 169 8.14 31.86 99.91
C LEU O 169 6.73 31.26 99.96
N VAL O 170 5.70 32.11 100.00
CA VAL O 170 4.27 31.67 99.96
C VAL O 170 3.95 31.29 98.52
N THR O 171 4.35 30.11 98.05
CA THR O 171 4.16 29.66 96.63
C THR O 171 2.75 29.13 96.43
N GLY O 172 2.35 28.84 95.19
CA GLY O 172 1.02 28.29 94.86
C GLY O 172 1.16 27.05 93.98
N GLN O 173 0.07 26.55 93.39
CA GLN O 173 0.06 25.36 92.49
C GLN O 173 -0.34 25.80 91.08
N VAL O 174 -0.18 24.93 90.07
CA VAL O 174 -0.55 25.24 88.65
C VAL O 174 -2.05 24.95 88.48
N GLY O 175 -2.93 25.97 88.55
CA GLY O 175 -4.40 25.81 88.39
C GLY O 175 -5.19 26.32 89.61
N ILE O 176 -4.56 27.00 90.56
CA ILE O 176 -5.23 27.55 91.74
C ILE O 176 -6.36 28.45 91.26
N SER O 177 -7.48 28.47 92.00
CA SER O 177 -8.60 29.34 91.66
C SER O 177 -8.33 30.76 92.14
N GLY O 178 -9.08 31.72 91.58
CA GLY O 178 -8.96 33.09 92.04
C GLY O 178 -9.24 33.22 93.52
N VAL O 179 -10.29 32.56 94.00
CA VAL O 179 -10.64 32.65 95.42
C VAL O 179 -9.51 32.15 96.30
N ASP O 180 -8.89 31.03 95.90
CA ASP O 180 -7.81 30.47 96.71
C ASP O 180 -6.55 31.34 96.65
N ALA O 181 -6.20 31.84 95.47
CA ALA O 181 -5.03 32.70 95.36
C ALA O 181 -5.21 33.98 96.17
N MET O 182 -6.40 34.59 96.07
CA MET O 182 -6.66 35.81 96.85
C MET O 182 -6.54 35.56 98.35
N GLU O 183 -7.06 34.43 98.82
CA GLU O 183 -6.98 34.14 100.25
C GLU O 183 -5.53 34.05 100.72
N LEU O 184 -4.66 33.45 99.90
CA LEU O 184 -3.24 33.38 100.25
C LEU O 184 -2.63 34.78 100.32
N LEU O 185 -2.96 35.63 99.35
CA LEU O 185 -2.46 37.00 99.38
C LEU O 185 -2.98 37.74 100.61
N ARG O 186 -4.26 37.60 100.91
CA ARG O 186 -4.84 38.28 102.06
C ARG O 186 -4.23 37.78 103.36
N ARG O 187 -4.12 36.45 103.52
CA ARG O 187 -3.67 35.89 104.78
C ARG O 187 -2.25 36.34 105.10
N HIS O 188 -1.36 36.34 104.11
CA HIS O 188 0.05 36.64 104.33
C HIS O 188 0.40 38.09 104.06
N LYS O 189 -0.58 38.94 103.75
CA LYS O 189 -0.34 40.36 103.51
C LYS O 189 0.75 40.57 102.46
N ILE O 190 0.67 39.82 101.36
CA ILE O 190 1.59 39.94 100.25
C ILE O 190 0.79 40.23 99.00
N GLU O 191 1.50 40.66 97.95
CA GLU O 191 0.87 41.00 96.68
C GLU O 191 1.24 40.07 95.54
N LYS O 192 2.18 39.14 95.74
CA LYS O 192 2.64 38.25 94.69
C LYS O 192 2.47 36.80 95.11
N LEU O 193 2.11 35.94 94.16
CA LEU O 193 1.98 34.51 94.41
C LEU O 193 2.57 33.73 93.25
N PRO O 194 3.85 33.36 93.33
CA PRO O 194 4.43 32.47 92.31
C PRO O 194 3.75 31.11 92.30
N LEU O 195 3.66 30.53 91.10
CA LEU O 195 3.11 29.19 90.90
C LEU O 195 4.21 28.23 90.51
N VAL O 196 4.35 27.13 91.26
CA VAL O 196 5.42 26.17 91.06
C VAL O 196 4.83 24.77 90.91
N ASP O 197 5.61 23.89 90.30
CA ASP O 197 5.24 22.48 90.20
C ASP O 197 5.82 21.71 91.39
N GLY O 198 5.69 20.39 91.36
CA GLY O 198 6.13 19.58 92.49
C GLY O 198 7.62 19.68 92.76
N ASP O 199 8.42 19.91 91.72
CA ASP O 199 9.86 20.03 91.85
C ASP O 199 10.31 21.47 92.11
N GLY O 200 9.37 22.39 92.31
CA GLY O 200 9.71 23.77 92.55
C GLY O 200 10.11 24.56 91.33
N ILE O 201 9.77 24.11 90.13
CA ILE O 201 10.00 24.89 88.93
C ILE O 201 8.89 25.91 88.79
N LEU O 202 9.26 27.15 88.50
CA LEU O 202 8.28 28.22 88.35
C LEU O 202 7.43 27.99 87.11
N LYS O 203 6.11 27.94 87.29
CA LYS O 203 5.18 27.73 86.19
C LYS O 203 4.30 28.94 85.89
N GLY O 204 4.15 29.86 86.84
CA GLY O 204 3.25 30.98 86.64
C GLY O 204 3.41 32.00 87.74
N LEU O 205 2.64 33.08 87.63
CA LEU O 205 2.69 34.16 88.60
C LEU O 205 1.34 34.85 88.67
N ILE O 206 0.81 35.00 89.88
CA ILE O 206 -0.38 35.80 90.14
C ILE O 206 0.04 36.98 91.01
N THR O 207 -0.49 38.16 90.72
CA THR O 207 -0.27 39.33 91.54
C THR O 207 -1.59 40.04 91.81
N VAL O 208 -1.57 40.94 92.79
CA VAL O 208 -2.76 41.69 93.16
C VAL O 208 -3.28 42.49 91.98
N LYS O 209 -2.41 42.85 91.04
CA LYS O 209 -2.86 43.58 89.86
C LYS O 209 -3.96 42.81 89.12
N ASP O 210 -3.83 41.48 89.06
CA ASP O 210 -4.85 40.68 88.38
C ASP O 210 -6.23 40.92 88.99
N PHE O 211 -6.30 41.00 90.33
CA PHE O 211 -7.58 41.20 90.99
C PHE O 211 -8.01 42.65 90.93
N VAL O 212 -7.07 43.58 91.11
CA VAL O 212 -7.41 45.00 91.08
C VAL O 212 -7.99 45.39 89.72
N LYS O 213 -7.33 44.96 88.63
CA LYS O 213 -7.76 45.39 87.31
C LYS O 213 -9.06 44.73 86.90
N ALA O 214 -9.32 43.50 87.36
CA ALA O 214 -10.60 42.86 87.07
C ALA O 214 -11.75 43.59 87.76
N GLU O 215 -11.50 44.10 88.97
CA GLU O 215 -12.52 44.83 89.73
C GLU O 215 -12.68 46.25 89.21
N GLN O 216 -11.60 46.90 88.79
CA GLN O 216 -11.73 48.25 88.25
C GLN O 216 -12.37 48.25 86.86
N TYR O 217 -12.16 47.19 86.08
CA TYR O 217 -12.61 47.13 84.69
C TYR O 217 -13.42 45.85 84.46
N PRO O 218 -14.65 45.81 84.97
CA PRO O 218 -15.43 44.57 84.88
C PRO O 218 -15.93 44.26 83.48
N HIS O 219 -15.89 45.19 82.54
CA HIS O 219 -16.32 44.95 81.17
C HIS O 219 -15.16 44.75 80.21
N ALA O 220 -13.96 44.46 80.73
CA ALA O 220 -12.80 44.24 79.88
C ALA O 220 -13.09 43.17 78.83
N ALA O 221 -12.61 43.40 77.61
CA ALA O 221 -12.70 42.42 76.55
C ALA O 221 -11.47 41.50 76.63
N LYS O 222 -11.70 40.22 76.84
CA LYS O 222 -10.62 39.29 77.14
C LYS O 222 -10.76 38.04 76.29
N ASP O 223 -9.66 37.30 76.18
CA ASP O 223 -9.63 36.01 75.50
C ASP O 223 -10.07 34.89 76.45
N ALA O 224 -10.01 33.65 75.96
CA ALA O 224 -10.50 32.51 76.74
C ALA O 224 -9.67 32.25 78.00
N LYS O 225 -8.43 32.76 78.06
CA LYS O 225 -7.59 32.60 79.25
C LYS O 225 -7.70 33.78 80.20
N GLY O 226 -8.57 34.75 79.91
CA GLY O 226 -8.73 35.90 80.76
C GLY O 226 -7.76 37.03 80.50
N ARG O 227 -7.03 37.00 79.40
CA ARG O 227 -6.09 38.05 79.05
C ARG O 227 -6.74 39.05 78.11
N LEU O 228 -6.27 40.29 78.17
CA LEU O 228 -6.84 41.35 77.35
C LEU O 228 -6.74 41.00 75.87
N LEU O 229 -7.81 41.26 75.14
CA LEU O 229 -7.82 41.09 73.70
C LEU O 229 -6.97 42.17 73.03
N VAL O 230 -6.40 41.82 71.88
CA VAL O 230 -5.64 42.80 71.09
C VAL O 230 -5.57 42.30 69.66
N GLY O 231 -5.57 43.24 68.70
CA GLY O 231 -5.31 42.94 67.32
C GLY O 231 -4.03 43.63 66.86
N ALA O 232 -3.61 43.30 65.65
CA ALA O 232 -2.39 43.88 65.09
C ALA O 232 -2.50 43.92 63.57
N ALA O 233 -1.94 44.98 62.99
CA ALA O 233 -1.96 45.17 61.55
C ALA O 233 -0.75 44.54 60.88
N VAL O 234 -0.96 44.04 59.66
CA VAL O 234 0.10 43.60 58.78
C VAL O 234 -0.20 44.13 57.38
N GLY O 235 0.83 44.19 56.55
CA GLY O 235 0.68 44.61 55.16
C GLY O 235 0.24 43.46 54.28
N ALA O 236 0.49 43.63 52.98
CA ALA O 236 0.15 42.62 51.97
C ALA O 236 1.43 42.35 51.18
N SER O 237 2.26 41.44 51.68
CA SER O 237 3.57 41.21 51.11
C SER O 237 4.24 39.98 51.72
N PRO O 238 5.34 39.51 51.14
CA PRO O 238 6.07 38.40 51.80
C PRO O 238 6.45 38.72 53.23
N GLU O 239 6.91 39.96 53.48
CA GLU O 239 7.25 40.37 54.84
C GLU O 239 6.05 40.29 55.76
N ALA O 240 4.86 40.63 55.25
CA ALA O 240 3.67 40.59 56.09
C ALA O 240 3.38 39.18 56.59
N LEU O 241 3.73 38.16 55.80
CA LEU O 241 3.51 36.78 56.24
C LEU O 241 4.39 36.42 57.42
N ASP O 242 5.66 36.84 57.40
CA ASP O 242 6.61 36.58 58.53
C ASP O 242 6.11 37.37 59.74
N ARG O 243 5.63 38.61 59.52
CA ARG O 243 5.08 39.47 60.61
C ARG O 243 3.83 38.80 61.18
N ALA O 244 2.97 38.24 60.32
CA ALA O 244 1.69 37.59 60.74
C ALA O 244 2.01 36.37 61.61
N GLN O 245 3.09 35.63 61.30
CA GLN O 245 3.49 34.42 62.06
C GLN O 245 4.16 34.84 63.38
N ALA O 246 4.85 35.97 63.41
CA ALA O 246 5.55 36.49 64.62
C ALA O 246 4.51 37.05 65.60
N LEU O 247 3.44 37.68 65.09
CA LEU O 247 2.38 38.28 65.95
C LEU O 247 1.54 37.15 66.55
N ALA O 248 1.25 36.10 65.77
CA ALA O 248 0.41 34.95 66.22
C ALA O 248 1.16 34.19 67.33
N GLU O 249 2.50 34.14 67.29
CA GLU O 249 3.29 33.49 68.33
C GLU O 249 3.24 34.31 69.62
N ALA O 250 3.22 35.64 69.51
CA ALA O 250 3.16 36.49 70.68
C ALA O 250 1.77 36.49 71.32
N GLY O 251 0.78 35.88 70.70
CA GLY O 251 -0.53 35.74 71.29
C GLY O 251 -1.59 36.70 70.78
N VAL O 252 -1.38 37.32 69.62
CA VAL O 252 -2.38 38.25 69.11
C VAL O 252 -3.67 37.49 68.81
N ASP O 253 -4.80 38.18 69.01
CA ASP O 253 -6.11 37.54 68.87
C ASP O 253 -6.68 37.65 67.46
N PHE O 254 -6.29 38.67 66.71
CA PHE O 254 -6.67 38.75 65.31
C PHE O 254 -5.69 39.66 64.59
N LEU O 255 -5.59 39.46 63.28
CA LEU O 255 -4.77 40.27 62.41
C LEU O 255 -5.66 41.11 61.51
N VAL O 256 -5.18 42.30 61.14
CA VAL O 256 -5.82 43.17 60.17
C VAL O 256 -4.84 43.34 59.02
N VAL O 257 -5.19 42.81 57.86
CA VAL O 257 -4.41 43.05 56.64
C VAL O 257 -4.82 44.43 56.13
N ASP O 258 -3.96 45.42 56.36
CA ASP O 258 -4.32 46.83 56.17
C ASP O 258 -3.69 47.32 54.87
N THR O 259 -4.54 47.54 53.86
CA THR O 259 -4.13 48.09 52.58
C THR O 259 -5.07 49.23 52.22
N SER O 260 -4.56 50.19 51.46
CA SER O 260 -5.41 51.29 51.01
C SER O 260 -6.44 50.83 49.99
N HIS O 261 -6.10 49.84 49.17
CA HIS O 261 -6.99 49.31 48.14
C HIS O 261 -7.21 47.82 48.35
N GLY O 262 -8.21 47.47 49.15
CA GLY O 262 -8.50 46.07 49.43
C GLY O 262 -9.01 45.29 48.24
N HIS O 263 -9.45 45.96 47.18
CA HIS O 263 -9.92 45.29 45.98
C HIS O 263 -8.80 45.05 44.97
N ASN O 264 -7.55 45.31 45.34
CA ASN O 264 -6.42 45.01 44.47
C ASN O 264 -6.14 43.52 44.49
N SER O 265 -5.90 42.95 43.29
CA SER O 265 -5.78 41.51 43.18
C SER O 265 -4.62 40.99 44.01
N ASN O 266 -3.49 41.71 44.02
CA ASN O 266 -2.35 41.27 44.82
C ASN O 266 -2.65 41.33 46.31
N ALA O 267 -3.32 42.41 46.75
CA ALA O 267 -3.70 42.50 48.16
C ALA O 267 -4.60 41.34 48.55
N LEU O 268 -5.58 41.01 47.71
CA LEU O 268 -6.48 39.90 48.01
C LEU O 268 -5.71 38.57 48.11
N SER O 269 -4.75 38.36 47.20
CA SER O 269 -3.97 37.12 47.22
C SER O 269 -3.20 36.98 48.52
N TRP O 270 -2.60 38.07 49.00
CA TRP O 270 -1.85 38.00 50.25
C TRP O 270 -2.77 37.79 51.45
N MET O 271 -3.99 38.34 51.41
CA MET O 271 -4.94 38.08 52.48
C MET O 271 -5.21 36.58 52.61
N SER O 272 -5.42 35.90 51.47
CA SER O 272 -5.64 34.46 51.49
C SER O 272 -4.42 33.74 52.04
N LYS O 273 -3.23 34.11 51.58
CA LYS O 273 -2.01 33.44 52.05
C LYS O 273 -1.84 33.64 53.55
N ILE O 274 -2.04 34.87 54.03
CA ILE O 274 -1.88 35.12 55.46
C ILE O 274 -2.93 34.35 56.26
N LYS O 275 -4.18 34.40 55.81
CA LYS O 275 -5.25 33.69 56.49
C LYS O 275 -4.94 32.21 56.64
N SER O 276 -4.50 31.57 55.55
CA SER O 276 -4.25 30.14 55.58
C SER O 276 -3.00 29.77 56.36
N SER O 277 -2.15 30.73 56.70
CA SER O 277 -0.90 30.45 57.40
C SER O 277 -1.01 30.61 58.91
N VAL O 278 -2.15 31.08 59.42
CA VAL O 278 -2.34 31.25 60.85
C VAL O 278 -3.68 30.62 61.22
N GLY O 279 -3.85 30.41 62.52
CA GLY O 279 -5.10 29.86 63.05
C GLY O 279 -6.04 30.88 63.65
N ILE O 280 -5.65 32.16 63.68
CA ILE O 280 -6.46 33.18 64.30
C ILE O 280 -7.23 33.92 63.22
N ASP O 281 -8.19 34.73 63.64
CA ASP O 281 -9.00 35.48 62.69
C ASP O 281 -8.15 36.49 61.94
N VAL O 282 -8.48 36.70 60.67
CA VAL O 282 -7.81 37.68 59.81
C VAL O 282 -8.87 38.59 59.22
N VAL O 283 -8.74 39.89 59.48
CA VAL O 283 -9.62 40.91 58.93
C VAL O 283 -8.94 41.53 57.71
N GLY O 284 -9.73 41.82 56.69
CA GLY O 284 -9.21 42.43 55.48
C GLY O 284 -9.87 43.76 55.19
N GLY O 285 -9.11 44.66 54.56
CA GLY O 285 -9.64 45.93 54.12
C GLY O 285 -8.59 46.68 53.32
N ASN O 286 -8.95 47.87 52.85
CA ASN O 286 -10.27 48.48 53.03
C ASN O 286 -11.06 48.44 51.72
N VAL O 287 -12.38 48.33 51.81
CA VAL O 287 -13.25 48.36 50.63
C VAL O 287 -14.41 49.32 50.90
N ALA O 288 -15.17 49.60 49.84
CA ALA O 288 -16.29 50.52 49.97
C ALA O 288 -17.42 50.20 49.00
N THR O 289 -17.46 48.98 48.46
CA THR O 289 -18.48 48.58 47.51
C THR O 289 -18.93 47.17 47.85
N ARG O 290 -20.06 46.75 47.27
CA ARG O 290 -20.51 45.39 47.48
C ARG O 290 -19.52 44.40 46.87
N ASP O 291 -19.06 44.67 45.65
CA ASP O 291 -18.14 43.74 44.98
C ASP O 291 -16.79 43.70 45.69
N GLY O 292 -16.34 44.82 46.26
CA GLY O 292 -15.12 44.80 47.03
C GLY O 292 -15.25 43.98 48.29
N ALA O 293 -16.36 44.13 49.01
CA ALA O 293 -16.59 43.31 50.18
C ALA O 293 -16.66 41.83 49.80
N GLN O 294 -17.32 41.52 48.68
CA GLN O 294 -17.41 40.13 48.25
C GLN O 294 -16.04 39.56 47.91
N ALA O 295 -15.17 40.37 47.31
CA ALA O 295 -13.81 39.90 47.00
C ALA O 295 -13.04 39.57 48.27
N LEU O 296 -13.17 40.40 49.30
CA LEU O 296 -12.53 40.08 50.57
C LEU O 296 -13.08 38.78 51.14
N ILE O 297 -14.39 38.60 51.10
CA ILE O 297 -15.00 37.37 51.61
C ILE O 297 -14.52 36.17 50.81
N ASP O 298 -14.47 36.31 49.47
CA ASP O 298 -13.98 35.22 48.65
C ASP O 298 -12.51 34.91 48.93
N ALA O 299 -11.75 35.90 49.40
CA ALA O 299 -10.37 35.69 49.79
C ALA O 299 -10.26 34.97 51.13
N GLY O 300 -11.35 34.86 51.88
CA GLY O 300 -11.38 34.04 53.07
C GLY O 300 -11.28 34.78 54.40
N VAL O 301 -11.44 36.10 54.40
CA VAL O 301 -11.25 36.85 55.64
C VAL O 301 -12.39 36.57 56.61
N ASP O 302 -12.12 36.82 57.89
CA ASP O 302 -13.08 36.65 58.96
C ASP O 302 -13.78 37.94 59.33
N GLY O 303 -13.37 39.05 58.74
CA GLY O 303 -14.02 40.34 58.93
C GLY O 303 -13.56 41.27 57.84
N ILE O 304 -14.35 42.29 57.59
CA ILE O 304 -14.01 43.28 56.58
C ILE O 304 -13.99 44.67 57.20
N LYS O 305 -13.12 45.52 56.69
CA LYS O 305 -13.02 46.91 57.12
C LYS O 305 -13.44 47.80 55.95
N VAL O 306 -14.36 48.72 56.20
CA VAL O 306 -15.01 49.49 55.16
C VAL O 306 -14.64 50.96 55.30
N GLY O 307 -14.15 51.55 54.22
CA GLY O 307 -13.80 52.96 54.22
C GLY O 307 -12.75 53.27 53.19
N VAL O 308 -13.17 53.90 52.08
CA VAL O 308 -12.26 54.37 51.05
C VAL O 308 -12.68 55.80 50.73
N GLY O 309 -11.82 56.77 51.04
CA GLY O 309 -12.12 58.17 50.84
C GLY O 309 -13.45 58.58 51.45
N PRO O 310 -13.66 58.24 52.73
CA PRO O 310 -14.95 58.57 53.36
C PRO O 310 -15.08 60.03 53.74
N GLY O 311 -13.99 60.75 53.98
CA GLY O 311 -14.06 62.08 54.54
C GLY O 311 -14.17 63.16 53.47
N SER O 312 -15.01 64.15 53.76
CA SER O 312 -15.17 65.30 52.86
C SER O 312 -13.83 65.95 52.60
N ILE O 313 -13.53 66.19 51.32
CA ILE O 313 -12.28 66.83 50.92
C ILE O 313 -11.13 66.15 51.63
N CYS O 314 -11.09 64.82 51.58
CA CYS O 314 -9.96 64.08 52.09
C CYS O 314 -8.94 63.82 50.98
N THR O 315 -7.84 63.16 51.35
CA THR O 315 -6.69 63.07 50.46
C THR O 315 -7.04 62.27 49.21
N THR O 316 -7.65 61.11 49.39
CA THR O 316 -8.00 60.27 48.25
C THR O 316 -9.00 60.96 47.33
N ARG O 317 -9.88 61.79 47.89
CA ARG O 317 -10.84 62.51 47.07
C ARG O 317 -10.19 63.62 46.26
N VAL O 318 -9.31 64.40 46.88
CA VAL O 318 -8.73 65.55 46.20
C VAL O 318 -7.69 65.13 45.19
N VAL O 319 -6.81 64.18 45.56
CA VAL O 319 -5.73 63.79 44.68
C VAL O 319 -6.23 62.92 43.54
N ALA O 320 -7.10 61.96 43.84
CA ALA O 320 -7.47 60.93 42.88
C ALA O 320 -8.95 60.93 42.51
N GLY O 321 -9.77 61.76 43.15
CA GLY O 321 -11.18 61.75 42.83
C GLY O 321 -11.87 60.48 43.23
N ILE O 322 -11.27 59.70 44.11
CA ILE O 322 -11.78 58.40 44.52
C ILE O 322 -12.40 58.55 45.91
N GLY O 323 -13.60 57.99 46.08
CA GLY O 323 -14.20 57.96 47.39
C GLY O 323 -15.64 57.49 47.41
N VAL O 324 -16.11 57.08 48.58
CA VAL O 324 -17.49 56.66 48.77
C VAL O 324 -18.01 57.25 50.08
N PRO O 325 -19.09 58.03 50.07
CA PRO O 325 -19.71 58.44 51.34
C PRO O 325 -19.97 57.23 52.21
N GLN O 326 -19.70 57.38 53.52
CA GLN O 326 -19.49 56.20 54.36
C GLN O 326 -20.76 55.42 54.63
N VAL O 327 -21.92 56.10 54.71
CA VAL O 327 -23.15 55.36 54.92
C VAL O 327 -23.42 54.44 53.74
N THR O 328 -23.27 54.97 52.51
CA THR O 328 -23.40 54.13 51.33
C THR O 328 -22.35 53.02 51.32
N ALA O 329 -21.11 53.34 51.66
CA ALA O 329 -20.05 52.33 51.67
C ALA O 329 -20.40 51.20 52.63
N ILE O 330 -20.82 51.53 53.85
CA ILE O 330 -21.15 50.49 54.82
C ILE O 330 -22.34 49.66 54.32
N TYR O 331 -23.38 50.33 53.86
CA TYR O 331 -24.58 49.60 53.43
C TYR O 331 -24.26 48.65 52.28
N GLU O 332 -23.56 49.16 51.26
CA GLU O 332 -23.26 48.33 50.10
C GLU O 332 -22.39 47.14 50.48
N ALA O 333 -21.36 47.38 51.30
CA ALA O 333 -20.51 46.27 51.75
C ALA O 333 -21.30 45.28 52.58
N SER O 334 -22.25 45.77 53.39
CA SER O 334 -23.03 44.87 54.22
C SER O 334 -23.93 43.96 53.40
N LEU O 335 -24.30 44.38 52.19
CA LEU O 335 -25.09 43.50 51.33
C LEU O 335 -24.35 42.19 51.08
N ALA O 336 -23.03 42.25 50.94
CA ALA O 336 -22.23 41.03 50.79
C ALA O 336 -21.90 40.41 52.14
N ALA O 337 -21.55 41.24 53.13
CA ALA O 337 -21.08 40.72 54.40
C ALA O 337 -22.19 40.00 55.16
N ARG O 338 -23.41 40.55 55.14
CA ARG O 338 -24.49 39.94 55.88
C ARG O 338 -24.83 38.55 55.34
N ALA O 339 -24.78 38.39 54.01
CA ALA O 339 -25.08 37.09 53.42
C ALA O 339 -24.07 36.02 53.85
N ALA O 340 -22.85 36.43 54.15
CA ALA O 340 -21.80 35.49 54.57
C ALA O 340 -21.61 35.45 56.09
N GLY O 341 -22.34 36.27 56.84
CA GLY O 341 -22.15 36.28 58.28
C GLY O 341 -20.83 36.85 58.73
N VAL O 342 -20.25 37.76 57.97
CA VAL O 342 -18.91 38.30 58.21
C VAL O 342 -19.05 39.67 58.83
N PRO O 343 -18.46 39.93 60.01
CA PRO O 343 -18.58 41.25 60.62
C PRO O 343 -17.92 42.34 59.79
N LEU O 344 -18.45 43.56 59.93
CA LEU O 344 -18.04 44.71 59.14
C LEU O 344 -17.59 45.82 60.09
N ILE O 345 -16.36 46.29 59.89
CA ILE O 345 -15.80 47.38 60.69
C ILE O 345 -15.93 48.67 59.88
N GLY O 346 -16.62 49.65 60.45
CA GLY O 346 -16.69 50.97 59.84
C GLY O 346 -15.49 51.80 60.17
N ASP O 347 -14.72 52.20 59.15
CA ASP O 347 -13.44 52.88 59.34
C ASP O 347 -13.41 54.17 58.53
N GLY O 348 -13.85 55.25 59.16
CA GLY O 348 -13.67 56.58 58.62
C GLY O 348 -14.94 57.39 58.49
N GLY O 349 -14.80 58.71 58.41
CA GLY O 349 -15.93 59.59 58.19
C GLY O 349 -16.67 60.06 59.43
N LEU O 350 -16.26 59.63 60.62
CA LEU O 350 -16.98 59.97 61.83
C LEU O 350 -16.85 61.47 62.14
N GLN O 351 -17.94 62.06 62.64
CA GLN O 351 -17.96 63.47 63.02
C GLN O 351 -18.70 63.74 64.32
N TYR O 352 -19.46 62.79 64.84
CA TYR O 352 -20.24 62.98 66.06
C TYR O 352 -20.45 61.62 66.70
N SER O 353 -20.72 61.62 68.00
CA SER O 353 -21.01 60.34 68.66
C SER O 353 -22.25 59.70 68.06
N GLY O 354 -23.18 60.52 67.56
CA GLY O 354 -24.38 60.01 66.93
C GLY O 354 -24.12 59.22 65.65
N ASP O 355 -22.94 59.39 65.04
CA ASP O 355 -22.62 58.67 63.83
C ASP O 355 -22.35 57.20 64.09
N ILE O 356 -22.04 56.84 65.35
CA ILE O 356 -21.83 55.43 65.68
C ILE O 356 -23.11 54.63 65.48
N GLY O 357 -24.21 55.13 66.04
CA GLY O 357 -25.49 54.46 65.83
C GLY O 357 -25.88 54.40 64.37
N LYS O 358 -25.59 55.46 63.62
CA LYS O 358 -25.89 55.45 62.20
C LYS O 358 -25.11 54.34 61.48
N ALA O 359 -23.83 54.19 61.81
CA ALA O 359 -23.02 53.16 61.16
C ALA O 359 -23.57 51.77 61.46
N LEU O 360 -23.93 51.51 62.72
CA LEU O 360 -24.44 50.20 63.09
C LEU O 360 -25.78 49.92 62.41
N ALA O 361 -26.68 50.89 62.38
CA ALA O 361 -27.96 50.70 61.71
C ALA O 361 -27.78 50.55 60.21
N ALA O 362 -26.72 51.13 59.65
CA ALA O 362 -26.46 51.00 58.22
C ALA O 362 -25.87 49.64 57.85
N GLY O 363 -25.39 48.87 58.83
CA GLY O 363 -24.92 47.54 58.56
C GLY O 363 -23.59 47.17 59.20
N ALA O 364 -22.96 48.11 59.89
CA ALA O 364 -21.70 47.83 60.53
C ALA O 364 -21.91 47.08 61.84
N ASP O 365 -20.91 46.29 62.22
CA ASP O 365 -20.89 45.62 63.52
C ASP O 365 -20.07 46.37 64.55
N THR O 366 -19.01 47.05 64.13
CA THR O 366 -18.20 47.86 65.02
C THR O 366 -17.71 49.07 64.25
N VAL O 367 -17.12 50.02 64.97
CA VAL O 367 -16.62 51.26 64.40
C VAL O 367 -15.21 51.49 64.88
N MET O 368 -14.30 51.80 63.94
CA MET O 368 -12.91 52.04 64.27
C MET O 368 -12.69 53.54 64.49
N LEU O 369 -12.04 53.88 65.58
CA LEU O 369 -11.74 55.27 65.93
C LEU O 369 -10.29 55.56 65.60
N GLY O 370 -10.01 56.70 64.95
CA GLY O 370 -8.64 57.03 64.46
C GLY O 370 -8.03 58.26 65.12
N SER O 371 -8.11 59.45 64.49
CA SER O 371 -7.44 60.70 64.97
C SER O 371 -8.12 61.28 66.21
N LEU O 372 -9.33 60.82 66.58
CA LEU O 372 -10.05 61.28 67.80
C LEU O 372 -9.31 60.78 69.05
N LEU O 373 -8.52 59.70 68.94
CA LEU O 373 -7.80 59.08 70.10
C LEU O 373 -6.29 59.40 70.03
N ALA O 374 -5.84 60.28 69.13
CA ALA O 374 -4.40 60.62 68.96
C ALA O 374 -3.97 61.58 70.09
N GLY O 375 -4.88 62.40 70.61
CA GLY O 375 -4.62 63.30 71.71
C GLY O 375 -4.81 62.74 73.09
N CYS O 376 -5.23 61.48 73.19
CA CYS O 376 -5.51 60.88 74.48
C CYS O 376 -4.22 60.53 75.21
N GLU O 377 -4.31 60.47 76.54
CA GLU O 377 -3.14 60.19 77.36
C GLU O 377 -2.47 58.89 76.95
N GLU O 378 -3.23 57.83 76.63
CA GLU O 378 -2.65 56.48 76.36
C GLU O 378 -2.16 56.34 74.92
N SER O 379 -2.17 57.41 74.10
CA SER O 379 -1.60 57.36 72.72
C SER O 379 -0.07 57.33 72.81
N PRO O 380 0.69 56.93 71.77
CA PRO O 380 2.17 56.77 71.87
C PRO O 380 2.96 58.08 71.94
N GLY O 381 2.32 59.24 71.75
CA GLY O 381 3.00 60.55 71.83
C GLY O 381 3.49 60.84 73.24
N GLU O 382 4.40 61.82 73.41
CA GLU O 382 4.95 62.21 74.74
C GLU O 382 4.19 63.46 75.22
N LEU O 383 3.32 63.34 76.23
CA LEU O 383 2.56 64.49 76.80
C LEU O 383 3.55 65.64 77.07
N GLN O 384 3.50 66.73 76.30
CA GLN O 384 4.41 67.91 76.47
C GLN O 384 3.61 69.07 77.05
N PHE O 385 4.21 70.26 77.20
CA PHE O 385 3.48 71.47 77.68
C PHE O 385 4.06 72.73 77.01
N ILE O 386 3.25 73.51 76.29
CA ILE O 386 3.67 74.76 75.65
C ILE O 386 2.53 75.76 75.82
N ASN O 387 2.40 76.33 77.01
CA ASN O 387 1.23 77.14 77.36
C ASN O 387 -0.01 76.29 77.63
N GLY O 388 -0.34 75.34 76.74
CA GLY O 388 -1.44 74.36 76.93
C GLY O 388 -0.93 72.95 76.68
N LYS O 389 -1.35 71.94 77.46
CA LYS O 389 -0.85 70.55 77.34
C LYS O 389 -1.11 70.03 75.90
N GLN O 390 -0.16 69.31 75.29
CA GLN O 390 -0.31 68.74 73.93
C GLN O 390 0.32 67.34 73.89
N PHE O 391 0.29 66.64 72.74
CA PHE O 391 0.93 65.30 72.55
C PHE O 391 1.93 65.45 71.40
N LYS O 392 3.12 64.85 71.48
CA LYS O 392 4.21 65.07 70.53
C LYS O 392 3.78 65.42 69.11
N VAL O 437 -0.55 67.83 68.43
CA VAL O 437 -1.92 67.38 68.66
C VAL O 437 -2.36 67.77 70.07
N PRO O 438 -3.53 68.41 70.18
CA PRO O 438 -3.98 68.84 71.52
C PRO O 438 -4.29 67.66 72.43
N TYR O 439 -3.91 67.80 73.69
CA TYR O 439 -4.14 66.76 74.68
C TYR O 439 -5.61 66.70 75.06
N ARG O 440 -6.17 65.50 75.03
CA ARG O 440 -7.60 65.30 75.30
C ARG O 440 -7.87 64.68 76.67
N GLY O 441 -6.86 64.16 77.36
CA GLY O 441 -7.08 63.46 78.60
C GLY O 441 -7.26 61.98 78.42
N PRO O 442 -7.73 61.30 79.47
CA PRO O 442 -7.81 59.84 79.41
C PRO O 442 -8.78 59.35 78.35
N LEU O 443 -8.43 58.22 77.72
CA LEU O 443 -9.33 57.57 76.76
C LEU O 443 -10.71 57.35 77.35
N ALA O 444 -10.78 57.01 78.64
CA ALA O 444 -12.05 56.65 79.26
C ALA O 444 -13.10 57.75 79.04
N ASN O 445 -12.68 59.02 79.06
CA ASN O 445 -13.65 60.09 78.90
C ASN O 445 -14.23 60.08 77.49
N VAL O 446 -13.39 59.85 76.49
CA VAL O 446 -13.87 59.80 75.12
C VAL O 446 -14.85 58.65 74.92
N LEU O 447 -14.47 57.46 75.39
CA LEU O 447 -15.32 56.29 75.19
C LEU O 447 -16.62 56.40 75.97
N HIS O 448 -16.56 56.96 77.18
CA HIS O 448 -17.78 57.10 77.97
C HIS O 448 -18.81 57.95 77.24
N GLN O 449 -18.37 59.04 76.61
CA GLN O 449 -19.29 59.88 75.87
C GLN O 449 -19.82 59.19 74.61
N LEU O 450 -18.95 58.48 73.90
CA LEU O 450 -19.38 57.81 72.68
C LEU O 450 -20.34 56.67 72.99
N VAL O 451 -20.01 55.84 73.98
CA VAL O 451 -20.88 54.73 74.35
C VAL O 451 -22.18 55.26 74.97
N GLY O 452 -22.08 56.33 75.75
CA GLY O 452 -23.28 56.97 76.25
C GLY O 452 -24.20 57.41 75.13
N GLY O 453 -23.64 58.02 74.09
CA GLY O 453 -24.44 58.40 72.94
C GLY O 453 -25.05 57.20 72.24
N LEU O 454 -24.27 56.14 72.05
CA LEU O 454 -24.80 54.95 71.41
C LEU O 454 -25.95 54.37 72.20
N ARG O 455 -25.85 54.35 73.53
CA ARG O 455 -26.95 53.84 74.34
C ARG O 455 -28.21 54.67 74.14
N GLN O 456 -28.06 55.99 73.98
CA GLN O 456 -29.21 56.84 73.67
C GLN O 456 -29.84 56.44 72.34
N THR O 457 -29.02 56.29 71.30
CA THR O 457 -29.54 55.87 70.00
C THR O 457 -30.34 54.58 70.10
N MET O 458 -29.78 53.58 70.78
CA MET O 458 -30.44 52.28 70.85
C MET O 458 -31.75 52.36 71.61
N GLY O 459 -31.79 53.15 72.68
CA GLY O 459 -33.05 53.36 73.39
C GLY O 459 -34.10 54.02 72.51
N TYR O 460 -33.70 55.04 71.75
CA TYR O 460 -34.66 55.73 70.89
C TYR O 460 -35.20 54.82 69.80
N VAL O 461 -34.33 53.95 69.26
CA VAL O 461 -34.71 53.07 68.17
C VAL O 461 -35.42 51.83 68.66
N GLY O 462 -35.28 51.47 69.93
CA GLY O 462 -35.85 50.26 70.45
C GLY O 462 -34.99 49.04 70.31
N ALA O 463 -33.69 49.21 70.05
CA ALA O 463 -32.78 48.09 69.86
C ALA O 463 -32.19 47.69 71.21
N ALA O 464 -32.53 46.48 71.66
CA ALA O 464 -31.96 45.97 72.90
C ALA O 464 -30.55 45.44 72.70
N THR O 465 -30.18 45.15 71.46
CA THR O 465 -28.86 44.64 71.14
C THR O 465 -28.36 45.32 69.87
N ILE O 466 -27.05 45.23 69.64
CA ILE O 466 -26.47 45.80 68.43
C ILE O 466 -27.08 45.14 67.19
N GLU O 467 -27.29 43.82 67.23
CA GLU O 467 -27.85 43.10 66.10
C GLU O 467 -29.24 43.59 65.72
N GLU O 468 -29.98 44.23 66.63
CA GLU O 468 -31.30 44.76 66.30
C GLU O 468 -31.25 46.11 65.61
N MET O 469 -30.08 46.76 65.57
CA MET O 469 -30.00 48.12 65.03
C MET O 469 -30.33 48.14 63.53
N GLU O 470 -29.84 47.16 62.78
CA GLU O 470 -30.01 47.18 61.32
C GLU O 470 -31.47 47.04 60.94
N SER O 471 -32.22 46.18 61.63
CA SER O 471 -33.62 45.97 61.27
C SER O 471 -34.53 47.04 61.86
N LYS O 472 -34.28 47.46 63.10
CA LYS O 472 -35.16 48.40 63.77
C LYS O 472 -34.82 49.86 63.46
N GLY O 473 -33.59 50.15 63.07
CA GLY O 473 -33.20 51.52 62.76
C GLY O 473 -33.78 51.95 61.44
N ARG O 474 -34.67 52.93 61.46
CA ARG O 474 -35.24 53.51 60.25
C ARG O 474 -34.55 54.83 59.97
N PHE O 475 -34.16 55.05 58.72
CA PHE O 475 -33.41 56.23 58.33
C PHE O 475 -34.32 57.22 57.61
N VAL O 476 -33.98 58.51 57.72
CA VAL O 476 -34.51 59.54 56.85
C VAL O 476 -33.35 60.38 56.34
N ARG O 477 -33.39 60.77 55.07
CA ARG O 477 -32.43 61.71 54.53
C ARG O 477 -32.86 63.13 54.85
N ILE O 478 -31.89 64.03 54.96
CA ILE O 478 -32.17 65.45 55.19
C ILE O 478 -31.44 66.30 54.17
N THR O 479 -31.96 67.50 53.97
CA THR O 479 -31.37 68.49 53.08
C THR O 479 -30.32 69.30 53.83
N SER O 480 -29.66 70.22 53.12
CA SER O 480 -28.67 71.07 53.79
C SER O 480 -29.30 71.97 54.84
N ALA O 481 -30.60 72.24 54.75
CA ALA O 481 -31.29 73.05 55.73
C ALA O 481 -31.33 72.35 57.09
N GLY P 10 39.58 -28.54 78.50
CA GLY P 10 39.42 -29.16 79.80
C GLY P 10 38.61 -28.33 80.76
N VAL P 11 37.74 -27.47 80.24
CA VAL P 11 36.91 -26.60 81.05
C VAL P 11 35.44 -26.93 80.76
N PRO P 12 34.49 -26.56 81.64
CA PRO P 12 33.05 -26.75 81.35
C PRO P 12 32.58 -25.94 80.14
N GLU P 13 31.38 -26.23 79.60
CA GLU P 13 30.81 -25.48 78.45
C GLU P 13 30.47 -24.04 78.90
N LYS P 14 30.26 -23.82 80.19
CA LYS P 14 29.95 -22.48 80.77
C LYS P 14 31.13 -21.54 80.51
N PHE P 15 32.37 -22.04 80.56
CA PHE P 15 33.62 -21.24 80.39
C PHE P 15 34.38 -21.70 79.14
N ALA P 16 33.71 -22.23 78.11
CA ALA P 16 34.41 -22.78 76.96
C ALA P 16 35.09 -21.70 76.10
N THR P 17 34.49 -20.52 75.99
CA THR P 17 34.98 -19.55 75.01
C THR P 17 36.27 -18.89 75.48
N LEU P 18 37.25 -18.81 74.57
CA LEU P 18 38.50 -18.11 74.82
C LEU P 18 38.48 -16.79 74.06
N GLY P 19 38.66 -15.69 74.78
CA GLY P 19 38.72 -14.37 74.17
C GLY P 19 40.16 -13.97 73.86
N LEU P 20 40.33 -13.34 72.70
CA LEU P 20 41.65 -12.97 72.20
C LEU P 20 41.77 -11.45 72.11
N THR P 21 42.90 -10.93 72.56
CA THR P 21 43.26 -9.53 72.41
C THR P 21 44.26 -9.38 71.27
N TYR P 22 44.63 -8.14 70.96
CA TYR P 22 45.59 -7.89 69.89
C TYR P 22 46.90 -8.62 70.13
N ASP P 23 47.41 -8.56 71.36
CA ASP P 23 48.69 -9.19 71.68
C ASP P 23 48.63 -10.71 71.55
N ASP P 24 47.43 -11.29 71.50
CA ASP P 24 47.30 -12.73 71.42
C ASP P 24 47.51 -13.29 70.01
N VAL P 25 47.52 -12.43 68.98
CA VAL P 25 47.50 -12.91 67.60
C VAL P 25 48.50 -12.14 66.75
N LEU P 26 48.86 -12.75 65.62
CA LEU P 26 49.69 -12.12 64.60
C LEU P 26 49.09 -12.43 63.23
N LEU P 27 49.37 -11.57 62.27
CA LEU P 27 48.97 -11.80 60.89
C LEU P 27 50.12 -12.46 60.13
N LEU P 28 49.79 -13.40 59.27
CA LEU P 28 50.80 -14.08 58.47
C LEU P 28 51.12 -13.29 57.21
N PRO P 29 52.36 -13.34 56.72
CA PRO P 29 52.63 -12.86 55.36
C PRO P 29 51.93 -13.76 54.36
N GLY P 30 51.46 -13.17 53.26
CA GLY P 30 50.77 -13.91 52.24
C GLY P 30 51.25 -13.52 50.85
N ALA P 31 50.72 -14.25 49.87
CA ALA P 31 50.98 -13.92 48.47
C ALA P 31 50.56 -12.48 48.22
N SER P 32 51.46 -11.69 47.64
CA SER P 32 51.20 -10.27 47.46
C SER P 32 51.72 -9.80 46.11
N ALA P 33 50.89 -9.01 45.43
CA ALA P 33 51.25 -8.35 44.19
C ALA P 33 51.21 -6.83 44.34
N VAL P 34 51.16 -6.34 45.57
CA VAL P 34 50.95 -4.91 45.83
C VAL P 34 51.94 -4.46 46.90
N LEU P 35 52.58 -3.31 46.66
CA LEU P 35 53.55 -2.72 47.58
C LEU P 35 52.84 -1.78 48.54
N PRO P 36 53.43 -1.54 49.72
CA PRO P 36 52.78 -0.63 50.68
C PRO P 36 52.39 0.72 50.09
N ASN P 37 53.23 1.31 49.24
CA ASN P 37 52.94 2.65 48.75
C ASN P 37 51.82 2.66 47.71
N ALA P 38 51.29 1.51 47.32
CA ALA P 38 50.26 1.44 46.29
C ALA P 38 48.91 0.97 46.78
N VAL P 39 48.79 0.54 48.05
CA VAL P 39 47.50 0.07 48.54
C VAL P 39 46.56 1.25 48.76
N ASP P 40 45.26 0.94 48.79
CA ASP P 40 44.21 1.93 49.02
C ASP P 40 43.71 1.79 50.44
N THR P 41 43.77 2.87 51.22
CA THR P 41 43.43 2.84 52.63
C THR P 41 42.05 3.44 52.93
N SER P 42 41.22 3.63 51.91
CA SER P 42 39.90 4.21 52.12
C SER P 42 38.94 3.19 52.72
N SER P 43 37.95 3.67 53.46
CA SER P 43 37.00 2.82 54.14
C SER P 43 35.74 3.62 54.44
N ARG P 44 34.78 2.96 55.08
CA ARG P 44 33.50 3.57 55.44
C ARG P 44 33.42 3.73 56.96
N ILE P 45 33.04 4.93 57.40
CA ILE P 45 32.65 5.13 58.80
C ILE P 45 31.30 4.49 59.05
N SER P 46 30.35 4.74 58.16
CA SER P 46 28.99 4.24 58.26
C SER P 46 28.48 4.03 56.84
N ARG P 47 27.22 3.63 56.71
CA ARG P 47 26.69 3.27 55.40
C ARG P 47 27.01 4.33 54.34
N ASN P 48 26.89 5.61 54.70
CA ASN P 48 26.97 6.68 53.71
C ASN P 48 28.09 7.69 53.99
N VAL P 49 29.06 7.34 54.83
CA VAL P 49 30.19 8.21 55.14
C VAL P 49 31.47 7.45 54.84
N ARG P 50 32.33 8.05 54.02
CA ARG P 50 33.58 7.43 53.59
C ARG P 50 34.76 8.30 54.03
N VAL P 51 35.87 7.64 54.35
CA VAL P 51 37.11 8.30 54.72
C VAL P 51 38.23 7.73 53.87
N ASN P 52 39.34 8.46 53.82
CA ASN P 52 40.49 8.08 53.00
C ASN P 52 41.58 7.35 53.80
N ILE P 53 41.61 7.52 55.12
CA ILE P 53 42.36 6.64 56.01
C ILE P 53 41.36 6.11 57.03
N PRO P 54 41.49 4.87 57.50
CA PRO P 54 40.42 4.24 58.28
C PRO P 54 40.49 4.56 59.77
N LEU P 55 40.56 5.85 60.11
CA LEU P 55 40.83 6.27 61.48
C LEU P 55 39.92 7.40 61.90
N LEU P 56 39.43 7.32 63.13
CA LEU P 56 38.65 8.37 63.75
C LEU P 56 39.35 8.84 65.03
N SER P 57 39.11 10.09 65.43
CA SER P 57 39.51 10.57 66.75
C SER P 57 38.30 10.49 67.67
N ALA P 58 38.53 10.04 68.91
CA ALA P 58 37.45 9.72 69.82
C ALA P 58 36.75 10.97 70.34
N ALA P 59 35.48 10.79 70.73
CA ALA P 59 34.67 11.86 71.30
C ALA P 59 34.94 12.04 72.81
N MET P 60 36.18 12.46 73.14
CA MET P 60 36.60 12.73 74.54
C MET P 60 36.81 14.24 74.69
N ASP P 61 36.67 14.82 75.89
CA ASP P 61 36.76 16.29 76.12
C ASP P 61 38.22 16.75 76.04
N LYS P 62 39.19 15.82 76.13
CA LYS P 62 40.64 16.14 76.07
C LYS P 62 41.24 15.63 74.75
N VAL P 63 40.41 15.32 73.73
CA VAL P 63 40.89 14.73 72.44
C VAL P 63 40.32 15.49 71.22
N THR P 64 38.97 15.60 71.05
CA THR P 64 38.40 16.14 69.81
C THR P 64 37.48 17.32 70.08
N GLU P 65 37.98 18.52 69.80
CA GLU P 65 37.16 19.69 69.51
C GLU P 65 37.46 20.09 68.06
N SER P 66 37.14 21.32 67.68
CA SER P 66 37.17 21.66 66.26
C SER P 66 38.56 21.48 65.66
N ARG P 67 39.60 21.88 66.40
CA ARG P 67 40.94 21.82 65.85
C ARG P 67 41.37 20.39 65.55
N MET P 68 41.07 19.45 66.46
CA MET P 68 41.38 18.06 66.19
C MET P 68 40.57 17.53 65.01
N ALA P 69 39.28 17.86 64.97
CA ALA P 69 38.43 17.37 63.89
C ALA P 69 38.90 17.89 62.53
N ILE P 70 39.34 19.16 62.50
CA ILE P 70 39.83 19.73 61.24
C ILE P 70 41.09 19.00 60.78
N SER P 71 42.03 18.77 61.70
CA SER P 71 43.26 18.11 61.32
C SER P 71 43.02 16.66 60.89
N MET P 72 42.18 15.94 61.63
CA MET P 72 41.85 14.57 61.23
C MET P 72 41.28 14.54 59.82
N ALA P 73 40.30 15.41 59.53
CA ALA P 73 39.68 15.40 58.22
C ALA P 73 40.68 15.80 57.14
N ARG P 74 41.54 16.77 57.42
CA ARG P 74 42.54 17.17 56.44
C ARG P 74 43.47 16.02 56.08
N GLN P 75 43.79 15.17 57.06
CA GLN P 75 44.65 14.02 56.81
C GLN P 75 43.91 12.85 56.19
N GLY P 76 42.60 12.95 56.03
CA GLY P 76 41.80 11.91 55.40
C GLY P 76 40.96 11.10 56.35
N GLY P 77 41.06 11.34 57.65
CA GLY P 77 40.21 10.71 58.63
C GLY P 77 39.04 11.60 58.98
N VAL P 78 38.56 11.46 60.21
CA VAL P 78 37.46 12.30 60.69
C VAL P 78 37.49 12.32 62.20
N GLY P 79 37.03 13.42 62.78
CA GLY P 79 36.90 13.55 64.21
C GLY P 79 35.45 13.42 64.65
N VAL P 80 35.25 12.90 65.85
CA VAL P 80 33.94 12.87 66.49
C VAL P 80 33.97 13.86 67.65
N LEU P 81 33.26 14.97 67.50
CA LEU P 81 33.27 16.01 68.51
C LEU P 81 32.63 15.51 69.79
N HIS P 82 33.30 15.73 70.92
CA HIS P 82 32.78 15.30 72.21
C HIS P 82 31.55 16.11 72.56
N ARG P 83 30.77 15.58 73.49
CA ARG P 83 29.49 16.15 73.88
C ARG P 83 29.46 16.67 75.30
N ASN P 84 30.63 16.83 75.94
CA ASN P 84 30.69 17.39 77.28
C ASN P 84 30.71 18.92 77.22
N LEU P 85 29.64 19.45 76.64
CA LEU P 85 29.45 20.90 76.52
C LEU P 85 28.01 21.14 76.07
N SER P 86 27.57 22.41 76.12
CA SER P 86 26.20 22.78 75.80
C SER P 86 25.93 22.46 74.34
N ILE P 87 24.63 22.32 74.00
CA ILE P 87 24.22 21.95 72.61
C ILE P 87 24.65 23.10 71.70
N GLU P 88 24.50 24.36 72.16
CA GLU P 88 24.91 25.56 71.38
C GLU P 88 26.44 25.57 71.23
N ASP P 89 27.18 25.08 72.24
CA ASP P 89 28.67 25.04 72.20
C ASP P 89 29.13 23.93 71.23
N GLN P 90 28.46 22.77 71.21
CA GLN P 90 28.86 21.63 70.34
C GLN P 90 28.41 21.94 68.89
N ALA P 91 27.33 22.70 68.70
CA ALA P 91 26.81 23.07 67.36
C ALA P 91 27.77 24.11 66.77
N ASN P 92 28.40 24.94 67.60
CA ASN P 92 29.39 25.91 67.16
C ASN P 92 30.67 25.22 66.72
N GLN P 93 31.09 24.19 67.47
CA GLN P 93 32.27 23.42 67.06
C GLN P 93 32.07 22.77 65.70
N VAL P 94 30.88 22.22 65.44
CA VAL P 94 30.58 21.68 64.12
C VAL P 94 30.74 22.76 63.07
N ASP P 95 30.16 23.94 63.33
CA ASP P 95 30.23 25.03 62.36
C ASP P 95 31.67 25.41 62.05
N LEU P 96 32.55 25.41 63.06
CA LEU P 96 33.94 25.76 62.83
C LEU P 96 34.61 24.78 61.86
N VAL P 97 34.25 23.50 61.94
CA VAL P 97 34.83 22.52 61.03
C VAL P 97 34.26 22.68 59.63
N LYS P 98 32.94 22.75 59.53
CA LYS P 98 32.31 22.81 58.20
C LYS P 98 32.73 24.05 57.43
N ARG P 99 32.94 25.18 58.12
CA ARG P 99 33.32 26.42 57.49
C ARG P 99 34.82 26.69 57.64
N SER P 100 35.63 25.63 57.64
CA SER P 100 37.07 25.76 57.76
C SER P 100 37.68 26.18 56.43
N GLU P 101 37.48 25.38 55.39
CA GLU P 101 37.91 25.72 54.04
C GLU P 101 36.88 25.22 53.04
N SER P 102 36.57 26.05 52.05
CA SER P 102 35.52 25.82 51.08
C SER P 102 34.14 25.75 51.71
N GLY P 103 34.01 26.11 52.98
CA GLY P 103 32.74 26.02 53.68
C GLY P 103 31.93 27.30 53.68
N MET P 104 32.51 28.39 53.18
CA MET P 104 31.83 29.68 53.13
C MET P 104 31.37 30.05 51.72
N VAL P 105 31.51 29.15 50.75
CA VAL P 105 31.07 29.47 49.40
C VAL P 105 29.58 29.80 49.38
N ALA P 106 28.81 29.24 50.32
CA ALA P 106 27.38 29.49 50.38
C ALA P 106 26.88 29.92 51.76
N ASN P 107 27.75 30.10 52.75
CA ASN P 107 27.35 30.57 54.08
C ASN P 107 28.47 31.40 54.66
N PRO P 108 28.65 32.63 54.17
CA PRO P 108 29.78 33.46 54.63
C PRO P 108 29.51 34.15 55.95
N ILE P 109 30.59 34.46 56.67
CA ILE P 109 30.51 35.35 57.81
C ILE P 109 30.39 36.78 57.31
N THR P 110 29.78 37.64 58.14
CA THR P 110 29.62 39.04 57.81
C THR P 110 29.74 39.88 59.07
N ILE P 111 29.93 41.19 58.88
CA ILE P 111 29.99 42.13 59.98
C ILE P 111 29.29 43.42 59.54
N HIS P 112 28.71 44.13 60.52
CA HIS P 112 28.07 45.40 60.23
C HIS P 112 29.12 46.51 60.21
N PRO P 113 28.91 47.55 59.40
CA PRO P 113 29.95 48.58 59.25
C PRO P 113 30.21 49.38 60.53
N ASP P 114 29.29 49.39 61.49
CA ASP P 114 29.49 50.11 62.74
C ASP P 114 30.19 49.27 63.79
N ALA P 115 30.54 48.02 63.48
CA ALA P 115 31.26 47.17 64.41
C ALA P 115 32.70 47.68 64.56
N THR P 116 33.32 47.31 65.67
CA THR P 116 34.69 47.73 65.93
C THR P 116 35.67 46.75 65.31
N LEU P 117 36.91 47.20 65.16
CA LEU P 117 37.97 46.32 64.68
C LEU P 117 38.15 45.14 65.61
N GLY P 118 37.99 45.36 66.92
CA GLY P 118 38.10 44.25 67.86
C GLY P 118 37.12 43.14 67.58
N GLU P 119 35.87 43.49 67.27
CA GLU P 119 34.89 42.47 66.93
C GLU P 119 35.25 41.78 65.62
N ALA P 120 35.74 42.56 64.65
CA ALA P 120 36.14 41.97 63.37
C ALA P 120 37.31 41.01 63.56
N ASP P 121 38.31 41.42 64.34
CA ASP P 121 39.47 40.56 64.56
C ASP P 121 39.08 39.30 65.36
N ALA P 122 38.15 39.43 66.31
CA ALA P 122 37.70 38.27 67.06
C ALA P 122 37.02 37.26 66.13
N LEU P 123 36.26 37.75 65.15
CA LEU P 123 35.62 36.87 64.19
C LEU P 123 36.65 36.19 63.30
N CYS P 124 37.67 36.93 62.86
CA CYS P 124 38.73 36.34 62.05
C CYS P 124 39.46 35.25 62.81
N ALA P 125 39.76 35.50 64.09
CA ALA P 125 40.44 34.49 64.89
C ALA P 125 39.55 33.28 65.13
N LYS P 126 38.25 33.51 65.33
CA LYS P 126 37.35 32.39 65.63
C LYS P 126 37.30 31.41 64.46
N PHE P 127 37.13 31.92 63.25
CA PHE P 127 36.98 31.07 62.07
C PHE P 127 38.30 30.84 61.33
N ARG P 128 39.39 31.41 61.81
CA ARG P 128 40.70 31.30 61.15
C ARG P 128 40.57 31.72 59.68
N ILE P 129 40.06 32.93 59.48
CA ILE P 129 39.94 33.57 58.18
C ILE P 129 40.44 34.99 58.38
N SER P 130 41.05 35.56 57.34
CA SER P 130 41.81 36.81 57.50
C SER P 130 41.02 38.04 57.02
N GLY P 131 39.70 37.98 57.07
CA GLY P 131 38.90 39.11 56.64
C GLY P 131 37.43 38.77 56.75
N VAL P 132 36.63 39.83 56.72
CA VAL P 132 35.17 39.71 56.86
C VAL P 132 34.48 40.59 55.84
N PRO P 133 33.56 40.06 55.03
CA PRO P 133 32.70 40.93 54.22
C PRO P 133 31.84 41.82 55.11
N VAL P 134 31.70 43.08 54.73
CA VAL P 134 30.89 44.05 55.46
C VAL P 134 29.57 44.20 54.73
N THR P 135 28.47 43.97 55.44
CA THR P 135 27.14 44.03 54.86
C THR P 135 26.23 44.87 55.75
N ASP P 136 25.12 45.32 55.17
CA ASP P 136 24.06 45.98 55.91
C ASP P 136 23.07 44.95 56.43
N GLY P 137 22.00 45.43 57.05
CA GLY P 137 21.02 44.52 57.63
C GLY P 137 20.31 43.65 56.62
N ALA P 138 20.31 44.05 55.36
CA ALA P 138 19.68 43.26 54.31
C ALA P 138 20.64 42.28 53.64
N GLY P 139 21.94 42.40 53.91
CA GLY P 139 22.93 41.55 53.27
C GLY P 139 23.59 42.15 52.06
N LYS P 140 23.31 43.41 51.74
CA LYS P 140 24.00 44.10 50.66
C LYS P 140 25.47 44.28 51.03
N LEU P 141 26.35 43.99 50.07
CA LEU P 141 27.79 44.09 50.29
C LEU P 141 28.23 45.55 50.22
N LEU P 142 28.88 46.03 51.29
CA LEU P 142 29.39 47.38 51.35
C LEU P 142 30.91 47.45 51.20
N GLY P 143 31.62 46.44 51.67
CA GLY P 143 33.06 46.44 51.61
C GLY P 143 33.59 45.19 52.26
N ILE P 144 34.91 45.19 52.49
CA ILE P 144 35.59 44.04 53.10
C ILE P 144 36.74 44.57 53.92
N VAL P 145 36.87 44.06 55.15
CA VAL P 145 37.96 44.42 56.06
C VAL P 145 38.79 43.17 56.30
N THR P 146 40.10 43.29 56.12
CA THR P 146 40.99 42.15 56.16
C THR P 146 42.15 42.44 57.11
N ASN P 147 42.96 41.39 57.34
CA ASN P 147 44.11 41.53 58.22
C ASN P 147 44.99 42.71 57.82
N ARG P 148 45.24 42.88 56.52
CA ARG P 148 46.11 43.95 56.08
C ARG P 148 45.49 45.33 56.34
N ASP P 149 44.16 45.43 56.28
CA ASP P 149 43.51 46.70 56.59
C ASP P 149 43.66 47.06 58.06
N MET P 150 43.78 46.07 58.94
CA MET P 150 43.87 46.30 60.37
C MET P 150 45.30 46.19 60.89
N ALA P 151 46.27 45.89 60.02
CA ALA P 151 47.61 45.52 60.49
C ALA P 151 48.23 46.64 61.32
N PHE P 152 48.06 47.89 60.90
CA PHE P 152 48.71 49.02 61.54
C PHE P 152 47.78 49.83 62.44
N GLU P 153 46.58 49.34 62.69
CA GLU P 153 45.63 49.98 63.59
C GLU P 153 45.88 49.49 65.01
N THR P 154 45.88 50.40 65.97
CA THR P 154 46.05 50.03 67.36
C THR P 154 44.76 50.13 68.17
N ASP P 155 43.82 50.95 67.72
CA ASP P 155 42.60 51.22 68.45
C ASP P 155 41.58 50.16 68.06
N ARG P 156 41.25 49.28 69.00
CA ARG P 156 40.35 48.18 68.71
C ARG P 156 38.88 48.59 68.74
N SER P 157 38.58 49.82 69.16
CA SER P 157 37.22 50.34 69.13
C SER P 157 36.91 51.08 67.83
N ARG P 158 37.92 51.37 67.01
CA ARG P 158 37.66 52.08 65.77
C ARG P 158 36.66 51.29 64.94
N GLN P 159 35.81 51.99 64.23
CA GLN P 159 34.73 51.34 63.49
C GLN P 159 35.25 50.75 62.19
N VAL P 160 34.65 49.62 61.81
CA VAL P 160 35.12 48.89 60.64
C VAL P 160 35.10 49.77 59.40
N ARG P 161 34.09 50.64 59.27
CA ARG P 161 33.96 51.43 58.05
C ARG P 161 35.18 52.31 57.79
N GLU P 162 35.93 52.67 58.83
CA GLU P 162 37.02 53.61 58.63
C GLU P 162 38.23 52.96 57.96
N VAL P 163 38.37 51.64 58.07
CA VAL P 163 39.53 50.95 57.53
C VAL P 163 39.19 49.95 56.43
N MET P 164 37.92 49.58 56.27
CA MET P 164 37.55 48.60 55.26
C MET P 164 37.87 49.11 53.86
N THR P 165 38.02 48.18 52.92
CA THR P 165 37.99 48.53 51.51
C THR P 165 36.54 48.60 51.04
N PRO P 166 36.03 49.77 50.65
CA PRO P 166 34.63 49.87 50.24
C PRO P 166 34.42 49.38 48.81
N MET P 167 33.17 49.00 48.53
CA MET P 167 32.76 48.73 47.16
C MET P 167 33.10 49.94 46.28
N PRO P 168 33.52 49.73 45.02
CA PRO P 168 33.48 48.44 44.32
C PRO P 168 34.66 47.51 44.59
N LEU P 169 34.34 46.27 44.90
CA LEU P 169 35.34 45.22 45.12
C LEU P 169 35.37 44.26 43.93
N VAL P 170 36.46 43.50 43.84
CA VAL P 170 36.50 42.36 42.91
C VAL P 170 35.61 41.26 43.47
N THR P 171 34.57 40.90 42.73
CA THR P 171 33.60 39.90 43.18
C THR P 171 33.40 38.84 42.10
N GLY P 172 32.78 37.73 42.51
CA GLY P 172 32.41 36.68 41.58
C GLY P 172 30.93 36.35 41.68
N GLN P 173 30.46 35.59 40.70
CA GLN P 173 29.08 35.13 40.66
C GLN P 173 28.92 33.84 41.45
N VAL P 174 27.72 33.65 41.98
CA VAL P 174 27.36 32.36 42.56
C VAL P 174 27.62 31.26 41.55
N GLY P 175 28.26 30.19 42.00
CA GLY P 175 28.56 29.07 41.12
C GLY P 175 29.87 29.18 40.38
N ILE P 176 30.62 30.26 40.57
CA ILE P 176 31.91 30.41 39.91
C ILE P 176 32.77 29.18 40.20
N SER P 177 33.54 28.77 39.18
CA SER P 177 34.39 27.62 39.32
C SER P 177 35.67 27.97 40.07
N GLY P 178 36.32 26.93 40.60
CA GLY P 178 37.59 27.15 41.26
C GLY P 178 38.63 27.75 40.33
N VAL P 179 38.74 27.21 39.13
CA VAL P 179 39.74 27.73 38.19
C VAL P 179 39.52 29.22 37.94
N ASP P 180 38.26 29.63 37.75
CA ASP P 180 37.97 31.01 37.43
C ASP P 180 38.18 31.91 38.65
N ALA P 181 37.79 31.44 39.84
CA ALA P 181 38.01 32.24 41.04
C ALA P 181 39.50 32.48 41.27
N MET P 182 40.32 31.43 41.13
CA MET P 182 41.76 31.61 41.28
C MET P 182 42.29 32.61 40.27
N GLU P 183 41.79 32.56 39.03
CA GLU P 183 42.24 33.50 38.01
C GLU P 183 41.97 34.93 38.43
N LEU P 184 40.80 35.19 39.03
CA LEU P 184 40.50 36.53 39.51
C LEU P 184 41.44 36.93 40.64
N LEU P 185 41.66 36.05 41.62
CA LEU P 185 42.51 36.36 42.81
C LEU P 185 43.93 36.69 42.34
N ARG P 186 44.46 35.97 41.35
CA ARG P 186 45.86 36.15 40.85
C ARG P 186 45.96 37.44 40.03
N ARG P 187 44.98 37.74 39.18
CA ARG P 187 45.01 38.92 38.28
C ARG P 187 44.89 40.22 39.09
N HIS P 188 44.10 40.23 40.18
CA HIS P 188 43.83 41.45 41.00
C HIS P 188 44.76 41.49 42.24
N LYS P 189 45.66 40.51 42.40
CA LYS P 189 46.62 40.47 43.55
C LYS P 189 45.84 40.64 44.87
N ILE P 190 44.75 39.89 45.06
CA ILE P 190 43.89 39.93 46.29
C ILE P 190 43.81 38.49 46.83
N GLU P 191 43.30 38.28 48.05
CA GLU P 191 43.15 36.92 48.59
C GLU P 191 41.70 36.54 48.85
N LYS P 192 40.78 37.47 48.66
CA LYS P 192 39.37 37.26 48.95
C LYS P 192 38.54 37.50 47.69
N LEU P 193 37.49 36.72 47.51
CA LEU P 193 36.55 36.89 46.41
C LEU P 193 35.14 36.74 46.94
N PRO P 194 34.51 37.85 47.34
CA PRO P 194 33.08 37.78 47.70
C PRO P 194 32.23 37.37 46.51
N LEU P 195 31.19 36.61 46.78
CA LEU P 195 30.24 36.17 45.77
C LEU P 195 28.91 36.87 46.01
N VAL P 196 28.42 37.58 45.00
CA VAL P 196 27.20 38.37 45.12
C VAL P 196 26.25 38.02 43.97
N ASP P 197 24.97 38.31 44.20
CA ASP P 197 23.95 38.16 43.17
C ASP P 197 23.77 39.47 42.42
N GLY P 198 22.77 39.52 41.54
CA GLY P 198 22.55 40.69 40.71
C GLY P 198 22.20 41.94 41.51
N ASP P 199 21.55 41.77 42.66
CA ASP P 199 21.16 42.90 43.49
C ASP P 199 22.25 43.28 44.50
N GLY P 200 23.42 42.65 44.41
CA GLY P 200 24.51 42.96 45.32
C GLY P 200 24.37 42.42 46.71
N ILE P 201 23.49 41.44 46.92
CA ILE P 201 23.42 40.77 48.22
C ILE P 201 24.53 39.73 48.27
N LEU P 202 25.28 39.73 49.38
CA LEU P 202 26.38 38.77 49.52
C LEU P 202 25.82 37.36 49.66
N LYS P 203 26.28 36.46 48.80
CA LYS P 203 25.84 35.08 48.81
C LYS P 203 26.92 34.09 49.24
N GLY P 204 28.19 34.46 49.17
CA GLY P 204 29.24 33.52 49.53
C GLY P 204 30.58 34.22 49.60
N LEU P 205 31.61 33.43 49.90
CA LEU P 205 32.96 33.95 50.00
C LEU P 205 33.98 32.86 49.69
N ILE P 206 34.90 33.17 48.78
CA ILE P 206 36.05 32.34 48.49
C ILE P 206 37.30 33.11 48.92
N THR P 207 38.24 32.43 49.54
CA THR P 207 39.52 33.02 49.90
C THR P 207 40.65 32.08 49.50
N VAL P 208 41.87 32.63 49.49
CA VAL P 208 43.04 31.85 49.10
C VAL P 208 43.21 30.63 49.99
N LYS P 209 42.72 30.70 51.23
CA LYS P 209 42.80 29.54 52.12
C LYS P 209 42.19 28.31 51.46
N ASP P 210 41.09 28.49 50.73
CA ASP P 210 40.44 27.36 50.09
C ASP P 210 41.39 26.62 49.16
N PHE P 211 42.20 27.36 48.40
CA PHE P 211 43.11 26.72 47.45
C PHE P 211 44.36 26.21 48.16
N VAL P 212 44.87 26.96 49.12
CA VAL P 212 46.07 26.54 49.84
C VAL P 212 45.84 25.22 50.54
N LYS P 213 44.72 25.10 51.26
CA LYS P 213 44.47 23.88 52.03
C LYS P 213 44.16 22.70 51.13
N ALA P 214 43.54 22.94 49.97
CA ALA P 214 43.29 21.85 49.03
C ALA P 214 44.59 21.29 48.49
N GLU P 215 45.60 22.14 48.29
CA GLU P 215 46.88 21.68 47.79
C GLU P 215 47.71 21.02 48.88
N GLN P 216 47.66 21.56 50.10
CA GLN P 216 48.45 20.99 51.18
C GLN P 216 47.89 19.67 51.66
N TYR P 217 46.58 19.47 51.58
CA TYR P 217 45.91 18.28 52.10
C TYR P 217 45.07 17.67 50.99
N PRO P 218 45.73 17.05 50.01
CA PRO P 218 44.98 16.51 48.86
C PRO P 218 44.15 15.29 49.19
N HIS P 219 44.36 14.65 50.34
CA HIS P 219 43.57 13.49 50.75
C HIS P 219 42.51 13.84 51.78
N ALA P 220 42.19 15.12 51.93
CA ALA P 220 41.19 15.52 52.91
C ALA P 220 39.89 14.75 52.70
N ALA P 221 39.28 14.35 53.81
CA ALA P 221 37.97 13.71 53.79
C ALA P 221 36.93 14.82 53.80
N LYS P 222 36.09 14.86 52.77
CA LYS P 222 35.18 15.97 52.55
C LYS P 222 33.79 15.44 52.26
N ASP P 223 32.79 16.29 52.48
CA ASP P 223 31.41 15.94 52.17
C ASP P 223 31.12 16.26 50.69
N ALA P 224 29.87 16.03 50.28
CA ALA P 224 29.50 16.22 48.89
C ALA P 224 29.63 17.67 48.43
N LYS P 225 29.68 18.62 49.36
CA LYS P 225 29.85 20.02 49.03
C LYS P 225 31.31 20.46 49.09
N GLY P 226 32.24 19.56 49.33
CA GLY P 226 33.64 19.92 49.41
C GLY P 226 34.11 20.46 50.73
N ARG P 227 33.30 20.35 51.79
CA ARG P 227 33.68 20.79 53.12
C ARG P 227 34.20 19.60 53.93
N LEU P 228 35.05 19.91 54.92
CA LEU P 228 35.63 18.85 55.74
C LEU P 228 34.54 18.07 56.45
N LEU P 229 34.69 16.74 56.45
CA LEU P 229 33.77 15.86 57.16
C LEU P 229 33.95 16.00 58.67
N VAL P 230 32.87 15.78 59.41
CA VAL P 230 32.94 15.78 60.86
C VAL P 230 31.76 15.00 61.42
N GLY P 231 31.99 14.29 62.53
CA GLY P 231 30.94 13.66 63.29
C GLY P 231 30.84 14.30 64.67
N ALA P 232 29.80 13.91 65.41
CA ALA P 232 29.58 14.44 66.75
C ALA P 232 28.84 13.41 67.58
N ALA P 233 29.18 13.37 68.87
CA ALA P 233 28.58 12.42 69.79
C ALA P 233 27.34 13.00 70.45
N VAL P 234 26.32 12.17 70.72
CA VAL P 234 25.06 12.57 71.43
C VAL P 234 24.73 11.45 72.42
N GLY P 235 24.05 11.73 73.53
CA GLY P 235 23.69 10.70 74.54
C GLY P 235 22.48 9.88 74.14
N ALA P 236 21.86 9.12 75.06
CA ALA P 236 20.62 8.32 74.81
C ALA P 236 19.55 8.87 75.76
N SER P 237 18.92 10.01 75.44
CA SER P 237 17.93 10.69 76.32
C SER P 237 17.07 11.68 75.52
N PRO P 238 16.00 12.30 76.08
CA PRO P 238 15.24 13.34 75.37
C PRO P 238 16.18 14.54 75.12
N GLU P 239 17.10 14.81 76.04
CA GLU P 239 18.08 15.94 75.91
C GLU P 239 19.00 15.67 74.72
N ALA P 240 19.27 14.40 74.38
CA ALA P 240 20.17 14.02 73.26
C ALA P 240 19.39 13.95 71.95
N LEU P 241 18.06 14.10 71.95
CA LEU P 241 17.24 14.12 70.71
C LEU P 241 17.30 15.56 70.16
N ASP P 242 17.21 16.57 71.05
CA ASP P 242 17.30 18.00 70.65
C ASP P 242 18.75 18.29 70.22
N ARG P 243 19.73 17.70 70.91
CA ARG P 243 21.17 17.87 70.56
C ARG P 243 21.39 17.30 69.14
N ALA P 244 20.86 16.12 68.84
CA ALA P 244 21.01 15.46 67.52
C ALA P 244 20.49 16.41 66.43
N GLN P 245 19.30 17.00 66.60
CA GLN P 245 18.67 17.89 65.59
C GLN P 245 19.46 19.21 65.49
N ALA P 246 20.05 19.69 66.59
CA ALA P 246 20.83 20.96 66.62
C ALA P 246 22.15 20.77 65.86
N LEU P 247 22.79 19.60 66.01
CA LEU P 247 24.08 19.29 65.32
C LEU P 247 23.76 19.11 63.82
N ALA P 248 22.64 18.47 63.48
CA ALA P 248 22.27 18.20 62.06
C ALA P 248 22.05 19.54 61.33
N GLU P 249 21.52 20.57 62.01
CA GLU P 249 21.31 21.88 61.41
C GLU P 249 22.64 22.57 61.14
N ALA P 250 23.62 22.39 62.02
CA ALA P 250 24.92 23.00 61.82
C ALA P 250 25.74 22.31 60.74
N GLY P 251 25.28 21.17 60.24
CA GLY P 251 25.94 20.51 59.14
C GLY P 251 26.79 19.30 59.49
N VAL P 252 26.61 18.70 60.66
CA VAL P 252 27.39 17.52 61.01
C VAL P 252 27.04 16.40 60.04
N ASP P 253 28.03 15.57 59.72
CA ASP P 253 27.86 14.54 58.70
C ASP P 253 27.36 13.21 59.25
N PHE P 254 27.61 12.91 60.52
CA PHE P 254 27.04 11.74 61.16
C PHE P 254 27.04 11.96 62.66
N LEU P 255 26.16 11.22 63.34
CA LEU P 255 26.06 11.25 64.79
C LEU P 255 26.53 9.92 65.35
N VAL P 256 27.10 9.96 66.56
CA VAL P 256 27.48 8.78 67.31
C VAL P 256 26.70 8.80 68.62
N VAL P 257 25.79 7.86 68.78
CA VAL P 257 25.07 7.67 70.04
C VAL P 257 26.01 6.92 70.99
N ASP P 258 26.71 7.65 71.87
CA ASP P 258 27.76 7.06 72.75
C ASP P 258 27.14 6.68 74.10
N THR P 259 27.08 5.38 74.43
CA THR P 259 26.57 4.87 75.73
C THR P 259 27.59 3.86 76.28
N SER P 260 27.69 3.71 77.61
CA SER P 260 28.62 2.72 78.24
C SER P 260 28.12 1.31 77.91
N HIS P 261 26.80 1.08 77.95
CA HIS P 261 26.17 -0.23 77.62
C HIS P 261 25.25 -0.06 76.40
N GLY P 262 25.74 -0.35 75.18
CA GLY P 262 24.96 -0.27 73.96
C GLY P 262 23.87 -1.33 73.84
N HIS P 263 23.95 -2.40 74.63
CA HIS P 263 22.95 -3.46 74.61
C HIS P 263 21.83 -3.21 75.61
N ASN P 264 21.82 -2.04 76.26
CA ASN P 264 20.73 -1.67 77.16
C ASN P 264 19.49 -1.27 76.37
N SER P 265 18.33 -1.76 76.81
CA SER P 265 17.12 -1.58 76.03
C SER P 265 16.77 -0.11 75.85
N ASN P 266 16.96 0.71 76.89
CA ASN P 266 16.67 2.12 76.77
C ASN P 266 17.61 2.82 75.80
N ALA P 267 18.91 2.48 75.85
CA ALA P 267 19.85 3.04 74.89
C ALA P 267 19.46 2.68 73.47
N LEU P 268 19.10 1.42 73.24
CA LEU P 268 18.68 0.99 71.90
C LEU P 268 17.46 1.78 71.43
N SER P 269 16.50 2.01 72.33
CA SER P 269 15.30 2.75 71.95
C SER P 269 15.64 4.17 71.49
N TRP P 270 16.54 4.84 72.19
CA TRP P 270 16.92 6.20 71.81
C TRP P 270 17.68 6.22 70.50
N MET P 271 18.48 5.19 70.22
CA MET P 271 19.15 5.13 68.93
C MET P 271 18.12 5.14 67.80
N SER P 272 17.07 4.33 67.92
CA SER P 272 16.02 4.31 66.91
C SER P 272 15.34 5.66 66.79
N LYS P 273 14.99 6.28 67.92
CA LYS P 273 14.31 7.57 67.89
C LYS P 273 15.21 8.63 67.24
N ILE P 274 16.48 8.66 67.63
CA ILE P 274 17.39 9.66 67.07
C ILE P 274 17.59 9.41 65.58
N LYS P 275 17.80 8.16 65.21
CA LYS P 275 17.99 7.82 63.80
C LYS P 275 16.81 8.28 62.97
N SER P 276 15.59 8.02 63.46
CA SER P 276 14.40 8.36 62.71
C SER P 276 14.12 9.85 62.68
N SER P 277 14.78 10.64 63.52
CA SER P 277 14.54 12.07 63.62
C SER P 277 15.50 12.89 62.79
N VAL P 278 16.50 12.28 62.16
CA VAL P 278 17.45 13.01 61.32
C VAL P 278 17.62 12.28 59.99
N GLY P 279 18.21 13.00 59.04
CA GLY P 279 18.49 12.48 57.72
C GLY P 279 19.92 12.03 57.52
N ILE P 280 20.79 12.18 58.51
CA ILE P 280 22.19 11.83 58.38
C ILE P 280 22.43 10.47 59.02
N ASP P 281 23.59 9.88 58.76
CA ASP P 281 23.92 8.59 59.34
C ASP P 281 24.05 8.69 60.85
N VAL P 282 23.63 7.64 61.54
CA VAL P 282 23.71 7.56 62.99
C VAL P 282 24.44 6.28 63.36
N VAL P 283 25.55 6.41 64.09
CA VAL P 283 26.33 5.28 64.58
C VAL P 283 25.91 5.01 66.02
N GLY P 284 25.84 3.73 66.38
CA GLY P 284 25.52 3.32 67.73
C GLY P 284 26.62 2.48 68.36
N GLY P 285 26.75 2.59 69.67
CA GLY P 285 27.67 1.78 70.43
C GLY P 285 27.49 2.05 71.91
N ASN P 286 28.29 1.35 72.73
CA ASN P 286 29.27 0.37 72.31
C ASN P 286 28.80 -1.05 72.62
N VAL P 287 29.22 -2.01 71.79
CA VAL P 287 28.91 -3.41 72.02
C VAL P 287 30.18 -4.22 71.86
N ALA P 288 30.10 -5.50 72.24
CA ALA P 288 31.25 -6.39 72.17
C ALA P 288 30.85 -7.83 71.91
N THR P 289 29.64 -8.08 71.43
CA THR P 289 29.13 -9.42 71.17
C THR P 289 28.36 -9.40 69.86
N ARG P 290 28.10 -10.58 69.31
CA ARG P 290 27.29 -10.66 68.11
C ARG P 290 25.86 -10.21 68.38
N ASP P 291 25.26 -10.67 69.48
CA ASP P 291 23.88 -10.31 69.77
C ASP P 291 23.75 -8.82 70.07
N GLY P 292 24.79 -8.23 70.68
CA GLY P 292 24.79 -6.79 70.88
C GLY P 292 24.84 -6.03 69.57
N ALA P 293 25.72 -6.46 68.65
CA ALA P 293 25.78 -5.83 67.33
C ALA P 293 24.46 -5.97 66.58
N GLN P 294 23.83 -7.15 66.66
CA GLN P 294 22.55 -7.32 65.98
C GLN P 294 21.49 -6.41 66.56
N ALA P 295 21.50 -6.21 67.88
CA ALA P 295 20.53 -5.32 68.51
C ALA P 295 20.71 -3.88 68.02
N LEU P 296 21.96 -3.42 67.89
CA LEU P 296 22.19 -2.11 67.32
C LEU P 296 21.67 -2.05 65.88
N ILE P 297 21.97 -3.09 65.09
CA ILE P 297 21.51 -3.12 63.70
C ILE P 297 20.00 -3.11 63.65
N ASP P 298 19.36 -3.90 64.50
CA ASP P 298 17.89 -3.93 64.51
C ASP P 298 17.31 -2.58 64.90
N ALA P 299 18.06 -1.80 65.68
CA ALA P 299 17.60 -0.45 66.04
C ALA P 299 17.75 0.52 64.89
N GLY P 300 18.46 0.15 63.83
CA GLY P 300 18.49 0.94 62.62
C GLY P 300 19.75 1.75 62.39
N VAL P 301 20.81 1.52 63.17
CA VAL P 301 21.99 2.35 63.05
C VAL P 301 22.69 2.07 61.72
N ASP P 302 23.47 3.06 61.27
CA ASP P 302 24.22 2.97 60.02
C ASP P 302 25.66 2.52 60.24
N GLY P 303 26.09 2.39 61.48
CA GLY P 303 27.39 1.86 61.82
C GLY P 303 27.38 1.49 63.28
N ILE P 304 28.27 0.59 63.66
CA ILE P 304 28.37 0.17 65.06
C ILE P 304 29.78 0.43 65.57
N LYS P 305 29.88 0.74 66.86
CA LYS P 305 31.15 0.95 67.54
C LYS P 305 31.34 -0.18 68.55
N VAL P 306 32.50 -0.81 68.51
CA VAL P 306 32.76 -2.06 69.24
C VAL P 306 33.85 -1.80 70.26
N GLY P 307 33.58 -2.16 71.51
CA GLY P 307 34.56 -2.02 72.57
C GLY P 307 33.94 -1.88 73.94
N VAL P 308 33.98 -2.95 74.73
CA VAL P 308 33.53 -2.94 76.12
C VAL P 308 34.59 -3.63 76.95
N GLY P 309 35.23 -2.87 77.84
CA GLY P 309 36.33 -3.37 78.64
C GLY P 309 37.42 -4.03 77.83
N PRO P 310 37.90 -3.34 76.78
CA PRO P 310 38.90 -3.97 75.91
C PRO P 310 40.29 -4.03 76.51
N GLY P 311 40.62 -3.11 77.43
CA GLY P 311 41.97 -3.01 77.93
C GLY P 311 42.20 -3.88 79.16
N SER P 312 43.37 -4.53 79.20
CA SER P 312 43.75 -5.30 80.37
C SER P 312 43.73 -4.41 81.60
N ILE P 313 43.05 -4.88 82.64
CA ILE P 313 42.93 -4.15 83.90
C ILE P 313 42.53 -2.70 83.65
N CYS P 314 41.48 -2.51 82.86
CA CYS P 314 40.84 -1.21 82.71
C CYS P 314 39.70 -1.11 83.72
N THR P 315 38.98 0.01 83.70
CA THR P 315 38.08 0.34 84.80
C THR P 315 36.94 -0.67 84.92
N THR P 316 36.22 -0.92 83.82
CA THR P 316 35.08 -1.82 83.90
C THR P 316 35.50 -3.23 84.28
N ARG P 317 36.70 -3.65 83.89
CA ARG P 317 37.16 -4.98 84.26
C ARG P 317 37.43 -5.09 85.75
N VAL P 318 38.10 -4.09 86.32
CA VAL P 318 38.48 -4.17 87.73
C VAL P 318 37.26 -3.92 88.62
N VAL P 319 36.44 -2.93 88.26
CA VAL P 319 35.30 -2.57 89.08
C VAL P 319 34.19 -3.61 88.96
N ALA P 320 33.90 -4.03 87.72
CA ALA P 320 32.72 -4.84 87.45
C ALA P 320 33.02 -6.23 86.91
N GLY P 321 34.27 -6.55 86.61
CA GLY P 321 34.56 -7.85 86.05
C GLY P 321 34.02 -8.03 84.65
N ILE P 322 33.69 -6.94 83.98
CA ILE P 322 33.06 -6.97 82.67
C ILE P 322 34.11 -6.63 81.62
N GLY P 323 34.15 -7.40 80.54
CA GLY P 323 35.01 -7.07 79.42
C GLY P 323 35.12 -8.14 78.35
N VAL P 324 35.57 -7.73 77.18
CA VAL P 324 35.77 -8.65 76.06
C VAL P 324 37.11 -8.31 75.39
N PRO P 325 38.05 -9.25 75.30
CA PRO P 325 39.26 -9.01 74.49
C PRO P 325 38.86 -8.54 73.09
N GLN P 326 39.61 -7.55 72.58
CA GLN P 326 39.07 -6.73 71.49
C GLN P 326 39.02 -7.48 70.17
N VAL P 327 39.97 -8.40 69.92
CA VAL P 327 39.93 -9.15 68.67
C VAL P 327 38.67 -10.01 68.61
N THR P 328 38.35 -10.68 69.72
CA THR P 328 37.10 -11.43 69.80
C THR P 328 35.89 -10.51 69.68
N ALA P 329 35.93 -9.36 70.36
CA ALA P 329 34.80 -8.43 70.29
C ALA P 329 34.53 -8.00 68.86
N ILE P 330 35.57 -7.61 68.13
CA ILE P 330 35.41 -7.19 66.75
C ILE P 330 34.88 -8.35 65.91
N TYR P 331 35.51 -9.53 66.05
CA TYR P 331 35.11 -10.67 65.23
C TYR P 331 33.66 -11.04 65.48
N GLU P 332 33.27 -11.13 66.76
CA GLU P 332 31.89 -11.52 67.07
C GLU P 332 30.91 -10.49 66.53
N ALA P 333 31.20 -9.21 66.74
CA ALA P 333 30.33 -8.17 66.23
C ALA P 333 30.28 -8.18 64.71
N SER P 334 31.41 -8.50 64.06
CA SER P 334 31.42 -8.47 62.61
C SER P 334 30.54 -9.56 62.01
N LEU P 335 30.31 -10.64 62.75
CA LEU P 335 29.42 -11.69 62.26
C LEU P 335 28.04 -11.14 61.95
N ALA P 336 27.56 -10.21 62.78
CA ALA P 336 26.28 -9.55 62.51
C ALA P 336 26.46 -8.38 61.55
N ALA P 337 27.50 -7.58 61.75
CA ALA P 337 27.65 -6.34 60.99
C ALA P 337 27.93 -6.63 59.51
N ARG P 338 28.80 -7.60 59.23
CA ARG P 338 29.14 -7.89 57.84
C ARG P 338 27.94 -8.46 57.09
N ALA P 339 27.13 -9.30 57.75
CA ALA P 339 25.96 -9.86 57.09
C ALA P 339 24.94 -8.78 56.75
N ALA P 340 24.91 -7.68 57.52
CA ALA P 340 23.98 -6.59 57.30
C ALA P 340 24.57 -5.45 56.50
N GLY P 341 25.85 -5.51 56.15
CA GLY P 341 26.48 -4.42 55.43
C GLY P 341 26.68 -3.16 56.23
N VAL P 342 26.82 -3.27 57.55
CA VAL P 342 26.92 -2.11 58.45
C VAL P 342 28.38 -1.98 58.86
N PRO P 343 29.03 -0.83 58.62
CA PRO P 343 30.44 -0.69 59.00
C PRO P 343 30.64 -0.78 60.52
N LEU P 344 31.83 -1.24 60.90
CA LEU P 344 32.18 -1.53 62.29
C LEU P 344 33.40 -0.71 62.69
N ILE P 345 33.25 0.07 63.75
CA ILE P 345 34.34 0.89 64.29
C ILE P 345 34.96 0.15 65.47
N GLY P 346 36.25 -0.13 65.37
CA GLY P 346 36.99 -0.69 66.50
C GLY P 346 37.41 0.39 67.47
N ASP P 347 36.92 0.33 68.70
CA ASP P 347 37.11 1.41 69.68
C ASP P 347 37.71 0.88 70.98
N GLY P 348 39.04 0.85 71.03
CA GLY P 348 39.72 0.58 72.28
C GLY P 348 40.71 -0.57 72.23
N GLY P 349 41.63 -0.61 73.19
CA GLY P 349 42.54 -1.73 73.33
C GLY P 349 43.81 -1.64 72.52
N LEU P 350 44.02 -0.58 71.75
CA LEU P 350 45.18 -0.48 70.89
C LEU P 350 46.46 -0.35 71.72
N GLN P 351 47.54 -0.96 71.23
CA GLN P 351 48.85 -0.88 71.88
C GLN P 351 49.99 -0.66 70.91
N TYR P 352 49.78 -0.84 69.60
CA TYR P 352 50.82 -0.66 68.59
C TYR P 352 50.12 -0.34 67.28
N SER P 353 50.87 0.30 66.36
CA SER P 353 50.29 0.59 65.05
C SER P 353 49.92 -0.70 64.32
N GLY P 354 50.64 -1.79 64.60
CA GLY P 354 50.32 -3.06 63.99
C GLY P 354 48.97 -3.60 64.37
N ASP P 355 48.38 -3.08 65.46
CA ASP P 355 47.07 -3.51 65.89
C ASP P 355 45.96 -3.01 64.97
N ILE P 356 46.24 -1.97 64.19
CA ILE P 356 45.22 -1.48 63.27
C ILE P 356 44.90 -2.53 62.22
N GLY P 357 45.94 -3.06 61.57
CA GLY P 357 45.73 -4.10 60.59
C GLY P 357 45.06 -5.33 61.18
N LYS P 358 45.42 -5.67 62.42
CA LYS P 358 44.76 -6.78 63.08
C LYS P 358 43.27 -6.51 63.23
N ALA P 359 42.90 -5.28 63.62
CA ALA P 359 41.49 -4.94 63.79
C ALA P 359 40.74 -5.06 62.47
N LEU P 360 41.30 -4.54 61.39
CA LEU P 360 40.63 -4.60 60.10
C LEU P 360 40.50 -6.04 59.61
N ALA P 361 41.56 -6.84 59.77
CA ALA P 361 41.49 -8.23 59.34
C ALA P 361 40.51 -9.02 60.19
N ALA P 362 40.29 -8.60 61.44
CA ALA P 362 39.34 -9.28 62.31
C ALA P 362 37.90 -8.91 61.99
N GLY P 363 37.67 -7.86 61.21
CA GLY P 363 36.32 -7.52 60.79
C GLY P 363 35.97 -6.05 60.90
N ALA P 364 36.90 -5.22 61.38
CA ALA P 364 36.64 -3.81 61.52
C ALA P 364 36.79 -3.09 60.19
N ASP P 365 36.04 -2.00 60.03
CA ASP P 365 36.16 -1.11 58.89
C ASP P 365 37.01 0.12 59.17
N THR P 366 36.96 0.62 60.41
CA THR P 366 37.79 1.74 60.84
C THR P 366 38.17 1.51 62.29
N VAL P 367 39.09 2.34 62.78
CA VAL P 367 39.58 2.26 64.15
C VAL P 367 39.56 3.65 64.76
N MET P 368 39.03 3.77 65.97
CA MET P 368 38.94 5.04 66.68
C MET P 368 40.14 5.19 67.61
N LEU P 369 40.78 6.35 67.56
CA LEU P 369 41.95 6.64 68.38
C LEU P 369 41.54 7.53 69.54
N GLY P 370 41.95 7.21 70.78
CA GLY P 370 41.51 7.96 71.99
C GLY P 370 42.63 8.73 72.69
N SER P 371 43.15 8.23 73.83
CA SER P 371 44.16 8.94 74.66
C SER P 371 45.51 9.04 73.94
N LEU P 372 45.71 8.36 72.81
CA LEU P 372 46.96 8.48 71.99
C LEU P 372 47.02 9.89 71.36
N LEU P 373 45.88 10.57 71.17
CA LEU P 373 45.81 11.91 70.53
C LEU P 373 45.51 12.99 71.58
N ALA P 374 45.61 12.70 72.88
CA ALA P 374 45.31 13.66 73.98
C ALA P 374 46.53 14.58 74.20
N GLY P 375 47.73 14.18 73.78
CA GLY P 375 48.93 14.98 73.85
C GLY P 375 49.29 15.73 72.59
N CYS P 376 48.50 15.55 71.53
CA CYS P 376 48.81 16.17 70.25
C CYS P 376 48.49 17.66 70.29
N GLU P 377 49.19 18.42 69.45
CA GLU P 377 49.03 19.86 69.44
C GLU P 377 47.57 20.26 69.22
N GLU P 378 46.85 19.53 68.38
CA GLU P 378 45.49 19.91 68.02
C GLU P 378 44.45 19.51 69.05
N SER P 379 44.83 18.79 70.10
CA SER P 379 43.85 18.40 71.09
C SER P 379 43.43 19.59 71.95
N PRO P 380 42.26 19.51 72.58
CA PRO P 380 41.86 20.60 73.48
C PRO P 380 42.79 20.64 74.68
N GLY P 381 43.08 21.85 75.14
CA GLY P 381 44.02 22.05 76.22
C GLY P 381 45.12 23.03 75.88
N GLU P 382 45.74 23.61 76.91
CA GLU P 382 46.80 24.58 76.72
C GLU P 382 48.16 23.91 76.77
N LEU P 383 49.01 24.24 75.81
CA LEU P 383 50.40 23.80 75.84
C LEU P 383 51.11 24.60 76.92
N GLN P 384 51.63 23.92 77.95
CA GLN P 384 52.32 24.58 79.11
C GLN P 384 53.74 24.04 79.23
N PHE P 385 54.66 24.76 79.91
CA PHE P 385 56.08 24.36 80.09
C PHE P 385 56.42 24.33 81.60
N ILE P 386 56.77 23.17 82.16
CA ILE P 386 57.19 23.01 83.59
C ILE P 386 58.53 22.28 83.57
N ASN P 387 59.47 22.65 82.68
CA ASN P 387 60.78 21.97 82.46
C ASN P 387 60.64 21.15 81.17
N GLY P 388 59.41 20.75 80.80
CA GLY P 388 59.13 20.02 79.54
C GLY P 388 57.74 20.37 79.03
N LYS P 389 57.49 20.29 77.72
CA LYS P 389 56.17 20.62 77.11
C LYS P 389 55.13 19.60 77.61
N GLN P 390 53.90 20.04 77.94
CA GLN P 390 52.82 19.14 78.43
C GLN P 390 51.46 19.85 78.29
N PHE P 391 50.42 19.16 77.78
CA PHE P 391 49.08 19.78 77.55
C PHE P 391 48.31 19.87 78.88
N LYS P 392 47.58 20.99 79.12
CA LYS P 392 46.83 21.22 80.35
C LYS P 392 45.34 21.44 80.10
N VAL P 437 49.33 15.72 80.78
CA VAL P 437 49.54 14.87 79.62
C VAL P 437 50.73 15.37 78.82
N PRO P 438 51.66 14.47 78.50
CA PRO P 438 52.86 14.90 77.75
C PRO P 438 52.54 15.33 76.33
N TYR P 439 53.20 16.40 75.89
CA TYR P 439 52.98 16.93 74.55
C TYR P 439 53.62 16.01 73.52
N ARG P 440 52.84 15.65 72.51
CA ARG P 440 53.25 14.73 71.46
C ARG P 440 53.50 15.40 70.13
N GLY P 441 53.04 16.64 69.95
CA GLY P 441 53.25 17.34 68.68
C GLY P 441 52.12 17.21 67.73
N PRO P 442 52.36 17.58 66.48
CA PRO P 442 51.27 17.59 65.51
C PRO P 442 50.69 16.20 65.35
N LEU P 443 49.36 16.16 65.24
CA LEU P 443 48.65 14.92 64.94
C LEU P 443 49.24 14.24 63.72
N ALA P 444 49.68 15.03 62.74
CA ALA P 444 50.16 14.48 61.48
C ALA P 444 51.23 13.43 61.71
N ASN P 445 52.10 13.64 62.71
CA ASN P 445 53.18 12.68 62.95
C ASN P 445 52.63 11.35 63.42
N VAL P 446 51.62 11.37 64.30
CA VAL P 446 51.02 10.14 64.80
C VAL P 446 50.38 9.38 63.65
N LEU P 447 49.58 10.07 62.84
CA LEU P 447 48.85 9.42 61.76
C LEU P 447 49.79 8.90 60.69
N HIS P 448 50.86 9.66 60.38
CA HIS P 448 51.82 9.21 59.38
C HIS P 448 52.44 7.87 59.80
N GLN P 449 52.76 7.72 61.08
CA GLN P 449 53.32 6.46 61.55
C GLN P 449 52.27 5.36 61.56
N LEU P 450 51.05 5.66 61.99
CA LEU P 450 50.00 4.65 62.04
C LEU P 450 49.61 4.18 60.64
N VAL P 451 49.41 5.12 59.72
CA VAL P 451 49.04 4.75 58.35
C VAL P 451 50.19 4.06 57.66
N GLY P 452 51.42 4.50 57.94
CA GLY P 452 52.58 3.79 57.41
C GLY P 452 52.60 2.34 57.83
N GLY P 453 52.32 2.08 59.10
CA GLY P 453 52.25 0.70 59.57
C GLY P 453 51.18 -0.10 58.87
N LEU P 454 49.99 0.47 58.72
CA LEU P 454 48.90 -0.24 58.06
C LEU P 454 49.28 -0.60 56.63
N ARG P 455 49.93 0.33 55.92
CA ARG P 455 50.33 0.03 54.55
C ARG P 455 51.32 -1.13 54.52
N GLN P 456 52.22 -1.21 55.50
CA GLN P 456 53.11 -2.36 55.60
C GLN P 456 52.31 -3.65 55.76
N THR P 457 51.36 -3.65 56.71
CA THR P 457 50.53 -4.82 56.92
C THR P 457 49.85 -5.25 55.64
N MET P 458 49.22 -4.30 54.94
CA MET P 458 48.47 -4.63 53.74
C MET P 458 49.38 -5.18 52.66
N GLY P 459 50.58 -4.60 52.53
CA GLY P 459 51.55 -5.15 51.59
C GLY P 459 51.94 -6.57 51.93
N TYR P 460 52.15 -6.85 53.21
CA TYR P 460 52.57 -8.19 53.62
C TYR P 460 51.46 -9.20 53.38
N VAL P 461 50.20 -8.83 53.64
CA VAL P 461 49.10 -9.77 53.49
C VAL P 461 48.62 -9.85 52.05
N GLY P 462 48.95 -8.86 51.22
CA GLY P 462 48.49 -8.83 49.86
C GLY P 462 47.17 -8.13 49.64
N ALA P 463 46.72 -7.32 50.59
CA ALA P 463 45.44 -6.62 50.48
C ALA P 463 45.66 -5.30 49.77
N ALA P 464 45.07 -5.15 48.58
CA ALA P 464 45.13 -3.89 47.85
C ALA P 464 44.13 -2.88 48.39
N THR P 465 43.12 -3.34 49.12
CA THR P 465 42.10 -2.48 49.70
C THR P 465 41.78 -2.99 51.11
N ILE P 466 41.15 -2.10 51.89
CA ILE P 466 40.74 -2.49 53.24
C ILE P 466 39.77 -3.66 53.19
N GLU P 467 38.85 -3.65 52.23
CA GLU P 467 37.87 -4.72 52.10
C GLU P 467 38.52 -6.09 51.87
N GLU P 468 39.75 -6.13 51.35
CA GLU P 468 40.44 -7.39 51.17
C GLU P 468 41.12 -7.87 52.45
N MET P 469 41.20 -7.02 53.48
CA MET P 469 41.94 -7.38 54.69
C MET P 469 41.29 -8.57 55.38
N GLU P 470 39.95 -8.60 55.44
CA GLU P 470 39.26 -9.65 56.19
C GLU P 470 39.48 -11.02 55.55
N SER P 471 39.45 -11.10 54.23
CA SER P 471 39.58 -12.38 53.56
C SER P 471 41.05 -12.81 53.43
N LYS P 472 41.95 -11.87 53.13
CA LYS P 472 43.33 -12.22 52.88
C LYS P 472 44.17 -12.30 54.13
N GLY P 473 43.76 -11.63 55.21
CA GLY P 473 44.53 -11.66 56.44
C GLY P 473 44.38 -12.99 57.13
N ARG P 474 45.47 -13.76 57.25
CA ARG P 474 45.49 -15.00 58.01
C ARG P 474 46.07 -14.73 59.40
N PHE P 475 45.41 -15.28 60.42
CA PHE P 475 45.84 -15.09 61.80
C PHE P 475 46.54 -16.35 62.31
N VAL P 476 47.48 -16.14 63.24
CA VAL P 476 48.01 -17.21 64.09
C VAL P 476 48.01 -16.71 65.53
N ARG P 477 47.67 -17.58 66.48
CA ARG P 477 47.79 -17.24 67.88
C ARG P 477 49.22 -17.50 68.38
N ILE P 478 49.66 -16.76 69.40
CA ILE P 478 51.03 -16.90 69.97
C ILE P 478 50.93 -17.11 71.49
N THR P 479 51.97 -17.66 72.13
CA THR P 479 52.00 -17.93 73.60
C THR P 479 52.55 -16.71 74.34
N SER P 480 52.64 -16.74 75.66
CA SER P 480 53.23 -15.64 76.48
C SER P 480 54.71 -15.47 76.09
N ALA P 481 55.38 -16.54 75.65
CA ALA P 481 56.80 -16.51 75.22
C ALA P 481 56.92 -15.78 73.88
#